data_9OTN
#
_entry.id   9OTN
#
loop_
_entity.id
_entity.type
_entity.pdbx_description
1 polymer 'Glutamine synthetase'
2 non-polymer "ADENOSINE-5'-TRIPHOSPHATE"
3 non-polymer 'MAGNESIUM ION'
#
_entity_poly.entity_id   1
_entity_poly.type   'polypeptide(L)'
_entity_poly.pdbx_seq_one_letter_code
;MTTSASSHLNKGIKQVYMSLPQGEKVQAMYIWIDGTGEGLRCKTRTLDSEPKCVEELPEWNFDGSSTLQSEGSNSDMYLV
PAAMFRDPFRKDPNKLVLCEVFKYNRRPAETNLRHTCKRIMDMVSNQHPWFGMEQEYTLMGTDGHPFGWPSNGFPGPQGP
YYCGVGADRAYGRDIVEAHYRACLYAGVKIAGTNAEVMPAQWEFQIGPCEGISMGDHLWVARFILHRVCEDFGVIATFDP
KPIPGNWNGAGCHTNFSTKAMREENGLKYIEEAIEKLSKRHQYHIRAYDPKGGLDNARRLTGFHETSNINDFSAGVANRS
ASIRIPRTVGQEKKGYFEDRRPSANCDPFSVTEALIRTCLLNETGDEPFQYKN
;
_entity_poly.pdbx_strand_id   A,B,C,D,E,F,G,H,I,J,K,L,M,N,O,P,Q,R,S,T
#
loop_
_chem_comp.id
_chem_comp.type
_chem_comp.name
_chem_comp.formula
ATP non-polymer ADENOSINE-5'-TRIPHOSPHATE 'C10 H16 N5 O13 P3'
MG non-polymer 'MAGNESIUM ION' 'Mg 2'
#
# COMPACT_ATOMS: atom_id res chain seq x y z
N THR A 2 40.60 -7.12 -11.05
CA THR A 2 39.82 -7.92 -12.00
C THR A 2 38.59 -7.16 -12.49
N THR A 3 38.02 -6.33 -11.64
CA THR A 3 36.86 -5.51 -12.00
C THR A 3 37.23 -4.03 -11.96
N SER A 4 36.42 -3.23 -12.65
CA SER A 4 36.73 -1.82 -12.85
C SER A 4 36.56 -1.04 -11.54
N ALA A 5 37.22 0.12 -11.50
CA ALA A 5 37.09 1.02 -10.35
C ALA A 5 35.68 1.57 -10.22
N SER A 6 34.98 1.76 -11.34
CA SER A 6 33.61 2.27 -11.30
C SER A 6 32.67 1.31 -10.57
N SER A 7 32.94 0.01 -10.65
CA SER A 7 32.08 -0.98 -10.01
C SER A 7 32.30 -1.07 -8.50
N HIS A 8 33.35 -0.45 -7.97
CA HIS A 8 33.58 -0.42 -6.53
C HIS A 8 32.94 0.80 -5.86
N LEU A 9 32.31 1.68 -6.62
CA LEU A 9 31.56 2.77 -6.01
C LEU A 9 30.33 2.22 -5.29
N ASN A 10 29.81 3.02 -4.35
CA ASN A 10 28.68 2.61 -3.53
C ASN A 10 27.40 2.63 -4.37
N LYS A 11 26.91 1.45 -4.74
CA LYS A 11 25.71 1.36 -5.56
C LYS A 11 24.44 1.70 -4.79
N GLY A 12 24.47 1.58 -3.46
CA GLY A 12 23.32 2.01 -2.67
C GLY A 12 23.04 3.49 -2.81
N ILE A 13 24.10 4.30 -2.94
CA ILE A 13 23.94 5.74 -3.16
C ILE A 13 23.21 6.00 -4.46
N LYS A 14 23.59 5.29 -5.52
CA LYS A 14 22.95 5.49 -6.81
C LYS A 14 21.46 5.18 -6.75
N GLN A 15 21.09 4.08 -6.08
CA GLN A 15 19.69 3.66 -6.03
C GLN A 15 18.82 4.68 -5.30
N VAL A 16 19.39 5.40 -4.33
CA VAL A 16 18.65 6.46 -3.65
C VAL A 16 18.25 7.55 -4.65
N TYR A 17 19.19 7.94 -5.52
CA TYR A 17 18.89 8.99 -6.49
C TYR A 17 17.90 8.52 -7.55
N MET A 18 18.02 7.27 -8.01
CA MET A 18 17.08 6.75 -8.99
C MET A 18 15.70 6.48 -8.40
N SER A 19 15.54 6.57 -7.08
CA SER A 19 14.23 6.47 -6.45
C SER A 19 13.47 7.78 -6.48
N LEU A 20 14.10 8.88 -6.85
CA LEU A 20 13.42 10.16 -6.92
C LEU A 20 12.38 10.13 -8.04
N PRO A 21 11.14 10.54 -7.77
CA PRO A 21 10.14 10.61 -8.86
C PRO A 21 10.59 11.55 -9.96
N GLN A 22 10.37 11.11 -11.21
CA GLN A 22 10.97 11.78 -12.36
C GLN A 22 10.31 13.13 -12.62
N GLY A 23 8.98 13.18 -12.59
CA GLY A 23 8.27 14.36 -13.02
C GLY A 23 7.72 14.22 -14.43
N GLU A 24 7.67 15.34 -15.17
CA GLU A 24 7.01 15.35 -16.46
C GLU A 24 7.94 15.05 -17.63
N LYS A 25 9.23 15.35 -17.51
CA LYS A 25 10.16 15.15 -18.61
C LYS A 25 10.50 13.67 -18.78
N VAL A 26 10.99 13.33 -19.98
CA VAL A 26 11.31 11.96 -20.35
C VAL A 26 12.71 11.92 -20.95
N GLN A 27 13.46 10.87 -20.60
CA GLN A 27 14.80 10.66 -21.15
C GLN A 27 14.75 9.66 -22.31
N ALA A 28 15.48 9.97 -23.37
CA ALA A 28 15.61 9.09 -24.53
C ALA A 28 17.09 8.91 -24.85
N MET A 29 17.52 7.66 -24.94
CA MET A 29 18.91 7.34 -25.23
C MET A 29 19.02 6.85 -26.66
N TYR A 30 19.82 7.54 -27.46
CA TYR A 30 20.03 7.21 -28.87
C TYR A 30 21.25 6.31 -29.02
N ILE A 31 21.10 5.21 -29.75
CA ILE A 31 22.14 4.20 -29.89
C ILE A 31 22.41 3.99 -31.38
N TRP A 32 23.69 3.92 -31.74
CA TRP A 32 24.08 3.73 -33.13
C TRP A 32 25.41 2.96 -33.20
N ILE A 33 25.69 2.43 -34.40
CA ILE A 33 26.90 1.66 -34.68
C ILE A 33 27.96 2.59 -35.24
N ASP A 34 29.20 2.43 -34.76
CA ASP A 34 30.29 3.33 -35.13
C ASP A 34 31.08 2.78 -36.31
N GLY A 35 32.23 3.40 -36.60
CA GLY A 35 32.99 3.16 -37.81
C GLY A 35 33.72 1.84 -37.89
N THR A 36 33.84 1.11 -36.77
CA THR A 36 34.45 -0.21 -36.83
C THR A 36 33.45 -1.29 -37.22
N GLY A 37 32.16 -0.98 -37.24
CA GLY A 37 31.14 -1.96 -37.56
C GLY A 37 30.84 -2.94 -36.45
N GLU A 38 31.44 -2.78 -35.27
CA GLU A 38 31.25 -3.72 -34.18
C GLU A 38 30.87 -2.99 -32.89
N GLY A 39 31.32 -1.75 -32.75
CA GLY A 39 31.07 -1.00 -31.55
C GLY A 39 29.79 -0.20 -31.58
N LEU A 40 29.26 0.06 -30.39
CA LEU A 40 28.05 0.84 -30.21
C LEU A 40 28.37 2.14 -29.49
N ARG A 41 27.57 3.18 -29.76
CA ARG A 41 27.70 4.47 -29.10
C ARG A 41 26.32 4.93 -28.67
N CYS A 42 26.29 5.81 -27.66
CA CYS A 42 25.02 6.26 -27.11
C CYS A 42 25.17 7.62 -26.44
N LYS A 43 24.07 8.37 -26.42
CA LYS A 43 23.96 9.62 -25.67
C LYS A 43 22.48 9.93 -25.46
N THR A 44 22.20 10.79 -24.49
CA THR A 44 20.85 10.98 -23.97
C THR A 44 20.38 12.42 -24.18
N ARG A 45 19.11 12.58 -24.56
CA ARG A 45 18.46 13.87 -24.64
C ARG A 45 17.16 13.83 -23.84
N THR A 46 16.69 15.02 -23.44
CA THR A 46 15.45 15.17 -22.69
C THR A 46 14.32 15.54 -23.65
N LEU A 47 13.18 14.87 -23.51
CA LEU A 47 11.99 15.15 -24.27
C LEU A 47 10.90 15.74 -23.36
N ASP A 48 9.98 16.48 -23.97
CA ASP A 48 8.93 17.15 -23.20
C ASP A 48 7.84 16.18 -22.75
N SER A 49 7.57 15.13 -23.52
CA SER A 49 6.52 14.18 -23.17
C SER A 49 6.91 12.81 -23.71
N GLU A 50 6.20 11.79 -23.23
CA GLU A 50 6.52 10.42 -23.62
C GLU A 50 6.15 10.17 -25.09
N PRO A 51 7.08 9.66 -25.91
CA PRO A 51 6.72 9.33 -27.28
C PRO A 51 6.02 7.99 -27.37
N LYS A 52 4.93 7.95 -28.13
CA LYS A 52 4.15 6.72 -28.27
C LYS A 52 4.66 5.80 -29.37
N CYS A 53 5.20 6.36 -30.45
CA CYS A 53 5.74 5.57 -31.53
C CYS A 53 7.08 6.14 -31.98
N VAL A 54 7.83 5.33 -32.73
CA VAL A 54 9.17 5.73 -33.15
C VAL A 54 9.12 6.94 -34.09
N GLU A 55 8.02 7.12 -34.81
CA GLU A 55 7.90 8.23 -35.76
C GLU A 55 7.83 9.58 -35.07
N GLU A 56 7.50 9.62 -33.77
CA GLU A 56 7.41 10.89 -33.05
C GLU A 56 8.76 11.40 -32.56
N LEU A 57 9.83 10.61 -32.70
CA LEU A 57 11.14 11.03 -32.20
C LEU A 57 11.85 11.90 -33.22
N PRO A 58 12.49 12.98 -32.78
CA PRO A 58 13.21 13.86 -33.70
C PRO A 58 14.56 13.31 -34.11
N GLU A 59 15.03 13.75 -35.27
CA GLU A 59 16.38 13.44 -35.72
C GLU A 59 17.41 14.15 -34.85
N TRP A 60 18.61 13.57 -34.79
CA TRP A 60 19.69 14.13 -33.99
C TRP A 60 20.99 14.10 -34.80
N ASN A 61 22.11 14.40 -34.16
CA ASN A 61 23.39 14.47 -34.86
C ASN A 61 24.52 14.25 -33.86
N PHE A 62 25.72 14.00 -34.40
CA PHE A 62 26.91 13.84 -33.59
C PHE A 62 28.13 14.18 -34.44
N ASP A 63 29.25 14.38 -33.77
CA ASP A 63 30.51 14.71 -34.43
C ASP A 63 31.19 13.41 -34.87
N GLY A 64 31.27 13.21 -36.18
CA GLY A 64 31.81 11.97 -36.72
C GLY A 64 33.31 11.84 -36.69
N SER A 65 34.03 12.92 -36.39
CA SER A 65 35.48 12.84 -36.27
C SER A 65 35.92 12.18 -34.97
N SER A 66 35.04 12.12 -33.98
CA SER A 66 35.33 11.42 -32.72
C SER A 66 34.95 9.95 -32.76
N THR A 67 34.35 9.47 -33.86
CA THR A 67 34.00 8.07 -34.02
C THR A 67 34.65 7.45 -35.25
N LEU A 68 35.58 8.15 -35.89
CA LEU A 68 36.29 7.66 -37.08
C LEU A 68 35.30 7.27 -38.17
N GLN A 69 34.28 8.11 -38.36
CA GLN A 69 33.27 7.89 -39.38
C GLN A 69 33.16 9.02 -40.40
N SER A 70 33.86 10.13 -40.20
CA SER A 70 33.68 11.32 -41.01
C SER A 70 35.03 11.94 -41.34
N GLU A 71 35.05 12.72 -42.42
CA GLU A 71 36.24 13.42 -42.85
C GLU A 71 36.46 14.65 -41.98
N GLY A 72 37.45 15.47 -42.33
CA GLY A 72 37.82 16.62 -41.53
C GLY A 72 36.85 17.78 -41.56
N SER A 73 36.70 18.42 -42.72
CA SER A 73 35.91 19.65 -42.80
C SER A 73 34.43 19.38 -42.55
N ASN A 74 33.85 18.40 -43.25
CA ASN A 74 32.44 18.07 -43.11
C ASN A 74 32.35 16.86 -42.16
N SER A 75 32.30 17.15 -40.87
CA SER A 75 32.37 16.10 -39.86
C SER A 75 31.02 15.73 -39.26
N ASP A 76 29.99 16.54 -39.45
CA ASP A 76 28.70 16.27 -38.83
C ASP A 76 28.03 15.04 -39.46
N MET A 77 27.51 14.16 -38.61
CA MET A 77 26.73 13.01 -39.02
C MET A 77 25.33 13.15 -38.44
N TYR A 78 24.38 12.38 -38.98
CA TYR A 78 22.99 12.51 -38.61
C TYR A 78 22.42 11.17 -38.15
N LEU A 79 21.57 11.22 -37.13
CA LEU A 79 20.95 10.03 -36.56
C LEU A 79 19.46 10.04 -36.89
N VAL A 80 18.98 8.94 -37.44
CA VAL A 80 17.58 8.80 -37.82
C VAL A 80 17.00 7.62 -37.03
N PRO A 81 16.05 7.85 -36.12
CA PRO A 81 15.49 6.74 -35.33
C PRO A 81 14.87 5.66 -36.20
N ALA A 82 15.07 4.41 -35.80
CA ALA A 82 14.56 3.25 -36.53
C ALA A 82 13.69 2.33 -35.68
N ALA A 83 14.03 2.13 -34.42
CA ALA A 83 13.27 1.25 -33.54
C ALA A 83 13.37 1.75 -32.11
N MET A 84 12.27 1.58 -31.36
CA MET A 84 12.16 2.09 -30.00
C MET A 84 11.84 0.96 -29.04
N PHE A 85 12.47 0.98 -27.87
CA PHE A 85 12.22 0.01 -26.82
C PHE A 85 12.14 0.73 -25.48
N ARG A 86 11.51 0.07 -24.51
CA ARG A 86 11.53 0.57 -23.13
C ARG A 86 12.93 0.45 -22.55
N ASP A 87 13.27 1.40 -21.68
CA ASP A 87 14.60 1.47 -21.10
C ASP A 87 14.60 0.69 -19.79
N PRO A 88 15.33 -0.43 -19.68
CA PRO A 88 15.33 -1.18 -18.42
C PRO A 88 16.22 -0.56 -17.35
N PHE A 89 17.13 0.32 -17.72
CA PHE A 89 18.05 0.95 -16.77
C PHE A 89 17.45 2.17 -16.09
N ARG A 90 16.51 2.85 -16.75
CA ARG A 90 15.83 4.00 -16.15
C ARG A 90 14.33 3.78 -15.95
N LYS A 91 13.76 2.71 -16.52
CA LYS A 91 12.36 2.32 -16.36
C LYS A 91 11.41 3.28 -17.09
N ASP A 92 10.13 2.92 -17.14
CA ASP A 92 9.13 3.75 -17.80
C ASP A 92 9.09 5.14 -17.16
N PRO A 93 8.83 6.18 -17.95
CA PRO A 93 8.51 6.19 -19.38
C PRO A 93 9.72 6.41 -20.29
N ASN A 94 10.94 6.20 -19.81
CA ASN A 94 12.14 6.46 -20.60
C ASN A 94 12.35 5.36 -21.64
N LYS A 95 13.04 5.72 -22.73
CA LYS A 95 13.11 4.89 -23.93
C LYS A 95 14.54 4.70 -24.41
N LEU A 96 14.76 3.59 -25.12
CA LEU A 96 15.96 3.35 -25.91
C LEU A 96 15.62 3.46 -27.39
N VAL A 97 16.48 4.13 -28.15
CA VAL A 97 16.25 4.41 -29.56
C VAL A 97 17.45 3.95 -30.37
N LEU A 98 17.22 3.01 -31.29
CA LEU A 98 18.24 2.57 -32.24
C LEU A 98 18.11 3.38 -33.51
N CYS A 99 19.22 3.88 -34.03
CA CYS A 99 19.22 4.84 -35.13
C CYS A 99 20.10 4.38 -36.28
N GLU A 100 19.73 4.81 -37.49
CA GLU A 100 20.58 4.72 -38.65
C GLU A 100 21.45 5.96 -38.78
N VAL A 101 22.64 5.78 -39.34
CA VAL A 101 23.64 6.85 -39.43
C VAL A 101 23.74 7.31 -40.87
N PHE A 102 23.73 8.62 -41.08
CA PHE A 102 23.83 9.21 -42.41
C PHE A 102 24.91 10.29 -42.40
N LYS A 103 25.52 10.50 -43.56
CA LYS A 103 26.57 11.48 -43.73
C LYS A 103 25.98 12.88 -43.89
N TYR A 104 26.87 13.88 -43.97
CA TYR A 104 26.42 15.27 -44.08
C TYR A 104 25.61 15.52 -45.34
N ASN A 105 25.82 14.70 -46.38
CA ASN A 105 25.10 14.81 -47.63
C ASN A 105 23.93 13.85 -47.71
N ARG A 106 23.52 13.26 -46.59
CA ARG A 106 22.37 12.36 -46.44
C ARG A 106 22.57 11.01 -47.11
N ARG A 107 23.78 10.70 -47.58
CA ARG A 107 24.05 9.35 -48.00
C ARG A 107 24.28 8.46 -46.76
N PRO A 108 23.93 7.18 -46.84
CA PRO A 108 24.17 6.29 -45.71
C PRO A 108 25.65 6.16 -45.39
N ALA A 109 25.95 6.00 -44.11
CA ALA A 109 27.32 5.82 -43.67
C ALA A 109 27.88 4.48 -44.18
N GLU A 110 29.21 4.36 -44.10
CA GLU A 110 29.86 3.15 -44.60
C GLU A 110 29.42 1.91 -43.84
N THR A 111 29.25 2.02 -42.53
CA THR A 111 28.82 0.90 -41.69
C THR A 111 27.32 0.84 -41.51
N ASN A 112 26.56 1.70 -42.19
CA ASN A 112 25.09 1.64 -42.16
C ASN A 112 24.65 0.59 -43.18
N LEU A 113 24.40 -0.62 -42.69
CA LEU A 113 23.98 -1.71 -43.55
C LEU A 113 22.49 -2.02 -43.43
N ARG A 114 21.79 -1.40 -42.48
CA ARG A 114 20.35 -1.58 -42.38
C ARG A 114 19.61 -0.97 -43.57
N HIS A 115 20.16 0.09 -44.17
CA HIS A 115 19.47 0.79 -45.24
C HIS A 115 19.23 -0.13 -46.44
N THR A 116 20.26 -0.87 -46.84
CA THR A 116 20.11 -1.79 -47.97
C THR A 116 19.36 -3.06 -47.56
N CYS A 117 19.58 -3.53 -46.33
CA CYS A 117 18.92 -4.75 -45.88
C CYS A 117 17.41 -4.56 -45.81
N LYS A 118 16.96 -3.37 -45.40
CA LYS A 118 15.52 -3.11 -45.30
C LYS A 118 14.85 -3.19 -46.66
N ARG A 119 15.49 -2.65 -47.70
CA ARG A 119 14.90 -2.70 -49.04
C ARG A 119 14.81 -4.13 -49.56
N ILE A 120 15.82 -4.94 -49.26
CA ILE A 120 15.78 -6.35 -49.65
C ILE A 120 14.65 -7.07 -48.91
N MET A 121 14.46 -6.78 -47.63
CA MET A 121 13.41 -7.41 -46.85
C MET A 121 12.03 -7.07 -47.42
N ASP A 122 11.87 -5.85 -47.94
CA ASP A 122 10.58 -5.44 -48.46
C ASP A 122 10.25 -6.14 -49.77
N MET A 123 11.26 -6.69 -50.45
CA MET A 123 11.04 -7.36 -51.72
C MET A 123 10.43 -8.75 -51.56
N VAL A 124 10.55 -9.35 -50.38
CA VAL A 124 10.12 -10.73 -50.16
C VAL A 124 9.18 -10.80 -48.98
N SER A 125 8.49 -9.69 -48.69
CA SER A 125 7.67 -9.62 -47.48
C SER A 125 6.51 -10.62 -47.51
N ASN A 126 6.06 -11.02 -48.70
CA ASN A 126 4.96 -11.98 -48.78
C ASN A 126 5.39 -13.40 -48.41
N GLN A 127 6.69 -13.68 -48.43
CA GLN A 127 7.19 -14.99 -48.05
C GLN A 127 7.47 -15.11 -46.55
N HIS A 128 7.38 -14.01 -45.81
CA HIS A 128 7.49 -14.00 -44.36
C HIS A 128 8.73 -14.73 -43.82
N PRO A 129 9.93 -14.24 -44.14
CA PRO A 129 11.14 -14.89 -43.63
C PRO A 129 11.29 -14.68 -42.12
N TRP A 130 11.60 -15.76 -41.41
CA TRP A 130 11.86 -15.73 -39.98
C TRP A 130 13.33 -16.06 -39.71
N PHE A 131 13.93 -15.36 -38.77
CA PHE A 131 15.31 -15.58 -38.39
C PHE A 131 15.42 -15.84 -36.89
N GLY A 132 16.38 -16.70 -36.53
CA GLY A 132 16.70 -16.98 -35.15
C GLY A 132 18.20 -17.07 -34.95
N MET A 133 18.76 -16.27 -34.06
CA MET A 133 20.20 -16.16 -33.92
C MET A 133 20.64 -16.51 -32.50
N GLU A 134 21.76 -17.22 -32.40
CA GLU A 134 22.30 -17.71 -31.12
C GLU A 134 23.60 -16.96 -30.85
N GLN A 135 23.56 -15.98 -29.96
CA GLN A 135 24.71 -15.14 -29.66
C GLN A 135 25.52 -15.75 -28.53
N GLU A 136 26.78 -16.09 -28.82
CA GLU A 136 27.72 -16.57 -27.82
C GLU A 136 28.68 -15.45 -27.45
N TYR A 137 29.11 -15.44 -26.18
CA TYR A 137 30.01 -14.41 -25.70
C TYR A 137 30.78 -14.94 -24.50
N THR A 138 31.86 -14.24 -24.16
CA THR A 138 32.70 -14.58 -23.02
C THR A 138 32.80 -13.38 -22.08
N LEU A 139 32.61 -13.63 -20.79
CA LEU A 139 32.81 -12.60 -19.77
C LEU A 139 34.28 -12.53 -19.41
N MET A 140 34.84 -11.32 -19.40
CA MET A 140 36.25 -11.10 -19.12
C MET A 140 36.42 -10.06 -18.04
N GLY A 141 37.48 -10.24 -17.25
CA GLY A 141 37.89 -9.21 -16.32
C GLY A 141 38.61 -8.06 -17.03
N THR A 142 38.76 -6.95 -16.31
CA THR A 142 39.41 -5.78 -16.88
C THR A 142 40.89 -6.02 -17.17
N ASP A 143 41.48 -7.09 -16.64
CA ASP A 143 42.88 -7.41 -16.88
C ASP A 143 43.10 -8.24 -18.14
N GLY A 144 42.06 -8.49 -18.93
CA GLY A 144 42.20 -9.23 -20.17
C GLY A 144 42.13 -10.73 -20.03
N HIS A 145 41.76 -11.26 -18.87
CA HIS A 145 41.65 -12.68 -18.61
C HIS A 145 40.18 -13.04 -18.35
N PRO A 146 39.74 -14.25 -18.69
CA PRO A 146 38.34 -14.61 -18.46
C PRO A 146 37.95 -14.50 -16.99
N PHE A 147 36.73 -14.03 -16.75
CA PHE A 147 36.27 -13.76 -15.39
C PHE A 147 36.16 -15.06 -14.58
N GLY A 148 36.68 -15.03 -13.36
CA GLY A 148 36.65 -16.17 -12.48
C GLY A 148 37.69 -17.24 -12.78
N TRP A 149 38.56 -17.03 -13.75
CA TRP A 149 39.63 -17.97 -14.01
C TRP A 149 40.77 -17.75 -13.01
N PRO A 150 41.56 -18.78 -12.72
CA PRO A 150 42.72 -18.59 -11.83
C PRO A 150 43.68 -17.58 -12.42
N SER A 151 44.26 -16.75 -11.55
CA SER A 151 45.15 -15.70 -12.02
C SER A 151 46.40 -16.31 -12.63
N ASN A 152 46.69 -15.93 -13.87
CA ASN A 152 47.83 -16.44 -14.63
C ASN A 152 47.74 -17.96 -14.84
N GLY A 153 46.54 -18.50 -14.85
CA GLY A 153 46.36 -19.94 -14.97
C GLY A 153 45.06 -20.36 -15.64
N PHE A 154 44.73 -21.64 -15.51
CA PHE A 154 43.59 -22.24 -16.18
C PHE A 154 42.73 -23.02 -15.21
N PRO A 155 41.43 -23.15 -15.49
CA PRO A 155 40.60 -24.06 -14.70
C PRO A 155 40.74 -25.50 -15.20
N GLY A 156 39.93 -26.41 -14.66
CA GLY A 156 39.98 -27.79 -15.07
C GLY A 156 39.55 -27.99 -16.51
N PRO A 157 39.78 -29.20 -17.04
CA PRO A 157 39.45 -29.45 -18.45
C PRO A 157 37.95 -29.35 -18.71
N GLN A 158 37.62 -29.06 -19.96
CA GLN A 158 36.23 -28.89 -20.37
C GLN A 158 35.44 -30.18 -20.17
N GLY A 159 34.12 -30.05 -20.10
CA GLY A 159 33.24 -31.18 -19.91
C GLY A 159 32.18 -31.01 -18.83
N PRO A 160 32.52 -30.43 -17.68
CA PRO A 160 31.49 -30.17 -16.66
C PRO A 160 30.86 -28.78 -16.69
N TYR A 161 31.29 -27.89 -17.58
CA TYR A 161 30.81 -26.51 -17.55
C TYR A 161 29.57 -26.29 -18.41
N TYR A 162 29.37 -27.10 -19.45
CA TYR A 162 28.23 -26.93 -20.33
C TYR A 162 26.93 -27.14 -19.57
N CYS A 163 26.05 -26.13 -19.58
CA CYS A 163 24.78 -26.16 -18.87
C CYS A 163 24.98 -26.51 -17.38
N GLY A 164 26.08 -26.03 -16.81
CA GLY A 164 26.44 -26.43 -15.46
C GLY A 164 25.75 -25.61 -14.39
N VAL A 165 25.77 -26.15 -13.18
CA VAL A 165 25.23 -25.46 -12.00
C VAL A 165 26.19 -25.67 -10.83
N GLY A 166 26.39 -24.62 -10.05
CA GLY A 166 27.29 -24.72 -8.91
C GLY A 166 28.43 -23.72 -8.94
N ALA A 167 29.02 -23.45 -7.77
CA ALA A 167 30.06 -22.43 -7.67
C ALA A 167 31.29 -22.78 -8.50
N ASP A 168 31.59 -24.07 -8.65
CA ASP A 168 32.76 -24.51 -9.39
C ASP A 168 32.46 -24.85 -10.84
N ARG A 169 31.29 -24.51 -11.34
CA ARG A 169 30.92 -24.90 -12.70
C ARG A 169 30.48 -23.74 -13.57
N ALA A 170 29.77 -22.75 -13.03
CA ALA A 170 29.24 -21.64 -13.79
C ALA A 170 29.73 -20.33 -13.20
N TYR A 171 30.34 -19.49 -14.04
CA TYR A 171 30.90 -18.21 -13.60
C TYR A 171 30.07 -17.06 -14.16
N GLY A 172 29.61 -16.18 -13.26
CA GLY A 172 28.96 -14.96 -13.67
C GLY A 172 27.49 -15.06 -14.03
N ARG A 173 26.74 -15.98 -13.40
CA ARG A 173 25.32 -16.10 -13.68
C ARG A 173 24.52 -14.87 -13.28
N ASP A 174 25.05 -14.03 -12.38
CA ASP A 174 24.36 -12.80 -12.02
C ASP A 174 24.17 -11.89 -13.24
N ILE A 175 25.19 -11.79 -14.09
CA ILE A 175 25.08 -11.01 -15.32
C ILE A 175 24.02 -11.61 -16.23
N VAL A 176 24.02 -12.94 -16.37
CA VAL A 176 23.10 -13.61 -17.30
C VAL A 176 21.66 -13.39 -16.86
N GLU A 177 21.38 -13.54 -15.56
CA GLU A 177 20.02 -13.35 -15.06
C GLU A 177 19.56 -11.90 -15.26
N ALA A 178 20.43 -10.94 -14.95
CA ALA A 178 20.06 -9.53 -15.10
C ALA A 178 19.80 -9.19 -16.56
N HIS A 179 20.63 -9.72 -17.47
CA HIS A 179 20.44 -9.46 -18.90
C HIS A 179 19.14 -10.05 -19.40
N TYR A 180 18.77 -11.23 -18.93
CA TYR A 180 17.52 -11.87 -19.36
C TYR A 180 16.32 -11.03 -18.99
N ARG A 181 16.24 -10.58 -17.73
CA ARG A 181 15.08 -9.82 -17.28
C ARG A 181 15.04 -8.43 -17.92
N ALA A 182 16.22 -7.84 -18.16
CA ALA A 182 16.26 -6.53 -18.80
C ALA A 182 15.73 -6.58 -20.23
N CYS A 183 16.09 -7.63 -20.97
CA CYS A 183 15.60 -7.77 -22.34
C CYS A 183 14.08 -7.98 -22.36
N LEU A 184 13.55 -8.79 -21.45
CA LEU A 184 12.12 -9.00 -21.38
C LEU A 184 11.38 -7.70 -21.09
N TYR A 185 11.90 -6.90 -20.16
CA TYR A 185 11.29 -5.61 -19.85
C TYR A 185 11.35 -4.67 -21.05
N ALA A 186 12.49 -4.64 -21.75
CA ALA A 186 12.67 -3.72 -22.86
C ALA A 186 11.78 -4.05 -24.05
N GLY A 187 11.35 -5.29 -24.19
CA GLY A 187 10.62 -5.73 -25.35
C GLY A 187 11.43 -6.48 -26.39
N VAL A 188 12.66 -6.86 -26.06
CA VAL A 188 13.50 -7.66 -26.95
C VAL A 188 13.04 -9.12 -26.88
N LYS A 189 12.91 -9.76 -28.04
CA LYS A 189 12.41 -11.12 -28.13
C LYS A 189 13.52 -12.12 -27.81
N ILE A 190 13.83 -12.25 -26.53
CA ILE A 190 14.82 -13.21 -26.06
C ILE A 190 14.12 -14.55 -25.83
N ALA A 191 14.71 -15.62 -26.37
CA ALA A 191 14.09 -16.94 -26.36
C ALA A 191 14.69 -17.91 -25.35
N GLY A 192 15.87 -17.63 -24.83
CA GLY A 192 16.47 -18.52 -23.85
C GLY A 192 17.95 -18.27 -23.70
N THR A 193 18.53 -18.96 -22.72
CA THR A 193 19.96 -18.86 -22.42
C THR A 193 20.48 -20.21 -21.94
N ASN A 194 21.79 -20.39 -22.04
CA ASN A 194 22.44 -21.57 -21.47
C ASN A 194 23.94 -21.29 -21.29
N ALA A 195 24.54 -22.00 -20.33
CA ALA A 195 25.98 -21.97 -20.15
C ALA A 195 26.67 -22.82 -21.21
N GLU A 196 27.86 -22.39 -21.62
CA GLU A 196 28.56 -22.99 -22.73
C GLU A 196 29.70 -23.89 -22.26
N VAL A 197 30.39 -24.50 -23.22
CA VAL A 197 31.43 -25.49 -22.93
C VAL A 197 32.57 -24.86 -22.14
N MET A 198 32.97 -23.66 -22.51
CA MET A 198 34.03 -22.95 -21.81
C MET A 198 33.47 -22.30 -20.54
N PRO A 199 34.12 -22.45 -19.39
CA PRO A 199 33.69 -21.71 -18.20
C PRO A 199 33.79 -20.20 -18.43
N ALA A 200 32.80 -19.47 -17.91
CA ALA A 200 32.55 -18.05 -18.13
C ALA A 200 32.09 -17.75 -19.56
N GLN A 201 31.74 -18.75 -20.35
CA GLN A 201 31.17 -18.56 -21.68
C GLN A 201 29.68 -18.86 -21.64
N TRP A 202 28.90 -18.01 -22.30
CA TRP A 202 27.44 -18.07 -22.22
C TRP A 202 26.83 -17.83 -23.60
N GLU A 203 25.55 -18.15 -23.72
CA GLU A 203 24.81 -18.01 -24.97
C GLU A 203 23.38 -17.57 -24.68
N PHE A 204 22.85 -16.68 -25.51
CA PHE A 204 21.44 -16.34 -25.48
C PHE A 204 20.87 -16.35 -26.89
N GLN A 205 19.61 -16.73 -27.02
CA GLN A 205 18.94 -16.86 -28.30
C GLN A 205 17.94 -15.73 -28.49
N ILE A 206 17.88 -15.18 -29.70
CA ILE A 206 16.94 -14.13 -30.07
C ILE A 206 16.11 -14.62 -31.24
N GLY A 207 14.79 -14.52 -31.12
CA GLY A 207 13.89 -14.86 -32.20
C GLY A 207 12.71 -15.71 -31.75
N PRO A 208 11.93 -16.20 -32.72
CA PRO A 208 12.02 -15.96 -34.17
C PRO A 208 11.54 -14.57 -34.55
N CYS A 209 12.27 -13.86 -35.40
CA CYS A 209 11.95 -12.49 -35.76
C CYS A 209 11.72 -12.39 -37.26
N GLU A 210 10.76 -11.55 -37.65
CA GLU A 210 10.39 -11.39 -39.05
C GLU A 210 11.16 -10.23 -39.68
N GLY A 211 11.83 -10.50 -40.80
CA GLY A 211 12.39 -9.46 -41.63
C GLY A 211 13.46 -8.64 -40.96
N ILE A 212 13.33 -7.30 -41.09
CA ILE A 212 14.36 -6.39 -40.62
C ILE A 212 14.43 -6.36 -39.10
N SER A 213 13.37 -6.82 -38.42
CA SER A 213 13.34 -6.72 -36.97
C SER A 213 14.38 -7.62 -36.30
N MET A 214 14.87 -8.64 -37.01
CA MET A 214 15.89 -9.52 -36.42
C MET A 214 17.16 -8.74 -36.11
N GLY A 215 17.63 -7.92 -37.05
CA GLY A 215 18.81 -7.11 -36.81
C GLY A 215 18.62 -6.09 -35.70
N ASP A 216 17.45 -5.47 -35.64
CA ASP A 216 17.18 -4.49 -34.59
C ASP A 216 17.19 -5.12 -33.20
N HIS A 217 16.61 -6.31 -33.06
CA HIS A 217 16.51 -6.94 -31.75
C HIS A 217 17.87 -7.43 -31.26
N LEU A 218 18.71 -7.96 -32.15
CA LEU A 218 20.02 -8.45 -31.73
C LEU A 218 20.95 -7.32 -31.33
N TRP A 219 20.93 -6.22 -32.10
CA TRP A 219 21.81 -5.09 -31.79
C TRP A 219 21.44 -4.46 -30.45
N VAL A 220 20.14 -4.33 -30.17
CA VAL A 220 19.71 -3.78 -28.89
C VAL A 220 20.03 -4.74 -27.75
N ALA A 221 19.89 -6.04 -28.00
CA ALA A 221 20.28 -7.03 -27.00
C ALA A 221 21.77 -6.96 -26.70
N ARG A 222 22.59 -6.72 -27.74
CA ARG A 222 24.02 -6.54 -27.52
C ARG A 222 24.31 -5.30 -26.68
N PHE A 223 23.59 -4.21 -26.95
CA PHE A 223 23.78 -2.99 -26.16
C PHE A 223 23.40 -3.21 -24.70
N ILE A 224 22.30 -3.92 -24.46
CA ILE A 224 21.85 -4.16 -23.09
C ILE A 224 22.87 -4.99 -22.34
N LEU A 225 23.48 -5.97 -23.01
CA LEU A 225 24.49 -6.81 -22.36
C LEU A 225 25.72 -5.99 -21.96
N HIS A 226 26.18 -5.12 -22.85
CA HIS A 226 27.34 -4.27 -22.53
C HIS A 226 27.04 -3.35 -21.35
N ARG A 227 25.83 -2.80 -21.32
CA ARG A 227 25.46 -1.85 -20.27
C ARG A 227 25.26 -2.55 -18.93
N VAL A 228 24.72 -3.77 -18.94
CA VAL A 228 24.60 -4.55 -17.71
C VAL A 228 25.97 -4.96 -17.19
N CYS A 229 26.86 -5.40 -18.08
CA CYS A 229 28.20 -5.79 -17.66
C CYS A 229 28.98 -4.60 -17.13
N GLU A 230 28.69 -3.40 -17.63
CA GLU A 230 29.33 -2.20 -17.12
C GLU A 230 28.95 -1.95 -15.66
N ASP A 231 27.71 -2.23 -15.28
CA ASP A 231 27.30 -2.10 -13.89
C ASP A 231 28.09 -3.02 -12.97
N PHE A 232 28.31 -4.26 -13.39
CA PHE A 232 29.08 -5.22 -12.61
C PHE A 232 30.59 -5.04 -12.74
N GLY A 233 31.05 -4.23 -13.70
CA GLY A 233 32.47 -3.99 -13.86
C GLY A 233 33.23 -5.03 -14.65
N VAL A 234 32.56 -5.79 -15.51
CA VAL A 234 33.21 -6.81 -16.34
C VAL A 234 32.97 -6.47 -17.80
N ILE A 235 33.72 -7.16 -18.67
CA ILE A 235 33.68 -6.94 -20.11
C ILE A 235 33.12 -8.18 -20.79
N ALA A 236 32.15 -7.97 -21.68
CA ALA A 236 31.66 -9.02 -22.57
C ALA A 236 32.32 -8.87 -23.92
N THR A 237 32.90 -9.96 -24.42
CA THR A 237 33.58 -9.96 -25.71
C THR A 237 32.89 -10.92 -26.68
N PHE A 238 32.79 -10.50 -27.93
CA PHE A 238 32.24 -11.32 -29.01
C PHE A 238 33.32 -11.87 -29.94
N ASP A 239 34.56 -11.88 -29.50
CA ASP A 239 35.65 -12.38 -30.33
C ASP A 239 35.45 -13.88 -30.59
N PRO A 240 35.60 -14.35 -31.83
CA PRO A 240 35.34 -15.77 -32.13
C PRO A 240 36.23 -16.74 -31.36
N LYS A 241 37.49 -16.38 -31.10
CA LYS A 241 38.43 -17.26 -30.40
C LYS A 241 39.13 -16.49 -29.30
N PRO A 242 38.43 -16.26 -28.17
CA PRO A 242 39.04 -15.48 -27.08
C PRO A 242 40.30 -16.12 -26.49
N ILE A 243 40.35 -17.44 -26.39
CA ILE A 243 41.46 -18.15 -25.78
C ILE A 243 42.02 -19.15 -26.79
N PRO A 244 43.30 -19.07 -27.14
CA PRO A 244 43.87 -20.03 -28.09
C PRO A 244 44.01 -21.41 -27.50
N GLY A 245 44.00 -22.41 -28.37
CA GLY A 245 44.24 -23.78 -27.97
C GLY A 245 42.99 -24.64 -27.85
N ASN A 246 42.94 -25.46 -26.80
CA ASN A 246 41.85 -26.42 -26.61
C ASN A 246 40.73 -25.83 -25.75
N TRP A 247 40.22 -24.69 -26.20
CA TRP A 247 39.12 -24.02 -25.53
C TRP A 247 38.08 -23.60 -26.56
N ASN A 248 36.81 -23.72 -26.19
CA ASN A 248 35.72 -23.55 -27.14
C ASN A 248 35.70 -22.12 -27.70
N GLY A 249 35.34 -22.01 -28.99
CA GLY A 249 35.20 -20.73 -29.64
C GLY A 249 33.79 -20.17 -29.50
N ALA A 250 33.56 -19.04 -30.16
CA ALA A 250 32.29 -18.33 -30.09
C ALA A 250 31.76 -18.08 -31.49
N GLY A 251 30.50 -18.45 -31.73
CA GLY A 251 29.86 -18.22 -33.01
C GLY A 251 28.48 -17.61 -32.84
N CYS A 252 27.82 -17.37 -33.98
CA CYS A 252 26.46 -16.86 -34.01
C CYS A 252 25.67 -17.66 -35.03
N HIS A 253 25.10 -18.79 -34.60
CA HIS A 253 24.31 -19.63 -35.50
C HIS A 253 23.02 -18.91 -35.89
N THR A 254 22.64 -19.04 -37.16
CA THR A 254 21.48 -18.35 -37.72
C THR A 254 20.50 -19.38 -38.23
N ASN A 255 19.28 -19.35 -37.71
CA ASN A 255 18.21 -20.23 -38.16
C ASN A 255 17.28 -19.46 -39.09
N PHE A 256 16.84 -20.12 -40.16
CA PHE A 256 16.11 -19.47 -41.23
C PHE A 256 14.94 -20.34 -41.69
N SER A 257 13.80 -19.70 -41.94
CA SER A 257 12.65 -20.38 -42.53
C SER A 257 11.77 -19.35 -43.22
N THR A 258 10.99 -19.83 -44.18
CA THR A 258 9.98 -19.03 -44.87
C THR A 258 8.61 -19.64 -44.64
N LYS A 259 7.58 -18.96 -45.15
CA LYS A 259 6.21 -19.45 -45.02
C LYS A 259 6.06 -20.82 -45.70
N ALA A 260 6.66 -20.98 -46.88
CA ALA A 260 6.60 -22.26 -47.57
C ALA A 260 7.31 -23.35 -46.79
N MET A 261 8.44 -23.04 -46.16
CA MET A 261 9.18 -24.04 -45.42
C MET A 261 8.43 -24.51 -44.18
N ARG A 262 7.62 -23.65 -43.58
CA ARG A 262 6.93 -23.98 -42.33
C ARG A 262 5.63 -24.76 -42.54
N GLU A 263 5.13 -24.85 -43.76
CA GLU A 263 3.93 -25.62 -44.04
C GLU A 263 4.28 -27.09 -44.28
N GLU A 264 3.24 -27.92 -44.41
CA GLU A 264 3.43 -29.35 -44.62
C GLU A 264 4.24 -29.61 -45.88
N ASN A 265 5.15 -30.58 -45.78
CA ASN A 265 6.08 -30.93 -46.86
C ASN A 265 6.97 -29.75 -47.23
N GLY A 266 7.26 -28.89 -46.24
CA GLY A 266 8.17 -27.78 -46.46
C GLY A 266 9.63 -28.16 -46.52
N LEU A 267 9.96 -29.42 -46.20
CA LEU A 267 11.33 -29.88 -46.30
C LEU A 267 11.84 -29.83 -47.74
N LYS A 268 10.94 -29.92 -48.71
CA LYS A 268 11.33 -29.79 -50.11
C LYS A 268 11.94 -28.42 -50.39
N TYR A 269 11.33 -27.36 -49.86
CA TYR A 269 11.87 -26.02 -50.04
C TYR A 269 13.11 -25.76 -49.20
N ILE A 270 13.26 -26.46 -48.08
CA ILE A 270 14.50 -26.36 -47.30
C ILE A 270 15.68 -26.90 -48.09
N GLU A 271 15.49 -28.05 -48.76
CA GLU A 271 16.56 -28.64 -49.55
C GLU A 271 16.93 -27.77 -50.74
N GLU A 272 15.96 -27.07 -51.32
CA GLU A 272 16.26 -26.16 -52.43
C GLU A 272 17.17 -25.04 -52.00
N ALA A 273 16.90 -24.44 -50.83
CA ALA A 273 17.72 -23.33 -50.35
C ALA A 273 19.13 -23.79 -50.01
N ILE A 274 19.27 -24.98 -49.45
CA ILE A 274 20.60 -25.50 -49.12
C ILE A 274 21.40 -25.77 -50.38
N GLU A 275 20.73 -26.23 -51.45
CA GLU A 275 21.42 -26.43 -52.72
C GLU A 275 21.96 -25.12 -53.26
N LYS A 276 21.17 -24.05 -53.19
CA LYS A 276 21.63 -22.73 -53.64
C LYS A 276 22.79 -22.23 -52.77
N LEU A 277 22.72 -22.47 -51.46
CA LEU A 277 23.78 -22.03 -50.56
C LEU A 277 25.09 -22.77 -50.83
N SER A 278 25.02 -24.00 -51.36
CA SER A 278 26.23 -24.78 -51.58
C SER A 278 27.11 -24.15 -52.66
N LYS A 279 26.54 -23.33 -53.54
CA LYS A 279 27.27 -22.76 -54.66
C LYS A 279 27.89 -21.40 -54.33
N ARG A 280 27.65 -20.85 -53.15
CA ARG A 280 28.08 -19.51 -52.81
C ARG A 280 28.78 -19.50 -51.44
N HIS A 281 29.64 -20.49 -51.19
CA HIS A 281 30.29 -20.59 -49.90
C HIS A 281 31.22 -19.41 -49.63
N GLN A 282 32.02 -19.03 -50.64
CA GLN A 282 32.96 -17.93 -50.45
C GLN A 282 32.23 -16.60 -50.25
N TYR A 283 31.10 -16.40 -50.94
CA TYR A 283 30.35 -15.17 -50.79
C TYR A 283 29.83 -15.00 -49.37
N HIS A 284 29.34 -16.08 -48.76
CA HIS A 284 28.77 -15.98 -47.42
C HIS A 284 29.87 -15.86 -46.35
N ILE A 285 31.04 -16.44 -46.59
CA ILE A 285 32.15 -16.29 -45.64
C ILE A 285 32.54 -14.83 -45.51
N ARG A 286 32.62 -14.12 -46.64
CA ARG A 286 32.97 -12.70 -46.61
C ARG A 286 31.90 -11.87 -45.93
N ALA A 287 30.63 -12.22 -46.13
CA ALA A 287 29.53 -11.46 -45.56
C ALA A 287 29.29 -11.75 -44.09
N TYR A 288 29.80 -12.87 -43.57
CA TYR A 288 29.57 -13.27 -42.19
C TYR A 288 30.62 -12.74 -41.24
N ASP A 289 31.46 -11.80 -41.67
CA ASP A 289 32.52 -11.27 -40.84
C ASP A 289 32.68 -9.78 -41.10
N PRO A 290 32.90 -8.98 -40.04
CA PRO A 290 33.21 -7.57 -40.25
C PRO A 290 34.59 -7.34 -40.82
N LYS A 291 35.45 -8.36 -40.85
CA LYS A 291 36.78 -8.26 -41.41
C LYS A 291 36.94 -9.01 -42.73
N GLY A 292 35.91 -9.74 -43.17
CA GLY A 292 35.96 -10.45 -44.42
C GLY A 292 36.29 -11.93 -44.33
N GLY A 293 36.40 -12.49 -43.12
CA GLY A 293 36.65 -13.90 -42.98
C GLY A 293 37.86 -14.22 -42.12
N LEU A 294 38.71 -13.21 -41.88
CA LEU A 294 39.92 -13.42 -41.10
C LEU A 294 39.59 -13.80 -39.65
N ASP A 295 38.60 -13.13 -39.06
CA ASP A 295 38.23 -13.45 -37.68
C ASP A 295 37.73 -14.88 -37.55
N ASN A 296 36.86 -15.32 -38.47
CA ASN A 296 36.31 -16.67 -38.41
C ASN A 296 37.35 -17.74 -38.69
N ALA A 297 38.50 -17.39 -39.26
CA ALA A 297 39.53 -18.39 -39.55
C ALA A 297 40.15 -18.93 -38.27
N ARG A 298 40.23 -18.13 -37.21
CA ARG A 298 40.77 -18.59 -35.93
C ARG A 298 39.82 -19.54 -35.21
N ARG A 299 38.57 -19.63 -35.65
CA ARG A 299 37.56 -20.48 -35.00
C ARG A 299 37.19 -21.71 -35.83
N LEU A 300 36.96 -21.53 -37.13
CA LEU A 300 36.47 -22.62 -37.98
C LEU A 300 37.66 -23.39 -38.56
N THR A 301 38.15 -24.34 -37.76
CA THR A 301 39.27 -25.18 -38.17
C THR A 301 38.89 -26.64 -38.33
N GLY A 302 37.66 -27.03 -38.01
CA GLY A 302 37.22 -28.40 -38.12
C GLY A 302 37.32 -29.22 -36.86
N PHE A 303 37.54 -28.58 -35.70
CA PHE A 303 37.62 -29.26 -34.42
C PHE A 303 36.73 -28.55 -33.41
N HIS A 304 36.52 -29.20 -32.27
CA HIS A 304 35.63 -28.70 -31.22
C HIS A 304 34.23 -28.43 -31.77
N GLU A 305 33.71 -29.38 -32.54
CA GLU A 305 32.35 -29.33 -33.09
C GLU A 305 32.15 -28.11 -33.98
N THR A 306 33.09 -27.91 -34.91
CA THR A 306 33.00 -26.85 -35.90
C THR A 306 33.34 -27.41 -37.28
N SER A 307 32.87 -26.71 -38.31
CA SER A 307 33.19 -27.06 -39.68
C SER A 307 34.41 -26.29 -40.16
N ASN A 308 35.03 -26.81 -41.22
CA ASN A 308 36.22 -26.16 -41.78
C ASN A 308 35.84 -24.90 -42.55
N ILE A 309 36.68 -23.88 -42.45
CA ILE A 309 36.43 -22.62 -43.14
C ILE A 309 36.48 -22.77 -44.65
N ASN A 310 37.20 -23.79 -45.15
CA ASN A 310 37.41 -23.94 -46.59
C ASN A 310 36.30 -24.74 -47.27
N ASP A 311 35.63 -25.64 -46.56
CA ASP A 311 34.73 -26.61 -47.16
C ASP A 311 33.29 -26.34 -46.77
N PHE A 312 32.38 -26.61 -47.70
CA PHE A 312 30.95 -26.56 -47.45
C PHE A 312 30.40 -27.97 -47.27
N SER A 313 29.60 -28.16 -46.23
CA SER A 313 28.97 -29.45 -45.98
C SER A 313 27.57 -29.21 -45.40
N ALA A 314 26.68 -30.17 -45.64
CA ALA A 314 25.31 -30.09 -45.16
C ALA A 314 24.81 -31.50 -44.85
N GLY A 315 23.98 -31.60 -43.84
CA GLY A 315 23.42 -32.89 -43.46
C GLY A 315 22.35 -32.74 -42.41
N VAL A 316 21.59 -33.82 -42.23
CA VAL A 316 20.55 -33.85 -41.21
C VAL A 316 21.18 -34.26 -39.88
N ALA A 317 20.94 -33.45 -38.84
CA ALA A 317 21.43 -33.71 -37.49
C ALA A 317 22.96 -33.77 -37.43
N ASN A 318 23.63 -33.00 -38.27
CA ASN A 318 25.09 -32.95 -38.31
C ASN A 318 25.54 -31.63 -37.71
N ARG A 319 26.16 -31.69 -36.53
CA ARG A 319 26.66 -30.50 -35.86
C ARG A 319 28.07 -30.13 -36.28
N SER A 320 28.73 -30.94 -37.11
CA SER A 320 30.05 -30.63 -37.64
C SER A 320 30.01 -30.04 -39.03
N ALA A 321 28.82 -29.85 -39.60
CA ALA A 321 28.66 -29.34 -40.94
C ALA A 321 28.33 -27.85 -40.94
N SER A 322 28.49 -27.23 -42.10
CA SER A 322 28.16 -25.80 -42.24
C SER A 322 26.68 -25.55 -42.02
N ILE A 323 25.82 -26.41 -42.58
CA ILE A 323 24.37 -26.28 -42.48
C ILE A 323 23.83 -27.55 -41.83
N ARG A 324 22.97 -27.39 -40.84
CA ARG A 324 22.40 -28.51 -40.10
C ARG A 324 20.88 -28.46 -40.18
N ILE A 325 20.28 -29.60 -40.52
CA ILE A 325 18.83 -29.78 -40.46
C ILE A 325 18.51 -30.53 -39.18
N PRO A 326 17.72 -29.95 -38.26
CA PRO A 326 17.39 -30.68 -37.04
C PRO A 326 16.62 -31.96 -37.34
N ARG A 327 16.84 -32.97 -36.50
CA ARG A 327 16.22 -34.28 -36.73
C ARG A 327 14.70 -34.18 -36.69
N THR A 328 14.16 -33.38 -35.77
CA THR A 328 12.72 -33.21 -35.69
C THR A 328 12.16 -32.58 -36.96
N VAL A 329 12.89 -31.61 -37.53
CA VAL A 329 12.45 -30.99 -38.78
C VAL A 329 12.40 -32.01 -39.90
N GLY A 330 13.44 -32.85 -40.00
CA GLY A 330 13.45 -33.89 -41.01
C GLY A 330 12.36 -34.92 -40.81
N GLN A 331 12.02 -35.23 -39.56
CA GLN A 331 10.98 -36.22 -39.28
C GLN A 331 9.60 -35.67 -39.62
N GLU A 332 9.32 -34.42 -39.27
CA GLU A 332 8.03 -33.81 -39.56
C GLU A 332 7.94 -33.24 -40.96
N LYS A 333 9.03 -33.27 -41.73
CA LYS A 333 9.09 -32.77 -43.10
C LYS A 333 8.76 -31.29 -43.22
N LYS A 334 8.99 -30.51 -42.16
CA LYS A 334 8.76 -29.08 -42.21
C LYS A 334 9.56 -28.42 -41.09
N GLY A 335 9.73 -27.10 -41.21
CA GLY A 335 10.43 -26.34 -40.18
C GLY A 335 11.43 -25.34 -40.71
N TYR A 336 12.68 -25.48 -40.30
CA TYR A 336 13.74 -24.51 -40.56
C TYR A 336 15.06 -25.24 -40.71
N PHE A 337 16.13 -24.48 -40.96
CA PHE A 337 17.47 -25.02 -41.00
C PHE A 337 18.43 -24.01 -40.39
N GLU A 338 19.60 -24.50 -39.97
CA GLU A 338 20.55 -23.72 -39.19
C GLU A 338 21.85 -23.53 -39.97
N ASP A 339 22.30 -22.29 -40.07
CA ASP A 339 23.60 -21.93 -40.64
C ASP A 339 24.58 -21.71 -39.50
N ARG A 340 25.59 -22.57 -39.40
CA ARG A 340 26.52 -22.57 -38.27
C ARG A 340 27.82 -21.86 -38.59
N ARG A 341 27.93 -21.22 -39.75
CA ARG A 341 29.14 -20.55 -40.18
C ARG A 341 29.39 -19.16 -39.56
N PRO A 342 28.38 -18.31 -39.34
CA PRO A 342 28.67 -16.94 -38.90
C PRO A 342 29.41 -16.89 -37.57
N SER A 343 30.31 -15.92 -37.46
CA SER A 343 31.10 -15.68 -36.26
C SER A 343 30.30 -14.88 -35.24
N ALA A 344 30.76 -14.93 -33.98
CA ALA A 344 30.04 -14.27 -32.90
C ALA A 344 30.01 -12.75 -33.03
N ASN A 345 30.91 -12.15 -33.81
CA ASN A 345 30.95 -10.70 -33.96
C ASN A 345 30.38 -10.24 -35.31
N CYS A 346 29.52 -11.04 -35.91
CA CYS A 346 28.92 -10.69 -37.20
C CYS A 346 27.90 -9.57 -37.05
N ASP A 347 27.71 -8.84 -38.15
CA ASP A 347 26.63 -7.86 -38.23
C ASP A 347 25.36 -8.56 -38.70
N PRO A 348 24.28 -8.57 -37.91
CA PRO A 348 23.08 -9.30 -38.33
C PRO A 348 22.46 -8.78 -39.61
N PHE A 349 22.58 -7.49 -39.92
CA PHE A 349 22.03 -6.96 -41.16
C PHE A 349 22.74 -7.57 -42.38
N SER A 350 24.06 -7.76 -42.29
CA SER A 350 24.78 -8.41 -43.37
C SER A 350 24.37 -9.87 -43.53
N VAL A 351 24.20 -10.58 -42.41
CA VAL A 351 23.95 -12.02 -42.46
C VAL A 351 22.56 -12.30 -43.05
N THR A 352 21.55 -11.58 -42.58
CA THR A 352 20.18 -11.83 -43.04
C THR A 352 20.01 -11.42 -44.50
N GLU A 353 20.66 -10.33 -44.90
CA GLU A 353 20.56 -9.89 -46.30
C GLU A 353 21.16 -10.92 -47.25
N ALA A 354 22.29 -11.53 -46.86
CA ALA A 354 22.92 -12.52 -47.72
C ALA A 354 22.02 -13.74 -47.90
N LEU A 355 21.35 -14.18 -46.83
CA LEU A 355 20.50 -15.35 -46.92
C LEU A 355 19.33 -15.11 -47.87
N ILE A 356 18.71 -13.93 -47.81
CA ILE A 356 17.60 -13.61 -48.69
C ILE A 356 18.08 -13.55 -50.15
N ARG A 357 19.24 -12.92 -50.38
CA ARG A 357 19.72 -12.77 -51.75
C ARG A 357 20.01 -14.11 -52.41
N THR A 358 20.64 -15.03 -51.67
CA THR A 358 21.00 -16.33 -52.26
C THR A 358 19.78 -17.23 -52.41
N CYS A 359 18.92 -17.29 -51.40
CA CYS A 359 17.88 -18.30 -51.35
C CYS A 359 16.56 -17.85 -51.97
N LEU A 360 16.21 -16.56 -51.84
CA LEU A 360 14.92 -16.09 -52.32
C LEU A 360 15.00 -15.26 -53.60
N LEU A 361 16.12 -14.60 -53.86
CA LEU A 361 16.27 -13.78 -55.06
C LEU A 361 17.16 -14.42 -56.11
N ASN A 362 17.73 -15.60 -55.84
CA ASN A 362 18.47 -16.38 -56.82
C ASN A 362 19.62 -15.60 -57.44
N GLU A 363 20.39 -14.93 -56.60
CA GLU A 363 21.54 -14.17 -57.07
C GLU A 363 22.76 -15.08 -57.24
N THR A 364 23.62 -14.71 -58.18
CA THR A 364 24.85 -15.44 -58.47
C THR A 364 26.00 -14.44 -58.55
N GLY A 365 27.20 -14.96 -58.73
CA GLY A 365 28.38 -14.14 -58.78
C GLY A 365 28.90 -13.78 -57.41
N ASP A 366 29.95 -12.96 -57.39
CA ASP A 366 30.62 -12.55 -56.17
C ASP A 366 30.22 -11.15 -55.71
N GLU A 367 29.27 -10.52 -56.38
CA GLU A 367 28.80 -9.20 -55.97
C GLU A 367 27.29 -9.19 -55.84
N PRO A 368 26.76 -8.37 -54.93
CA PRO A 368 25.31 -8.22 -54.85
C PRO A 368 24.76 -7.48 -56.05
N PHE A 369 23.53 -7.82 -56.44
CA PHE A 369 22.89 -7.13 -57.55
C PHE A 369 22.58 -5.69 -57.16
N GLN A 370 23.00 -4.74 -57.99
CA GLN A 370 22.96 -3.34 -57.60
C GLN A 370 21.53 -2.85 -57.37
N TYR A 371 20.60 -3.22 -58.26
CA TYR A 371 19.21 -2.80 -58.14
C TYR A 371 18.34 -4.04 -57.94
N LYS A 372 17.54 -4.03 -56.87
CA LYS A 372 16.65 -5.13 -56.53
C LYS A 372 17.34 -6.48 -56.62
N ASN A 373 16.87 -7.33 -57.53
CA ASN A 373 17.44 -8.66 -57.73
C ASN A 373 17.72 -8.94 -59.21
N THR B 2 42.00 6.81 -5.72
CA THR B 2 41.35 6.55 -4.44
C THR B 2 40.22 7.53 -4.18
N THR B 3 39.33 7.16 -3.26
CA THR B 3 38.19 7.96 -2.88
C THR B 3 38.34 8.46 -1.45
N SER B 4 37.48 9.41 -1.08
CA SER B 4 37.58 10.06 0.22
C SER B 4 37.23 9.09 1.36
N ALA B 5 37.71 9.43 2.55
CA ALA B 5 37.39 8.65 3.75
C ALA B 5 35.91 8.71 4.08
N SER B 6 35.25 9.85 3.84
CA SER B 6 33.82 9.97 4.12
C SER B 6 32.99 8.99 3.29
N SER B 7 33.43 8.68 2.06
CA SER B 7 32.67 7.78 1.21
C SER B 7 32.76 6.32 1.65
N HIS B 8 33.67 5.98 2.56
CA HIS B 8 33.77 4.63 3.09
C HIS B 8 32.90 4.40 4.31
N LEU B 9 32.21 5.42 4.81
CA LEU B 9 31.27 5.21 5.89
C LEU B 9 30.06 4.42 5.39
N ASN B 10 29.32 3.82 6.32
CA ASN B 10 28.18 2.98 5.98
C ASN B 10 27.02 3.87 5.53
N LYS B 11 26.74 3.87 4.22
CA LYS B 11 25.65 4.67 3.69
C LYS B 11 24.28 4.10 4.03
N GLY B 12 24.19 2.79 4.28
CA GLY B 12 22.93 2.22 4.73
C GLY B 12 22.47 2.82 6.05
N ILE B 13 23.42 3.10 6.96
CA ILE B 13 23.08 3.74 8.23
C ILE B 13 22.44 5.10 7.99
N LYS B 14 23.02 5.88 7.06
CA LYS B 14 22.48 7.21 6.79
C LYS B 14 21.05 7.13 6.27
N GLN B 15 20.76 6.16 5.40
CA GLN B 15 19.43 6.04 4.83
C GLN B 15 18.36 5.72 5.87
N VAL B 16 18.73 5.04 6.96
CA VAL B 16 17.78 4.78 8.03
C VAL B 16 17.33 6.10 8.66
N TYR B 17 18.28 6.99 8.93
CA TYR B 17 17.95 8.28 9.53
C TYR B 17 17.15 9.15 8.57
N MET B 18 17.50 9.14 7.28
CA MET B 18 16.77 9.93 6.30
C MET B 18 15.35 9.41 6.06
N SER B 19 15.07 8.17 6.46
CA SER B 19 13.72 7.63 6.33
C SER B 19 12.78 8.10 7.43
N LEU B 20 13.29 8.76 8.47
CA LEU B 20 12.44 9.25 9.55
C LEU B 20 11.52 10.35 9.01
N PRO B 21 10.21 10.29 9.28
CA PRO B 21 9.32 11.36 8.84
C PRO B 21 9.72 12.69 9.47
N GLN B 22 9.66 13.75 8.65
CA GLN B 22 10.23 15.03 9.05
C GLN B 22 9.40 15.71 10.14
N GLY B 23 8.09 15.78 9.96
CA GLY B 23 7.27 16.62 10.80
C GLY B 23 6.92 17.93 10.12
N GLU B 24 6.74 18.99 10.91
CA GLU B 24 6.24 20.26 10.38
C GLU B 24 7.34 21.18 9.87
N LYS B 25 8.53 21.14 10.43
CA LYS B 25 9.59 22.06 10.04
C LYS B 25 10.16 21.71 8.67
N VAL B 26 10.81 22.71 8.05
CA VAL B 26 11.34 22.61 6.70
C VAL B 26 12.78 23.13 6.69
N GLN B 27 13.65 22.41 5.98
CA GLN B 27 15.04 22.81 5.82
C GLN B 27 15.22 23.60 4.52
N ALA B 28 16.01 24.67 4.60
CA ALA B 28 16.36 25.48 3.43
C ALA B 28 17.87 25.64 3.38
N MET B 29 18.47 25.28 2.25
CA MET B 29 19.91 25.39 2.05
C MET B 29 20.21 26.60 1.18
N TYR B 30 20.95 27.56 1.73
CA TYR B 30 21.34 28.77 1.01
C TYR B 30 22.68 28.54 0.32
N ILE B 31 22.78 28.95 -0.94
CA ILE B 31 23.96 28.72 -1.77
C ILE B 31 24.41 30.04 -2.38
N TRP B 32 25.71 30.30 -2.35
CA TRP B 32 26.26 31.52 -2.92
C TRP B 32 27.67 31.29 -3.44
N ILE B 33 28.16 32.26 -4.21
CA ILE B 33 29.47 32.20 -4.85
C ILE B 33 30.46 33.02 -4.01
N ASP B 34 31.63 32.45 -3.75
CA ASP B 34 32.61 33.06 -2.85
C ASP B 34 33.58 33.96 -3.62
N GLY B 35 34.65 34.37 -2.95
CA GLY B 35 35.54 35.42 -3.44
C GLY B 35 36.45 35.02 -4.59
N THR B 36 36.58 33.72 -4.88
CA THR B 36 37.36 33.32 -6.04
C THR B 36 36.58 33.41 -7.34
N GLY B 37 35.25 33.55 -7.27
CA GLY B 37 34.42 33.60 -8.46
C GLY B 37 34.15 32.25 -9.09
N GLU B 38 34.63 31.16 -8.50
CA GLU B 38 34.45 29.84 -9.08
C GLU B 38 33.85 28.87 -8.07
N GLY B 39 34.13 29.09 -6.79
CA GLY B 39 33.70 28.19 -5.74
C GLY B 39 32.32 28.53 -5.19
N LEU B 40 31.64 27.49 -4.71
CA LEU B 40 30.31 27.62 -4.12
C LEU B 40 30.38 27.33 -2.63
N ARG B 41 29.48 27.98 -1.88
CA ARG B 41 29.37 27.79 -0.45
C ARG B 41 27.90 27.57 -0.09
N CYS B 42 27.66 26.95 1.07
CA CYS B 42 26.29 26.64 1.46
C CYS B 42 26.20 26.43 2.96
N LYS B 43 24.99 26.64 3.48
CA LYS B 43 24.63 26.31 4.86
C LYS B 43 23.11 26.28 4.96
N THR B 44 22.62 25.68 6.05
CA THR B 44 21.22 25.30 6.19
C THR B 44 20.58 25.97 7.40
N ARG B 45 19.33 26.41 7.24
CA ARG B 45 18.52 26.93 8.33
C ARG B 45 17.16 26.24 8.33
N THR B 46 16.51 26.27 9.49
CA THR B 46 15.19 25.68 9.68
C THR B 46 14.11 26.76 9.52
N LEU B 47 13.05 26.42 8.78
CA LEU B 47 11.91 27.30 8.59
C LEU B 47 10.68 26.69 9.25
N ASP B 48 9.72 27.57 9.59
CA ASP B 48 8.53 27.12 10.30
C ASP B 48 7.54 26.41 9.37
N SER B 49 7.48 26.81 8.11
CA SER B 49 6.56 26.19 7.16
C SER B 49 7.16 26.26 5.77
N GLU B 50 6.58 25.49 4.85
CA GLU B 50 7.11 25.41 3.49
C GLU B 50 6.90 26.73 2.76
N PRO B 51 7.95 27.32 2.17
CA PRO B 51 7.77 28.52 1.37
C PRO B 51 7.30 28.18 -0.04
N LYS B 52 6.34 28.96 -0.53
CA LYS B 52 5.76 28.70 -1.84
C LYS B 52 6.47 29.45 -2.96
N CYS B 53 7.05 30.61 -2.67
CA CYS B 53 7.79 31.37 -3.67
C CYS B 53 9.05 31.93 -3.03
N VAL B 54 9.99 32.35 -3.88
CA VAL B 54 11.29 32.83 -3.42
C VAL B 54 11.14 34.12 -2.62
N GLU B 55 10.09 34.90 -2.90
CA GLU B 55 9.94 36.22 -2.28
C GLU B 55 9.66 36.15 -0.79
N GLU B 56 9.22 35.00 -0.26
CA GLU B 56 8.88 34.88 1.14
C GLU B 56 9.96 34.18 1.97
N LEU B 57 11.17 34.06 1.42
CA LEU B 57 12.33 33.58 2.17
C LEU B 57 13.05 34.75 2.83
N PRO B 58 13.47 34.60 4.09
CA PRO B 58 14.14 35.70 4.78
C PRO B 58 15.57 35.90 4.29
N GLU B 59 16.07 37.12 4.49
CA GLU B 59 17.47 37.42 4.24
C GLU B 59 18.35 36.80 5.32
N TRP B 60 19.59 36.51 4.96
CA TRP B 60 20.53 35.90 5.89
C TRP B 60 21.89 36.58 5.80
N ASN B 61 22.90 36.02 6.47
CA ASN B 61 24.21 36.63 6.51
C ASN B 61 25.27 35.57 6.79
N PHE B 62 26.52 35.93 6.56
CA PHE B 62 27.65 35.05 6.85
C PHE B 62 28.88 35.91 7.10
N ASP B 63 29.89 35.30 7.70
CA ASP B 63 31.14 35.99 8.03
C ASP B 63 32.03 35.97 6.79
N GLY B 64 32.28 37.16 6.22
CA GLY B 64 33.02 37.25 4.98
C GLY B 64 34.52 37.07 5.11
N SER B 65 35.07 37.19 6.32
CA SER B 65 36.50 36.99 6.50
C SER B 65 36.89 35.52 6.38
N SER B 66 35.93 34.60 6.48
CA SER B 66 36.20 33.19 6.27
C SER B 66 36.04 32.75 4.81
N THR B 67 35.65 33.66 3.93
CA THR B 67 35.50 33.36 2.51
C THR B 67 36.33 34.28 1.63
N LEU B 68 37.25 35.05 2.21
CA LEU B 68 38.08 36.00 1.47
C LEU B 68 37.25 36.98 0.66
N GLN B 69 36.17 37.48 1.26
CA GLN B 69 35.28 38.43 0.61
C GLN B 69 35.16 39.75 1.36
N SER B 70 35.73 39.86 2.55
CA SER B 70 35.62 41.09 3.34
C SER B 70 36.84 41.23 4.21
N GLU B 71 37.10 42.47 4.65
CA GLU B 71 38.25 42.79 5.49
C GLU B 71 37.92 42.49 6.95
N GLY B 72 38.79 42.96 7.85
CA GLY B 72 38.70 42.63 9.26
C GLY B 72 37.54 43.23 10.02
N SER B 73 37.48 44.56 10.11
CA SER B 73 36.51 45.21 10.99
C SER B 73 35.09 44.96 10.52
N ASN B 74 34.76 45.39 9.30
CA ASN B 74 33.42 45.23 8.74
C ASN B 74 33.44 43.97 7.88
N SER B 75 33.21 42.83 8.51
CA SER B 75 33.33 41.53 7.84
C SER B 75 31.99 40.87 7.52
N ASP B 76 30.88 41.38 8.05
CA ASP B 76 29.59 40.74 7.80
C ASP B 76 29.15 40.97 6.35
N MET B 77 28.71 39.90 5.71
CA MET B 77 28.12 39.96 4.38
C MET B 77 26.67 39.51 4.46
N TYR B 78 25.88 39.82 3.44
CA TYR B 78 24.45 39.56 3.45
C TYR B 78 24.04 38.73 2.25
N LEU B 79 23.09 37.83 2.46
CA LEU B 79 22.59 36.94 1.43
C LEU B 79 21.15 37.31 1.09
N VAL B 80 20.87 37.50 -0.19
CA VAL B 80 19.53 37.84 -0.67
C VAL B 80 19.05 36.74 -1.60
N PRO B 81 18.01 36.00 -1.25
CA PRO B 81 17.54 34.91 -2.11
C PRO B 81 17.14 35.42 -3.49
N ALA B 82 17.50 34.64 -4.51
CA ALA B 82 17.22 34.98 -5.90
C ALA B 82 16.41 33.93 -6.65
N ALA B 83 16.66 32.65 -6.40
CA ALA B 83 15.96 31.58 -7.10
C ALA B 83 15.84 30.38 -6.19
N MET B 84 14.71 29.67 -6.29
CA MET B 84 14.40 28.55 -5.42
C MET B 84 14.17 27.29 -6.24
N PHE B 85 14.67 26.16 -5.73
CA PHE B 85 14.51 24.87 -6.37
C PHE B 85 14.20 23.82 -5.31
N ARG B 86 13.59 22.72 -5.73
CA ARG B 86 13.42 21.58 -4.85
C ARG B 86 14.76 20.93 -4.54
N ASP B 87 14.89 20.39 -3.33
CA ASP B 87 16.14 19.79 -2.89
C ASP B 87 16.11 18.29 -3.19
N PRO B 88 16.96 17.78 -4.07
CA PRO B 88 16.94 16.33 -4.35
C PRO B 88 17.65 15.50 -3.30
N PHE B 89 18.46 16.12 -2.44
CA PHE B 89 19.20 15.40 -1.41
C PHE B 89 18.38 15.17 -0.15
N ARG B 90 17.40 16.04 0.12
CA ARG B 90 16.51 15.88 1.26
C ARG B 90 15.05 15.67 0.87
N LYS B 91 14.69 15.89 -0.39
CA LYS B 91 13.33 15.69 -0.92
C LYS B 91 12.34 16.73 -0.38
N ASP B 92 11.14 16.75 -0.95
CA ASP B 92 10.12 17.69 -0.53
C ASP B 92 9.80 17.51 0.95
N PRO B 93 9.47 18.59 1.66
CA PRO B 93 9.29 19.97 1.18
C PRO B 93 10.55 20.86 1.31
N ASN B 94 11.74 20.27 1.40
CA ASN B 94 12.95 21.05 1.60
C ASN B 94 13.41 21.70 0.29
N LYS B 95 14.14 22.81 0.42
CA LYS B 95 14.43 23.68 -0.71
C LYS B 95 15.91 24.00 -0.83
N LEU B 96 16.34 24.30 -2.06
CA LEU B 96 17.63 24.91 -2.35
C LEU B 96 17.41 26.36 -2.76
N VAL B 97 18.25 27.26 -2.24
CA VAL B 97 18.10 28.69 -2.44
C VAL B 97 19.43 29.27 -2.93
N LEU B 98 19.43 29.81 -4.15
CA LEU B 98 20.57 30.55 -4.68
C LEU B 98 20.43 32.02 -4.32
N CYS B 99 21.50 32.62 -3.83
CA CYS B 99 21.47 33.97 -3.27
C CYS B 99 22.49 34.87 -3.93
N GLU B 100 22.20 36.17 -3.91
CA GLU B 100 23.16 37.21 -4.25
C GLU B 100 23.85 37.70 -2.99
N VAL B 101 25.12 38.11 -3.14
CA VAL B 101 25.96 38.51 -2.02
C VAL B 101 26.12 40.02 -2.05
N PHE B 102 25.96 40.66 -0.88
CA PHE B 102 26.09 42.09 -0.72
C PHE B 102 27.01 42.41 0.44
N LYS B 103 27.70 43.55 0.34
CA LYS B 103 28.61 44.00 1.38
C LYS B 103 27.82 44.57 2.57
N TYR B 104 28.56 44.91 3.63
CA TYR B 104 27.93 45.44 4.84
C TYR B 104 27.20 46.75 4.56
N ASN B 105 27.65 47.50 3.54
CA ASN B 105 27.02 48.75 3.16
C ASN B 105 26.00 48.58 2.04
N ARG B 106 25.56 47.34 1.79
CA ARG B 106 24.54 46.98 0.81
C ARG B 106 24.98 47.16 -0.63
N ARG B 107 26.26 47.39 -0.88
CA ARG B 107 26.66 47.35 -2.27
C ARG B 107 27.00 45.92 -2.69
N PRO B 108 26.84 45.59 -3.98
CA PRO B 108 27.14 44.23 -4.43
C PRO B 108 28.61 43.88 -4.21
N ALA B 109 28.86 42.61 -3.92
CA ALA B 109 30.21 42.12 -3.72
C ALA B 109 30.96 42.08 -5.05
N GLU B 110 32.28 41.92 -4.96
CA GLU B 110 33.13 41.94 -6.14
C GLU B 110 32.77 40.81 -7.11
N THR B 111 32.45 39.64 -6.60
CA THR B 111 32.10 38.49 -7.42
C THR B 111 30.60 38.37 -7.68
N ASN B 112 29.81 39.34 -7.23
CA ASN B 112 28.38 39.37 -7.52
C ASN B 112 28.20 39.99 -8.89
N LEU B 113 28.10 39.15 -9.92
CA LEU B 113 27.91 39.60 -11.28
C LEU B 113 26.45 39.51 -11.74
N ARG B 114 25.60 38.84 -10.98
CA ARG B 114 24.19 38.74 -11.34
C ARG B 114 23.49 40.09 -11.27
N HIS B 115 23.92 40.97 -10.35
CA HIS B 115 23.22 42.23 -10.14
C HIS B 115 23.23 43.09 -11.40
N THR B 116 24.39 43.21 -12.05
CA THR B 116 24.47 43.99 -13.27
C THR B 116 23.88 43.23 -14.45
N CYS B 117 24.07 41.91 -14.49
CA CYS B 117 23.54 41.11 -15.58
C CYS B 117 22.01 41.17 -15.64
N LYS B 118 21.36 41.17 -14.48
CA LYS B 118 19.90 41.21 -14.44
C LYS B 118 19.36 42.50 -15.05
N ARG B 119 19.99 43.64 -14.74
CA ARG B 119 19.53 44.91 -15.29
C ARG B 119 19.71 44.97 -16.80
N ILE B 120 20.78 44.36 -17.32
CA ILE B 120 20.98 44.30 -18.77
C ILE B 120 19.89 43.44 -19.42
N MET B 121 19.54 42.31 -18.80
CA MET B 121 18.53 41.43 -19.38
C MET B 121 17.16 42.09 -19.43
N ASP B 122 16.88 42.98 -18.47
CA ASP B 122 15.60 43.68 -18.47
C ASP B 122 15.51 44.71 -19.58
N MET B 123 16.65 45.09 -20.17
CA MET B 123 16.66 46.09 -21.24
C MET B 123 16.17 45.50 -22.55
N VAL B 124 16.34 44.20 -22.76
CA VAL B 124 16.03 43.53 -24.01
C VAL B 124 14.99 42.43 -23.83
N SER B 125 14.12 42.54 -22.83
CA SER B 125 13.19 41.46 -22.51
C SER B 125 12.22 41.19 -23.65
N ASN B 126 11.91 42.21 -24.45
CA ASN B 126 10.98 42.02 -25.56
C ASN B 126 11.60 41.24 -26.72
N GLN B 127 12.91 41.11 -26.77
CA GLN B 127 13.58 40.31 -27.78
C GLN B 127 13.75 38.85 -27.37
N HIS B 128 13.44 38.51 -26.10
CA HIS B 128 13.42 37.15 -25.58
C HIS B 128 14.71 36.37 -25.89
N PRO B 129 15.85 36.75 -25.32
CA PRO B 129 17.07 36.00 -25.58
C PRO B 129 17.04 34.62 -24.93
N TRP B 130 17.44 33.61 -25.70
CA TRP B 130 17.55 32.24 -25.21
C TRP B 130 19.02 31.83 -25.19
N PHE B 131 19.41 31.11 -24.16
CA PHE B 131 20.78 30.63 -24.00
C PHE B 131 20.79 29.12 -23.77
N GLY B 132 21.83 28.48 -24.31
CA GLY B 132 22.07 27.07 -24.07
C GLY B 132 23.55 26.81 -23.86
N MET B 133 23.91 26.22 -22.72
CA MET B 133 25.31 26.06 -22.34
C MET B 133 25.64 24.58 -22.16
N GLU B 134 26.80 24.18 -22.67
CA GLU B 134 27.28 22.80 -22.64
C GLU B 134 28.45 22.71 -21.65
N GLN B 135 28.18 22.21 -20.45
CA GLN B 135 29.18 22.17 -19.39
C GLN B 135 29.96 20.87 -19.45
N GLU B 136 31.26 20.98 -19.71
CA GLU B 136 32.17 19.84 -19.69
C GLU B 136 32.93 19.80 -18.36
N TYR B 137 33.25 18.59 -17.92
CA TYR B 137 33.96 18.42 -16.65
C TYR B 137 34.67 17.07 -16.65
N THR B 138 35.62 16.93 -15.73
CA THR B 138 36.37 15.70 -15.55
C THR B 138 36.23 15.21 -14.11
N LEU B 139 35.96 13.91 -13.95
CA LEU B 139 35.92 13.27 -12.64
C LEU B 139 37.33 12.91 -12.21
N MET B 140 37.67 13.23 -10.96
CA MET B 140 39.02 13.01 -10.44
C MET B 140 38.95 12.31 -9.09
N GLY B 141 39.94 11.46 -8.84
CA GLY B 141 40.12 10.89 -7.52
C GLY B 141 40.73 11.88 -6.55
N THR B 142 40.68 11.52 -5.26
CA THR B 142 41.22 12.40 -4.23
C THR B 142 42.73 12.54 -4.31
N ASP B 143 43.41 11.71 -5.09
CA ASP B 143 44.86 11.77 -5.26
C ASP B 143 45.30 12.71 -6.36
N GLY B 144 44.36 13.42 -7.01
CA GLY B 144 44.71 14.34 -8.07
C GLY B 144 44.87 13.74 -9.45
N HIS B 145 44.47 12.48 -9.63
CA HIS B 145 44.54 11.76 -10.90
C HIS B 145 43.12 11.46 -11.38
N PRO B 146 42.90 11.41 -12.70
CA PRO B 146 41.53 11.14 -13.19
C PRO B 146 41.00 9.80 -12.71
N PHE B 147 39.71 9.77 -12.40
CA PHE B 147 39.09 8.59 -11.79
C PHE B 147 39.11 7.42 -12.77
N GLY B 148 39.52 6.25 -12.27
CA GLY B 148 39.57 5.05 -13.08
C GLY B 148 40.77 4.95 -14.01
N TRP B 149 41.68 5.92 -13.98
CA TRP B 149 42.89 5.83 -14.78
C TRP B 149 43.90 4.92 -14.09
N PRO B 150 44.80 4.29 -14.86
CA PRO B 150 45.80 3.42 -14.24
C PRO B 150 46.67 4.19 -13.27
N SER B 151 47.05 3.52 -12.19
CA SER B 151 47.87 4.15 -11.16
C SER B 151 49.21 4.58 -11.73
N ASN B 152 49.47 5.88 -11.67
CA ASN B 152 50.72 6.47 -12.18
C ASN B 152 50.89 6.25 -13.69
N GLY B 153 49.79 6.12 -14.42
CA GLY B 153 49.86 5.82 -15.84
C GLY B 153 48.72 6.38 -16.66
N PHE B 154 48.55 5.86 -17.87
CA PHE B 154 47.58 6.38 -18.82
C PHE B 154 46.75 5.24 -19.40
N PRO B 155 45.52 5.52 -19.81
CA PRO B 155 44.76 4.53 -20.58
C PRO B 155 45.17 4.53 -22.04
N GLY B 156 44.47 3.78 -22.87
CA GLY B 156 44.77 3.71 -24.29
C GLY B 156 44.52 5.01 -25.01
N PRO B 157 44.94 5.09 -26.27
CA PRO B 157 44.75 6.33 -27.04
C PRO B 157 43.28 6.65 -27.24
N GLN B 158 42.99 7.94 -27.38
CA GLN B 158 41.62 8.41 -27.54
C GLN B 158 41.00 7.86 -28.82
N GLY B 159 39.67 7.89 -28.86
CA GLY B 159 38.92 7.41 -30.00
C GLY B 159 37.75 6.48 -29.67
N PRO B 160 37.92 5.55 -28.74
CA PRO B 160 36.80 4.70 -28.32
C PRO B 160 35.99 5.21 -27.14
N TYR B 161 36.37 6.32 -26.51
CA TYR B 161 35.70 6.75 -25.29
C TYR B 161 34.54 7.70 -25.54
N TYR B 162 34.54 8.41 -26.66
CA TYR B 162 33.47 9.37 -26.95
C TYR B 162 32.14 8.64 -27.12
N CYS B 163 31.15 9.04 -26.32
CA CYS B 163 29.83 8.41 -26.32
C CYS B 163 29.93 6.90 -26.18
N GLY B 164 30.83 6.44 -25.31
CA GLY B 164 31.12 5.03 -25.20
C GLY B 164 30.24 4.31 -24.19
N VAL B 165 30.20 2.99 -24.33
CA VAL B 165 29.50 2.11 -23.40
C VAL B 165 30.40 0.90 -23.12
N GLY B 166 30.41 0.46 -21.88
CA GLY B 166 31.25 -0.67 -21.50
C GLY B 166 32.20 -0.36 -20.37
N ALA B 167 32.63 -1.40 -19.65
CA ALA B 167 33.48 -1.21 -18.47
C ALA B 167 34.82 -0.60 -18.84
N ASP B 168 35.31 -0.86 -20.05
CA ASP B 168 36.61 -0.35 -20.50
C ASP B 168 36.49 0.94 -21.30
N ARG B 169 35.30 1.52 -21.41
CA ARG B 169 35.12 2.70 -22.24
C ARG B 169 34.58 3.91 -21.49
N ALA B 170 33.67 3.71 -20.53
CA ALA B 170 33.06 4.81 -19.79
C ALA B 170 33.36 4.66 -18.31
N TYR B 171 33.90 5.71 -17.70
CA TYR B 171 34.27 5.72 -16.30
C TYR B 171 33.32 6.63 -15.54
N GLY B 172 32.69 6.10 -14.50
CA GLY B 172 31.89 6.92 -13.60
C GLY B 172 30.49 7.26 -14.06
N ARG B 173 29.83 6.37 -14.80
CA ARG B 173 28.46 6.64 -15.25
C ARG B 173 27.47 6.73 -14.09
N ASP B 174 27.78 6.15 -12.93
CA ASP B 174 26.88 6.26 -11.78
C ASP B 174 26.70 7.71 -11.37
N ILE B 175 27.78 8.49 -11.36
CA ILE B 175 27.68 9.91 -11.02
C ILE B 175 26.79 10.64 -12.03
N VAL B 176 26.99 10.36 -13.32
CA VAL B 176 26.24 11.04 -14.37
C VAL B 176 24.75 10.74 -14.25
N GLU B 177 24.40 9.47 -14.05
CA GLU B 177 23.00 9.10 -13.92
C GLU B 177 22.35 9.75 -12.71
N ALA B 178 23.06 9.74 -11.57
CA ALA B 178 22.53 10.36 -10.37
C ALA B 178 22.34 11.87 -10.55
N HIS B 179 23.31 12.52 -11.21
CA HIS B 179 23.22 13.97 -11.43
C HIS B 179 22.05 14.31 -12.34
N TYR B 180 21.84 13.53 -13.40
CA TYR B 180 20.73 13.77 -14.31
C TYR B 180 19.39 13.72 -13.58
N ARG B 181 19.19 12.69 -12.75
CA ARG B 181 17.89 12.52 -12.09
C ARG B 181 17.68 13.56 -11.01
N ALA B 182 18.75 13.94 -10.29
CA ALA B 182 18.65 14.99 -9.29
C ALA B 182 18.26 16.33 -9.91
N CYS B 183 18.85 16.67 -11.06
CA CYS B 183 18.52 17.93 -11.73
C CYS B 183 17.06 17.95 -12.15
N LEU B 184 16.56 16.84 -12.68
CA LEU B 184 15.16 16.78 -13.11
C LEU B 184 14.22 16.96 -11.92
N TYR B 185 14.54 16.33 -10.79
CA TYR B 185 13.73 16.50 -9.58
C TYR B 185 13.77 17.95 -9.09
N ALA B 186 14.96 18.56 -9.09
CA ALA B 186 15.12 19.90 -8.56
C ALA B 186 14.39 20.97 -9.39
N GLY B 187 14.13 20.70 -10.66
CA GLY B 187 13.59 21.71 -11.54
C GLY B 187 14.59 22.39 -12.44
N VAL B 188 15.82 21.87 -12.52
CA VAL B 188 16.84 22.41 -13.41
C VAL B 188 16.58 21.92 -14.83
N LYS B 189 16.64 22.83 -15.79
CA LYS B 189 16.34 22.50 -17.19
C LYS B 189 17.57 21.85 -17.83
N ILE B 190 17.80 20.59 -17.48
CA ILE B 190 18.87 19.80 -18.08
C ILE B 190 18.34 19.18 -19.38
N ALA B 191 19.11 19.34 -20.45
CA ALA B 191 18.68 18.93 -21.79
C ALA B 191 19.28 17.61 -22.26
N GLY B 192 20.42 17.19 -21.71
CA GLY B 192 21.02 15.94 -22.13
C GLY B 192 22.44 15.82 -21.62
N THR B 193 23.01 14.64 -21.83
CA THR B 193 24.37 14.32 -21.41
C THR B 193 25.02 13.41 -22.45
N ASN B 194 26.36 13.41 -22.45
CA ASN B 194 27.12 12.45 -23.25
C ASN B 194 28.51 12.31 -22.66
N ALA B 195 29.13 11.16 -22.93
CA ALA B 195 30.52 10.92 -22.59
C ALA B 195 31.44 11.59 -23.63
N GLU B 196 32.59 12.06 -23.15
CA GLU B 196 33.47 12.88 -23.97
C GLU B 196 34.68 12.08 -24.46
N VAL B 197 35.53 12.76 -25.23
CA VAL B 197 36.66 12.10 -25.89
C VAL B 197 37.63 11.52 -24.87
N MET B 198 37.94 12.29 -23.84
CA MET B 198 38.80 11.80 -22.77
C MET B 198 38.00 10.84 -21.87
N PRO B 199 38.56 9.68 -21.51
CA PRO B 199 37.90 8.84 -20.52
C PRO B 199 37.83 9.53 -19.16
N ALA B 200 36.71 9.31 -18.47
CA ALA B 200 36.31 9.99 -17.23
C ALA B 200 35.91 11.45 -17.46
N GLN B 201 35.80 11.89 -18.71
CA GLN B 201 35.32 13.22 -19.05
C GLN B 201 33.88 13.13 -19.53
N TRP B 202 33.05 14.09 -19.12
CA TRP B 202 31.63 14.06 -19.40
C TRP B 202 31.12 15.47 -19.71
N GLU B 203 29.88 15.52 -20.20
CA GLU B 203 29.23 16.77 -20.57
C GLU B 203 27.74 16.68 -20.26
N PHE B 204 27.17 17.79 -19.78
CA PHE B 204 25.73 17.93 -19.69
C PHE B 204 25.33 19.28 -20.27
N GLN B 205 24.14 19.33 -20.86
CA GLN B 205 23.63 20.53 -21.51
C GLN B 205 22.48 21.11 -20.70
N ILE B 206 22.47 22.45 -20.59
CA ILE B 206 21.42 23.17 -19.87
C ILE B 206 20.78 24.16 -20.83
N GLY B 207 19.45 24.10 -20.94
CA GLY B 207 18.71 25.06 -21.72
C GLY B 207 17.63 24.43 -22.59
N PRO B 208 17.02 25.23 -23.46
CA PRO B 208 17.21 26.67 -23.66
C PRO B 208 16.61 27.48 -22.53
N CYS B 209 17.33 28.48 -22.01
CA CYS B 209 16.90 29.26 -20.87
C CYS B 209 16.72 30.72 -21.26
N GLU B 210 15.72 31.36 -20.67
CA GLU B 210 15.36 32.73 -21.00
C GLU B 210 16.03 33.71 -20.03
N GLY B 211 16.81 34.64 -20.57
CA GLY B 211 17.30 35.77 -19.81
C GLY B 211 18.22 35.39 -18.66
N ILE B 212 17.92 35.94 -17.48
CA ILE B 212 18.77 35.75 -16.31
C ILE B 212 18.69 34.32 -15.78
N SER B 213 17.66 33.58 -16.16
CA SER B 213 17.48 32.23 -15.64
C SER B 213 18.59 31.28 -16.10
N MET B 214 19.31 31.62 -17.18
CA MET B 214 20.40 30.76 -17.63
C MET B 214 21.51 30.67 -16.58
N GLY B 215 21.89 31.81 -16.02
CA GLY B 215 22.90 31.83 -14.98
C GLY B 215 22.49 31.07 -13.75
N ASP B 216 21.23 31.26 -13.32
CA ASP B 216 20.73 30.59 -12.14
C ASP B 216 20.70 29.08 -12.29
N HIS B 217 20.27 28.59 -13.46
CA HIS B 217 20.14 27.16 -13.67
C HIS B 217 21.51 26.47 -13.74
N LEU B 218 22.48 27.11 -14.40
CA LEU B 218 23.81 26.50 -14.53
C LEU B 218 24.53 26.46 -13.19
N TRP B 219 24.41 27.54 -12.39
CA TRP B 219 25.10 27.58 -11.11
C TRP B 219 24.53 26.54 -10.15
N VAL B 220 23.21 26.34 -10.17
CA VAL B 220 22.60 25.32 -9.31
C VAL B 220 22.96 23.92 -9.81
N ALA B 221 23.04 23.75 -11.13
CA ALA B 221 23.47 22.46 -11.67
C ALA B 221 24.90 22.14 -11.28
N ARG B 222 25.76 23.16 -11.26
CA ARG B 222 27.14 22.96 -10.79
C ARG B 222 27.16 22.55 -9.32
N PHE B 223 26.33 23.18 -8.49
CA PHE B 223 26.26 22.81 -7.08
C PHE B 223 25.79 21.38 -6.90
N ILE B 224 24.77 20.97 -7.66
CA ILE B 224 24.23 19.62 -7.53
C ILE B 224 25.28 18.59 -7.91
N LEU B 225 26.08 18.88 -8.95
CA LEU B 225 27.14 17.97 -9.35
C LEU B 225 28.19 17.79 -8.25
N HIS B 226 28.61 18.89 -7.63
CA HIS B 226 29.60 18.80 -6.55
C HIS B 226 29.06 18.00 -5.37
N ARG B 227 27.80 18.21 -5.04
CA ARG B 227 27.20 17.52 -3.89
C ARG B 227 27.00 16.03 -4.19
N VAL B 228 26.64 15.68 -5.43
CA VAL B 228 26.51 14.28 -5.81
C VAL B 228 27.87 13.58 -5.76
N CYS B 229 28.91 14.23 -6.31
CA CYS B 229 30.24 13.64 -6.29
C CYS B 229 30.77 13.48 -4.87
N GLU B 230 30.36 14.35 -3.95
CA GLU B 230 30.76 14.22 -2.55
C GLU B 230 30.25 12.92 -1.95
N ASP B 231 29.03 12.50 -2.30
CA ASP B 231 28.51 11.23 -1.79
C ASP B 231 29.34 10.05 -2.27
N PHE B 232 29.74 10.06 -3.55
CA PHE B 232 30.56 8.99 -4.10
C PHE B 232 32.03 9.10 -3.71
N GLY B 233 32.46 10.26 -3.21
CA GLY B 233 33.84 10.44 -2.81
C GLY B 233 34.79 10.87 -3.89
N VAL B 234 34.31 11.43 -5.00
CA VAL B 234 35.16 11.87 -6.09
C VAL B 234 35.05 13.40 -6.22
N ILE B 235 35.93 13.96 -7.04
CA ILE B 235 36.00 15.40 -7.28
C ILE B 235 35.68 15.66 -8.75
N ALA B 236 34.82 16.64 -9.00
CA ALA B 236 34.55 17.13 -10.34
C ALA B 236 35.27 18.45 -10.54
N THR B 237 36.06 18.54 -11.60
CA THR B 237 36.86 19.73 -11.89
C THR B 237 36.42 20.36 -13.20
N PHE B 238 36.32 21.69 -13.21
CA PHE B 238 36.00 22.47 -14.40
C PHE B 238 37.24 23.12 -15.00
N ASP B 239 38.43 22.62 -14.68
CA ASP B 239 39.65 23.22 -15.21
C ASP B 239 39.72 23.01 -16.72
N PRO B 240 40.08 24.04 -17.50
CA PRO B 240 40.06 23.90 -18.97
C PRO B 240 40.97 22.82 -19.51
N LYS B 241 42.10 22.54 -18.87
CA LYS B 241 43.05 21.53 -19.35
C LYS B 241 43.54 20.69 -18.18
N PRO B 242 42.74 19.71 -17.74
CA PRO B 242 43.16 18.89 -16.58
C PRO B 242 44.46 18.11 -16.80
N ILE B 243 44.71 17.61 -18.00
CA ILE B 243 45.85 16.76 -18.30
C ILE B 243 46.62 17.37 -19.46
N PRO B 244 47.92 17.61 -19.33
CA PRO B 244 48.69 18.18 -20.44
C PRO B 244 48.90 17.17 -21.56
N GLY B 245 49.16 17.71 -22.75
CA GLY B 245 49.50 16.88 -23.89
C GLY B 245 48.35 16.59 -24.83
N ASN B 246 48.28 15.36 -25.33
CA ASN B 246 47.27 14.97 -26.30
C ASN B 246 46.02 14.40 -25.64
N TRP B 247 45.43 15.17 -24.73
CA TRP B 247 44.18 14.80 -24.08
C TRP B 247 43.20 15.95 -24.18
N ASN B 248 41.92 15.61 -24.36
CA ASN B 248 40.89 16.61 -24.62
C ASN B 248 40.78 17.63 -23.50
N GLY B 249 40.57 18.89 -23.88
CA GLY B 249 40.32 19.95 -22.93
C GLY B 249 38.85 20.04 -22.57
N ALA B 250 38.52 21.07 -21.78
CA ALA B 250 37.16 21.27 -21.28
C ALA B 250 36.73 22.71 -21.54
N GLY B 251 35.60 22.87 -22.22
CA GLY B 251 35.03 24.17 -22.48
C GLY B 251 33.56 24.22 -22.09
N CYS B 252 32.96 25.40 -22.30
CA CYS B 252 31.54 25.62 -22.06
C CYS B 252 30.96 26.38 -23.24
N HIS B 253 30.55 25.65 -24.28
CA HIS B 253 29.97 26.29 -25.45
C HIS B 253 28.62 26.93 -25.11
N THR B 254 28.37 28.11 -25.65
CA THR B 254 27.18 28.88 -25.36
C THR B 254 26.41 29.12 -26.66
N ASN B 255 25.16 28.68 -26.69
CA ASN B 255 24.28 28.89 -27.83
C ASN B 255 23.35 30.06 -27.55
N PHE B 256 23.05 30.84 -28.61
CA PHE B 256 22.36 32.10 -28.45
C PHE B 256 21.39 32.32 -29.60
N SER B 257 20.20 32.84 -29.27
CA SER B 257 19.22 33.24 -30.28
C SER B 257 18.25 34.23 -29.65
N THR B 258 17.67 35.07 -30.50
CA THR B 258 16.60 35.99 -30.14
C THR B 258 15.32 35.60 -30.87
N LYS B 259 14.24 36.34 -30.58
CA LYS B 259 12.96 36.06 -31.23
C LYS B 259 13.05 36.26 -32.73
N ALA B 260 13.74 37.32 -33.16
CA ALA B 260 13.91 37.56 -34.60
C ALA B 260 14.74 36.47 -35.25
N MET B 261 15.75 35.95 -34.53
CA MET B 261 16.59 34.90 -35.08
C MET B 261 15.82 33.60 -35.29
N ARG B 262 14.82 33.34 -34.45
CA ARG B 262 14.09 32.07 -34.48
C ARG B 262 12.94 32.04 -35.47
N GLU B 263 12.58 33.18 -36.08
CA GLU B 263 11.52 33.20 -37.07
C GLU B 263 12.10 32.97 -38.46
N GLU B 264 11.20 32.88 -39.45
CA GLU B 264 11.60 32.61 -40.82
C GLU B 264 12.56 33.69 -41.33
N ASN B 265 13.58 33.26 -42.07
CA ASN B 265 14.63 34.15 -42.58
C ASN B 265 15.36 34.85 -41.44
N GLY B 266 15.44 34.20 -40.28
CA GLY B 266 16.20 34.72 -39.16
C GLY B 266 17.70 34.57 -39.29
N LEU B 267 18.16 33.86 -40.32
CA LEU B 267 19.59 33.73 -40.56
C LEU B 267 20.23 35.09 -40.84
N LYS B 268 19.46 36.04 -41.35
CA LYS B 268 19.99 37.39 -41.59
C LYS B 268 20.42 38.05 -40.28
N TYR B 269 19.62 37.90 -39.23
CA TYR B 269 19.99 38.48 -37.94
C TYR B 269 21.11 37.69 -37.27
N ILE B 270 21.24 36.40 -37.58
CA ILE B 270 22.37 35.63 -37.08
C ILE B 270 23.68 36.17 -37.64
N GLU B 271 23.68 36.45 -38.96
CA GLU B 271 24.89 36.95 -39.60
C GLU B 271 25.26 38.34 -39.09
N GLU B 272 24.25 39.16 -38.77
CA GLU B 272 24.52 40.49 -38.24
C GLU B 272 25.18 40.41 -36.86
N ALA B 273 24.72 39.50 -36.01
CA ALA B 273 25.29 39.38 -34.67
C ALA B 273 26.72 38.86 -34.72
N ILE B 274 26.99 37.93 -35.64
CA ILE B 274 28.34 37.40 -35.78
C ILE B 274 29.30 38.49 -36.29
N GLU B 275 28.80 39.36 -37.16
CA GLU B 275 29.61 40.47 -37.65
C GLU B 275 30.02 41.39 -36.50
N LYS B 276 29.10 41.70 -35.60
CA LYS B 276 29.42 42.52 -34.43
C LYS B 276 30.40 41.80 -33.52
N LEU B 277 30.24 40.49 -33.35
CA LEU B 277 31.15 39.71 -32.51
C LEU B 277 32.56 39.65 -33.09
N SER B 278 32.71 39.76 -34.41
CA SER B 278 34.03 39.69 -35.03
C SER B 278 34.92 40.86 -34.63
N LYS B 279 34.33 41.97 -34.18
CA LYS B 279 35.11 43.14 -33.79
C LYS B 279 35.64 43.07 -32.38
N ARG B 280 34.82 42.63 -31.42
CA ARG B 280 35.19 42.63 -30.01
C ARG B 280 35.69 41.26 -29.56
N HIS B 281 36.74 40.77 -30.22
CA HIS B 281 37.28 39.46 -29.88
C HIS B 281 38.01 39.48 -28.54
N GLN B 282 38.85 40.49 -28.33
CA GLN B 282 39.61 40.56 -27.08
C GLN B 282 38.71 40.87 -25.89
N TYR B 283 37.65 41.65 -26.11
CA TYR B 283 36.71 41.94 -25.02
C TYR B 283 36.02 40.68 -24.54
N HIS B 284 35.62 39.80 -25.45
CA HIS B 284 34.94 38.58 -25.05
C HIS B 284 35.89 37.55 -24.45
N ILE B 285 37.15 37.55 -24.87
CA ILE B 285 38.14 36.65 -24.28
C ILE B 285 38.32 36.96 -22.80
N ARG B 286 38.40 38.25 -22.45
CA ARG B 286 38.53 38.63 -21.05
C ARG B 286 37.29 38.23 -20.25
N ALA B 287 36.10 38.38 -20.83
CA ALA B 287 34.88 38.11 -20.10
C ALA B 287 34.58 36.62 -19.97
N TYR B 288 35.19 35.77 -20.79
CA TYR B 288 34.91 34.34 -20.81
C TYR B 288 35.82 33.56 -19.86
N ASP B 289 36.48 34.23 -18.92
CA ASP B 289 37.39 33.56 -18.01
C ASP B 289 37.39 34.29 -16.69
N PRO B 290 37.40 33.57 -15.56
CA PRO B 290 37.48 34.24 -14.25
C PRO B 290 38.84 34.85 -13.97
N LYS B 291 39.85 34.58 -14.81
CA LYS B 291 41.20 35.12 -14.62
C LYS B 291 41.61 36.06 -15.75
N GLY B 292 40.64 36.58 -16.51
CA GLY B 292 40.94 37.53 -17.56
C GLY B 292 41.40 36.94 -18.86
N GLY B 293 41.33 35.63 -19.04
CA GLY B 293 41.69 35.01 -20.31
C GLY B 293 43.03 34.32 -20.29
N LEU B 294 43.43 33.79 -19.14
CA LEU B 294 44.67 33.02 -19.00
C LEU B 294 44.44 31.52 -18.88
N ASP B 295 43.37 31.11 -18.20
CA ASP B 295 43.05 29.69 -18.12
C ASP B 295 42.74 29.11 -19.50
N ASN B 296 41.99 29.86 -20.31
CA ASN B 296 41.62 29.40 -21.65
C ASN B 296 42.83 29.27 -22.58
N ALA B 297 43.95 29.92 -22.24
CA ALA B 297 45.12 29.84 -23.11
C ALA B 297 45.74 28.45 -23.12
N ARG B 298 45.60 27.70 -22.03
CA ARG B 298 46.10 26.32 -21.98
C ARG B 298 45.26 25.36 -22.81
N ARG B 299 44.10 25.80 -23.31
CA ARG B 299 43.18 24.93 -24.03
C ARG B 299 42.98 25.33 -25.48
N LEU B 300 42.84 26.61 -25.77
CA LEU B 300 42.38 27.06 -27.10
C LEU B 300 43.54 27.04 -28.07
N THR B 301 43.57 26.02 -28.94
CA THR B 301 44.50 25.98 -30.06
C THR B 301 43.86 25.56 -31.38
N GLY B 302 42.63 25.03 -31.36
CA GLY B 302 41.95 24.66 -32.59
C GLY B 302 41.49 23.21 -32.61
N PHE B 303 42.32 22.31 -32.10
CA PHE B 303 41.94 20.90 -32.05
C PHE B 303 41.19 20.60 -30.75
N HIS B 304 40.64 19.38 -30.69
CA HIS B 304 39.90 18.90 -29.51
C HIS B 304 38.63 19.71 -29.28
N GLU B 305 37.91 19.99 -30.37
CA GLU B 305 36.66 20.76 -30.32
C GLU B 305 36.85 22.14 -29.69
N THR B 306 38.04 22.69 -29.81
CA THR B 306 38.36 24.01 -29.30
C THR B 306 38.42 25.02 -30.44
N SER B 307 38.82 26.25 -30.12
CA SER B 307 39.02 27.31 -31.09
C SER B 307 40.39 27.93 -30.87
N ASN B 308 40.64 29.06 -31.53
CA ASN B 308 41.85 29.82 -31.36
C ASN B 308 41.57 31.02 -30.45
N ILE B 309 42.52 31.31 -29.55
CA ILE B 309 42.29 32.34 -28.55
C ILE B 309 42.65 33.73 -29.06
N ASN B 310 43.69 33.85 -29.89
CA ASN B 310 44.13 35.14 -30.40
C ASN B 310 43.73 35.37 -31.85
N ASP B 311 42.76 34.61 -32.37
CA ASP B 311 42.24 34.82 -33.71
C ASP B 311 40.76 34.49 -33.73
N PHE B 312 40.00 35.25 -34.52
CA PHE B 312 38.56 35.08 -34.65
C PHE B 312 38.24 34.45 -36.00
N SER B 313 37.36 33.45 -35.99
CA SER B 313 36.89 32.83 -37.22
C SER B 313 35.44 32.39 -37.02
N ALA B 314 34.71 32.32 -38.13
CA ALA B 314 33.32 31.91 -38.10
C ALA B 314 32.98 31.20 -39.41
N GLY B 315 32.03 30.28 -39.34
CA GLY B 315 31.63 29.55 -40.52
C GLY B 315 30.46 28.64 -40.20
N VAL B 316 29.89 28.08 -41.27
CA VAL B 316 28.79 27.13 -41.16
C VAL B 316 29.36 25.73 -41.05
N ALA B 317 28.93 25.00 -40.02
CA ALA B 317 29.33 23.62 -39.76
C ALA B 317 30.84 23.50 -39.49
N ASN B 318 31.48 24.57 -39.06
CA ASN B 318 32.91 24.58 -38.74
C ASN B 318 33.07 24.44 -37.23
N ARG B 319 33.60 23.30 -36.80
CA ARG B 319 33.85 23.06 -35.38
C ARG B 319 35.22 23.52 -34.92
N SER B 320 36.06 24.01 -35.83
CA SER B 320 37.37 24.54 -35.50
C SER B 320 37.39 26.06 -35.41
N ALA B 321 36.23 26.71 -35.56
CA ALA B 321 36.13 28.16 -35.54
C ALA B 321 35.61 28.65 -34.20
N SER B 322 35.76 29.96 -33.98
CA SER B 322 35.24 30.57 -32.76
C SER B 322 33.72 30.49 -32.70
N ILE B 323 33.04 30.75 -33.82
CA ILE B 323 31.59 30.73 -33.90
C ILE B 323 31.19 29.70 -34.95
N ARG B 324 30.23 28.85 -34.61
CA ARG B 324 29.76 27.80 -35.52
C ARG B 324 28.26 27.96 -35.74
N ILE B 325 27.85 27.94 -37.00
CA ILE B 325 26.44 27.90 -37.38
C ILE B 325 26.10 26.45 -37.76
N PRO B 326 25.17 25.79 -37.06
CA PRO B 326 24.83 24.42 -37.42
C PRO B 326 24.28 24.32 -38.84
N ARG B 327 24.59 23.21 -39.51
CA ARG B 327 24.17 23.02 -40.88
C ARG B 327 22.65 23.07 -41.02
N THR B 328 21.93 22.50 -40.06
CA THR B 328 20.48 22.54 -40.09
C THR B 328 19.97 23.98 -40.02
N VAL B 329 20.58 24.80 -39.16
CA VAL B 329 20.18 26.20 -39.04
C VAL B 329 20.38 26.92 -40.37
N GLY B 330 21.53 26.70 -41.00
CA GLY B 330 21.79 27.32 -42.30
C GLY B 330 20.84 26.83 -43.38
N GLN B 331 20.43 25.57 -43.32
CA GLN B 331 19.52 25.03 -44.33
C GLN B 331 18.11 25.61 -44.17
N GLU B 332 17.63 25.70 -42.94
CA GLU B 332 16.29 26.21 -42.67
C GLU B 332 16.25 27.73 -42.57
N LYS B 333 17.40 28.40 -42.65
CA LYS B 333 17.49 29.86 -42.63
C LYS B 333 16.97 30.46 -41.33
N LYS B 334 17.04 29.72 -40.24
CA LYS B 334 16.60 30.21 -38.94
C LYS B 334 17.20 29.35 -37.84
N GLY B 335 17.15 29.86 -36.61
CA GLY B 335 17.61 29.12 -35.47
C GLY B 335 18.51 29.88 -34.51
N TYR B 336 19.72 29.39 -34.32
CA TYR B 336 20.64 29.91 -33.31
C TYR B 336 22.06 29.79 -33.83
N PHE B 337 23.03 30.13 -32.98
CA PHE B 337 24.43 29.93 -33.29
C PHE B 337 25.20 29.66 -32.01
N GLU B 338 26.40 29.10 -32.16
CA GLU B 338 27.18 28.58 -31.06
C GLU B 338 28.49 29.35 -30.92
N ASP B 339 28.77 29.82 -29.70
CA ASP B 339 30.05 30.44 -29.36
C ASP B 339 30.88 29.40 -28.60
N ARG B 340 32.00 28.99 -29.19
CA ARG B 340 32.80 27.88 -28.67
C ARG B 340 34.03 28.34 -27.91
N ARG B 341 34.16 29.65 -27.66
CA ARG B 341 35.31 30.21 -26.96
C ARG B 341 35.30 30.05 -25.44
N PRO B 342 34.17 30.17 -24.73
CA PRO B 342 34.22 30.16 -23.25
C PRO B 342 34.80 28.86 -22.70
N SER B 343 35.60 28.99 -21.65
CA SER B 343 36.19 27.86 -20.97
C SER B 343 35.17 27.23 -20.01
N ALA B 344 35.52 26.05 -19.50
CA ALA B 344 34.61 25.28 -18.66
C ALA B 344 34.40 25.90 -17.28
N ASN B 345 35.27 26.82 -16.85
CA ASN B 345 35.13 27.45 -15.53
C ASN B 345 34.62 28.88 -15.62
N CYS B 346 33.95 29.23 -16.72
CA CYS B 346 33.42 30.57 -16.89
C CYS B 346 32.25 30.84 -15.96
N ASP B 347 32.01 32.12 -15.69
CA ASP B 347 30.82 32.54 -14.97
C ASP B 347 29.70 32.79 -15.99
N PRO B 348 28.58 32.08 -15.89
CA PRO B 348 27.50 32.30 -16.88
C PRO B 348 26.93 33.71 -16.88
N PHE B 349 26.89 34.38 -15.72
CA PHE B 349 26.41 35.75 -15.69
C PHE B 349 27.32 36.67 -16.50
N SER B 350 28.63 36.43 -16.44
CA SER B 350 29.56 37.22 -17.23
C SER B 350 29.44 36.93 -18.72
N VAL B 351 29.25 35.65 -19.08
CA VAL B 351 29.21 35.27 -20.49
C VAL B 351 27.94 35.83 -21.16
N THR B 352 26.80 35.66 -20.51
CA THR B 352 25.53 36.08 -21.12
C THR B 352 25.45 37.60 -21.23
N GLU B 353 25.99 38.32 -20.25
CA GLU B 353 25.95 39.77 -20.29
C GLU B 353 26.74 40.32 -21.48
N ALA B 354 27.90 39.73 -21.75
CA ALA B 354 28.73 40.19 -22.86
C ALA B 354 28.03 39.99 -24.19
N LEU B 355 27.35 38.86 -24.37
CA LEU B 355 26.66 38.59 -25.63
C LEU B 355 25.55 39.61 -25.88
N ILE B 356 24.78 39.96 -24.84
CA ILE B 356 23.72 40.94 -24.98
C ILE B 356 24.31 42.31 -25.31
N ARG B 357 25.38 42.70 -24.63
CA ARG B 357 25.96 44.03 -24.83
C ARG B 357 26.48 44.21 -26.25
N THR B 358 27.16 43.19 -26.79
CA THR B 358 27.74 43.31 -28.13
C THR B 358 26.69 43.17 -29.23
N CYS B 359 25.75 42.24 -29.07
CA CYS B 359 24.85 41.89 -30.15
C CYS B 359 23.55 42.69 -30.16
N LEU B 360 23.03 43.06 -28.99
CA LEU B 360 21.75 43.75 -28.92
C LEU B 360 21.85 45.22 -28.55
N LEU B 361 22.84 45.62 -27.75
CA LEU B 361 22.99 47.01 -27.34
C LEU B 361 24.06 47.74 -28.13
N ASN B 362 24.74 47.07 -29.06
CA ASN B 362 25.67 47.71 -29.99
C ASN B 362 26.78 48.46 -29.27
N GLU B 363 27.31 47.88 -28.21
CA GLU B 363 28.40 48.50 -27.47
C GLU B 363 29.73 48.28 -28.18
N THR B 364 30.60 49.27 -28.06
CA THR B 364 31.94 49.23 -28.64
C THR B 364 32.95 49.64 -27.58
N GLY B 365 34.23 49.52 -27.92
CA GLY B 365 35.28 49.84 -26.99
C GLY B 365 35.67 48.66 -26.12
N ASP B 366 36.58 48.93 -25.19
CA ASP B 366 37.14 47.90 -24.33
C ASP B 366 36.53 47.89 -22.93
N GLU B 367 35.52 48.71 -22.66
CA GLU B 367 34.88 48.73 -21.36
C GLU B 367 33.36 48.75 -21.53
N PRO B 368 32.63 48.16 -20.58
CA PRO B 368 31.16 48.21 -20.66
C PRO B 368 30.63 49.61 -20.44
N PHE B 369 29.53 49.91 -21.11
CA PHE B 369 28.85 51.20 -20.97
C PHE B 369 28.35 51.34 -19.54
N GLN B 370 28.89 52.32 -18.80
CA GLN B 370 28.63 52.41 -17.36
C GLN B 370 27.16 52.67 -17.07
N TYR B 371 26.58 53.70 -17.68
CA TYR B 371 25.21 54.09 -17.38
C TYR B 371 24.27 53.31 -18.29
N LYS B 372 23.73 52.21 -17.76
CA LYS B 372 22.72 51.41 -18.45
C LYS B 372 23.12 51.08 -19.88
N ASN B 373 22.56 51.83 -20.83
CA ASN B 373 22.92 51.73 -22.25
C ASN B 373 22.85 50.30 -22.78
N THR C 2 40.85 5.90 11.09
CA THR C 2 40.28 4.58 11.32
C THR C 2 39.04 4.68 12.23
N THR C 3 38.14 3.70 12.08
CA THR C 3 36.87 3.68 12.79
C THR C 3 36.80 2.47 13.70
N SER C 4 35.78 2.45 14.55
CA SER C 4 35.65 1.43 15.58
C SER C 4 35.31 0.07 14.97
N ALA C 5 35.64 -0.99 15.72
CA ALA C 5 35.32 -2.35 15.29
C ALA C 5 33.82 -2.56 15.21
N SER C 6 33.05 -1.94 16.12
CA SER C 6 31.60 -2.10 16.10
C SER C 6 30.99 -1.60 14.81
N SER C 7 31.55 -0.55 14.21
CA SER C 7 30.99 0.01 12.99
C SER C 7 31.23 -0.87 11.77
N HIS C 8 32.13 -1.85 11.86
CA HIS C 8 32.38 -2.78 10.76
C HIS C 8 31.44 -3.98 10.76
N LEU C 9 30.59 -4.11 11.78
CA LEU C 9 29.59 -5.17 11.78
C LEU C 9 28.55 -4.90 10.70
N ASN C 10 27.84 -5.96 10.30
CA ASN C 10 26.85 -5.89 9.23
C ASN C 10 25.63 -5.13 9.74
N LYS C 11 25.46 -3.90 9.26
CA LYS C 11 24.33 -3.08 9.67
C LYS C 11 23.02 -3.51 9.03
N GLY C 12 23.07 -4.18 7.89
CA GLY C 12 21.86 -4.74 7.31
C GLY C 12 21.20 -5.78 8.20
N ILE C 13 22.01 -6.55 8.92
CA ILE C 13 21.47 -7.54 9.86
C ILE C 13 20.68 -6.84 10.96
N LYS C 14 21.22 -5.74 11.49
CA LYS C 14 20.53 -5.02 12.56
C LYS C 14 19.18 -4.49 12.09
N GLN C 15 19.11 -3.98 10.86
CA GLN C 15 17.87 -3.40 10.36
C GLN C 15 16.77 -4.45 10.20
N VAL C 16 17.14 -5.70 9.94
CA VAL C 16 16.13 -6.76 9.87
C VAL C 16 15.45 -6.94 11.23
N TYR C 17 16.23 -6.94 12.31
CA TYR C 17 15.66 -7.09 13.64
C TYR C 17 14.82 -5.87 14.04
N MET C 18 15.27 -4.68 13.69
CA MET C 18 14.51 -3.46 13.98
C MET C 18 13.26 -3.31 13.13
N SER C 19 13.09 -4.15 12.10
CA SER C 19 11.86 -4.15 11.31
C SER C 19 10.75 -4.98 11.95
N LEU C 20 11.07 -5.79 12.96
CA LEU C 20 10.05 -6.58 13.63
C LEU C 20 9.05 -5.69 14.36
N PRO C 21 7.75 -5.89 14.18
CA PRO C 21 6.77 -5.08 14.92
C PRO C 21 6.94 -5.25 16.42
N GLN C 22 6.84 -4.13 17.15
CA GLN C 22 7.20 -4.12 18.56
C GLN C 22 6.19 -4.85 19.42
N GLY C 23 4.90 -4.58 19.23
CA GLY C 23 3.89 -5.08 20.13
C GLY C 23 3.41 -4.00 21.08
N GLU C 24 2.91 -4.40 22.25
CA GLU C 24 2.29 -3.47 23.18
C GLU C 24 3.27 -2.81 24.14
N LYS C 25 4.45 -3.39 24.36
CA LYS C 25 5.41 -2.81 25.28
C LYS C 25 6.16 -1.64 24.64
N VAL C 26 6.72 -0.79 25.50
CA VAL C 26 7.39 0.44 25.07
C VAL C 26 8.73 0.53 25.79
N GLN C 27 9.77 0.95 25.05
CA GLN C 27 11.09 1.17 25.60
C GLN C 27 11.29 2.64 25.95
N ALA C 28 11.90 2.89 27.11
CA ALA C 28 12.24 4.24 27.54
C ALA C 28 13.71 4.27 27.93
N MET C 29 14.46 5.23 27.37
CA MET C 29 15.88 5.38 27.66
C MET C 29 16.08 6.58 28.59
N TYR C 30 16.63 6.32 29.77
CA TYR C 30 16.90 7.35 30.75
C TYR C 30 18.32 7.88 30.57
N ILE C 31 18.47 9.20 30.56
CA ILE C 31 19.75 9.85 30.27
C ILE C 31 20.06 10.86 31.38
N TRP C 32 21.31 10.86 31.85
CA TRP C 32 21.73 11.78 32.89
C TRP C 32 23.20 12.14 32.72
N ILE C 33 23.61 13.19 33.43
CA ILE C 33 24.97 13.71 33.39
C ILE C 33 25.75 13.13 34.57
N ASP C 34 26.95 12.64 34.30
CA ASP C 34 27.74 11.93 35.32
C ASP C 34 28.64 12.91 36.08
N GLY C 35 29.58 12.36 36.86
CA GLY C 35 30.37 13.10 37.81
C GLY C 35 31.43 14.02 37.25
N THR C 36 31.77 13.89 35.97
CA THR C 36 32.71 14.82 35.37
C THR C 36 32.05 16.13 34.92
N GLY C 37 30.71 16.16 34.85
CA GLY C 37 30.00 17.32 34.40
C GLY C 37 29.99 17.52 32.89
N GLU C 38 30.57 16.60 32.13
CA GLU C 38 30.63 16.72 30.68
C GLU C 38 30.07 15.47 30.00
N GLY C 39 30.17 14.33 30.68
CA GLY C 39 29.76 13.07 30.08
C GLY C 39 28.31 12.72 30.35
N LEU C 40 27.76 11.91 29.46
CA LEU C 40 26.38 11.45 29.55
C LEU C 40 26.34 9.93 29.75
N ARG C 41 25.32 9.48 30.46
CA ARG C 41 25.08 8.06 30.69
C ARG C 41 23.64 7.73 30.33
N CYS C 42 23.38 6.46 30.04
CA CYS C 42 22.04 6.05 29.66
C CYS C 42 21.82 4.56 29.93
N LYS C 43 20.55 4.20 30.11
CA LYS C 43 20.12 2.80 30.17
C LYS C 43 18.62 2.76 29.90
N THR C 44 18.13 1.57 29.58
CA THR C 44 16.78 1.38 29.06
C THR C 44 15.95 0.48 29.97
N ARG C 45 14.66 0.79 30.08
CA ARG C 45 13.70 -0.06 30.78
C ARG C 45 12.45 -0.23 29.92
N THR C 46 11.69 -1.29 30.21
CA THR C 46 10.45 -1.59 29.51
C THR C 46 9.28 -1.03 30.30
N LEU C 47 8.34 -0.39 29.61
CA LEU C 47 7.11 0.11 30.20
C LEU C 47 5.91 -0.63 29.62
N ASP C 48 4.83 -0.68 30.40
CA ASP C 48 3.65 -1.43 29.99
C ASP C 48 2.85 -0.73 28.89
N SER C 49 2.88 0.60 28.86
CA SER C 49 2.14 1.36 27.86
C SER C 49 2.84 2.67 27.60
N GLU C 50 2.46 3.32 26.50
CA GLU C 50 3.13 4.55 26.10
C GLU C 50 2.79 5.69 27.07
N PRO C 51 3.79 6.38 27.62
CA PRO C 51 3.51 7.54 28.45
C PRO C 51 3.20 8.77 27.60
N LYS C 52 2.23 9.57 28.06
CA LYS C 52 1.82 10.75 27.32
C LYS C 52 2.52 12.02 27.76
N CYS C 53 2.86 12.14 29.04
CA CYS C 53 3.59 13.29 29.56
C CYS C 53 4.74 12.81 30.44
N VAL C 54 5.67 13.73 30.72
CA VAL C 54 6.84 13.39 31.51
C VAL C 54 6.45 13.01 32.93
N GLU C 55 5.32 13.52 33.43
CA GLU C 55 4.89 13.23 34.80
C GLU C 55 4.46 11.78 35.00
N GLU C 56 4.19 11.05 33.92
CA GLU C 56 3.76 9.66 34.03
C GLU C 56 4.92 8.69 34.18
N LEU C 57 6.16 9.13 33.99
CA LEU C 57 7.30 8.21 34.04
C LEU C 57 7.75 8.00 35.49
N PRO C 58 8.06 6.77 35.87
CA PRO C 58 8.49 6.51 37.24
C PRO C 58 9.94 6.91 37.48
N GLU C 59 10.26 7.08 38.76
CA GLU C 59 11.65 7.32 39.17
C GLU C 59 12.47 6.04 39.02
N TRP C 60 13.78 6.22 38.84
CA TRP C 60 14.69 5.09 38.71
C TRP C 60 15.94 5.34 39.55
N ASN C 61 16.94 4.48 39.43
CA ASN C 61 18.14 4.59 40.24
C ASN C 61 19.31 3.93 39.51
N PHE C 62 20.51 4.23 39.97
CA PHE C 62 21.72 3.62 39.44
C PHE C 62 22.79 3.59 40.53
N ASP C 63 23.83 2.80 40.29
CA ASP C 63 24.95 2.66 41.22
C ASP C 63 25.93 3.80 40.97
N GLY C 64 26.03 4.73 41.91
CA GLY C 64 26.85 5.91 41.75
C GLY C 64 28.34 5.69 41.92
N SER C 65 28.76 4.53 42.43
CA SER C 65 30.18 4.24 42.56
C SER C 65 30.79 3.81 41.22
N SER C 66 29.98 3.48 40.23
CA SER C 66 30.46 3.19 38.88
C SER C 66 30.50 4.43 38.00
N THR C 67 30.07 5.58 38.50
CA THR C 67 30.10 6.82 37.74
C THR C 67 30.86 7.93 38.48
N LEU C 68 31.60 7.59 39.53
CA LEU C 68 32.36 8.55 40.32
C LEU C 68 31.47 9.67 40.86
N GLN C 69 30.28 9.30 41.34
CA GLN C 69 29.33 10.26 41.87
C GLN C 69 28.94 10.01 43.31
N SER C 70 29.41 8.91 43.93
CA SER C 70 29.06 8.62 45.31
C SER C 70 30.16 7.78 45.93
N GLU C 71 30.19 7.79 47.26
CA GLU C 71 31.21 7.08 48.02
C GLU C 71 30.81 5.61 48.16
N GLY C 72 31.52 4.89 49.03
CA GLY C 72 31.36 3.45 49.15
C GLY C 72 30.04 2.96 49.71
N SER C 73 29.75 3.28 50.98
CA SER C 73 28.63 2.68 51.67
C SER C 73 27.29 3.09 51.05
N ASN C 74 26.99 4.39 51.07
CA ASN C 74 25.74 4.90 50.51
C ASN C 74 26.01 5.33 49.07
N SER C 75 26.00 4.38 48.16
CA SER C 75 26.34 4.62 46.77
C SER C 75 25.15 4.71 45.83
N ASP C 76 23.95 4.41 46.30
CA ASP C 76 22.78 4.46 45.44
C ASP C 76 22.40 5.92 45.13
N MET C 77 22.13 6.19 43.85
CA MET C 77 21.68 7.50 43.40
C MET C 77 20.34 7.33 42.70
N TYR C 78 19.59 8.43 42.61
CA TYR C 78 18.21 8.38 42.13
C TYR C 78 18.04 9.27 40.91
N LEU C 79 17.20 8.81 39.98
CA LEU C 79 16.95 9.51 38.73
C LEU C 79 15.51 10.03 38.73
N VAL C 80 15.36 11.32 38.45
CA VAL C 80 14.04 11.96 38.40
C VAL C 80 13.80 12.53 37.00
N PRO C 81 12.84 12.00 36.25
CA PRO C 81 12.60 12.50 34.89
C PRO C 81 12.25 13.98 34.86
N ALA C 82 12.79 14.69 33.87
CA ALA C 82 12.59 16.12 33.73
C ALA C 82 12.05 16.54 32.37
N ALA C 83 12.43 15.84 31.29
CA ALA C 83 11.96 16.19 29.96
C ALA C 83 11.92 14.93 29.09
N MET C 84 10.93 14.86 28.22
CA MET C 84 10.71 13.69 27.39
C MET C 84 10.72 14.08 25.92
N PHE C 85 11.33 13.23 25.10
CA PHE C 85 11.39 13.41 23.65
C PHE C 85 11.14 12.08 22.96
N ARG C 86 10.73 12.15 21.70
CA ARG C 86 10.64 10.95 20.87
C ARG C 86 12.03 10.38 20.58
N ASP C 87 12.11 9.06 20.48
CA ASP C 87 13.38 8.38 20.27
C ASP C 87 13.60 8.19 18.77
N PRO C 88 14.59 8.83 18.16
CA PRO C 88 14.82 8.64 16.73
C PRO C 88 15.54 7.36 16.37
N PHE C 89 16.18 6.70 17.34
CA PHE C 89 16.90 5.46 17.08
C PHE C 89 16.00 4.24 17.13
N ARG C 90 14.89 4.32 17.88
CA ARG C 90 13.93 3.23 17.96
C ARG C 90 12.55 3.59 17.40
N LYS C 91 12.28 4.86 17.14
CA LYS C 91 11.04 5.36 16.57
C LYS C 91 9.87 5.24 17.54
N ASP C 92 8.72 5.81 17.17
CA ASP C 92 7.54 5.77 18.01
C ASP C 92 7.12 4.32 18.27
N PRO C 93 6.57 4.02 19.45
CA PRO C 93 6.25 4.92 20.56
C PRO C 93 7.35 5.04 21.62
N ASN C 94 8.60 4.70 21.30
CA ASN C 94 9.66 4.71 22.30
C ASN C 94 10.14 6.13 22.58
N LYS C 95 10.68 6.33 23.78
CA LYS C 95 10.94 7.67 24.31
C LYS C 95 12.38 7.82 24.79
N LEU C 96 12.86 9.07 24.76
CA LEU C 96 14.08 9.48 25.45
C LEU C 96 13.71 10.36 26.65
N VAL C 97 14.36 10.13 27.78
CA VAL C 97 14.04 10.80 29.04
C VAL C 97 15.30 11.41 29.61
N LEU C 98 15.33 12.73 29.75
CA LEU C 98 16.41 13.42 30.44
C LEU C 98 16.04 13.57 31.91
N CYS C 99 16.97 13.22 32.80
CA CYS C 99 16.69 13.13 34.23
C CYS C 99 17.64 14.00 35.05
N GLU C 100 17.17 14.36 36.24
CA GLU C 100 18.00 14.99 37.26
C GLU C 100 18.50 13.93 38.25
N VAL C 101 19.70 14.15 38.77
CA VAL C 101 20.37 13.18 39.65
C VAL C 101 20.31 13.69 41.08
N PHE C 102 19.95 12.79 42.00
CA PHE C 102 19.87 13.11 43.42
C PHE C 102 20.63 12.06 44.22
N LYS C 103 21.22 12.50 45.34
CA LYS C 103 21.97 11.62 46.21
C LYS C 103 21.02 10.74 47.02
N TYR C 104 21.60 9.84 47.82
CA TYR C 104 20.79 8.88 48.58
C TYR C 104 19.88 9.58 49.59
N ASN C 105 20.28 10.76 50.06
CA ASN C 105 19.49 11.53 51.01
C ASN C 105 18.60 12.57 50.31
N ARG C 106 18.37 12.41 49.01
CA ARG C 106 17.50 13.23 48.17
C ARG C 106 18.03 14.64 47.93
N ARG C 107 19.24 14.95 48.38
CA ARG C 107 19.84 16.21 48.00
C ARG C 107 20.41 16.10 46.58
N PRO C 108 20.39 17.19 45.81
CA PRO C 108 20.91 17.13 44.44
C PRO C 108 22.39 16.80 44.41
N ALA C 109 22.80 16.10 43.34
CA ALA C 109 24.19 15.73 43.16
C ALA C 109 25.04 16.96 42.86
N GLU C 110 26.35 16.78 42.95
CA GLU C 110 27.28 17.89 42.76
C GLU C 110 27.18 18.46 41.34
N THR C 111 27.02 17.59 40.35
CA THR C 111 26.91 18.02 38.96
C THR C 111 25.47 18.26 38.51
N ASN C 112 24.51 18.13 39.42
CA ASN C 112 23.11 18.45 39.13
C ASN C 112 22.95 19.96 39.26
N LEU C 113 23.09 20.68 38.14
CA LEU C 113 22.97 22.13 38.13
C LEU C 113 21.62 22.61 37.63
N ARG C 114 20.76 21.71 37.15
CA ARG C 114 19.44 22.11 36.71
C ARG C 114 18.54 22.51 37.87
N HIS C 115 18.76 21.94 39.06
CA HIS C 115 17.88 22.17 40.19
C HIS C 115 17.89 23.65 40.60
N THR C 116 19.08 24.25 40.68
CA THR C 116 19.17 25.66 41.03
C THR C 116 18.80 26.55 39.85
N CYS C 117 19.18 26.13 38.63
CA CYS C 117 18.88 26.93 37.44
C CYS C 117 17.37 27.07 37.24
N LYS C 118 16.62 26.00 37.48
CA LYS C 118 15.17 26.06 37.28
C LYS C 118 14.51 27.06 38.21
N ARG C 119 14.94 27.11 39.47
CA ARG C 119 14.34 28.04 40.42
C ARG C 119 14.62 29.49 40.02
N ILE C 120 15.80 29.75 39.45
CA ILE C 120 16.14 31.10 39.02
C ILE C 120 15.23 31.55 37.88
N MET C 121 14.98 30.66 36.91
CA MET C 121 14.14 31.04 35.78
C MET C 121 12.67 31.17 36.17
N ASP C 122 12.26 30.60 37.29
CA ASP C 122 10.92 30.84 37.79
C ASP C 122 10.78 32.20 38.45
N MET C 123 11.90 32.87 38.73
CA MET C 123 11.89 34.20 39.31
C MET C 123 11.69 35.30 38.28
N VAL C 124 11.93 35.01 37.00
CA VAL C 124 11.89 36.02 35.95
C VAL C 124 11.01 35.54 34.80
N SER C 125 10.06 34.67 35.09
CA SER C 125 9.26 34.05 34.04
C SER C 125 8.43 35.07 33.27
N ASN C 126 8.05 36.17 33.91
CA ASN C 126 7.25 37.19 33.23
C ASN C 126 8.06 37.99 32.21
N GLN C 127 9.39 37.94 32.29
CA GLN C 127 10.24 38.62 31.32
C GLN C 127 10.55 37.77 30.10
N HIS C 128 10.21 36.49 30.12
CA HIS C 128 10.34 35.59 28.98
C HIS C 128 11.74 35.59 28.35
N PRO C 129 12.76 35.14 29.08
CA PRO C 129 14.11 35.11 28.51
C PRO C 129 14.22 34.03 27.44
N TRP C 130 14.81 34.40 26.30
CA TRP C 130 15.08 33.48 25.21
C TRP C 130 16.58 33.26 25.08
N PHE C 131 16.99 32.02 24.82
CA PHE C 131 18.38 31.67 24.63
C PHE C 131 18.57 30.97 23.30
N GLY C 132 19.74 31.19 22.70
CA GLY C 132 20.16 30.45 21.51
C GLY C 132 21.64 30.14 21.56
N MET C 133 21.99 28.86 21.44
CA MET C 133 23.37 28.42 21.63
C MET C 133 23.89 27.79 20.36
N GLU C 134 25.13 28.14 20.00
CA GLU C 134 25.78 27.64 18.78
C GLU C 134 26.86 26.64 19.21
N GLN C 135 26.57 25.34 19.03
CA GLN C 135 27.46 24.29 19.47
C GLN C 135 28.43 23.90 18.35
N GLU C 136 29.71 24.10 18.58
CA GLU C 136 30.76 23.67 17.67
C GLU C 136 31.39 22.38 18.17
N TYR C 137 31.80 21.53 17.23
CA TYR C 137 32.41 20.25 17.57
C TYR C 137 33.30 19.79 16.43
N THR C 138 34.16 18.81 16.72
CA THR C 138 35.05 18.22 15.74
C THR C 138 34.84 16.71 15.69
N LEU C 139 34.79 16.17 14.49
CA LEU C 139 34.71 14.72 14.29
C LEU C 139 36.10 14.12 14.28
N MET C 140 36.29 13.07 15.08
CA MET C 140 37.60 12.46 15.26
C MET C 140 37.52 10.95 15.02
N GLY C 141 38.60 10.40 14.48
CA GLY C 141 38.72 8.96 14.40
C GLY C 141 39.09 8.33 15.72
N THR C 142 38.95 7.01 15.79
CA THR C 142 39.28 6.28 17.01
C THR C 142 40.77 6.32 17.35
N ASP C 143 41.61 6.77 16.41
CA ASP C 143 43.04 6.86 16.62
C ASP C 143 43.48 8.21 17.23
N GLY C 144 42.54 9.07 17.56
CA GLY C 144 42.86 10.36 18.16
C GLY C 144 43.20 11.47 17.20
N HIS C 145 43.00 11.26 15.90
CA HIS C 145 43.27 12.21 14.84
C HIS C 145 41.96 12.66 14.19
N PRO C 146 41.87 13.90 13.71
CA PRO C 146 40.62 14.35 13.09
C PRO C 146 40.23 13.48 11.90
N PHE C 147 38.93 13.23 11.76
CA PHE C 147 38.44 12.31 10.76
C PHE C 147 38.68 12.84 9.36
N GLY C 148 39.20 11.97 8.48
CA GLY C 148 39.49 12.34 7.11
C GLY C 148 40.77 13.12 6.91
N TRP C 149 41.53 13.36 7.97
CA TRP C 149 42.81 14.03 7.82
C TRP C 149 43.88 13.04 7.35
N PRO C 150 44.92 13.51 6.67
CA PRO C 150 46.00 12.60 6.24
C PRO C 150 46.66 11.93 7.43
N SER C 151 47.03 10.66 7.24
CA SER C 151 47.68 9.90 8.30
C SER C 151 48.98 10.57 8.72
N ASN C 152 49.09 10.90 10.01
CA ASN C 152 50.26 11.55 10.59
C ASN C 152 50.57 12.89 9.93
N GLY C 153 49.58 13.53 9.32
CA GLY C 153 49.82 14.77 8.61
C GLY C 153 48.68 15.77 8.67
N PHE C 154 48.70 16.76 7.79
CA PHE C 154 47.74 17.84 7.81
C PHE C 154 47.13 18.05 6.43
N PRO C 155 45.92 18.58 6.36
CA PRO C 155 45.36 19.00 5.07
C PRO C 155 45.88 20.37 4.67
N GLY C 156 45.36 20.91 3.58
CA GLY C 156 45.77 22.22 3.12
C GLY C 156 45.40 23.32 4.10
N PRO C 157 45.93 24.53 3.87
CA PRO C 157 45.66 25.64 4.78
C PRO C 157 44.18 26.02 4.81
N GLN C 158 43.77 26.61 5.93
CA GLN C 158 42.37 26.99 6.11
C GLN C 158 41.95 28.03 5.06
N GLY C 159 40.65 28.16 4.88
CA GLY C 159 40.08 29.11 3.96
C GLY C 159 39.03 28.56 3.00
N PRO C 160 39.24 27.36 2.44
CA PRO C 160 38.22 26.76 1.58
C PRO C 160 37.21 25.87 2.30
N TYR C 161 37.39 25.57 3.59
CA TYR C 161 36.55 24.60 4.26
C TYR C 161 35.29 25.20 4.86
N TYR C 162 35.29 26.49 5.17
CA TYR C 162 34.13 27.12 5.79
C TYR C 162 32.95 27.10 4.83
N CYS C 163 31.84 26.50 5.27
CA CYS C 163 30.62 26.35 4.46
C CYS C 163 30.93 25.71 3.11
N GLY C 164 31.83 24.71 3.13
CA GLY C 164 32.31 24.13 1.88
C GLY C 164 31.46 22.99 1.37
N VAL C 165 31.62 22.71 0.08
CA VAL C 165 30.95 21.59 -0.58
C VAL C 165 31.97 20.89 -1.48
N GLY C 166 31.92 19.56 -1.49
CA GLY C 166 32.85 18.79 -2.29
C GLY C 166 33.66 17.80 -1.49
N ALA C 167 34.17 16.76 -2.17
CA ALA C 167 34.89 15.69 -1.48
C ALA C 167 36.16 16.19 -0.80
N ASP C 168 36.79 17.23 -1.35
CA ASP C 168 38.03 17.76 -0.81
C ASP C 168 37.82 18.93 0.15
N ARG C 169 36.57 19.24 0.50
CA ARG C 169 36.31 20.43 1.32
C ARG C 169 35.53 20.14 2.59
N ALA C 170 34.59 19.20 2.57
CA ALA C 170 33.77 18.88 3.74
C ALA C 170 33.91 17.41 4.09
N TYR C 171 34.28 17.14 5.34
CA TYR C 171 34.47 15.77 5.83
C TYR C 171 33.34 15.41 6.79
N GLY C 172 32.67 14.28 6.50
CA GLY C 172 31.71 13.73 7.43
C GLY C 172 30.32 14.33 7.39
N ARG C 173 29.86 14.79 6.23
CA ARG C 173 28.52 15.36 6.12
C ARG C 173 27.43 14.33 6.41
N ASP C 174 27.71 13.04 6.29
CA ASP C 174 26.71 12.01 6.60
C ASP C 174 26.27 12.09 8.06
N ILE C 175 27.22 12.29 8.97
CA ILE C 175 26.87 12.44 10.39
C ILE C 175 26.01 13.67 10.60
N VAL C 176 26.36 14.78 9.96
CA VAL C 176 25.64 16.03 10.15
C VAL C 176 24.21 15.91 9.66
N GLU C 177 24.03 15.31 8.47
CA GLU C 177 22.68 15.14 7.92
C GLU C 177 21.83 14.23 8.81
N ALA C 178 22.43 13.13 9.29
CA ALA C 178 21.69 12.22 10.15
C ALA C 178 21.33 12.87 11.48
N HIS C 179 22.26 13.65 12.05
CA HIS C 179 21.98 14.35 13.30
C HIS C 179 20.85 15.36 13.14
N TYR C 180 20.85 16.10 12.03
CA TYR C 180 19.80 17.10 11.79
C TYR C 180 18.42 16.45 11.73
N ARG C 181 18.28 15.35 10.99
CA ARG C 181 16.98 14.71 10.84
C ARG C 181 16.54 14.06 12.14
N ALA C 182 17.48 13.46 12.88
CA ALA C 182 17.15 12.84 14.16
C ALA C 182 16.64 13.86 15.17
N CYS C 183 17.28 15.03 15.22
CA CYS C 183 16.84 16.07 16.14
C CYS C 183 15.42 16.55 15.80
N LEU C 184 15.13 16.73 14.52
CA LEU C 184 13.80 17.16 14.11
C LEU C 184 12.75 16.12 14.48
N TYR C 185 13.06 14.84 14.29
CA TYR C 185 12.13 13.78 14.68
C TYR C 185 11.90 13.75 16.18
N ALA C 186 12.95 13.97 16.96
CA ALA C 186 12.86 13.87 18.42
C ALA C 186 12.08 15.02 19.03
N GLY C 187 12.01 16.17 18.36
CA GLY C 187 11.41 17.35 18.92
C GLY C 187 12.39 18.37 19.46
N VAL C 188 13.67 18.21 19.17
CA VAL C 188 14.68 19.18 19.57
C VAL C 188 14.63 20.37 18.61
N LYS C 189 14.64 21.58 19.16
CA LYS C 189 14.53 22.80 18.37
C LYS C 189 15.87 23.15 17.73
N ILE C 190 16.24 22.37 16.72
CA ILE C 190 17.45 22.62 15.96
C ILE C 190 17.15 23.67 14.89
N ALA C 191 17.99 24.71 14.81
CA ALA C 191 17.73 25.85 13.94
C ALA C 191 18.57 25.88 12.68
N GLY C 192 19.70 25.19 12.65
CA GLY C 192 20.52 25.17 11.45
C GLY C 192 21.88 24.55 11.72
N THR C 193 22.63 24.37 10.63
CA THR C 193 23.96 23.80 10.68
C THR C 193 24.84 24.46 9.61
N ASN C 194 26.15 24.41 9.83
CA ASN C 194 27.11 24.85 8.84
C ASN C 194 28.45 24.17 9.09
N ALA C 195 29.26 24.09 8.04
CA ALA C 195 30.64 23.64 8.15
C ALA C 195 31.53 24.79 8.61
N GLU C 196 32.55 24.46 9.40
CA GLU C 196 33.37 25.45 10.07
C GLU C 196 34.72 25.61 9.38
N VAL C 197 35.55 26.49 9.94
CA VAL C 197 36.82 26.88 9.30
C VAL C 197 37.75 25.69 9.19
N MET C 198 37.79 24.85 10.22
CA MET C 198 38.64 23.67 10.21
C MET C 198 37.94 22.52 9.50
N PRO C 199 38.62 21.78 8.62
CA PRO C 199 38.00 20.60 8.04
C PRO C 199 37.70 19.56 9.11
N ALA C 200 36.57 18.87 8.94
CA ALA C 200 35.95 17.95 9.90
C ALA C 200 35.39 18.66 11.14
N GLN C 201 35.32 19.99 11.12
CA GLN C 201 34.69 20.77 12.18
C GLN C 201 33.34 21.29 11.72
N TRP C 202 32.35 21.22 12.60
CA TRP C 202 30.97 21.55 12.25
C TRP C 202 30.32 22.32 13.39
N GLU C 203 29.12 22.84 13.13
CA GLU C 203 28.35 23.61 14.08
C GLU C 203 26.87 23.40 13.85
N PHE C 204 26.09 23.26 14.92
CA PHE C 204 24.64 23.27 14.84
C PHE C 204 24.10 24.26 15.87
N GLN C 205 23.03 24.95 15.51
CA GLN C 205 22.41 25.97 16.35
C GLN C 205 21.12 25.46 16.96
N ILE C 206 20.93 25.72 18.25
CA ILE C 206 19.75 25.29 18.99
C ILE C 206 19.03 26.53 19.50
N GLY C 207 17.74 26.63 19.23
CA GLY C 207 16.92 27.71 19.76
C GLY C 207 16.02 28.34 18.72
N PRO C 208 15.39 29.47 19.08
CA PRO C 208 15.40 30.14 20.38
C PRO C 208 14.56 29.39 21.42
N CYS C 209 15.08 29.18 22.62
CA CYS C 209 14.42 28.40 23.65
C CYS C 209 14.10 29.28 24.86
N GLU C 210 12.96 29.00 25.48
CA GLU C 210 12.47 29.78 26.61
C GLU C 210 12.91 29.15 27.93
N GLY C 211 13.62 29.94 28.74
CA GLY C 211 13.90 29.56 30.12
C GLY C 211 14.73 28.29 30.26
N ILE C 212 14.25 27.39 31.12
CA ILE C 212 14.98 26.19 31.47
C ILE C 212 15.03 25.21 30.31
N SER C 213 14.17 25.38 29.30
CA SER C 213 14.13 24.43 28.20
C SER C 213 15.37 24.50 27.33
N MET C 214 16.14 25.59 27.42
CA MET C 214 17.35 25.70 26.63
C MET C 214 18.36 24.63 27.03
N GLY C 215 18.55 24.43 28.34
CA GLY C 215 19.47 23.41 28.79
C GLY C 215 19.05 22.00 28.43
N ASP C 216 17.75 21.71 28.53
CA ASP C 216 17.25 20.38 28.19
C ASP C 216 17.44 20.06 26.71
N HIS C 217 17.20 21.03 25.82
CA HIS C 217 17.33 20.78 24.40
C HIS C 217 18.78 20.62 23.96
N LEU C 218 19.70 21.40 24.52
CA LEU C 218 21.11 21.27 24.15
C LEU C 218 21.69 19.93 24.63
N TRP C 219 21.36 19.53 25.85
CA TRP C 219 21.91 18.27 26.37
C TRP C 219 21.41 17.07 25.60
N VAL C 220 20.12 17.08 25.23
CA VAL C 220 19.57 15.97 24.45
C VAL C 220 20.16 15.97 23.04
N ALA C 221 20.39 17.17 22.48
CA ALA C 221 21.05 17.26 21.17
C ALA C 221 22.47 16.71 21.24
N ARG C 222 23.17 16.96 22.34
CA ARG C 222 24.51 16.40 22.52
C ARG C 222 24.46 14.88 22.57
N PHE C 223 23.48 14.33 23.31
CA PHE C 223 23.34 12.87 23.40
C PHE C 223 23.05 12.27 22.03
N ILE C 224 22.16 12.89 21.26
CA ILE C 224 21.82 12.37 19.94
C ILE C 224 23.04 12.39 19.03
N LEU C 225 23.87 13.44 19.13
CA LEU C 225 25.10 13.50 18.33
C LEU C 225 26.05 12.37 18.68
N HIS C 226 26.26 12.11 19.97
CA HIS C 226 27.15 11.02 20.38
C HIS C 226 26.62 9.67 19.88
N ARG C 227 25.31 9.45 20.00
CA ARG C 227 24.73 8.18 19.61
C ARG C 227 24.77 7.98 18.10
N VAL C 228 24.57 9.06 17.33
CA VAL C 228 24.66 8.96 15.87
C VAL C 228 26.10 8.67 15.45
N CYS C 229 27.07 9.37 16.06
CA CYS C 229 28.47 9.12 15.73
C CYS C 229 28.89 7.70 16.10
N GLU C 230 28.28 7.14 17.15
CA GLU C 230 28.57 5.77 17.54
C GLU C 230 28.19 4.78 16.44
N ASP C 231 27.07 5.02 15.75
CA ASP C 231 26.67 4.15 14.65
C ASP C 231 27.69 4.17 13.52
N PHE C 232 28.20 5.34 13.17
CA PHE C 232 29.21 5.46 12.12
C PHE C 232 30.61 5.09 12.59
N GLY C 233 30.83 4.96 13.90
CA GLY C 233 32.12 4.56 14.41
C GLY C 233 33.13 5.68 14.55
N VAL C 234 32.69 6.92 14.70
CA VAL C 234 33.59 8.06 14.90
C VAL C 234 33.26 8.70 16.25
N ILE C 235 34.14 9.61 16.67
CA ILE C 235 34.01 10.29 17.95
C ILE C 235 33.80 11.78 17.71
N ALA C 236 32.81 12.34 18.38
CA ALA C 236 32.59 13.79 18.40
C ALA C 236 33.14 14.37 19.69
N THR C 237 34.01 15.37 19.56
CA THR C 237 34.65 15.99 20.72
C THR C 237 34.23 17.46 20.83
N PHE C 238 33.99 17.89 22.07
CA PHE C 238 33.67 19.28 22.38
C PHE C 238 34.84 20.04 22.99
N ASP C 239 36.06 19.50 22.86
CA ASP C 239 37.23 20.16 23.44
C ASP C 239 37.44 21.53 22.77
N PRO C 240 37.69 22.59 23.55
CA PRO C 240 37.81 23.92 22.94
C PRO C 240 38.93 24.06 21.93
N LYS C 241 40.06 23.37 22.11
CA LYS C 241 41.20 23.47 21.21
C LYS C 241 41.69 22.07 20.87
N PRO C 242 40.99 21.36 19.99
CA PRO C 242 41.39 19.98 19.67
C PRO C 242 42.78 19.86 19.04
N ILE C 243 43.18 20.81 18.21
CA ILE C 243 44.45 20.75 17.49
C ILE C 243 45.24 22.01 17.82
N PRO C 244 46.49 21.88 18.30
CA PRO C 244 47.27 23.07 18.63
C PRO C 244 47.73 23.81 17.38
N GLY C 245 48.03 25.09 17.57
CA GLY C 245 48.62 25.90 16.51
C GLY C 245 47.64 26.72 15.71
N ASN C 246 47.82 26.74 14.39
CA ASN C 246 47.02 27.57 13.50
C ASN C 246 45.79 26.83 12.97
N TRP C 247 44.98 26.31 13.88
CA TRP C 247 43.74 25.64 13.52
C TRP C 247 42.61 26.14 14.42
N ASN C 248 41.43 26.26 13.84
CA ASN C 248 40.31 26.89 14.52
C ASN C 248 39.93 26.15 15.79
N GLY C 249 39.54 26.90 16.82
CA GLY C 249 39.05 26.34 18.05
C GLY C 249 37.53 26.12 18.01
N ALA C 250 37.00 25.69 19.14
CA ALA C 250 35.58 25.37 19.26
C ALA C 250 34.99 26.11 20.44
N GLY C 251 33.93 26.88 20.20
CA GLY C 251 33.24 27.61 21.25
C GLY C 251 31.76 27.32 21.23
N CYS C 252 31.05 27.95 22.16
CA CYS C 252 29.59 27.83 22.25
C CYS C 252 29.01 29.22 22.48
N HIS C 253 28.75 29.94 21.40
CA HIS C 253 28.16 31.28 21.50
C HIS C 253 26.74 31.20 22.02
N THR C 254 26.41 32.09 22.96
CA THR C 254 25.10 32.11 23.59
C THR C 254 24.41 33.44 23.26
N ASN C 255 23.23 33.36 22.66
CA ASN C 255 22.44 34.54 22.33
C ASN C 255 21.32 34.70 23.36
N PHE C 256 21.06 35.95 23.74
CA PHE C 256 20.17 36.26 24.85
C PHE C 256 19.28 37.45 24.51
N SER C 257 18.00 37.35 24.91
CA SER C 257 17.08 38.47 24.81
C SER C 257 15.94 38.27 25.80
N THR C 258 15.30 39.37 26.17
CA THR C 258 14.10 39.37 27.00
C THR C 258 12.94 39.95 26.19
N LYS C 259 11.76 39.93 26.80
CA LYS C 259 10.58 40.49 26.14
C LYS C 259 10.75 41.98 25.86
N ALA C 260 11.32 42.71 26.82
CA ALA C 260 11.58 44.13 26.62
C ALA C 260 12.63 44.37 25.53
N MET C 261 13.63 43.49 25.43
CA MET C 261 14.66 43.65 24.41
C MET C 261 14.09 43.48 23.01
N ARG C 262 13.07 42.63 22.85
CA ARG C 262 12.54 42.31 21.53
C ARG C 262 11.51 43.31 21.03
N GLU C 263 11.05 44.23 21.88
CA GLU C 263 10.08 45.24 21.47
C GLU C 263 10.79 46.47 20.91
N GLU C 264 9.99 47.38 20.36
CA GLU C 264 10.55 48.58 19.75
C GLU C 264 11.37 49.37 20.76
N ASN C 265 12.51 49.90 20.30
CA ASN C 265 13.47 50.61 21.13
C ASN C 265 14.01 49.74 22.26
N GLY C 266 14.08 48.43 22.03
CA GLY C 266 14.65 47.51 22.97
C GLY C 266 16.16 47.53 23.04
N LEU C 267 16.81 48.26 22.15
CA LEU C 267 18.27 48.36 22.16
C LEU C 267 18.76 49.06 23.43
N LYS C 268 17.92 49.89 24.04
CA LYS C 268 18.28 50.52 25.31
C LYS C 268 18.50 49.47 26.40
N TYR C 269 17.61 48.47 26.47
CA TYR C 269 17.76 47.42 27.48
C TYR C 269 18.91 46.48 27.14
N ILE C 270 19.27 46.35 25.87
CA ILE C 270 20.43 45.57 25.49
C ILE C 270 21.70 46.21 26.03
N GLU C 271 21.81 47.54 25.90
CA GLU C 271 23.00 48.24 26.36
C GLU C 271 23.11 48.21 27.88
N GLU C 272 21.98 48.24 28.58
CA GLU C 272 22.00 48.16 30.04
C GLU C 272 22.52 46.81 30.52
N ALA C 273 22.10 45.73 29.87
CA ALA C 273 22.57 44.40 30.26
C ALA C 273 24.05 44.23 29.96
N ILE C 274 24.52 44.77 28.83
CA ILE C 274 25.94 44.67 28.48
C ILE C 274 26.79 45.45 29.47
N GLU C 275 26.29 46.59 29.94
CA GLU C 275 27.01 47.35 30.96
C GLU C 275 27.15 46.54 32.24
N LYS C 276 26.10 45.84 32.64
CA LYS C 276 26.17 44.99 33.82
C LYS C 276 27.16 43.85 33.63
N LEU C 277 27.21 43.27 32.42
CA LEU C 277 28.14 42.17 32.15
C LEU C 277 29.58 42.64 32.19
N SER C 278 29.83 43.94 31.96
CA SER C 278 31.19 44.44 31.94
C SER C 278 31.86 44.40 33.31
N LYS C 279 31.08 44.44 34.40
CA LYS C 279 31.64 44.45 35.74
C LYS C 279 31.90 43.06 36.30
N ARG C 280 31.48 42.00 35.61
CA ARG C 280 31.53 40.64 36.14
C ARG C 280 32.21 39.70 35.18
N HIS C 281 33.30 40.15 34.55
CA HIS C 281 33.99 39.32 33.56
C HIS C 281 34.57 38.07 34.19
N GLN C 282 35.19 38.19 35.37
CA GLN C 282 35.81 37.03 36.00
C GLN C 282 34.76 36.02 36.46
N TYR C 283 33.61 36.50 36.94
CA TYR C 283 32.55 35.61 37.40
C TYR C 283 32.03 34.75 36.25
N HIS C 284 31.88 35.32 35.07
CA HIS C 284 31.32 34.57 33.94
C HIS C 284 32.34 33.61 33.35
N ILE C 285 33.63 33.98 33.36
CA ILE C 285 34.67 33.07 32.90
C ILE C 285 34.68 31.80 33.74
N ARG C 286 34.55 31.96 35.06
CA ARG C 286 34.49 30.81 35.96
C ARG C 286 33.27 29.93 35.65
N ALA C 287 32.13 30.54 35.37
CA ALA C 287 30.90 29.79 35.14
C ALA C 287 30.78 29.22 33.74
N TYR C 288 31.61 29.68 32.79
CA TYR C 288 31.53 29.23 31.41
C TYR C 288 32.44 28.04 31.12
N ASP C 289 32.88 27.32 32.15
CA ASP C 289 33.79 26.21 31.97
C ASP C 289 33.53 25.16 33.04
N PRO C 290 33.47 23.88 32.66
CA PRO C 290 33.29 22.83 33.68
C PRO C 290 34.47 22.71 34.63
N LYS C 291 35.65 23.22 34.27
CA LYS C 291 36.81 23.18 35.13
C LYS C 291 36.94 24.45 35.97
N GLY C 292 36.73 25.62 35.37
CA GLY C 292 36.87 26.87 36.07
C GLY C 292 37.51 27.95 35.21
N GLY C 293 37.88 27.59 33.98
CA GLY C 293 38.45 28.56 33.06
C GLY C 293 39.71 28.08 32.35
N LEU C 294 40.28 26.98 32.83
CA LEU C 294 41.52 26.47 32.23
C LEU C 294 41.29 26.00 30.80
N ASP C 295 40.18 25.33 30.53
CA ASP C 295 39.92 24.83 29.19
C ASP C 295 39.80 25.96 28.17
N ASN C 296 39.06 27.02 28.52
CA ASN C 296 38.88 28.14 27.62
C ASN C 296 40.15 28.96 27.41
N ALA C 297 41.16 28.77 28.26
CA ALA C 297 42.42 29.52 28.08
C ALA C 297 43.18 29.07 26.84
N ARG C 298 43.08 27.79 26.48
CA ARG C 298 43.75 27.29 25.29
C ARG C 298 43.10 27.79 24.01
N ARG C 299 41.92 28.40 24.08
CA ARG C 299 41.19 28.88 22.92
C ARG C 299 41.13 30.39 22.83
N LEU C 300 40.82 31.08 23.93
CA LEU C 300 40.60 32.52 23.92
C LEU C 300 41.94 33.23 24.13
N THR C 301 42.62 33.49 23.01
CA THR C 301 43.88 34.22 23.03
C THR C 301 43.85 35.48 22.16
N GLY C 302 42.77 35.71 21.43
CA GLY C 302 42.66 36.91 20.61
C GLY C 302 43.35 36.85 19.27
N PHE C 303 43.56 35.66 18.71
CA PHE C 303 44.26 35.53 17.43
C PHE C 303 43.33 35.17 16.28
N HIS C 304 42.60 34.06 16.40
CA HIS C 304 41.78 33.54 15.30
C HIS C 304 40.32 33.95 15.48
N GLU C 305 40.08 35.26 15.35
CA GLU C 305 38.74 35.83 15.49
C GLU C 305 38.13 35.49 16.85
N THR C 306 38.93 35.57 17.90
CA THR C 306 38.49 35.30 19.26
C THR C 306 38.83 36.49 20.15
N SER C 307 38.19 36.54 21.30
CA SER C 307 38.50 37.56 22.30
C SER C 307 39.55 37.03 23.28
N ASN C 308 40.25 37.97 23.91
CA ASN C 308 41.25 37.60 24.91
C ASN C 308 40.57 37.11 26.18
N ILE C 309 41.22 36.17 26.86
CA ILE C 309 40.62 35.52 28.01
C ILE C 309 40.47 36.51 29.17
N ASN C 310 41.42 37.41 29.34
CA ASN C 310 41.46 38.29 30.51
C ASN C 310 40.94 39.69 30.24
N ASP C 311 40.43 39.97 29.05
CA ASP C 311 39.93 41.30 28.71
C ASP C 311 38.46 41.22 28.29
N PHE C 312 37.69 42.23 28.68
CA PHE C 312 36.29 42.35 28.30
C PHE C 312 36.15 43.44 27.25
N SER C 313 35.41 43.14 26.19
CA SER C 313 35.15 44.11 25.14
C SER C 313 33.75 43.87 24.57
N ALA C 314 33.13 44.95 24.10
CA ALA C 314 31.81 44.87 23.50
C ALA C 314 31.71 45.88 22.37
N GLY C 315 30.93 45.54 21.35
CA GLY C 315 30.77 46.43 20.22
C GLY C 315 29.71 45.92 19.26
N VAL C 316 29.27 46.81 18.39
CA VAL C 316 28.30 46.46 17.35
C VAL C 316 29.03 45.87 16.17
N ALA C 317 28.61 44.68 15.73
CA ALA C 317 29.18 43.99 14.57
C ALA C 317 30.67 43.70 14.74
N ASN C 318 31.09 43.46 15.98
CA ASN C 318 32.49 43.14 16.28
C ASN C 318 32.56 41.66 16.65
N ARG C 319 33.19 40.86 15.78
CA ARG C 319 33.36 39.44 16.01
C ARG C 319 34.61 39.10 16.82
N SER C 320 35.44 40.09 17.13
CA SER C 320 36.62 39.90 17.95
C SER C 320 36.39 40.27 19.41
N ALA C 321 35.19 40.72 19.76
CA ALA C 321 34.87 41.17 21.11
C ALA C 321 34.19 40.07 21.90
N SER C 322 34.15 40.25 23.23
CA SER C 322 33.47 39.30 24.10
C SER C 322 31.97 39.28 23.83
N ILE C 323 31.37 40.44 23.63
CA ILE C 323 29.95 40.58 23.37
C ILE C 323 29.78 41.29 22.03
N ARG C 324 28.92 40.74 21.17
CA ARG C 324 28.68 41.29 19.84
C ARG C 324 27.21 41.61 19.68
N ILE C 325 26.92 42.82 19.22
CA ILE C 325 25.57 43.23 18.83
C ILE C 325 25.46 43.13 17.31
N PRO C 326 24.57 42.30 16.77
CA PRO C 326 24.45 42.18 15.31
C PRO C 326 24.07 43.52 14.69
N ARG C 327 24.57 43.74 13.46
CA ARG C 327 24.35 45.01 12.79
C ARG C 327 22.87 45.25 12.54
N THR C 328 22.12 44.20 12.17
CA THR C 328 20.68 44.35 11.96
C THR C 328 19.98 44.76 13.25
N VAL C 329 20.39 44.19 14.38
CA VAL C 329 19.79 44.54 15.66
C VAL C 329 20.01 46.02 15.97
N GLY C 330 21.24 46.51 15.75
CA GLY C 330 21.52 47.91 15.98
C GLY C 330 20.74 48.83 15.05
N GLN C 331 20.53 48.39 13.81
CA GLN C 331 19.79 49.21 12.85
C GLN C 331 18.30 49.26 13.19
N GLU C 332 17.71 48.13 13.57
CA GLU C 332 16.30 48.07 13.91
C GLU C 332 16.03 48.47 15.36
N LYS C 333 17.08 48.75 16.15
CA LYS C 333 16.97 49.18 17.54
C LYS C 333 16.26 48.16 18.42
N LYS C 334 16.33 46.88 18.08
CA LYS C 334 15.71 45.83 18.90
C LYS C 334 16.30 44.49 18.49
N GLY C 335 16.09 43.49 19.35
CA GLY C 335 16.55 42.15 19.08
C GLY C 335 17.24 41.47 20.24
N TYR C 336 18.48 41.07 20.06
CA TYR C 336 19.23 40.26 21.02
C TYR C 336 20.70 40.66 20.97
N PHE C 337 21.51 39.99 21.78
CA PHE C 337 22.96 40.14 21.72
C PHE C 337 23.62 38.80 21.96
N GLU C 338 24.90 38.70 21.58
CA GLU C 338 25.63 37.44 21.56
C GLU C 338 26.80 37.48 22.51
N ASP C 339 26.90 36.47 23.37
CA ASP C 339 28.03 36.26 24.26
C ASP C 339 28.95 35.21 23.64
N ARG C 340 30.14 35.61 23.23
CA ARG C 340 31.06 34.76 22.48
C ARG C 340 32.11 34.09 23.36
N ARG C 341 32.03 34.26 24.67
CA ARG C 341 33.02 33.73 25.61
C ARG C 341 32.89 32.24 25.94
N PRO C 342 31.69 31.65 26.08
CA PRO C 342 31.62 30.26 26.53
C PRO C 342 32.32 29.29 25.58
N SER C 343 32.98 28.29 26.17
CA SER C 343 33.66 27.25 25.42
C SER C 343 32.68 26.17 24.98
N ALA C 344 33.15 25.31 24.06
CA ALA C 344 32.29 24.31 23.45
C ALA C 344 31.87 23.21 24.42
N ASN C 345 32.53 23.07 25.56
CA ASN C 345 32.20 22.04 26.53
C ASN C 345 31.52 22.60 27.78
N CYS C 346 30.87 23.76 27.66
CA CYS C 346 30.20 24.38 28.78
C CYS C 346 28.92 23.62 29.13
N ASP C 347 28.49 23.78 30.38
CA ASP C 347 27.18 23.29 30.81
C ASP C 347 26.15 24.39 30.57
N PRO C 348 25.13 24.17 29.73
CA PRO C 348 24.16 25.24 29.47
C PRO C 348 23.41 25.71 30.71
N PHE C 349 23.17 24.83 31.68
CA PHE C 349 22.50 25.26 32.90
C PHE C 349 23.34 26.28 33.67
N SER C 350 24.67 26.14 33.63
CA SER C 350 25.54 27.12 34.26
C SER C 350 25.54 28.45 33.50
N VAL C 351 25.59 28.38 32.17
CA VAL C 351 25.71 29.59 31.37
C VAL C 351 24.45 30.43 31.47
N THR C 352 23.29 29.78 31.32
CA THR C 352 22.02 30.52 31.33
C THR C 352 21.73 31.11 32.71
N GLU C 353 22.05 30.36 33.77
CA GLU C 353 21.83 30.87 35.12
C GLU C 353 22.65 32.13 35.39
N ALA C 354 23.92 32.14 34.95
CA ALA C 354 24.77 33.30 35.18
C ALA C 354 24.24 34.53 34.46
N LEU C 355 23.73 34.37 33.23
CA LEU C 355 23.22 35.51 32.48
C LEU C 355 22.00 36.12 33.18
N ILE C 356 21.10 35.27 33.70
CA ILE C 356 19.92 35.78 34.40
C ILE C 356 20.34 36.51 35.66
N ARG C 357 21.29 35.96 36.42
CA ARG C 357 21.68 36.55 37.69
C ARG C 357 22.29 37.93 37.50
N THR C 358 23.17 38.08 36.51
CA THR C 358 23.84 39.36 36.31
C THR C 358 22.92 40.40 35.68
N CYS C 359 22.12 40.01 34.69
CA CYS C 359 21.39 40.97 33.89
C CYS C 359 19.99 41.26 34.42
N LEU C 360 19.33 40.29 35.06
CA LEU C 360 17.96 40.46 35.50
C LEU C 360 17.81 40.59 37.00
N LEU C 361 18.70 39.99 37.79
CA LEU C 361 18.60 40.05 39.25
C LEU C 361 19.62 40.98 39.89
N ASN C 362 20.47 41.62 39.09
CA ASN C 362 21.39 42.66 39.58
C ASN C 362 22.30 42.14 40.69
N GLU C 363 22.82 40.94 40.53
CA GLU C 363 23.73 40.37 41.52
C GLU C 363 25.13 40.91 41.35
N THR C 364 25.84 41.04 42.46
CA THR C 364 27.20 41.52 42.50
C THR C 364 28.04 40.58 43.35
N GLY C 365 29.36 40.77 43.31
CA GLY C 365 30.26 39.94 44.07
C GLY C 365 30.69 38.69 43.32
N ASP C 366 31.50 37.88 44.00
CA ASP C 366 32.08 36.68 43.42
C ASP C 366 31.27 35.41 43.68
N GLU C 367 30.20 35.50 44.46
CA GLU C 367 29.39 34.34 44.79
C GLU C 367 27.94 34.57 44.41
N PRO C 368 27.23 33.51 44.03
CA PRO C 368 25.79 33.65 43.79
C PRO C 368 25.04 33.88 45.09
N PHE C 369 23.93 34.61 44.98
CA PHE C 369 23.10 34.87 46.15
C PHE C 369 22.30 33.61 46.50
N GLN C 370 22.21 33.34 47.81
CA GLN C 370 21.62 32.09 48.29
C GLN C 370 20.10 32.03 48.13
N TYR C 371 19.45 33.13 47.79
CA TYR C 371 18.01 33.17 47.61
C TYR C 371 17.70 34.06 46.41
N LYS C 372 16.42 34.44 46.28
CA LYS C 372 16.08 35.50 45.34
C LYS C 372 16.75 36.80 45.74
N ASN C 373 16.41 37.32 46.91
CA ASN C 373 17.01 38.53 47.46
C ASN C 373 17.04 38.47 48.99
N THR D 2 38.62 -11.70 13.70
CA THR D 2 37.91 -11.44 14.95
C THR D 2 36.47 -11.94 14.87
N THR D 3 35.92 -12.03 13.66
CA THR D 3 34.58 -12.53 13.45
C THR D 3 34.62 -13.76 12.55
N SER D 4 33.53 -14.53 12.58
CA SER D 4 33.49 -15.82 11.90
C SER D 4 33.43 -15.65 10.38
N ALA D 5 33.82 -16.71 9.68
CA ALA D 5 33.73 -16.73 8.23
C ALA D 5 32.28 -16.67 7.75
N SER D 6 31.35 -17.30 8.49
CA SER D 6 29.94 -17.27 8.11
C SER D 6 29.40 -15.84 8.09
N SER D 7 29.89 -14.98 8.96
CA SER D 7 29.40 -13.61 9.04
C SER D 7 29.88 -12.73 7.89
N HIS D 8 30.85 -13.19 7.10
CA HIS D 8 31.31 -12.45 5.93
C HIS D 8 30.56 -12.82 4.66
N LEU D 9 29.63 -13.77 4.73
CA LEU D 9 28.79 -14.06 3.57
C LEU D 9 27.84 -12.90 3.31
N ASN D 10 27.36 -12.82 2.08
CA ASN D 10 26.48 -11.72 1.67
C ASN D 10 25.12 -11.90 2.33
N LYS D 11 24.81 -11.05 3.32
CA LYS D 11 23.55 -11.14 4.03
C LYS D 11 22.37 -10.62 3.21
N GLY D 12 22.62 -9.76 2.21
CA GLY D 12 21.56 -9.35 1.33
C GLY D 12 20.96 -10.50 0.53
N ILE D 13 21.80 -11.46 0.16
CA ILE D 13 21.33 -12.65 -0.55
C ILE D 13 20.35 -13.43 0.34
N LYS D 14 20.69 -13.60 1.61
CA LYS D 14 19.83 -14.35 2.51
C LYS D 14 18.46 -13.70 2.65
N GLN D 15 18.42 -12.37 2.76
CA GLN D 15 17.16 -11.67 2.95
C GLN D 15 16.25 -11.79 1.74
N VAL D 16 16.81 -11.98 0.54
CA VAL D 16 15.99 -12.19 -0.64
C VAL D 16 15.20 -13.49 -0.51
N TYR D 17 15.87 -14.57 -0.08
CA TYR D 17 15.19 -15.84 0.10
C TYR D 17 14.16 -15.78 1.23
N MET D 18 14.49 -15.09 2.33
CA MET D 18 13.55 -14.97 3.44
C MET D 18 12.37 -14.06 3.12
N SER D 19 12.41 -13.35 2.00
CA SER D 19 11.27 -12.56 1.56
C SER D 19 10.24 -13.39 0.79
N LEU D 20 10.56 -14.62 0.42
CA LEU D 20 9.61 -15.47 -0.30
C LEU D 20 8.42 -15.80 0.60
N PRO D 21 7.19 -15.66 0.12
CA PRO D 21 6.04 -16.06 0.94
C PRO D 21 6.09 -17.53 1.29
N GLN D 22 5.75 -17.84 2.54
CA GLN D 22 5.99 -19.17 3.07
C GLN D 22 5.01 -20.19 2.51
N GLY D 23 3.72 -19.85 2.43
CA GLY D 23 2.71 -20.83 2.10
C GLY D 23 2.01 -21.36 3.34
N GLU D 24 1.50 -22.59 3.25
CA GLU D 24 0.66 -23.15 4.31
C GLU D 24 1.45 -23.85 5.41
N LYS D 25 2.65 -24.34 5.12
CA LYS D 25 3.42 -25.07 6.12
C LYS D 25 4.05 -24.11 7.14
N VAL D 26 4.41 -24.66 8.29
CA VAL D 26 4.94 -23.89 9.42
C VAL D 26 6.19 -24.59 9.96
N GLN D 27 7.22 -23.81 10.28
CA GLN D 27 8.45 -24.33 10.86
C GLN D 27 8.41 -24.20 12.37
N ALA D 28 8.86 -25.24 13.07
CA ALA D 28 8.96 -25.24 14.52
C ALA D 28 10.37 -25.66 14.92
N MET D 29 11.05 -24.82 15.69
CA MET D 29 12.40 -25.11 16.16
C MET D 29 12.34 -25.60 17.61
N TYR D 30 12.81 -26.82 17.84
CA TYR D 30 12.84 -27.42 19.17
C TYR D 30 14.18 -27.14 19.84
N ILE D 31 14.13 -26.72 21.11
CA ILE D 31 15.32 -26.31 21.86
C ILE D 31 15.37 -27.06 23.18
N TRP D 32 16.56 -27.52 23.55
CA TRP D 32 16.74 -28.22 24.82
C TRP D 32 18.16 -28.01 25.34
N ILE D 33 18.36 -28.40 26.59
CA ILE D 33 19.65 -28.27 27.29
C ILE D 33 20.38 -29.60 27.21
N ASP D 34 21.67 -29.55 26.87
CA ASP D 34 22.45 -30.76 26.64
C ASP D 34 23.13 -31.21 27.94
N GLY D 35 24.07 -32.16 27.81
CA GLY D 35 24.64 -32.87 28.94
C GLY D 35 25.61 -32.07 29.79
N THR D 36 26.08 -30.92 29.30
CA THR D 36 26.95 -30.08 30.11
C THR D 36 26.18 -29.20 31.09
N GLY D 37 24.86 -29.11 30.95
CA GLY D 37 24.06 -28.28 31.82
C GLY D 37 24.09 -26.80 31.51
N GLU D 38 24.89 -26.37 30.54
CA GLU D 38 24.96 -24.97 30.16
C GLU D 38 24.72 -24.71 28.68
N GLY D 39 24.93 -25.69 27.81
CA GLY D 39 24.77 -25.49 26.39
C GLY D 39 23.37 -25.83 25.90
N LEU D 40 22.98 -25.18 24.81
CA LEU D 40 21.68 -25.38 24.18
C LEU D 40 21.84 -26.07 22.83
N ARG D 41 20.83 -26.84 22.45
CA ARG D 41 20.79 -27.51 21.17
C ARG D 41 19.45 -27.23 20.50
N CYS D 42 19.40 -27.37 19.18
CA CYS D 42 18.17 -27.07 18.46
C CYS D 42 18.14 -27.78 17.11
N LYS D 43 16.92 -28.03 16.62
CA LYS D 43 16.68 -28.52 15.28
C LYS D 43 15.24 -28.22 14.90
N THR D 44 14.94 -28.31 13.62
CA THR D 44 13.69 -27.81 13.05
C THR D 44 12.90 -28.92 12.37
N ARG D 45 11.58 -28.89 12.55
CA ARG D 45 10.68 -29.76 11.82
C ARG D 45 9.56 -28.95 11.19
N THR D 46 8.94 -29.53 10.18
CA THR D 46 7.82 -28.91 9.46
C THR D 46 6.50 -29.43 10.00
N LEU D 47 5.56 -28.51 10.24
CA LEU D 47 4.21 -28.87 10.66
C LEU D 47 3.21 -28.50 9.58
N ASP D 48 2.06 -29.17 9.59
CA ASP D 48 1.06 -28.96 8.55
C ASP D 48 0.29 -27.67 8.74
N SER D 49 0.10 -27.23 9.98
CA SER D 49 -0.65 -26.01 10.26
C SER D 49 -0.10 -25.37 11.53
N GLU D 50 -0.46 -24.11 11.73
CA GLU D 50 0.06 -23.35 12.87
C GLU D 50 -0.49 -23.90 14.18
N PRO D 51 0.37 -24.23 15.15
CA PRO D 51 -0.13 -24.62 16.47
C PRO D 51 -0.56 -23.41 17.28
N LYS D 52 -1.67 -23.55 17.99
CA LYS D 52 -2.21 -22.46 18.79
C LYS D 52 -1.76 -22.50 20.24
N CYS D 53 -1.55 -23.69 20.81
CA CYS D 53 -1.06 -23.84 22.17
C CYS D 53 0.06 -24.88 22.18
N VAL D 54 0.82 -24.88 23.28
CA VAL D 54 1.95 -25.79 23.41
C VAL D 54 1.51 -27.25 23.45
N GLU D 55 0.27 -27.52 23.86
CA GLU D 55 -0.22 -28.89 23.95
C GLU D 55 -0.45 -29.54 22.59
N GLU D 56 -0.51 -28.75 21.52
CA GLU D 56 -0.74 -29.30 20.19
C GLU D 56 0.52 -29.79 19.51
N LEU D 57 1.71 -29.48 20.05
CA LEU D 57 2.95 -29.89 19.42
C LEU D 57 3.27 -31.35 19.74
N PRO D 58 3.73 -32.12 18.76
CA PRO D 58 4.06 -33.53 19.01
C PRO D 58 5.40 -33.70 19.71
N GLU D 59 5.56 -34.88 20.31
CA GLU D 59 6.83 -35.25 20.91
C GLU D 59 7.85 -35.57 19.82
N TRP D 60 9.13 -35.43 20.17
CA TRP D 60 10.21 -35.66 19.22
C TRP D 60 11.33 -36.42 19.93
N ASN D 61 12.44 -36.63 19.24
CA ASN D 61 13.53 -37.41 19.77
C ASN D 61 14.84 -36.96 19.12
N PHE D 62 15.96 -37.39 19.72
CA PHE D 62 17.28 -37.12 19.18
C PHE D 62 18.23 -38.17 19.71
N ASP D 63 19.37 -38.30 19.03
CA ASP D 63 20.40 -39.28 19.39
C ASP D 63 21.25 -38.71 20.50
N GLY D 64 21.17 -39.31 21.69
CA GLY D 64 21.85 -38.78 22.86
C GLY D 64 23.34 -39.03 22.90
N SER D 65 23.85 -39.93 22.07
CA SER D 65 25.28 -40.18 22.03
C SER D 65 26.06 -39.07 21.35
N SER D 66 25.39 -38.18 20.62
CA SER D 66 26.04 -37.01 20.03
C SER D 66 25.99 -35.79 20.95
N THR D 67 25.34 -35.89 22.11
CA THR D 67 25.25 -34.78 23.05
C THR D 67 25.78 -35.16 24.43
N LEU D 68 26.47 -36.28 24.55
CA LEU D 68 27.04 -36.75 25.83
C LEU D 68 25.95 -36.89 26.89
N GLN D 69 24.79 -37.42 26.50
CA GLN D 69 23.69 -37.65 27.43
C GLN D 69 23.31 -39.11 27.54
N SER D 70 23.93 -39.99 26.75
CA SER D 70 23.73 -41.43 26.81
C SER D 70 24.81 -42.09 25.95
N GLU D 71 25.16 -43.32 26.29
CA GLU D 71 26.22 -44.02 25.59
C GLU D 71 25.81 -45.46 25.30
N GLY D 72 26.44 -46.03 24.27
CA GLY D 72 26.16 -47.40 23.88
C GLY D 72 24.75 -47.56 23.33
N SER D 73 24.22 -48.77 23.50
CA SER D 73 22.84 -49.03 23.11
C SER D 73 21.88 -48.29 24.05
N ASN D 74 20.64 -48.14 23.59
CA ASN D 74 19.63 -47.36 24.29
C ASN D 74 20.08 -45.90 24.45
N SER D 75 20.52 -45.30 23.34
CA SER D 75 21.01 -43.93 23.34
C SER D 75 19.96 -42.93 22.87
N ASP D 76 18.77 -43.38 22.48
CA ASP D 76 17.73 -42.47 22.04
C ASP D 76 17.15 -41.70 23.23
N MET D 77 16.98 -40.38 23.04
CA MET D 77 16.37 -39.52 24.03
C MET D 77 15.09 -38.95 23.45
N TYR D 78 14.25 -38.38 24.32
CA TYR D 78 12.93 -37.88 23.91
C TYR D 78 12.76 -36.43 24.34
N LEU D 79 12.07 -35.67 23.50
CA LEU D 79 11.82 -34.26 23.73
C LEU D 79 10.32 -34.04 23.96
N VAL D 80 9.99 -33.35 25.04
CA VAL D 80 8.60 -33.05 25.40
C VAL D 80 8.44 -31.53 25.45
N PRO D 81 7.63 -30.93 24.58
CA PRO D 81 7.46 -29.48 24.61
C PRO D 81 6.93 -28.98 25.94
N ALA D 82 7.47 -27.84 26.39
CA ALA D 82 7.11 -27.24 27.66
C ALA D 82 6.59 -25.81 27.53
N ALA D 83 7.17 -25.01 26.64
CA ALA D 83 6.76 -23.62 26.45
C ALA D 83 6.99 -23.22 25.00
N MET D 84 6.12 -22.34 24.51
CA MET D 84 6.14 -21.94 23.10
C MET D 84 6.23 -20.43 22.98
N PHE D 85 7.05 -19.96 22.04
CA PHE D 85 7.19 -18.55 21.75
C PHE D 85 7.20 -18.34 20.24
N ARG D 86 6.89 -17.11 19.83
CA ARG D 86 7.04 -16.73 18.43
C ARG D 86 8.50 -16.70 18.03
N ASP D 87 8.77 -17.02 16.77
CA ASP D 87 10.14 -17.09 16.26
C ASP D 87 10.53 -15.73 15.70
N PRO D 88 11.48 -15.01 16.30
CA PRO D 88 11.88 -13.71 15.74
C PRO D 88 12.78 -13.81 14.53
N PHE D 89 13.41 -14.95 14.30
CA PHE D 89 14.31 -15.14 13.17
C PHE D 89 13.59 -15.54 11.89
N ARG D 90 12.42 -16.17 12.01
CA ARG D 90 11.62 -16.53 10.85
C ARG D 90 10.26 -15.85 10.81
N LYS D 91 9.85 -15.18 11.89
CA LYS D 91 8.59 -14.43 11.98
C LYS D 91 7.38 -15.34 11.98
N ASP D 92 6.20 -14.76 12.23
CA ASP D 92 4.96 -15.53 12.24
C ASP D 92 4.74 -16.22 10.90
N PRO D 93 4.14 -17.42 10.90
CA PRO D 93 3.60 -18.17 12.04
C PRO D 93 4.56 -19.19 12.65
N ASN D 94 5.86 -19.06 12.42
CA ASN D 94 6.83 -20.03 12.91
C ASN D 94 7.08 -19.84 14.42
N LYS D 95 7.49 -20.93 15.08
CA LYS D 95 7.52 -20.98 16.53
C LYS D 95 8.86 -21.48 17.06
N LEU D 96 9.19 -21.04 18.28
CA LEU D 96 10.25 -21.63 19.09
C LEU D 96 9.62 -22.49 20.18
N VAL D 97 10.22 -23.65 20.45
CA VAL D 97 9.68 -24.63 21.37
C VAL D 97 10.78 -25.07 22.34
N LEU D 98 10.63 -24.74 23.61
CA LEU D 98 11.52 -25.23 24.65
C LEU D 98 11.00 -26.55 25.19
N CYS D 99 11.89 -27.54 25.32
CA CYS D 99 11.49 -28.91 25.63
C CYS D 99 12.24 -29.44 26.84
N GLU D 100 11.59 -30.39 27.52
CA GLU D 100 12.23 -31.20 28.55
C GLU D 100 12.78 -32.48 27.92
N VAL D 101 13.87 -32.99 28.50
CA VAL D 101 14.59 -34.14 27.96
C VAL D 101 14.34 -35.34 28.86
N PHE D 102 14.00 -36.47 28.25
CA PHE D 102 13.80 -37.74 28.95
C PHE D 102 14.59 -38.83 28.24
N LYS D 103 15.12 -39.76 29.02
CA LYS D 103 15.89 -40.86 28.44
C LYS D 103 14.96 -41.97 27.96
N TYR D 104 15.56 -43.07 27.50
CA TYR D 104 14.81 -44.08 26.77
C TYR D 104 13.72 -44.74 27.62
N ASN D 105 13.90 -44.77 28.94
CA ASN D 105 12.94 -45.37 29.84
C ASN D 105 12.01 -44.34 30.48
N ARG D 106 11.94 -43.14 29.91
CA ARG D 106 11.04 -42.06 30.29
C ARG D 106 11.38 -41.41 31.63
N ARG D 107 12.50 -41.79 32.25
CA ARG D 107 12.97 -41.04 33.40
C ARG D 107 13.60 -39.71 32.94
N PRO D 108 13.48 -38.66 33.74
CA PRO D 108 14.12 -37.39 33.39
C PRO D 108 15.63 -37.54 33.29
N ALA D 109 16.22 -36.79 32.36
CA ALA D 109 17.67 -36.81 32.17
C ALA D 109 18.37 -36.16 33.35
N GLU D 110 19.69 -36.37 33.41
CA GLU D 110 20.48 -35.86 34.52
C GLU D 110 20.42 -34.34 34.59
N THR D 111 20.48 -33.67 33.44
CA THR D 111 20.43 -32.21 33.40
C THR D 111 19.03 -31.66 33.24
N ASN D 112 18.00 -32.51 33.31
CA ASN D 112 16.61 -32.05 33.28
C ASN D 112 16.23 -31.68 34.71
N LEU D 113 16.38 -30.40 35.06
CA LEU D 113 16.04 -29.91 36.37
C LEU D 113 14.67 -29.25 36.44
N ARG D 114 14.02 -29.03 35.29
CA ARG D 114 12.70 -28.43 35.29
C ARG D 114 11.65 -29.37 35.89
N HIS D 115 11.85 -30.69 35.73
CA HIS D 115 10.84 -31.64 36.19
C HIS D 115 10.61 -31.55 37.69
N THR D 116 11.68 -31.47 38.47
CA THR D 116 11.53 -31.34 39.92
C THR D 116 11.15 -29.92 40.31
N CYS D 117 11.69 -28.92 39.62
CA CYS D 117 11.39 -27.53 39.94
C CYS D 117 9.90 -27.23 39.75
N LYS D 118 9.28 -27.80 38.71
CA LYS D 118 7.88 -27.54 38.45
C LYS D 118 6.98 -28.06 39.57
N ARG D 119 7.29 -29.25 40.10
CA ARG D 119 6.46 -29.81 41.16
C ARG D 119 6.59 -29.01 42.45
N ILE D 120 7.78 -28.48 42.73
CA ILE D 120 7.96 -27.63 43.91
C ILE D 120 7.14 -26.36 43.79
N MET D 121 7.12 -25.76 42.60
CA MET D 121 6.37 -24.52 42.41
C MET D 121 4.87 -24.76 42.54
N ASP D 122 4.42 -25.97 42.22
CA ASP D 122 2.99 -26.28 42.37
C ASP D 122 2.59 -26.42 43.83
N MET D 123 3.56 -26.67 44.71
CA MET D 123 3.27 -26.82 46.13
C MET D 123 3.11 -25.48 46.84
N VAL D 124 3.54 -24.38 46.23
CA VAL D 124 3.45 -23.05 46.81
C VAL D 124 2.68 -22.09 45.90
N SER D 125 1.79 -22.59 45.05
CA SER D 125 1.11 -21.81 44.03
C SER D 125 0.31 -20.65 44.62
N ASN D 126 -0.24 -20.85 45.82
CA ASN D 126 -1.09 -19.82 46.42
C ASN D 126 -0.30 -18.64 46.97
N GLN D 127 1.01 -18.78 47.13
CA GLN D 127 1.83 -17.68 47.61
C GLN D 127 2.38 -16.82 46.48
N HIS D 128 2.20 -17.24 45.22
CA HIS D 128 2.56 -16.47 44.03
C HIS D 128 3.99 -15.94 44.07
N PRO D 129 5.00 -16.80 44.03
CA PRO D 129 6.39 -16.31 44.04
C PRO D 129 6.73 -15.63 42.72
N TRP D 130 7.33 -14.45 42.81
CA TRP D 130 7.82 -13.71 41.66
C TRP D 130 9.35 -13.73 41.66
N PHE D 131 9.94 -13.91 40.48
CA PHE D 131 11.38 -13.91 40.32
C PHE D 131 11.80 -12.89 39.27
N GLY D 132 12.96 -12.28 39.49
CA GLY D 132 13.57 -11.40 38.52
C GLY D 132 15.08 -11.59 38.47
N MET D 133 15.63 -11.86 37.30
CA MET D 133 17.03 -12.24 37.16
C MET D 133 17.75 -11.27 36.24
N GLU D 134 18.97 -10.89 36.62
CA GLU D 134 19.80 -9.96 35.85
C GLU D 134 20.96 -10.73 35.25
N GLN D 135 20.89 -10.98 33.94
CA GLN D 135 21.88 -11.81 33.25
C GLN D 135 22.98 -10.92 32.68
N GLU D 136 24.21 -11.12 33.16
CA GLU D 136 25.38 -10.44 32.63
C GLU D 136 26.12 -11.36 31.66
N TYR D 137 26.74 -10.76 30.64
CA TYR D 137 27.48 -11.51 29.64
C TYR D 137 28.53 -10.61 29.01
N THR D 138 29.52 -11.23 28.36
CA THR D 138 30.58 -10.53 27.66
C THR D 138 30.60 -10.99 26.20
N LEU D 139 30.70 -10.02 25.29
CA LEU D 139 30.84 -10.32 23.87
C LEU D 139 32.31 -10.56 23.54
N MET D 140 32.57 -11.62 22.77
CA MET D 140 33.93 -12.03 22.45
C MET D 140 34.09 -12.25 20.95
N GLY D 141 35.29 -11.96 20.46
CA GLY D 141 35.65 -12.35 19.11
C GLY D 141 35.95 -13.82 19.00
N THR D 142 35.98 -14.31 17.76
CA THR D 142 36.28 -15.72 17.52
C THR D 142 37.70 -16.09 17.91
N ASP D 143 38.57 -15.12 18.15
CA ASP D 143 39.95 -15.37 18.54
C ASP D 143 40.11 -15.54 20.05
N GLY D 144 39.04 -15.48 20.83
CA GLY D 144 39.10 -15.65 22.26
C GLY D 144 39.39 -14.39 23.06
N HIS D 145 39.38 -13.23 22.43
CA HIS D 145 39.59 -11.93 23.04
C HIS D 145 38.30 -11.12 23.03
N PRO D 146 38.08 -10.25 24.02
CA PRO D 146 36.83 -9.47 24.04
C PRO D 146 36.69 -8.59 22.81
N PHE D 147 35.45 -8.51 22.31
CA PHE D 147 35.19 -7.83 21.05
C PHE D 147 35.48 -6.34 21.17
N GLY D 148 36.19 -5.80 20.18
CA GLY D 148 36.54 -4.40 20.16
C GLY D 148 37.73 -4.02 21.03
N TRP D 149 38.34 -4.97 21.72
CA TRP D 149 39.53 -4.70 22.50
C TRP D 149 40.75 -4.63 21.59
N PRO D 150 41.78 -3.87 21.99
CA PRO D 150 43.00 -3.81 21.17
C PRO D 150 43.65 -5.19 21.05
N SER D 151 44.23 -5.45 19.88
CA SER D 151 44.87 -6.73 19.64
C SER D 151 46.03 -6.94 20.61
N ASN D 152 45.98 -8.06 21.34
CA ASN D 152 47.01 -8.41 22.32
C ASN D 152 47.21 -7.31 23.36
N GLY D 153 46.14 -6.61 23.72
CA GLY D 153 46.26 -5.48 24.63
C GLY D 153 44.97 -5.21 25.37
N PHE D 154 44.94 -4.07 26.03
CA PHE D 154 43.83 -3.70 26.90
C PHE D 154 43.34 -2.30 26.57
N PRO D 155 42.06 -2.02 26.82
CA PRO D 155 41.58 -0.64 26.71
C PRO D 155 41.95 0.18 27.93
N GLY D 156 41.44 1.40 28.02
CA GLY D 156 41.70 2.26 29.17
C GLY D 156 41.09 1.70 30.44
N PRO D 157 41.47 2.27 31.58
CA PRO D 157 40.96 1.76 32.87
C PRO D 157 39.46 1.94 32.99
N GLN D 158 38.86 1.07 33.81
CA GLN D 158 37.42 1.08 34.01
C GLN D 158 36.96 2.40 34.61
N GLY D 159 35.67 2.68 34.45
CA GLY D 159 35.07 3.88 34.98
C GLY D 159 34.19 4.67 34.00
N PRO D 160 34.62 4.82 32.75
CA PRO D 160 33.76 5.47 31.75
C PRO D 160 32.85 4.55 30.96
N TYR D 161 32.91 3.23 31.17
CA TYR D 161 32.16 2.29 30.34
C TYR D 161 30.79 1.97 30.88
N TYR D 162 30.58 2.08 32.19
CA TYR D 162 29.30 1.76 32.78
C TYR D 162 28.22 2.71 32.28
N CYS D 163 27.16 2.15 31.67
CA CYS D 163 26.07 2.92 31.09
C CYS D 163 26.58 3.98 30.11
N GLY D 164 27.65 3.63 29.37
CA GLY D 164 28.30 4.59 28.52
C GLY D 164 27.67 4.74 27.14
N VAL D 165 27.98 5.85 26.49
CA VAL D 165 27.54 6.12 25.13
C VAL D 165 28.71 6.70 24.34
N GLY D 166 28.83 6.29 23.08
CA GLY D 166 29.91 6.76 22.25
C GLY D 166 30.80 5.66 21.69
N ALA D 167 31.50 5.95 20.60
CA ALA D 167 32.31 4.94 19.92
C ALA D 167 33.42 4.41 20.81
N ASP D 168 33.96 5.24 21.69
CA ASP D 168 35.06 4.84 22.56
C ASP D 168 34.60 4.36 23.93
N ARG D 169 33.30 4.14 24.13
CA ARG D 169 32.80 3.80 25.45
C ARG D 169 31.97 2.52 25.46
N ALA D 170 31.22 2.27 24.39
CA ALA D 170 30.32 1.12 24.32
C ALA D 170 30.62 0.30 23.08
N TYR D 171 30.89 -0.98 23.25
CA TYR D 171 31.21 -1.90 22.16
C TYR D 171 30.06 -2.89 21.96
N GLY D 172 29.59 -3.00 20.73
CA GLY D 172 28.63 -4.03 20.39
C GLY D 172 27.17 -3.73 20.68
N ARG D 173 26.78 -2.45 20.69
CA ARG D 173 25.38 -2.10 20.96
C ARG D 173 24.44 -2.64 19.89
N ASP D 174 24.92 -2.94 18.69
CA ASP D 174 24.06 -3.51 17.65
C ASP D 174 23.47 -4.85 18.09
N ILE D 175 24.28 -5.68 18.73
CA ILE D 175 23.78 -6.95 19.26
C ILE D 175 22.73 -6.70 20.35
N VAL D 176 23.00 -5.75 21.24
CA VAL D 176 22.11 -5.48 22.36
C VAL D 176 20.75 -4.99 21.85
N GLU D 177 20.76 -4.06 20.90
CA GLU D 177 19.50 -3.54 20.35
C GLU D 177 18.74 -4.63 19.61
N ALA D 178 19.44 -5.44 18.82
CA ALA D 178 18.77 -6.53 18.09
C ALA D 178 18.20 -7.57 19.06
N HIS D 179 18.95 -7.90 20.11
CA HIS D 179 18.46 -8.88 21.08
C HIS D 179 17.22 -8.37 21.81
N TYR D 180 17.21 -7.09 22.16
CA TYR D 180 16.06 -6.51 22.86
C TYR D 180 14.79 -6.63 22.02
N ARG D 181 14.86 -6.25 20.74
CA ARG D 181 13.67 -6.26 19.89
C ARG D 181 13.21 -7.70 19.63
N ALA D 182 14.15 -8.63 19.43
CA ALA D 182 13.78 -10.02 19.18
C ALA D 182 13.05 -10.62 20.37
N CYS D 183 13.51 -10.32 21.59
CA CYS D 183 12.84 -10.84 22.78
C CYS D 183 11.43 -10.30 22.91
N LEU D 184 11.23 -9.00 22.63
CA LEU D 184 9.89 -8.43 22.68
C LEU D 184 8.97 -9.07 21.66
N TYR D 185 9.47 -9.32 20.45
CA TYR D 185 8.67 -10.00 19.43
C TYR D 185 8.31 -11.42 19.84
N ALA D 186 9.28 -12.16 20.39
CA ALA D 186 9.06 -13.56 20.74
C ALA D 186 8.07 -13.71 21.88
N GLY D 187 7.95 -12.71 22.74
CA GLY D 187 7.12 -12.80 23.93
C GLY D 187 7.88 -13.00 25.23
N VAL D 188 9.20 -12.83 25.22
CA VAL D 188 10.00 -12.94 26.43
C VAL D 188 9.86 -11.67 27.25
N LYS D 189 9.68 -11.81 28.56
CA LYS D 189 9.46 -10.67 29.45
C LYS D 189 10.78 -10.00 29.80
N ILE D 190 11.37 -9.34 28.79
CA ILE D 190 12.59 -8.58 28.99
C ILE D 190 12.23 -7.23 29.59
N ALA D 191 12.93 -6.86 30.68
CA ALA D 191 12.59 -5.67 31.45
C ALA D 191 13.54 -4.50 31.24
N GLY D 192 14.71 -4.72 30.66
CA GLY D 192 15.63 -3.63 30.40
C GLY D 192 17.05 -4.13 30.19
N THR D 193 17.90 -3.19 29.78
CA THR D 193 19.31 -3.49 29.50
C THR D 193 20.17 -2.30 29.92
N ASN D 194 21.45 -2.57 30.16
CA ASN D 194 22.42 -1.51 30.38
C ASN D 194 23.82 -2.03 30.09
N ALA D 195 24.72 -1.12 29.76
CA ALA D 195 26.14 -1.43 29.62
C ALA D 195 26.79 -1.56 31.00
N GLU D 196 27.81 -2.40 31.08
CA GLU D 196 28.43 -2.76 32.34
C GLU D 196 29.78 -2.09 32.51
N VAL D 197 30.41 -2.36 33.65
CA VAL D 197 31.66 -1.69 34.03
C VAL D 197 32.77 -2.04 33.03
N MET D 198 32.83 -3.28 32.60
CA MET D 198 33.83 -3.70 31.63
C MET D 198 33.36 -3.35 30.22
N PRO D 199 34.22 -2.80 29.38
CA PRO D 199 33.83 -2.61 27.97
C PRO D 199 33.58 -3.94 27.29
N ALA D 200 32.58 -3.96 26.42
CA ALA D 200 32.02 -5.14 25.75
C ALA D 200 31.25 -6.04 26.71
N GLN D 201 31.00 -5.61 27.94
CA GLN D 201 30.19 -6.34 28.90
C GLN D 201 28.81 -5.69 28.99
N TRP D 202 27.77 -6.52 29.06
CA TRP D 202 26.39 -6.03 29.03
C TRP D 202 25.54 -6.82 30.00
N GLU D 203 24.30 -6.36 30.18
CA GLU D 203 23.35 -6.98 31.08
C GLU D 203 21.94 -6.77 30.56
N PHE D 204 21.10 -7.79 30.67
CA PHE D 204 19.67 -7.65 30.41
C PHE D 204 18.89 -8.29 31.56
N GLN D 205 17.74 -7.71 31.87
CA GLN D 205 16.90 -8.14 32.99
C GLN D 205 15.65 -8.84 32.46
N ILE D 206 15.29 -9.95 33.11
CA ILE D 206 14.10 -10.72 32.76
C ILE D 206 13.20 -10.77 33.99
N GLY D 207 11.92 -10.44 33.81
CA GLY D 207 10.96 -10.55 34.88
C GLY D 207 10.10 -9.30 35.03
N PRO D 208 9.28 -9.24 36.09
CA PRO D 208 9.08 -10.28 37.12
C PRO D 208 8.25 -11.44 36.59
N CYS D 209 8.69 -12.68 36.84
CA CYS D 209 8.03 -13.88 36.32
C CYS D 209 7.52 -14.73 37.47
N GLU D 210 6.33 -15.30 37.30
CA GLU D 210 5.70 -16.10 38.34
C GLU D 210 6.06 -17.58 38.15
N GLY D 211 6.58 -18.19 39.21
CA GLY D 211 6.73 -19.64 39.26
C GLY D 211 7.73 -20.18 38.27
N ILE D 212 7.32 -21.24 37.56
CA ILE D 212 8.21 -21.97 36.67
C ILE D 212 8.52 -21.17 35.41
N SER D 213 7.73 -20.13 35.13
CA SER D 213 7.92 -19.38 33.90
C SER D 213 9.23 -18.59 33.90
N MET D 214 9.82 -18.37 35.08
CA MET D 214 11.09 -17.65 35.13
C MET D 214 12.20 -18.44 34.44
N GLY D 215 12.25 -19.75 34.68
CA GLY D 215 13.27 -20.57 34.03
C GLY D 215 13.09 -20.65 32.52
N ASP D 216 11.84 -20.80 32.08
CA ASP D 216 11.56 -20.87 30.65
C ASP D 216 11.93 -19.58 29.93
N HIS D 217 11.63 -18.43 30.53
CA HIS D 217 11.89 -17.16 29.87
C HIS D 217 13.39 -16.86 29.78
N LEU D 218 14.14 -17.18 30.82
CA LEU D 218 15.57 -16.88 30.82
C LEU D 218 16.33 -17.80 29.85
N TRP D 219 15.95 -19.07 29.80
CA TRP D 219 16.62 -20.00 28.89
C TRP D 219 16.37 -19.62 27.43
N VAL D 220 15.14 -19.23 27.11
CA VAL D 220 14.82 -18.82 25.74
C VAL D 220 15.53 -17.51 25.40
N ALA D 221 15.63 -16.59 26.37
CA ALA D 221 16.38 -15.37 26.15
C ALA D 221 17.86 -15.67 25.88
N ARG D 222 18.41 -16.68 26.57
CA ARG D 222 19.79 -17.09 26.33
C ARG D 222 19.96 -17.62 24.92
N PHE D 223 19.01 -18.46 24.46
CA PHE D 223 19.06 -18.99 23.11
C PHE D 223 18.99 -17.87 22.08
N ILE D 224 18.09 -16.91 22.30
CA ILE D 224 17.94 -15.81 21.34
C ILE D 224 19.21 -15.00 21.27
N LEU D 225 19.88 -14.79 22.42
CA LEU D 225 21.14 -14.06 22.42
C LEU D 225 22.22 -14.79 21.65
N HIS D 226 22.33 -16.10 21.84
CA HIS D 226 23.32 -16.90 21.11
C HIS D 226 23.06 -16.85 19.62
N ARG D 227 21.79 -16.96 19.22
CA ARG D 227 21.44 -17.00 17.80
C ARG D 227 21.64 -15.64 17.14
N VAL D 228 21.34 -14.55 17.85
CA VAL D 228 21.60 -13.22 17.32
C VAL D 228 23.10 -12.98 17.13
N CYS D 229 23.90 -13.38 18.13
CA CYS D 229 25.35 -13.20 18.02
C CYS D 229 25.93 -14.02 16.89
N GLU D 230 25.33 -15.16 16.60
CA GLU D 230 25.76 -15.98 15.46
C GLU D 230 25.60 -15.22 14.15
N ASP D 231 24.53 -14.43 14.02
CA ASP D 231 24.34 -13.63 12.81
C ASP D 231 25.45 -12.62 12.61
N PHE D 232 25.87 -11.92 13.68
CA PHE D 232 26.94 -10.95 13.60
C PHE D 232 28.32 -11.57 13.61
N GLY D 233 28.44 -12.85 13.94
CA GLY D 233 29.73 -13.52 13.96
C GLY D 233 30.53 -13.39 15.23
N VAL D 234 29.89 -13.12 16.37
CA VAL D 234 30.59 -12.98 17.64
C VAL D 234 30.04 -14.01 18.61
N ILE D 235 30.77 -14.20 19.72
CA ILE D 235 30.43 -15.17 20.75
C ILE D 235 30.03 -14.43 22.01
N ALA D 236 28.93 -14.84 22.61
CA ALA D 236 28.51 -14.37 23.92
C ALA D 236 28.84 -15.43 24.97
N THR D 237 29.57 -15.03 26.00
CA THR D 237 29.99 -15.95 27.05
C THR D 237 29.39 -15.55 28.39
N PHE D 238 28.96 -16.55 29.16
CA PHE D 238 28.43 -16.37 30.50
C PHE D 238 29.43 -16.77 31.58
N ASP D 239 30.72 -16.84 31.25
CA ASP D 239 31.73 -17.22 32.22
C ASP D 239 31.81 -16.18 33.33
N PRO D 240 31.85 -16.59 34.61
CA PRO D 240 31.85 -15.60 35.70
C PRO D 240 33.02 -14.64 35.69
N LYS D 241 34.20 -15.07 35.26
CA LYS D 241 35.40 -14.23 35.24
C LYS D 241 36.10 -14.39 33.89
N PRO D 242 35.57 -13.75 32.84
CA PRO D 242 36.18 -13.92 31.51
C PRO D 242 37.62 -13.42 31.40
N ILE D 243 37.96 -12.34 32.10
CA ILE D 243 39.28 -11.73 32.01
C ILE D 243 39.88 -11.68 33.42
N PRO D 244 41.07 -12.25 33.63
CA PRO D 244 41.66 -12.24 34.97
C PRO D 244 42.14 -10.85 35.36
N GLY D 245 42.22 -10.63 36.67
CA GLY D 245 42.79 -9.41 37.19
C GLY D 245 41.79 -8.34 37.58
N ASN D 246 42.10 -7.09 37.24
CA ASN D 246 41.30 -5.94 37.65
C ASN D 246 40.22 -5.60 36.62
N TRP D 247 39.40 -6.59 36.27
CA TRP D 247 38.30 -6.40 35.34
C TRP D 247 37.04 -7.03 35.91
N ASN D 248 35.90 -6.39 35.66
CA ASN D 248 34.64 -6.80 36.27
C ASN D 248 34.26 -8.22 35.89
N GLY D 249 33.67 -8.94 36.85
CA GLY D 249 33.15 -10.26 36.60
C GLY D 249 31.70 -10.23 36.16
N ALA D 250 31.12 -11.42 36.01
CA ALA D 250 29.76 -11.59 35.53
C ALA D 250 28.96 -12.45 36.49
N GLY D 251 27.82 -11.93 36.96
CA GLY D 251 26.94 -12.67 37.83
C GLY D 251 25.51 -12.67 37.29
N CYS D 252 24.63 -13.34 38.04
CA CYS D 252 23.21 -13.40 37.72
C CYS D 252 22.43 -13.16 39.01
N HIS D 253 22.18 -11.89 39.32
CA HIS D 253 21.42 -11.53 40.52
C HIS D 253 19.97 -11.95 40.38
N THR D 254 19.42 -12.49 41.46
CA THR D 254 18.05 -13.02 41.46
C THR D 254 17.23 -12.27 42.50
N ASN D 255 16.14 -11.66 42.06
CA ASN D 255 15.21 -10.95 42.94
C ASN D 255 14.01 -11.84 43.22
N PHE D 256 13.58 -11.85 44.49
CA PHE D 256 12.55 -12.77 44.95
C PHE D 256 11.51 -12.05 45.78
N SER D 257 10.24 -12.41 45.59
CA SER D 257 9.15 -11.85 46.37
C SER D 257 7.96 -12.80 46.36
N THR D 258 7.19 -12.76 47.45
CA THR D 258 5.93 -13.47 47.57
C THR D 258 4.79 -12.48 47.69
N LYS D 259 3.56 -13.01 47.65
CA LYS D 259 2.39 -12.15 47.78
C LYS D 259 2.37 -11.43 49.12
N ALA D 260 2.73 -12.14 50.20
CA ALA D 260 2.81 -11.51 51.51
C ALA D 260 3.88 -10.43 51.55
N MET D 261 5.01 -10.67 50.89
CA MET D 261 6.08 -9.68 50.88
C MET D 261 5.67 -8.39 50.17
N ARG D 262 4.81 -8.50 49.16
CA ARG D 262 4.42 -7.34 48.35
C ARG D 262 3.32 -6.51 48.99
N GLU D 263 2.65 -7.02 50.02
CA GLU D 263 1.62 -6.25 50.70
C GLU D 263 2.22 -5.34 51.76
N GLU D 264 1.39 -4.47 52.32
CA GLU D 264 1.84 -3.51 53.31
C GLU D 264 2.42 -4.23 54.53
N ASN D 265 3.51 -3.66 55.07
CA ASN D 265 4.27 -4.27 56.16
C ASN D 265 4.82 -5.62 55.76
N GLY D 266 5.11 -5.81 54.47
CA GLY D 266 5.71 -7.03 53.99
C GLY D 266 7.19 -7.17 54.28
N LEU D 267 7.82 -6.12 54.80
CA LEU D 267 9.22 -6.19 55.17
C LEU D 267 9.46 -7.22 56.27
N LYS D 268 8.43 -7.51 57.08
CA LYS D 268 8.56 -8.52 58.11
C LYS D 268 8.83 -9.90 57.51
N TYR D 269 8.12 -10.25 56.44
CA TYR D 269 8.34 -11.55 55.81
C TYR D 269 9.63 -11.57 54.99
N ILE D 270 10.09 -10.41 54.54
CA ILE D 270 11.39 -10.33 53.86
C ILE D 270 12.51 -10.67 54.84
N GLU D 271 12.44 -10.12 56.05
CA GLU D 271 13.46 -10.39 57.06
C GLU D 271 13.43 -11.85 57.51
N GLU D 272 12.25 -12.45 57.54
CA GLU D 272 12.14 -13.86 57.92
C GLU D 272 12.85 -14.75 56.90
N ALA D 273 12.65 -14.49 55.61
CA ALA D 273 13.29 -15.31 54.58
C ALA D 273 14.80 -15.15 54.60
N ILE D 274 15.29 -13.92 54.83
CA ILE D 274 16.72 -13.69 54.89
C ILE D 274 17.33 -14.41 56.09
N GLU D 275 16.60 -14.46 57.19
CA GLU D 275 17.07 -15.18 58.38
C GLU D 275 17.25 -16.66 58.07
N LYS D 276 16.29 -17.26 57.35
CA LYS D 276 16.40 -18.65 56.96
C LYS D 276 17.55 -18.87 55.99
N LEU D 277 17.78 -17.92 55.08
CA LEU D 277 18.87 -18.05 54.12
C LEU D 277 20.24 -18.03 54.80
N SER D 278 20.36 -17.31 55.92
CA SER D 278 21.65 -17.19 56.60
C SER D 278 22.17 -18.54 57.08
N LYS D 279 21.30 -19.52 57.31
CA LYS D 279 21.69 -20.80 57.86
C LYS D 279 22.06 -21.83 56.81
N ARG D 280 21.93 -21.51 55.52
CA ARG D 280 22.11 -22.48 54.44
C ARG D 280 23.00 -21.91 53.35
N HIS D 281 24.07 -21.23 53.74
CA HIS D 281 24.96 -20.58 52.77
C HIS D 281 25.63 -21.61 51.86
N GLN D 282 26.15 -22.69 52.44
CA GLN D 282 26.85 -23.69 51.63
C GLN D 282 25.90 -24.40 50.68
N TYR D 283 24.67 -24.67 51.11
CA TYR D 283 23.70 -25.34 50.25
C TYR D 283 23.38 -24.50 49.03
N HIS D 284 23.25 -23.18 49.19
CA HIS D 284 22.93 -22.33 48.05
C HIS D 284 24.14 -22.11 47.14
N ILE D 285 25.34 -22.10 47.70
CA ILE D 285 26.55 -21.96 46.88
C ILE D 285 26.65 -23.13 45.91
N ARG D 286 26.41 -24.35 46.41
CA ARG D 286 26.47 -25.53 45.55
C ARG D 286 25.40 -25.49 44.47
N ALA D 287 24.19 -25.01 44.82
CA ALA D 287 23.09 -25.00 43.86
C ALA D 287 23.17 -23.85 42.87
N TYR D 288 24.00 -22.84 43.12
CA TYR D 288 24.11 -21.68 42.25
C TYR D 288 25.20 -21.82 41.20
N ASP D 289 25.61 -23.05 40.90
CA ASP D 289 26.70 -23.26 39.97
C ASP D 289 26.56 -24.64 39.33
N PRO D 290 26.85 -24.76 38.02
CA PRO D 290 26.85 -26.10 37.40
C PRO D 290 28.02 -26.96 37.81
N LYS D 291 29.04 -26.40 38.47
CA LYS D 291 30.19 -27.15 38.94
C LYS D 291 30.22 -27.27 40.46
N GLY D 292 29.16 -26.82 41.14
CA GLY D 292 29.10 -26.91 42.59
C GLY D 292 29.76 -25.77 43.34
N GLY D 293 30.21 -24.73 42.64
CA GLY D 293 30.78 -23.57 43.32
C GLY D 293 32.15 -23.18 42.84
N LEU D 294 32.79 -24.03 42.04
CA LEU D 294 34.14 -23.75 41.57
C LEU D 294 34.18 -22.53 40.66
N ASP D 295 33.19 -22.40 39.76
CA ASP D 295 33.17 -21.26 38.85
C ASP D 295 33.02 -19.95 39.60
N ASN D 296 32.11 -19.89 40.58
CA ASN D 296 31.86 -18.67 41.32
C ASN D 296 33.03 -18.25 42.21
N ALA D 297 33.96 -19.17 42.49
CA ALA D 297 35.11 -18.81 43.32
C ALA D 297 36.02 -17.81 42.63
N ARG D 298 36.15 -17.91 41.30
CA ARG D 298 36.98 -16.95 40.56
C ARG D 298 36.38 -15.55 40.54
N ARG D 299 35.10 -15.41 40.89
CA ARG D 299 34.41 -14.13 40.86
C ARG D 299 34.20 -13.54 42.26
N LEU D 300 33.71 -14.34 43.20
CA LEU D 300 33.33 -13.85 44.52
C LEU D 300 34.55 -13.92 45.45
N THR D 301 35.41 -12.92 45.31
CA THR D 301 36.59 -12.78 46.15
C THR D 301 36.52 -11.61 47.12
N GLY D 302 35.40 -10.89 47.14
CA GLY D 302 35.23 -9.76 48.03
C GLY D 302 35.74 -8.44 47.49
N PHE D 303 36.06 -8.36 46.21
CA PHE D 303 36.53 -7.13 45.57
C PHE D 303 35.66 -6.79 44.38
N HIS D 304 35.75 -5.53 43.95
CA HIS D 304 34.98 -5.01 42.82
C HIS D 304 33.48 -5.18 43.05
N GLU D 305 33.02 -4.70 44.21
CA GLU D 305 31.61 -4.70 44.59
C GLU D 305 31.03 -6.12 44.55
N THR D 306 31.76 -7.06 45.15
CA THR D 306 31.32 -8.44 45.25
C THR D 306 31.43 -8.92 46.68
N SER D 307 30.64 -9.94 47.00
CA SER D 307 30.68 -10.55 48.32
C SER D 307 31.69 -11.69 48.37
N ASN D 308 32.08 -12.07 49.58
CA ASN D 308 33.00 -13.18 49.78
C ASN D 308 32.29 -14.51 49.53
N ILE D 309 33.01 -15.46 48.94
CA ILE D 309 32.41 -16.74 48.56
C ILE D 309 32.00 -17.54 49.79
N ASN D 310 32.82 -17.50 50.85
CA ASN D 310 32.60 -18.36 52.01
C ASN D 310 31.97 -17.63 53.19
N ASP D 311 31.54 -16.38 53.01
CA ASP D 311 30.93 -15.60 54.07
C ASP D 311 29.54 -15.14 53.65
N PHE D 312 28.59 -15.18 54.58
CA PHE D 312 27.24 -14.70 54.35
C PHE D 312 27.06 -13.35 55.05
N SER D 313 26.49 -12.39 54.32
CA SER D 313 26.17 -11.09 54.88
C SER D 313 24.89 -10.58 54.24
N ALA D 314 24.19 -9.71 54.97
CA ALA D 314 22.95 -9.12 54.49
C ALA D 314 22.79 -7.74 55.09
N GLY D 315 22.16 -6.84 54.35
CA GLY D 315 21.95 -5.50 54.82
C GLY D 315 21.09 -4.71 53.86
N VAL D 316 20.61 -3.57 54.35
CA VAL D 316 19.81 -2.67 53.54
C VAL D 316 20.73 -1.75 52.75
N ALA D 317 20.50 -1.69 51.43
CA ALA D 317 21.26 -0.82 50.52
C ALA D 317 22.75 -1.17 50.51
N ASN D 318 23.09 -2.43 50.77
CA ASN D 318 24.48 -2.89 50.76
C ASN D 318 24.72 -3.71 49.50
N ARG D 319 25.54 -3.17 48.60
CA ARG D 319 25.88 -3.86 47.36
C ARG D 319 27.08 -4.77 47.49
N SER D 320 27.76 -4.77 48.64
CA SER D 320 28.85 -5.70 48.90
C SER D 320 28.40 -6.95 49.65
N ALA D 321 27.16 -6.98 50.11
CA ALA D 321 26.66 -8.13 50.85
C ALA D 321 26.10 -9.19 49.91
N SER D 322 25.90 -10.39 50.44
CA SER D 322 25.33 -11.47 49.64
C SER D 322 23.85 -11.24 49.36
N ILE D 323 23.14 -10.62 50.30
CA ILE D 323 21.73 -10.28 50.15
C ILE D 323 21.56 -8.79 50.35
N ARG D 324 20.87 -8.13 49.42
CA ARG D 324 20.67 -6.70 49.46
C ARG D 324 19.17 -6.38 49.50
N ILE D 325 18.78 -5.53 50.44
CA ILE D 325 17.43 -4.99 50.51
C ILE D 325 17.47 -3.58 49.92
N PRO D 326 16.75 -3.31 48.82
CA PRO D 326 16.78 -1.96 48.25
C PRO D 326 16.26 -0.92 49.24
N ARG D 327 16.85 0.27 49.17
CA ARG D 327 16.49 1.33 50.11
C ARG D 327 15.03 1.72 49.96
N THR D 328 14.51 1.76 48.73
CA THR D 328 13.09 2.05 48.53
C THR D 328 12.22 1.00 49.19
N VAL D 329 12.60 -0.28 49.09
CA VAL D 329 11.83 -1.35 49.72
C VAL D 329 11.83 -1.17 51.24
N GLY D 330 12.99 -0.86 51.81
CA GLY D 330 13.06 -0.66 53.25
C GLY D 330 12.26 0.54 53.72
N GLN D 331 12.20 1.60 52.90
CA GLN D 331 11.45 2.79 53.28
C GLN D 331 9.95 2.54 53.21
N GLU D 332 9.48 1.85 52.17
CA GLU D 332 8.06 1.57 52.00
C GLU D 332 7.60 0.36 52.79
N LYS D 333 8.52 -0.36 53.44
CA LYS D 333 8.20 -1.53 54.28
C LYS D 333 7.55 -2.65 53.48
N LYS D 334 7.84 -2.73 52.18
CA LYS D 334 7.31 -3.81 51.35
C LYS D 334 8.13 -3.90 50.07
N GLY D 335 7.97 -5.01 49.36
CA GLY D 335 8.64 -5.20 48.10
C GLY D 335 9.30 -6.56 47.91
N TYR D 336 10.61 -6.56 47.72
CA TYR D 336 11.36 -7.76 47.37
C TYR D 336 12.76 -7.66 47.97
N PHE D 337 13.60 -8.63 47.65
CA PHE D 337 15.00 -8.60 48.03
C PHE D 337 15.83 -9.32 46.96
N GLU D 338 17.13 -9.03 46.96
CA GLU D 338 18.03 -9.45 45.89
C GLU D 338 19.10 -10.39 46.43
N ASP D 339 19.25 -11.54 45.78
CA ASP D 339 20.32 -12.48 46.06
C ASP D 339 21.42 -12.29 45.03
N ARG D 340 22.60 -11.87 45.48
CA ARG D 340 23.69 -11.48 44.58
C ARG D 340 24.75 -12.56 44.42
N ARG D 341 24.53 -13.75 44.97
CA ARG D 341 25.47 -14.86 44.92
C ARG D 341 25.50 -15.66 43.62
N PRO D 342 24.38 -15.90 42.92
CA PRO D 342 24.42 -16.77 41.74
C PRO D 342 25.38 -16.25 40.66
N SER D 343 26.06 -17.19 40.02
CA SER D 343 26.99 -16.91 38.92
C SER D 343 26.22 -16.71 37.61
N ALA D 344 26.92 -16.12 36.63
CA ALA D 344 26.30 -15.81 35.35
C ALA D 344 25.92 -17.04 34.55
N ASN D 345 26.53 -18.19 34.82
CA ASN D 345 26.23 -19.43 34.10
C ASN D 345 25.35 -20.37 34.89
N CYS D 346 24.59 -19.85 35.85
CA CYS D 346 23.71 -20.68 36.67
C CYS D 346 22.53 -21.20 35.85
N ASP D 347 22.00 -22.34 36.29
CA ASP D 347 20.74 -22.85 35.77
C ASP D 347 19.59 -22.21 36.53
N PRO D 348 18.69 -21.47 35.87
CA PRO D 348 17.61 -20.81 36.60
C PRO D 348 16.68 -21.76 37.36
N PHE D 349 16.49 -22.98 36.85
CA PHE D 349 15.64 -23.93 37.58
C PHE D 349 16.26 -24.32 38.91
N SER D 350 17.59 -24.46 38.96
CA SER D 350 18.26 -24.76 40.23
C SER D 350 18.12 -23.61 41.21
N VAL D 351 18.29 -22.38 40.73
CA VAL D 351 18.30 -21.22 41.62
C VAL D 351 16.93 -21.00 42.23
N THR D 352 15.89 -21.02 41.40
CA THR D 352 14.53 -20.76 41.89
C THR D 352 14.06 -21.86 42.84
N GLU D 353 14.39 -23.12 42.53
CA GLU D 353 13.97 -24.23 43.38
C GLU D 353 14.58 -24.13 44.78
N ALA D 354 15.85 -23.73 44.86
CA ALA D 354 16.51 -23.62 46.15
C ALA D 354 15.87 -22.53 47.00
N LEU D 355 15.50 -21.41 46.38
CA LEU D 355 14.91 -20.30 47.13
C LEU D 355 13.57 -20.71 47.72
N ILE D 356 12.75 -21.44 46.96
CA ILE D 356 11.46 -21.90 47.46
C ILE D 356 11.64 -22.89 48.61
N ARG D 357 12.58 -23.82 48.45
CA ARG D 357 12.79 -24.85 49.47
C ARG D 357 13.21 -24.25 50.80
N THR D 358 14.16 -23.30 50.78
CA THR D 358 14.66 -22.74 52.02
C THR D 358 13.68 -21.77 52.66
N CYS D 359 13.05 -20.91 51.86
CA CYS D 359 12.25 -19.81 52.40
C CYS D 359 10.79 -20.19 52.62
N LEU D 360 10.21 -21.01 51.75
CA LEU D 360 8.79 -21.31 51.82
C LEU D 360 8.48 -22.69 52.37
N LEU D 361 9.39 -23.66 52.24
CA LEU D 361 9.14 -25.02 52.71
C LEU D 361 9.95 -25.37 53.94
N ASN D 362 10.80 -24.47 54.44
CA ASN D 362 11.50 -24.64 55.71
C ASN D 362 12.35 -25.92 55.74
N GLU D 363 13.04 -26.19 54.64
CA GLU D 363 13.92 -27.34 54.59
C GLU D 363 15.25 -27.06 55.28
N THR D 364 15.81 -28.11 55.87
CA THR D 364 17.09 -28.03 56.57
C THR D 364 17.98 -29.16 56.07
N GLY D 365 19.24 -29.13 56.50
CA GLY D 365 20.21 -30.11 56.06
C GLY D 365 20.84 -29.74 54.74
N ASP D 366 21.70 -30.65 54.26
CA ASP D 366 22.47 -30.44 53.04
C ASP D 366 21.92 -31.21 51.83
N GLU D 367 20.78 -31.88 51.98
CA GLU D 367 20.10 -32.56 50.88
C GLU D 367 18.67 -32.04 50.76
N PRO D 368 18.14 -31.99 49.54
CA PRO D 368 16.72 -31.65 49.38
C PRO D 368 15.83 -32.77 49.88
N PHE D 369 14.66 -32.38 50.36
CA PHE D 369 13.68 -33.35 50.85
C PHE D 369 13.13 -34.14 49.66
N GLN D 370 13.12 -35.47 49.79
CA GLN D 370 12.82 -36.32 48.64
C GLN D 370 11.38 -36.16 48.17
N TYR D 371 10.42 -36.26 49.09
CA TYR D 371 9.02 -36.15 48.74
C TYR D 371 8.62 -34.68 48.80
N LYS D 372 7.31 -34.41 48.80
CA LYS D 372 6.82 -33.04 48.97
C LYS D 372 7.36 -32.44 50.26
N ASN D 373 7.31 -31.11 50.33
CA ASN D 373 7.91 -30.34 51.41
C ASN D 373 9.41 -30.61 51.45
N THR E 2 38.01 -19.95 1.12
CA THR E 2 37.63 -18.80 0.31
C THR E 2 36.41 -19.12 -0.56
N THR E 3 35.80 -18.06 -1.10
CA THR E 3 34.62 -18.15 -1.93
C THR E 3 34.95 -17.74 -3.36
N SER E 4 33.99 -17.96 -4.26
CA SER E 4 34.22 -17.75 -5.68
C SER E 4 34.22 -16.26 -6.02
N ALA E 5 34.82 -15.95 -7.18
CA ALA E 5 34.85 -14.57 -7.66
C ALA E 5 33.46 -14.05 -7.99
N SER E 6 32.57 -14.94 -8.46
CA SER E 6 31.19 -14.52 -8.78
C SER E 6 30.46 -14.01 -7.55
N SER E 7 30.73 -14.59 -6.38
CA SER E 7 30.04 -14.18 -5.15
C SER E 7 30.51 -12.83 -4.63
N HIS E 8 31.61 -12.30 -5.15
CA HIS E 8 32.09 -10.98 -4.75
C HIS E 8 31.51 -9.85 -5.59
N LEU E 9 30.72 -10.17 -6.62
CA LEU E 9 30.04 -9.13 -7.37
C LEU E 9 28.96 -8.47 -6.52
N ASN E 10 28.55 -7.27 -6.93
CA ASN E 10 27.57 -6.49 -6.19
C ASN E 10 26.19 -7.11 -6.38
N LYS E 11 25.68 -7.76 -5.32
CA LYS E 11 24.38 -8.41 -5.39
C LYS E 11 23.23 -7.40 -5.37
N GLY E 12 23.45 -6.22 -4.81
CA GLY E 12 22.42 -5.18 -4.87
C GLY E 12 22.08 -4.80 -6.29
N ILE E 13 23.08 -4.79 -7.18
CA ILE E 13 22.84 -4.50 -8.59
C ILE E 13 21.89 -5.53 -9.19
N LYS E 14 22.13 -6.81 -8.88
CA LYS E 14 21.29 -7.87 -9.45
C LYS E 14 19.84 -7.73 -9.02
N GLN E 15 19.60 -7.38 -7.75
CA GLN E 15 18.23 -7.26 -7.26
C GLN E 15 17.47 -6.11 -7.91
N VAL E 16 18.17 -5.05 -8.32
CA VAL E 16 17.51 -3.97 -9.04
C VAL E 16 16.92 -4.50 -10.35
N TYR E 17 17.69 -5.29 -11.09
CA TYR E 17 17.18 -5.86 -12.34
C TYR E 17 16.08 -6.88 -12.08
N MET E 18 16.22 -7.69 -11.02
CA MET E 18 15.18 -8.66 -10.67
C MET E 18 13.89 -8.01 -10.19
N SER E 19 13.92 -6.71 -9.87
CA SER E 19 12.72 -6.00 -9.46
C SER E 19 11.90 -5.49 -10.63
N LEU E 20 12.42 -5.55 -11.85
CA LEU E 20 11.67 -5.10 -13.02
C LEU E 20 10.46 -6.00 -13.24
N PRO E 21 9.26 -5.44 -13.45
CA PRO E 21 8.10 -6.28 -13.77
C PRO E 21 8.33 -7.09 -15.03
N GLN E 22 7.92 -8.36 -14.99
CA GLN E 22 8.29 -9.30 -16.03
C GLN E 22 7.54 -9.06 -17.33
N GLY E 23 6.24 -8.83 -17.26
CA GLY E 23 5.42 -8.80 -18.45
C GLY E 23 4.69 -10.12 -18.66
N GLU E 24 4.39 -10.45 -19.92
CA GLU E 24 3.55 -11.61 -20.23
C GLU E 24 4.32 -12.90 -20.43
N LYS E 25 5.59 -12.85 -20.80
CA LYS E 25 6.37 -14.06 -21.03
C LYS E 25 6.75 -14.73 -19.73
N VAL E 26 7.06 -16.02 -19.81
CA VAL E 26 7.35 -16.85 -18.66
C VAL E 26 8.63 -17.64 -18.93
N GLN E 27 9.50 -17.73 -17.93
CA GLN E 27 10.73 -18.50 -18.01
C GLN E 27 10.53 -19.89 -17.42
N ALA E 28 11.06 -20.90 -18.11
CA ALA E 28 11.02 -22.28 -17.63
C ALA E 28 12.43 -22.84 -17.67
N MET E 29 12.91 -23.34 -16.53
CA MET E 29 14.24 -23.94 -16.44
C MET E 29 14.12 -25.46 -16.48
N TYR E 30 14.74 -26.07 -17.48
CA TYR E 30 14.74 -27.52 -17.64
C TYR E 30 15.96 -28.11 -16.93
N ILE E 31 15.73 -29.19 -16.17
CA ILE E 31 16.77 -29.80 -15.35
C ILE E 31 16.82 -31.30 -15.65
N TRP E 32 18.04 -31.84 -15.76
CA TRP E 32 18.22 -33.26 -16.04
C TRP E 32 19.54 -33.75 -15.45
N ILE E 33 19.66 -35.07 -15.34
CA ILE E 33 20.82 -35.74 -14.78
C ILE E 33 21.75 -36.14 -15.91
N ASP E 34 23.05 -35.85 -15.76
CA ASP E 34 24.01 -36.04 -16.83
C ASP E 34 24.63 -37.45 -16.79
N GLY E 35 25.70 -37.65 -17.56
CA GLY E 35 26.25 -38.96 -17.80
C GLY E 35 27.01 -39.57 -16.64
N THR E 36 27.32 -38.81 -15.61
CA THR E 36 27.96 -39.37 -14.42
C THR E 36 26.97 -39.93 -13.42
N GLY E 37 25.67 -39.70 -13.62
CA GLY E 37 24.67 -40.17 -12.68
C GLY E 37 24.63 -39.42 -11.37
N GLU E 38 25.42 -38.36 -11.23
CA GLU E 38 25.50 -37.62 -9.97
C GLU E 38 25.25 -36.13 -10.20
N GLY E 39 25.68 -35.62 -11.35
CA GLY E 39 25.58 -34.21 -11.63
C GLY E 39 24.27 -33.81 -12.27
N LEU E 40 23.94 -32.52 -12.13
CA LEU E 40 22.75 -31.94 -12.70
C LEU E 40 23.13 -30.91 -13.75
N ARG E 41 22.25 -30.73 -14.73
CA ARG E 41 22.42 -29.74 -15.79
C ARG E 41 21.12 -28.97 -15.96
N CYS E 42 21.21 -27.75 -16.50
CA CYS E 42 20.02 -26.92 -16.64
C CYS E 42 20.22 -25.88 -17.73
N LYS E 43 19.09 -25.38 -18.25
CA LYS E 43 19.06 -24.27 -19.18
C LYS E 43 17.61 -23.78 -19.28
N THR E 44 17.45 -22.57 -19.82
CA THR E 44 16.19 -21.85 -19.75
C THR E 44 15.65 -21.52 -21.14
N ARG E 45 14.33 -21.64 -21.31
CA ARG E 45 13.63 -21.20 -22.51
C ARG E 45 12.48 -20.29 -22.11
N THR E 46 12.06 -19.46 -23.06
CA THR E 46 10.95 -18.52 -22.86
C THR E 46 9.66 -19.14 -23.39
N LEU E 47 8.58 -19.00 -22.62
CA LEU E 47 7.26 -19.49 -23.01
C LEU E 47 6.30 -18.31 -23.16
N ASP E 48 5.27 -18.52 -23.98
CA ASP E 48 4.32 -17.46 -24.28
C ASP E 48 3.36 -17.20 -23.11
N SER E 49 2.99 -18.25 -22.36
CA SER E 49 2.06 -18.09 -21.25
C SER E 49 2.41 -19.09 -20.16
N GLU E 50 1.85 -18.85 -18.98
CA GLU E 50 2.15 -19.69 -17.82
C GLU E 50 1.57 -21.10 -18.01
N PRO E 51 2.37 -22.15 -17.87
CA PRO E 51 1.83 -23.51 -17.94
C PRO E 51 1.17 -23.91 -16.62
N LYS E 52 -0.01 -24.51 -16.73
CA LYS E 52 -0.77 -24.89 -15.54
C LYS E 52 -0.41 -26.30 -15.05
N CYS E 53 -0.11 -27.22 -15.96
CA CYS E 53 0.30 -28.57 -15.60
C CYS E 53 1.53 -28.96 -16.39
N VAL E 54 2.20 -30.01 -15.92
CA VAL E 54 3.42 -30.49 -16.57
C VAL E 54 3.16 -31.00 -17.98
N GLU E 55 1.93 -31.43 -18.26
CA GLU E 55 1.62 -32.05 -19.55
C GLU E 55 1.64 -31.07 -20.71
N GLU E 56 1.53 -29.78 -20.46
CA GLU E 56 1.51 -28.79 -21.53
C GLU E 56 2.86 -28.10 -21.73
N LEU E 57 3.93 -28.66 -21.17
CA LEU E 57 5.26 -28.17 -21.51
C LEU E 57 5.82 -28.91 -22.72
N PRO E 58 6.45 -28.21 -23.65
CA PRO E 58 6.99 -28.88 -24.84
C PRO E 58 8.27 -29.67 -24.54
N GLU E 59 8.52 -30.65 -25.41
CA GLU E 59 9.79 -31.37 -25.36
C GLU E 59 10.93 -30.46 -25.83
N TRP E 60 12.14 -30.78 -25.38
CA TRP E 60 13.32 -30.03 -25.75
C TRP E 60 14.46 -30.98 -26.08
N ASN E 61 15.67 -30.44 -26.27
CA ASN E 61 16.80 -31.27 -26.67
C ASN E 61 18.09 -30.56 -26.26
N PHE E 62 19.19 -31.32 -26.28
CA PHE E 62 20.51 -30.79 -25.99
C PHE E 62 21.55 -31.66 -26.68
N ASP E 63 22.77 -31.13 -26.77
CA ASP E 63 23.87 -31.82 -27.42
C ASP E 63 24.53 -32.73 -26.41
N GLY E 64 24.40 -34.05 -26.61
CA GLY E 64 24.90 -35.02 -25.65
C GLY E 64 26.40 -35.24 -25.66
N SER E 65 27.10 -34.74 -26.68
CA SER E 65 28.55 -34.86 -26.70
C SER E 65 29.24 -33.89 -25.74
N SER E 66 28.52 -32.87 -25.27
CA SER E 66 29.04 -31.95 -24.27
C SER E 66 28.73 -32.40 -22.84
N THR E 67 28.00 -33.51 -22.67
CA THR E 67 27.67 -34.02 -21.36
C THR E 67 28.12 -35.47 -21.17
N LEU E 68 28.93 -36.00 -22.08
CA LEU E 68 29.40 -37.38 -22.04
C LEU E 68 28.25 -38.38 -21.97
N GLN E 69 27.24 -38.15 -22.83
CA GLN E 69 26.08 -39.03 -22.88
C GLN E 69 25.80 -39.59 -24.26
N SER E 70 26.55 -39.19 -25.28
CA SER E 70 26.33 -39.68 -26.63
C SER E 70 27.62 -39.59 -27.42
N GLU E 71 27.69 -40.37 -28.50
CA GLU E 71 28.86 -40.42 -29.35
C GLU E 71 28.85 -39.25 -30.34
N GLY E 72 29.74 -39.31 -31.32
CA GLY E 72 29.94 -38.21 -32.25
C GLY E 72 28.82 -37.95 -33.24
N SER E 73 28.57 -38.90 -34.14
CA SER E 73 27.68 -38.66 -35.27
C SER E 73 26.25 -38.37 -34.81
N ASN E 74 25.69 -39.24 -33.98
CA ASN E 74 24.33 -39.09 -33.47
C ASN E 74 24.43 -38.63 -32.01
N SER E 75 24.55 -37.32 -31.81
CA SER E 75 24.80 -36.76 -30.49
C SER E 75 23.57 -36.07 -29.87
N ASP E 76 22.51 -35.84 -30.64
CA ASP E 76 21.35 -35.15 -30.12
C ASP E 76 20.61 -36.04 -29.12
N MET E 77 20.26 -35.46 -27.97
CA MET E 77 19.47 -36.13 -26.94
C MET E 77 18.20 -35.33 -26.70
N TYR E 78 17.20 -35.97 -26.12
CA TYR E 78 15.88 -35.37 -25.98
C TYR E 78 15.45 -35.33 -24.52
N LEU E 79 14.77 -34.25 -24.16
CA LEU E 79 14.30 -34.00 -22.80
C LEU E 79 12.78 -34.10 -22.77
N VAL E 80 12.25 -34.87 -21.82
CA VAL E 80 10.81 -35.05 -21.66
C VAL E 80 10.42 -34.62 -20.25
N PRO E 81 9.64 -33.56 -20.09
CA PRO E 81 9.27 -33.10 -18.75
C PRO E 81 8.55 -34.17 -17.96
N ALA E 82 8.85 -34.23 -16.66
CA ALA E 82 8.28 -35.22 -15.75
C ALA E 82 7.59 -34.59 -14.54
N ALA E 83 8.14 -33.52 -13.98
CA ALA E 83 7.57 -32.89 -12.79
C ALA E 83 7.90 -31.40 -12.81
N MET E 84 6.98 -30.59 -12.30
CA MET E 84 7.08 -29.14 -12.37
C MET E 84 6.92 -28.54 -10.98
N PHE E 85 7.73 -27.52 -10.70
CA PHE E 85 7.69 -26.82 -9.42
C PHE E 85 7.80 -25.32 -9.68
N ARG E 86 7.37 -24.53 -8.70
CA ARG E 86 7.58 -23.10 -8.75
C ARG E 86 9.07 -22.76 -8.57
N ASP E 87 9.51 -21.70 -9.25
CA ASP E 87 10.91 -21.31 -9.24
C ASP E 87 11.15 -20.35 -8.09
N PRO E 88 11.92 -20.71 -7.07
CA PRO E 88 12.19 -19.76 -5.98
C PRO E 88 13.21 -18.70 -6.33
N PHE E 89 14.02 -18.91 -7.35
CA PHE E 89 15.05 -17.94 -7.73
C PHE E 89 14.51 -16.82 -8.62
N ARG E 90 13.43 -17.07 -9.36
CA ARG E 90 12.80 -16.06 -10.20
C ARG E 90 11.38 -15.72 -9.79
N LYS E 91 10.77 -16.51 -8.92
CA LYS E 91 9.41 -16.29 -8.38
C LYS E 91 8.35 -16.54 -9.44
N ASP E 92 7.08 -16.52 -9.02
CA ASP E 92 5.96 -16.73 -9.91
C ASP E 92 5.97 -15.70 -11.03
N PRO E 93 5.53 -16.07 -12.25
CA PRO E 93 4.99 -17.38 -12.65
C PRO E 93 6.03 -18.35 -13.24
N ASN E 94 7.32 -18.12 -13.04
CA ASN E 94 8.35 -18.95 -13.64
C ASN E 94 8.42 -20.31 -12.94
N LYS E 95 8.91 -21.31 -13.68
CA LYS E 95 8.84 -22.70 -13.26
C LYS E 95 10.19 -23.40 -13.34
N LEU E 96 10.33 -24.45 -12.53
CA LEU E 96 11.40 -25.43 -12.66
C LEU E 96 10.82 -26.74 -13.19
N VAL E 97 11.51 -27.34 -14.15
CA VAL E 97 11.04 -28.55 -14.83
C VAL E 97 12.12 -29.61 -14.75
N LEU E 98 11.78 -30.75 -14.13
CA LEU E 98 12.65 -31.92 -14.13
C LEU E 98 12.27 -32.83 -15.29
N CYS E 99 13.27 -33.32 -16.02
CA CYS E 99 13.04 -34.04 -17.27
C CYS E 99 13.75 -35.38 -17.27
N GLU E 100 13.17 -36.33 -18.01
CA GLU E 100 13.82 -37.58 -18.36
C GLU E 100 14.60 -37.42 -19.65
N VAL E 101 15.72 -38.14 -19.76
CA VAL E 101 16.64 -38.02 -20.88
C VAL E 101 16.47 -39.25 -21.77
N PHE E 102 16.39 -39.02 -23.08
CA PHE E 102 16.24 -40.09 -24.06
C PHE E 102 17.26 -39.92 -25.18
N LYS E 103 17.69 -41.04 -25.75
CA LYS E 103 18.67 -41.03 -26.83
C LYS E 103 18.00 -40.61 -28.14
N TYR E 104 18.80 -40.57 -29.21
CA TYR E 104 18.30 -40.14 -30.51
C TYR E 104 17.25 -41.09 -31.06
N ASN E 105 17.34 -42.37 -30.72
CA ASN E 105 16.40 -43.39 -31.15
C ASN E 105 15.27 -43.62 -30.16
N ARG E 106 15.09 -42.72 -29.20
CA ARG E 106 14.02 -42.68 -28.21
C ARG E 106 14.16 -43.73 -27.11
N ARG E 107 15.25 -44.50 -27.09
CA ARG E 107 15.52 -45.36 -25.96
C ARG E 107 16.00 -44.52 -24.77
N PRO E 108 15.69 -44.94 -23.54
CA PRO E 108 16.15 -44.18 -22.37
C PRO E 108 17.67 -44.13 -22.29
N ALA E 109 18.18 -43.03 -21.73
CA ALA E 109 19.61 -42.87 -21.56
C ALA E 109 20.13 -43.83 -20.48
N GLU E 110 21.45 -43.99 -20.45
CA GLU E 110 22.06 -44.93 -19.52
C GLU E 110 21.81 -44.54 -18.07
N THR E 111 21.84 -43.25 -17.78
CA THR E 111 21.61 -42.75 -16.42
C THR E 111 20.15 -42.36 -16.18
N ASN E 112 19.26 -42.68 -17.11
CA ASN E 112 17.82 -42.46 -16.94
C ASN E 112 17.26 -43.69 -16.23
N LEU E 113 17.25 -43.63 -14.90
CA LEU E 113 16.71 -44.72 -14.08
C LEU E 113 15.27 -44.50 -13.67
N ARG E 114 14.70 -43.34 -13.96
CA ARG E 114 13.30 -43.08 -13.61
C ARG E 114 12.35 -43.90 -14.47
N HIS E 115 12.74 -44.19 -15.73
CA HIS E 115 11.83 -44.86 -16.65
C HIS E 115 11.44 -46.26 -16.14
N THR E 116 12.42 -47.03 -15.66
CA THR E 116 12.12 -48.34 -15.12
C THR E 116 11.50 -48.25 -13.73
N CYS E 117 11.95 -47.29 -12.92
CA CYS E 117 11.43 -47.14 -11.57
C CYS E 117 9.94 -46.80 -11.58
N LYS E 118 9.51 -45.98 -12.54
CA LYS E 118 8.10 -45.60 -12.62
C LYS E 118 7.22 -46.81 -12.89
N ARG E 119 7.65 -47.71 -13.79
CA ARG E 119 6.87 -48.90 -14.10
C ARG E 119 6.73 -49.81 -12.88
N ILE E 120 7.81 -49.95 -12.10
CA ILE E 120 7.76 -50.76 -10.89
C ILE E 120 6.80 -50.16 -9.88
N MET E 121 6.82 -48.83 -9.73
CA MET E 121 5.93 -48.18 -8.77
C MET E 121 4.46 -48.37 -9.14
N ASP E 122 4.17 -48.47 -10.43
CA ASP E 122 2.79 -48.67 -10.87
C ASP E 122 2.31 -50.08 -10.60
N MET E 123 3.23 -51.02 -10.38
CA MET E 123 2.84 -52.41 -10.13
C MET E 123 2.33 -52.61 -8.72
N VAL E 124 2.63 -51.70 -7.80
CA VAL E 124 2.31 -51.86 -6.39
C VAL E 124 1.55 -50.64 -5.87
N SER E 125 0.87 -49.93 -6.76
CA SER E 125 0.24 -48.66 -6.42
C SER E 125 -0.83 -48.81 -5.35
N ASN E 126 -1.47 -49.98 -5.28
CA ASN E 126 -2.52 -50.20 -4.29
C ASN E 126 -1.97 -50.37 -2.89
N GLN E 127 -0.69 -50.68 -2.74
CA GLN E 127 -0.07 -50.83 -1.43
C GLN E 127 0.46 -49.50 -0.88
N HIS E 128 0.45 -48.44 -1.68
CA HIS E 128 0.81 -47.07 -1.29
C HIS E 128 2.14 -46.99 -0.56
N PRO E 129 3.26 -47.25 -1.23
CA PRO E 129 4.56 -47.16 -0.56
C PRO E 129 4.93 -45.70 -0.30
N TRP E 130 5.38 -45.44 0.93
CA TRP E 130 5.86 -44.12 1.34
C TRP E 130 7.37 -44.20 1.59
N PHE E 131 8.09 -43.18 1.16
CA PHE E 131 9.53 -43.10 1.39
C PHE E 131 9.89 -41.80 2.10
N GLY E 132 10.90 -41.87 2.95
CA GLY E 132 11.47 -40.69 3.58
C GLY E 132 12.99 -40.78 3.57
N MET E 133 13.65 -39.73 3.09
CA MET E 133 15.08 -39.77 2.85
C MET E 133 15.77 -38.63 3.59
N GLU E 134 16.84 -38.96 4.31
CA GLU E 134 17.62 -37.99 5.08
C GLU E 134 18.93 -37.72 4.34
N GLN E 135 19.02 -36.55 3.72
CA GLN E 135 20.16 -36.20 2.89
C GLN E 135 21.18 -35.42 3.69
N GLU E 136 22.38 -35.98 3.85
CA GLU E 136 23.49 -35.31 4.51
C GLU E 136 24.45 -34.73 3.48
N TYR E 137 25.07 -33.61 3.83
CA TYR E 137 26.03 -32.95 2.94
C TYR E 137 26.98 -32.09 3.76
N THR E 138 28.09 -31.71 3.13
CA THR E 138 29.08 -30.84 3.72
C THR E 138 29.29 -29.60 2.85
N LEU E 139 29.33 -28.43 3.48
CA LEU E 139 29.63 -27.19 2.78
C LEU E 139 31.14 -27.04 2.63
N MET E 140 31.58 -26.70 1.42
CA MET E 140 32.99 -26.65 1.08
C MET E 140 33.34 -25.26 0.55
N GLY E 141 34.58 -24.84 0.83
CA GLY E 141 35.13 -23.68 0.17
C GLY E 141 35.63 -24.01 -1.22
N THR E 142 35.87 -22.97 -2.01
CA THR E 142 36.37 -23.16 -3.38
C THR E 142 37.79 -23.71 -3.41
N ASP E 143 38.49 -23.72 -2.27
CA ASP E 143 39.84 -24.24 -2.17
C ASP E 143 39.89 -25.71 -1.79
N GLY E 144 38.74 -26.38 -1.69
CA GLY E 144 38.72 -27.79 -1.36
C GLY E 144 38.71 -28.13 0.11
N HIS E 145 38.67 -27.13 0.98
CA HIS E 145 38.63 -27.29 2.43
C HIS E 145 37.23 -26.97 2.95
N PRO E 146 36.78 -27.63 4.03
CA PRO E 146 35.44 -27.34 4.55
C PRO E 146 35.29 -25.88 4.95
N PHE E 147 34.09 -25.34 4.72
CA PHE E 147 33.85 -23.91 4.93
C PHE E 147 33.93 -23.56 6.40
N GLY E 148 34.65 -22.48 6.71
CA GLY E 148 34.80 -22.02 8.08
C GLY E 148 35.81 -22.77 8.90
N TRP E 149 36.51 -23.74 8.32
CA TRP E 149 37.56 -24.44 9.05
C TRP E 149 38.83 -23.60 9.05
N PRO E 150 39.70 -23.80 10.05
CA PRO E 150 40.98 -23.07 10.04
C PRO E 150 41.79 -23.41 8.80
N SER E 151 42.45 -22.40 8.24
CA SER E 151 43.22 -22.60 7.03
C SER E 151 44.37 -23.57 7.29
N ASN E 152 44.42 -24.64 6.49
CA ASN E 152 45.41 -25.71 6.60
C ASN E 152 45.36 -26.41 7.95
N GLY E 153 44.22 -26.37 8.64
CA GLY E 153 44.12 -26.96 9.96
C GLY E 153 42.77 -27.55 10.29
N PHE E 154 42.50 -27.77 11.58
CA PHE E 154 41.31 -28.45 12.04
C PHE E 154 40.64 -27.67 13.16
N PRO E 155 39.32 -27.77 13.28
CA PRO E 155 38.65 -27.22 14.47
C PRO E 155 38.78 -28.16 15.66
N GLY E 156 38.10 -27.85 16.76
CA GLY E 156 38.15 -28.67 17.95
C GLY E 156 37.51 -30.03 17.74
N PRO E 157 37.70 -30.94 18.71
CA PRO E 157 37.15 -32.29 18.58
C PRO E 157 35.63 -32.29 18.54
N GLN E 158 35.08 -33.32 17.88
CA GLN E 158 33.64 -33.44 17.72
C GLN E 158 32.94 -33.55 19.08
N GLY E 159 31.64 -33.26 19.07
CA GLY E 159 30.82 -33.32 20.26
C GLY E 159 29.93 -32.11 20.51
N PRO E 160 30.44 -30.90 20.31
CA PRO E 160 29.58 -29.72 20.46
C PRO E 160 28.91 -29.21 19.20
N TYR E 161 29.18 -29.80 18.03
CA TYR E 161 28.64 -29.27 16.78
C TYR E 161 27.28 -29.85 16.40
N TYR E 162 26.92 -31.02 16.92
CA TYR E 162 25.66 -31.65 16.57
C TYR E 162 24.49 -30.83 17.12
N CYS E 163 23.60 -30.39 16.22
CA CYS E 163 22.45 -29.56 16.60
C CYS E 163 22.89 -28.32 17.37
N GLY E 164 24.04 -27.75 16.97
CA GLY E 164 24.63 -26.67 17.72
C GLY E 164 24.09 -25.29 17.35
N VAL E 165 24.32 -24.34 18.26
CA VAL E 165 23.98 -22.95 18.04
C VAL E 165 25.14 -22.09 18.53
N GLY E 166 25.45 -21.02 17.80
CA GLY E 166 26.54 -20.14 18.15
C GLY E 166 27.59 -19.99 17.07
N ALA E 167 28.33 -18.89 17.11
CA ALA E 167 29.31 -18.60 16.05
C ALA E 167 30.42 -19.64 16.01
N ASP E 168 30.73 -20.26 17.15
CA ASP E 168 31.81 -21.24 17.23
C ASP E 168 31.31 -22.67 17.10
N ARG E 169 30.02 -22.88 16.82
CA ARG E 169 29.47 -24.23 16.76
C ARG E 169 28.80 -24.57 15.44
N ALA E 170 28.19 -23.62 14.75
CA ALA E 170 27.48 -23.87 13.51
C ALA E 170 28.03 -22.98 12.40
N TYR E 171 28.45 -23.60 11.30
CA TYR E 171 29.02 -22.89 10.15
C TYR E 171 28.05 -22.97 8.98
N GLY E 172 27.70 -21.80 8.43
CA GLY E 172 26.94 -21.75 7.20
C GLY E 172 25.44 -21.84 7.32
N ARG E 173 24.86 -21.46 8.46
CA ARG E 173 23.42 -21.54 8.65
C ARG E 173 22.64 -20.68 7.66
N ASP E 174 23.26 -19.64 7.09
CA ASP E 174 22.56 -18.82 6.10
C ASP E 174 22.16 -19.63 4.88
N ILE E 175 23.05 -20.52 4.42
CA ILE E 175 22.70 -21.41 3.31
C ILE E 175 21.54 -22.31 3.70
N VAL E 176 21.59 -22.86 4.91
CA VAL E 176 20.56 -23.81 5.34
C VAL E 176 19.20 -23.13 5.44
N GLU E 177 19.17 -21.93 6.04
CA GLU E 177 17.91 -21.20 6.16
C GLU E 177 17.34 -20.85 4.79
N ALA E 178 18.20 -20.39 3.87
CA ALA E 178 17.74 -20.02 2.54
C ALA E 178 17.23 -21.24 1.78
N HIS E 179 17.93 -22.37 1.88
CA HIS E 179 17.50 -23.58 1.19
C HIS E 179 16.15 -24.06 1.70
N TYR E 180 15.93 -23.98 3.02
CA TYR E 180 14.66 -24.40 3.60
C TYR E 180 13.49 -23.59 3.04
N ARG E 181 13.64 -22.27 2.99
CA ARG E 181 12.55 -21.42 2.52
C ARG E 181 12.31 -21.60 1.03
N ALA E 182 13.38 -21.77 0.25
CA ALA E 182 13.24 -21.96 -1.19
C ALA E 182 12.48 -23.25 -1.51
N CYS E 183 12.78 -24.34 -0.79
CA CYS E 183 12.09 -25.60 -1.02
C CYS E 183 10.60 -25.48 -0.70
N LEU E 184 10.26 -24.81 0.41
CA LEU E 184 8.86 -24.63 0.77
C LEU E 184 8.13 -23.83 -0.31
N TYR E 185 8.75 -22.77 -0.82
CA TYR E 185 8.14 -21.98 -1.88
C TYR E 185 7.96 -22.81 -3.15
N ALA E 186 8.96 -23.61 -3.49
CA ALA E 186 8.92 -24.38 -4.74
C ALA E 186 7.88 -25.50 -4.70
N GLY E 187 7.48 -25.94 -3.52
CA GLY E 187 6.58 -27.07 -3.39
C GLY E 187 7.25 -28.40 -3.09
N VAL E 188 8.53 -28.38 -2.71
CA VAL E 188 9.24 -29.59 -2.32
C VAL E 188 8.85 -29.94 -0.89
N LYS E 189 8.55 -31.21 -0.65
CA LYS E 189 8.08 -31.69 0.66
C LYS E 189 9.28 -31.88 1.60
N ILE E 190 9.83 -30.75 2.04
CA ILE E 190 10.93 -30.76 3.00
C ILE E 190 10.36 -30.89 4.41
N ALA E 191 10.89 -31.84 5.19
CA ALA E 191 10.33 -32.14 6.50
C ALA E 191 11.10 -31.57 7.67
N GLY E 192 12.37 -31.22 7.49
CA GLY E 192 13.14 -30.64 8.59
C GLY E 192 14.63 -30.63 8.27
N THR E 193 15.37 -29.98 9.16
CA THR E 193 16.82 -29.84 9.02
C THR E 193 17.47 -29.92 10.40
N ASN E 194 18.76 -30.25 10.42
CA ASN E 194 19.55 -30.20 11.64
C ASN E 194 21.03 -30.14 11.29
N ALA E 195 21.81 -29.54 12.19
CA ALA E 195 23.26 -29.57 12.10
C ALA E 195 23.80 -30.94 12.52
N GLU E 196 24.89 -31.36 11.88
CA GLU E 196 25.41 -32.70 12.07
C GLU E 196 26.65 -32.69 12.96
N VAL E 197 27.21 -33.88 13.17
CA VAL E 197 28.29 -34.06 14.14
C VAL E 197 29.54 -33.30 13.70
N MET E 198 29.84 -33.33 12.41
CA MET E 198 30.98 -32.60 11.89
C MET E 198 30.62 -31.13 11.67
N PRO E 199 31.46 -30.19 12.10
CA PRO E 199 31.18 -28.78 11.80
C PRO E 199 31.19 -28.53 10.29
N ALA E 200 30.28 -27.66 9.85
CA ALA E 200 29.95 -27.38 8.46
C ALA E 200 29.22 -28.54 7.77
N GLN E 201 28.79 -29.55 8.51
CA GLN E 201 27.99 -30.65 7.99
C GLN E 201 26.54 -30.47 8.40
N TRP E 202 25.63 -30.72 7.46
CA TRP E 202 24.21 -30.46 7.69
C TRP E 202 23.38 -31.61 7.12
N GLU E 203 22.09 -31.59 7.42
CA GLU E 203 21.14 -32.62 6.98
C GLU E 203 19.77 -31.99 6.77
N PHE E 204 19.07 -32.41 5.72
CA PHE E 204 17.67 -32.09 5.54
C PHE E 204 16.91 -33.35 5.17
N GLN E 205 15.65 -33.41 5.60
CA GLN E 205 14.80 -34.57 5.40
C GLN E 205 13.70 -34.26 4.40
N ILE E 206 13.46 -35.20 3.49
CA ILE E 206 12.42 -35.07 2.47
C ILE E 206 11.44 -36.23 2.64
N GLY E 207 10.15 -35.89 2.74
CA GLY E 207 9.12 -36.89 2.80
C GLY E 207 8.05 -36.59 3.85
N PRO E 208 7.13 -37.55 4.06
CA PRO E 208 6.98 -38.83 3.36
C PRO E 208 6.40 -38.64 1.96
N CYS E 209 6.96 -39.32 0.96
CA CYS E 209 6.53 -39.18 -0.42
C CYS E 209 6.05 -40.52 -0.96
N GLU E 210 4.98 -40.48 -1.74
CA GLU E 210 4.37 -41.69 -2.30
C GLU E 210 4.98 -42.02 -3.66
N GLY E 211 5.46 -43.24 -3.81
CA GLY E 211 5.84 -43.77 -5.12
C GLY E 211 6.99 -43.04 -5.79
N ILE E 212 6.80 -42.71 -7.06
CA ILE E 212 7.87 -42.14 -7.87
C ILE E 212 8.17 -40.70 -7.46
N SER E 213 7.26 -40.05 -6.73
CA SER E 213 7.46 -38.65 -6.39
C SER E 213 8.60 -38.48 -5.39
N MET E 214 9.05 -39.55 -4.73
CA MET E 214 10.18 -39.44 -3.81
C MET E 214 11.44 -39.04 -4.56
N GLY E 215 11.73 -39.73 -5.67
CA GLY E 215 12.91 -39.40 -6.45
C GLY E 215 12.85 -38.01 -7.06
N ASP E 216 11.66 -37.61 -7.52
CA ASP E 216 11.50 -36.28 -8.11
C ASP E 216 11.75 -35.18 -7.10
N HIS E 217 11.24 -35.32 -5.88
CA HIS E 217 11.41 -34.27 -4.87
C HIS E 217 12.85 -34.17 -4.39
N LEU E 218 13.56 -35.29 -4.24
CA LEU E 218 14.94 -35.24 -3.76
C LEU E 218 15.88 -34.63 -4.79
N TRP E 219 15.71 -34.98 -6.07
CA TRP E 219 16.57 -34.43 -7.11
C TRP E 219 16.40 -32.92 -7.24
N VAL E 220 15.16 -32.45 -7.15
CA VAL E 220 14.90 -31.01 -7.22
C VAL E 220 15.45 -30.32 -5.97
N ALA E 221 15.33 -30.98 -4.82
CA ALA E 221 15.91 -30.42 -3.60
C ALA E 221 17.43 -30.32 -3.70
N ARG E 222 18.07 -31.32 -4.32
CA ARG E 222 19.50 -31.27 -4.57
C ARG E 222 19.86 -30.10 -5.49
N PHE E 223 19.07 -29.91 -6.56
CA PHE E 223 19.33 -28.82 -7.48
C PHE E 223 19.19 -27.46 -6.79
N ILE E 224 18.16 -27.31 -5.96
CA ILE E 224 17.95 -26.04 -5.26
C ILE E 224 19.11 -25.75 -4.33
N LEU E 225 19.65 -26.78 -3.68
CA LEU E 225 20.79 -26.60 -2.79
C LEU E 225 22.03 -26.13 -3.56
N HIS E 226 22.31 -26.77 -4.70
CA HIS E 226 23.46 -26.35 -5.51
C HIS E 226 23.32 -24.91 -5.97
N ARG E 227 22.12 -24.53 -6.41
CA ARG E 227 21.90 -23.19 -6.93
C ARG E 227 21.96 -22.14 -5.81
N VAL E 228 21.46 -22.47 -4.63
CA VAL E 228 21.55 -21.57 -3.49
C VAL E 228 23.01 -21.38 -3.07
N CYS E 229 23.76 -22.48 -2.99
CA CYS E 229 25.17 -22.40 -2.62
C CYS E 229 25.97 -21.60 -3.65
N GLU E 230 25.55 -21.64 -4.91
CA GLU E 230 26.22 -20.85 -5.94
C GLU E 230 26.09 -19.35 -5.67
N ASP E 231 24.95 -18.91 -5.15
CA ASP E 231 24.77 -17.50 -4.82
C ASP E 231 25.75 -17.05 -3.74
N PHE E 232 25.93 -17.86 -2.70
CA PHE E 232 26.86 -17.53 -1.62
C PHE E 232 28.31 -17.81 -1.96
N GLY E 233 28.59 -18.54 -3.04
CA GLY E 233 29.94 -18.81 -3.45
C GLY E 233 30.60 -20.03 -2.83
N VAL E 234 29.82 -20.95 -2.25
CA VAL E 234 30.36 -22.15 -1.63
C VAL E 234 29.90 -23.37 -2.43
N ILE E 235 30.52 -24.51 -2.13
CA ILE E 235 30.24 -25.77 -2.80
C ILE E 235 29.64 -26.75 -1.79
N ALA E 236 28.52 -27.37 -2.16
CA ALA E 236 27.93 -28.45 -1.38
C ALA E 236 28.36 -29.78 -1.99
N THR E 237 28.90 -30.67 -1.17
CA THR E 237 29.37 -31.97 -1.62
C THR E 237 28.58 -33.09 -0.95
N PHE E 238 28.23 -34.11 -1.73
CA PHE E 238 27.55 -35.29 -1.24
C PHE E 238 28.48 -36.50 -1.11
N ASP E 239 29.78 -36.26 -1.04
CA ASP E 239 30.74 -37.35 -0.92
C ASP E 239 30.56 -38.07 0.42
N PRO E 240 30.54 -39.40 0.44
CA PRO E 240 30.30 -40.12 1.70
C PRO E 240 31.33 -39.85 2.78
N LYS E 241 32.60 -39.65 2.44
CA LYS E 241 33.66 -39.41 3.40
C LYS E 241 34.51 -38.22 2.95
N PRO E 242 34.00 -37.00 3.11
CA PRO E 242 34.77 -35.83 2.65
C PRO E 242 36.12 -35.64 3.33
N ILE E 243 36.24 -36.00 4.61
CA ILE E 243 37.47 -35.79 5.37
C ILE E 243 37.90 -37.14 5.93
N PRO E 244 39.13 -37.58 5.70
CA PRO E 244 39.58 -38.86 6.26
C PRO E 244 39.81 -38.78 7.77
N GLY E 245 39.76 -39.94 8.40
CA GLY E 245 40.09 -40.06 9.80
C GLY E 245 38.91 -40.05 10.75
N ASN E 246 39.05 -39.32 11.86
CA ASN E 246 38.03 -39.29 12.91
C ASN E 246 37.04 -38.15 12.71
N TRP E 247 36.44 -38.09 11.53
CA TRP E 247 35.43 -37.08 11.23
C TRP E 247 34.23 -37.76 10.59
N ASN E 248 33.04 -37.30 10.97
CA ASN E 248 31.79 -37.96 10.59
C ASN E 248 31.63 -38.00 9.07
N GLY E 249 31.10 -39.12 8.57
CA GLY E 249 30.79 -39.27 7.17
C GLY E 249 29.37 -38.81 6.85
N ALA E 250 28.98 -39.04 5.60
CA ALA E 250 27.68 -38.59 5.09
C ALA E 250 26.94 -39.75 4.44
N GLY E 251 25.69 -39.94 4.84
CA GLY E 251 24.85 -40.97 4.26
C GLY E 251 23.49 -40.42 3.89
N CYS E 252 22.66 -41.30 3.32
CA CYS E 252 21.29 -40.97 2.92
C CYS E 252 20.37 -42.07 3.45
N HIS E 253 19.93 -41.95 4.71
CA HIS E 253 19.04 -42.94 5.28
C HIS E 253 17.68 -42.89 4.61
N THR E 254 17.12 -44.08 4.34
CA THR E 254 15.86 -44.20 3.61
C THR E 254 14.85 -44.90 4.51
N ASN E 255 13.72 -44.23 4.75
CA ASN E 255 12.63 -44.79 5.53
C ASN E 255 11.55 -45.31 4.59
N PHE E 256 10.98 -46.46 4.93
CA PHE E 256 10.07 -47.19 4.04
C PHE E 256 8.85 -47.68 4.81
N SER E 257 7.69 -47.56 4.19
CA SER E 257 6.45 -48.05 4.78
C SER E 257 5.41 -48.27 3.69
N THR E 258 4.55 -49.27 3.91
CA THR E 258 3.40 -49.53 3.06
C THR E 258 2.12 -49.29 3.86
N LYS E 259 0.98 -49.39 3.17
CA LYS E 259 -0.31 -49.21 3.83
C LYS E 259 -0.51 -50.26 4.91
N ALA E 260 -0.08 -51.51 4.66
CA ALA E 260 -0.24 -52.57 5.65
C ALA E 260 0.60 -52.30 6.89
N MET E 261 1.83 -51.80 6.72
CA MET E 261 2.69 -51.54 7.87
C MET E 261 2.16 -50.38 8.72
N ARG E 262 1.43 -49.45 8.12
CA ARG E 262 0.94 -48.29 8.86
C ARG E 262 -0.31 -48.57 9.68
N GLU E 263 -0.99 -49.71 9.44
CA GLU E 263 -2.18 -50.05 10.21
C GLU E 263 -1.80 -50.79 11.49
N GLU E 264 -2.80 -51.04 12.32
CA GLU E 264 -2.58 -51.70 13.61
C GLU E 264 -2.00 -53.09 13.39
N ASN E 265 -1.05 -53.46 14.26
CA ASN E 265 -0.29 -54.70 14.15
C ASN E 265 0.47 -54.78 12.83
N GLY E 266 0.88 -53.62 12.31
CA GLY E 266 1.69 -53.58 11.11
C GLY E 266 3.14 -53.95 11.31
N LEU E 267 3.57 -54.12 12.56
CA LEU E 267 4.93 -54.54 12.84
C LEU E 267 5.21 -55.93 12.26
N LYS E 268 4.18 -56.76 12.11
CA LYS E 268 4.35 -58.08 11.52
C LYS E 268 4.83 -57.98 10.08
N TYR E 269 4.25 -57.05 9.30
CA TYR E 269 4.68 -56.89 7.92
C TYR E 269 6.03 -56.20 7.83
N ILE E 270 6.39 -55.40 8.84
CA ILE E 270 7.72 -54.80 8.88
C ILE E 270 8.78 -55.88 9.08
N GLU E 271 8.51 -56.82 9.98
CA GLU E 271 9.46 -57.90 10.24
C GLU E 271 9.63 -58.79 9.02
N GLU E 272 8.56 -58.98 8.24
CA GLU E 272 8.65 -59.82 7.04
C GLU E 272 9.52 -59.17 5.97
N ALA E 273 9.39 -57.85 5.80
CA ALA E 273 10.20 -57.15 4.82
C ALA E 273 11.67 -57.18 5.20
N ILE E 274 11.98 -57.03 6.49
CA ILE E 274 13.37 -57.04 6.94
C ILE E 274 13.99 -58.42 6.73
N GLU E 275 13.19 -59.48 6.90
CA GLU E 275 13.69 -60.82 6.64
C GLU E 275 14.08 -60.99 5.17
N LYS E 276 13.26 -60.47 4.27
CA LYS E 276 13.59 -60.54 2.84
C LYS E 276 14.83 -59.73 2.52
N LEU E 277 15.01 -58.58 3.18
CA LEU E 277 16.19 -57.76 2.95
C LEU E 277 17.47 -58.44 3.45
N SER E 278 17.35 -59.31 4.44
CA SER E 278 18.52 -59.96 5.01
C SER E 278 19.18 -60.93 4.03
N LYS E 279 18.48 -61.33 2.98
CA LYS E 279 18.98 -62.31 2.02
C LYS E 279 19.57 -61.67 0.77
N ARG E 280 19.56 -60.35 0.66
CA ARG E 280 19.97 -59.64 -0.55
C ARG E 280 20.87 -58.46 -0.21
N HIS E 281 21.80 -58.67 0.73
CA HIS E 281 22.66 -57.59 1.19
C HIS E 281 23.55 -57.07 0.06
N GLN E 282 24.17 -57.96 -0.69
CA GLN E 282 25.08 -57.54 -1.74
C GLN E 282 24.35 -56.86 -2.89
N TYR E 283 23.13 -57.30 -3.19
CA TYR E 283 22.35 -56.68 -4.25
C TYR E 283 22.03 -55.23 -3.92
N HIS E 284 21.68 -54.95 -2.66
CA HIS E 284 21.35 -53.59 -2.28
C HIS E 284 22.59 -52.71 -2.16
N ILE E 285 23.73 -53.29 -1.78
CA ILE E 285 24.97 -52.52 -1.71
C ILE E 285 25.34 -51.97 -3.08
N ARG E 286 25.23 -52.81 -4.12
CA ARG E 286 25.52 -52.35 -5.48
C ARG E 286 24.54 -51.29 -5.93
N ALA E 287 23.26 -51.44 -5.58
CA ALA E 287 22.23 -50.50 -6.02
C ALA E 287 22.25 -49.19 -5.24
N TYR E 288 22.87 -49.17 -4.06
CA TYR E 288 22.89 -47.99 -3.21
C TYR E 288 24.09 -47.09 -3.49
N ASP E 289 24.71 -47.20 -4.66
CA ASP E 289 25.89 -46.44 -4.97
C ASP E 289 25.99 -46.22 -6.47
N PRO E 290 26.36 -45.02 -6.90
CA PRO E 290 26.55 -44.78 -8.34
C PRO E 290 27.79 -45.46 -8.90
N LYS E 291 28.64 -46.06 -8.06
CA LYS E 291 29.84 -46.73 -8.50
C LYS E 291 29.87 -48.20 -8.08
N GLY E 292 28.73 -48.76 -7.68
CA GLY E 292 28.64 -50.16 -7.34
C GLY E 292 29.05 -50.51 -5.92
N GLY E 293 29.33 -49.53 -5.07
CA GLY E 293 29.64 -49.78 -3.67
C GLY E 293 31.01 -49.31 -3.23
N LEU E 294 31.88 -48.88 -4.16
CA LEU E 294 33.22 -48.43 -3.76
C LEU E 294 33.15 -47.16 -2.92
N ASP E 295 32.25 -46.23 -3.27
CA ASP E 295 32.14 -44.99 -2.52
C ASP E 295 31.73 -45.26 -1.07
N ASN E 296 30.75 -46.13 -0.86
CA ASN E 296 30.26 -46.43 0.48
C ASN E 296 31.29 -47.17 1.34
N ALA E 297 32.33 -47.74 0.73
CA ALA E 297 33.32 -48.48 1.51
C ALA E 297 34.16 -47.56 2.39
N ARG E 298 34.38 -46.32 1.93
CA ARG E 298 35.14 -45.36 2.73
C ARG E 298 34.37 -44.87 3.95
N ARG E 299 33.06 -45.07 3.99
CA ARG E 299 32.22 -44.60 5.09
C ARG E 299 31.76 -45.72 6.02
N LEU E 300 31.31 -46.84 5.48
CA LEU E 300 30.73 -47.92 6.28
C LEU E 300 31.84 -48.88 6.70
N THR E 301 32.50 -48.56 7.81
CA THR E 301 33.56 -49.39 8.36
C THR E 301 33.23 -49.92 9.75
N GLY E 302 32.01 -49.67 10.24
CA GLY E 302 31.63 -50.14 11.56
C GLY E 302 32.06 -49.26 12.71
N PHE E 303 32.41 -47.99 12.44
CA PHE E 303 32.82 -47.06 13.47
C PHE E 303 32.07 -45.75 13.30
N HIS E 304 32.03 -44.97 14.38
CA HIS E 304 31.32 -43.69 14.42
C HIS E 304 29.85 -43.87 14.06
N GLU E 305 29.20 -44.82 14.74
CA GLU E 305 27.77 -45.08 14.59
C GLU E 305 27.42 -45.46 13.14
N THR E 306 28.20 -46.39 12.58
CA THR E 306 27.96 -46.89 11.24
C THR E 306 27.98 -48.41 11.25
N SER E 307 27.36 -48.99 10.24
CA SER E 307 27.33 -50.44 10.06
C SER E 307 28.49 -50.89 9.17
N ASN E 308 28.80 -52.19 9.26
CA ASN E 308 29.85 -52.76 8.44
C ASN E 308 29.37 -52.94 7.00
N ILE E 309 30.26 -52.69 6.05
CA ILE E 309 29.93 -52.86 4.64
C ILE E 309 29.72 -54.33 4.30
N ASN E 310 30.36 -55.23 5.04
CA ASN E 310 30.30 -56.66 4.73
C ASN E 310 29.13 -57.37 5.40
N ASP E 311 28.66 -56.89 6.54
CA ASP E 311 27.71 -57.62 7.36
C ASP E 311 26.33 -56.96 7.35
N PHE E 312 25.30 -57.79 7.43
CA PHE E 312 23.93 -57.34 7.57
C PHE E 312 23.47 -57.54 9.01
N SER E 313 22.85 -56.51 9.59
CA SER E 313 22.31 -56.61 10.93
C SER E 313 21.03 -55.79 11.01
N ALA E 314 20.18 -56.15 11.96
CA ALA E 314 18.91 -55.47 12.16
C ALA E 314 18.51 -55.58 13.62
N GLY E 315 17.85 -54.54 14.12
CA GLY E 315 17.40 -54.54 15.50
C GLY E 315 16.54 -53.34 15.79
N VAL E 316 15.81 -53.43 16.90
CA VAL E 316 14.97 -52.32 17.35
C VAL E 316 15.82 -51.32 18.11
N ALA E 317 15.73 -50.05 17.70
CA ALA E 317 16.44 -48.94 18.35
C ALA E 317 17.96 -49.16 18.32
N ASN E 318 18.45 -49.73 17.23
CA ASN E 318 19.88 -49.98 17.04
C ASN E 318 20.37 -49.08 15.91
N ARG E 319 21.18 -48.08 16.25
CA ARG E 319 21.74 -47.16 15.28
C ARG E 319 23.05 -47.63 14.69
N SER E 320 23.57 -48.77 15.15
CA SER E 320 24.78 -49.36 14.60
C SER E 320 24.50 -50.46 13.59
N ALA E 321 23.23 -50.74 13.29
CA ALA E 321 22.85 -51.82 12.40
C ALA E 321 22.48 -51.28 11.03
N SER E 322 22.39 -52.20 10.06
CA SER E 322 21.97 -51.83 8.71
C SER E 322 20.54 -51.32 8.69
N ILE E 323 19.64 -51.98 9.41
CA ILE E 323 18.23 -51.63 9.47
C ILE E 323 17.87 -51.35 10.91
N ARG E 324 17.20 -50.22 11.16
CA ARG E 324 16.79 -49.81 12.49
C ARG E 324 15.28 -49.66 12.54
N ILE E 325 14.66 -50.32 13.51
CA ILE E 325 13.25 -50.11 13.83
C ILE E 325 13.18 -49.12 14.98
N PRO E 326 12.53 -47.97 14.80
CA PRO E 326 12.45 -47.00 15.90
C PRO E 326 11.72 -47.58 17.10
N ARG E 327 12.16 -47.17 18.30
CA ARG E 327 11.57 -47.71 19.53
C ARG E 327 10.08 -47.42 19.60
N THR E 328 9.66 -46.24 19.12
CA THR E 328 8.24 -45.92 19.12
C THR E 328 7.46 -46.86 18.20
N VAL E 329 8.04 -47.19 17.03
CA VAL E 329 7.35 -48.08 16.10
C VAL E 329 7.15 -49.46 16.72
N GLY E 330 8.19 -49.98 17.38
CA GLY E 330 8.05 -51.24 18.08
C GLY E 330 7.05 -51.18 19.23
N GLN E 331 6.94 -50.03 19.89
CA GLN E 331 6.03 -49.92 21.03
C GLN E 331 4.58 -49.86 20.59
N GLU E 332 4.28 -49.11 19.53
CA GLU E 332 2.93 -49.03 19.00
C GLU E 332 2.60 -50.14 18.01
N LYS E 333 3.56 -51.01 17.70
CA LYS E 333 3.35 -52.17 16.83
C LYS E 333 2.94 -51.76 15.41
N LYS E 334 3.34 -50.57 14.98
CA LYS E 334 3.02 -50.10 13.63
C LYS E 334 3.96 -48.97 13.27
N GLY E 335 4.03 -48.68 11.97
CA GLY E 335 4.84 -47.57 11.50
C GLY E 335 5.70 -47.86 10.28
N TYR E 336 7.01 -47.73 10.43
CA TYR E 336 7.95 -47.80 9.32
C TYR E 336 9.27 -48.37 9.82
N PHE E 337 10.25 -48.44 8.93
CA PHE E 337 11.60 -48.84 9.29
C PHE E 337 12.60 -48.08 8.42
N GLU E 338 13.86 -48.08 8.87
CA GLU E 338 14.89 -47.23 8.30
C GLU E 338 16.03 -48.09 7.74
N ASP E 339 16.41 -47.82 6.49
CA ASP E 339 17.59 -48.43 5.88
C ASP E 339 18.74 -47.43 5.92
N ARG E 340 19.79 -47.76 6.68
CA ARG E 340 20.89 -46.84 6.95
C ARG E 340 22.10 -47.08 6.05
N ARG E 341 21.99 -47.97 5.07
CA ARG E 341 23.08 -48.32 4.17
C ARG E 341 23.35 -47.34 3.02
N PRO E 342 22.34 -46.71 2.40
CA PRO E 342 22.63 -45.86 1.23
C PRO E 342 23.60 -44.72 1.55
N SER E 343 24.48 -44.46 0.58
CA SER E 343 25.45 -43.37 0.67
C SER E 343 24.79 -42.04 0.33
N ALA E 344 25.48 -40.95 0.66
CA ALA E 344 24.94 -39.61 0.46
C ALA E 344 24.80 -39.23 -1.02
N ASN E 345 25.54 -39.90 -1.91
CA ASN E 345 25.47 -39.62 -3.34
C ASN E 345 24.64 -40.64 -4.11
N CYS E 346 23.74 -41.35 -3.42
CA CYS E 346 22.92 -42.37 -4.08
C CYS E 346 21.90 -41.73 -5.00
N ASP E 347 21.47 -42.50 -5.99
CA ASP E 347 20.35 -42.12 -6.85
C ASP E 347 19.06 -42.58 -6.20
N PRO E 348 18.13 -41.68 -5.87
CA PRO E 348 16.88 -42.11 -5.21
C PRO E 348 16.04 -43.07 -6.04
N PHE E 349 16.04 -42.93 -7.37
CA PHE E 349 15.28 -43.84 -8.21
C PHE E 349 15.81 -45.27 -8.09
N SER E 350 17.13 -45.42 -8.02
CA SER E 350 17.72 -46.75 -7.87
C SER E 350 17.45 -47.32 -6.48
N VAL E 351 17.47 -46.48 -5.45
CA VAL E 351 17.28 -46.96 -4.08
C VAL E 351 15.84 -47.40 -3.86
N THR E 352 14.88 -46.60 -4.32
CA THR E 352 13.48 -46.93 -4.07
C THR E 352 13.04 -48.13 -4.89
N GLU E 353 13.55 -48.29 -6.12
CA GLU E 353 13.20 -49.44 -6.94
C GLU E 353 13.67 -50.75 -6.29
N ALA E 354 14.87 -50.75 -5.70
CA ALA E 354 15.38 -51.96 -5.07
C ALA E 354 14.52 -52.38 -3.89
N LEU E 355 14.06 -51.42 -3.09
CA LEU E 355 13.23 -51.75 -1.93
C LEU E 355 11.92 -52.38 -2.35
N ILE E 356 11.30 -51.85 -3.41
CA ILE E 356 10.03 -52.41 -3.89
C ILE E 356 10.25 -53.82 -4.43
N ARG E 357 11.33 -54.02 -5.20
CA ARG E 357 11.58 -55.33 -5.81
C ARG E 357 11.80 -56.41 -4.76
N THR E 358 12.59 -56.11 -3.73
CA THR E 358 12.91 -57.12 -2.72
C THR E 358 11.74 -57.38 -1.78
N CYS E 359 11.04 -56.33 -1.36
CA CYS E 359 10.06 -56.44 -0.29
C CYS E 359 8.65 -56.72 -0.80
N LEU E 360 8.26 -56.12 -1.92
CA LEU E 360 6.89 -56.25 -2.40
C LEU E 360 6.74 -57.15 -3.61
N LEU E 361 7.80 -57.35 -4.40
CA LEU E 361 7.72 -58.19 -5.59
C LEU E 361 8.44 -59.52 -5.44
N ASN E 362 9.09 -59.76 -4.29
CA ASN E 362 9.66 -61.07 -3.95
C ASN E 362 10.69 -61.53 -4.97
N GLU E 363 11.53 -60.61 -5.42
CA GLU E 363 12.56 -60.95 -6.40
C GLU E 363 13.76 -61.59 -5.71
N THR E 364 14.43 -62.47 -6.44
CA THR E 364 15.61 -63.18 -5.97
C THR E 364 16.70 -63.09 -7.03
N GLY E 365 17.89 -63.53 -6.66
CA GLY E 365 19.03 -63.51 -7.56
C GLY E 365 19.75 -62.17 -7.56
N ASP E 366 20.79 -62.10 -8.39
CA ASP E 366 21.64 -60.92 -8.46
C ASP E 366 21.24 -59.98 -9.59
N GLU E 367 20.21 -60.31 -10.36
CA GLU E 367 19.76 -59.46 -11.45
C GLU E 367 18.31 -59.09 -11.27
N PRO E 368 17.92 -57.88 -11.72
CA PRO E 368 16.50 -57.52 -11.70
C PRO E 368 15.72 -58.33 -12.73
N PHE E 369 14.49 -58.68 -12.39
CA PHE E 369 13.65 -59.46 -13.28
C PHE E 369 13.07 -58.53 -14.35
N GLN E 370 13.19 -58.94 -15.60
CA GLN E 370 12.80 -58.08 -16.72
C GLN E 370 11.30 -58.23 -16.99
N TYR E 371 10.59 -57.10 -16.93
CA TYR E 371 9.15 -57.02 -17.22
C TYR E 371 8.35 -57.71 -16.12
N LYS E 372 7.40 -56.99 -15.54
CA LYS E 372 6.62 -57.47 -14.37
C LYS E 372 7.64 -57.75 -13.25
N ASN E 373 7.48 -58.82 -12.48
CA ASN E 373 8.31 -59.06 -11.32
C ASN E 373 8.77 -60.52 -11.22
N THR F 2 52.93 -10.28 -10.24
CA THR F 2 53.69 -9.87 -11.42
C THR F 2 55.03 -10.61 -11.49
N THR F 3 55.53 -11.06 -10.35
CA THR F 3 56.74 -11.87 -10.29
C THR F 3 56.39 -13.28 -9.81
N SER F 4 57.29 -14.21 -10.08
CA SER F 4 57.04 -15.62 -9.82
C SER F 4 57.06 -15.91 -8.31
N ALA F 5 56.38 -16.99 -7.93
CA ALA F 5 56.40 -17.44 -6.55
C ALA F 5 57.79 -17.90 -6.13
N SER F 6 58.56 -18.46 -7.06
CA SER F 6 59.92 -18.90 -6.74
C SER F 6 60.82 -17.73 -6.37
N SER F 7 60.57 -16.55 -6.94
CA SER F 7 61.38 -15.38 -6.63
C SER F 7 61.08 -14.80 -5.25
N HIS F 8 60.01 -15.24 -4.61
CA HIS F 8 59.65 -14.76 -3.27
C HIS F 8 60.26 -15.61 -2.15
N LEU F 9 60.96 -16.69 -2.49
CA LEU F 9 61.65 -17.48 -1.49
C LEU F 9 62.85 -16.71 -0.94
N ASN F 10 63.27 -17.06 0.27
CA ASN F 10 64.39 -16.38 0.92
C ASN F 10 65.67 -16.71 0.18
N LYS F 11 66.20 -15.72 -0.55
CA LYS F 11 67.42 -15.92 -1.31
C LYS F 11 68.67 -15.92 -0.44
N GLY F 12 68.58 -15.41 0.79
CA GLY F 12 69.69 -15.53 1.71
C GLY F 12 69.98 -16.96 2.10
N ILE F 13 68.92 -17.78 2.20
CA ILE F 13 69.09 -19.20 2.53
C ILE F 13 69.88 -19.90 1.43
N LYS F 14 69.58 -19.62 0.17
CA LYS F 14 70.31 -20.26 -0.93
C LYS F 14 71.77 -19.86 -0.91
N GLN F 15 72.07 -18.59 -0.59
CA GLN F 15 73.45 -18.14 -0.58
C GLN F 15 74.28 -18.86 0.48
N VAL F 16 73.63 -19.27 1.57
CA VAL F 16 74.34 -20.03 2.60
C VAL F 16 74.78 -21.39 2.05
N TYR F 17 73.87 -22.07 1.35
CA TYR F 17 74.22 -23.38 0.79
C TYR F 17 75.25 -23.26 -0.32
N MET F 18 75.15 -22.23 -1.16
CA MET F 18 76.10 -22.04 -2.25
C MET F 18 77.49 -21.67 -1.75
N SER F 19 77.64 -21.30 -0.48
CA SER F 19 78.93 -20.97 0.10
C SER F 19 79.70 -22.18 0.60
N LEU F 20 79.08 -23.36 0.60
CA LEU F 20 79.79 -24.55 1.02
C LEU F 20 80.89 -24.91 0.02
N PRO F 21 82.09 -25.27 0.49
CA PRO F 21 83.12 -25.74 -0.44
C PRO F 21 82.66 -26.98 -1.19
N GLN F 22 82.95 -27.00 -2.50
CA GLN F 22 82.44 -28.05 -3.36
C GLN F 22 83.16 -29.37 -3.12
N GLY F 23 84.48 -29.34 -3.03
CA GLY F 23 85.25 -30.56 -2.96
C GLY F 23 86.01 -30.84 -4.24
N GLU F 24 85.99 -32.09 -4.70
CA GLU F 24 86.70 -32.47 -5.91
C GLU F 24 85.80 -32.68 -7.12
N LYS F 25 84.50 -32.92 -6.91
CA LYS F 25 83.59 -33.13 -8.03
C LYS F 25 83.29 -31.81 -8.74
N VAL F 26 82.92 -31.92 -10.01
CA VAL F 26 82.66 -30.78 -10.87
C VAL F 26 81.31 -30.96 -11.54
N GLN F 27 80.50 -29.90 -11.55
CA GLN F 27 79.22 -29.91 -12.22
C GLN F 27 79.36 -29.37 -13.63
N ALA F 28 78.59 -29.95 -14.56
CA ALA F 28 78.56 -29.51 -15.95
C ALA F 28 77.13 -29.49 -16.43
N MET F 29 76.69 -28.35 -16.95
CA MET F 29 75.30 -28.16 -17.39
C MET F 29 75.25 -28.22 -18.91
N TYR F 30 74.42 -29.11 -19.44
CA TYR F 30 74.31 -29.34 -20.88
C TYR F 30 73.12 -28.56 -21.43
N ILE F 31 73.37 -27.72 -22.44
CA ILE F 31 72.35 -26.87 -23.02
C ILE F 31 72.16 -27.25 -24.49
N TRP F 32 70.90 -27.32 -24.92
CA TRP F 32 70.59 -27.61 -26.32
C TRP F 32 69.29 -26.93 -26.72
N ILE F 33 69.12 -26.76 -28.02
CA ILE F 33 67.94 -26.11 -28.59
C ILE F 33 66.87 -27.17 -28.86
N ASP F 34 65.64 -26.88 -28.46
CA ASP F 34 64.55 -27.86 -28.53
C ASP F 34 63.91 -27.85 -29.92
N GLY F 35 62.77 -28.54 -30.04
CA GLY F 35 62.12 -28.75 -31.32
C GLY F 35 61.37 -27.57 -31.88
N THR F 36 61.10 -26.54 -31.07
CA THR F 36 60.48 -25.33 -31.60
C THR F 36 61.47 -24.48 -32.38
N GLY F 37 62.77 -24.73 -32.23
CA GLY F 37 63.79 -23.95 -32.90
C GLY F 37 64.17 -22.66 -32.23
N GLU F 38 63.52 -22.30 -31.12
CA GLU F 38 63.83 -21.07 -30.42
C GLU F 38 63.91 -21.21 -28.91
N GLY F 39 63.51 -22.33 -28.32
CA GLY F 39 63.63 -22.54 -26.90
C GLY F 39 64.88 -23.32 -26.53
N LEU F 40 65.23 -23.25 -25.25
CA LEU F 40 66.43 -23.90 -24.74
C LEU F 40 66.06 -24.88 -23.63
N ARG F 41 66.87 -25.94 -23.51
CA ARG F 41 66.71 -26.93 -22.46
C ARG F 41 68.07 -27.20 -21.81
N CYS F 42 68.04 -27.65 -20.55
CA CYS F 42 69.28 -27.85 -19.82
C CYS F 42 69.09 -28.91 -18.73
N LYS F 43 70.20 -29.54 -18.36
CA LYS F 43 70.26 -30.44 -17.22
C LYS F 43 71.72 -30.65 -16.83
N THR F 44 71.93 -31.17 -15.62
CA THR F 44 73.25 -31.19 -15.00
C THR F 44 73.71 -32.61 -14.72
N ARG F 45 75.02 -32.82 -14.83
CA ARG F 45 75.65 -34.08 -14.48
C ARG F 45 76.94 -33.80 -13.72
N THR F 46 77.39 -34.79 -12.96
CA THR F 46 78.59 -34.68 -12.14
C THR F 46 79.77 -35.34 -12.83
N LEU F 47 80.90 -34.65 -12.85
CA LEU F 47 82.13 -35.17 -13.42
C LEU F 47 83.17 -35.39 -12.33
N ASP F 48 84.11 -36.31 -12.58
CA ASP F 48 85.12 -36.64 -11.58
C ASP F 48 86.18 -35.55 -11.46
N SER F 49 86.53 -34.90 -12.57
CA SER F 49 87.57 -33.87 -12.55
C SER F 49 87.18 -32.76 -13.51
N GLU F 50 87.83 -31.61 -13.35
CA GLU F 50 87.53 -30.44 -14.16
C GLU F 50 88.05 -30.64 -15.58
N PRO F 51 87.22 -30.47 -16.60
CA PRO F 51 87.69 -30.63 -17.97
C PRO F 51 88.56 -29.46 -18.40
N LYS F 52 89.64 -29.76 -19.12
CA LYS F 52 90.54 -28.75 -19.64
C LYS F 52 90.14 -28.23 -21.01
N CYS F 53 89.27 -28.95 -21.72
CA CYS F 53 88.81 -28.53 -23.03
C CYS F 53 87.51 -29.27 -23.34
N VAL F 54 86.79 -28.77 -24.35
CA VAL F 54 85.50 -29.34 -24.72
C VAL F 54 85.63 -30.74 -25.33
N GLU F 55 86.83 -31.14 -25.75
CA GLU F 55 86.98 -32.40 -26.45
C GLU F 55 86.87 -33.61 -25.51
N GLU F 56 87.16 -33.42 -24.22
CA GLU F 56 87.11 -34.50 -23.26
C GLU F 56 85.81 -34.55 -22.46
N LEU F 57 84.82 -33.76 -22.84
CA LEU F 57 83.50 -33.87 -22.23
C LEU F 57 82.78 -35.10 -22.78
N PRO F 58 82.14 -35.89 -21.93
CA PRO F 58 81.45 -37.09 -22.42
C PRO F 58 80.18 -36.74 -23.17
N GLU F 59 79.70 -37.70 -23.95
CA GLU F 59 78.44 -37.60 -24.67
C GLU F 59 77.35 -38.37 -23.94
N TRP F 60 76.14 -37.80 -23.91
CA TRP F 60 75.02 -38.53 -23.33
C TRP F 60 73.74 -38.05 -24.03
N ASN F 61 72.59 -38.39 -23.46
CA ASN F 61 71.33 -38.38 -24.18
C ASN F 61 70.24 -37.73 -23.35
N PHE F 62 69.04 -37.66 -23.94
CA PHE F 62 67.83 -37.23 -23.27
C PHE F 62 66.64 -37.87 -23.96
N ASP F 63 65.45 -37.63 -23.43
CA ASP F 63 64.22 -38.20 -23.97
C ASP F 63 63.60 -37.20 -24.94
N GLY F 64 63.63 -37.52 -26.23
CA GLY F 64 63.14 -36.61 -27.24
C GLY F 64 61.64 -36.50 -27.34
N SER F 65 60.90 -37.49 -26.82
CA SER F 65 59.45 -37.40 -26.84
C SER F 65 58.94 -36.32 -25.89
N SER F 66 59.64 -36.09 -24.78
CA SER F 66 59.28 -35.03 -23.85
C SER F 66 59.65 -33.65 -24.36
N THR F 67 60.44 -33.56 -25.44
CA THR F 67 60.87 -32.29 -26.00
C THR F 67 60.25 -32.02 -27.36
N LEU F 68 59.27 -32.83 -27.77
CA LEU F 68 58.58 -32.66 -29.05
C LEU F 68 59.55 -32.73 -30.23
N GLN F 69 60.58 -33.55 -30.10
CA GLN F 69 61.56 -33.74 -31.16
C GLN F 69 61.55 -35.16 -31.73
N SER F 70 60.63 -36.00 -31.29
CA SER F 70 60.52 -37.36 -31.78
C SER F 70 59.19 -37.94 -31.33
N GLU F 71 58.87 -39.13 -31.85
CA GLU F 71 57.69 -39.86 -31.45
C GLU F 71 58.08 -40.91 -30.42
N GLY F 72 57.13 -41.77 -30.05
CA GLY F 72 57.38 -42.74 -29.01
C GLY F 72 58.12 -43.98 -29.43
N SER F 73 58.30 -44.20 -30.73
CA SER F 73 58.96 -45.42 -31.19
C SER F 73 60.46 -45.39 -30.95
N ASN F 74 61.10 -44.25 -31.25
CA ASN F 74 62.55 -44.10 -31.19
C ASN F 74 62.92 -42.81 -30.46
N SER F 75 62.35 -42.63 -29.27
CA SER F 75 62.37 -41.34 -28.61
C SER F 75 63.77 -40.86 -28.24
N ASP F 76 64.72 -41.77 -28.09
CA ASP F 76 66.04 -41.39 -27.59
C ASP F 76 66.77 -40.48 -28.58
N MET F 77 67.37 -39.42 -28.06
CA MET F 77 68.17 -38.48 -28.85
C MET F 77 69.48 -38.21 -28.13
N TYR F 78 70.47 -37.75 -28.87
CA TYR F 78 71.84 -37.66 -28.38
C TYR F 78 72.34 -36.22 -28.38
N LEU F 79 73.23 -35.92 -27.43
CA LEU F 79 73.82 -34.60 -27.26
C LEU F 79 75.33 -34.71 -27.44
N VAL F 80 75.89 -33.90 -28.32
CA VAL F 80 77.33 -33.88 -28.57
C VAL F 80 77.85 -32.50 -28.18
N PRO F 81 78.73 -32.39 -27.20
CA PRO F 81 79.24 -31.07 -26.80
C PRO F 81 79.97 -30.36 -27.94
N ALA F 82 79.79 -29.05 -28.00
CA ALA F 82 80.39 -28.22 -29.05
C ALA F 82 81.26 -27.10 -28.50
N ALA F 83 80.85 -26.45 -27.40
CA ALA F 83 81.60 -25.34 -26.83
C ALA F 83 81.45 -25.33 -25.32
N MET F 84 82.51 -24.89 -24.64
CA MET F 84 82.54 -24.81 -23.19
C MET F 84 82.63 -23.36 -22.74
N PHE F 85 82.02 -23.07 -21.59
CA PHE F 85 82.10 -21.76 -20.97
C PHE F 85 82.11 -21.94 -19.46
N ARG F 86 82.67 -20.94 -18.77
CA ARG F 86 82.64 -20.93 -17.32
C ARG F 86 81.22 -20.71 -16.82
N ASP F 87 80.86 -21.35 -15.72
CA ASP F 87 79.52 -21.24 -15.17
C ASP F 87 79.45 -20.03 -14.25
N PRO F 88 78.63 -19.01 -14.57
CA PRO F 88 78.52 -17.86 -13.67
C PRO F 88 77.56 -18.06 -12.51
N PHE F 89 76.71 -19.09 -12.57
CA PHE F 89 75.73 -19.32 -11.52
C PHE F 89 76.25 -20.27 -10.44
N ARG F 90 77.25 -21.09 -10.76
CA ARG F 90 77.87 -21.97 -9.80
C ARG F 90 79.36 -21.69 -9.60
N LYS F 91 79.93 -20.78 -10.40
CA LYS F 91 81.33 -20.35 -10.30
C LYS F 91 82.30 -21.49 -10.63
N ASP F 92 83.59 -21.17 -10.66
CA ASP F 92 84.60 -22.15 -11.02
C ASP F 92 84.63 -23.27 -9.97
N PRO F 93 84.98 -24.50 -10.39
CA PRO F 93 85.37 -24.94 -11.73
C PRO F 93 84.22 -25.52 -12.54
N ASN F 94 82.97 -25.15 -12.26
CA ASN F 94 81.84 -25.68 -12.99
C ASN F 94 81.74 -25.03 -14.38
N LYS F 95 81.06 -25.73 -15.30
CA LYS F 95 81.07 -25.36 -16.71
C LYS F 95 79.67 -25.36 -17.29
N LEU F 96 79.50 -24.56 -18.35
CA LEU F 96 78.32 -24.60 -19.22
C LEU F 96 78.74 -25.19 -20.56
N VAL F 97 77.93 -26.10 -21.10
CA VAL F 97 78.25 -26.81 -22.33
C VAL F 97 77.09 -26.66 -23.31
N LEU F 98 77.36 -26.03 -24.45
CA LEU F 98 76.41 -25.99 -25.56
C LEU F 98 76.65 -27.20 -26.44
N CYS F 99 75.56 -27.89 -26.81
CA CYS F 99 75.67 -29.17 -27.50
C CYS F 99 74.83 -29.18 -28.78
N GLU F 100 75.24 -30.05 -29.69
CA GLU F 100 74.46 -30.37 -30.88
C GLU F 100 73.56 -31.58 -30.60
N VAL F 101 72.49 -31.69 -31.35
CA VAL F 101 71.46 -32.70 -31.13
C VAL F 101 71.41 -33.62 -32.34
N PHE F 102 71.45 -34.93 -32.08
CA PHE F 102 71.36 -35.95 -33.12
C PHE F 102 70.31 -36.98 -32.71
N LYS F 103 69.66 -37.58 -33.71
CA LYS F 103 68.62 -38.56 -33.44
C LYS F 103 69.24 -39.95 -33.27
N TYR F 104 68.38 -40.95 -33.08
CA TYR F 104 68.85 -42.29 -32.73
C TYR F 104 69.78 -42.87 -33.80
N ASN F 105 69.56 -42.51 -35.06
CA ASN F 105 70.38 -42.96 -36.17
C ASN F 105 71.55 -42.02 -36.48
N ARG F 106 71.89 -41.14 -35.55
CA ARG F 106 73.09 -40.29 -35.62
C ARG F 106 73.09 -39.35 -36.83
N ARG F 107 71.90 -38.93 -37.27
CA ARG F 107 71.83 -37.82 -38.21
C ARG F 107 71.36 -36.56 -37.50
N PRO F 108 71.72 -35.38 -38.00
CA PRO F 108 71.38 -34.14 -37.30
C PRO F 108 69.87 -33.96 -37.16
N ALA F 109 69.47 -33.37 -36.03
CA ALA F 109 68.06 -33.09 -35.77
C ALA F 109 67.55 -31.98 -36.69
N GLU F 110 66.23 -31.83 -36.73
CA GLU F 110 65.62 -30.86 -37.63
C GLU F 110 66.04 -29.44 -37.28
N THR F 111 66.09 -29.12 -35.99
CA THR F 111 66.50 -27.80 -35.54
C THR F 111 68.01 -27.68 -35.34
N ASN F 112 68.77 -28.74 -35.60
CA ASN F 112 70.22 -28.72 -35.50
C ASN F 112 70.77 -28.09 -36.77
N LEU F 113 70.81 -26.76 -36.79
CA LEU F 113 71.29 -26.01 -37.94
C LEU F 113 72.77 -25.67 -37.82
N ARG F 114 73.41 -26.00 -36.71
CA ARG F 114 74.85 -25.74 -36.58
C ARG F 114 75.67 -26.70 -37.43
N HIS F 115 75.21 -27.95 -37.59
CA HIS F 115 75.98 -28.96 -38.30
C HIS F 115 76.30 -28.51 -39.73
N THR F 116 75.29 -28.04 -40.46
CA THR F 116 75.53 -27.59 -41.83
C THR F 116 76.22 -26.23 -41.87
N CYS F 117 76.02 -25.40 -40.85
CA CYS F 117 76.65 -24.08 -40.83
C CYS F 117 78.16 -24.18 -40.61
N LYS F 118 78.59 -25.16 -39.82
CA LYS F 118 80.02 -25.35 -39.60
C LYS F 118 80.74 -25.74 -40.88
N ARG F 119 80.12 -26.63 -41.67
CA ARG F 119 80.72 -27.02 -42.94
C ARG F 119 80.79 -25.85 -43.91
N ILE F 120 79.74 -25.04 -43.95
CA ILE F 120 79.73 -23.87 -44.84
C ILE F 120 80.83 -22.88 -44.44
N MET F 121 80.99 -22.66 -43.14
CA MET F 121 81.97 -21.67 -42.68
C MET F 121 83.39 -22.17 -42.86
N ASP F 122 83.59 -23.49 -42.93
CA ASP F 122 84.93 -24.04 -43.16
C ASP F 122 85.43 -23.77 -44.57
N MET F 123 84.54 -23.47 -45.51
CA MET F 123 84.90 -23.28 -46.90
C MET F 123 85.50 -21.90 -47.20
N VAL F 124 85.35 -20.94 -46.29
CA VAL F 124 85.81 -19.57 -46.53
C VAL F 124 86.72 -19.14 -45.39
N SER F 125 87.44 -20.10 -44.81
CA SER F 125 88.23 -19.83 -43.61
C SER F 125 89.28 -18.75 -43.84
N ASN F 126 89.94 -18.76 -45.00
CA ASN F 126 91.01 -17.81 -45.25
C ASN F 126 90.52 -16.37 -45.30
N GLN F 127 89.21 -16.16 -45.53
CA GLN F 127 88.66 -14.81 -45.59
C GLN F 127 88.30 -14.25 -44.21
N HIS F 128 88.26 -15.09 -43.17
CA HIS F 128 88.00 -14.69 -41.80
C HIS F 128 86.76 -13.81 -41.67
N PRO F 129 85.56 -14.35 -41.89
CA PRO F 129 84.35 -13.53 -41.74
C PRO F 129 84.07 -13.24 -40.28
N TRP F 130 83.88 -11.95 -39.97
CA TRP F 130 83.53 -11.51 -38.63
C TRP F 130 82.04 -11.17 -38.56
N PHE F 131 81.42 -11.46 -37.42
CA PHE F 131 80.01 -11.17 -37.21
C PHE F 131 79.82 -10.44 -35.89
N GLY F 132 78.85 -9.53 -35.88
CA GLY F 132 78.44 -8.85 -34.67
C GLY F 132 76.94 -8.62 -34.68
N MET F 133 76.25 -9.10 -33.65
CA MET F 133 74.79 -9.08 -33.62
C MET F 133 74.30 -8.31 -32.40
N GLU F 134 73.28 -7.47 -32.61
CA GLU F 134 72.68 -6.67 -31.55
C GLU F 134 71.33 -7.28 -31.20
N GLN F 135 71.25 -7.88 -30.00
CA GLN F 135 70.05 -8.58 -29.56
C GLN F 135 69.20 -7.66 -28.69
N GLU F 136 67.96 -7.44 -29.11
CA GLU F 136 66.99 -6.67 -28.36
C GLU F 136 65.97 -7.60 -27.73
N TYR F 137 65.42 -7.17 -26.58
CA TYR F 137 64.49 -8.00 -25.84
C TYR F 137 63.67 -7.12 -24.90
N THR F 138 62.55 -7.66 -24.44
CA THR F 138 61.64 -6.97 -23.54
C THR F 138 61.44 -7.78 -22.27
N LEU F 139 61.50 -7.11 -21.13
CA LEU F 139 61.27 -7.76 -19.84
C LEU F 139 59.78 -7.71 -19.52
N MET F 140 59.24 -8.87 -19.14
CA MET F 140 57.82 -9.02 -18.89
C MET F 140 57.57 -9.58 -17.49
N GLY F 141 56.52 -9.11 -16.85
CA GLY F 141 56.03 -9.78 -15.67
C GLY F 141 55.37 -11.10 -16.01
N THR F 142 55.12 -11.90 -14.98
CA THR F 142 54.51 -13.21 -15.20
C THR F 142 53.04 -13.13 -15.59
N ASP F 143 52.47 -11.93 -15.67
CA ASP F 143 51.09 -11.73 -16.10
C ASP F 143 50.97 -11.41 -17.59
N GLY F 144 52.08 -11.42 -18.33
CA GLY F 144 52.04 -11.11 -19.74
C GLY F 144 52.07 -9.63 -20.08
N HIS F 145 52.35 -8.77 -19.11
CA HIS F 145 52.44 -7.34 -19.27
C HIS F 145 53.89 -6.89 -19.04
N PRO F 146 54.37 -5.89 -19.77
CA PRO F 146 55.77 -5.48 -19.61
C PRO F 146 56.09 -5.10 -18.17
N PHE F 147 57.28 -5.48 -17.73
CA PHE F 147 57.67 -5.26 -16.33
C PHE F 147 57.78 -3.77 -16.04
N GLY F 148 57.18 -3.35 -14.93
CA GLY F 148 57.20 -1.96 -14.51
C GLY F 148 56.13 -1.08 -15.12
N TRP F 149 55.37 -1.59 -16.09
CA TRP F 149 54.29 -0.82 -16.67
C TRP F 149 53.12 -0.72 -15.69
N PRO F 150 52.28 0.32 -15.82
CA PRO F 150 51.11 0.42 -14.94
C PRO F 150 50.14 -0.72 -15.17
N SER F 151 49.45 -1.12 -14.10
CA SER F 151 48.50 -2.22 -14.18
C SER F 151 47.36 -1.87 -15.11
N ASN F 152 47.17 -2.70 -16.14
CA ASN F 152 46.12 -2.51 -17.14
C ASN F 152 46.20 -1.11 -17.76
N GLY F 153 47.41 -0.68 -18.10
CA GLY F 153 47.60 0.66 -18.61
C GLY F 153 48.93 0.83 -19.30
N PHE F 154 49.27 2.08 -19.57
CA PHE F 154 50.46 2.41 -20.34
C PHE F 154 51.27 3.48 -19.64
N PRO F 155 52.58 3.52 -19.89
CA PRO F 155 53.39 4.66 -19.43
C PRO F 155 53.24 5.84 -20.37
N GLY F 156 54.02 6.90 -20.14
CA GLY F 156 54.02 8.05 -21.01
C GLY F 156 54.55 7.72 -22.39
N PRO F 157 54.37 8.64 -23.34
CA PRO F 157 54.80 8.37 -24.71
C PRO F 157 56.32 8.25 -24.82
N GLN F 158 56.75 7.53 -25.86
CA GLN F 158 58.16 7.28 -26.10
C GLN F 158 58.94 8.58 -26.27
N GLY F 159 60.25 8.50 -26.07
CA GLY F 159 61.13 9.63 -26.23
C GLY F 159 62.12 9.86 -25.09
N PRO F 160 61.69 9.70 -23.84
CA PRO F 160 62.64 9.79 -22.72
C PRO F 160 63.31 8.48 -22.33
N TYR F 161 62.83 7.34 -22.81
CA TYR F 161 63.32 6.05 -22.34
C TYR F 161 64.60 5.59 -23.05
N TYR F 162 64.89 6.11 -24.23
CA TYR F 162 66.06 5.66 -24.98
C TYR F 162 67.33 6.09 -24.26
N CYS F 163 68.14 5.09 -23.85
CA CYS F 163 69.38 5.33 -23.11
C CYS F 163 69.13 6.19 -21.87
N GLY F 164 67.98 5.99 -21.23
CA GLY F 164 67.59 6.84 -20.13
C GLY F 164 68.20 6.42 -18.80
N VAL F 165 68.15 7.34 -17.85
CA VAL F 165 68.60 7.10 -16.48
C VAL F 165 67.58 7.70 -15.52
N GLY F 166 67.31 6.99 -14.43
CA GLY F 166 66.34 7.44 -13.45
C GLY F 166 65.26 6.41 -13.16
N ALA F 167 64.56 6.58 -12.04
CA ALA F 167 63.54 5.60 -11.65
C ALA F 167 62.36 5.61 -12.60
N ASP F 168 62.08 6.74 -13.25
CA ASP F 168 60.94 6.87 -14.16
C ASP F 168 61.32 6.65 -15.62
N ARG F 169 62.54 6.22 -15.90
CA ARG F 169 62.97 6.10 -17.28
C ARG F 169 63.52 4.72 -17.64
N ALA F 170 64.22 4.07 -16.72
CA ALA F 170 64.80 2.75 -16.95
C ALA F 170 64.11 1.73 -16.06
N TYR F 171 63.57 0.67 -16.67
CA TYR F 171 62.83 -0.37 -15.96
C TYR F 171 63.66 -1.65 -15.96
N GLY F 172 64.18 -2.02 -14.79
CA GLY F 172 64.83 -3.30 -14.64
C GLY F 172 66.30 -3.33 -15.01
N ARG F 173 67.07 -2.34 -14.55
CA ARG F 173 68.49 -2.31 -14.83
C ARG F 173 69.27 -3.34 -14.01
N ASP F 174 68.68 -3.85 -12.92
CA ASP F 174 69.36 -4.87 -12.11
C ASP F 174 69.62 -6.12 -12.93
N ILE F 175 68.65 -6.57 -13.72
CA ILE F 175 68.83 -7.71 -14.59
C ILE F 175 69.92 -7.45 -15.62
N VAL F 176 69.92 -6.25 -16.20
CA VAL F 176 70.88 -5.93 -17.25
C VAL F 176 72.30 -5.92 -16.71
N GLU F 177 72.50 -5.30 -15.54
CA GLU F 177 73.82 -5.27 -14.93
C GLU F 177 74.30 -6.66 -14.56
N ALA F 178 73.40 -7.49 -14.03
CA ALA F 178 73.77 -8.86 -13.66
C ALA F 178 74.13 -9.68 -14.89
N HIS F 179 73.37 -9.53 -15.97
CA HIS F 179 73.63 -10.27 -17.19
C HIS F 179 74.97 -9.88 -17.80
N TYR F 180 75.29 -8.59 -17.78
CA TYR F 180 76.56 -8.11 -18.33
C TYR F 180 77.74 -8.72 -17.60
N ARG F 181 77.69 -8.74 -16.27
CA ARG F 181 78.80 -9.29 -15.49
C ARG F 181 78.87 -10.81 -15.62
N ALA F 182 77.72 -11.47 -15.75
CA ALA F 182 77.70 -12.93 -15.92
C ALA F 182 78.32 -13.34 -17.25
N CYS F 183 78.02 -12.61 -18.32
CA CYS F 183 78.60 -12.93 -19.62
C CYS F 183 80.11 -12.73 -19.64
N LEU F 184 80.58 -11.65 -19.02
CA LEU F 184 82.03 -11.41 -18.96
C LEU F 184 82.74 -12.52 -18.20
N TYR F 185 82.15 -12.98 -17.09
CA TYR F 185 82.76 -14.06 -16.32
C TYR F 185 82.78 -15.36 -17.11
N ALA F 186 81.71 -15.65 -17.86
CA ALA F 186 81.62 -16.90 -18.60
C ALA F 186 82.57 -16.96 -19.78
N GLY F 187 82.97 -15.81 -20.31
CA GLY F 187 83.75 -15.77 -21.54
C GLY F 187 82.97 -15.41 -22.77
N VAL F 188 81.70 -15.03 -22.65
CA VAL F 188 80.93 -14.57 -23.78
C VAL F 188 81.45 -13.21 -24.24
N LYS F 189 81.60 -13.04 -25.55
CA LYS F 189 82.17 -11.82 -26.11
C LYS F 189 81.05 -10.78 -26.24
N ILE F 190 80.71 -10.17 -25.12
CA ILE F 190 79.68 -9.14 -25.06
C ILE F 190 80.33 -7.78 -25.28
N ALA F 191 79.75 -6.97 -26.17
CA ALA F 191 80.36 -5.72 -26.59
C ALA F 191 79.75 -4.48 -25.94
N GLY F 192 78.56 -4.58 -25.38
CA GLY F 192 77.94 -3.44 -24.73
C GLY F 192 76.45 -3.60 -24.63
N THR F 193 75.83 -2.65 -23.91
CA THR F 193 74.39 -2.65 -23.67
C THR F 193 73.87 -1.23 -23.74
N ASN F 194 72.56 -1.11 -23.95
CA ASN F 194 71.89 0.19 -23.89
C ASN F 194 70.39 -0.04 -23.71
N ALA F 195 69.73 0.96 -23.13
CA ALA F 195 68.27 0.95 -23.01
C ALA F 195 67.64 1.39 -24.32
N GLU F 196 66.49 0.80 -24.64
CA GLU F 196 65.86 0.97 -25.94
C GLU F 196 64.75 2.01 -25.88
N VAL F 197 64.06 2.19 -27.01
CA VAL F 197 63.06 3.24 -27.15
C VAL F 197 61.87 2.99 -26.24
N MET F 198 61.40 1.76 -26.20
CA MET F 198 60.27 1.39 -25.34
C MET F 198 60.77 1.11 -23.93
N PRO F 199 60.08 1.60 -22.89
CA PRO F 199 60.49 1.27 -21.52
C PRO F 199 60.35 -0.22 -21.25
N ALA F 200 61.28 -0.72 -20.43
CA ALA F 200 61.45 -2.15 -20.13
C ALA F 200 61.97 -2.95 -21.32
N GLN F 201 62.49 -2.27 -22.34
CA GLN F 201 63.13 -2.92 -23.48
C GLN F 201 64.61 -2.57 -23.50
N TRP F 202 65.45 -3.55 -23.82
CA TRP F 202 66.89 -3.41 -23.69
C TRP F 202 67.59 -4.05 -24.88
N GLU F 203 68.91 -3.87 -24.94
CA GLU F 203 69.72 -4.42 -26.02
C GLU F 203 71.12 -4.72 -25.49
N PHE F 204 71.70 -5.80 -25.99
CA PHE F 204 73.12 -6.07 -25.80
C PHE F 204 73.73 -6.52 -27.13
N GLN F 205 75.03 -6.29 -27.28
CA GLN F 205 75.74 -6.60 -28.51
C GLN F 205 76.77 -7.70 -28.27
N ILE F 206 76.87 -8.63 -29.22
CA ILE F 206 77.82 -9.73 -29.16
C ILE F 206 78.72 -9.66 -30.39
N GLY F 207 80.03 -9.69 -30.17
CA GLY F 207 80.98 -9.70 -31.26
C GLY F 207 82.12 -8.72 -31.08
N PRO F 208 83.00 -8.62 -32.08
CA PRO F 208 83.02 -9.37 -33.35
C PRO F 208 83.52 -10.80 -33.17
N CYS F 209 82.73 -11.79 -33.57
CA CYS F 209 83.09 -13.19 -33.44
C CYS F 209 83.37 -13.78 -34.81
N GLU F 210 84.48 -14.50 -34.95
CA GLU F 210 84.91 -15.04 -36.22
C GLU F 210 84.22 -16.39 -36.47
N GLY F 211 83.49 -16.47 -37.58
CA GLY F 211 83.04 -17.77 -38.06
C GLY F 211 81.92 -18.37 -37.22
N ILE F 212 82.07 -19.66 -36.91
CA ILE F 212 81.01 -20.41 -36.24
C ILE F 212 80.88 -19.99 -34.78
N SER F 213 81.89 -19.31 -34.23
CA SER F 213 81.84 -18.93 -32.83
C SER F 213 80.77 -17.89 -32.55
N MET F 214 80.27 -17.21 -33.58
CA MET F 214 79.24 -16.21 -33.37
C MET F 214 77.93 -16.85 -32.91
N GLY F 215 77.56 -17.98 -33.52
CA GLY F 215 76.34 -18.67 -33.12
C GLY F 215 76.43 -19.26 -31.73
N ASP F 216 77.61 -19.76 -31.35
CA ASP F 216 77.78 -20.32 -30.01
C ASP F 216 77.66 -19.24 -28.94
N HIS F 217 78.30 -18.09 -29.16
CA HIS F 217 78.31 -17.05 -28.14
C HIS F 217 76.93 -16.43 -27.95
N LEU F 218 76.18 -16.24 -29.04
CA LEU F 218 74.86 -15.64 -28.94
C LEU F 218 73.88 -16.57 -28.23
N TRP F 219 73.94 -17.87 -28.54
CA TRP F 219 73.01 -18.82 -27.92
C TRP F 219 73.29 -18.98 -26.43
N VAL F 220 74.56 -18.96 -26.03
CA VAL F 220 74.90 -19.01 -24.62
C VAL F 220 74.48 -17.72 -23.92
N ALA F 221 74.62 -16.58 -24.60
CA ALA F 221 74.19 -15.31 -24.03
C ALA F 221 72.69 -15.31 -23.77
N ARG F 222 71.91 -15.90 -24.67
CA ARG F 222 70.46 -15.99 -24.48
C ARG F 222 70.13 -16.88 -23.29
N PHE F 223 70.85 -18.00 -23.14
CA PHE F 223 70.61 -18.89 -22.00
C PHE F 223 70.90 -18.17 -20.68
N ILE F 224 71.99 -17.41 -20.64
CA ILE F 224 72.36 -16.71 -19.41
C ILE F 224 71.30 -15.66 -19.06
N LEU F 225 70.74 -14.99 -20.06
CA LEU F 225 69.70 -14.01 -19.80
C LEU F 225 68.45 -14.66 -19.22
N HIS F 226 68.02 -15.78 -19.80
CA HIS F 226 66.86 -16.50 -19.27
C HIS F 226 67.11 -16.99 -17.85
N ARG F 227 68.30 -17.53 -17.59
CA ARG F 227 68.62 -18.02 -16.25
C ARG F 227 68.73 -16.87 -15.25
N VAL F 228 69.30 -15.74 -15.66
CA VAL F 228 69.38 -14.57 -14.78
C VAL F 228 67.99 -14.03 -14.49
N CYS F 229 67.14 -13.93 -15.52
CA CYS F 229 65.78 -13.44 -15.32
C CYS F 229 64.98 -14.39 -14.43
N GLU F 230 65.29 -15.68 -14.49
CA GLU F 230 64.61 -16.64 -13.63
C GLU F 230 64.88 -16.38 -12.16
N ASP F 231 66.09 -15.94 -11.82
CA ASP F 231 66.41 -15.60 -10.43
C ASP F 231 65.56 -14.43 -9.93
N PHE F 232 65.37 -13.42 -10.77
CA PHE F 232 64.58 -12.25 -10.39
C PHE F 232 63.09 -12.47 -10.51
N GLY F 233 62.64 -13.53 -11.18
CA GLY F 233 61.23 -13.81 -11.30
C GLY F 233 60.53 -13.13 -12.45
N VAL F 234 61.27 -12.66 -13.46
CA VAL F 234 60.70 -12.01 -14.63
C VAL F 234 61.00 -12.86 -15.86
N ILE F 235 60.36 -12.51 -16.97
CA ILE F 235 60.45 -13.25 -18.22
C ILE F 235 61.10 -12.35 -19.27
N ALA F 236 62.13 -12.88 -19.94
CA ALA F 236 62.76 -12.21 -21.06
C ALA F 236 62.15 -12.74 -22.35
N THR F 237 61.64 -11.85 -23.19
CA THR F 237 60.94 -12.21 -24.41
C THR F 237 61.69 -11.66 -25.62
N PHE F 238 61.86 -12.50 -26.65
CA PHE F 238 62.50 -12.12 -27.89
C PHE F 238 61.48 -11.90 -29.02
N ASP F 239 60.21 -11.66 -28.68
CA ASP F 239 59.19 -11.47 -29.69
C ASP F 239 59.45 -10.21 -30.51
N PRO F 240 59.25 -10.25 -31.83
CA PRO F 240 59.52 -9.06 -32.65
C PRO F 240 58.61 -7.88 -32.32
N LYS F 241 57.37 -8.12 -31.94
CA LYS F 241 56.41 -7.05 -31.63
C LYS F 241 55.64 -7.43 -30.37
N PRO F 242 56.27 -7.33 -29.20
CA PRO F 242 55.57 -7.75 -27.97
C PRO F 242 54.31 -6.94 -27.67
N ILE F 243 54.28 -5.66 -27.99
CA ILE F 243 53.15 -4.79 -27.70
C ILE F 243 52.71 -4.13 -29.01
N PRO F 244 51.45 -4.28 -29.41
CA PRO F 244 51.00 -3.66 -30.67
C PRO F 244 50.73 -2.17 -30.51
N GLY F 245 50.92 -1.46 -31.62
CA GLY F 245 50.61 -0.03 -31.66
C GLY F 245 51.82 0.86 -31.86
N ASN F 246 51.83 2.01 -31.19
CA ASN F 246 52.91 2.98 -31.30
C ASN F 246 54.01 2.70 -30.28
N TRP F 247 54.50 1.46 -30.31
CA TRP F 247 55.59 1.02 -29.45
C TRP F 247 56.62 0.27 -30.26
N ASN F 248 57.89 0.48 -29.92
CA ASN F 248 58.99 -0.04 -30.73
C ASN F 248 59.04 -1.56 -30.67
N GLY F 249 59.43 -2.16 -31.80
CA GLY F 249 59.66 -3.59 -31.88
C GLY F 249 61.10 -3.95 -31.54
N ALA F 250 61.41 -5.23 -31.73
CA ALA F 250 62.73 -5.76 -31.42
C ALA F 250 63.28 -6.52 -32.63
N GLY F 251 64.53 -6.23 -32.97
CA GLY F 251 65.21 -6.94 -34.04
C GLY F 251 66.61 -7.37 -33.61
N CYS F 252 67.26 -8.12 -34.49
CA CYS F 252 68.62 -8.61 -34.27
C CYS F 252 69.48 -8.18 -35.44
N HIS F 253 70.01 -6.95 -35.37
CA HIS F 253 70.87 -6.45 -36.43
C HIS F 253 72.16 -7.25 -36.50
N THR F 254 72.58 -7.59 -37.72
CA THR F 254 73.77 -8.40 -37.93
C THR F 254 74.81 -7.56 -38.68
N ASN F 255 75.99 -7.46 -38.11
CA ASN F 255 77.11 -6.75 -38.72
C ASN F 255 78.07 -7.78 -39.32
N PHE F 256 78.43 -7.57 -40.58
CA PHE F 256 79.20 -8.54 -41.35
C PHE F 256 80.40 -7.87 -42.00
N SER F 257 81.56 -8.51 -41.92
CA SER F 257 82.74 -8.07 -42.63
C SER F 257 83.63 -9.27 -42.91
N THR F 258 84.43 -9.14 -43.96
CA THR F 258 85.47 -10.12 -44.29
C THR F 258 86.81 -9.40 -44.26
N LYS F 259 87.89 -10.16 -44.43
CA LYS F 259 89.22 -9.56 -44.39
C LYS F 259 89.42 -8.53 -45.48
N ALA F 260 88.82 -8.74 -46.66
CA ALA F 260 88.96 -7.80 -47.76
C ALA F 260 88.37 -6.44 -47.40
N MET F 261 87.19 -6.42 -46.77
CA MET F 261 86.55 -5.15 -46.42
C MET F 261 87.30 -4.43 -45.30
N ARG F 262 88.08 -5.14 -44.49
CA ARG F 262 88.84 -4.51 -43.42
C ARG F 262 90.21 -4.00 -43.87
N GLU F 263 90.66 -4.39 -45.07
CA GLU F 263 91.92 -3.88 -45.59
C GLU F 263 91.70 -2.51 -46.20
N GLU F 264 92.72 -1.99 -46.88
CA GLU F 264 92.62 -0.67 -47.50
C GLU F 264 91.73 -0.74 -48.74
N ASN F 265 90.89 0.29 -48.91
CA ASN F 265 89.92 0.35 -50.01
C ASN F 265 88.98 -0.86 -50.01
N GLY F 266 88.66 -1.36 -48.82
CA GLY F 266 87.72 -2.46 -48.71
C GLY F 266 86.28 -2.08 -48.91
N LEU F 267 85.98 -0.78 -49.00
CA LEU F 267 84.62 -0.34 -49.32
C LEU F 267 84.19 -0.86 -50.68
N LYS F 268 85.13 -1.03 -51.60
CA LYS F 268 84.81 -1.58 -52.92
C LYS F 268 84.23 -2.98 -52.80
N TYR F 269 84.83 -3.82 -51.93
CA TYR F 269 84.32 -5.16 -51.73
C TYR F 269 82.98 -5.19 -51.01
N ILE F 270 82.67 -4.15 -50.24
CA ILE F 270 81.40 -4.09 -49.54
C ILE F 270 80.26 -3.88 -50.53
N GLU F 271 80.45 -3.00 -51.51
CA GLU F 271 79.38 -2.72 -52.47
C GLU F 271 79.02 -3.95 -53.30
N GLU F 272 79.99 -4.83 -53.57
CA GLU F 272 79.67 -6.06 -54.28
C GLU F 272 78.74 -6.95 -53.47
N ALA F 273 78.98 -7.07 -52.17
CA ALA F 273 78.13 -7.89 -51.32
C ALA F 273 76.71 -7.34 -51.27
N ILE F 274 76.57 -6.03 -51.13
CA ILE F 274 75.24 -5.41 -51.12
C ILE F 274 74.58 -5.56 -52.48
N GLU F 275 75.36 -5.44 -53.55
CA GLU F 275 74.83 -5.67 -54.89
C GLU F 275 74.31 -7.09 -55.04
N LYS F 276 75.06 -8.07 -54.53
CA LYS F 276 74.61 -9.46 -54.58
C LYS F 276 73.42 -9.70 -53.66
N LEU F 277 73.40 -9.01 -52.51
CA LEU F 277 72.33 -9.22 -51.55
C LEU F 277 70.98 -8.74 -52.07
N SER F 278 70.99 -7.70 -52.91
CA SER F 278 69.74 -7.13 -53.42
C SER F 278 68.96 -8.12 -54.28
N LYS F 279 69.62 -9.12 -54.85
CA LYS F 279 68.98 -10.08 -55.73
C LYS F 279 68.40 -11.28 -54.98
N ARG F 280 68.59 -11.37 -53.66
CA ARG F 280 68.12 -12.49 -52.86
C ARG F 280 67.40 -12.00 -51.62
N HIS F 281 66.58 -10.95 -51.75
CA HIS F 281 65.86 -10.41 -50.60
C HIS F 281 64.86 -11.41 -50.05
N GLN F 282 64.09 -12.05 -50.93
CA GLN F 282 63.06 -12.99 -50.48
C GLN F 282 63.67 -14.21 -49.81
N TYR F 283 64.80 -14.70 -50.35
CA TYR F 283 65.45 -15.87 -49.76
C TYR F 283 65.94 -15.57 -48.35
N HIS F 284 66.46 -14.37 -48.11
CA HIS F 284 67.01 -14.04 -46.80
C HIS F 284 65.92 -13.81 -45.78
N ILE F 285 64.79 -13.22 -46.19
CA ILE F 285 63.69 -13.01 -45.26
C ILE F 285 63.18 -14.33 -44.70
N ARG F 286 63.10 -15.35 -45.54
CA ARG F 286 62.69 -16.68 -45.07
C ARG F 286 63.68 -17.25 -44.07
N ALA F 287 64.98 -17.06 -44.32
CA ALA F 287 66.02 -17.59 -43.44
C ALA F 287 66.24 -16.74 -42.19
N TYR F 288 65.65 -15.55 -42.12
CA TYR F 288 65.81 -14.66 -40.98
C TYR F 288 64.73 -14.84 -39.93
N ASP F 289 63.84 -15.81 -40.09
CA ASP F 289 62.73 -16.01 -39.18
C ASP F 289 62.60 -17.51 -38.91
N PRO F 290 62.48 -17.93 -37.66
CA PRO F 290 62.16 -19.33 -37.38
C PRO F 290 60.80 -19.76 -37.88
N LYS F 291 59.88 -18.82 -38.11
CA LYS F 291 58.55 -19.12 -38.61
C LYS F 291 58.40 -18.86 -40.11
N GLY F 292 59.49 -18.52 -40.79
CA GLY F 292 59.46 -18.30 -42.22
C GLY F 292 59.20 -16.86 -42.66
N GLY F 293 58.82 -15.98 -41.75
CA GLY F 293 58.60 -14.59 -42.11
C GLY F 293 57.37 -13.97 -41.48
N LEU F 294 56.49 -14.82 -40.94
CA LEU F 294 55.27 -14.31 -40.32
C LEU F 294 55.58 -13.49 -39.07
N ASP F 295 56.55 -13.94 -38.27
CA ASP F 295 56.91 -13.21 -37.06
C ASP F 295 57.47 -11.84 -37.38
N ASN F 296 58.43 -11.78 -38.31
CA ASN F 296 59.02 -10.51 -38.71
C ASN F 296 58.06 -9.64 -39.50
N ALA F 297 56.92 -10.18 -39.94
CA ALA F 297 55.97 -9.38 -40.71
C ALA F 297 55.31 -8.30 -39.84
N ARG F 298 55.13 -8.56 -38.55
CA ARG F 298 54.50 -7.59 -37.66
C ARG F 298 55.46 -6.50 -37.21
N ARG F 299 56.76 -6.63 -37.49
CA ARG F 299 57.75 -5.64 -37.11
C ARG F 299 58.19 -4.76 -38.28
N LEU F 300 58.62 -5.38 -39.38
CA LEU F 300 59.07 -4.64 -40.56
C LEU F 300 57.85 -4.10 -41.29
N THR F 301 57.33 -2.99 -40.78
CA THR F 301 56.15 -2.34 -41.34
C THR F 301 56.45 -1.07 -42.10
N GLY F 302 57.67 -0.53 -41.99
CA GLY F 302 58.00 0.72 -42.63
C GLY F 302 57.68 1.96 -41.83
N PHE F 303 57.54 1.84 -40.51
CA PHE F 303 57.21 2.96 -39.65
C PHE F 303 58.22 3.05 -38.51
N HIS F 304 58.45 4.27 -38.04
CA HIS F 304 59.41 4.59 -36.98
C HIS F 304 60.77 3.91 -37.22
N GLU F 305 61.39 4.30 -38.33
CA GLU F 305 62.76 3.87 -38.68
C GLU F 305 62.83 2.35 -38.88
N THR F 306 61.93 1.85 -39.73
CA THR F 306 61.93 0.44 -40.12
C THR F 306 61.75 0.35 -41.62
N SER F 307 62.25 -0.75 -42.19
CA SER F 307 62.10 -1.04 -43.61
C SER F 307 60.93 -1.98 -43.82
N ASN F 308 60.27 -1.85 -44.97
CA ASN F 308 59.12 -2.68 -45.27
C ASN F 308 59.55 -4.13 -45.51
N ILE F 309 58.65 -5.06 -45.17
CA ILE F 309 58.94 -6.48 -45.30
C ILE F 309 59.07 -6.90 -46.76
N ASN F 310 58.56 -6.10 -47.70
CA ASN F 310 58.58 -6.46 -49.12
C ASN F 310 59.53 -5.61 -49.95
N ASP F 311 60.13 -4.57 -49.39
CA ASP F 311 60.97 -3.64 -50.14
C ASP F 311 62.41 -3.74 -49.66
N PHE F 312 63.34 -3.82 -50.61
CA PHE F 312 64.76 -3.85 -50.34
C PHE F 312 65.37 -2.49 -50.68
N SER F 313 66.22 -1.98 -49.79
CA SER F 313 66.88 -0.70 -50.00
C SER F 313 68.20 -0.69 -49.28
N ALA F 314 69.09 0.22 -49.69
CA ALA F 314 70.40 0.35 -49.09
C ALA F 314 70.84 1.80 -49.19
N GLY F 315 71.83 2.16 -48.38
CA GLY F 315 72.34 3.52 -48.38
C GLY F 315 73.30 3.82 -47.25
N VAL F 316 74.19 4.78 -47.47
CA VAL F 316 75.16 5.17 -46.44
C VAL F 316 74.44 5.91 -45.32
N ALA F 317 74.64 5.45 -44.08
CA ALA F 317 74.10 6.10 -42.89
C ALA F 317 72.59 6.26 -42.96
N ASN F 318 71.91 5.27 -43.54
CA ASN F 318 70.46 5.27 -43.65
C ASN F 318 69.92 4.18 -42.73
N ARG F 319 69.23 4.59 -41.66
CA ARG F 319 68.69 3.66 -40.69
C ARG F 319 67.32 3.13 -41.08
N SER F 320 66.70 3.67 -42.13
CA SER F 320 65.41 3.20 -42.60
C SER F 320 65.52 2.18 -43.73
N ALA F 321 66.73 1.86 -44.17
CA ALA F 321 66.95 0.91 -45.24
C ALA F 321 67.08 -0.51 -44.70
N SER F 322 67.10 -1.47 -45.62
CA SER F 322 67.36 -2.86 -45.23
C SER F 322 68.82 -3.08 -44.87
N ILE F 323 69.73 -2.37 -45.55
CA ILE F 323 71.16 -2.48 -45.31
C ILE F 323 71.70 -1.08 -45.06
N ARG F 324 72.48 -0.93 -44.00
CA ARG F 324 73.06 0.35 -43.62
C ARG F 324 74.58 0.27 -43.66
N ILE F 325 75.20 1.23 -44.31
CA ILE F 325 76.64 1.41 -44.29
C ILE F 325 76.96 2.56 -43.34
N PRO F 326 77.71 2.33 -42.27
CA PRO F 326 78.02 3.42 -41.33
C PRO F 326 78.75 4.56 -42.02
N ARG F 327 78.47 5.77 -41.54
CA ARG F 327 79.07 6.97 -42.14
C ARG F 327 80.58 6.94 -42.05
N THR F 328 81.11 6.49 -40.90
CA THR F 328 82.56 6.43 -40.72
C THR F 328 83.19 5.43 -41.68
N VAL F 329 82.53 4.30 -41.91
CA VAL F 329 83.07 3.30 -42.84
C VAL F 329 83.19 3.87 -44.23
N GLY F 330 82.16 4.61 -44.68
CA GLY F 330 82.23 5.24 -45.99
C GLY F 330 83.32 6.29 -46.07
N GLN F 331 83.45 7.11 -45.03
CA GLN F 331 84.51 8.13 -45.01
C GLN F 331 85.89 7.51 -44.87
N GLU F 332 85.99 6.32 -44.30
CA GLU F 332 87.27 5.61 -44.19
C GLU F 332 87.50 4.62 -45.32
N LYS F 333 86.47 4.35 -46.14
CA LYS F 333 86.56 3.45 -47.28
C LYS F 333 86.93 2.02 -46.87
N LYS F 334 86.64 1.64 -45.63
CA LYS F 334 86.90 0.30 -45.15
C LYS F 334 86.09 0.04 -43.90
N GLY F 335 85.76 -1.23 -43.67
CA GLY F 335 85.01 -1.60 -42.48
C GLY F 335 84.03 -2.73 -42.68
N TYR F 336 82.77 -2.48 -42.36
CA TYR F 336 81.73 -3.50 -42.34
C TYR F 336 80.42 -2.87 -42.81
N PHE F 337 79.38 -3.70 -42.92
CA PHE F 337 78.03 -3.21 -43.20
C PHE F 337 77.05 -3.95 -42.31
N GLU F 338 75.89 -3.34 -42.10
CA GLU F 338 74.90 -3.82 -41.16
C GLU F 338 73.63 -4.23 -41.89
N ASP F 339 73.13 -5.43 -41.58
CA ASP F 339 71.85 -5.92 -42.09
C ASP F 339 70.82 -5.79 -40.98
N ARG F 340 69.79 -4.98 -41.22
CA ARG F 340 68.79 -4.65 -40.21
C ARG F 340 67.52 -5.49 -40.32
N ARG F 341 67.51 -6.49 -41.20
CA ARG F 341 66.30 -7.28 -41.46
C ARG F 341 65.95 -8.34 -40.41
N PRO F 342 66.91 -9.08 -39.83
CA PRO F 342 66.54 -10.20 -38.96
C PRO F 342 65.75 -9.75 -37.72
N SER F 343 64.81 -10.60 -37.31
CA SER F 343 64.03 -10.36 -36.12
C SER F 343 64.81 -10.76 -34.86
N ALA F 344 64.28 -10.39 -33.71
CA ALA F 344 64.95 -10.67 -32.44
C ALA F 344 65.01 -12.16 -32.14
N ASN F 345 64.03 -12.94 -32.62
CA ASN F 345 63.96 -14.36 -32.34
C ASN F 345 64.61 -15.21 -33.44
N CYS F 346 65.57 -14.65 -34.16
CA CYS F 346 66.23 -15.37 -35.24
C CYS F 346 67.20 -16.40 -34.69
N ASP F 347 67.55 -17.37 -35.54
CA ASP F 347 68.61 -18.33 -35.23
C ASP F 347 69.91 -17.83 -35.81
N PRO F 348 70.93 -17.53 -35.00
CA PRO F 348 72.17 -16.98 -35.56
C PRO F 348 72.86 -17.91 -36.55
N PHE F 349 72.67 -19.22 -36.43
CA PHE F 349 73.29 -20.14 -37.38
C PHE F 349 72.70 -19.97 -38.78
N SER F 350 71.37 -19.78 -38.86
CA SER F 350 70.74 -19.56 -40.15
C SER F 350 71.16 -18.21 -40.74
N VAL F 351 71.23 -17.17 -39.91
CA VAL F 351 71.57 -15.84 -40.41
C VAL F 351 73.00 -15.80 -40.93
N THR F 352 73.93 -16.37 -40.16
CA THR F 352 75.33 -16.37 -40.59
C THR F 352 75.53 -17.23 -41.84
N GLU F 353 74.77 -18.32 -41.96
CA GLU F 353 74.91 -19.18 -43.12
C GLU F 353 74.40 -18.51 -44.39
N ALA F 354 73.26 -17.83 -44.30
CA ALA F 354 72.68 -17.19 -45.49
C ALA F 354 73.57 -16.06 -46.00
N LEU F 355 74.21 -15.31 -45.09
CA LEU F 355 75.09 -14.23 -45.52
C LEU F 355 76.32 -14.77 -46.23
N ILE F 356 76.88 -15.87 -45.74
CA ILE F 356 78.06 -16.44 -46.36
C ILE F 356 77.71 -17.03 -47.73
N ARG F 357 76.55 -17.67 -47.84
CA ARG F 357 76.17 -18.30 -49.10
C ARG F 357 75.99 -17.27 -50.21
N THR F 358 75.37 -16.13 -49.91
CA THR F 358 75.06 -15.16 -50.94
C THR F 358 76.28 -14.31 -51.30
N CYS F 359 76.94 -13.74 -50.29
CA CYS F 359 78.01 -12.78 -50.54
C CYS F 359 79.36 -13.43 -50.83
N LEU F 360 79.57 -14.67 -50.40
CA LEU F 360 80.87 -15.32 -50.56
C LEU F 360 80.83 -16.53 -51.48
N LEU F 361 79.75 -17.31 -51.45
CA LEU F 361 79.61 -18.49 -52.29
C LEU F 361 78.89 -18.21 -53.60
N ASN F 362 78.37 -16.99 -53.78
CA ASN F 362 77.72 -16.58 -55.03
C ASN F 362 76.57 -17.51 -55.41
N GLU F 363 75.79 -17.93 -54.42
CA GLU F 363 74.66 -18.81 -54.67
C GLU F 363 73.44 -18.02 -55.11
N THR F 364 72.59 -18.68 -55.92
CA THR F 364 71.33 -18.13 -56.37
C THR F 364 70.25 -19.18 -56.21
N GLY F 365 69.01 -18.80 -56.52
CA GLY F 365 67.89 -19.72 -56.42
C GLY F 365 67.19 -19.63 -55.08
N ASP F 366 66.11 -20.41 -54.97
CA ASP F 366 65.29 -20.43 -53.77
C ASP F 366 65.72 -21.47 -52.75
N GLU F 367 66.68 -22.33 -53.09
CA GLU F 367 67.10 -23.38 -52.18
C GLU F 367 68.62 -23.39 -52.06
N PRO F 368 69.14 -23.75 -50.88
CA PRO F 368 70.59 -23.80 -50.71
C PRO F 368 71.23 -24.85 -51.60
N PHE F 369 72.40 -24.53 -52.14
CA PHE F 369 73.19 -25.51 -52.86
C PHE F 369 73.62 -26.62 -51.90
N GLN F 370 73.47 -27.87 -52.35
CA GLN F 370 73.57 -29.01 -51.44
C GLN F 370 74.98 -29.49 -51.19
N TYR F 371 75.97 -29.08 -51.99
CA TYR F 371 77.34 -29.51 -51.76
C TYR F 371 78.30 -28.36 -51.50
N LYS F 372 78.30 -27.34 -52.34
CA LYS F 372 79.23 -26.22 -52.21
C LYS F 372 78.65 -25.03 -52.96
N ASN F 373 79.48 -24.03 -53.23
CA ASN F 373 79.09 -22.84 -53.98
C ASN F 373 78.40 -23.19 -55.31
N THR G 2 50.94 -20.35 1.70
CA THR G 2 51.52 -21.41 0.88
C THR G 2 52.86 -21.90 1.42
N THR G 3 53.53 -21.03 2.18
CA THR G 3 54.77 -21.39 2.86
C THR G 3 54.58 -21.33 4.36
N SER G 4 55.44 -22.06 5.07
CA SER G 4 55.28 -22.23 6.52
C SER G 4 55.57 -20.93 7.26
N ALA G 5 55.01 -20.83 8.47
CA ALA G 5 55.28 -19.69 9.32
C ALA G 5 56.74 -19.63 9.74
N SER G 6 57.38 -20.79 9.93
CA SER G 6 58.78 -20.81 10.30
C SER G 6 59.67 -20.21 9.21
N SER G 7 59.26 -20.30 7.94
CA SER G 7 60.06 -19.75 6.86
C SER G 7 59.98 -18.23 6.78
N HIS G 8 59.03 -17.61 7.47
CA HIS G 8 58.90 -16.16 7.47
C HIS G 8 59.70 -15.50 8.60
N LEU G 9 60.38 -16.27 9.43
CA LEU G 9 61.26 -15.70 10.43
C LEU G 9 62.51 -15.12 9.76
N ASN G 10 63.12 -14.15 10.44
CA ASN G 10 64.29 -13.46 9.90
C ASN G 10 65.47 -14.44 9.84
N LYS G 11 65.82 -14.87 8.64
CA LYS G 11 66.92 -15.82 8.46
C LYS G 11 68.28 -15.19 8.65
N GLY G 12 68.38 -13.86 8.55
CA GLY G 12 69.63 -13.19 8.85
C GLY G 12 70.01 -13.32 10.32
N ILE G 13 69.01 -13.35 11.19
CA ILE G 13 69.26 -13.53 12.62
C ILE G 13 69.89 -14.88 12.89
N LYS G 14 69.38 -15.94 12.23
CA LYS G 14 69.96 -17.26 12.39
C LYS G 14 71.41 -17.31 11.93
N GLN G 15 71.70 -16.66 10.80
CA GLN G 15 73.06 -16.71 10.24
C GLN G 15 74.07 -16.06 11.19
N VAL G 16 73.63 -15.07 11.97
CA VAL G 16 74.54 -14.44 12.94
C VAL G 16 74.94 -15.44 14.01
N TYR G 17 73.98 -16.20 14.53
CA TYR G 17 74.29 -17.19 15.57
C TYR G 17 75.14 -18.33 15.02
N MET G 18 74.92 -18.73 13.77
CA MET G 18 75.66 -19.84 13.18
C MET G 18 77.09 -19.46 12.83
N SER G 19 77.44 -18.17 12.87
CA SER G 19 78.81 -17.73 12.63
C SER G 19 79.66 -17.74 13.88
N LEU G 20 79.08 -18.04 15.04
CA LEU G 20 79.86 -18.12 16.26
C LEU G 20 80.80 -19.32 16.21
N PRO G 21 82.06 -19.16 16.62
CA PRO G 21 82.96 -20.32 16.67
C PRO G 21 82.42 -21.40 17.60
N GLN G 22 82.51 -22.65 17.14
CA GLN G 22 81.92 -23.75 17.90
C GLN G 22 82.70 -24.05 19.17
N GLY G 23 84.02 -24.12 19.08
CA GLY G 23 84.83 -24.53 20.20
C GLY G 23 85.44 -25.91 19.99
N GLU G 24 85.35 -26.77 21.01
CA GLU G 24 85.88 -28.12 20.92
C GLU G 24 84.82 -29.20 20.87
N LYS G 25 83.59 -28.91 21.29
CA LYS G 25 82.52 -29.89 21.24
C LYS G 25 82.04 -30.09 19.80
N VAL G 26 81.46 -31.27 19.54
CA VAL G 26 81.03 -31.65 18.21
C VAL G 26 79.60 -32.16 18.28
N GLN G 27 78.76 -31.71 17.36
CA GLN G 27 77.38 -32.17 17.26
C GLN G 27 77.27 -33.35 16.31
N ALA G 28 76.37 -34.27 16.62
CA ALA G 28 76.11 -35.43 15.77
C ALA G 28 74.61 -35.66 15.72
N MET G 29 74.06 -35.77 14.51
CA MET G 29 72.63 -35.95 14.30
C MET G 29 72.33 -37.39 13.94
N TYR G 30 71.44 -38.02 14.68
CA TYR G 30 71.07 -39.42 14.47
C TYR G 30 69.79 -39.50 13.64
N ILE G 31 69.83 -40.25 12.55
CA ILE G 31 68.70 -40.38 11.63
C ILE G 31 68.30 -41.84 11.52
N TRP G 32 67.00 -42.10 11.54
CA TRP G 32 66.49 -43.47 11.41
C TRP G 32 65.11 -43.45 10.77
N ILE G 33 64.73 -44.58 10.18
CA ILE G 33 63.42 -44.74 9.54
C ILE G 33 62.40 -45.17 10.59
N ASP G 34 61.23 -44.54 10.56
CA ASP G 34 60.21 -44.75 11.60
C ASP G 34 59.32 -45.94 11.23
N GLY G 35 58.22 -46.10 11.97
CA GLY G 35 57.38 -47.27 11.86
C GLY G 35 56.53 -47.34 10.62
N THR G 36 56.33 -46.21 9.94
CA THR G 36 55.58 -46.24 8.69
C THR G 36 56.42 -46.80 7.54
N GLY G 37 57.74 -46.88 7.71
CA GLY G 37 58.62 -47.35 6.66
C GLY G 37 58.90 -46.33 5.58
N GLU G 38 58.39 -45.11 5.71
CA GLU G 38 58.54 -44.08 4.69
C GLU G 38 59.18 -42.80 5.22
N GLY G 39 58.84 -42.38 6.44
CA GLY G 39 59.37 -41.15 6.98
C GLY G 39 60.68 -41.33 7.73
N LEU G 40 61.24 -40.21 8.15
CA LEU G 40 62.51 -40.19 8.87
C LEU G 40 62.37 -39.41 10.16
N ARG G 41 63.22 -39.74 11.13
CA ARG G 41 63.27 -39.05 12.41
C ARG G 41 64.71 -38.70 12.74
N CYS G 42 64.90 -37.65 13.53
CA CYS G 42 66.25 -37.20 13.84
C CYS G 42 66.29 -36.55 15.22
N LYS G 43 67.47 -36.58 15.82
CA LYS G 43 67.76 -35.91 17.09
C LYS G 43 69.27 -35.72 17.21
N THR G 44 69.68 -34.81 18.07
CA THR G 44 71.07 -34.37 18.16
C THR G 44 71.65 -34.63 19.54
N ARG G 45 72.94 -34.97 19.57
CA ARG G 45 73.68 -35.13 20.81
C ARG G 45 75.06 -34.50 20.64
N THR G 46 75.69 -34.19 21.78
CA THR G 46 76.99 -33.53 21.81
C THR G 46 78.08 -34.55 22.12
N LEU G 47 79.13 -34.55 21.31
CA LEU G 47 80.29 -35.40 21.52
C LEU G 47 81.48 -34.57 21.98
N ASP G 48 82.37 -35.20 22.73
CA ASP G 48 83.53 -34.50 23.28
C ASP G 48 84.59 -34.22 22.22
N SER G 49 84.68 -35.04 21.18
CA SER G 49 85.68 -34.86 20.14
C SER G 49 85.13 -35.38 18.82
N GLU G 50 85.75 -34.94 17.74
CA GLU G 50 85.29 -35.31 16.41
C GLU G 50 85.58 -36.79 16.14
N PRO G 51 84.57 -37.59 15.78
CA PRO G 51 84.81 -39.00 15.48
C PRO G 51 85.46 -39.17 14.12
N LYS G 52 86.49 -40.01 14.06
CA LYS G 52 87.22 -40.24 12.82
C LYS G 52 86.62 -41.33 11.95
N CYS G 53 85.66 -42.10 12.47
CA CYS G 53 85.00 -43.14 11.71
C CYS G 53 83.70 -43.51 12.41
N VAL G 54 82.84 -44.22 11.69
CA VAL G 54 81.52 -44.57 12.21
C VAL G 54 81.61 -45.56 13.36
N GLU G 55 82.72 -46.29 13.49
CA GLU G 55 82.84 -47.29 14.55
C GLU G 55 83.11 -46.66 15.92
N GLU G 56 83.49 -45.39 15.97
CA GLU G 56 83.74 -44.70 17.23
C GLU G 56 82.49 -44.02 17.80
N LEU G 57 81.37 -44.06 17.09
CA LEU G 57 80.15 -43.43 17.57
C LEU G 57 79.42 -44.35 18.54
N PRO G 58 79.02 -43.85 19.71
CA PRO G 58 78.30 -44.70 20.67
C PRO G 58 76.89 -45.00 20.19
N GLU G 59 76.32 -46.04 20.80
CA GLU G 59 74.92 -46.36 20.55
C GLU G 59 74.02 -45.38 21.29
N TRP G 60 72.74 -45.38 20.91
CA TRP G 60 71.77 -44.47 21.51
C TRP G 60 70.42 -45.19 21.57
N ASN G 61 69.37 -44.43 21.90
CA ASN G 61 68.05 -44.99 22.09
C ASN G 61 67.02 -43.88 21.94
N PHE G 62 65.76 -44.28 21.84
CA PHE G 62 64.65 -43.35 21.74
C PHE G 62 63.38 -44.04 22.23
N ASP G 63 62.30 -43.27 22.34
CA ASP G 63 61.02 -43.78 22.82
C ASP G 63 60.22 -44.29 21.62
N GLY G 64 60.03 -45.61 21.56
CA GLY G 64 59.36 -46.21 20.43
C GLY G 64 57.85 -46.02 20.41
N SER G 65 57.25 -45.71 21.56
CA SER G 65 55.81 -45.49 21.59
C SER G 65 55.43 -44.18 20.91
N SER G 66 56.31 -43.18 20.97
CA SER G 66 56.08 -41.91 20.30
C SER G 66 56.28 -41.99 18.79
N THR G 67 56.87 -43.08 18.29
CA THR G 67 57.15 -43.25 16.87
C THR G 67 56.29 -44.34 16.24
N LEU G 68 55.26 -44.81 16.95
CA LEU G 68 54.36 -45.85 16.45
C LEU G 68 55.12 -47.13 16.11
N GLN G 69 56.16 -47.42 16.88
CA GLN G 69 56.97 -48.61 16.68
C GLN G 69 56.94 -49.58 17.86
N SER G 70 56.20 -49.27 18.91
CA SER G 70 56.16 -50.12 20.10
C SER G 70 54.90 -49.83 20.89
N GLU G 71 54.60 -50.73 21.83
CA GLU G 71 53.51 -50.53 22.77
C GLU G 71 54.05 -49.79 24.00
N GLY G 72 53.25 -49.72 25.06
CA GLY G 72 53.65 -48.98 26.24
C GLY G 72 54.44 -49.79 27.25
N SER G 73 54.38 -51.12 27.15
CA SER G 73 55.03 -51.96 28.14
C SER G 73 56.54 -51.95 27.98
N ASN G 74 57.03 -52.08 26.75
CA ASN G 74 58.46 -52.19 26.45
C ASN G 74 58.86 -51.17 25.38
N SER G 75 58.48 -49.91 25.61
CA SER G 75 58.53 -48.90 24.56
C SER G 75 59.95 -48.57 24.12
N ASP G 76 60.96 -48.84 24.94
CA ASP G 76 62.31 -48.40 24.61
C ASP G 76 62.86 -49.14 23.40
N MET G 77 63.48 -48.39 22.49
CA MET G 77 64.15 -48.95 21.32
C MET G 77 65.56 -48.38 21.24
N TYR G 78 66.38 -48.96 20.37
CA TYR G 78 67.80 -48.67 20.34
C TYR G 78 68.25 -48.32 18.92
N LEU G 79 69.29 -47.49 18.83
CA LEU G 79 69.84 -47.03 17.57
C LEU G 79 71.31 -47.46 17.48
N VAL G 80 71.67 -48.06 16.35
CA VAL G 80 73.05 -48.45 16.09
C VAL G 80 73.54 -47.75 14.84
N PRO G 81 74.53 -46.86 14.95
CA PRO G 81 75.01 -46.14 13.76
C PRO G 81 75.57 -47.08 12.71
N ALA G 82 75.33 -46.75 11.44
CA ALA G 82 75.75 -47.57 10.31
C ALA G 82 76.62 -46.81 9.31
N ALA G 83 76.33 -45.54 9.06
CA ALA G 83 77.09 -44.75 8.10
C ALA G 83 77.20 -43.32 8.59
N MET G 84 78.33 -42.69 8.29
CA MET G 84 78.63 -41.33 8.70
C MET G 84 78.78 -40.42 7.49
N PHE G 85 78.33 -39.17 7.64
CA PHE G 85 78.46 -38.18 6.58
C PHE G 85 78.71 -36.82 7.21
N ARG G 86 79.34 -35.93 6.44
CA ARG G 86 79.54 -34.55 6.88
C ARG G 86 78.20 -33.83 6.93
N ASP G 87 78.08 -32.92 7.91
CA ASP G 87 76.83 -32.19 8.10
C ASP G 87 76.85 -30.93 7.24
N PRO G 88 75.95 -30.81 6.26
CA PRO G 88 75.94 -29.59 5.44
C PRO G 88 75.20 -28.42 6.07
N PHE G 89 74.38 -28.67 7.09
CA PHE G 89 73.61 -27.61 7.73
C PHE G 89 74.34 -26.99 8.91
N ARG G 90 75.33 -27.70 9.48
CA ARG G 90 76.14 -27.18 10.57
C ARG G 90 77.62 -27.11 10.23
N LYS G 91 78.03 -27.65 9.08
CA LYS G 91 79.42 -27.61 8.59
C LYS G 91 80.35 -28.43 9.48
N ASP G 92 81.60 -28.56 9.05
CA ASP G 92 82.58 -29.33 9.80
C ASP G 92 82.81 -28.72 11.18
N PRO G 93 83.14 -29.53 12.19
CA PRO G 93 83.34 -30.99 12.17
C PRO G 93 82.09 -31.79 12.52
N ASN G 94 80.90 -31.20 12.45
CA ASN G 94 79.68 -31.91 12.81
C ASN G 94 79.35 -32.97 11.76
N LYS G 95 78.57 -33.97 12.18
CA LYS G 95 78.31 -35.16 11.37
C LYS G 95 76.83 -35.50 11.34
N LEU G 96 76.43 -36.19 10.27
CA LEU G 96 75.15 -36.89 10.19
C LEU G 96 75.42 -38.39 10.21
N VAL G 97 74.63 -39.12 11.00
CA VAL G 97 74.78 -40.55 11.13
C VAL G 97 73.45 -41.23 10.84
N LEU G 98 73.47 -42.24 9.98
CA LEU G 98 72.32 -43.06 9.69
C LEU G 98 72.41 -44.33 10.54
N CYS G 99 71.31 -44.66 11.23
CA CYS G 99 71.33 -45.72 12.23
C CYS G 99 70.32 -46.81 11.89
N GLU G 100 70.61 -48.01 12.38
CA GLU G 100 69.69 -49.13 12.35
C GLU G 100 68.88 -49.16 13.64
N VAL G 101 67.67 -49.70 13.56
CA VAL G 101 66.74 -49.72 14.67
C VAL G 101 66.55 -51.15 15.16
N PHE G 102 66.64 -51.34 16.47
CA PHE G 102 66.50 -52.64 17.10
C PHE G 102 65.51 -52.56 18.25
N LYS G 103 64.86 -53.67 18.55
CA LYS G 103 63.88 -53.73 19.63
C LYS G 103 64.60 -53.77 20.98
N TYR G 104 63.81 -53.74 22.06
CA TYR G 104 64.37 -53.83 23.40
C TYR G 104 65.13 -55.12 23.61
N ASN G 105 64.72 -56.20 22.93
CA ASN G 105 65.39 -57.49 22.99
C ASN G 105 66.48 -57.62 21.91
N ARG G 106 66.94 -56.50 21.34
CA ARG G 106 68.04 -56.47 20.37
C ARG G 106 67.76 -57.28 19.12
N ARG G 107 66.47 -57.48 18.80
CA ARG G 107 66.12 -58.03 17.50
C ARG G 107 65.72 -56.92 16.53
N PRO G 108 65.93 -57.10 15.23
CA PRO G 108 65.65 -56.03 14.27
C PRO G 108 64.19 -55.60 14.29
N ALA G 109 63.99 -54.30 14.08
CA ALA G 109 62.64 -53.76 14.01
C ALA G 109 61.95 -54.20 12.71
N GLU G 110 60.64 -53.98 12.66
CA GLU G 110 59.86 -54.42 11.50
C GLU G 110 60.28 -53.68 10.24
N THR G 111 60.54 -52.38 10.35
CA THR G 111 60.96 -51.58 9.20
C THR G 111 62.47 -51.57 9.00
N ASN G 112 63.23 -52.27 9.84
CA ASN G 112 64.68 -52.36 9.70
C ASN G 112 64.98 -53.39 8.63
N LEU G 113 64.97 -52.95 7.37
CA LEU G 113 65.26 -53.82 6.24
C LEU G 113 66.74 -53.87 5.87
N ARG G 114 67.57 -53.02 6.49
CA ARG G 114 68.99 -53.02 6.16
C ARG G 114 69.70 -54.26 6.69
N HIS G 115 69.25 -54.80 7.82
CA HIS G 115 69.93 -55.93 8.44
C HIS G 115 69.99 -57.13 7.50
N THR G 116 68.85 -57.51 6.92
CA THR G 116 68.83 -58.65 6.02
C THR G 116 69.47 -58.32 4.67
N CYS G 117 69.38 -57.06 4.23
CA CYS G 117 69.98 -56.68 2.96
C CYS G 117 71.50 -56.74 3.01
N LYS G 118 72.09 -56.31 4.13
CA LYS G 118 73.54 -56.40 4.28
C LYS G 118 74.00 -57.86 4.29
N ARG G 119 73.25 -58.73 4.98
CA ARG G 119 73.61 -60.15 4.99
C ARG G 119 73.52 -60.75 3.60
N ILE G 120 72.47 -60.38 2.85
CA ILE G 120 72.32 -60.89 1.49
C ILE G 120 73.44 -60.37 0.58
N MET G 121 73.81 -59.10 0.75
CA MET G 121 74.79 -58.49 -0.15
C MET G 121 76.19 -59.01 0.13
N ASP G 122 76.46 -59.50 1.34
CA ASP G 122 77.76 -60.05 1.66
C ASP G 122 78.05 -61.34 0.90
N MET G 123 77.02 -62.02 0.42
CA MET G 123 77.17 -63.32 -0.22
C MET G 123 77.59 -63.23 -1.69
N VAL G 124 77.53 -62.04 -2.29
CA VAL G 124 77.85 -61.89 -3.71
C VAL G 124 78.91 -60.81 -3.89
N SER G 125 79.78 -60.66 -2.89
CA SER G 125 80.72 -59.56 -2.87
C SER G 125 81.66 -59.58 -4.08
N ASN G 126 82.15 -60.76 -4.45
CA ASN G 126 83.11 -60.86 -5.55
C ASN G 126 82.53 -60.38 -6.87
N GLN G 127 81.20 -60.38 -7.02
CA GLN G 127 80.59 -59.92 -8.26
C GLN G 127 80.49 -58.40 -8.35
N HIS G 128 80.67 -57.69 -7.23
CA HIS G 128 80.65 -56.24 -7.17
C HIS G 128 79.41 -55.64 -7.82
N PRO G 129 78.21 -55.89 -7.29
CA PRO G 129 77.00 -55.30 -7.89
C PRO G 129 76.98 -53.79 -7.70
N TRP G 130 76.64 -53.08 -8.77
CA TRP G 130 76.52 -51.62 -8.74
C TRP G 130 75.07 -51.22 -8.94
N PHE G 131 74.66 -50.17 -8.25
CA PHE G 131 73.30 -49.66 -8.31
C PHE G 131 73.30 -48.17 -8.58
N GLY G 132 72.31 -47.72 -9.35
CA GLY G 132 72.07 -46.31 -9.57
C GLY G 132 70.58 -46.04 -9.67
N MET G 133 70.07 -45.14 -8.83
CA MET G 133 68.65 -44.90 -8.72
C MET G 133 68.33 -43.44 -9.03
N GLU G 134 67.28 -43.22 -9.82
CA GLU G 134 66.84 -41.89 -10.21
C GLU G 134 65.59 -41.56 -9.41
N GLN G 135 65.73 -40.65 -8.44
CA GLN G 135 64.65 -40.32 -7.51
C GLN G 135 63.91 -39.08 -8.01
N GLU G 136 62.60 -39.23 -8.21
CA GLU G 136 61.74 -38.12 -8.61
C GLU G 136 60.87 -37.68 -7.44
N TYR G 137 60.48 -36.40 -7.46
CA TYR G 137 59.72 -35.83 -6.37
C TYR G 137 59.02 -34.57 -6.85
N THR G 138 58.03 -34.14 -6.09
CA THR G 138 57.24 -32.95 -6.39
C THR G 138 57.29 -31.98 -5.21
N LEU G 139 57.53 -30.71 -5.51
CA LEU G 139 57.51 -29.67 -4.49
C LEU G 139 56.10 -29.16 -4.29
N MET G 140 55.68 -29.07 -3.03
CA MET G 140 54.31 -28.71 -2.67
C MET G 140 54.32 -27.57 -1.66
N GLY G 141 53.36 -26.67 -1.80
CA GLY G 141 53.09 -25.70 -0.76
C GLY G 141 52.43 -26.36 0.44
N THR G 142 52.38 -25.62 1.54
CA THR G 142 51.80 -26.17 2.76
C THR G 142 50.28 -26.33 2.67
N ASP G 143 49.65 -25.80 1.63
CA ASP G 143 48.22 -25.96 1.43
C ASP G 143 47.86 -27.24 0.70
N GLY G 144 48.84 -28.07 0.34
CA GLY G 144 48.59 -29.30 -0.37
C GLY G 144 48.50 -29.18 -1.88
N HIS G 145 48.89 -28.04 -2.44
CA HIS G 145 48.93 -27.76 -3.86
C HIS G 145 50.38 -27.66 -4.32
N PRO G 146 50.69 -28.04 -5.56
CA PRO G 146 52.08 -27.95 -6.03
C PRO G 146 52.59 -26.51 -5.98
N PHE G 147 53.85 -26.38 -5.58
CA PHE G 147 54.42 -25.05 -5.37
C PHE G 147 54.53 -24.31 -6.70
N GLY G 148 54.10 -23.04 -6.70
CA GLY G 148 54.13 -22.21 -7.87
C GLY G 148 52.94 -22.37 -8.81
N TRP G 149 52.07 -23.35 -8.58
CA TRP G 149 50.88 -23.50 -9.40
C TRP G 149 49.88 -22.39 -9.08
N PRO G 150 49.02 -22.05 -10.04
CA PRO G 150 47.98 -21.06 -9.74
C PRO G 150 47.03 -21.57 -8.67
N SER G 151 46.57 -20.65 -7.82
CA SER G 151 45.72 -21.04 -6.70
C SER G 151 44.36 -21.51 -7.22
N ASN G 152 43.97 -22.71 -6.80
CA ASN G 152 42.73 -23.34 -7.25
C ASN G 152 42.67 -23.44 -8.77
N GLY G 153 43.78 -23.84 -9.39
CA GLY G 153 43.85 -23.89 -10.83
C GLY G 153 45.04 -24.68 -11.31
N PHE G 154 45.30 -24.59 -12.61
CA PHE G 154 46.33 -25.37 -13.26
C PHE G 154 47.20 -24.48 -14.14
N PRO G 155 48.46 -24.85 -14.33
CA PRO G 155 49.28 -24.17 -15.34
C PRO G 155 48.95 -24.64 -16.75
N GLY G 156 49.71 -24.20 -17.74
CA GLY G 156 49.53 -24.66 -19.09
C GLY G 156 49.83 -26.13 -19.25
N PRO G 157 49.42 -26.73 -20.37
CA PRO G 157 49.65 -28.16 -20.56
C PRO G 157 51.12 -28.50 -20.68
N GLN G 158 51.42 -29.77 -20.41
CA GLN G 158 52.80 -30.25 -20.36
C GLN G 158 53.48 -30.10 -21.73
N GLY G 159 54.80 -30.14 -21.70
CA GLY G 159 55.61 -30.04 -22.89
C GLY G 159 56.77 -29.06 -22.84
N PRO G 160 56.57 -27.87 -22.26
CA PRO G 160 57.71 -26.95 -22.10
C PRO G 160 58.46 -27.06 -20.78
N TYR G 161 57.97 -27.83 -19.81
CA TYR G 161 58.56 -27.87 -18.48
C TYR G 161 59.74 -28.83 -18.36
N TYR G 162 59.82 -29.84 -19.21
CA TYR G 162 60.87 -30.84 -19.11
C TYR G 162 62.22 -30.22 -19.44
N CYS G 163 63.13 -30.23 -18.47
CA CYS G 163 64.45 -29.60 -18.61
C CYS G 163 64.36 -28.14 -19.00
N GLY G 164 63.32 -27.44 -18.53
CA GLY G 164 63.08 -26.09 -18.95
C GLY G 164 63.90 -25.07 -18.19
N VAL G 165 64.00 -23.88 -18.77
CA VAL G 165 64.68 -22.74 -18.15
C VAL G 165 63.79 -21.51 -18.33
N GLY G 166 63.72 -20.68 -17.29
CA GLY G 166 62.89 -19.49 -17.32
C GLY G 166 61.92 -19.42 -16.16
N ALA G 167 61.41 -18.23 -15.87
CA ALA G 167 60.50 -18.06 -14.74
C ALA G 167 59.19 -18.79 -14.94
N ASP G 168 58.75 -18.96 -16.18
CA ASP G 168 57.48 -19.62 -16.48
C ASP G 168 57.63 -21.10 -16.78
N ARG G 169 58.82 -21.66 -16.60
CA ARG G 169 59.04 -23.05 -16.97
C ARG G 169 59.59 -23.91 -15.83
N ALA G 170 60.45 -23.35 -14.98
CA ALA G 170 61.03 -24.08 -13.86
C ALA G 170 60.53 -23.48 -12.55
N TYR G 171 59.95 -24.32 -11.69
CA TYR G 171 59.39 -23.89 -10.41
C TYR G 171 60.26 -24.41 -9.28
N GLY G 172 60.95 -23.51 -8.59
CA GLY G 172 61.66 -23.87 -7.38
C GLY G 172 63.06 -24.43 -7.58
N ARG G 173 63.84 -23.82 -8.48
CA ARG G 173 65.20 -24.28 -8.70
C ARG G 173 66.13 -23.93 -7.54
N ASP G 174 65.71 -23.01 -6.65
CA ASP G 174 66.53 -22.68 -5.49
C ASP G 174 66.73 -23.90 -4.59
N ILE G 175 65.67 -24.68 -4.39
CA ILE G 175 65.78 -25.89 -3.58
C ILE G 175 66.73 -26.88 -4.24
N VAL G 176 66.58 -27.07 -5.56
CA VAL G 176 67.36 -28.07 -6.28
C VAL G 176 68.85 -27.74 -6.22
N GLU G 177 69.19 -26.46 -6.45
CA GLU G 177 70.60 -26.07 -6.40
C GLU G 177 71.18 -26.24 -4.99
N ALA G 178 70.39 -25.91 -3.96
CA ALA G 178 70.86 -26.06 -2.59
C ALA G 178 71.06 -27.52 -2.24
N HIS G 179 70.13 -28.38 -2.65
CA HIS G 179 70.25 -29.81 -2.35
C HIS G 179 71.45 -30.42 -3.06
N TYR G 180 71.70 -30.02 -4.30
CA TYR G 180 72.84 -30.56 -5.04
C TYR G 180 74.15 -30.22 -4.34
N ARG G 181 74.31 -28.97 -3.90
CA ARG G 181 75.55 -28.57 -3.24
C ARG G 181 75.67 -29.19 -1.86
N ALA G 182 74.54 -29.32 -1.15
CA ALA G 182 74.56 -29.94 0.17
C ALA G 182 74.97 -31.40 0.10
N CYS G 183 74.48 -32.14 -0.90
CA CYS G 183 74.85 -33.54 -1.04
C CYS G 183 76.33 -33.71 -1.37
N LEU G 184 76.87 -32.85 -2.23
CA LEU G 184 78.29 -32.92 -2.55
C LEU G 184 79.15 -32.66 -1.33
N TYR G 185 78.77 -31.70 -0.50
CA TYR G 185 79.52 -31.40 0.71
C TYR G 185 79.49 -32.58 1.68
N ALA G 186 78.33 -33.23 1.82
CA ALA G 186 78.18 -34.32 2.77
C ALA G 186 78.92 -35.59 2.33
N GLY G 187 79.21 -35.73 1.04
CA GLY G 187 79.78 -36.95 0.52
C GLY G 187 78.78 -37.88 -0.12
N VAL G 188 77.53 -37.46 -0.30
CA VAL G 188 76.54 -38.26 -1.01
C VAL G 188 76.91 -38.33 -2.49
N LYS G 189 76.83 -39.53 -3.06
CA LYS G 189 77.23 -39.76 -4.45
C LYS G 189 76.08 -39.38 -5.38
N ILE G 190 75.91 -38.08 -5.58
CA ILE G 190 74.87 -37.55 -6.45
C ILE G 190 75.43 -37.41 -7.86
N ALA G 191 74.69 -37.90 -8.85
CA ALA G 191 75.18 -37.98 -10.22
C ALA G 191 74.62 -36.89 -11.14
N GLY G 192 73.53 -36.25 -10.77
CA GLY G 192 72.97 -35.20 -11.61
C GLY G 192 71.52 -34.95 -11.28
N THR G 193 70.99 -33.88 -11.89
CA THR G 193 69.62 -33.46 -11.69
C THR G 193 69.03 -32.97 -13.01
N ASN G 194 67.70 -32.98 -13.08
CA ASN G 194 66.99 -32.40 -14.21
C ASN G 194 65.57 -32.08 -13.80
N ALA G 195 64.95 -31.16 -14.53
CA ALA G 195 63.55 -30.82 -14.32
C ALA G 195 62.66 -31.82 -15.06
N GLU G 196 61.53 -32.16 -14.45
CA GLU G 196 60.69 -33.23 -14.96
C GLU G 196 59.57 -32.69 -15.85
N VAL G 197 58.70 -33.59 -16.30
CA VAL G 197 57.67 -33.24 -17.27
C VAL G 197 56.63 -32.32 -16.65
N MET G 198 56.19 -32.63 -15.44
CA MET G 198 55.24 -31.80 -14.72
C MET G 198 55.96 -30.61 -14.08
N PRO G 199 55.41 -29.40 -14.18
CA PRO G 199 56.04 -28.25 -13.50
C PRO G 199 56.05 -28.45 -12.00
N ALA G 200 57.12 -27.96 -11.37
CA ALA G 200 57.43 -28.14 -9.94
C ALA G 200 57.78 -29.58 -9.58
N GLN G 201 58.15 -30.39 -10.57
CA GLN G 201 58.59 -31.76 -10.36
C GLN G 201 60.03 -31.89 -10.85
N TRP G 202 60.86 -32.59 -10.07
CA TRP G 202 62.29 -32.67 -10.34
C TRP G 202 62.78 -34.09 -10.13
N GLU G 203 64.07 -34.30 -10.40
CA GLU G 203 64.70 -35.60 -10.28
C GLU G 203 66.18 -35.42 -10.00
N PHE G 204 66.72 -36.24 -9.09
CA PHE G 204 68.15 -36.35 -8.90
C PHE G 204 68.55 -37.82 -8.96
N GLN G 205 69.80 -38.07 -9.34
CA GLN G 205 70.32 -39.42 -9.52
C GLN G 205 71.43 -39.71 -8.52
N ILE G 206 71.40 -40.89 -7.94
CA ILE G 206 72.40 -41.34 -6.98
C ILE G 206 73.07 -42.60 -7.53
N GLY G 207 74.39 -42.60 -7.58
CA GLY G 207 75.14 -43.77 -8.00
C GLY G 207 76.28 -43.43 -8.94
N PRO G 208 77.01 -44.46 -9.40
CA PRO G 208 76.86 -45.89 -9.07
C PRO G 208 77.42 -46.23 -7.70
N CYS G 209 76.63 -46.88 -6.85
CA CYS G 209 77.04 -47.26 -5.50
C CYS G 209 77.12 -48.77 -5.40
N GLU G 210 78.23 -49.28 -4.89
CA GLU G 210 78.46 -50.72 -4.80
C GLU G 210 77.78 -51.29 -3.56
N GLY G 211 76.89 -52.26 -3.77
CA GLY G 211 76.40 -53.07 -2.66
C GLY G 211 75.47 -52.33 -1.74
N ILE G 212 75.67 -52.54 -0.43
CA ILE G 212 74.80 -51.96 0.59
C ILE G 212 74.94 -50.45 0.64
N SER G 213 76.00 -49.91 0.05
CA SER G 213 76.22 -48.46 0.09
C SER G 213 75.13 -47.70 -0.65
N MET G 214 74.38 -48.38 -1.52
CA MET G 214 73.35 -47.69 -2.31
C MET G 214 72.22 -47.21 -1.41
N GLY G 215 71.74 -48.06 -0.52
CA GLY G 215 70.65 -47.68 0.36
C GLY G 215 71.00 -46.60 1.34
N ASP G 216 72.24 -46.61 1.85
CA ASP G 216 72.67 -45.57 2.77
C ASP G 216 72.70 -44.20 2.09
N HIS G 217 73.21 -44.14 0.85
CA HIS G 217 73.36 -42.86 0.18
C HIS G 217 72.00 -42.27 -0.22
N LEU G 218 71.07 -43.13 -0.65
CA LEU G 218 69.75 -42.63 -1.08
C LEU G 218 68.94 -42.13 0.11
N TRP G 219 68.99 -42.86 1.24
CA TRP G 219 68.21 -42.45 2.40
C TRP G 219 68.74 -41.13 2.97
N VAL G 220 70.06 -40.95 2.99
CA VAL G 220 70.64 -39.70 3.48
C VAL G 220 70.28 -38.55 2.53
N ALA G 221 70.29 -38.83 1.22
CA ALA G 221 69.91 -37.82 0.24
C ALA G 221 68.46 -37.37 0.45
N ARG G 222 67.58 -38.31 0.79
CA ARG G 222 66.19 -37.96 1.08
C ARG G 222 66.08 -37.08 2.31
N PHE G 223 66.88 -37.39 3.34
CA PHE G 223 66.86 -36.58 4.56
C PHE G 223 67.32 -35.16 4.27
N ILE G 224 68.38 -35.02 3.46
CA ILE G 224 68.90 -33.70 3.14
C ILE G 224 67.87 -32.90 2.36
N LEU G 225 67.12 -33.56 1.47
CA LEU G 225 66.09 -32.87 0.71
C LEU G 225 64.99 -32.34 1.64
N HIS G 226 64.51 -33.18 2.55
CA HIS G 226 63.49 -32.76 3.50
C HIS G 226 63.98 -31.60 4.36
N ARG G 227 65.21 -31.68 4.83
CA ARG G 227 65.76 -30.64 5.71
C ARG G 227 65.99 -29.34 4.94
N VAL G 228 66.44 -29.43 3.68
CA VAL G 228 66.63 -28.23 2.87
C VAL G 228 65.29 -27.58 2.57
N CYS G 229 64.28 -28.39 2.23
CA CYS G 229 62.95 -27.84 1.95
C CYS G 229 62.33 -27.21 3.20
N GLU G 230 62.69 -27.71 4.38
CA GLU G 230 62.19 -27.12 5.62
C GLU G 230 62.68 -25.69 5.79
N ASP G 231 63.92 -25.41 5.38
CA ASP G 231 64.43 -24.04 5.45
C ASP G 231 63.60 -23.09 4.58
N PHE G 232 63.26 -23.52 3.37
CA PHE G 232 62.49 -22.70 2.45
C PHE G 232 61.00 -22.69 2.77
N GLY G 233 60.51 -23.60 3.60
CA GLY G 233 59.12 -23.64 3.98
C GLY G 233 58.20 -24.41 3.06
N VAL G 234 58.73 -25.30 2.23
CA VAL G 234 57.93 -26.10 1.31
C VAL G 234 58.11 -27.58 1.66
N ILE G 235 57.24 -28.41 1.08
CA ILE G 235 57.19 -29.84 1.37
C ILE G 235 57.63 -30.60 0.13
N ALA G 236 58.55 -31.54 0.31
CA ALA G 236 58.96 -32.45 -0.75
C ALA G 236 58.20 -33.76 -0.60
N THR G 237 57.51 -34.16 -1.66
CA THR G 237 56.64 -35.34 -1.63
C THR G 237 57.17 -36.40 -2.60
N PHE G 238 57.19 -37.65 -2.13
CA PHE G 238 57.59 -38.79 -2.95
C PHE G 238 56.40 -39.63 -3.40
N ASP G 239 55.20 -39.06 -3.40
CA ASP G 239 54.01 -39.81 -3.77
C ASP G 239 54.09 -40.24 -5.24
N PRO G 240 53.66 -41.48 -5.56
CA PRO G 240 53.73 -41.92 -6.95
C PRO G 240 52.86 -41.12 -7.91
N LYS G 241 51.73 -40.58 -7.44
CA LYS G 241 50.82 -39.80 -8.28
C LYS G 241 50.24 -38.66 -7.46
N PRO G 242 51.03 -37.60 -7.25
CA PRO G 242 50.54 -36.48 -6.43
C PRO G 242 49.33 -35.77 -7.00
N ILE G 243 49.21 -35.67 -8.32
CA ILE G 243 48.12 -34.96 -8.97
C ILE G 243 47.44 -35.92 -9.94
N PRO G 244 46.14 -36.20 -9.78
CA PRO G 244 45.46 -37.10 -10.71
C PRO G 244 45.15 -36.45 -12.04
N GLY G 245 45.12 -37.26 -13.09
CA GLY G 245 44.74 -36.79 -14.40
C GLY G 245 45.85 -36.82 -15.43
N ASN G 246 45.90 -35.79 -16.27
CA ASN G 246 46.87 -35.70 -17.36
C ASN G 246 48.15 -35.02 -16.88
N TRP G 247 48.70 -35.55 -15.79
CA TRP G 247 49.94 -35.03 -15.22
C TRP G 247 50.84 -36.19 -14.85
N ASN G 248 52.14 -35.99 -15.04
CA ASN G 248 53.11 -37.07 -14.91
C ASN G 248 53.25 -37.53 -13.45
N GLY G 249 53.52 -38.82 -13.29
CA GLY G 249 53.77 -39.40 -11.99
C GLY G 249 55.24 -39.41 -11.65
N ALA G 250 55.55 -40.04 -10.52
CA ALA G 250 56.92 -40.09 -10.00
C ALA G 250 57.32 -41.53 -9.74
N GLY G 251 58.51 -41.92 -10.23
CA GLY G 251 59.04 -43.24 -9.99
C GLY G 251 60.50 -43.16 -9.59
N CYS G 252 61.05 -44.32 -9.23
CA CYS G 252 62.45 -44.44 -8.83
C CYS G 252 63.09 -45.54 -9.68
N HIS G 253 63.58 -45.18 -10.86
CA HIS G 253 64.23 -46.13 -11.74
C HIS G 253 65.53 -46.63 -11.11
N THR G 254 65.76 -47.94 -11.23
CA THR G 254 66.94 -48.58 -10.65
C THR G 254 67.80 -49.14 -11.78
N ASN G 255 69.08 -48.79 -11.77
CA ASN G 255 70.05 -49.29 -12.73
C ASN G 255 70.93 -50.32 -12.05
N PHE G 256 71.11 -51.48 -12.69
CA PHE G 256 71.77 -52.62 -12.09
C PHE G 256 72.82 -53.19 -13.04
N SER G 257 73.99 -53.53 -12.50
CA SER G 257 75.01 -54.22 -13.24
C SER G 257 75.92 -54.95 -12.27
N THR G 258 76.51 -56.05 -12.75
CA THR G 258 77.54 -56.79 -12.04
C THR G 258 78.87 -56.59 -12.77
N LYS G 259 79.91 -57.24 -12.24
CA LYS G 259 81.22 -57.16 -12.91
C LYS G 259 81.19 -57.85 -14.26
N ALA G 260 80.44 -58.95 -14.38
CA ALA G 260 80.37 -59.69 -15.64
C ALA G 260 79.76 -58.84 -16.74
N MET G 261 78.65 -58.15 -16.45
CA MET G 261 78.02 -57.31 -17.45
C MET G 261 78.87 -56.09 -17.80
N ARG G 262 79.78 -55.69 -16.91
CA ARG G 262 80.69 -54.59 -17.19
C ARG G 262 81.91 -55.01 -17.98
N GLU G 263 82.17 -56.31 -18.12
CA GLU G 263 83.34 -56.81 -18.82
C GLU G 263 83.02 -56.97 -20.30
N GLU G 264 83.98 -57.54 -21.05
CA GLU G 264 83.80 -57.71 -22.49
C GLU G 264 82.66 -58.69 -22.77
N ASN G 265 81.79 -58.31 -23.71
CA ASN G 265 80.64 -59.12 -24.11
C ASN G 265 79.77 -59.49 -22.90
N GLY G 266 79.61 -58.53 -21.99
CA GLY G 266 78.75 -58.71 -20.84
C GLY G 266 77.28 -58.55 -21.11
N LEU G 267 76.91 -58.22 -22.35
CA LEU G 267 75.50 -58.13 -22.71
C LEU G 267 74.78 -59.46 -22.55
N LYS G 268 75.48 -60.57 -22.79
CA LYS G 268 74.86 -61.88 -22.65
C LYS G 268 74.44 -62.15 -21.21
N TYR G 269 75.25 -61.70 -20.24
CA TYR G 269 74.90 -61.91 -18.83
C TYR G 269 73.70 -61.05 -18.44
N ILE G 270 73.46 -59.96 -19.18
CA ILE G 270 72.26 -59.15 -18.94
C ILE G 270 71.02 -59.92 -19.36
N GLU G 271 71.11 -60.68 -20.46
CA GLU G 271 69.92 -61.33 -21.01
C GLU G 271 69.38 -62.41 -20.08
N GLU G 272 70.26 -63.19 -19.44
CA GLU G 272 69.78 -64.14 -18.45
C GLU G 272 69.13 -63.41 -17.26
N ALA G 273 69.71 -62.29 -16.85
CA ALA G 273 69.11 -61.52 -15.76
C ALA G 273 67.72 -61.04 -16.14
N ILE G 274 67.55 -60.55 -17.37
CA ILE G 274 66.22 -60.15 -17.84
C ILE G 274 65.30 -61.38 -17.89
N GLU G 275 65.80 -62.50 -18.40
CA GLU G 275 64.99 -63.71 -18.49
C GLU G 275 64.58 -64.20 -17.11
N LYS G 276 65.50 -64.18 -16.15
CA LYS G 276 65.16 -64.59 -14.78
C LYS G 276 64.13 -63.64 -14.17
N LEU G 277 64.27 -62.34 -14.42
CA LEU G 277 63.35 -61.36 -13.84
C LEU G 277 61.93 -61.53 -14.37
N SER G 278 61.78 -61.99 -15.62
CA SER G 278 60.47 -62.08 -16.25
C SER G 278 59.52 -63.01 -15.52
N LYS G 279 60.04 -64.00 -14.81
CA LYS G 279 59.19 -64.98 -14.13
C LYS G 279 58.79 -64.56 -12.73
N ARG G 280 59.34 -63.45 -12.22
CA ARG G 280 59.09 -63.00 -10.86
C ARG G 280 58.53 -61.58 -10.85
N HIS G 281 57.64 -61.26 -11.79
CA HIS G 281 57.09 -59.91 -11.87
C HIS G 281 56.24 -59.59 -10.65
N GLN G 282 55.37 -60.52 -10.25
CA GLN G 282 54.48 -60.28 -9.12
C GLN G 282 55.27 -60.12 -7.82
N TYR G 283 56.30 -60.95 -7.64
CA TYR G 283 57.11 -60.86 -6.42
C TYR G 283 57.82 -59.52 -6.34
N HIS G 284 58.34 -59.02 -7.47
CA HIS G 284 59.09 -57.76 -7.45
C HIS G 284 58.16 -56.56 -7.28
N ILE G 285 56.95 -56.63 -7.82
CA ILE G 285 55.99 -55.53 -7.66
C ILE G 285 55.67 -55.34 -6.18
N ARG G 286 55.51 -56.44 -5.45
CA ARG G 286 55.21 -56.35 -4.03
C ARG G 286 56.36 -55.72 -3.25
N ALA G 287 57.60 -56.04 -3.63
CA ALA G 287 58.78 -55.52 -2.93
C ALA G 287 59.16 -54.12 -3.38
N TYR G 288 58.55 -53.59 -4.43
CA TYR G 288 58.86 -52.26 -4.95
C TYR G 288 57.94 -51.19 -4.36
N ASP G 289 57.09 -51.54 -3.40
CA ASP G 289 56.15 -50.61 -2.81
C ASP G 289 56.15 -50.80 -1.31
N PRO G 290 56.25 -49.72 -0.52
CA PRO G 290 56.15 -49.87 0.94
C PRO G 290 54.77 -50.34 1.40
N LYS G 291 53.74 -50.17 0.58
CA LYS G 291 52.38 -50.58 0.93
C LYS G 291 51.94 -51.81 0.12
N GLY G 292 52.87 -52.53 -0.49
CA GLY G 292 52.57 -53.76 -1.18
C GLY G 292 52.03 -53.61 -2.59
N GLY G 293 51.86 -52.39 -3.09
CA GLY G 293 51.33 -52.19 -4.42
C GLY G 293 50.14 -51.25 -4.44
N LEU G 294 49.74 -50.78 -3.27
CA LEU G 294 48.62 -49.84 -3.16
C LEU G 294 48.99 -48.44 -3.60
N ASP G 295 50.27 -48.17 -3.86
CA ASP G 295 50.73 -46.86 -4.31
C ASP G 295 51.17 -46.86 -5.76
N ASN G 296 52.00 -47.83 -6.16
CA ASN G 296 52.46 -47.91 -7.55
C ASN G 296 51.32 -48.23 -8.52
N ALA G 297 50.17 -48.69 -8.01
CA ALA G 297 49.05 -49.01 -8.88
C ALA G 297 48.44 -47.77 -9.52
N ARG G 298 48.63 -46.59 -8.91
CA ARG G 298 48.07 -45.36 -9.46
C ARG G 298 48.99 -44.67 -10.46
N ARG G 299 50.22 -45.18 -10.65
CA ARG G 299 51.15 -44.63 -11.63
C ARG G 299 51.33 -45.53 -12.83
N LEU G 300 51.61 -46.82 -12.61
CA LEU G 300 51.84 -47.75 -13.72
C LEU G 300 50.54 -48.11 -14.41
N THR G 301 49.91 -47.13 -15.06
CA THR G 301 48.65 -47.31 -15.76
C THR G 301 48.84 -47.67 -17.23
N GLY G 302 50.08 -47.70 -17.72
CA GLY G 302 50.33 -47.95 -19.13
C GLY G 302 50.25 -46.74 -20.02
N PHE G 303 50.18 -45.54 -19.46
CA PHE G 303 50.11 -44.31 -20.22
C PHE G 303 51.19 -43.36 -19.73
N HIS G 304 51.33 -42.23 -20.44
CA HIS G 304 52.41 -41.26 -20.18
C HIS G 304 53.77 -41.94 -20.30
N GLU G 305 53.91 -42.81 -21.30
CA GLU G 305 55.15 -43.56 -21.54
C GLU G 305 55.56 -44.37 -20.31
N THR G 306 54.61 -45.13 -19.77
CA THR G 306 54.85 -46.02 -18.65
C THR G 306 54.51 -47.45 -19.06
N SER G 307 54.55 -48.36 -18.10
CA SER G 307 54.21 -49.76 -18.31
C SER G 307 53.07 -50.14 -17.37
N ASN G 308 52.25 -51.09 -17.81
CA ASN G 308 51.10 -51.51 -17.01
C ASN G 308 51.56 -52.28 -15.78
N ILE G 309 50.77 -52.16 -14.70
CA ILE G 309 51.12 -52.78 -13.42
C ILE G 309 51.04 -54.30 -13.48
N ASN G 310 50.31 -54.87 -14.45
CA ASN G 310 50.07 -56.30 -14.50
C ASN G 310 50.81 -56.99 -15.65
N ASP G 311 51.66 -56.28 -16.38
CA ASP G 311 52.32 -56.84 -17.55
C ASP G 311 53.82 -56.58 -17.49
N PHE G 312 54.59 -57.58 -17.88
CA PHE G 312 56.05 -57.50 -17.92
C PHE G 312 56.52 -57.33 -19.36
N SER G 313 57.46 -56.42 -19.58
CA SER G 313 57.97 -56.15 -20.91
C SER G 313 59.46 -55.85 -20.82
N ALA G 314 60.13 -56.00 -21.96
CA ALA G 314 61.56 -55.71 -22.07
C ALA G 314 61.89 -55.38 -23.52
N GLY G 315 63.03 -54.75 -23.71
CA GLY G 315 63.45 -54.38 -25.04
C GLY G 315 64.54 -53.34 -25.01
N VAL G 316 65.32 -53.30 -26.10
CA VAL G 316 66.41 -52.34 -26.22
C VAL G 316 65.84 -50.96 -26.50
N ALA G 317 66.23 -49.99 -25.67
CA ALA G 317 65.84 -48.58 -25.85
C ALA G 317 64.33 -48.42 -25.91
N ASN G 318 63.61 -49.20 -25.10
CA ASN G 318 62.16 -49.12 -25.03
C ASN G 318 61.79 -48.54 -23.67
N ARG G 319 61.35 -47.28 -23.66
CA ARG G 319 61.00 -46.59 -22.44
C ARG G 319 59.62 -46.97 -21.91
N SER G 320 58.79 -47.61 -22.73
CA SER G 320 57.47 -48.03 -22.29
C SER G 320 57.45 -49.42 -21.68
N ALA G 321 58.58 -50.13 -21.70
CA ALA G 321 58.65 -51.48 -21.14
C ALA G 321 58.90 -51.44 -19.64
N SER G 322 58.81 -52.62 -19.02
CA SER G 322 59.14 -52.73 -17.61
C SER G 322 60.65 -52.70 -17.38
N ILE G 323 61.42 -53.21 -18.33
CA ILE G 323 62.87 -53.21 -18.28
C ILE G 323 63.41 -52.60 -19.56
N ARG G 324 64.36 -51.68 -19.43
CA ARG G 324 64.94 -50.99 -20.57
C ARG G 324 66.43 -51.30 -20.67
N ILE G 325 66.88 -51.64 -21.86
CA ILE G 325 68.30 -51.80 -22.16
C ILE G 325 68.74 -50.60 -22.98
N PRO G 326 69.66 -49.77 -22.48
CA PRO G 326 70.07 -48.59 -23.23
C PRO G 326 70.66 -48.97 -24.59
N ARG G 327 70.42 -48.09 -25.57
CA ARG G 327 70.86 -48.37 -26.93
C ARG G 327 72.38 -48.50 -27.01
N THR G 328 73.10 -47.62 -26.31
CA THR G 328 74.56 -47.69 -26.33
C THR G 328 75.08 -48.96 -25.66
N VAL G 329 74.37 -49.47 -24.65
CA VAL G 329 74.77 -50.71 -24.01
C VAL G 329 74.69 -51.87 -25.01
N GLY G 330 73.60 -51.93 -25.77
CA GLY G 330 73.49 -52.95 -26.80
C GLY G 330 74.49 -52.77 -27.93
N GLN G 331 74.77 -51.51 -28.30
CA GLN G 331 75.74 -51.25 -29.35
C GLN G 331 77.14 -51.70 -28.94
N GLU G 332 77.52 -51.45 -27.68
CA GLU G 332 78.80 -51.90 -27.17
C GLU G 332 78.75 -53.29 -26.58
N LYS G 333 77.57 -53.91 -26.50
CA LYS G 333 77.40 -55.26 -25.95
C LYS G 333 77.99 -55.36 -24.54
N LYS G 334 77.83 -54.29 -23.75
CA LYS G 334 78.45 -54.21 -22.43
C LYS G 334 77.85 -53.06 -21.63
N GLY G 335 77.51 -53.31 -20.36
CA GLY G 335 76.99 -52.25 -19.53
C GLY G 335 76.02 -52.68 -18.45
N TYR G 336 74.85 -52.05 -18.41
CA TYR G 336 73.86 -52.22 -17.37
C TYR G 336 72.47 -52.28 -17.99
N PHE G 337 71.47 -52.53 -17.16
CA PHE G 337 70.08 -52.45 -17.57
C PHE G 337 69.29 -51.72 -16.51
N GLU G 338 68.14 -51.20 -16.92
CA GLU G 338 67.34 -50.30 -16.10
C GLU G 338 65.97 -50.90 -15.82
N ASP G 339 65.58 -50.94 -14.55
CA ASP G 339 64.26 -51.37 -14.12
C ASP G 339 63.42 -50.14 -13.80
N ARG G 340 62.32 -49.96 -14.53
CA ARG G 340 61.48 -48.77 -14.43
C ARG G 340 60.26 -48.97 -13.55
N ARG G 341 60.16 -50.11 -12.87
CA ARG G 341 58.97 -50.46 -12.11
C ARG G 341 58.82 -49.77 -10.74
N PRO G 342 59.88 -49.64 -9.92
CA PRO G 342 59.67 -49.15 -8.55
C PRO G 342 59.10 -47.74 -8.50
N SER G 343 58.27 -47.49 -7.49
CA SER G 343 57.69 -46.18 -7.27
C SER G 343 58.69 -45.24 -6.61
N ALA G 344 58.31 -43.97 -6.51
CA ALA G 344 59.20 -42.96 -5.94
C ALA G 344 59.39 -43.15 -4.44
N ASN G 345 58.38 -43.67 -3.74
CA ASN G 345 58.44 -43.86 -2.29
C ASN G 345 58.93 -45.25 -1.89
N CYS G 346 59.71 -45.90 -2.74
CA CYS G 346 60.20 -47.24 -2.44
C CYS G 346 61.34 -47.20 -1.42
N ASP G 347 61.56 -48.35 -0.79
CA ASP G 347 62.70 -48.51 0.12
C ASP G 347 63.87 -49.09 -0.65
N PRO G 348 65.00 -48.37 -0.74
CA PRO G 348 66.13 -48.89 -1.54
C PRO G 348 66.66 -50.23 -1.06
N PHE G 349 66.59 -50.50 0.25
CA PHE G 349 67.05 -51.79 0.76
C PHE G 349 66.19 -52.92 0.24
N SER G 350 64.87 -52.70 0.18
CA SER G 350 63.97 -53.72 -0.37
C SER G 350 64.22 -53.92 -1.86
N VAL G 351 64.43 -52.84 -2.60
CA VAL G 351 64.62 -52.94 -4.04
C VAL G 351 65.94 -53.65 -4.36
N THR G 352 67.01 -53.26 -3.68
CA THR G 352 68.32 -53.85 -3.97
C THR G 352 68.37 -55.33 -3.57
N GLU G 353 67.70 -55.68 -2.47
CA GLU G 353 67.70 -57.07 -2.02
C GLU G 353 66.95 -57.97 -3.00
N ALA G 354 65.82 -57.50 -3.52
CA ALA G 354 65.02 -58.32 -4.44
C ALA G 354 65.74 -58.55 -5.75
N LEU G 355 66.44 -57.53 -6.25
CA LEU G 355 67.18 -57.68 -7.50
C LEU G 355 68.35 -58.65 -7.36
N ILE G 356 69.03 -58.61 -6.21
CA ILE G 356 70.20 -59.46 -6.01
C ILE G 356 69.79 -60.93 -5.90
N ARG G 357 68.74 -61.21 -5.14
CA ARG G 357 68.36 -62.59 -4.88
C ARG G 357 67.57 -63.23 -6.01
N THR G 358 67.16 -62.46 -7.02
CA THR G 358 66.50 -63.02 -8.18
C THR G 358 67.46 -63.25 -9.35
N CYS G 359 68.36 -62.29 -9.60
CA CYS G 359 69.27 -62.38 -10.73
C CYS G 359 70.59 -63.05 -10.39
N LEU G 360 70.99 -63.03 -9.12
CA LEU G 360 72.30 -63.54 -8.73
C LEU G 360 72.24 -64.80 -7.86
N LEU G 361 71.11 -65.06 -7.21
CA LEU G 361 70.94 -66.24 -6.37
C LEU G 361 69.90 -67.21 -6.88
N ASN G 362 69.20 -66.87 -7.97
CA ASN G 362 68.26 -67.76 -8.64
C ASN G 362 67.16 -68.25 -7.70
N GLU G 363 66.58 -67.32 -6.94
CA GLU G 363 65.46 -67.66 -6.07
C GLU G 363 64.16 -67.71 -6.86
N THR G 364 63.26 -68.57 -6.41
CA THR G 364 61.92 -68.68 -6.97
C THR G 364 60.90 -68.71 -5.83
N GLY G 365 59.63 -68.82 -6.19
CA GLY G 365 58.57 -68.84 -5.21
C GLY G 365 58.13 -67.46 -4.80
N ASP G 366 57.15 -67.43 -3.91
CA ASP G 366 56.54 -66.19 -3.44
C ASP G 366 57.15 -65.67 -2.14
N GLU G 367 58.12 -66.38 -1.56
CA GLU G 367 58.65 -66.01 -0.26
C GLU G 367 60.17 -65.99 -0.28
N PRO G 368 60.80 -65.04 0.41
CA PRO G 368 62.26 -65.01 0.46
C PRO G 368 62.83 -66.27 1.11
N PHE G 369 63.96 -66.72 0.58
CA PHE G 369 64.60 -67.92 1.11
C PHE G 369 65.25 -67.64 2.46
N GLN G 370 65.24 -68.66 3.32
CA GLN G 370 65.86 -68.63 4.64
C GLN G 370 67.36 -68.88 4.54
N TYR G 371 67.98 -69.25 5.66
CA TYR G 371 69.43 -69.48 5.73
C TYR G 371 69.97 -70.30 4.56
N LYS G 372 69.12 -71.10 3.90
CA LYS G 372 69.49 -71.68 2.62
C LYS G 372 70.00 -70.61 1.65
N ASN G 373 69.59 -69.36 1.85
CA ASN G 373 70.04 -68.25 1.04
C ASN G 373 70.06 -66.97 1.86
N THR H 2 51.39 -12.10 14.97
CA THR H 2 51.80 -13.28 15.73
C THR H 2 53.22 -13.11 16.29
N THR H 3 54.02 -12.27 15.67
CA THR H 3 55.35 -11.94 16.14
C THR H 3 55.40 -10.48 16.58
N SER H 4 56.41 -10.15 17.38
CA SER H 4 56.51 -8.85 18.00
C SER H 4 56.85 -7.77 16.97
N ALA H 5 56.47 -6.53 17.30
CA ALA H 5 56.81 -5.39 16.44
C ALA H 5 58.32 -5.19 16.37
N SER H 6 59.03 -5.44 17.48
CA SER H 6 60.48 -5.27 17.49
C SER H 6 61.17 -6.20 16.51
N SER H 7 60.60 -7.39 16.28
CA SER H 7 61.21 -8.35 15.37
C SER H 7 61.03 -7.96 13.90
N HIS H 8 60.17 -7.00 13.61
CA HIS H 8 59.97 -6.54 12.24
C HIS H 8 60.89 -5.39 11.86
N LEU H 9 61.72 -4.90 12.79
CA LEU H 9 62.71 -3.90 12.45
C LEU H 9 63.81 -4.51 11.58
N ASN H 10 64.51 -3.65 10.85
CA ASN H 10 65.56 -4.10 9.94
C ASN H 10 66.75 -4.62 10.75
N LYS H 11 66.94 -5.93 10.76
CA LYS H 11 68.04 -6.53 11.49
C LYS H 11 69.37 -6.35 10.78
N GLY H 12 69.36 -6.03 9.49
CA GLY H 12 70.61 -5.71 8.81
C GLY H 12 71.25 -4.45 9.34
N ILE H 13 70.43 -3.48 9.75
CA ILE H 13 70.95 -2.24 10.33
C ILE H 13 71.67 -2.52 11.64
N LYS H 14 71.10 -3.38 12.48
CA LYS H 14 71.73 -3.71 13.76
C LYS H 14 73.08 -4.38 13.57
N GLN H 15 73.17 -5.30 12.59
CA GLN H 15 74.42 -6.01 12.36
C GLN H 15 75.54 -5.07 11.91
N VAL H 16 75.20 -3.96 11.25
CA VAL H 16 76.21 -2.98 10.88
C VAL H 16 76.84 -2.35 12.12
N TYR H 17 76.01 -1.97 13.09
CA TYR H 17 76.53 -1.38 14.31
C TYR H 17 77.30 -2.38 15.15
N MET H 18 76.87 -3.65 15.13
CA MET H 18 77.51 -4.67 15.95
C MET H 18 78.86 -5.09 15.41
N SER H 19 79.19 -4.73 14.17
CA SER H 19 80.48 -5.05 13.58
C SER H 19 81.52 -3.97 13.84
N LEU H 20 81.16 -2.88 14.52
CA LEU H 20 82.13 -1.87 14.87
C LEU H 20 83.13 -2.43 15.88
N PRO H 21 84.42 -2.10 15.75
CA PRO H 21 85.38 -2.50 16.78
C PRO H 21 85.02 -1.90 18.13
N GLN H 22 85.10 -2.73 19.17
CA GLN H 22 84.65 -2.29 20.50
C GLN H 22 85.64 -1.32 21.13
N GLY H 23 86.93 -1.60 21.02
CA GLY H 23 87.94 -0.82 21.71
C GLY H 23 88.55 -1.56 22.88
N GLU H 24 88.66 -0.89 24.03
CA GLU H 24 89.23 -1.50 25.22
C GLU H 24 88.22 -1.74 26.34
N LYS H 25 87.06 -1.08 26.30
CA LYS H 25 86.04 -1.31 27.31
C LYS H 25 85.37 -2.66 27.10
N VAL H 26 84.80 -3.19 28.19
CA VAL H 26 84.20 -4.51 28.21
C VAL H 26 82.81 -4.42 28.81
N GLN H 27 81.84 -5.07 28.16
CA GLN H 27 80.47 -5.12 28.64
C GLN H 27 80.26 -6.35 29.50
N ALA H 28 79.44 -6.21 30.54
CA ALA H 28 79.10 -7.33 31.42
C ALA H 28 77.63 -7.22 31.77
N MET H 29 76.88 -8.30 31.56
CA MET H 29 75.45 -8.33 31.82
C MET H 29 75.17 -9.10 33.09
N TYR H 30 74.43 -8.48 34.01
CA TYR H 30 74.10 -9.08 35.30
C TYR H 30 72.71 -9.70 35.22
N ILE H 31 72.59 -10.96 35.62
CA ILE H 31 71.34 -11.71 35.53
C ILE H 31 70.99 -12.23 36.92
N TRP H 32 69.71 -12.10 37.29
CA TRP H 32 69.24 -12.59 38.59
C TRP H 32 67.78 -12.99 38.50
N ILE H 33 67.36 -13.82 39.44
CA ILE H 33 65.98 -14.32 39.50
C ILE H 33 65.14 -13.35 40.31
N ASP H 34 63.95 -13.03 39.80
CA ASP H 34 63.11 -12.00 40.39
C ASP H 34 62.23 -12.57 41.50
N GLY H 35 61.26 -11.77 41.96
CA GLY H 35 60.45 -12.15 43.10
C GLY H 35 59.41 -13.21 42.83
N THR H 36 59.07 -13.46 41.56
CA THR H 36 58.13 -14.52 41.24
C THR H 36 58.77 -15.90 41.38
N GLY H 37 60.09 -15.98 41.41
CA GLY H 37 60.79 -17.24 41.54
C GLY H 37 60.99 -18.02 40.25
N GLU H 38 60.46 -17.53 39.13
CA GLU H 38 60.62 -18.21 37.85
C GLU H 38 61.00 -17.26 36.71
N GLY H 39 60.95 -15.95 36.91
CA GLY H 39 61.35 -15.00 35.89
C GLY H 39 62.77 -14.51 36.10
N LEU H 40 63.34 -13.93 35.06
CA LEU H 40 64.71 -13.44 35.07
C LEU H 40 64.75 -11.95 34.73
N ARG H 41 65.79 -11.28 35.23
CA ARG H 41 66.02 -9.87 34.96
C ARG H 41 67.49 -9.68 34.60
N CYS H 42 67.76 -8.65 33.80
CA CYS H 42 69.12 -8.41 33.31
C CYS H 42 69.43 -6.92 33.32
N LYS H 43 70.72 -6.62 33.40
CA LYS H 43 71.23 -5.25 33.42
C LYS H 43 72.69 -5.27 32.97
N THR H 44 73.11 -4.18 32.32
CA THR H 44 74.41 -4.11 31.69
C THR H 44 75.24 -2.96 32.27
N ARG H 45 76.53 -3.21 32.46
CA ARG H 45 77.47 -2.19 32.92
C ARG H 45 78.77 -2.32 32.16
N THR H 46 79.56 -1.25 32.18
CA THR H 46 80.83 -1.19 31.47
C THR H 46 81.99 -1.38 32.43
N LEU H 47 82.93 -2.23 32.06
CA LEU H 47 84.13 -2.49 32.85
C LEU H 47 85.36 -1.98 32.12
N ASP H 48 86.39 -1.62 32.89
CA ASP H 48 87.60 -1.07 32.30
C ASP H 48 88.40 -2.11 31.54
N SER H 49 88.41 -3.35 32.02
CA SER H 49 89.19 -4.40 31.40
C SER H 49 88.46 -5.73 31.54
N GLU H 50 88.85 -6.69 30.70
CA GLU H 50 88.19 -7.98 30.68
C GLU H 50 88.48 -8.75 31.98
N PRO H 51 87.46 -9.22 32.68
CA PRO H 51 87.70 -9.97 33.91
C PRO H 51 88.24 -11.37 33.61
N LYS H 52 89.23 -11.79 34.38
CA LYS H 52 89.84 -13.10 34.22
C LYS H 52 89.12 -14.19 35.00
N CYS H 53 88.29 -13.83 35.98
CA CYS H 53 87.54 -14.80 36.76
C CYS H 53 86.38 -14.08 37.43
N VAL H 54 85.42 -14.88 37.91
CA VAL H 54 84.22 -14.32 38.52
C VAL H 54 84.53 -13.62 39.84
N GLU H 55 85.68 -13.89 40.44
CA GLU H 55 85.99 -13.33 41.75
C GLU H 55 86.34 -11.85 41.71
N GLU H 56 86.74 -11.33 40.55
CA GLU H 56 87.11 -9.93 40.43
C GLU H 56 86.01 -9.09 39.78
N LEU H 57 84.79 -9.61 39.68
CA LEU H 57 83.66 -8.81 39.24
C LEU H 57 83.06 -8.06 40.43
N PRO H 58 82.91 -6.74 40.34
CA PRO H 58 82.38 -5.99 41.48
C PRO H 58 80.93 -6.31 41.75
N GLU H 59 80.54 -6.10 43.00
CA GLU H 59 79.14 -6.23 43.39
C GLU H 59 78.32 -5.07 42.81
N TRP H 60 77.01 -5.28 42.72
CA TRP H 60 76.12 -4.28 42.15
C TRP H 60 74.84 -4.25 42.97
N ASN H 61 73.82 -3.57 42.45
CA ASN H 61 72.58 -3.36 43.18
C ASN H 61 71.48 -2.98 42.19
N PHE H 62 70.24 -3.04 42.65
CA PHE H 62 69.10 -2.66 41.84
C PHE H 62 67.97 -2.23 42.76
N ASP H 63 66.87 -1.76 42.17
CA ASP H 63 65.71 -1.28 42.91
C ASP H 63 64.74 -2.44 43.08
N GLY H 64 64.57 -2.89 44.34
CA GLY H 64 63.72 -4.03 44.61
C GLY H 64 62.23 -3.75 44.55
N SER H 65 61.83 -2.48 44.70
CA SER H 65 60.41 -2.16 44.59
C SER H 65 59.89 -2.32 43.17
N SER H 66 60.73 -2.02 42.17
CA SER H 66 60.33 -2.22 40.78
C SER H 66 60.27 -3.70 40.40
N THR H 67 60.97 -4.56 41.13
CA THR H 67 60.95 -5.99 40.90
C THR H 67 60.00 -6.73 41.85
N LEU H 68 59.30 -6.00 42.71
CA LEU H 68 58.37 -6.57 43.69
C LEU H 68 59.07 -7.57 44.61
N GLN H 69 60.31 -7.25 44.96
CA GLN H 69 61.05 -8.01 45.97
C GLN H 69 61.23 -7.23 47.27
N SER H 70 60.61 -6.05 47.37
CA SER H 70 60.71 -5.23 48.56
C SER H 70 59.59 -4.20 48.53
N GLU H 71 59.40 -3.51 49.65
CA GLU H 71 58.44 -2.44 49.76
C GLU H 71 59.15 -1.10 49.52
N GLY H 72 58.44 -0.01 49.79
CA GLY H 72 58.96 1.32 49.50
C GLY H 72 59.85 1.93 50.55
N SER H 73 60.14 1.21 51.63
CA SER H 73 60.96 1.77 52.71
C SER H 73 62.45 1.46 52.53
N ASN H 74 62.79 0.18 52.35
CA ASN H 74 64.17 -0.24 52.22
C ASN H 74 64.38 -0.96 50.89
N SER H 75 63.90 -0.35 49.81
CA SER H 75 63.75 -1.04 48.52
C SER H 75 65.06 -1.54 47.93
N ASP H 76 66.20 -0.96 48.31
CA ASP H 76 67.46 -1.31 47.66
C ASP H 76 67.85 -2.77 47.93
N MET H 77 68.25 -3.47 46.88
CA MET H 77 68.76 -4.83 46.96
C MET H 77 70.16 -4.87 46.38
N TYR H 78 70.83 -6.01 46.52
CA TYR H 78 72.21 -6.15 46.11
C TYR H 78 72.44 -7.43 45.33
N LEU H 79 73.37 -7.38 44.38
CA LEU H 79 73.72 -8.50 43.53
C LEU H 79 75.16 -8.90 43.79
N VAL H 80 75.39 -10.20 43.94
CA VAL H 80 76.72 -10.76 44.16
C VAL H 80 76.99 -11.77 43.06
N PRO H 81 78.01 -11.58 42.22
CA PRO H 81 78.28 -12.53 41.14
C PRO H 81 78.58 -13.93 41.67
N ALA H 82 78.09 -14.92 40.95
CA ALA H 82 78.30 -16.33 41.29
C ALA H 82 78.94 -17.15 40.20
N ALA H 83 78.55 -16.94 38.94
CA ALA H 83 79.11 -17.68 37.82
C ALA H 83 79.22 -16.76 36.61
N MET H 84 80.25 -16.99 35.81
CA MET H 84 80.57 -16.14 34.66
C MET H 84 80.56 -16.99 33.39
N PHE H 85 80.07 -16.39 32.30
CA PHE H 85 80.02 -17.07 31.01
C PHE H 85 80.32 -16.08 29.90
N ARG H 86 80.80 -16.61 28.77
CA ARG H 86 81.03 -15.79 27.59
C ARG H 86 79.69 -15.34 27.00
N ASP H 87 79.65 -14.10 26.53
CA ASP H 87 78.42 -13.54 25.98
C ASP H 87 78.26 -13.98 24.53
N PRO H 88 77.21 -14.73 24.19
CA PRO H 88 76.99 -15.11 22.78
C PRO H 88 76.32 -14.05 21.95
N PHE H 89 75.75 -13.01 22.57
CA PHE H 89 75.04 -11.97 21.85
C PHE H 89 75.91 -10.77 21.51
N ARG H 90 76.95 -10.52 22.30
CA ARG H 90 77.90 -9.46 22.03
C ARG H 90 79.30 -9.96 21.73
N LYS H 91 79.55 -11.27 21.87
CA LYS H 91 80.82 -11.91 21.55
C LYS H 91 81.93 -11.46 22.50
N ASP H 92 83.10 -12.08 22.39
CA ASP H 92 84.23 -11.77 23.25
C ASP H 92 84.65 -10.31 23.05
N PRO H 93 85.17 -9.65 24.09
CA PRO H 93 85.42 -10.17 25.45
C PRO H 93 84.26 -9.92 26.41
N ASN H 94 83.06 -9.65 25.91
CA ASN H 94 81.92 -9.40 26.77
C ASN H 94 81.45 -10.69 27.44
N LYS H 95 80.80 -10.54 28.59
CA LYS H 95 80.53 -11.66 29.47
C LYS H 95 79.11 -11.57 30.04
N LEU H 96 78.60 -12.74 30.45
CA LEU H 96 77.35 -12.85 31.20
C LEU H 96 77.66 -13.26 32.63
N VAL H 97 76.94 -12.66 33.58
CA VAL H 97 77.17 -12.90 35.00
C VAL H 97 75.84 -13.26 35.66
N LEU H 98 75.78 -14.46 36.26
CA LEU H 98 74.65 -14.86 37.08
C LEU H 98 74.95 -14.52 38.54
N CYS H 99 74.01 -13.84 39.20
CA CYS H 99 74.24 -13.29 40.53
C CYS H 99 73.20 -13.80 41.51
N GLU H 100 73.59 -13.79 42.79
CA GLU H 100 72.68 -14.01 43.90
C GLU H 100 72.12 -12.67 44.39
N VAL H 101 70.94 -12.74 44.99
CA VAL H 101 70.23 -11.55 45.45
C VAL H 101 70.22 -11.54 46.97
N PHE H 102 70.56 -10.39 47.55
CA PHE H 102 70.57 -10.22 49.01
C PHE H 102 69.79 -8.97 49.38
N LYS H 103 69.22 -8.98 50.57
CA LYS H 103 68.43 -7.85 51.05
C LYS H 103 69.35 -6.72 51.49
N TYR H 104 68.74 -5.59 51.90
CA TYR H 104 69.53 -4.45 52.35
C TYR H 104 70.36 -4.80 53.58
N ASN H 105 69.86 -5.70 54.43
CA ASN H 105 70.56 -6.14 55.62
C ASN H 105 71.44 -7.36 55.38
N ARG H 106 71.83 -7.61 54.13
CA ARG H 106 72.77 -8.67 53.73
C ARG H 106 72.24 -10.06 54.04
N ARG H 107 70.94 -10.22 54.22
CA ARG H 107 70.41 -11.57 54.33
C ARG H 107 69.82 -12.02 52.99
N PRO H 108 69.84 -13.32 52.71
CA PRO H 108 69.38 -13.80 51.40
C PRO H 108 67.93 -13.44 51.13
N ALA H 109 67.64 -13.20 49.85
CA ALA H 109 66.28 -12.90 49.43
C ALA H 109 65.42 -14.16 49.51
N GLU H 110 64.10 -13.94 49.43
CA GLU H 110 63.16 -15.05 49.59
C GLU H 110 63.33 -16.09 48.49
N THR H 111 63.56 -15.65 47.25
CA THR H 111 63.74 -16.54 46.12
C THR H 111 65.20 -16.94 45.91
N ASN H 112 66.11 -16.51 46.77
CA ASN H 112 67.53 -16.85 46.66
C ASN H 112 67.72 -18.23 47.29
N LEU H 113 67.47 -19.26 46.49
CA LEU H 113 67.62 -20.64 46.95
C LEU H 113 69.01 -21.21 46.70
N ARG H 114 69.88 -20.48 46.00
CA ARG H 114 71.23 -20.96 45.76
C ARG H 114 72.07 -20.97 47.03
N HIS H 115 71.86 -19.99 47.92
CA HIS H 115 72.70 -19.86 49.11
C HIS H 115 72.63 -21.12 49.97
N THR H 116 71.42 -21.57 50.30
CA THR H 116 71.29 -22.76 51.12
C THR H 116 71.67 -24.03 50.34
N CYS H 117 71.44 -24.03 49.02
CA CYS H 117 71.79 -25.21 48.23
C CYS H 117 73.29 -25.39 48.14
N LYS H 118 74.05 -24.28 48.03
CA LYS H 118 75.50 -24.38 47.97
C LYS H 118 76.07 -24.97 49.25
N ARG H 119 75.51 -24.58 50.39
CA ARG H 119 75.96 -25.13 51.67
C ARG H 119 75.70 -26.63 51.74
N ILE H 120 74.55 -27.08 51.22
CA ILE H 120 74.23 -28.50 51.23
C ILE H 120 75.21 -29.28 50.35
N MET H 121 75.57 -28.72 49.19
CA MET H 121 76.48 -29.42 48.29
C MET H 121 77.88 -29.53 48.89
N ASP H 122 78.28 -28.54 49.69
CA ASP H 122 79.59 -28.59 50.32
C ASP H 122 79.67 -29.71 51.35
N MET H 123 78.54 -30.04 51.98
CA MET H 123 78.53 -31.05 53.03
C MET H 123 78.85 -32.44 52.49
N VAL H 124 78.34 -32.76 51.30
CA VAL H 124 78.52 -34.07 50.70
C VAL H 124 79.42 -34.01 49.46
N SER H 125 80.31 -33.01 49.39
CA SER H 125 81.10 -32.78 48.19
C SER H 125 82.02 -33.96 47.87
N ASN H 126 82.38 -34.76 48.87
CA ASN H 126 83.32 -35.85 48.65
C ASN H 126 82.74 -36.99 47.82
N GLN H 127 81.42 -37.04 47.62
CA GLN H 127 80.80 -38.09 46.85
C GLN H 127 80.57 -37.71 45.39
N HIS H 128 80.83 -36.46 45.01
CA HIS H 128 80.72 -35.96 43.65
C HIS H 128 79.38 -36.29 43.00
N PRO H 129 78.27 -35.74 43.50
CA PRO H 129 76.98 -36.00 42.86
C PRO H 129 76.90 -35.33 41.50
N TRP H 130 76.37 -36.06 40.52
CA TRP H 130 76.19 -35.56 39.16
C TRP H 130 74.71 -35.41 38.86
N PHE H 131 74.38 -34.38 38.09
CA PHE H 131 73.00 -34.09 37.72
C PHE H 131 72.90 -33.86 36.22
N GLY H 132 71.78 -34.30 35.65
CA GLY H 132 71.45 -34.05 34.26
C GLY H 132 69.97 -33.79 34.09
N MET H 133 69.59 -32.66 33.53
CA MET H 133 68.21 -32.22 33.48
C MET H 133 67.77 -32.02 32.04
N GLU H 134 66.56 -32.50 31.72
CA GLU H 134 65.98 -32.40 30.39
C GLU H 134 64.88 -31.34 30.44
N GLN H 135 65.14 -30.18 29.84
CA GLN H 135 64.22 -29.05 29.89
C GLN H 135 63.36 -29.01 28.64
N GLU H 136 62.04 -29.06 28.83
CA GLU H 136 61.08 -29.00 27.74
C GLU H 136 60.38 -27.64 27.76
N TYR H 137 59.97 -27.18 26.58
CA TYR H 137 59.37 -25.86 26.44
C TYR H 137 58.56 -25.80 25.16
N THR H 138 57.65 -24.83 25.10
CA THR H 138 56.79 -24.62 23.95
C THR H 138 56.98 -23.21 23.40
N LEU H 139 57.08 -23.11 22.08
CA LEU H 139 57.20 -21.81 21.41
C LEU H 139 55.81 -21.24 21.14
N MET H 140 55.62 -19.97 21.48
CA MET H 140 54.34 -19.30 21.35
C MET H 140 54.49 -18.01 20.56
N GLY H 141 53.48 -17.68 19.78
CA GLY H 141 53.35 -16.36 19.22
C GLY H 141 52.93 -15.36 20.28
N THR H 142 53.00 -14.08 19.90
CA THR H 142 52.63 -13.02 20.84
C THR H 142 51.14 -12.93 21.10
N ASP H 143 50.33 -13.74 20.41
CA ASP H 143 48.89 -13.78 20.63
C ASP H 143 48.48 -14.85 21.65
N GLY H 144 49.42 -15.56 22.25
CA GLY H 144 49.09 -16.59 23.21
C GLY H 144 48.72 -17.92 22.61
N HIS H 145 49.07 -18.16 21.35
CA HIS H 145 48.78 -19.39 20.64
C HIS H 145 50.11 -20.00 20.20
N PRO H 146 50.24 -21.33 20.16
CA PRO H 146 51.52 -21.93 19.80
C PRO H 146 51.98 -21.48 18.41
N PHE H 147 53.28 -21.25 18.29
CA PHE H 147 53.85 -20.73 17.05
C PHE H 147 53.70 -21.74 15.92
N GLY H 148 53.21 -21.27 14.77
CA GLY H 148 53.02 -22.12 13.61
C GLY H 148 51.70 -22.86 13.57
N TRP H 149 50.91 -22.81 14.64
CA TRP H 149 49.62 -23.48 14.64
C TRP H 149 48.62 -22.72 13.77
N PRO H 150 47.60 -23.40 13.25
CA PRO H 150 46.58 -22.70 12.46
C PRO H 150 45.86 -21.65 13.28
N SER H 151 45.51 -20.55 12.62
CA SER H 151 44.83 -19.44 13.28
C SER H 151 43.49 -19.90 13.83
N ASN H 152 43.32 -19.79 15.14
CA ASN H 152 42.09 -20.20 15.84
C ASN H 152 41.74 -21.67 15.57
N GLY H 153 42.76 -22.52 15.52
CA GLY H 153 42.53 -23.91 15.22
C GLY H 153 43.66 -24.79 15.71
N PHE H 154 43.66 -26.03 15.22
CA PHE H 154 44.60 -27.05 15.65
C PHE H 154 45.26 -27.70 14.45
N PRO H 155 46.49 -28.20 14.63
CA PRO H 155 47.10 -29.04 13.59
C PRO H 155 46.57 -30.47 13.66
N GLY H 156 47.13 -31.37 12.86
CA GLY H 156 46.75 -32.76 12.89
C GLY H 156 47.10 -33.42 14.20
N PRO H 157 46.54 -34.60 14.46
CA PRO H 157 46.78 -35.26 15.75
C PRO H 157 48.23 -35.69 15.90
N GLN H 158 48.64 -35.82 17.16
CA GLN H 158 50.02 -36.15 17.51
C GLN H 158 50.45 -37.47 16.88
N GLY H 159 51.76 -37.67 16.80
CA GLY H 159 52.33 -38.89 16.27
C GLY H 159 53.43 -38.70 15.24
N PRO H 160 53.30 -37.74 14.32
CA PRO H 160 54.40 -37.46 13.39
C PRO H 160 55.37 -36.37 13.82
N TYR H 161 55.09 -35.66 14.91
CA TYR H 161 55.90 -34.52 15.30
C TYR H 161 57.11 -34.88 16.14
N TYR H 162 57.10 -36.04 16.80
CA TYR H 162 58.21 -36.43 17.67
C TYR H 162 59.45 -36.70 16.83
N CYS H 163 60.52 -35.93 17.08
CA CYS H 163 61.78 -36.04 16.34
C CYS H 163 61.55 -35.91 14.83
N GLY H 164 60.57 -35.10 14.44
CA GLY H 164 60.21 -35.02 13.04
C GLY H 164 61.11 -34.09 12.24
N VAL H 165 61.05 -34.25 10.92
CA VAL H 165 61.76 -33.40 9.98
C VAL H 165 60.82 -33.03 8.84
N GLY H 166 60.87 -31.77 8.42
CA GLY H 166 60.01 -31.30 7.35
C GLY H 166 59.26 -30.03 7.69
N ALA H 167 58.73 -29.35 6.68
CA ALA H 167 58.02 -28.10 6.90
C ALA H 167 56.72 -28.31 7.66
N ASP H 168 56.11 -29.49 7.52
CA ASP H 168 54.85 -29.79 8.17
C ASP H 168 55.01 -30.56 9.48
N ARG H 169 56.23 -30.74 9.96
CA ARG H 169 56.43 -31.54 11.16
C ARG H 169 57.19 -30.83 12.26
N ALA H 170 58.15 -29.98 11.93
CA ALA H 170 58.93 -29.24 12.91
C ALA H 170 58.63 -27.75 12.77
N TYR H 171 58.23 -27.11 13.87
CA TYR H 171 57.87 -25.70 13.91
C TYR H 171 58.93 -24.93 14.67
N GLY H 172 59.71 -24.11 13.97
CA GLY H 172 60.61 -23.19 14.62
C GLY H 172 61.97 -23.75 14.97
N ARG H 173 62.55 -24.56 14.07
CA ARG H 173 63.87 -25.11 14.33
C ARG H 173 64.97 -24.06 14.26
N ASP H 174 64.68 -22.88 13.69
CA ASP H 174 65.68 -21.80 13.67
C ASP H 174 66.07 -21.38 15.08
N ILE H 175 65.07 -21.26 15.97
CA ILE H 175 65.36 -20.92 17.37
C ILE H 175 66.21 -21.99 18.01
N VAL H 176 65.86 -23.26 17.79
CA VAL H 176 66.57 -24.37 18.45
C VAL H 176 68.02 -24.42 18.00
N GLU H 177 68.27 -24.25 16.70
CA GLU H 177 69.65 -24.28 16.21
C GLU H 177 70.46 -23.11 16.76
N ALA H 178 69.86 -21.92 16.83
CA ALA H 178 70.57 -20.75 17.35
C ALA H 178 70.89 -20.93 18.84
N HIS H 179 69.93 -21.45 19.61
CA HIS H 179 70.14 -21.64 21.04
C HIS H 179 71.24 -22.68 21.30
N TYR H 180 71.26 -23.74 20.50
CA TYR H 180 72.29 -24.78 20.67
C TYR H 180 73.69 -24.20 20.44
N ARG H 181 73.85 -23.42 19.38
CA ARG H 181 75.16 -22.82 19.10
C ARG H 181 75.52 -21.75 20.12
N ALA H 182 74.52 -21.01 20.60
CA ALA H 182 74.79 -19.97 21.59
C ALA H 182 75.24 -20.56 22.92
N CYS H 183 74.64 -21.67 23.34
CA CYS H 183 75.04 -22.32 24.59
C CYS H 183 76.45 -22.88 24.50
N LEU H 184 76.82 -23.47 23.37
CA LEU H 184 78.17 -24.00 23.20
C LEU H 184 79.21 -22.88 23.26
N TYR H 185 78.90 -21.75 22.63
CA TYR H 185 79.83 -20.61 22.67
C TYR H 185 79.99 -20.07 24.08
N ALA H 186 78.90 -20.01 24.86
CA ALA H 186 78.94 -19.43 26.18
C ALA H 186 79.66 -20.32 27.19
N GLY H 187 79.76 -21.62 26.93
CA GLY H 187 80.28 -22.56 27.90
C GLY H 187 79.23 -23.34 28.66
N VAL H 188 77.96 -23.22 28.29
CA VAL H 188 76.90 -24.01 28.91
C VAL H 188 77.04 -25.46 28.47
N LYS H 189 76.92 -26.38 29.42
CA LYS H 189 77.10 -27.81 29.16
C LYS H 189 75.81 -28.41 28.62
N ILE H 190 75.52 -28.08 27.36
CA ILE H 190 74.34 -28.60 26.68
C ILE H 190 74.67 -29.95 26.08
N ALA H 191 73.78 -30.93 26.28
CA ALA H 191 74.05 -32.31 25.89
C ALA H 191 73.31 -32.75 24.64
N GLY H 192 72.26 -32.04 24.23
CA GLY H 192 71.55 -32.41 23.03
C GLY H 192 70.15 -31.82 23.02
N THR H 193 69.48 -31.99 21.88
CA THR H 193 68.14 -31.48 21.67
C THR H 193 67.33 -32.46 20.85
N ASN H 194 66.01 -32.33 20.94
CA ASN H 194 65.10 -33.10 20.09
C ASN H 194 63.74 -32.43 20.08
N ALA H 195 62.98 -32.70 19.02
CA ALA H 195 61.60 -32.22 18.93
C ALA H 195 60.68 -33.13 19.73
N GLU H 196 59.64 -32.53 20.30
CA GLU H 196 58.76 -33.21 21.23
C GLU H 196 57.49 -33.69 20.54
N VAL H 197 56.60 -34.29 21.34
CA VAL H 197 55.39 -34.92 20.81
C VAL H 197 54.46 -33.88 20.22
N MET H 198 54.28 -32.75 20.90
CA MET H 198 53.44 -31.68 20.41
C MET H 198 54.21 -30.82 19.40
N PRO H 199 53.60 -30.44 18.29
CA PRO H 199 54.28 -29.52 17.37
C PRO H 199 54.51 -28.17 18.03
N ALA H 200 55.64 -27.55 17.70
CA ALA H 200 56.18 -26.33 18.30
C ALA H 200 56.66 -26.55 19.74
N GLN H 201 56.84 -27.80 20.16
CA GLN H 201 57.40 -28.12 21.46
C GLN H 201 58.75 -28.79 21.28
N TRP H 202 59.70 -28.48 22.17
CA TRP H 202 61.08 -28.91 22.00
C TRP H 202 61.67 -29.25 23.36
N GLU H 203 62.93 -29.71 23.33
CA GLU H 203 63.64 -30.10 24.55
C GLU H 203 65.13 -29.96 24.32
N PHE H 204 65.84 -29.54 25.36
CA PHE H 204 67.30 -29.60 25.40
C PHE H 204 67.73 -30.20 26.72
N GLN H 205 68.94 -30.76 26.73
CA GLN H 205 69.47 -31.45 27.91
C GLN H 205 70.74 -30.77 28.39
N ILE H 206 70.86 -30.61 29.70
CA ILE H 206 72.03 -30.01 30.34
C ILE H 206 72.64 -31.04 31.28
N GLY H 207 73.95 -31.22 31.19
CA GLY H 207 74.65 -32.12 32.07
C GLY H 207 75.57 -33.07 31.33
N PRO H 208 76.25 -33.96 32.07
CA PRO H 208 76.24 -34.11 33.54
C PRO H 208 77.02 -33.00 34.24
N CYS H 209 76.40 -32.35 35.22
CA CYS H 209 77.01 -31.26 35.97
C CYS H 209 77.15 -31.67 37.43
N GLU H 210 78.33 -31.43 38.00
CA GLU H 210 78.63 -31.85 39.36
C GLU H 210 78.23 -30.76 40.34
N GLY H 211 77.38 -31.12 41.30
CA GLY H 211 77.12 -30.25 42.44
C GLY H 211 76.33 -29.01 42.08
N ILE H 212 76.81 -27.86 42.58
CA ILE H 212 76.06 -26.61 42.46
C ILE H 212 76.07 -26.08 41.03
N SER H 213 77.00 -26.56 40.20
CA SER H 213 77.11 -26.03 38.83
C SER H 213 75.90 -26.41 37.99
N MET H 214 75.12 -27.40 38.41
CA MET H 214 73.93 -27.79 37.64
C MET H 214 72.91 -26.66 37.61
N GLY H 215 72.68 -26.03 38.77
CA GLY H 215 71.72 -24.94 38.83
C GLY H 215 72.18 -23.70 38.09
N ASP H 216 73.49 -23.45 38.06
CA ASP H 216 74.00 -22.30 37.33
C ASP H 216 73.85 -22.47 35.83
N HIS H 217 74.18 -23.65 35.31
CA HIS H 217 74.14 -23.88 33.87
C HIS H 217 72.72 -23.88 33.33
N LEU H 218 71.77 -24.42 34.08
CA LEU H 218 70.38 -24.46 33.60
C LEU H 218 69.75 -23.08 33.58
N TRP H 219 70.04 -22.27 34.61
CA TRP H 219 69.45 -20.94 34.67
C TRP H 219 70.00 -20.04 33.57
N VAL H 220 71.29 -20.18 33.25
CA VAL H 220 71.87 -19.41 32.16
C VAL H 220 71.32 -19.90 30.82
N ALA H 221 71.12 -21.22 30.68
CA ALA H 221 70.55 -21.76 29.46
C ALA H 221 69.15 -21.23 29.22
N ARG H 222 68.35 -21.10 30.30
CA ARG H 222 67.02 -20.54 30.18
C ARG H 222 67.08 -19.06 29.75
N PHE H 223 68.04 -18.32 30.29
CA PHE H 223 68.19 -16.91 29.90
C PHE H 223 68.53 -16.79 28.42
N ILE H 224 69.43 -17.65 27.94
CA ILE H 224 69.85 -17.59 26.55
C ILE H 224 68.67 -17.90 25.63
N LEU H 225 67.81 -18.85 26.02
CA LEU H 225 66.65 -19.17 25.21
C LEU H 225 65.70 -17.99 25.10
N HIS H 226 65.41 -17.34 26.23
CA HIS H 226 64.54 -16.17 26.22
C HIS H 226 65.11 -15.04 25.38
N ARG H 227 66.41 -14.78 25.50
CA ARG H 227 67.04 -13.72 24.74
C ARG H 227 67.08 -14.04 23.25
N VAL H 228 67.32 -15.31 22.91
CA VAL H 228 67.32 -15.72 21.50
C VAL H 228 65.91 -15.59 20.92
N CYS H 229 64.90 -16.06 21.67
CA CYS H 229 63.52 -15.96 21.20
C CYS H 229 63.09 -14.51 21.05
N GLU H 230 63.67 -13.61 21.85
CA GLU H 230 63.37 -12.19 21.72
C GLU H 230 63.82 -11.66 20.35
N ASP H 231 64.95 -12.13 19.85
CA ASP H 231 65.42 -11.71 18.53
C ASP H 231 64.44 -12.12 17.43
N PHE H 232 63.89 -13.33 17.51
CA PHE H 232 62.96 -13.82 16.51
C PHE H 232 61.53 -13.31 16.73
N GLY H 233 61.23 -12.75 17.89
CA GLY H 233 59.91 -12.19 18.14
C GLY H 233 58.88 -13.17 18.64
N VAL H 234 59.30 -14.32 19.15
CA VAL H 234 58.37 -15.33 19.70
C VAL H 234 58.66 -15.47 21.20
N ILE H 235 57.78 -16.22 21.87
CA ILE H 235 57.83 -16.39 23.32
C ILE H 235 58.07 -17.85 23.63
N ALA H 236 59.05 -18.12 24.49
CA ALA H 236 59.30 -19.46 25.00
C ALA H 236 58.68 -19.59 26.38
N THR H 237 57.80 -20.56 26.57
CA THR H 237 57.09 -20.75 27.82
C THR H 237 57.49 -22.07 28.45
N PHE H 238 57.57 -22.09 29.78
CA PHE H 238 57.90 -23.28 30.55
C PHE H 238 56.69 -23.82 31.32
N ASP H 239 55.48 -23.45 30.90
CA ASP H 239 54.28 -23.90 31.60
C ASP H 239 54.13 -25.41 31.48
N PRO H 240 53.75 -26.09 32.56
CA PRO H 240 53.61 -27.57 32.50
C PRO H 240 52.54 -28.05 31.54
N LYS H 241 51.44 -27.31 31.38
CA LYS H 241 50.33 -27.71 30.50
C LYS H 241 49.89 -26.51 29.68
N PRO H 242 50.69 -26.12 28.67
CA PRO H 242 50.33 -24.94 27.88
C PRO H 242 49.01 -25.05 27.13
N ILE H 243 48.66 -26.25 26.64
CA ILE H 243 47.45 -26.45 25.88
C ILE H 243 46.64 -27.56 26.52
N PRO H 244 45.42 -27.30 26.97
CA PRO H 244 44.61 -28.37 27.60
C PRO H 244 44.10 -29.37 26.59
N GLY H 245 43.89 -30.60 27.05
CA GLY H 245 43.31 -31.64 26.22
C GLY H 245 44.26 -32.76 25.88
N ASN H 246 44.16 -33.28 24.66
CA ASN H 246 45.01 -34.37 24.18
C ASN H 246 46.30 -33.85 23.57
N TRP H 247 47.02 -33.01 24.32
CA TRP H 247 48.29 -32.46 23.88
C TRP H 247 49.31 -32.62 24.99
N ASN H 248 50.54 -32.96 24.60
CA ASN H 248 51.56 -33.33 25.57
C ASN H 248 51.94 -32.16 26.46
N GLY H 249 52.24 -32.46 27.72
CA GLY H 249 52.73 -31.47 28.66
C GLY H 249 54.24 -31.33 28.60
N ALA H 250 54.77 -30.54 29.55
CA ALA H 250 56.20 -30.27 29.62
C ALA H 250 56.70 -30.51 31.03
N GLY H 251 57.79 -31.27 31.16
CA GLY H 251 58.41 -31.51 32.44
C GLY H 251 59.91 -31.34 32.36
N CYS H 252 60.56 -31.43 33.52
CA CYS H 252 62.01 -31.31 33.63
C CYS H 252 62.55 -32.55 34.33
N HIS H 253 62.82 -33.59 33.56
CA HIS H 253 63.36 -34.82 34.13
C HIS H 253 64.77 -34.58 34.67
N THR H 254 65.02 -35.09 35.87
CA THR H 254 66.30 -34.92 36.54
C THR H 254 66.99 -36.27 36.67
N ASN H 255 68.22 -36.36 36.18
CA ASN H 255 69.02 -37.57 36.28
C ASN H 255 70.05 -37.40 37.40
N PHE H 256 70.15 -38.39 38.27
CA PHE H 256 70.97 -38.31 39.47
C PHE H 256 71.89 -39.52 39.54
N SER H 257 73.16 -39.27 39.87
CA SER H 257 74.11 -40.33 40.14
C SER H 257 75.16 -39.82 41.10
N THR H 258 75.82 -40.74 41.78
CA THR H 258 76.95 -40.46 42.66
C THR H 258 78.13 -41.32 42.24
N LYS H 259 79.27 -41.13 42.91
CA LYS H 259 80.46 -41.89 42.57
C LYS H 259 80.24 -43.38 42.82
N ALA H 260 79.55 -43.73 43.91
CA ALA H 260 79.28 -45.13 44.21
C ALA H 260 78.39 -45.76 43.14
N MET H 261 77.36 -45.03 42.69
CA MET H 261 76.48 -45.57 41.65
C MET H 261 77.21 -45.70 40.33
N ARG H 262 78.19 -44.84 40.06
CA ARG H 262 78.96 -44.92 38.82
C ARG H 262 80.06 -45.97 38.88
N GLU H 263 80.38 -46.49 40.05
CA GLU H 263 81.46 -47.47 40.21
C GLU H 263 80.91 -48.87 39.93
N GLU H 264 81.73 -49.89 40.19
CA GLU H 264 81.31 -51.26 39.95
C GLU H 264 80.24 -51.69 40.94
N ASN H 265 79.22 -52.39 40.44
CA ASN H 265 78.10 -52.86 41.25
C ASN H 265 77.42 -51.70 41.97
N GLY H 266 77.35 -50.56 41.31
CA GLY H 266 76.67 -49.39 41.84
C GLY H 266 75.17 -49.43 41.74
N LEU H 267 74.62 -50.46 41.11
CA LEU H 267 73.17 -50.59 41.03
C LEU H 267 72.55 -50.75 42.42
N LYS H 268 73.25 -51.45 43.32
CA LYS H 268 72.72 -51.65 44.66
C LYS H 268 72.58 -50.32 45.41
N TYR H 269 73.45 -49.35 45.10
CA TYR H 269 73.34 -48.04 45.75
C TYR H 269 72.17 -47.25 45.17
N ILE H 270 71.81 -47.53 43.91
CA ILE H 270 70.65 -46.86 43.32
C ILE H 270 69.36 -47.32 44.00
N GLU H 271 69.28 -48.61 44.31
CA GLU H 271 68.07 -49.14 44.94
C GLU H 271 67.85 -48.54 46.33
N GLU H 272 68.93 -48.31 47.08
CA GLU H 272 68.79 -47.66 48.39
C GLU H 272 68.23 -46.24 48.23
N ALA H 273 68.74 -45.49 47.26
CA ALA H 273 68.27 -44.12 47.07
C ALA H 273 66.80 -44.11 46.67
N ILE H 274 66.40 -45.00 45.76
CA ILE H 274 65.00 -45.06 45.35
C ILE H 274 64.11 -45.50 46.50
N GLU H 275 64.59 -46.46 47.30
CA GLU H 275 63.82 -46.89 48.47
C GLU H 275 63.64 -45.74 49.46
N LYS H 276 64.71 -44.96 49.69
CA LYS H 276 64.59 -43.80 50.57
C LYS H 276 63.71 -42.71 49.95
N LEU H 277 63.68 -42.63 48.62
CA LEU H 277 62.86 -41.62 47.95
C LEU H 277 61.38 -41.95 48.02
N SER H 278 61.04 -43.23 48.10
CA SER H 278 59.63 -43.64 48.09
C SER H 278 58.87 -43.09 49.28
N LYS H 279 59.55 -42.86 50.40
CA LYS H 279 58.85 -42.43 51.61
C LYS H 279 58.44 -40.97 51.52
N ARG H 280 59.31 -40.10 51.02
CA ARG H 280 59.03 -38.67 50.96
C ARG H 280 58.56 -38.27 49.55
N HIS H 281 57.40 -38.82 49.17
CA HIS H 281 56.81 -38.44 47.89
C HIS H 281 56.18 -37.04 47.96
N GLN H 282 55.44 -36.77 49.03
CA GLN H 282 54.76 -35.48 49.14
C GLN H 282 55.75 -34.34 49.34
N TYR H 283 56.84 -34.60 50.07
CA TYR H 283 57.84 -33.57 50.30
C TYR H 283 58.50 -33.14 48.99
N HIS H 284 58.80 -34.10 48.11
CA HIS H 284 59.45 -33.78 46.85
C HIS H 284 58.49 -33.09 45.88
N ILE H 285 57.22 -33.47 45.91
CA ILE H 285 56.24 -32.84 45.03
C ILE H 285 56.13 -31.35 45.33
N ARG H 286 56.15 -30.98 46.61
CA ARG H 286 56.09 -29.58 47.00
C ARG H 286 57.34 -28.82 46.56
N ALA H 287 58.51 -29.46 46.64
CA ALA H 287 59.76 -28.83 46.28
C ALA H 287 60.03 -28.85 44.77
N TYR H 288 59.22 -29.54 43.99
CA TYR H 288 59.40 -29.63 42.55
C TYR H 288 58.54 -28.61 41.80
N ASP H 289 57.89 -27.70 42.51
CA ASP H 289 56.99 -26.73 41.90
C ASP H 289 57.21 -25.37 42.54
N PRO H 290 57.37 -24.31 41.75
CA PRO H 290 57.47 -22.97 42.34
C PRO H 290 56.20 -22.52 43.05
N LYS H 291 55.07 -23.13 42.75
CA LYS H 291 53.80 -22.80 43.39
C LYS H 291 53.40 -23.82 44.45
N GLY H 292 54.28 -24.75 44.79
CA GLY H 292 54.00 -25.75 45.79
C GLY H 292 53.27 -26.98 45.30
N GLY H 293 52.89 -27.03 44.02
CA GLY H 293 52.22 -28.19 43.48
C GLY H 293 50.98 -27.86 42.68
N LEU H 294 50.65 -26.58 42.57
CA LEU H 294 49.46 -26.15 41.84
C LEU H 294 49.72 -25.96 40.35
N ASP H 295 50.95 -26.17 39.89
CA ASP H 295 51.27 -26.14 38.47
C ASP H 295 51.46 -27.54 37.91
N ASN H 296 52.26 -28.38 38.58
CA ASN H 296 52.48 -29.75 38.14
C ASN H 296 51.23 -30.62 38.28
N ALA H 297 50.19 -30.12 38.97
CA ALA H 297 48.97 -30.92 39.13
C ALA H 297 48.23 -31.10 37.82
N ARG H 298 48.39 -30.17 36.88
CA ARG H 298 47.71 -30.26 35.59
C ARG H 298 48.45 -31.11 34.57
N ARG H 299 49.68 -31.53 34.86
CA ARG H 299 50.44 -32.40 33.97
C ARG H 299 50.43 -33.86 34.43
N LEU H 300 50.75 -34.10 35.69
CA LEU H 300 50.82 -35.47 36.23
C LEU H 300 49.38 -35.96 36.46
N THR H 301 48.73 -36.34 35.36
CA THR H 301 47.38 -36.85 35.39
C THR H 301 47.30 -38.37 35.26
N GLY H 302 48.40 -39.03 34.94
CA GLY H 302 48.39 -40.46 34.72
C GLY H 302 48.12 -40.89 33.31
N PHE H 303 48.22 -39.98 32.34
CA PHE H 303 47.95 -40.29 30.94
C PHE H 303 49.03 -39.66 30.08
N HIS H 304 49.06 -40.07 28.81
CA HIS H 304 50.10 -39.65 27.86
C HIS H 304 51.49 -40.00 28.41
N GLU H 305 51.63 -41.21 28.92
CA GLU H 305 52.88 -41.73 29.47
C GLU H 305 53.38 -40.86 30.62
N THR H 306 52.48 -40.58 31.56
CA THR H 306 52.81 -39.80 32.75
C THR H 306 52.35 -40.56 33.99
N SER H 307 52.96 -40.24 35.11
CA SER H 307 52.60 -40.82 36.40
C SER H 307 51.66 -39.90 37.15
N ASN H 308 50.73 -40.50 37.89
CA ASN H 308 49.79 -39.73 38.69
C ASN H 308 50.53 -39.01 39.81
N ILE H 309 50.10 -37.77 40.08
CA ILE H 309 50.81 -36.94 41.05
C ILE H 309 50.69 -37.50 42.46
N ASN H 310 49.63 -38.26 42.75
CA ASN H 310 49.39 -38.79 44.08
C ASN H 310 49.95 -40.20 44.28
N ASP H 311 50.56 -40.79 43.27
CA ASP H 311 51.04 -42.16 43.32
C ASP H 311 52.53 -42.21 43.04
N PHE H 312 53.29 -42.87 43.92
CA PHE H 312 54.71 -43.09 43.72
C PHE H 312 54.92 -44.50 43.17
N SER H 313 55.74 -44.61 42.13
CA SER H 313 56.06 -45.90 41.53
C SER H 313 57.47 -45.84 40.96
N ALA H 314 58.05 -47.03 40.80
CA ALA H 314 59.40 -47.14 40.25
C ALA H 314 59.51 -48.47 39.50
N GLY H 315 60.49 -48.53 38.61
CA GLY H 315 60.71 -49.73 37.83
C GLY H 315 61.77 -49.59 36.77
N VAL H 316 62.38 -50.71 36.39
CA VAL H 316 63.40 -50.69 35.35
C VAL H 316 62.74 -50.43 34.00
N ALA H 317 63.23 -49.41 33.28
CA ALA H 317 62.77 -49.07 31.94
C ALA H 317 61.26 -48.83 31.89
N ASN H 318 60.70 -48.27 32.96
CA ASN H 318 59.27 -47.96 33.03
C ASN H 318 59.12 -46.44 32.92
N ARG H 319 58.64 -45.98 31.76
CA ARG H 319 58.47 -44.56 31.53
C ARG H 319 57.19 -44.01 32.16
N SER H 320 56.30 -44.86 32.64
CA SER H 320 55.08 -44.42 33.30
C SER H 320 55.23 -44.29 34.80
N ALA H 321 56.36 -44.69 35.37
CA ALA H 321 56.58 -44.60 36.80
C ALA H 321 57.06 -43.20 37.19
N SER H 322 57.12 -42.97 38.50
CA SER H 322 57.70 -41.73 39.02
C SER H 322 59.22 -41.73 38.92
N ILE H 323 59.84 -42.90 39.07
CA ILE H 323 61.29 -43.05 38.96
C ILE H 323 61.57 -44.13 37.94
N ARG H 324 62.49 -43.85 37.01
CA ARG H 324 62.83 -44.77 35.94
C ARG H 324 64.29 -45.15 36.04
N ILE H 325 64.57 -46.45 35.93
CA ILE H 325 65.93 -46.97 35.82
C ILE H 325 66.14 -47.40 34.37
N PRO H 326 67.09 -46.82 33.65
CA PRO H 326 67.32 -47.23 32.26
C PRO H 326 67.69 -48.70 32.16
N ARG H 327 67.25 -49.33 31.07
CA ARG H 327 67.51 -50.75 30.89
C ARG H 327 69.00 -51.05 30.81
N THR H 328 69.77 -50.16 30.18
CA THR H 328 71.21 -50.36 30.08
C THR H 328 71.86 -50.32 31.47
N VAL H 329 71.40 -49.42 32.33
CA VAL H 329 71.96 -49.34 33.68
C VAL H 329 71.72 -50.63 34.44
N GLY H 330 70.51 -51.19 34.33
CA GLY H 330 70.23 -52.45 35.00
C GLY H 330 71.06 -53.60 34.47
N GLN H 331 71.23 -53.67 33.15
CA GLN H 331 72.05 -54.71 32.55
C GLN H 331 73.53 -54.55 32.87
N GLU H 332 74.00 -53.31 33.02
CA GLU H 332 75.39 -53.06 33.39
C GLU H 332 75.61 -52.94 34.89
N LYS H 333 74.54 -52.94 35.68
CA LYS H 333 74.60 -52.88 37.15
C LYS H 333 75.30 -51.63 37.67
N LYS H 334 75.30 -50.55 36.88
CA LYS H 334 75.93 -49.31 37.31
C LYS H 334 75.39 -48.17 36.45
N GLY H 335 75.42 -46.97 37.01
CA GLY H 335 74.95 -45.80 36.29
C GLY H 335 74.20 -44.78 37.12
N TYR H 336 72.99 -44.45 36.67
CA TYR H 336 72.18 -43.39 37.27
C TYR H 336 70.72 -43.81 37.26
N PHE H 337 69.87 -42.96 37.83
CA PHE H 337 68.43 -43.14 37.75
C PHE H 337 67.78 -41.80 37.44
N GLU H 338 66.56 -41.87 36.92
CA GLU H 338 65.87 -40.70 36.37
C GLU H 338 64.60 -40.44 37.15
N ASP H 339 64.42 -39.18 37.59
CA ASP H 339 63.22 -38.73 38.28
C ASP H 339 62.37 -37.92 37.31
N ARG H 340 61.15 -38.39 37.05
CA ARG H 340 60.27 -37.80 36.06
C ARG H 340 59.25 -36.84 36.64
N ARG H 341 59.30 -36.57 37.93
CA ARG H 341 58.27 -35.78 38.61
C ARG H 341 58.33 -34.27 38.39
N PRO H 342 59.50 -33.61 38.38
CA PRO H 342 59.52 -32.15 38.33
C PRO H 342 58.90 -31.60 37.06
N SER H 343 58.25 -30.43 37.19
CA SER H 343 57.66 -29.74 36.07
C SER H 343 58.72 -28.92 35.32
N ALA H 344 58.31 -28.39 34.16
CA ALA H 344 59.25 -27.63 33.33
C ALA H 344 59.66 -26.32 34.00
N ASN H 345 58.79 -25.72 34.81
CA ASN H 345 59.08 -24.45 35.46
C ASN H 345 59.69 -24.61 36.84
N CYS H 346 60.35 -25.74 37.11
CA CYS H 346 60.94 -25.99 38.42
C CYS H 346 62.21 -25.16 38.61
N ASP H 347 62.59 -24.98 39.88
CA ASP H 347 63.84 -24.32 40.21
C ASP H 347 64.92 -25.37 40.38
N PRO H 348 66.00 -25.34 39.60
CA PRO H 348 67.03 -26.39 39.71
C PRO H 348 67.66 -26.47 41.09
N PHE H 349 67.83 -25.33 41.77
CA PHE H 349 68.41 -25.35 43.10
C PHE H 349 67.51 -26.09 44.08
N SER H 350 66.19 -25.88 43.99
CA SER H 350 65.26 -26.59 44.85
C SER H 350 65.26 -28.08 44.56
N VAL H 351 65.28 -28.46 43.29
CA VAL H 351 65.24 -29.87 42.91
C VAL H 351 66.50 -30.58 43.36
N THR H 352 67.66 -30.00 43.07
CA THR H 352 68.92 -30.65 43.40
C THR H 352 69.12 -30.75 44.92
N GLU H 353 68.60 -29.78 45.66
CA GLU H 353 68.76 -29.80 47.12
C GLU H 353 67.91 -30.90 47.75
N ALA H 354 66.69 -31.10 47.24
CA ALA H 354 65.81 -32.11 47.83
C ALA H 354 66.34 -33.52 47.57
N LEU H 355 66.93 -33.75 46.39
CA LEU H 355 67.47 -35.06 46.09
C LEU H 355 68.66 -35.40 46.98
N ILE H 356 69.51 -34.40 47.27
CA ILE H 356 70.68 -34.64 48.12
C ILE H 356 70.26 -34.88 49.56
N ARG H 357 69.25 -34.13 50.03
CA ARG H 357 68.83 -34.26 51.42
C ARG H 357 68.28 -35.65 51.72
N THR H 358 67.47 -36.20 50.80
CA THR H 358 66.81 -37.46 51.09
C THR H 358 67.72 -38.65 50.82
N CYS H 359 68.45 -38.63 49.71
CA CYS H 359 69.23 -39.79 49.30
C CYS H 359 70.60 -39.86 49.96
N LEU H 360 71.21 -38.71 50.28
CA LEU H 360 72.57 -38.67 50.79
C LEU H 360 72.66 -38.31 52.26
N LEU H 361 71.83 -37.38 52.73
CA LEU H 361 71.84 -36.98 54.14
C LEU H 361 70.86 -37.77 54.98
N ASN H 362 70.04 -38.62 54.37
CA ASN H 362 69.07 -39.46 55.07
C ASN H 362 68.11 -38.62 55.91
N GLU H 363 67.75 -37.45 55.40
CA GLU H 363 66.79 -36.61 56.09
C GLU H 363 65.39 -37.19 55.96
N THR H 364 64.52 -36.79 56.88
CA THR H 364 63.14 -37.24 56.88
C THR H 364 62.29 -36.20 57.61
N GLY H 365 60.98 -36.36 57.50
CA GLY H 365 60.04 -35.43 58.08
C GLY H 365 59.36 -34.56 57.04
N ASP H 366 58.92 -33.39 57.49
CA ASP H 366 58.19 -32.45 56.64
C ASP H 366 59.00 -31.21 56.28
N GLU H 367 59.75 -30.66 57.22
CA GLU H 367 60.53 -29.46 56.95
C GLU H 367 62.03 -29.79 56.89
N PRO H 368 62.79 -29.05 56.09
CA PRO H 368 64.23 -29.32 55.99
C PRO H 368 64.93 -29.08 57.32
N PHE H 369 66.00 -29.85 57.54
CA PHE H 369 66.82 -29.66 58.73
C PHE H 369 67.36 -28.23 58.76
N GLN H 370 67.11 -27.55 59.87
CA GLN H 370 67.33 -26.11 59.94
C GLN H 370 68.71 -25.73 60.46
N TYR H 371 69.58 -26.72 60.70
CA TYR H 371 70.95 -26.44 61.12
C TYR H 371 71.90 -27.30 60.29
N LYS H 372 73.18 -26.94 60.33
CA LYS H 372 74.17 -27.63 59.51
C LYS H 372 74.27 -29.10 59.88
N ASN H 373 74.26 -29.41 61.18
CA ASN H 373 74.40 -30.79 61.63
C ASN H 373 73.53 -31.05 62.87
N THR I 2 53.60 2.97 11.40
CA THR I 2 54.20 3.14 12.72
C THR I 2 55.69 3.49 12.62
N THR I 3 56.31 3.16 11.49
CA THR I 3 57.69 3.51 11.21
C THR I 3 57.75 4.40 9.97
N SER I 4 58.85 5.13 9.84
CA SER I 4 58.97 6.12 8.77
C SER I 4 59.12 5.44 7.41
N ALA I 5 58.75 6.18 6.37
CA ALA I 5 58.90 5.70 5.00
C ALA I 5 60.38 5.47 4.66
N SER I 6 61.25 6.34 5.16
CA SER I 6 62.68 6.20 4.88
C SER I 6 63.25 4.89 5.43
N SER I 7 62.66 4.36 6.49
CA SER I 7 63.13 3.10 7.06
C SER I 7 62.71 1.89 6.24
N HIS I 8 61.81 2.05 5.28
CA HIS I 8 61.39 0.95 4.43
C HIS I 8 62.19 0.86 3.14
N LEU I 9 63.15 1.74 2.92
CA LEU I 9 64.05 1.61 1.78
C LEU I 9 65.00 0.44 1.99
N ASN I 10 65.53 -0.08 0.90
CA ASN I 10 66.42 -1.23 0.95
C ASN I 10 67.75 -0.83 1.57
N LYS I 11 67.98 -1.25 2.81
CA LYS I 11 69.21 -0.93 3.51
C LYS I 11 70.41 -1.72 3.00
N GLY I 12 70.18 -2.82 2.28
CA GLY I 12 71.29 -3.51 1.65
C GLY I 12 71.95 -2.68 0.57
N ILE I 13 71.16 -1.88 -0.15
CA ILE I 13 71.71 -1.00 -1.17
C ILE I 13 72.64 0.03 -0.54
N LYS I 14 72.24 0.61 0.60
CA LYS I 14 73.07 1.61 1.25
C LYS I 14 74.40 1.01 1.71
N GLN I 15 74.37 -0.22 2.22
CA GLN I 15 75.59 -0.85 2.70
C GLN I 15 76.60 -1.05 1.57
N VAL I 16 76.12 -1.30 0.36
CA VAL I 16 77.01 -1.47 -0.79
C VAL I 16 77.81 -0.20 -1.04
N TYR I 17 77.14 0.96 -1.03
CA TYR I 17 77.84 2.22 -1.27
C TYR I 17 78.80 2.56 -0.13
N MET I 18 78.44 2.26 1.11
CA MET I 18 79.30 2.57 2.25
C MET I 18 80.54 1.69 2.32
N SER I 19 80.61 0.62 1.54
CA SER I 19 81.79 -0.23 1.50
C SER I 19 82.83 0.26 0.50
N LEU I 20 82.52 1.29 -0.28
CA LEU I 20 83.50 1.85 -1.20
C LEU I 20 84.63 2.51 -0.43
N PRO I 21 85.89 2.30 -0.83
CA PRO I 21 87.00 3.00 -0.17
C PRO I 21 86.85 4.51 -0.31
N GLN I 22 87.16 5.22 0.78
CA GLN I 22 86.92 6.66 0.81
C GLN I 22 87.94 7.43 -0.01
N GLY I 23 89.22 7.06 0.11
CA GLY I 23 90.27 7.83 -0.52
C GLY I 23 91.08 8.62 0.49
N GLU I 24 91.39 9.88 0.17
CA GLU I 24 92.14 10.74 1.07
C GLU I 24 91.31 11.80 1.76
N LYS I 25 90.14 12.15 1.21
CA LYS I 25 89.29 13.16 1.83
C LYS I 25 88.63 12.61 3.09
N VAL I 26 88.29 13.52 4.01
CA VAL I 26 87.74 13.17 5.31
C VAL I 26 86.47 13.98 5.54
N GLN I 27 85.42 13.31 5.99
CA GLN I 27 84.16 13.96 6.32
C GLN I 27 84.14 14.36 7.80
N ALA I 28 83.56 15.52 8.08
CA ALA I 28 83.37 16.01 9.44
C ALA I 28 81.96 16.54 9.59
N MET I 29 81.26 16.10 10.63
CA MET I 29 79.88 16.52 10.88
C MET I 29 79.86 17.50 12.04
N TYR I 30 79.28 18.68 11.81
CA TYR I 30 79.19 19.74 12.81
C TYR I 30 77.82 19.67 13.48
N ILE I 31 77.81 19.66 14.81
CA ILE I 31 76.58 19.54 15.59
C ILE I 31 76.47 20.73 16.52
N TRP I 32 75.27 21.29 16.65
CA TRP I 32 75.03 22.40 17.56
C TRP I 32 73.59 22.37 18.05
N ILE I 33 73.37 23.02 19.19
CA ILE I 33 72.03 23.11 19.79
C ILE I 33 71.30 24.30 19.17
N ASP I 34 70.04 24.10 18.80
CA ASP I 34 69.27 25.11 18.08
C ASP I 34 68.60 26.07 19.07
N GLY I 35 67.70 26.90 18.57
CA GLY I 35 67.08 27.96 19.34
C GLY I 35 66.02 27.53 20.32
N THR I 36 65.56 26.28 20.26
CA THR I 36 64.62 25.79 21.25
C THR I 36 65.31 25.38 22.55
N GLY I 37 66.63 25.21 22.52
CA GLY I 37 67.38 24.82 23.69
C GLY I 37 67.41 23.34 23.98
N GLU I 38 66.70 22.52 23.19
CA GLU I 38 66.68 21.09 23.41
C GLU I 38 66.83 20.26 22.14
N GLY I 39 66.75 20.85 20.95
CA GLY I 39 66.94 20.13 19.72
C GLY I 39 68.34 20.31 19.17
N LEU I 40 68.72 19.40 18.26
CA LEU I 40 70.06 19.38 17.68
C LEU I 40 69.97 19.56 16.17
N ARG I 41 71.03 20.13 15.60
CA ARG I 41 71.16 20.34 14.17
C ARG I 41 72.54 19.87 13.72
N CYS I 42 72.66 19.49 12.45
CA CYS I 42 73.93 18.98 11.95
C CYS I 42 74.04 19.21 10.45
N LYS I 43 75.29 19.25 9.98
CA LYS I 43 75.61 19.27 8.56
C LYS I 43 77.07 18.90 8.39
N THR I 44 77.45 18.56 7.16
CA THR I 44 78.72 17.91 6.88
C THR I 44 79.56 18.74 5.92
N ARG I 45 80.87 18.73 6.12
CA ARG I 45 81.83 19.34 5.22
C ARG I 45 83.00 18.39 5.00
N THR I 46 83.70 18.59 3.89
CA THR I 46 84.83 17.75 3.50
C THR I 46 86.14 18.43 3.89
N LEU I 47 87.05 17.66 4.47
CA LEU I 47 88.38 18.13 4.83
C LEU I 47 89.44 17.42 4.00
N ASP I 48 90.58 18.08 3.83
CA ASP I 48 91.65 17.53 3.01
C ASP I 48 92.39 16.40 3.70
N SER I 49 92.53 16.47 5.03
CA SER I 49 93.25 15.45 5.78
C SER I 49 92.57 15.25 7.13
N GLU I 50 92.86 14.12 7.75
CA GLU I 50 92.24 13.77 9.02
C GLU I 50 92.78 14.67 10.13
N PRO I 51 91.93 15.38 10.85
CA PRO I 51 92.43 16.25 11.93
C PRO I 51 92.93 15.44 13.11
N LYS I 52 94.06 15.88 13.67
CA LYS I 52 94.65 15.21 14.82
C LYS I 52 94.10 15.69 16.14
N CYS I 53 93.46 16.85 16.17
CA CYS I 53 92.89 17.39 17.40
C CYS I 53 91.80 18.39 17.02
N VAL I 54 90.97 18.73 18.00
CA VAL I 54 89.86 19.65 17.76
C VAL I 54 90.34 21.07 17.48
N GLU I 55 91.57 21.39 17.87
CA GLU I 55 92.05 22.77 17.73
C GLU I 55 92.35 23.16 16.29
N GLU I 56 92.54 22.18 15.39
CA GLU I 56 92.82 22.46 14.00
C GLU I 56 91.60 22.28 13.10
N LEU I 57 90.42 22.12 13.68
CA LEU I 57 89.19 22.08 12.89
C LEU I 57 88.74 23.50 12.56
N PRO I 58 88.52 23.81 11.29
CA PRO I 58 88.18 25.19 10.92
C PRO I 58 86.82 25.62 11.44
N GLU I 59 86.69 26.92 11.63
CA GLU I 59 85.42 27.53 12.02
C GLU I 59 84.46 27.54 10.85
N TRP I 60 83.16 27.50 11.15
CA TRP I 60 82.12 27.43 10.13
C TRP I 60 81.00 28.38 10.52
N ASN I 61 79.87 28.26 9.82
CA ASN I 61 78.73 29.15 10.02
C ASN I 61 77.48 28.49 9.45
N PHE I 62 76.33 29.10 9.72
CA PHE I 62 75.05 28.60 9.21
C PHE I 62 74.07 29.76 9.18
N ASP I 63 72.88 29.51 8.63
CA ASP I 63 71.83 30.52 8.49
C ASP I 63 70.96 30.47 9.73
N GLY I 64 71.01 31.53 10.54
CA GLY I 64 70.27 31.56 11.79
C GLY I 64 68.78 31.80 11.65
N SER I 65 68.34 32.38 10.53
CA SER I 65 66.91 32.66 10.37
C SER I 65 66.11 31.39 10.15
N SER I 66 66.70 30.37 9.53
CA SER I 66 66.02 29.09 9.34
C SER I 66 66.10 28.21 10.57
N THR I 67 66.85 28.61 11.59
CA THR I 67 66.93 27.88 12.85
C THR I 67 66.24 28.63 13.98
N LEU I 68 65.53 29.72 13.68
CA LEU I 68 64.80 30.52 14.67
C LEU I 68 65.76 31.08 15.72
N GLN I 69 66.83 31.74 15.26
CA GLN I 69 67.87 32.20 16.16
C GLN I 69 68.43 33.58 15.81
N SER I 70 67.83 34.32 14.89
CA SER I 70 68.44 35.56 14.42
C SER I 70 67.38 36.57 14.02
N GLU I 71 67.83 37.81 13.82
CA GLU I 71 66.99 38.88 13.33
C GLU I 71 66.88 38.77 11.80
N GLY I 72 66.36 39.82 11.17
CA GLY I 72 66.19 39.81 9.73
C GLY I 72 67.47 40.04 8.94
N SER I 73 68.08 41.22 9.11
CA SER I 73 69.22 41.58 8.27
C SER I 73 70.47 40.79 8.68
N ASN I 74 70.74 40.70 9.98
CA ASN I 74 71.96 40.05 10.48
C ASN I 74 71.62 38.60 10.85
N SER I 75 71.51 37.76 9.82
CA SER I 75 71.03 36.40 10.00
C SER I 75 72.16 35.37 10.19
N ASP I 76 73.39 35.71 9.84
CA ASP I 76 74.47 34.74 9.88
C ASP I 76 74.93 34.49 11.31
N MET I 77 75.08 33.20 11.66
CA MET I 77 75.63 32.79 12.94
C MET I 77 76.84 31.89 12.69
N TYR I 78 77.68 31.75 13.71
CA TYR I 78 78.97 31.10 13.58
C TYR I 78 79.08 29.90 14.51
N LEU I 79 79.86 28.92 14.10
CA LEU I 79 80.10 27.70 14.88
C LEU I 79 81.59 27.58 15.18
N VAL I 80 81.90 27.35 16.45
CA VAL I 80 83.28 27.15 16.91
C VAL I 80 83.38 25.74 17.48
N PRO I 81 84.23 24.88 16.93
CA PRO I 81 84.35 23.52 17.46
C PRO I 81 84.81 23.52 18.91
N ALA I 82 84.25 22.59 19.68
CA ALA I 82 84.59 22.44 21.10
C ALA I 82 85.09 21.05 21.46
N ALA I 83 84.48 20.00 20.90
CA ALA I 83 84.89 18.63 21.18
C ALA I 83 84.74 17.79 19.93
N MET I 84 85.65 16.83 19.75
CA MET I 84 85.69 15.99 18.58
C MET I 84 85.56 14.53 18.99
N PHE I 85 84.88 13.73 18.16
CA PHE I 85 84.65 12.33 18.44
C PHE I 85 84.72 11.53 17.14
N ARG I 86 85.03 10.25 17.26
CA ARG I 86 85.00 9.35 16.12
C ARG I 86 83.57 9.17 15.64
N ASP I 87 83.40 9.11 14.32
CA ASP I 87 82.06 8.96 13.75
C ASP I 87 81.70 7.48 13.68
N PRO I 88 80.66 7.04 14.40
CA PRO I 88 80.26 5.62 14.31
C PRO I 88 79.40 5.30 13.11
N PHE I 89 78.90 6.31 12.40
CA PHE I 89 78.02 6.08 11.26
C PHE I 89 78.76 6.02 9.95
N ARG I 90 79.93 6.68 9.88
CA ARG I 90 80.77 6.66 8.70
C ARG I 90 82.13 6.01 8.95
N LYS I 91 82.44 5.68 10.21
CA LYS I 91 83.68 5.01 10.60
C LYS I 91 84.91 5.89 10.40
N ASP I 92 86.06 5.42 10.87
CA ASP I 92 87.29 6.19 10.76
C ASP I 92 87.64 6.39 9.28
N PRO I 93 88.31 7.50 8.93
CA PRO I 93 88.81 8.58 9.78
C PRO I 93 87.82 9.74 9.95
N ASN I 94 86.55 9.53 9.67
CA ASN I 94 85.56 10.59 9.80
C ASN I 94 85.26 10.90 11.26
N LYS I 95 84.79 12.12 11.51
CA LYS I 95 84.67 12.65 12.86
C LYS I 95 83.31 13.32 13.07
N LEU I 96 82.92 13.39 14.34
CA LEU I 96 81.80 14.20 14.80
C LEU I 96 82.35 15.38 15.61
N VAL I 97 81.80 16.56 15.36
CA VAL I 97 82.28 17.79 15.99
C VAL I 97 81.10 18.49 16.68
N LEU I 98 81.19 18.65 17.99
CA LEU I 98 80.24 19.47 18.74
C LEU I 98 80.76 20.89 18.80
N CYS I 99 79.89 21.86 18.51
CA CYS I 99 80.30 23.24 18.34
C CYS I 99 79.50 24.16 19.25
N GLU I 100 80.08 25.34 19.51
CA GLU I 100 79.41 26.42 20.20
C GLU I 100 78.88 27.42 19.18
N VAL I 101 77.78 28.09 19.53
CA VAL I 101 77.09 29.00 18.62
C VAL I 101 77.33 30.43 19.09
N PHE I 102 77.71 31.30 18.17
CA PHE I 102 77.96 32.71 18.45
C PHE I 102 77.19 33.57 17.46
N LYS I 103 76.86 34.79 17.89
CA LYS I 103 76.10 35.71 17.06
C LYS I 103 77.00 36.37 16.01
N TYR I 104 76.39 37.18 15.16
CA TYR I 104 77.15 37.87 14.12
C TYR I 104 78.19 38.81 14.72
N ASN I 105 77.95 39.32 15.92
CA ASN I 105 78.90 40.17 16.63
C ASN I 105 79.82 39.38 17.56
N ARG I 106 79.91 38.05 17.35
CA ARG I 106 80.77 37.16 18.11
C ARG I 106 80.43 37.12 19.59
N ARG I 107 79.18 37.44 19.94
CA ARG I 107 78.71 37.22 21.30
C ARG I 107 77.95 35.90 21.39
N PRO I 108 78.00 35.23 22.54
CA PRO I 108 77.36 33.91 22.65
C PRO I 108 75.87 33.98 22.41
N ALA I 109 75.34 32.90 21.82
CA ALA I 109 73.91 32.80 21.55
C ALA I 109 73.14 32.59 22.86
N GLU I 110 71.83 32.79 22.78
CA GLU I 110 70.99 32.69 23.97
C GLU I 110 71.00 31.28 24.54
N THR I 111 70.98 30.27 23.67
CA THR I 111 71.01 28.88 24.09
C THR I 111 72.42 28.34 24.26
N ASN I 112 73.45 29.15 24.02
CA ASN I 112 74.84 28.75 24.19
C ASN I 112 75.17 28.89 25.67
N LEU I 113 74.85 27.86 26.45
CA LEU I 113 75.12 27.85 27.88
C LEU I 113 76.48 27.27 28.23
N ARG I 114 77.20 26.73 27.26
CA ARG I 114 78.52 26.15 27.53
C ARG I 114 79.56 27.22 27.84
N HIS I 115 79.44 28.40 27.21
CA HIS I 115 80.45 29.44 27.37
C HIS I 115 80.60 29.85 28.83
N THR I 116 79.48 30.14 29.50
CA THR I 116 79.55 30.56 30.90
C THR I 116 79.82 29.37 31.81
N CYS I 117 79.41 28.16 31.41
CA CYS I 117 79.67 26.99 32.24
C CYS I 117 81.15 26.63 32.26
N LYS I 118 81.84 26.82 31.13
CA LYS I 118 83.27 26.54 31.09
C LYS I 118 84.04 27.49 32.01
N ARG I 119 83.66 28.77 32.04
CA ARG I 119 84.30 29.72 32.92
C ARG I 119 84.08 29.36 34.38
N ILE I 120 82.86 28.94 34.73
CA ILE I 120 82.58 28.52 36.10
C ILE I 120 83.38 27.27 36.46
N MET I 121 83.52 26.35 35.50
CA MET I 121 84.25 25.11 35.75
C MET I 121 85.74 25.37 35.98
N ASP I 122 86.29 26.43 35.39
CA ASP I 122 87.70 26.71 35.53
C ASP I 122 88.07 27.21 36.93
N MET I 123 87.09 27.74 37.67
CA MET I 123 87.38 28.34 38.97
C MET I 123 87.58 27.30 40.08
N VAL I 124 87.15 26.06 39.87
CA VAL I 124 87.22 25.04 40.91
C VAL I 124 87.99 23.82 40.41
N SER I 125 88.93 24.06 39.51
CA SER I 125 89.62 22.95 38.83
C SER I 125 90.36 22.05 39.83
N ASN I 126 91.00 22.63 40.84
CA ASN I 126 91.77 21.84 41.79
C ASN I 126 90.90 20.86 42.57
N GLN I 127 89.61 21.13 42.70
CA GLN I 127 88.71 20.24 43.42
C GLN I 127 88.26 19.04 42.60
N HIS I 128 88.44 19.07 41.28
CA HIS I 128 88.16 17.95 40.41
C HIS I 128 86.73 17.43 40.54
N PRO I 129 85.72 18.24 40.20
CA PRO I 129 84.33 17.78 40.30
C PRO I 129 84.03 16.72 39.25
N TRP I 130 83.39 15.64 39.69
CA TRP I 130 82.96 14.56 38.80
C TRP I 130 81.45 14.53 38.70
N PHE I 131 80.94 14.20 37.53
CA PHE I 131 79.52 14.11 37.28
C PHE I 131 79.17 12.79 36.60
N GLY I 132 77.99 12.27 36.94
CA GLY I 132 77.45 11.11 36.26
C GLY I 132 75.94 11.22 36.16
N MET I 133 75.41 11.13 34.95
CA MET I 133 74.00 11.39 34.70
C MET I 133 73.34 10.19 34.06
N GLU I 134 72.12 9.88 34.52
CA GLU I 134 71.35 8.75 34.01
C GLU I 134 70.21 9.29 33.15
N GLN I 135 70.32 9.09 31.85
CA GLN I 135 69.38 9.63 30.87
C GLN I 135 68.31 8.60 30.55
N GLU I 136 67.06 8.94 30.78
CA GLU I 136 65.93 8.09 30.46
C GLU I 136 65.19 8.64 29.25
N TYR I 137 64.56 7.74 28.49
CA TYR I 137 63.89 8.13 27.26
C TYR I 137 62.86 7.06 26.88
N THR I 138 61.94 7.44 26.00
CA THR I 138 60.91 6.55 25.51
C THR I 138 60.96 6.48 23.99
N LEU I 139 60.84 5.27 23.46
CA LEU I 139 60.80 5.07 22.02
C LEU I 139 59.36 5.16 21.52
N MET I 140 59.18 5.91 20.43
CA MET I 140 57.85 6.20 19.92
C MET I 140 57.77 5.87 18.44
N GLY I 141 56.64 5.32 18.01
CA GLY I 141 56.34 5.22 16.60
C GLY I 141 56.06 6.59 16.02
N THR I 142 56.05 6.65 14.68
CA THR I 142 55.82 7.91 14.00
C THR I 142 54.40 8.42 14.15
N ASP I 143 53.48 7.62 14.69
CA ASP I 143 52.11 8.03 14.94
C ASP I 143 51.93 8.71 16.29
N GLY I 144 52.99 8.89 17.06
CA GLY I 144 52.90 9.50 18.37
C GLY I 144 52.48 8.58 19.50
N HIS I 145 52.61 7.27 19.31
CA HIS I 145 52.27 6.26 20.28
C HIS I 145 53.52 5.43 20.59
N PRO I 146 53.70 4.97 21.82
CA PRO I 146 54.94 4.24 22.17
C PRO I 146 55.13 3.01 21.29
N PHE I 147 56.40 2.79 20.91
CA PHE I 147 56.71 1.71 19.98
C PHE I 147 56.43 0.35 20.61
N GLY I 148 55.76 -0.52 19.86
CA GLY I 148 55.40 -1.83 20.33
C GLY I 148 54.11 -1.91 21.13
N TRP I 149 53.53 -0.78 21.50
CA TRP I 149 52.29 -0.78 22.24
C TRP I 149 51.13 -1.20 21.33
N PRO I 150 50.05 -1.76 21.90
CA PRO I 150 48.91 -2.11 21.06
C PRO I 150 48.28 -0.89 20.42
N SER I 151 47.77 -1.08 19.20
CA SER I 151 47.18 0.04 18.46
C SER I 151 45.94 0.55 19.17
N ASN I 152 45.95 1.84 19.52
CA ASN I 152 44.87 2.49 20.25
C ASN I 152 44.56 1.76 21.56
N GLY I 153 45.61 1.32 22.25
CA GLY I 153 45.41 0.56 23.47
C GLY I 153 46.63 0.61 24.37
N PHE I 154 46.63 -0.28 25.36
CA PHE I 154 47.66 -0.31 26.37
C PHE I 154 48.17 -1.73 26.58
N PRO I 155 49.42 -1.88 27.00
CA PRO I 155 49.89 -3.21 27.42
C PRO I 155 49.43 -3.54 28.84
N GLY I 156 49.91 -4.66 29.37
CA GLY I 156 49.57 -5.04 30.72
C GLY I 156 50.14 -4.09 31.75
N PRO I 157 49.69 -4.20 33.00
CA PRO I 157 50.16 -3.26 34.04
C PRO I 157 51.64 -3.41 34.32
N GLN I 158 52.24 -2.31 34.78
CA GLN I 158 53.67 -2.27 35.07
C GLN I 158 54.05 -3.32 36.11
N GLY I 159 55.34 -3.67 36.14
CA GLY I 159 55.85 -4.65 37.05
C GLY I 159 56.76 -5.71 36.45
N PRO I 160 56.45 -6.22 35.26
CA PRO I 160 57.37 -7.17 34.61
C PRO I 160 58.35 -6.55 33.63
N TYR I 161 58.23 -5.26 33.32
CA TYR I 161 59.03 -4.65 32.28
C TYR I 161 60.39 -4.14 32.77
N TYR I 162 60.54 -3.88 34.06
CA TYR I 162 61.78 -3.32 34.58
C TYR I 162 62.90 -4.35 34.49
N CYS I 163 63.95 -4.01 33.74
CA CYS I 163 65.09 -4.92 33.50
C CYS I 163 64.62 -6.26 32.94
N GLY I 164 63.54 -6.25 32.17
CA GLY I 164 62.96 -7.49 31.70
C GLY I 164 63.66 -8.06 30.48
N VAL I 165 63.40 -9.34 30.21
CA VAL I 165 63.91 -10.04 29.04
C VAL I 165 62.78 -10.85 28.44
N GLY I 166 62.71 -10.87 27.11
CA GLY I 166 61.68 -11.60 26.41
C GLY I 166 60.93 -10.76 25.39
N ALA I 167 60.22 -11.42 24.47
CA ALA I 167 59.51 -10.71 23.43
C ALA I 167 58.36 -9.86 23.98
N ASP I 168 57.80 -10.25 25.12
CA ASP I 168 56.66 -9.56 25.71
C ASP I 168 57.06 -8.64 26.87
N ARG I 169 58.35 -8.39 27.07
CA ARG I 169 58.78 -7.61 28.21
C ARG I 169 59.68 -6.44 27.82
N ALA I 170 60.45 -6.60 26.75
CA ALA I 170 61.38 -5.56 26.28
C ALA I 170 61.02 -5.17 24.85
N TYR I 171 60.79 -3.87 24.64
CA TYR I 171 60.38 -3.35 23.33
C TYR I 171 61.53 -2.55 22.74
N GLY I 172 62.13 -3.06 21.67
CA GLY I 172 63.12 -2.31 20.92
C GLY I 172 64.51 -2.35 21.49
N ARG I 173 64.98 -3.55 21.86
CA ARG I 173 66.35 -3.68 22.35
C ARG I 173 67.39 -3.55 21.24
N ASP I 174 66.97 -3.64 19.97
CA ASP I 174 67.90 -3.45 18.86
C ASP I 174 68.49 -2.04 18.88
N ILE I 175 67.65 -1.04 19.13
CA ILE I 175 68.14 0.35 19.21
C ILE I 175 69.13 0.50 20.36
N VAL I 176 68.81 -0.09 21.52
CA VAL I 176 69.65 0.08 22.70
C VAL I 176 71.02 -0.56 22.48
N GLU I 177 71.04 -1.76 21.89
CA GLU I 177 72.31 -2.43 21.62
C GLU I 177 73.14 -1.65 20.62
N ALA I 178 72.50 -1.11 19.57
CA ALA I 178 73.23 -0.35 18.57
C ALA I 178 73.79 0.94 19.15
N HIS I 179 73.00 1.64 19.97
CA HIS I 179 73.44 2.89 20.56
C HIS I 179 74.63 2.67 21.50
N TYR I 180 74.59 1.60 22.29
CA TYR I 180 75.68 1.29 23.22
C TYR I 180 76.99 1.09 22.48
N ARG I 181 76.97 0.30 21.41
CA ARG I 181 78.17 0.02 20.64
C ARG I 181 78.64 1.26 19.89
N ALA I 182 77.71 2.08 19.43
CA ALA I 182 78.07 3.31 18.72
C ALA I 182 78.76 4.30 19.66
N CYS I 183 78.28 4.42 20.90
CA CYS I 183 78.91 5.33 21.85
C CYS I 183 80.30 4.86 22.22
N LEU I 184 80.48 3.55 22.42
CA LEU I 184 81.80 3.02 22.76
C LEU I 184 82.80 3.28 21.63
N TYR I 185 82.36 3.12 20.38
CA TYR I 185 83.23 3.39 19.24
C TYR I 185 83.60 4.87 19.17
N ALA I 186 82.64 5.76 19.43
CA ALA I 186 82.88 7.19 19.28
C ALA I 186 83.79 7.73 20.37
N GLY I 187 83.89 7.05 21.51
CA GLY I 187 84.60 7.55 22.65
C GLY I 187 83.74 8.18 23.73
N VAL I 188 82.41 8.08 23.61
CA VAL I 188 81.52 8.57 24.66
C VAL I 188 81.64 7.68 25.89
N LYS I 189 81.73 8.30 27.06
CA LYS I 189 81.94 7.56 28.31
C LYS I 189 80.59 7.07 28.82
N ILE I 190 80.10 6.00 28.18
CA ILE I 190 78.83 5.38 28.55
C ILE I 190 79.10 4.30 29.59
N ALA I 191 78.32 4.32 30.67
CA ALA I 191 78.58 3.46 31.82
C ALA I 191 77.66 2.24 31.91
N GLY I 192 76.50 2.27 31.28
CA GLY I 192 75.61 1.12 31.32
C GLY I 192 74.22 1.49 30.85
N THR I 193 73.38 0.46 30.74
CA THR I 193 72.01 0.60 30.29
C THR I 193 71.11 -0.36 31.06
N ASN I 194 69.82 -0.04 31.08
CA ASN I 194 68.82 -0.94 31.66
C ASN I 194 67.45 -0.58 31.09
N ALA I 195 66.55 -1.56 31.13
CA ALA I 195 65.16 -1.32 30.78
C ALA I 195 64.40 -0.73 31.95
N GLU I 196 63.45 0.15 31.65
CA GLU I 196 62.78 0.93 32.67
C GLU I 196 61.43 0.30 33.04
N VAL I 197 60.70 0.98 33.94
CA VAL I 197 59.47 0.44 34.49
C VAL I 197 58.40 0.35 33.41
N MET I 198 58.26 1.39 32.60
CA MET I 198 57.30 1.40 31.51
C MET I 198 57.87 0.67 30.29
N PRO I 199 57.09 -0.17 29.62
CA PRO I 199 57.59 -0.82 28.41
C PRO I 199 57.85 0.21 27.31
N ALA I 200 58.88 -0.08 26.50
CA ALA I 200 59.45 0.80 25.47
C ALA I 200 60.17 2.00 26.07
N GLN I 201 60.48 1.99 27.36
CA GLN I 201 61.24 3.03 28.03
C GLN I 201 62.57 2.45 28.50
N TRP I 202 63.64 3.21 28.32
CA TRP I 202 64.99 2.73 28.58
C TRP I 202 65.81 3.82 29.28
N GLU I 203 67.05 3.47 29.61
CA GLU I 203 67.95 4.38 30.31
C GLU I 203 69.39 4.00 29.96
N PHE I 204 70.24 5.02 29.79
CA PHE I 204 71.68 4.83 29.73
C PHE I 204 72.36 5.83 30.66
N GLN I 205 73.56 5.48 31.10
CA GLN I 205 74.31 6.27 32.07
C GLN I 205 75.61 6.75 31.46
N ILE I 206 75.93 8.03 31.71
CA ILE I 206 77.15 8.66 31.22
C ILE I 206 77.95 9.13 32.43
N GLY I 207 79.23 8.75 32.48
CA GLY I 207 80.11 9.21 33.53
C GLY I 207 80.99 8.12 34.09
N PRO I 208 81.82 8.45 35.09
CA PRO I 208 82.00 9.78 35.71
C PRO I 208 82.84 10.70 34.84
N CYS I 209 82.35 11.89 34.53
CA CYS I 209 83.05 12.84 33.68
C CYS I 209 83.46 14.06 34.49
N GLU I 210 84.73 14.44 34.38
CA GLU I 210 85.29 15.54 35.16
C GLU I 210 84.97 16.87 34.48
N GLY I 211 84.28 17.74 35.21
CA GLY I 211 84.14 19.13 34.77
C GLY I 211 83.27 19.31 33.54
N ILE I 212 83.80 20.06 32.58
CA ILE I 212 83.01 20.47 31.42
C ILE I 212 82.77 19.29 30.47
N SER I 213 83.56 18.22 30.61
CA SER I 213 83.42 17.09 29.71
C SER I 213 82.09 16.36 29.90
N MET I 214 81.40 16.58 31.02
CA MET I 214 80.10 15.95 31.23
C MET I 214 79.07 16.43 30.23
N GLY I 215 79.04 17.74 29.98
CA GLY I 215 78.07 18.29 29.04
C GLY I 215 78.34 17.88 27.60
N ASP I 216 79.61 17.82 27.22
CA ASP I 216 79.94 17.42 25.86
C ASP I 216 79.57 15.96 25.59
N HIS I 217 79.86 15.07 26.54
CA HIS I 217 79.60 13.65 26.32
C HIS I 217 78.11 13.34 26.29
N LEU I 218 77.32 13.99 27.14
CA LEU I 218 75.89 13.72 27.17
C LEU I 218 75.21 14.23 25.91
N TRP I 219 75.58 15.42 25.44
CA TRP I 219 74.96 16.00 24.26
C TRP I 219 75.27 15.18 23.02
N VAL I 220 76.52 14.71 22.90
CA VAL I 220 76.89 13.86 21.77
C VAL I 220 76.17 12.52 21.86
N ALA I 221 76.00 12.00 23.08
CA ALA I 221 75.27 10.75 23.27
C ALA I 221 73.82 10.90 22.83
N ARG I 222 73.21 12.04 23.11
CA ARG I 222 71.84 12.28 22.66
C ARG I 222 71.77 12.35 21.14
N PHE I 223 72.76 12.97 20.50
CA PHE I 223 72.79 13.04 19.05
C PHE I 223 72.88 11.64 18.44
N ILE I 224 73.73 10.78 19.03
CA ILE I 224 73.90 9.42 18.50
C ILE I 224 72.60 8.64 18.61
N LEU I 225 71.85 8.82 19.71
CA LEU I 225 70.60 8.12 19.87
C LEU I 225 69.58 8.52 18.80
N HIS I 226 69.46 9.82 18.54
CA HIS I 226 68.54 10.29 17.50
C HIS I 226 68.93 9.78 16.13
N ARG I 227 70.23 9.80 15.82
CA ARG I 227 70.69 9.33 14.51
C ARG I 227 70.51 7.82 14.37
N VAL I 228 70.76 7.06 15.44
CA VAL I 228 70.53 5.62 15.40
C VAL I 228 69.05 5.31 15.23
N CYS I 229 68.19 6.01 15.98
CA CYS I 229 66.75 5.79 15.87
C CYS I 229 66.23 6.18 14.50
N GLU I 230 66.90 7.13 13.84
CA GLU I 230 66.50 7.53 12.49
C GLU I 230 66.70 6.39 11.50
N ASP I 231 67.75 5.59 11.67
CA ASP I 231 67.97 4.43 10.81
C ASP I 231 66.84 3.42 10.96
N PHE I 232 66.41 3.15 12.19
CA PHE I 232 65.35 2.18 12.44
C PHE I 232 63.95 2.72 12.15
N GLY I 233 63.80 4.04 12.02
CA GLY I 233 62.51 4.62 11.70
C GLY I 233 61.62 4.94 12.88
N VAL I 234 62.17 5.01 14.09
CA VAL I 234 61.40 5.35 15.28
C VAL I 234 61.93 6.65 15.85
N ILE I 235 61.18 7.21 16.80
CA ILE I 235 61.48 8.50 17.42
C ILE I 235 61.84 8.28 18.88
N ALA I 236 62.95 8.85 19.31
CA ALA I 236 63.35 8.85 20.72
C ALA I 236 62.99 10.19 21.33
N THR I 237 62.20 10.17 22.40
CA THR I 237 61.73 11.38 23.05
C THR I 237 62.26 11.47 24.46
N PHE I 238 62.54 12.69 24.91
CA PHE I 238 63.01 12.96 26.26
C PHE I 238 61.97 13.69 27.09
N ASP I 239 60.68 13.55 26.74
CA ASP I 239 59.63 14.23 27.47
C ASP I 239 59.54 13.69 28.90
N PRO I 240 59.34 14.57 29.89
CA PRO I 240 59.27 14.09 31.28
C PRO I 240 58.09 13.18 31.57
N LYS I 241 56.99 13.29 30.82
CA LYS I 241 55.80 12.47 31.04
C LYS I 241 55.14 12.20 29.70
N PRO I 242 55.72 11.28 28.91
CA PRO I 242 55.15 11.01 27.57
C PRO I 242 53.73 10.46 27.60
N ILE I 243 53.37 9.68 28.61
CA ILE I 243 52.05 9.05 28.70
C ILE I 243 51.41 9.43 30.02
N PRO I 244 50.27 10.13 30.03
CA PRO I 244 49.62 10.47 31.30
C PRO I 244 48.99 9.26 31.96
N GLY I 245 48.93 9.31 33.29
CA GLY I 245 48.26 8.27 34.05
C GLY I 245 49.19 7.46 34.93
N ASN I 246 48.91 6.18 35.06
CA ASN I 246 49.71 5.27 35.89
C ASN I 246 50.88 4.67 35.10
N TRP I 247 51.68 5.55 34.48
CA TRP I 247 52.85 5.13 33.73
C TRP I 247 54.04 5.98 34.14
N ASN I 248 55.21 5.34 34.21
CA ASN I 248 56.40 6.00 34.76
C ASN I 248 56.86 7.14 33.86
N GLY I 249 57.39 8.19 34.49
CA GLY I 249 57.98 9.31 33.79
C GLY I 249 59.46 9.11 33.53
N ALA I 250 60.08 10.17 33.02
CA ALA I 250 61.49 10.13 32.66
C ALA I 250 62.22 11.30 33.29
N GLY I 251 63.34 11.01 33.97
CA GLY I 251 64.17 12.04 34.55
C GLY I 251 65.63 11.79 34.23
N CYS I 252 66.46 12.77 34.60
CA CYS I 252 67.91 12.70 34.37
C CYS I 252 68.61 12.91 35.71
N HIS I 253 68.80 11.83 36.46
CA HIS I 253 69.45 11.90 37.75
C HIS I 253 70.92 12.29 37.58
N THR I 254 71.39 13.19 38.43
CA THR I 254 72.76 13.70 38.36
C THR I 254 73.51 13.28 39.62
N ASN I 255 74.67 12.66 39.44
CA ASN I 255 75.53 12.25 40.54
C ASN I 255 76.72 13.19 40.61
N PHE I 256 77.04 13.66 41.82
CA PHE I 256 78.04 14.70 42.01
C PHE I 256 78.99 14.30 43.13
N SER I 257 80.28 14.60 42.93
CA SER I 257 81.30 14.40 43.94
C SER I 257 82.51 15.26 43.62
N THR I 258 83.26 15.61 44.66
CA THR I 258 84.54 16.29 44.53
C THR I 258 85.65 15.37 45.06
N LYS I 259 86.88 15.88 45.03
CA LYS I 259 88.00 15.10 45.54
C LYS I 259 87.89 14.90 47.05
N ALA I 260 87.34 15.89 47.76
CA ALA I 260 87.17 15.77 49.21
C ALA I 260 86.16 14.67 49.55
N MET I 261 85.04 14.63 48.83
CA MET I 261 84.02 13.60 49.09
C MET I 261 84.54 12.22 48.75
N ARG I 262 85.41 12.11 47.74
CA ARG I 262 86.01 10.83 47.37
C ARG I 262 87.14 10.41 48.27
N GLU I 263 87.67 11.31 49.10
CA GLU I 263 88.77 10.99 49.99
C GLU I 263 88.23 10.37 51.28
N GLU I 264 89.12 10.13 52.23
CA GLU I 264 88.72 9.51 53.49
C GLU I 264 87.88 10.47 54.32
N ASN I 265 86.81 9.94 54.93
CA ASN I 265 85.87 10.73 55.71
C ASN I 265 85.28 11.87 54.89
N GLY I 266 85.06 11.61 53.61
CA GLY I 266 84.44 12.59 52.72
C GLY I 266 82.94 12.69 52.83
N LEU I 267 82.33 11.85 53.67
CA LEU I 267 80.89 11.95 53.91
C LEU I 267 80.51 13.27 54.56
N LYS I 268 81.38 13.81 55.42
CA LYS I 268 81.07 15.07 56.09
C LYS I 268 81.00 16.23 55.10
N TYR I 269 81.79 16.17 54.01
CA TYR I 269 81.71 17.20 52.99
C TYR I 269 80.44 17.04 52.15
N ILE I 270 79.90 15.82 52.09
CA ILE I 270 78.65 15.61 51.37
C ILE I 270 77.49 16.26 52.13
N GLU I 271 77.49 16.13 53.45
CA GLU I 271 76.41 16.72 54.26
C GLU I 271 76.41 18.23 54.15
N GLU I 272 77.59 18.85 54.10
CA GLU I 272 77.65 20.30 53.93
C GLU I 272 77.06 20.72 52.58
N ALA I 273 77.40 19.99 51.52
CA ALA I 273 76.87 20.32 50.19
C ALA I 273 75.35 20.16 50.16
N ILE I 274 74.84 19.10 50.77
CA ILE I 274 73.39 18.91 50.83
C ILE I 274 72.76 20.00 51.70
N GLU I 275 73.45 20.42 52.75
CA GLU I 275 72.92 21.49 53.60
C GLU I 275 72.74 22.78 52.81
N LYS I 276 73.75 23.17 52.04
CA LYS I 276 73.63 24.39 51.22
C LYS I 276 72.61 24.19 50.11
N LEU I 277 72.45 22.97 49.61
CA LEU I 277 71.48 22.71 48.55
C LEU I 277 70.06 22.92 49.03
N SER I 278 69.79 22.60 50.30
CA SER I 278 68.43 22.67 50.84
C SER I 278 67.87 24.08 50.82
N LYS I 279 68.72 25.11 50.84
CA LYS I 279 68.25 26.49 50.88
C LYS I 279 67.93 27.05 49.50
N ARG I 280 68.27 26.35 48.43
CA ARG I 280 68.11 26.86 47.06
C ARG I 280 67.33 25.87 46.21
N HIS I 281 66.23 25.36 46.75
CA HIS I 281 65.41 24.43 45.99
C HIS I 281 64.76 25.10 44.79
N GLN I 282 64.19 26.29 44.99
CA GLN I 282 63.50 26.98 43.90
C GLN I 282 64.46 27.38 42.79
N TYR I 283 65.65 27.84 43.14
CA TYR I 283 66.62 28.24 42.13
C TYR I 283 67.04 27.05 41.26
N HIS I 284 67.22 25.88 41.88
CA HIS I 284 67.68 24.72 41.12
C HIS I 284 66.55 24.12 40.28
N ILE I 285 65.31 24.19 40.77
CA ILE I 285 64.18 23.71 39.97
C ILE I 285 64.07 24.49 38.67
N ARG I 286 64.30 25.81 38.74
CA ARG I 286 64.24 26.63 37.53
C ARG I 286 65.34 26.26 36.55
N ALA I 287 66.54 25.96 37.05
CA ALA I 287 67.67 25.64 36.19
C ALA I 287 67.67 24.20 35.70
N TYR I 288 66.75 23.37 36.17
CA TYR I 288 66.68 21.97 35.77
C TYR I 288 65.70 21.72 34.64
N ASP I 289 65.13 22.79 34.06
CA ASP I 289 64.16 22.66 32.99
C ASP I 289 64.44 23.71 31.93
N PRO I 290 64.47 23.34 30.65
CA PRO I 290 64.55 24.35 29.59
C PRO I 290 63.33 25.25 29.51
N LYS I 291 62.20 24.82 30.07
CA LYS I 291 60.96 25.60 30.07
C LYS I 291 60.73 26.33 31.39
N GLY I 292 61.68 26.29 32.31
CA GLY I 292 61.56 26.98 33.57
C GLY I 292 60.93 26.19 34.70
N GLY I 293 60.37 25.01 34.41
CA GLY I 293 59.80 24.19 35.46
C GLY I 293 58.46 23.59 35.10
N LEU I 294 57.86 24.06 34.00
CA LEU I 294 56.55 23.54 33.59
C LEU I 294 56.63 22.09 33.15
N ASP I 295 57.70 21.72 32.44
CA ASP I 295 57.83 20.35 31.97
C ASP I 295 58.00 19.38 33.12
N ASN I 296 58.92 19.67 34.03
CA ASN I 296 59.14 18.81 35.19
C ASN I 296 57.98 18.83 36.18
N ALA I 297 57.05 19.77 36.03
CA ALA I 297 55.90 19.82 36.93
C ALA I 297 54.97 18.63 36.74
N ARG I 298 54.96 18.04 35.55
CA ARG I 298 54.09 16.90 35.26
C ARG I 298 54.70 15.57 35.69
N ARG I 299 55.98 15.54 36.05
CA ARG I 299 56.62 14.31 36.53
C ARG I 299 56.75 14.30 38.05
N LEU I 300 57.32 15.36 38.62
CA LEU I 300 57.47 15.43 40.07
C LEU I 300 56.12 15.71 40.72
N THR I 301 55.41 14.63 41.10
CA THR I 301 54.08 14.75 41.69
C THR I 301 53.98 14.15 43.08
N GLY I 302 54.96 13.38 43.53
CA GLY I 302 54.89 12.69 44.79
C GLY I 302 54.36 11.27 44.72
N PHE I 303 54.29 10.68 43.53
CA PHE I 303 53.78 9.33 43.35
C PHE I 303 54.75 8.55 42.47
N HIS I 304 54.60 7.22 42.50
CA HIS I 304 55.48 6.32 41.75
C HIS I 304 56.94 6.54 42.12
N GLU I 305 57.20 6.63 43.44
CA GLU I 305 58.56 6.79 43.98
C GLU I 305 59.24 8.04 43.44
N THR I 306 58.51 9.16 43.43
CA THR I 306 59.04 10.46 43.07
C THR I 306 58.97 11.40 44.27
N SER I 307 59.43 12.63 44.07
CA SER I 307 59.37 13.67 45.09
C SER I 307 58.54 14.83 44.56
N ASN I 308 57.80 15.48 45.46
CA ASN I 308 56.99 16.62 45.06
C ASN I 308 57.88 17.78 44.64
N ILE I 309 57.47 18.48 43.59
CA ILE I 309 58.30 19.53 43.02
C ILE I 309 58.42 20.71 43.99
N ASN I 310 57.44 20.90 44.87
CA ASN I 310 57.43 22.04 45.78
C ASN I 310 58.06 21.74 47.13
N ASP I 311 58.53 20.51 47.37
CA ASP I 311 59.06 20.11 48.66
C ASP I 311 60.46 19.53 48.49
N PHE I 312 61.38 19.98 49.34
CA PHE I 312 62.75 19.49 49.34
C PHE I 312 62.94 18.49 50.48
N SER I 313 63.60 17.38 50.18
CA SER I 313 63.89 16.36 51.18
C SER I 313 65.19 15.66 50.82
N ALA I 314 65.78 15.01 51.82
CA ALA I 314 67.03 14.28 51.63
C ALA I 314 67.09 13.13 52.62
N GLY I 315 67.92 12.15 52.31
CA GLY I 315 68.07 11.00 53.19
C GLY I 315 68.97 9.92 52.61
N VAL I 316 69.43 9.03 53.47
CA VAL I 316 70.29 7.93 53.05
C VAL I 316 69.44 6.83 52.43
N ALA I 317 69.77 6.43 51.21
CA ALA I 317 69.11 5.33 50.51
C ALA I 317 67.60 5.56 50.39
N ASN I 318 67.19 6.82 50.27
CA ASN I 318 65.78 7.17 50.10
C ASN I 318 65.56 7.60 48.66
N ARG I 319 64.84 6.77 47.90
CA ARG I 319 64.58 7.06 46.49
C ARG I 319 63.41 8.02 46.30
N SER I 320 62.63 8.29 47.33
CA SER I 320 61.50 9.21 47.25
C SER I 320 61.87 10.65 47.59
N ALA I 321 63.12 10.91 47.97
CA ALA I 321 63.55 12.25 48.34
C ALA I 321 64.07 13.01 47.12
N SER I 322 64.37 14.29 47.34
CA SER I 322 64.98 15.09 46.29
C SER I 322 66.46 14.76 46.12
N ILE I 323 67.14 14.44 47.22
CA ILE I 323 68.56 14.07 47.20
C ILE I 323 68.69 12.72 47.88
N ARG I 324 69.42 11.80 47.24
CA ARG I 324 69.64 10.46 47.75
C ARG I 324 71.12 10.23 48.00
N ILE I 325 71.44 9.73 49.18
CA ILE I 325 72.79 9.29 49.51
C ILE I 325 72.82 7.77 49.40
N PRO I 326 73.65 7.19 48.54
CA PRO I 326 73.69 5.72 48.42
C PRO I 326 74.05 5.06 49.75
N ARG I 327 73.46 3.89 49.98
CA ARG I 327 73.66 3.20 51.24
C ARG I 327 75.13 2.84 51.44
N THR I 328 75.80 2.40 50.38
CA THR I 328 77.22 2.05 50.50
C THR I 328 78.08 3.26 50.79
N VAL I 329 77.71 4.43 50.27
CA VAL I 329 78.47 5.65 50.54
C VAL I 329 78.44 5.97 52.02
N GLY I 330 77.25 5.90 52.65
CA GLY I 330 77.16 6.15 54.07
C GLY I 330 77.92 5.12 54.90
N GLN I 331 77.84 3.84 54.51
CA GLN I 331 78.56 2.81 55.23
C GLN I 331 80.08 2.96 55.08
N GLU I 332 80.54 3.41 53.92
CA GLU I 332 81.96 3.64 53.69
C GLU I 332 82.40 5.05 54.02
N LYS I 333 81.46 5.94 54.36
CA LYS I 333 81.74 7.33 54.76
C LYS I 333 82.48 8.11 53.69
N LYS I 334 82.32 7.74 52.42
CA LYS I 334 82.95 8.46 51.33
C LYS I 334 82.25 8.10 50.02
N GLY I 335 82.30 9.03 49.07
CA GLY I 335 81.70 8.78 47.77
C GLY I 335 81.05 9.99 47.12
N TYR I 336 79.78 9.84 46.77
CA TYR I 336 79.05 10.86 46.02
C TYR I 336 77.61 10.91 46.55
N PHE I 337 76.81 11.82 45.98
CA PHE I 337 75.39 11.89 46.27
C PHE I 337 74.64 12.14 44.98
N GLU I 338 73.35 11.80 45.00
CA GLU I 338 72.51 11.82 43.81
C GLU I 338 71.41 12.86 43.93
N ASP I 339 71.29 13.70 42.91
CA ASP I 339 70.19 14.66 42.80
C ASP I 339 69.17 14.09 41.81
N ARG I 340 67.97 13.80 42.30
CA ARG I 340 66.94 13.14 41.52
C ARG I 340 65.94 14.12 40.89
N ARG I 341 66.17 15.41 41.00
CA ARG I 341 65.23 16.43 40.55
C ARG I 341 65.22 16.71 39.05
N PRO I 342 66.35 16.77 38.34
CA PRO I 342 66.33 17.24 36.95
C PRO I 342 65.48 16.37 36.05
N SER I 343 64.84 17.02 35.07
CA SER I 343 64.01 16.35 34.08
C SER I 343 64.86 15.67 33.02
N ALA I 344 64.22 14.80 32.23
CA ALA I 344 64.93 14.09 31.19
C ALA I 344 65.40 15.02 30.07
N ASN I 345 64.67 16.12 29.82
CA ASN I 345 65.01 17.06 28.77
C ASN I 345 65.85 18.23 29.27
N CYS I 346 66.60 18.05 30.35
CA CYS I 346 67.40 19.12 30.92
C CYS I 346 68.66 19.36 30.09
N ASP I 347 69.22 20.55 30.25
CA ASP I 347 70.51 20.89 29.65
C ASP I 347 71.62 20.58 30.65
N PRO I 348 72.54 19.66 30.34
CA PRO I 348 73.59 19.33 31.33
C PRO I 348 74.48 20.50 31.70
N PHE I 349 74.66 21.46 30.81
CA PHE I 349 75.49 22.62 31.13
C PHE I 349 74.85 23.46 32.24
N SER I 350 73.53 23.64 32.17
CA SER I 350 72.84 24.39 33.22
C SER I 350 72.81 23.61 34.52
N VAL I 351 72.62 22.30 34.45
CA VAL I 351 72.56 21.48 35.66
C VAL I 351 73.92 21.47 36.37
N THR I 352 74.99 21.23 35.61
CA THR I 352 76.32 21.17 36.22
C THR I 352 76.75 22.53 36.77
N GLU I 353 76.35 23.62 36.09
CA GLU I 353 76.72 24.94 36.57
C GLU I 353 76.02 25.28 37.88
N ALA I 354 74.73 24.93 38.00
CA ALA I 354 74.00 25.25 39.22
C ALA I 354 74.54 24.49 40.41
N LEU I 355 74.93 23.22 40.20
CA LEU I 355 75.49 22.43 41.30
C LEU I 355 76.81 23.00 41.79
N ILE I 356 77.65 23.46 40.86
CA ILE I 356 78.95 24.02 41.24
C ILE I 356 78.76 25.36 41.95
N ARG I 357 77.82 26.19 41.47
CA ARG I 357 77.60 27.50 42.06
C ARG I 357 77.11 27.39 43.51
N THR I 358 76.15 26.50 43.75
CA THR I 358 75.56 26.40 45.08
C THR I 358 76.49 25.70 46.08
N CYS I 359 77.15 24.62 45.67
CA CYS I 359 77.89 23.79 46.60
C CYS I 359 79.36 24.19 46.73
N LEU I 360 79.96 24.75 45.69
CA LEU I 360 81.38 25.05 45.69
C LEU I 360 81.70 26.53 45.75
N LEU I 361 80.83 27.39 45.23
CA LEU I 361 81.04 28.84 45.27
C LEU I 361 80.18 29.54 46.32
N ASN I 362 79.31 28.79 47.01
CA ASN I 362 78.50 29.33 48.10
C ASN I 362 77.65 30.53 47.65
N GLU I 363 77.04 30.41 46.47
CA GLU I 363 76.16 31.45 45.98
C GLU I 363 74.84 31.46 46.76
N THR I 364 74.11 32.56 46.62
CA THR I 364 72.79 32.70 47.23
C THR I 364 72.00 33.71 46.41
N GLY I 365 70.70 33.72 46.64
CA GLY I 365 69.82 34.62 45.92
C GLY I 365 69.24 33.98 44.67
N ASP I 366 68.51 34.80 43.92
CA ASP I 366 67.83 34.34 42.71
C ASP I 366 68.67 34.50 41.45
N GLU I 367 69.85 35.11 41.54
CA GLU I 367 70.73 35.29 40.39
C GLU I 367 72.17 35.05 40.82
N PRO I 368 73.01 34.57 39.91
CA PRO I 368 74.42 34.32 40.25
C PRO I 368 75.29 35.55 40.05
N PHE I 369 76.41 35.55 40.77
CA PHE I 369 77.41 36.61 40.58
C PHE I 369 77.98 36.53 39.17
N GLN I 370 78.30 37.69 38.60
CA GLN I 370 78.59 37.80 37.18
C GLN I 370 80.09 37.83 36.87
N TYR I 371 80.87 38.64 37.58
CA TYR I 371 82.23 38.95 37.13
C TYR I 371 83.27 37.99 37.72
N LYS I 372 83.46 38.04 39.05
CA LYS I 372 84.44 37.16 39.69
C LYS I 372 84.10 37.08 41.17
N ASN I 373 83.49 35.97 41.59
CA ASN I 373 83.18 35.71 42.99
C ASN I 373 82.33 36.82 43.63
N THR J 2 54.39 4.38 -4.55
CA THR J 2 55.36 5.17 -3.81
C THR J 2 56.75 5.03 -4.43
N THR J 3 57.26 3.81 -4.46
CA THR J 3 58.56 3.49 -5.05
C THR J 3 58.36 2.63 -6.29
N SER J 4 59.42 2.56 -7.10
CA SER J 4 59.34 1.87 -8.38
C SER J 4 59.25 0.36 -8.22
N ALA J 5 58.72 -0.30 -9.24
CA ALA J 5 58.65 -1.76 -9.25
C ALA J 5 60.05 -2.37 -9.28
N SER J 6 60.97 -1.76 -10.02
CA SER J 6 62.34 -2.28 -10.09
C SER J 6 63.01 -2.27 -8.72
N SER J 7 62.65 -1.33 -7.86
CA SER J 7 63.27 -1.25 -6.53
C SER J 7 62.78 -2.35 -5.60
N HIS J 8 61.70 -3.04 -5.93
CA HIS J 8 61.18 -4.13 -5.12
C HIS J 8 61.79 -5.48 -5.48
N LEU J 9 62.64 -5.54 -6.50
CA LEU J 9 63.35 -6.77 -6.82
C LEU J 9 64.39 -7.08 -5.74
N ASN J 10 64.76 -8.35 -5.64
CA ASN J 10 65.71 -8.80 -4.62
C ASN J 10 67.09 -8.27 -4.95
N LYS J 11 67.55 -7.26 -4.18
CA LYS J 11 68.86 -6.68 -4.40
C LYS J 11 69.99 -7.58 -3.94
N GLY J 12 69.70 -8.55 -3.07
CA GLY J 12 70.72 -9.52 -2.70
C GLY J 12 71.17 -10.37 -3.88
N ILE J 13 70.23 -10.67 -4.80
CA ILE J 13 70.56 -11.46 -5.99
C ILE J 13 71.54 -10.69 -6.87
N LYS J 14 71.31 -9.38 -7.04
CA LYS J 14 72.21 -8.58 -7.85
C LYS J 14 73.61 -8.54 -7.25
N GLN J 15 73.70 -8.45 -5.92
CA GLN J 15 75.00 -8.38 -5.26
C GLN J 15 75.83 -9.63 -5.51
N VAL J 16 75.17 -10.78 -5.64
CA VAL J 16 75.88 -12.02 -5.94
C VAL J 16 76.57 -11.93 -7.30
N TYR J 17 75.85 -11.45 -8.31
CA TYR J 17 76.43 -11.35 -9.65
C TYR J 17 77.53 -10.32 -9.72
N MET J 18 77.37 -9.19 -9.01
CA MET J 18 78.40 -8.16 -9.03
C MET J 18 79.64 -8.55 -8.24
N SER J 19 79.60 -9.64 -7.48
CA SER J 19 80.76 -10.14 -6.76
C SER J 19 81.66 -11.02 -7.62
N LEU J 20 81.23 -11.38 -8.83
CA LEU J 20 82.07 -12.19 -9.70
C LEU J 20 83.25 -11.37 -10.21
N PRO J 21 84.44 -11.95 -10.28
CA PRO J 21 85.57 -11.26 -10.92
C PRO J 21 85.34 -11.14 -12.42
N GLN J 22 85.47 -9.92 -12.92
CA GLN J 22 85.14 -9.64 -14.32
C GLN J 22 86.26 -9.94 -15.30
N GLY J 23 87.47 -10.23 -14.82
CA GLY J 23 88.56 -10.58 -15.70
C GLY J 23 89.34 -9.39 -16.23
N GLU J 24 89.80 -9.48 -17.47
CA GLU J 24 90.67 -8.47 -18.06
C GLU J 24 89.94 -7.38 -18.82
N LYS J 25 88.67 -7.58 -19.17
CA LYS J 25 87.92 -6.59 -19.92
C LYS J 25 87.37 -5.50 -18.99
N VAL J 26 87.17 -4.32 -19.55
CA VAL J 26 86.79 -3.14 -18.79
C VAL J 26 85.55 -2.51 -19.40
N GLN J 27 84.60 -2.12 -18.55
CA GLN J 27 83.39 -1.43 -18.97
C GLN J 27 83.60 0.07 -18.89
N ALA J 28 83.02 0.80 -19.85
CA ALA J 28 83.07 2.25 -19.86
C ALA J 28 81.67 2.78 -20.19
N MET J 29 81.18 3.70 -19.37
CA MET J 29 79.85 4.28 -19.54
C MET J 29 79.96 5.68 -20.13
N TYR J 30 79.28 5.90 -21.25
CA TYR J 30 79.27 7.19 -21.94
C TYR J 30 78.05 7.98 -21.53
N ILE J 31 78.26 9.23 -21.09
CA ILE J 31 77.19 10.10 -20.62
C ILE J 31 77.20 11.37 -21.46
N TRP J 32 76.01 11.83 -21.84
CA TRP J 32 75.89 13.07 -22.59
C TRP J 32 74.55 13.74 -22.28
N ILE J 33 74.48 15.04 -22.56
CA ILE J 33 73.29 15.85 -22.32
C ILE J 33 72.40 15.79 -23.56
N ASP J 34 71.12 15.54 -23.37
CA ASP J 34 70.20 15.32 -24.48
C ASP J 34 69.67 16.66 -25.00
N GLY J 35 68.66 16.59 -25.88
CA GLY J 35 68.16 17.75 -26.57
C GLY J 35 67.30 18.69 -25.76
N THR J 36 66.83 18.26 -24.58
CA THR J 36 66.09 19.16 -23.72
C THR J 36 66.98 20.14 -22.99
N GLY J 37 68.28 19.86 -22.91
CA GLY J 37 69.22 20.73 -22.24
C GLY J 37 69.35 20.49 -20.75
N GLU J 38 68.54 19.60 -20.17
CA GLU J 38 68.62 19.33 -18.75
C GLU J 38 68.63 17.84 -18.40
N GLY J 39 68.30 16.94 -19.33
CA GLY J 39 68.33 15.52 -19.08
C GLY J 39 69.65 14.89 -19.51
N LEU J 40 69.86 13.66 -19.05
CA LEU J 40 71.09 12.93 -19.31
C LEU J 40 70.77 11.56 -19.91
N ARG J 41 71.70 11.06 -20.72
CA ARG J 41 71.60 9.75 -21.33
C ARG J 41 72.91 9.00 -21.14
N CYS J 42 72.83 7.67 -21.11
CA CYS J 42 74.01 6.85 -20.83
C CYS J 42 74.00 5.59 -21.67
N LYS J 43 75.21 5.03 -21.86
CA LYS J 43 75.43 3.84 -22.65
C LYS J 43 76.73 3.18 -22.18
N THR J 44 76.81 1.86 -22.29
CA THR J 44 77.98 1.10 -21.85
C THR J 44 78.61 0.38 -23.04
N ARG J 45 79.93 0.39 -23.08
CA ARG J 45 80.70 -0.39 -24.04
C ARG J 45 81.84 -1.09 -23.33
N THR J 46 82.39 -2.10 -24.00
CA THR J 46 83.46 -2.91 -23.47
C THR J 46 84.79 -2.52 -24.11
N LEU J 47 85.81 -2.33 -23.28
CA LEU J 47 87.16 -2.03 -23.73
C LEU J 47 88.09 -3.20 -23.44
N ASP J 48 89.11 -3.35 -24.28
CA ASP J 48 90.04 -4.47 -24.12
C ASP J 48 90.97 -4.27 -22.92
N SER J 49 91.31 -3.03 -22.60
CA SER J 49 92.20 -2.75 -21.49
C SER J 49 91.76 -1.47 -20.81
N GLU J 50 92.20 -1.29 -19.57
CA GLU J 50 91.80 -0.13 -18.78
C GLU J 50 92.51 1.13 -19.29
N PRO J 51 91.77 2.18 -19.63
CA PRO J 51 92.41 3.41 -20.11
C PRO J 51 93.09 4.16 -18.97
N LYS J 52 94.28 4.70 -19.25
CA LYS J 52 95.03 5.48 -18.29
C LYS J 52 94.73 6.98 -18.37
N CYS J 53 93.98 7.42 -19.39
CA CYS J 53 93.66 8.82 -19.53
C CYS J 53 92.49 8.96 -20.50
N VAL J 54 91.84 10.12 -20.46
CA VAL J 54 90.66 10.35 -21.30
C VAL J 54 91.02 10.45 -22.76
N GLU J 55 92.29 10.70 -23.09
CA GLU J 55 92.67 10.94 -24.47
C GLU J 55 92.76 9.66 -25.31
N GLU J 56 92.82 8.49 -24.67
CA GLU J 56 92.87 7.23 -25.39
C GLU J 56 91.52 6.51 -25.42
N LEU J 57 90.45 7.18 -25.03
CA LEU J 57 89.11 6.64 -25.14
C LEU J 57 88.55 6.90 -26.53
N PRO J 58 88.08 5.88 -27.24
CA PRO J 58 87.60 6.08 -28.61
C PRO J 58 86.29 6.87 -28.64
N GLU J 59 86.02 7.44 -29.81
CA GLU J 59 84.77 8.15 -30.05
C GLU J 59 83.64 7.15 -30.29
N TRP J 60 82.40 7.65 -30.17
CA TRP J 60 81.24 6.83 -30.45
C TRP J 60 80.21 7.65 -31.23
N ASN J 61 79.00 7.09 -31.31
CA ASN J 61 77.90 7.66 -32.05
C ASN J 61 76.60 7.05 -31.52
N PHE J 62 75.53 7.85 -31.54
CA PHE J 62 74.22 7.37 -31.12
C PHE J 62 73.18 7.87 -32.11
N ASP J 63 71.96 7.35 -31.98
CA ASP J 63 70.85 7.71 -32.86
C ASP J 63 70.19 8.97 -32.30
N GLY J 64 70.37 10.09 -33.00
CA GLY J 64 69.85 11.36 -32.53
C GLY J 64 68.34 11.51 -32.66
N SER J 65 67.72 10.74 -33.55
CA SER J 65 66.27 10.82 -33.69
C SER J 65 65.55 10.24 -32.48
N SER J 66 66.13 9.24 -31.83
CA SER J 66 65.55 8.69 -30.61
C SER J 66 65.71 9.64 -29.44
N THR J 67 66.69 10.54 -29.51
CA THR J 67 66.92 11.54 -28.47
C THR J 67 66.31 12.88 -28.82
N LEU J 68 65.62 12.98 -29.96
CA LEU J 68 65.03 14.23 -30.43
C LEU J 68 66.06 15.34 -30.58
N GLN J 69 67.28 14.97 -31.00
CA GLN J 69 68.32 15.92 -31.33
C GLN J 69 68.56 16.02 -32.82
N SER J 70 67.77 15.32 -33.64
CA SER J 70 67.94 15.34 -35.09
C SER J 70 66.65 14.87 -35.72
N GLU J 71 66.62 14.91 -37.05
CA GLU J 71 65.46 14.48 -37.81
C GLU J 71 65.89 14.12 -39.21
N GLY J 72 65.04 13.37 -39.90
CA GLY J 72 65.31 13.02 -41.28
C GLY J 72 66.37 11.94 -41.42
N SER J 73 67.07 11.97 -42.56
CA SER J 73 68.04 10.92 -42.88
C SER J 73 69.31 11.05 -42.04
N ASN J 74 69.78 12.28 -41.83
CA ASN J 74 71.04 12.50 -41.12
C ASN J 74 70.79 12.44 -39.60
N SER J 75 70.45 11.23 -39.15
CA SER J 75 70.09 11.00 -37.77
C SER J 75 71.28 10.70 -36.86
N ASP J 76 72.44 10.38 -37.42
CA ASP J 76 73.58 10.00 -36.60
C ASP J 76 74.20 11.21 -35.93
N MET J 77 74.52 11.06 -34.64
CA MET J 77 75.27 12.05 -33.88
C MET J 77 76.54 11.39 -33.38
N TYR J 78 77.44 12.20 -32.80
CA TYR J 78 78.74 11.70 -32.38
C TYR J 78 79.07 12.16 -30.96
N LEU J 79 79.83 11.32 -30.27
CA LEU J 79 80.24 11.56 -28.89
C LEU J 79 81.75 11.63 -28.81
N VAL J 80 82.27 12.71 -28.25
CA VAL J 80 83.70 12.91 -28.05
C VAL J 80 83.95 12.99 -26.55
N PRO J 81 84.71 12.07 -25.96
CA PRO J 81 84.94 12.11 -24.51
C PRO J 81 85.67 13.39 -24.10
N ALA J 82 85.29 13.92 -22.95
CA ALA J 82 85.87 15.14 -22.41
C ALA J 82 86.47 14.97 -21.02
N ALA J 83 85.83 14.20 -20.15
CA ALA J 83 86.33 13.97 -18.80
C ALA J 83 86.03 12.54 -18.39
N MET J 84 86.92 11.97 -17.57
CA MET J 84 86.84 10.58 -17.15
C MET J 84 86.84 10.51 -15.63
N PHE J 85 86.02 9.61 -15.08
CA PHE J 85 85.90 9.44 -13.65
C PHE J 85 85.80 7.96 -13.32
N ARG J 86 86.14 7.62 -12.08
CA ARG J 86 85.98 6.25 -11.59
C ARG J 86 84.51 5.91 -11.46
N ASP J 87 84.15 4.67 -11.76
CA ASP J 87 82.77 4.23 -11.71
C ASP J 87 82.44 3.76 -10.30
N PRO J 88 81.52 4.42 -9.58
CA PRO J 88 81.18 3.97 -8.23
C PRO J 88 80.16 2.84 -8.20
N PHE J 89 79.49 2.56 -9.31
CA PHE J 89 78.47 1.52 -9.34
C PHE J 89 79.02 0.18 -9.80
N ARG J 90 80.10 0.18 -10.59
CA ARG J 90 80.77 -1.04 -11.00
C ARG J 90 82.16 -1.19 -10.43
N LYS J 91 82.68 -0.17 -9.74
CA LYS J 91 83.98 -0.19 -9.07
C LYS J 91 85.12 -0.29 -10.07
N ASP J 92 86.35 -0.19 -9.57
CA ASP J 92 87.53 -0.24 -10.43
C ASP J 92 87.61 -1.60 -11.13
N PRO J 93 88.17 -1.65 -12.35
CA PRO J 93 88.76 -0.55 -13.13
C PRO J 93 87.78 0.12 -14.10
N ASN J 94 86.48 -0.03 -13.91
CA ASN J 94 85.51 0.56 -14.81
C ASN J 94 85.45 2.07 -14.63
N LYS J 95 84.97 2.76 -15.67
CA LYS J 95 85.03 4.21 -15.73
C LYS J 95 83.69 4.81 -16.18
N LEU J 96 83.47 6.06 -15.78
CA LEU J 96 82.44 6.92 -16.35
C LEU J 96 83.11 8.00 -17.19
N VAL J 97 82.55 8.28 -18.36
CA VAL J 97 83.10 9.28 -19.27
C VAL J 97 82.00 10.25 -19.65
N LEU J 98 82.29 11.55 -19.52
CA LEU J 98 81.39 12.60 -19.96
C LEU J 98 81.83 13.09 -21.34
N CYS J 99 80.88 13.14 -22.28
CA CYS J 99 81.19 13.38 -23.67
C CYS J 99 80.51 14.64 -24.18
N GLU J 100 81.08 15.20 -25.24
CA GLU J 100 80.48 16.29 -26.00
C GLU J 100 79.76 15.72 -27.21
N VAL J 101 78.73 16.44 -27.64
CA VAL J 101 77.83 15.97 -28.71
C VAL J 101 78.06 16.82 -29.95
N PHE J 102 78.23 16.17 -31.09
CA PHE J 102 78.44 16.84 -32.37
C PHE J 102 77.50 16.25 -33.40
N LYS J 103 77.17 17.04 -34.42
CA LYS J 103 76.25 16.61 -35.46
C LYS J 103 76.97 15.71 -36.46
N TYR J 104 76.23 15.28 -37.49
CA TYR J 104 76.80 14.44 -38.53
C TYR J 104 77.92 15.15 -39.29
N ASN J 105 77.84 16.48 -39.39
CA ASN J 105 78.84 17.29 -40.05
C ASN J 105 79.90 17.83 -39.10
N ARG J 106 79.99 17.26 -37.89
CA ARG J 106 81.00 17.59 -36.89
C ARG J 106 80.92 19.03 -36.40
N ARG J 107 79.73 19.65 -36.50
CA ARG J 107 79.53 20.92 -35.81
C ARG J 107 78.83 20.69 -34.48
N PRO J 108 79.05 21.55 -33.49
CA PRO J 108 78.49 21.32 -32.16
C PRO J 108 76.97 21.29 -32.17
N ALA J 109 76.41 20.46 -31.30
CA ALA J 109 74.96 20.37 -31.14
C ALA J 109 74.43 21.64 -30.47
N GLU J 110 73.11 21.81 -30.56
CA GLU J 110 72.48 23.01 -30.00
C GLU J 110 72.64 23.06 -28.49
N THR J 111 72.54 21.91 -27.81
CA THR J 111 72.69 21.86 -26.37
C THR J 111 74.14 21.65 -25.92
N ASN J 112 75.09 21.60 -26.84
CA ASN J 112 76.50 21.44 -26.52
C ASN J 112 77.06 22.82 -26.21
N LEU J 113 76.92 23.24 -24.95
CA LEU J 113 77.41 24.54 -24.50
C LEU J 113 78.84 24.47 -23.98
N ARG J 114 79.41 23.28 -23.85
CA ARG J 114 80.78 23.16 -23.37
C ARG J 114 81.80 23.66 -24.37
N HIS J 115 81.52 23.50 -25.67
CA HIS J 115 82.50 23.84 -26.70
C HIS J 115 82.87 25.33 -26.63
N THR J 116 81.87 26.20 -26.60
CA THR J 116 82.16 27.63 -26.54
C THR J 116 82.67 28.04 -25.15
N CYS J 117 82.21 27.38 -24.10
CA CYS J 117 82.66 27.72 -22.75
C CYS J 117 84.14 27.43 -22.56
N LYS J 118 84.62 26.32 -23.13
CA LYS J 118 86.04 26.00 -23.03
C LYS J 118 86.89 27.04 -23.75
N ARG J 119 86.44 27.51 -24.92
CA ARG J 119 87.17 28.56 -25.63
C ARG J 119 87.23 29.85 -24.83
N ILE J 120 86.11 30.22 -24.21
CA ILE J 120 86.07 31.46 -23.42
C ILE J 120 86.98 31.36 -22.21
N MET J 121 87.02 30.19 -21.57
CA MET J 121 87.82 30.03 -20.36
C MET J 121 89.30 29.88 -20.68
N ASP J 122 89.64 29.64 -21.94
CA ASP J 122 91.04 29.40 -22.31
C ASP J 122 91.84 30.69 -22.43
N MET J 123 91.19 31.85 -22.55
CA MET J 123 91.88 33.11 -22.72
C MET J 123 91.92 33.95 -21.45
N VAL J 124 91.50 33.39 -20.31
CA VAL J 124 91.58 34.07 -19.02
C VAL J 124 92.33 33.17 -18.04
N SER J 125 93.12 32.24 -18.58
CA SER J 125 93.71 31.17 -17.77
C SER J 125 94.61 31.71 -16.67
N ASN J 126 95.41 32.74 -16.97
CA ASN J 126 96.35 33.27 -15.97
C ASN J 126 95.65 33.82 -14.74
N GLN J 127 94.37 34.17 -14.84
CA GLN J 127 93.63 34.69 -13.70
C GLN J 127 93.10 33.59 -12.79
N HIS J 128 93.10 32.33 -13.24
CA HIS J 128 92.69 31.17 -12.46
C HIS J 128 91.32 31.37 -11.82
N PRO J 129 90.24 31.45 -12.60
CA PRO J 129 88.91 31.60 -11.99
C PRO J 129 88.49 30.32 -11.27
N TRP J 130 87.96 30.48 -10.07
CA TRP J 130 87.44 29.37 -9.28
C TRP J 130 85.93 29.48 -9.14
N PHE J 131 85.26 28.33 -9.14
CA PHE J 131 83.81 28.27 -9.02
C PHE J 131 83.42 27.26 -7.96
N GLY J 132 82.39 27.60 -7.19
CA GLY J 132 81.78 26.68 -6.24
C GLY J 132 80.27 26.81 -6.27
N MET J 133 79.56 25.73 -6.54
CA MET J 133 78.13 25.78 -6.78
C MET J 133 77.40 24.89 -5.78
N GLU J 134 76.29 25.39 -5.25
CA GLU J 134 75.48 24.69 -4.25
C GLU J 134 74.20 24.21 -4.93
N GLN J 135 74.11 22.89 -5.15
CA GLN J 135 73.01 22.31 -5.89
C GLN J 135 71.95 21.78 -4.92
N GLU J 136 70.74 22.31 -5.02
CA GLU J 136 69.61 21.86 -4.21
C GLU J 136 68.66 21.01 -5.05
N TYR J 137 67.96 20.10 -4.38
CA TYR J 137 67.09 19.15 -5.07
C TYR J 137 66.07 18.60 -4.09
N THR J 138 64.99 18.05 -4.64
CA THR J 138 63.91 17.47 -3.85
C THR J 138 63.70 16.00 -4.24
N LEU J 139 63.57 15.14 -3.25
CA LEU J 139 63.30 13.73 -3.49
C LEU J 139 61.80 13.51 -3.61
N MET J 140 61.40 12.74 -4.62
CA MET J 140 60.01 12.51 -4.95
C MET J 140 59.73 11.02 -5.10
N GLY J 141 58.54 10.62 -4.68
CA GLY J 141 58.04 9.31 -5.01
C GLY J 141 57.62 9.23 -6.47
N THR J 142 57.34 8.00 -6.93
CA THR J 142 56.94 7.81 -8.31
C THR J 142 55.53 8.32 -8.59
N ASP J 143 54.80 8.73 -7.56
CA ASP J 143 53.45 9.30 -7.72
C ASP J 143 53.46 10.80 -7.89
N GLY J 144 54.63 11.44 -7.92
CA GLY J 144 54.70 12.87 -8.08
C GLY J 144 54.53 13.69 -6.82
N HIS J 145 54.62 13.05 -5.65
CA HIS J 145 54.54 13.69 -4.36
C HIS J 145 55.89 13.57 -3.65
N PRO J 146 56.28 14.54 -2.84
CA PRO J 146 57.59 14.45 -2.16
C PRO J 146 57.70 13.20 -1.31
N PHE J 147 58.88 12.58 -1.35
CA PHE J 147 59.10 11.33 -0.64
C PHE J 147 58.95 11.52 0.87
N GLY J 148 58.18 10.63 1.50
CA GLY J 148 57.97 10.67 2.92
C GLY J 148 56.86 11.57 3.39
N TRP J 149 56.26 12.37 2.50
CA TRP J 149 55.17 13.24 2.88
C TRP J 149 53.89 12.41 3.11
N PRO J 150 52.97 12.90 3.91
CA PRO J 150 51.70 12.18 4.10
C PRO J 150 50.93 12.07 2.80
N SER J 151 50.23 10.94 2.65
CA SER J 151 49.47 10.67 1.44
C SER J 151 48.36 11.70 1.28
N ASN J 152 48.38 12.42 0.16
CA ASN J 152 47.41 13.46 -0.14
C ASN J 152 47.34 14.52 0.97
N GLY J 153 48.50 14.91 1.49
CA GLY J 153 48.54 15.83 2.60
C GLY J 153 49.89 16.48 2.76
N PHE J 154 50.08 17.13 3.89
CA PHE J 154 51.27 17.92 4.15
C PHE J 154 51.86 17.59 5.51
N PRO J 155 53.17 17.74 5.67
CA PRO J 155 53.77 17.64 7.01
C PRO J 155 53.53 18.91 7.81
N GLY J 156 54.14 19.00 8.99
CA GLY J 156 54.07 20.20 9.79
C GLY J 156 54.75 21.36 9.11
N PRO J 157 54.51 22.57 9.60
CA PRO J 157 55.10 23.76 8.97
C PRO J 157 56.61 23.79 9.10
N GLN J 158 57.24 24.56 8.23
CA GLN J 158 58.69 24.63 8.15
C GLN J 158 59.29 25.19 9.44
N GLY J 159 60.58 24.92 9.63
CA GLY J 159 61.29 25.40 10.79
C GLY J 159 62.15 24.36 11.51
N PRO J 160 61.66 23.13 11.67
CA PRO J 160 62.51 22.08 12.26
C PRO J 160 63.28 21.23 11.27
N TYR J 161 63.04 21.37 9.97
CA TYR J 161 63.64 20.47 9.00
C TYR J 161 65.05 20.89 8.57
N TYR J 162 65.37 22.18 8.67
CA TYR J 162 66.67 22.67 8.22
C TYR J 162 67.78 22.08 9.08
N CYS J 163 68.67 21.32 8.43
CA CYS J 163 69.77 20.64 9.12
C CYS J 163 69.27 19.75 10.26
N GLY J 164 68.09 19.16 10.09
CA GLY J 164 67.48 18.39 11.16
C GLY J 164 68.03 16.98 11.26
N VAL J 165 67.78 16.36 12.42
CA VAL J 165 68.14 14.98 12.67
C VAL J 165 66.97 14.30 13.37
N GLY J 166 66.67 13.06 12.95
CA GLY J 166 65.57 12.31 13.52
C GLY J 166 64.63 11.77 12.47
N ALA J 167 63.83 10.78 12.84
CA ALA J 167 62.92 10.15 11.87
C ALA J 167 61.83 11.11 11.41
N ASP J 168 61.47 12.08 12.24
CA ASP J 168 60.41 13.02 11.91
C ASP J 168 60.93 14.33 11.33
N ARG J 169 62.23 14.42 11.04
CA ARG J 169 62.80 15.69 10.62
C ARG J 169 63.56 15.57 9.30
N ALA J 170 64.22 14.44 9.06
CA ALA J 170 64.99 14.21 7.85
C ALA J 170 64.39 13.05 7.07
N TYR J 171 64.10 13.28 5.78
CA TYR J 171 63.49 12.28 4.92
C TYR J 171 64.49 11.89 3.85
N GLY J 172 64.94 10.63 3.88
CA GLY J 172 65.74 10.09 2.81
C GLY J 172 67.23 10.33 2.93
N ARG J 173 67.78 10.21 4.15
CA ARG J 173 69.21 10.40 4.33
C ARG J 173 70.03 9.25 3.76
N ASP J 174 69.41 8.09 3.51
CA ASP J 174 70.14 6.98 2.90
C ASP J 174 70.68 7.36 1.52
N ILE J 175 69.86 8.05 0.73
CA ILE J 175 70.30 8.51 -0.58
C ILE J 175 71.44 9.51 -0.45
N VAL J 176 71.32 10.44 0.50
CA VAL J 176 72.31 11.50 0.64
C VAL J 176 73.67 10.94 1.04
N GLU J 177 73.69 9.99 1.98
CA GLU J 177 74.95 9.37 2.38
C GLU J 177 75.56 8.56 1.24
N ALA J 178 74.72 7.84 0.50
CA ALA J 178 75.22 7.03 -0.61
C ALA J 178 75.81 7.89 -1.72
N HIS J 179 75.13 9.00 -2.04
CA HIS J 179 75.63 9.90 -3.08
C HIS J 179 76.95 10.54 -2.67
N TYR J 180 77.08 10.93 -1.40
CA TYR J 180 78.31 11.55 -0.92
C TYR J 180 79.49 10.59 -1.07
N ARG J 181 79.31 9.33 -0.68
CA ARG J 181 80.40 8.37 -0.77
C ARG J 181 80.70 8.01 -2.22
N ALA J 182 79.66 7.94 -3.06
CA ALA J 182 79.88 7.63 -4.47
C ALA J 182 80.67 8.72 -5.18
N CYS J 183 80.36 9.99 -4.87
CA CYS J 183 81.09 11.09 -5.49
C CYS J 183 82.55 11.10 -5.06
N LEU J 184 82.82 10.84 -3.78
CA LEU J 184 84.20 10.82 -3.30
C LEU J 184 84.99 9.71 -3.98
N TYR J 185 84.39 8.53 -4.14
CA TYR J 185 85.06 7.42 -4.82
C TYR J 185 85.35 7.76 -6.28
N ALA J 186 84.42 8.43 -6.95
CA ALA J 186 84.57 8.72 -8.37
C ALA J 186 85.60 9.81 -8.64
N GLY J 187 85.91 10.64 -7.64
CA GLY J 187 86.77 11.78 -7.84
C GLY J 187 86.06 13.11 -8.02
N VAL J 188 84.75 13.16 -7.81
CA VAL J 188 84.01 14.40 -7.89
C VAL J 188 84.35 15.27 -6.67
N LYS J 189 84.59 16.56 -6.91
CA LYS J 189 85.01 17.48 -5.86
C LYS J 189 83.78 17.97 -5.11
N ILE J 190 83.26 17.11 -4.23
CA ILE J 190 82.11 17.42 -3.40
C ILE J 190 82.60 18.03 -2.09
N ALA J 191 81.99 19.15 -1.69
CA ALA J 191 82.47 19.91 -0.54
C ALA J 191 81.62 19.72 0.72
N GLY J 192 80.39 19.25 0.60
CA GLY J 192 79.56 19.04 1.77
C GLY J 192 78.10 18.93 1.41
N THR J 193 77.30 18.61 2.42
CA THR J 193 75.86 18.43 2.26
C THR J 193 75.15 18.97 3.50
N ASN J 194 73.86 19.27 3.33
CA ASN J 194 73.02 19.65 4.46
C ASN J 194 71.55 19.43 4.07
N ALA J 195 70.71 19.30 5.09
CA ALA J 195 69.27 19.22 4.89
C ALA J 195 68.69 20.63 4.75
N GLU J 196 67.69 20.77 3.88
CA GLU J 196 67.15 22.08 3.53
C GLU J 196 65.91 22.40 4.37
N VAL J 197 65.32 23.57 4.08
CA VAL J 197 64.20 24.07 4.87
C VAL J 197 62.97 23.18 4.71
N MET J 198 62.67 22.79 3.48
CA MET J 198 61.56 21.91 3.18
C MET J 198 61.95 20.45 3.46
N PRO J 199 61.08 19.69 4.12
CA PRO J 199 61.38 18.26 4.32
C PRO J 199 61.45 17.52 3.00
N ALA J 200 62.36 16.54 2.94
CA ALA J 200 62.73 15.79 1.75
C ALA J 200 63.46 16.63 0.71
N GLN J 201 64.00 17.79 1.12
CA GLN J 201 64.81 18.64 0.27
C GLN J 201 66.23 18.67 0.82
N TRP J 202 67.22 18.62 -0.07
CA TRP J 202 68.62 18.53 0.32
C TRP J 202 69.48 19.40 -0.58
N GLU J 203 70.77 19.45 -0.26
CA GLU J 203 71.73 20.26 -1.00
C GLU J 203 73.11 19.64 -0.87
N PHE J 204 73.86 19.63 -1.96
CA PHE J 204 75.28 19.30 -1.93
C PHE J 204 76.06 20.40 -2.64
N GLN J 205 77.35 20.53 -2.28
CA GLN J 205 78.19 21.59 -2.80
C GLN J 205 79.37 20.99 -3.58
N ILE J 206 79.67 21.59 -4.73
CA ILE J 206 80.77 21.17 -5.58
C ILE J 206 81.74 22.34 -5.71
N GLY J 207 83.02 22.08 -5.45
CA GLY J 207 84.04 23.08 -5.63
C GLY J 207 85.02 23.16 -4.48
N PRO J 208 85.99 24.09 -4.57
CA PRO J 208 86.23 25.03 -5.67
C PRO J 208 86.87 24.35 -6.87
N CYS J 209 86.32 24.55 -8.06
CA CYS J 209 86.83 23.95 -9.29
C CYS J 209 87.33 25.06 -10.21
N GLU J 210 88.53 24.87 -10.77
CA GLU J 210 89.16 25.89 -11.60
C GLU J 210 88.70 25.73 -13.05
N GLY J 211 88.04 26.75 -13.57
CA GLY J 211 87.80 26.82 -15.01
C GLY J 211 86.72 25.87 -15.48
N ILE J 212 87.01 25.19 -16.60
CA ILE J 212 86.01 24.36 -17.26
C ILE J 212 85.67 23.13 -16.42
N SER J 213 86.53 22.77 -15.48
CA SER J 213 86.30 21.57 -14.68
C SER J 213 85.08 21.70 -13.78
N MET J 214 84.59 22.93 -13.55
CA MET J 214 83.40 23.11 -12.74
C MET J 214 82.18 22.51 -13.42
N GLY J 215 82.03 22.73 -14.73
CA GLY J 215 80.91 22.15 -15.44
C GLY J 215 80.96 20.64 -15.53
N ASP J 216 82.17 20.09 -15.70
CA ASP J 216 82.31 18.63 -15.78
C ASP J 216 81.94 17.97 -14.46
N HIS J 217 82.40 18.53 -13.34
CA HIS J 217 82.17 17.91 -12.04
C HIS J 217 80.71 17.99 -11.60
N LEU J 218 80.02 19.09 -11.91
CA LEU J 218 78.62 19.20 -11.52
C LEU J 218 77.74 18.26 -12.33
N TRP J 219 77.99 18.15 -13.63
CA TRP J 219 77.15 17.30 -14.47
C TRP J 219 77.32 15.83 -14.11
N VAL J 220 78.55 15.42 -13.78
CA VAL J 220 78.78 14.04 -13.33
C VAL J 220 78.12 13.82 -11.98
N ALA J 221 78.18 14.81 -11.09
CA ALA J 221 77.52 14.69 -9.80
C ALA J 221 76.01 14.52 -9.95
N ARG J 222 75.40 15.22 -10.92
CA ARG J 222 73.97 15.06 -11.15
C ARG J 222 73.65 13.67 -11.67
N PHE J 223 74.51 13.12 -12.54
CA PHE J 223 74.30 11.77 -13.05
C PHE J 223 74.35 10.74 -11.94
N ILE J 224 75.31 10.89 -11.02
CA ILE J 224 75.46 9.93 -9.93
C ILE J 224 74.24 9.98 -9.01
N LEU J 225 73.69 11.17 -8.79
CA LEU J 225 72.49 11.30 -7.97
C LEU J 225 71.31 10.59 -8.62
N HIS J 226 71.12 10.79 -9.93
CA HIS J 226 70.04 10.12 -10.63
C HIS J 226 70.19 8.61 -10.60
N ARG J 227 71.42 8.13 -10.80
CA ARG J 227 71.68 6.69 -10.79
C ARG J 227 71.52 6.11 -9.38
N VAL J 228 71.96 6.84 -8.36
CA VAL J 228 71.78 6.37 -6.98
C VAL J 228 70.30 6.32 -6.62
N CYS J 229 69.55 7.36 -6.98
CA CYS J 229 68.13 7.38 -6.68
C CYS J 229 67.38 6.29 -7.43
N GLU J 230 67.86 5.91 -8.62
CA GLU J 230 67.24 4.82 -9.35
C GLU J 230 67.37 3.49 -8.60
N ASP J 231 68.48 3.29 -7.89
CA ASP J 231 68.64 2.09 -7.07
C ASP J 231 67.57 2.03 -5.98
N PHE J 232 67.31 3.14 -5.30
CA PHE J 232 66.35 3.20 -4.21
C PHE J 232 64.90 3.29 -4.68
N GLY J 233 64.67 3.58 -5.96
CA GLY J 233 63.32 3.65 -6.48
C GLY J 233 62.62 4.98 -6.31
N VAL J 234 63.37 6.06 -6.08
CA VAL J 234 62.80 7.40 -5.95
C VAL J 234 63.36 8.29 -7.05
N ILE J 235 62.78 9.48 -7.17
CA ILE J 235 63.11 10.43 -8.23
C ILE J 235 63.70 11.68 -7.59
N ALA J 236 64.85 12.11 -8.11
CA ALA J 236 65.45 13.39 -7.71
C ALA J 236 65.12 14.44 -8.76
N THR J 237 64.49 15.52 -8.34
CA THR J 237 64.06 16.58 -9.24
C THR J 237 64.83 17.86 -8.93
N PHE J 238 65.17 18.60 -9.99
CA PHE J 238 65.85 19.88 -9.87
C PHE J 238 64.94 21.06 -10.18
N ASP J 239 63.62 20.88 -10.02
CA ASP J 239 62.68 21.94 -10.34
C ASP J 239 62.86 23.12 -9.39
N PRO J 240 62.78 24.35 -9.91
CA PRO J 240 62.93 25.52 -9.04
C PRO J 240 61.86 25.65 -7.97
N LYS J 241 60.63 25.19 -8.24
CA LYS J 241 59.54 25.28 -7.27
C LYS J 241 58.69 24.02 -7.37
N PRO J 242 59.17 22.91 -6.80
CA PRO J 242 58.42 21.64 -6.91
C PRO J 242 57.05 21.67 -6.26
N ILE J 243 56.87 22.41 -5.18
CA ILE J 243 55.60 22.46 -4.45
C ILE J 243 55.16 23.92 -4.36
N PRO J 244 53.98 24.27 -4.85
CA PRO J 244 53.53 25.67 -4.76
C PRO J 244 53.11 26.04 -3.34
N GLY J 245 53.24 27.33 -3.04
CA GLY J 245 52.76 27.84 -1.77
C GLY J 245 53.86 28.25 -0.80
N ASN J 246 53.64 27.99 0.48
CA ASN J 246 54.60 28.36 1.53
C ASN J 246 55.60 27.23 1.78
N TRP J 247 56.27 26.83 0.69
CA TRP J 247 57.31 25.82 0.75
C TRP J 247 58.53 26.30 -0.04
N ASN J 248 59.70 26.01 0.50
CA ASN J 248 60.94 26.57 -0.04
C ASN J 248 61.23 26.03 -1.44
N GLY J 249 61.80 26.89 -2.27
CA GLY J 249 62.24 26.51 -3.60
C GLY J 249 63.67 26.02 -3.62
N ALA J 250 64.16 25.78 -4.84
CA ALA J 250 65.49 25.23 -5.05
C ALA J 250 66.27 26.11 -6.02
N GLY J 251 67.50 26.47 -5.64
CA GLY J 251 68.38 27.25 -6.49
C GLY J 251 69.78 26.66 -6.51
N CYS J 252 70.60 27.18 -7.41
CA CYS J 252 71.98 26.74 -7.56
C CYS J 252 72.89 27.97 -7.41
N HIS J 253 73.25 28.27 -6.16
CA HIS J 253 74.10 29.42 -5.88
C HIS J 253 75.50 29.19 -6.44
N THR J 254 76.07 30.22 -7.05
CA THR J 254 77.39 30.14 -7.68
C THR J 254 78.34 31.07 -6.93
N ASN J 255 79.48 30.52 -6.52
CA ASN J 255 80.53 31.29 -5.87
C ASN J 255 81.68 31.50 -6.85
N PHE J 256 82.16 32.73 -6.94
CA PHE J 256 83.13 33.13 -7.96
C PHE J 256 84.28 33.91 -7.33
N SER J 257 85.50 33.58 -7.75
CA SER J 257 86.68 34.33 -7.35
C SER J 257 87.78 34.15 -8.40
N THR J 258 88.67 35.12 -8.46
CA THR J 258 89.88 35.07 -9.28
C THR J 258 91.10 35.12 -8.37
N LYS J 259 92.28 35.08 -9.00
CA LYS J 259 93.52 35.15 -8.22
C LYS J 259 93.66 36.52 -7.55
N ALA J 260 93.22 37.58 -8.23
CA ALA J 260 93.29 38.92 -7.63
C ALA J 260 92.39 39.02 -6.41
N MET J 261 91.16 38.50 -6.49
CA MET J 261 90.26 38.54 -5.35
C MET J 261 90.76 37.68 -4.20
N ARG J 262 91.48 36.60 -4.51
CA ARG J 262 92.03 35.73 -3.48
C ARG J 262 93.30 36.29 -2.84
N GLU J 263 93.91 37.30 -3.48
CA GLU J 263 95.18 37.85 -2.99
C GLU J 263 94.89 38.94 -1.95
N GLU J 264 95.94 39.65 -1.53
CA GLU J 264 95.79 40.67 -0.52
C GLU J 264 95.02 41.87 -1.05
N ASN J 265 94.08 42.37 -0.24
CA ASN J 265 93.22 43.49 -0.61
C ASN J 265 92.48 43.22 -1.92
N GLY J 266 92.06 41.96 -2.10
CA GLY J 266 91.27 41.58 -3.25
C GLY J 266 89.81 41.98 -3.17
N LEU J 267 89.37 42.55 -2.05
CA LEU J 267 87.99 43.01 -1.93
C LEU J 267 87.69 44.10 -2.94
N LYS J 268 88.68 44.96 -3.23
CA LYS J 268 88.47 46.02 -4.21
C LYS J 268 88.18 45.45 -5.60
N TYR J 269 88.79 44.31 -5.95
CA TYR J 269 88.52 43.68 -7.22
C TYR J 269 87.16 43.00 -7.25
N ILE J 270 86.61 42.66 -6.09
CA ILE J 270 85.27 42.08 -6.04
C ILE J 270 84.22 43.14 -6.38
N GLU J 271 84.41 44.36 -5.88
CA GLU J 271 83.41 45.41 -6.09
C GLU J 271 83.32 45.81 -7.55
N GLU J 272 84.44 45.80 -8.28
CA GLU J 272 84.38 46.10 -9.70
C GLU J 272 83.54 45.07 -10.44
N ALA J 273 83.70 43.79 -10.11
CA ALA J 273 82.90 42.75 -10.74
C ALA J 273 81.42 42.91 -10.41
N ILE J 274 81.10 43.20 -9.15
CA ILE J 274 79.71 43.37 -8.75
C ILE J 274 79.10 44.59 -9.45
N GLU J 275 79.86 45.69 -9.51
CA GLU J 275 79.39 46.88 -10.20
C GLU J 275 79.17 46.59 -11.68
N LYS J 276 80.08 45.84 -12.30
CA LYS J 276 79.92 45.45 -13.69
C LYS J 276 78.72 44.52 -13.87
N LEU J 277 78.45 43.67 -12.89
CA LEU J 277 77.30 42.77 -12.97
C LEU J 277 75.97 43.50 -12.87
N SER J 278 75.95 44.67 -12.23
CA SER J 278 74.69 45.40 -12.06
C SER J 278 74.09 45.82 -13.40
N LYS J 279 74.93 46.02 -14.42
CA LYS J 279 74.44 46.51 -15.70
C LYS J 279 73.72 45.45 -16.50
N ARG J 280 74.03 44.17 -16.28
CA ARG J 280 73.52 43.11 -17.14
C ARG J 280 72.67 42.10 -16.36
N HIS J 281 71.76 42.59 -15.52
CA HIS J 281 70.91 41.69 -14.76
C HIS J 281 70.03 40.84 -15.67
N GLN J 282 69.41 41.47 -16.68
CA GLN J 282 68.49 40.75 -17.54
C GLN J 282 69.23 39.74 -18.42
N TYR J 283 70.43 40.09 -18.88
CA TYR J 283 71.21 39.16 -19.69
C TYR J 283 71.57 37.91 -18.89
N HIS J 284 71.93 38.08 -17.62
CA HIS J 284 72.31 36.94 -16.80
C HIS J 284 71.10 36.09 -16.42
N ILE J 285 69.95 36.74 -16.22
CA ILE J 285 68.73 35.99 -15.89
C ILE J 285 68.38 35.03 -17.01
N ARG J 286 68.50 35.48 -18.26
CA ARG J 286 68.22 34.62 -19.40
C ARG J 286 69.21 33.46 -19.50
N ALA J 287 70.47 33.68 -19.14
CA ALA J 287 71.49 32.64 -19.21
C ALA J 287 71.50 31.73 -17.99
N TYR J 288 70.70 32.03 -16.96
CA TYR J 288 70.65 31.23 -15.74
C TYR J 288 69.50 30.24 -15.74
N ASP J 289 68.81 30.06 -16.88
CA ASP J 289 67.67 29.18 -16.97
C ASP J 289 67.70 28.49 -18.33
N PRO J 290 67.49 27.17 -18.37
CA PRO J 290 67.37 26.50 -19.66
C PRO J 290 66.15 26.94 -20.45
N LYS J 291 65.14 27.52 -19.80
CA LYS J 291 63.93 27.99 -20.46
C LYS J 291 63.93 29.50 -20.66
N GLY J 292 65.04 30.18 -20.39
CA GLY J 292 65.15 31.61 -20.60
C GLY J 292 64.70 32.48 -19.44
N GLY J 293 64.14 31.89 -18.39
CA GLY J 293 63.72 32.66 -17.23
C GLY J 293 62.34 32.30 -16.72
N LEU J 294 61.60 31.50 -17.50
CA LEU J 294 60.27 31.10 -17.09
C LEU J 294 60.29 30.20 -15.86
N ASP J 295 61.25 29.26 -15.81
CA ASP J 295 61.32 28.35 -14.67
C ASP J 295 61.71 29.09 -13.40
N ASN J 296 62.74 29.94 -13.48
CA ASN J 296 63.18 30.70 -12.31
C ASN J 296 62.19 31.79 -11.91
N ALA J 297 61.18 32.07 -12.73
CA ALA J 297 60.20 33.10 -12.40
C ALA J 297 59.33 32.69 -11.22
N ARG J 298 59.06 31.40 -11.06
CA ARG J 298 58.22 30.92 -9.97
C ARG J 298 58.96 30.78 -8.65
N ARG J 299 60.29 30.96 -8.65
CA ARG J 299 61.09 30.84 -7.43
C ARG J 299 61.45 32.20 -6.85
N LEU J 300 62.09 33.06 -7.65
CA LEU J 300 62.46 34.39 -7.19
C LEU J 300 61.23 35.29 -7.11
N THR J 301 60.60 35.33 -5.94
CA THR J 301 59.38 36.10 -5.73
C THR J 301 59.53 37.21 -4.70
N GLY J 302 60.70 37.32 -4.05
CA GLY J 302 60.89 38.28 -2.99
C GLY J 302 60.48 37.81 -1.61
N PHE J 303 60.01 36.57 -1.49
CA PHE J 303 59.60 36.02 -0.21
C PHE J 303 60.47 34.82 0.13
N HIS J 304 60.44 34.42 1.40
CA HIS J 304 61.23 33.29 1.91
C HIS J 304 62.72 33.49 1.65
N GLU J 305 63.22 34.67 2.00
CA GLU J 305 64.63 35.01 1.88
C GLU J 305 65.12 34.87 0.44
N THR J 306 64.34 35.41 -0.49
CA THR J 306 64.68 35.39 -1.91
C THR J 306 64.60 36.81 -2.47
N SER J 307 65.33 37.04 -3.55
CA SER J 307 65.31 38.32 -4.24
C SER J 307 64.28 38.30 -5.37
N ASN J 308 63.88 39.49 -5.80
CA ASN J 308 62.91 39.62 -6.87
C ASN J 308 63.54 39.29 -8.21
N ILE J 309 62.73 38.72 -9.11
CA ILE J 309 63.21 38.32 -10.43
C ILE J 309 63.59 39.55 -11.26
N ASN J 310 62.98 40.70 -10.99
CA ASN J 310 63.20 41.91 -11.78
C ASN J 310 64.04 42.95 -11.05
N ASP J 311 64.54 42.66 -9.85
CA ASP J 311 65.26 43.63 -9.04
C ASP J 311 66.67 43.11 -8.75
N PHE J 312 67.67 43.95 -9.04
CA PHE J 312 69.07 43.63 -8.75
C PHE J 312 69.49 44.38 -7.48
N SER J 313 70.15 43.66 -6.58
CA SER J 313 70.64 44.25 -5.34
C SER J 313 71.89 43.50 -4.89
N ALA J 314 72.67 44.16 -4.03
CA ALA J 314 73.89 43.57 -3.50
C ALA J 314 74.14 44.15 -2.12
N GLY J 315 74.94 43.43 -1.34
CA GLY J 315 75.27 43.88 0.00
C GLY J 315 76.09 42.83 0.72
N VAL J 316 76.78 43.29 1.76
CA VAL J 316 77.61 42.41 2.58
C VAL J 316 76.71 41.61 3.51
N ALA J 317 76.86 40.29 3.47
CA ALA J 317 76.12 39.37 4.35
C ALA J 317 74.62 39.56 4.23
N ASN J 318 74.14 39.84 3.01
CA ASN J 318 72.73 40.00 2.74
C ASN J 318 72.25 38.78 1.95
N ARG J 319 71.43 37.96 2.58
CA ARG J 319 70.91 36.74 1.95
C ARG J 319 69.67 37.00 1.12
N SER J 320 69.10 38.20 1.18
CA SER J 320 67.93 38.56 0.38
C SER J 320 68.29 39.30 -0.90
N ALA J 321 69.57 39.54 -1.14
CA ALA J 321 70.01 40.27 -2.32
C ALA J 321 70.29 39.31 -3.48
N SER J 322 70.53 39.90 -4.66
CA SER J 322 70.92 39.10 -5.81
C SER J 322 72.36 38.62 -5.69
N ILE J 323 73.23 39.43 -5.08
CA ILE J 323 74.63 39.10 -4.89
C ILE J 323 74.95 39.28 -3.41
N ARG J 324 75.60 38.28 -2.82
CA ARG J 324 75.96 38.30 -1.40
C ARG J 324 77.47 38.26 -1.24
N ILE J 325 77.99 39.16 -0.43
CA ILE J 325 79.40 39.13 -0.02
C ILE J 325 79.46 38.55 1.39
N PRO J 326 80.16 37.44 1.60
CA PRO J 326 80.22 36.86 2.95
C PRO J 326 80.83 37.85 3.95
N ARG J 327 80.31 37.79 5.18
CA ARG J 327 80.77 38.72 6.21
C ARG J 327 82.26 38.56 6.48
N THR J 328 82.75 37.32 6.51
CA THR J 328 84.17 37.08 6.76
C THR J 328 85.02 37.66 5.64
N VAL J 329 84.54 37.58 4.39
CA VAL J 329 85.30 38.12 3.26
C VAL J 329 85.46 39.62 3.41
N GLY J 330 84.40 40.32 3.81
CA GLY J 330 84.50 41.76 4.03
C GLY J 330 85.45 42.11 5.16
N GLN J 331 85.38 41.37 6.27
CA GLN J 331 86.27 41.61 7.39
C GLN J 331 87.71 41.21 7.07
N GLU J 332 87.92 40.30 6.12
CA GLU J 332 89.24 39.88 5.72
C GLU J 332 89.75 40.58 4.47
N LYS J 333 88.90 41.35 3.80
CA LYS J 333 89.25 42.14 2.62
C LYS J 333 89.71 41.29 1.44
N LYS J 334 89.37 40.00 1.43
CA LYS J 334 89.76 39.12 0.33
C LYS J 334 88.87 37.89 0.34
N GLY J 335 88.70 37.29 -0.83
CA GLY J 335 87.91 36.08 -0.94
C GLY J 335 87.11 35.95 -2.22
N TYR J 336 85.80 35.77 -2.08
CA TYR J 336 84.91 35.50 -3.19
C TYR J 336 83.57 36.20 -2.94
N PHE J 337 82.67 36.08 -3.92
CA PHE J 337 81.30 36.55 -3.75
C PHE J 337 80.35 35.51 -4.31
N GLU J 338 79.11 35.55 -3.85
CA GLU J 338 78.10 34.54 -4.17
C GLU J 338 76.98 35.16 -5.01
N ASP J 339 76.65 34.50 -6.12
CA ASP J 339 75.52 34.89 -6.95
C ASP J 339 74.37 33.94 -6.67
N ARG J 340 73.29 34.47 -6.10
CA ARG J 340 72.18 33.67 -5.62
C ARG J 340 71.05 33.52 -6.64
N ARG J 341 71.24 34.04 -7.85
CA ARG J 341 70.18 34.09 -8.86
C ARG J 341 69.88 32.77 -9.58
N PRO J 342 70.87 31.96 -9.98
CA PRO J 342 70.56 30.83 -10.87
C PRO J 342 69.65 29.79 -10.23
N SER J 343 68.82 29.19 -11.07
CA SER J 343 67.89 28.15 -10.64
C SER J 343 68.61 26.82 -10.46
N ALA J 344 67.92 25.87 -9.81
CA ALA J 344 68.50 24.56 -9.56
C ALA J 344 68.72 23.76 -10.84
N ASN J 345 67.90 24.00 -11.86
CA ASN J 345 68.01 23.28 -13.13
C ASN J 345 68.90 24.00 -14.15
N CYS J 346 69.81 24.84 -13.68
CA CYS J 346 70.68 25.60 -14.57
C CYS J 346 71.74 24.72 -15.21
N ASP J 347 72.31 25.21 -16.31
CA ASP J 347 73.44 24.56 -16.95
C ASP J 347 74.72 25.23 -16.47
N PRO J 348 75.62 24.50 -15.79
CA PRO J 348 76.83 25.15 -15.25
C PRO J 348 77.71 25.77 -16.33
N PHE J 349 77.74 25.20 -17.53
CA PHE J 349 78.52 25.78 -18.62
C PHE J 349 78.00 27.17 -18.99
N SER J 350 76.67 27.31 -19.07
CA SER J 350 76.08 28.61 -19.37
C SER J 350 76.34 29.61 -18.25
N VAL J 351 76.23 29.16 -16.99
CA VAL J 351 76.42 30.07 -15.85
C VAL J 351 77.87 30.55 -15.80
N THR J 352 78.81 29.62 -15.93
CA THR J 352 80.22 30.00 -15.87
C THR J 352 80.62 30.87 -17.05
N GLU J 353 79.99 30.65 -18.21
CA GLU J 353 80.30 31.46 -19.39
C GLU J 353 79.90 32.92 -19.18
N ALA J 354 78.71 33.14 -18.62
CA ALA J 354 78.22 34.51 -18.47
C ALA J 354 79.01 35.28 -17.44
N LEU J 355 79.45 34.61 -16.37
CA LEU J 355 80.22 35.30 -15.33
C LEU J 355 81.59 35.74 -15.83
N ILE J 356 82.22 34.91 -16.67
CA ILE J 356 83.53 35.28 -17.22
C ILE J 356 83.38 36.42 -18.21
N ARG J 357 82.34 36.39 -19.04
CA ARG J 357 82.15 37.42 -20.05
C ARG J 357 81.92 38.80 -19.42
N THR J 358 81.05 38.86 -18.41
CA THR J 358 80.68 40.14 -17.84
C THR J 358 81.78 40.71 -16.94
N CYS J 359 82.40 39.86 -16.11
CA CYS J 359 83.32 40.36 -15.09
C CYS J 359 84.76 40.38 -15.53
N LEU J 360 85.16 39.51 -16.46
CA LEU J 360 86.56 39.39 -16.86
C LEU J 360 86.84 39.91 -18.26
N LEU J 361 85.89 39.80 -19.18
CA LEU J 361 86.07 40.27 -20.55
C LEU J 361 85.39 41.61 -20.81
N ASN J 362 84.69 42.16 -19.81
CA ASN J 362 84.05 43.47 -19.92
C ASN J 362 83.09 43.53 -21.11
N GLU J 363 82.33 42.46 -21.31
CA GLU J 363 81.37 42.42 -22.40
C GLU J 363 80.13 43.23 -22.06
N THR J 364 79.45 43.71 -23.11
CA THR J 364 78.22 44.48 -22.96
C THR J 364 77.28 44.12 -24.11
N GLY J 365 76.01 44.42 -23.93
CA GLY J 365 74.99 44.12 -24.91
C GLY J 365 74.11 42.96 -24.46
N ASP J 366 73.18 42.59 -25.36
CA ASP J 366 72.23 41.53 -25.08
C ASP J 366 72.61 40.20 -25.72
N GLU J 367 73.60 40.19 -26.62
CA GLU J 367 74.04 38.96 -27.27
C GLU J 367 75.55 38.81 -27.10
N PRO J 368 76.03 37.58 -26.93
CA PRO J 368 77.47 37.37 -26.71
C PRO J 368 78.30 37.80 -27.93
N PHE J 369 79.51 38.27 -27.65
CA PHE J 369 80.44 38.62 -28.71
C PHE J 369 80.75 37.38 -29.54
N GLN J 370 80.68 37.52 -30.87
CA GLN J 370 80.69 36.37 -31.77
C GLN J 370 82.10 35.94 -32.18
N TYR J 371 83.13 36.51 -31.59
CA TYR J 371 84.51 36.15 -31.92
C TYR J 371 85.34 36.21 -30.64
N LYS J 372 86.57 35.71 -30.72
CA LYS J 372 87.50 35.82 -29.61
C LYS J 372 87.67 37.27 -29.19
N ASN J 373 87.92 37.48 -27.91
CA ASN J 373 88.03 38.84 -27.37
C ASN J 373 89.49 39.30 -27.31
N THR K 2 -51.09 14.39 -13.86
CA THR K 2 -51.69 14.36 -15.19
C THR K 2 -53.03 15.10 -15.22
N THR K 3 -53.68 15.19 -14.07
CA THR K 3 -54.92 15.94 -13.93
C THR K 3 -54.70 17.12 -12.99
N SER K 4 -55.58 18.11 -13.08
CA SER K 4 -55.41 19.35 -12.35
C SER K 4 -55.62 19.14 -10.86
N ALA K 5 -55.00 20.02 -10.07
CA ALA K 5 -55.16 19.97 -8.62
C ALA K 5 -56.60 20.26 -8.21
N SER K 6 -57.26 21.20 -8.90
CA SER K 6 -58.63 21.55 -8.56
C SER K 6 -59.61 20.41 -8.85
N SER K 7 -59.24 19.48 -9.74
CA SER K 7 -60.09 18.33 -10.01
C SER K 7 -60.01 17.27 -8.92
N HIS K 8 -59.03 17.37 -8.01
CA HIS K 8 -58.91 16.44 -6.90
C HIS K 8 -59.68 16.89 -5.67
N LEU K 9 -60.32 18.06 -5.71
CA LEU K 9 -61.17 18.48 -4.61
C LEU K 9 -62.43 17.62 -4.55
N ASN K 10 -63.04 17.58 -3.37
CA ASN K 10 -64.23 16.76 -3.15
C ASN K 10 -65.40 17.34 -3.91
N LYS K 11 -65.78 16.69 -5.02
CA LYS K 11 -66.90 17.15 -5.82
C LYS K 11 -68.25 16.90 -5.16
N GLY K 12 -68.32 15.98 -4.19
CA GLY K 12 -69.55 15.81 -3.45
C GLY K 12 -69.92 17.03 -2.64
N ILE K 13 -68.92 17.75 -2.13
CA ILE K 13 -69.16 18.98 -1.38
C ILE K 13 -69.80 20.04 -2.26
N LYS K 14 -69.31 20.17 -3.49
CA LYS K 14 -69.87 21.15 -4.42
C LYS K 14 -71.33 20.81 -4.75
N GLN K 15 -71.64 19.53 -4.90
CA GLN K 15 -73.00 19.13 -5.25
C GLN K 15 -73.99 19.50 -4.14
N VAL K 16 -73.53 19.49 -2.89
CA VAL K 16 -74.40 19.90 -1.78
C VAL K 16 -74.81 21.35 -1.93
N TYR K 17 -73.84 22.23 -2.23
CA TYR K 17 -74.15 23.64 -2.37
C TYR K 17 -75.01 23.92 -3.61
N MET K 18 -74.80 23.19 -4.69
CA MET K 18 -75.55 23.44 -5.91
C MET K 18 -76.98 22.94 -5.84
N SER K 19 -77.34 22.18 -4.81
CA SER K 19 -78.72 21.72 -4.63
C SER K 19 -79.55 22.67 -3.78
N LEU K 20 -78.96 23.75 -3.28
CA LEU K 20 -79.73 24.75 -2.55
C LEU K 20 -80.70 25.46 -3.49
N PRO K 21 -81.94 25.67 -3.08
CA PRO K 21 -82.87 26.45 -3.91
C PRO K 21 -82.32 27.85 -4.17
N GLN K 22 -82.42 28.29 -5.42
CA GLN K 22 -81.77 29.53 -5.83
C GLN K 22 -82.53 30.75 -5.31
N GLY K 23 -83.85 30.74 -5.37
CA GLY K 23 -84.63 31.90 -5.02
C GLY K 23 -85.23 32.60 -6.22
N GLU K 24 -85.13 33.93 -6.27
CA GLU K 24 -85.68 34.70 -7.37
C GLU K 24 -84.62 35.34 -8.27
N LYS K 25 -83.38 35.45 -7.82
CA LYS K 25 -82.33 36.01 -8.65
C LYS K 25 -81.90 35.00 -9.72
N VAL K 26 -81.34 35.52 -10.81
CA VAL K 26 -80.95 34.70 -11.95
C VAL K 26 -79.52 35.05 -12.34
N GLN K 27 -78.71 34.02 -12.58
CA GLN K 27 -77.32 34.21 -13.02
C GLN K 27 -77.25 34.18 -14.54
N ALA K 28 -76.36 34.99 -15.10
CA ALA K 28 -76.13 35.04 -16.53
C ALA K 28 -74.63 35.12 -16.78
N MET K 29 -74.11 34.24 -17.63
CA MET K 29 -72.70 34.18 -17.95
C MET K 29 -72.45 34.78 -19.31
N TYR K 30 -71.56 35.76 -19.39
CA TYR K 30 -71.21 36.43 -20.64
C TYR K 30 -69.94 35.81 -21.21
N ILE K 31 -69.99 35.42 -22.48
CA ILE K 31 -68.88 34.76 -23.16
C ILE K 31 -68.49 35.59 -24.37
N TRP K 32 -67.19 35.75 -24.58
CA TRP K 32 -66.69 36.48 -25.75
C TRP K 32 -65.33 35.92 -26.16
N ILE K 33 -64.97 36.19 -27.43
CA ILE K 33 -63.71 35.74 -27.99
C ILE K 33 -62.65 36.79 -27.73
N ASP K 34 -61.48 36.36 -27.26
CA ASP K 34 -60.43 37.26 -26.83
C ASP K 34 -59.57 37.72 -28.02
N GLY K 35 -58.46 38.39 -27.73
CA GLY K 35 -57.63 39.00 -28.75
C GLY K 35 -56.78 38.03 -29.55
N THR K 36 -56.62 36.80 -29.09
CA THR K 36 -55.89 35.81 -29.87
C THR K 36 -56.71 35.26 -31.04
N GLY K 37 -58.03 35.43 -31.00
CA GLY K 37 -58.90 34.95 -32.05
C GLY K 37 -59.34 33.51 -31.92
N GLU K 38 -58.82 32.78 -30.92
CA GLU K 38 -59.21 31.39 -30.72
C GLU K 38 -59.55 31.04 -29.29
N GLY K 39 -59.22 31.88 -28.30
CA GLY K 39 -59.57 31.63 -26.92
C GLY K 39 -60.88 32.29 -26.53
N LEU K 40 -61.41 31.85 -25.38
CA LEU K 40 -62.68 32.34 -24.88
C LEU K 40 -62.51 32.87 -23.46
N ARG K 41 -63.35 33.85 -23.11
CA ARG K 41 -63.38 34.44 -21.77
C ARG K 41 -64.81 34.51 -21.28
N CYS K 42 -64.99 34.50 -19.97
CA CYS K 42 -66.33 34.51 -19.41
C CYS K 42 -66.32 35.14 -18.02
N LYS K 43 -67.48 35.70 -17.64
CA LYS K 43 -67.71 36.19 -16.29
C LYS K 43 -69.22 36.30 -16.08
N THR K 44 -69.62 36.36 -14.82
CA THR K 44 -71.02 36.21 -14.43
C THR K 44 -71.55 37.48 -13.77
N ARG K 45 -72.84 37.74 -13.99
CA ARG K 45 -73.55 38.82 -13.34
C ARG K 45 -74.94 38.33 -12.91
N THR K 46 -75.53 39.04 -11.96
CA THR K 46 -76.82 38.67 -11.38
C THR K 46 -77.91 39.54 -11.99
N LEU K 47 -79.01 38.91 -12.39
CA LEU K 47 -80.18 39.60 -12.92
C LEU K 47 -81.34 39.46 -11.95
N ASP K 48 -82.21 40.47 -11.95
CA ASP K 48 -83.35 40.49 -11.04
C ASP K 48 -84.44 39.50 -11.44
N SER K 49 -84.57 39.21 -12.74
CA SER K 49 -85.59 38.29 -13.22
C SER K 49 -85.06 37.56 -14.44
N GLU K 50 -85.71 36.44 -14.75
CA GLU K 50 -85.27 35.61 -15.86
C GLU K 50 -85.56 36.29 -17.20
N PRO K 51 -84.55 36.48 -18.05
CA PRO K 51 -84.82 37.10 -19.36
C PRO K 51 -85.57 36.15 -20.27
N LYS K 52 -86.52 36.71 -21.02
CA LYS K 52 -87.33 35.93 -21.95
C LYS K 52 -86.74 35.86 -23.35
N CYS K 53 -85.79 36.75 -23.68
CA CYS K 53 -85.15 36.74 -24.98
C CYS K 53 -83.83 37.48 -24.87
N VAL K 54 -82.98 37.29 -25.88
CA VAL K 54 -81.65 37.91 -25.86
C VAL K 54 -81.73 39.42 -25.91
N GLU K 55 -82.82 39.99 -26.44
CA GLU K 55 -82.94 41.44 -26.54
C GLU K 55 -83.16 42.10 -25.18
N GLU K 56 -83.56 41.35 -24.17
CA GLU K 56 -83.78 41.90 -22.84
C GLU K 56 -82.51 41.93 -21.99
N LEU K 57 -81.43 41.34 -22.46
CA LEU K 57 -80.19 41.31 -21.69
C LEU K 57 -79.45 42.64 -21.83
N PRO K 58 -79.03 43.26 -20.72
CA PRO K 58 -78.31 44.54 -20.82
C PRO K 58 -76.91 44.36 -21.37
N GLU K 59 -76.34 45.49 -21.80
CA GLU K 59 -74.95 45.51 -22.24
C GLU K 59 -74.01 45.50 -21.04
N TRP K 60 -72.75 45.17 -21.30
CA TRP K 60 -71.74 45.08 -20.25
C TRP K 60 -70.41 45.55 -20.80
N ASN K 61 -69.36 45.35 -19.99
CA ASN K 61 -68.03 45.84 -20.32
C ASN K 61 -66.99 45.01 -19.58
N PHE K 62 -65.74 45.12 -20.02
CA PHE K 62 -64.62 44.46 -19.39
C PHE K 62 -63.35 45.25 -19.65
N ASP K 63 -62.27 44.87 -18.99
CA ASP K 63 -60.98 45.53 -19.12
C ASP K 63 -60.20 44.87 -20.25
N GLY K 64 -60.07 45.57 -21.38
CA GLY K 64 -59.37 45.03 -22.52
C GLY K 64 -57.87 44.97 -22.34
N SER K 65 -57.31 45.72 -21.40
CA SER K 65 -55.88 45.65 -21.14
C SER K 65 -55.49 44.27 -20.61
N SER K 66 -56.30 43.71 -19.71
CA SER K 66 -56.03 42.38 -19.19
C SER K 66 -56.21 41.29 -20.25
N THR K 67 -57.00 41.55 -21.28
CA THR K 67 -57.19 40.62 -22.38
C THR K 67 -56.28 40.92 -23.56
N LEU K 68 -55.45 41.95 -23.47
CA LEU K 68 -54.55 42.37 -24.55
C LEU K 68 -55.32 42.69 -25.82
N GLN K 69 -56.30 43.58 -25.69
CA GLN K 69 -57.12 44.01 -26.80
C GLN K 69 -57.24 45.53 -26.92
N SER K 70 -56.49 46.30 -26.15
CA SER K 70 -56.68 47.74 -26.09
C SER K 70 -55.36 48.44 -25.86
N GLU K 71 -55.38 49.77 -26.04
CA GLU K 71 -54.23 50.62 -25.78
C GLU K 71 -54.13 50.90 -24.28
N GLY K 72 -53.28 51.86 -23.90
CA GLY K 72 -53.08 52.17 -22.51
C GLY K 72 -54.23 52.91 -21.84
N SER K 73 -54.50 54.14 -22.29
CA SER K 73 -55.50 54.95 -21.61
C SER K 73 -56.92 54.49 -21.89
N ASN K 74 -57.22 54.17 -23.15
CA ASN K 74 -58.57 53.75 -23.54
C ASN K 74 -58.66 52.23 -23.44
N SER K 75 -58.77 51.75 -22.21
CA SER K 75 -58.72 50.31 -21.94
C SER K 75 -60.10 49.65 -21.97
N ASP K 76 -61.17 50.40 -21.75
CA ASP K 76 -62.49 49.80 -21.63
C ASP K 76 -62.97 49.24 -22.97
N MET K 77 -63.58 48.07 -22.92
CA MET K 77 -64.24 47.46 -24.06
C MET K 77 -65.69 47.15 -23.69
N TYR K 78 -66.49 46.80 -24.68
CA TYR K 78 -67.92 46.61 -24.47
C TYR K 78 -68.40 45.29 -25.05
N LEU K 79 -69.41 44.72 -24.41
CA LEU K 79 -70.01 43.45 -24.79
C LEU K 79 -71.47 43.67 -25.15
N VAL K 80 -71.87 43.22 -26.33
CA VAL K 80 -73.25 43.30 -26.79
C VAL K 80 -73.77 41.88 -26.97
N PRO K 81 -74.81 41.47 -26.24
CA PRO K 81 -75.32 40.10 -26.39
C PRO K 81 -75.81 39.82 -27.80
N ALA K 82 -75.54 38.61 -28.28
CA ALA K 82 -75.95 38.18 -29.61
C ALA K 82 -76.82 36.94 -29.60
N ALA K 83 -76.51 35.96 -28.76
CA ALA K 83 -77.28 34.72 -28.68
C ALA K 83 -77.34 34.26 -27.23
N MET K 84 -78.44 33.59 -26.88
CA MET K 84 -78.70 33.15 -25.52
C MET K 84 -78.99 31.65 -25.51
N PHE K 85 -78.49 30.96 -24.49
CA PHE K 85 -78.68 29.52 -24.36
C PHE K 85 -78.90 29.19 -22.89
N ARG K 86 -79.54 28.04 -22.66
CA ARG K 86 -79.72 27.55 -21.31
C ARG K 86 -78.38 27.08 -20.74
N ASP K 87 -78.18 27.32 -19.45
CA ASP K 87 -76.91 26.99 -18.79
C ASP K 87 -76.97 25.55 -18.29
N PRO K 88 -76.08 24.66 -18.75
CA PRO K 88 -76.13 23.27 -18.29
C PRO K 88 -75.34 23.02 -17.01
N PHE K 89 -74.46 23.94 -16.65
CA PHE K 89 -73.61 23.77 -15.47
C PHE K 89 -74.31 24.23 -14.19
N ARG K 90 -74.93 25.41 -14.25
CA ARG K 90 -75.95 25.81 -13.29
C ARG K 90 -77.28 25.84 -14.04
N LYS K 91 -78.25 25.10 -13.52
CA LYS K 91 -79.40 24.72 -14.34
C LYS K 91 -80.37 25.90 -14.49
N ASP K 92 -81.57 25.61 -14.98
CA ASP K 92 -82.57 26.64 -15.20
C ASP K 92 -82.88 27.35 -13.89
N PRO K 93 -83.21 28.65 -13.95
CA PRO K 93 -83.38 29.50 -15.13
C PRO K 93 -82.14 30.27 -15.55
N ASN K 94 -80.94 29.82 -15.19
CA ASN K 94 -79.72 30.53 -15.55
C ASN K 94 -79.41 30.36 -17.03
N LYS K 95 -78.62 31.29 -17.57
CA LYS K 95 -78.41 31.39 -19.01
C LYS K 95 -76.93 31.57 -19.33
N LEU K 96 -76.57 31.18 -20.55
CA LEU K 96 -75.31 31.53 -21.18
C LEU K 96 -75.56 32.55 -22.29
N VAL K 97 -74.68 33.54 -22.39
CA VAL K 97 -74.84 34.63 -23.34
C VAL K 97 -73.55 34.79 -24.13
N LEU K 98 -73.63 34.57 -25.44
CA LEU K 98 -72.52 34.85 -26.34
C LEU K 98 -72.63 36.29 -26.83
N CYS K 99 -71.54 37.04 -26.74
CA CYS K 99 -71.55 38.48 -26.98
C CYS K 99 -70.58 38.87 -28.08
N GLU K 100 -70.83 40.03 -28.66
CA GLU K 100 -69.92 40.68 -29.58
C GLU K 100 -69.09 41.72 -28.85
N VAL K 101 -67.89 41.99 -29.36
CA VAL K 101 -66.92 42.85 -28.69
C VAL K 101 -66.75 44.12 -29.53
N PHE K 102 -66.84 45.28 -28.86
CA PHE K 102 -66.68 46.57 -29.50
C PHE K 102 -65.69 47.41 -28.71
N LYS K 103 -65.05 48.35 -29.40
CA LYS K 103 -64.05 49.20 -28.78
C LYS K 103 -64.72 50.32 -27.98
N TYR K 104 -63.89 51.17 -27.37
CA TYR K 104 -64.42 52.29 -26.59
C TYR K 104 -65.20 53.26 -27.46
N ASN K 105 -64.86 53.36 -28.74
CA ASN K 105 -65.55 54.20 -29.69
C ASN K 105 -66.65 53.47 -30.46
N ARG K 106 -67.08 52.31 -29.95
CA ARG K 106 -68.21 51.53 -30.49
C ARG K 106 -67.95 51.07 -31.93
N ARG K 107 -66.68 50.86 -32.28
CA ARG K 107 -66.35 50.19 -33.53
C ARG K 107 -65.93 48.75 -33.25
N PRO K 108 -66.17 47.83 -34.19
CA PRO K 108 -65.90 46.41 -33.92
C PRO K 108 -64.43 46.15 -33.62
N ALA K 109 -64.20 45.19 -32.72
CA ALA K 109 -62.84 44.78 -32.39
C ALA K 109 -62.22 44.02 -33.55
N GLU K 110 -60.90 43.85 -33.48
CA GLU K 110 -60.18 43.18 -34.56
C GLU K 110 -60.61 41.73 -34.71
N THR K 111 -60.86 41.05 -33.59
CA THR K 111 -61.29 39.66 -33.63
C THR K 111 -62.80 39.50 -33.70
N ASN K 112 -63.55 40.60 -33.76
CA ASN K 112 -65.00 40.56 -33.87
C ASN K 112 -65.34 40.38 -35.35
N LEU K 113 -65.38 39.12 -35.80
CA LEU K 113 -65.68 38.79 -37.18
C LEU K 113 -67.16 38.49 -37.40
N ARG K 114 -67.98 38.51 -36.35
CA ARG K 114 -69.41 38.26 -36.50
C ARG K 114 -70.12 39.44 -37.15
N HIS K 115 -69.66 40.66 -36.89
CA HIS K 115 -70.35 41.86 -37.39
C HIS K 115 -70.43 41.85 -38.91
N THR K 116 -69.31 41.64 -39.57
CA THR K 116 -69.31 41.64 -41.04
C THR K 116 -69.98 40.38 -41.59
N CYS K 117 -69.85 39.26 -40.88
CA CYS K 117 -70.46 38.02 -41.35
C CYS K 117 -71.98 38.10 -41.33
N LYS K 118 -72.54 38.74 -40.30
CA LYS K 118 -74.00 38.89 -40.22
C LYS K 118 -74.52 39.74 -41.37
N ARG K 119 -73.79 40.80 -41.72
CA ARG K 119 -74.20 41.62 -42.86
C ARG K 119 -74.19 40.83 -44.15
N ILE K 120 -73.17 40.00 -44.35
CA ILE K 120 -73.08 39.19 -45.57
C ILE K 120 -74.21 38.18 -45.62
N MET K 121 -74.58 37.63 -44.46
CA MET K 121 -75.61 36.60 -44.43
C MET K 121 -76.99 37.16 -44.75
N ASP K 122 -77.27 38.39 -44.31
CA ASP K 122 -78.58 38.99 -44.57
C ASP K 122 -78.76 39.33 -46.04
N MET K 123 -77.66 39.41 -46.79
CA MET K 123 -77.75 39.76 -48.21
C MET K 123 -78.36 38.63 -49.03
N VAL K 124 -78.07 37.38 -48.66
CA VAL K 124 -78.50 36.21 -49.42
C VAL K 124 -79.52 35.38 -48.65
N SER K 125 -80.22 36.01 -47.71
CA SER K 125 -81.14 35.34 -46.79
C SER K 125 -82.19 34.50 -47.52
N ASN K 126 -82.64 34.95 -48.69
CA ASN K 126 -83.69 34.24 -49.40
C ASN K 126 -83.25 32.86 -49.89
N GLN K 127 -81.94 32.63 -49.99
CA GLN K 127 -81.42 31.35 -50.46
C GLN K 127 -81.31 30.30 -49.36
N HIS K 128 -81.43 30.71 -48.10
CA HIS K 128 -81.38 29.80 -46.95
C HIS K 128 -80.15 28.90 -46.96
N PRO K 129 -78.95 29.46 -46.82
CA PRO K 129 -77.74 28.63 -46.77
C PRO K 129 -77.68 27.84 -45.46
N TRP K 130 -77.38 26.55 -45.57
CA TRP K 130 -77.24 25.68 -44.41
C TRP K 130 -75.77 25.27 -44.26
N PHE K 131 -75.34 25.13 -43.01
CA PHE K 131 -73.98 24.74 -42.70
C PHE K 131 -73.97 23.62 -41.66
N GLY K 132 -73.05 22.68 -41.84
CA GLY K 132 -72.80 21.64 -40.87
C GLY K 132 -71.32 21.37 -40.73
N MET K 133 -70.79 21.50 -39.52
CA MET K 133 -69.35 21.45 -39.30
C MET K 133 -69.00 20.32 -38.33
N GLU K 134 -67.93 19.59 -38.65
CA GLU K 134 -67.47 18.47 -37.85
C GLU K 134 -66.21 18.89 -37.10
N GLN K 135 -66.32 19.09 -35.80
CA GLN K 135 -65.22 19.60 -34.99
C GLN K 135 -64.48 18.44 -34.32
N GLU K 136 -63.19 18.32 -34.61
CA GLU K 136 -62.34 17.31 -34.00
C GLU K 136 -61.43 17.95 -32.95
N TYR K 137 -61.04 17.16 -31.96
CA TYR K 137 -60.25 17.66 -30.84
C TYR K 137 -59.55 16.50 -30.17
N THR K 138 -58.51 16.84 -29.39
CA THR K 138 -57.72 15.85 -28.66
C THR K 138 -57.72 16.19 -27.18
N LEU K 139 -57.94 15.18 -26.34
CA LEU K 139 -57.89 15.35 -24.90
C LEU K 139 -56.47 15.20 -24.40
N MET K 140 -56.05 16.11 -23.52
CA MET K 140 -54.68 16.17 -23.05
C MET K 140 -54.67 16.25 -21.53
N GLY K 141 -53.66 15.62 -20.93
CA GLY K 141 -53.37 15.85 -19.53
C GLY K 141 -52.72 17.20 -19.31
N THR K 142 -52.60 17.58 -18.04
CA THR K 142 -51.99 18.86 -17.71
C THR K 142 -50.49 18.88 -17.95
N ASP K 143 -49.88 17.75 -18.28
CA ASP K 143 -48.47 17.66 -18.58
C ASP K 143 -48.16 17.84 -20.06
N GLY K 144 -49.16 18.12 -20.89
CA GLY K 144 -48.94 18.29 -22.31
C GLY K 144 -48.85 17.02 -23.12
N HIS K 145 -49.27 15.89 -22.54
CA HIS K 145 -49.27 14.60 -23.20
C HIS K 145 -50.71 14.13 -23.35
N PRO K 146 -51.06 13.41 -24.42
CA PRO K 146 -52.46 12.99 -24.61
C PRO K 146 -52.97 12.15 -23.44
N PHE K 147 -54.21 12.41 -23.05
CA PHE K 147 -54.79 11.75 -21.89
C PHE K 147 -54.90 10.25 -22.11
N GLY K 148 -54.45 9.47 -21.13
CA GLY K 148 -54.50 8.04 -21.19
C GLY K 148 -53.34 7.38 -21.89
N TRP K 149 -52.45 8.15 -22.52
CA TRP K 149 -51.30 7.57 -23.18
C TRP K 149 -50.27 7.11 -22.16
N PRO K 150 -49.43 6.15 -22.51
CA PRO K 150 -48.37 5.72 -21.58
C PRO K 150 -47.42 6.86 -21.27
N SER K 151 -46.93 6.86 -20.03
CA SER K 151 -46.02 7.91 -19.58
C SER K 151 -44.72 7.87 -20.38
N ASN K 152 -44.41 8.97 -21.05
CA ASN K 152 -43.21 9.10 -21.89
C ASN K 152 -43.15 8.00 -22.95
N GLY K 153 -44.30 7.71 -23.56
CA GLY K 153 -44.37 6.63 -24.52
C GLY K 153 -45.59 6.74 -25.41
N PHE K 154 -45.85 5.65 -26.14
CA PHE K 154 -46.89 5.63 -27.14
C PHE K 154 -47.77 4.40 -26.98
N PRO K 155 -49.04 4.49 -27.37
CA PRO K 155 -49.88 3.29 -27.45
C PRO K 155 -49.57 2.47 -28.68
N GLY K 156 -50.35 1.43 -28.94
CA GLY K 156 -50.20 0.63 -30.13
C GLY K 156 -50.50 1.41 -31.39
N PRO K 157 -50.17 0.84 -32.54
CA PRO K 157 -50.41 1.55 -33.81
C PRO K 157 -51.88 1.77 -34.08
N GLN K 158 -52.15 2.76 -34.93
CA GLN K 158 -53.52 3.14 -35.25
C GLN K 158 -54.24 2.01 -35.99
N GLY K 159 -55.56 2.02 -35.88
CA GLY K 159 -56.39 1.04 -36.56
C GLY K 159 -57.54 0.46 -35.74
N PRO K 160 -57.34 0.21 -34.44
CA PRO K 160 -58.46 -0.21 -33.60
C PRO K 160 -59.19 0.91 -32.87
N TYR K 161 -58.68 2.14 -32.91
CA TYR K 161 -59.25 3.20 -32.08
C TYR K 161 -60.44 3.88 -32.74
N TYR K 162 -60.53 3.86 -34.06
CA TYR K 162 -61.60 4.56 -34.77
C TYR K 162 -62.95 3.92 -34.44
N CYS K 163 -63.84 4.71 -33.83
CA CYS K 163 -65.15 4.24 -33.39
C CYS K 163 -65.04 3.02 -32.47
N GLY K 164 -63.97 2.95 -31.67
CA GLY K 164 -63.73 1.79 -30.85
C GLY K 164 -64.54 1.77 -29.56
N VAL K 165 -64.62 0.59 -28.96
CA VAL K 165 -65.28 0.40 -27.67
C VAL K 165 -64.41 -0.51 -26.82
N GLY K 166 -64.28 -0.18 -25.54
CA GLY K 166 -63.46 -0.95 -24.63
C GLY K 166 -62.45 -0.09 -23.88
N ALA K 167 -61.92 -0.60 -22.77
CA ALA K 167 -61.00 0.17 -21.96
C ALA K 167 -59.69 0.43 -22.67
N ASP K 168 -59.29 -0.45 -23.60
CA ASP K 168 -58.04 -0.31 -24.32
C ASP K 168 -58.19 0.37 -25.67
N ARG K 169 -59.38 0.88 -25.99
CA ARG K 169 -59.62 1.42 -27.32
C ARG K 169 -60.14 2.86 -27.29
N ALA K 170 -60.94 3.21 -26.29
CA ALA K 170 -61.51 4.54 -26.15
C ALA K 170 -61.00 5.19 -24.88
N TYR K 171 -60.44 6.39 -25.00
CA TYR K 171 -59.87 7.13 -23.87
C TYR K 171 -60.73 8.37 -23.61
N GLY K 172 -61.39 8.41 -22.46
CA GLY K 172 -62.08 9.61 -22.03
C GLY K 172 -63.50 9.77 -22.55
N ARG K 173 -64.27 8.67 -22.56
CA ARG K 173 -65.65 8.76 -23.02
C ARG K 173 -66.56 9.47 -22.02
N ASP K 174 -66.13 9.59 -20.75
CA ASP K 174 -66.95 10.30 -19.77
C ASP K 174 -67.14 11.76 -20.18
N ILE K 175 -66.08 12.41 -20.63
CA ILE K 175 -66.18 13.79 -21.10
C ILE K 175 -67.10 13.87 -22.32
N VAL K 176 -66.96 12.92 -23.25
CA VAL K 176 -67.73 12.97 -24.49
C VAL K 176 -69.22 12.84 -24.22
N GLU K 177 -69.60 11.90 -23.35
CA GLU K 177 -71.01 11.73 -22.99
C GLU K 177 -71.54 12.96 -22.25
N ALA K 178 -70.73 13.54 -21.36
CA ALA K 178 -71.17 14.71 -20.60
C ALA K 178 -71.37 15.91 -21.52
N HIS K 179 -70.47 16.12 -22.47
CA HIS K 179 -70.59 17.24 -23.40
C HIS K 179 -71.82 17.09 -24.28
N TYR K 180 -72.10 15.86 -24.74
CA TYR K 180 -73.26 15.63 -25.59
C TYR K 180 -74.55 15.98 -24.87
N ARG K 181 -74.69 15.55 -23.61
CA ARG K 181 -75.90 15.84 -22.86
C ARG K 181 -75.99 17.32 -22.49
N ALA K 182 -74.85 17.95 -22.21
CA ALA K 182 -74.86 19.37 -21.88
C ALA K 182 -75.30 20.23 -23.07
N CYS K 183 -74.83 19.88 -24.28
CA CYS K 183 -75.21 20.63 -25.46
C CYS K 183 -76.71 20.50 -25.75
N LEU K 184 -77.25 19.29 -25.61
CA LEU K 184 -78.68 19.09 -25.85
C LEU K 184 -79.52 19.89 -24.87
N TYR K 185 -79.12 19.93 -23.60
CA TYR K 185 -79.84 20.71 -22.60
C TYR K 185 -79.79 22.19 -22.92
N ALA K 186 -78.64 22.68 -23.38
CA ALA K 186 -78.46 24.10 -23.65
C ALA K 186 -79.22 24.56 -24.89
N GLY K 187 -79.53 23.66 -25.81
CA GLY K 187 -80.12 24.02 -27.08
C GLY K 187 -79.16 24.08 -28.24
N VAL K 188 -77.91 23.64 -28.05
CA VAL K 188 -76.96 23.57 -29.14
C VAL K 188 -77.35 22.45 -30.09
N LYS K 189 -77.29 22.72 -31.40
CA LYS K 189 -77.72 21.77 -32.41
C LYS K 189 -76.60 20.78 -32.72
N ILE K 190 -76.42 19.84 -31.80
CA ILE K 190 -75.39 18.81 -31.94
C ILE K 190 -75.97 17.63 -32.70
N ALA K 191 -75.25 17.15 -33.70
CA ALA K 191 -75.76 16.12 -34.60
C ALA K 191 -75.23 14.72 -34.30
N GLY K 192 -74.10 14.60 -33.61
CA GLY K 192 -73.57 13.30 -33.29
C GLY K 192 -72.10 13.38 -32.91
N THR K 193 -71.58 12.22 -32.49
CA THR K 193 -70.19 12.11 -32.06
C THR K 193 -69.63 10.77 -32.49
N ASN K 194 -68.31 10.68 -32.55
CA ASN K 194 -67.62 9.42 -32.80
C ASN K 194 -66.18 9.54 -32.31
N ALA K 195 -65.57 8.37 -32.07
CA ALA K 195 -64.16 8.29 -31.73
C ALA K 195 -63.32 8.32 -33.00
N GLU K 196 -62.16 8.98 -32.92
CA GLU K 196 -61.34 9.24 -34.09
C GLU K 196 -60.23 8.19 -34.23
N VAL K 197 -59.38 8.38 -35.24
CA VAL K 197 -58.36 7.39 -35.56
C VAL K 197 -57.30 7.32 -34.46
N MET K 198 -56.86 8.47 -33.98
CA MET K 198 -55.90 8.56 -32.89
C MET K 198 -56.60 8.33 -31.55
N PRO K 199 -56.02 7.52 -30.66
CA PRO K 199 -56.62 7.36 -29.33
C PRO K 199 -56.58 8.67 -28.55
N ALA K 200 -57.64 8.88 -27.76
CA ALA K 200 -57.91 10.12 -27.04
C ALA K 200 -58.28 11.28 -27.95
N GLN K 201 -58.65 10.99 -29.20
CA GLN K 201 -59.14 11.98 -30.14
C GLN K 201 -60.59 11.71 -30.47
N TRP K 202 -61.39 12.77 -30.56
CA TRP K 202 -62.83 12.65 -30.74
C TRP K 202 -63.33 13.70 -31.72
N GLU K 203 -64.63 13.63 -32.01
CA GLU K 203 -65.26 14.54 -32.94
C GLU K 203 -66.74 14.66 -32.60
N PHE K 204 -67.28 15.88 -32.68
CA PHE K 204 -68.72 16.10 -32.62
C PHE K 204 -69.14 16.95 -33.81
N GLN K 205 -70.40 16.84 -34.18
CA GLN K 205 -70.94 17.52 -35.36
C GLN K 205 -72.03 18.49 -34.95
N ILE K 206 -72.01 19.69 -35.54
CA ILE K 206 -72.99 20.73 -35.31
C ILE K 206 -73.68 21.06 -36.62
N GLY K 207 -75.01 21.02 -36.64
CA GLY K 207 -75.76 21.42 -37.79
C GLY K 207 -76.91 20.48 -38.11
N PRO K 208 -77.65 20.75 -39.19
CA PRO K 208 -77.49 21.89 -40.12
C PRO K 208 -78.04 23.19 -39.56
N CYS K 209 -77.21 24.23 -39.50
CA CYS K 209 -77.61 25.53 -38.97
C CYS K 209 -77.71 26.52 -40.12
N GLU K 210 -78.79 27.30 -40.14
CA GLU K 210 -79.06 28.23 -41.24
C GLU K 210 -78.40 29.57 -40.94
N GLY K 211 -77.47 29.99 -41.80
CA GLY K 211 -76.97 31.35 -41.76
C GLY K 211 -76.02 31.62 -40.62
N ILE K 212 -76.24 32.75 -39.95
CA ILE K 212 -75.32 33.22 -38.91
C ILE K 212 -75.37 32.32 -37.68
N SER K 213 -76.45 31.56 -37.51
CA SER K 213 -76.58 30.74 -36.31
C SER K 213 -75.55 29.63 -36.25
N MET K 214 -74.90 29.31 -37.38
CA MET K 214 -73.87 28.28 -37.37
C MET K 214 -72.67 28.71 -36.52
N GLY K 215 -72.25 29.97 -36.67
CA GLY K 215 -71.14 30.45 -35.87
C GLY K 215 -71.45 30.54 -34.39
N ASP K 216 -72.68 30.93 -34.05
CA ASP K 216 -73.07 31.02 -32.65
C ASP K 216 -73.08 29.63 -31.99
N HIS K 217 -73.62 28.63 -32.68
CA HIS K 217 -73.77 27.32 -32.09
C HIS K 217 -72.43 26.62 -31.89
N LEU K 218 -71.51 26.80 -32.85
CA LEU K 218 -70.20 26.15 -32.73
C LEU K 218 -69.37 26.77 -31.61
N TRP K 219 -69.40 28.10 -31.49
CA TRP K 219 -68.61 28.77 -30.46
C TRP K 219 -69.11 28.44 -29.07
N VAL K 220 -70.43 28.33 -28.90
CA VAL K 220 -70.98 27.92 -27.61
C VAL K 220 -70.64 26.47 -27.32
N ALA K 221 -70.67 25.62 -28.35
CA ALA K 221 -70.29 24.22 -28.17
C ALA K 221 -68.85 24.09 -27.73
N ARG K 222 -67.95 24.93 -28.25
CA ARG K 222 -66.56 24.89 -27.83
C ARG K 222 -66.41 25.33 -26.37
N PHE K 223 -67.18 26.34 -25.96
CA PHE K 223 -67.13 26.80 -24.57
C PHE K 223 -67.58 25.70 -23.62
N ILE K 224 -68.64 24.98 -23.98
CA ILE K 224 -69.16 23.92 -23.11
C ILE K 224 -68.14 22.81 -22.97
N LEU K 225 -67.43 22.50 -24.06
CA LEU K 225 -66.39 21.46 -24.00
C LEU K 225 -65.27 21.87 -23.06
N HIS K 226 -64.82 23.12 -23.16
CA HIS K 226 -63.76 23.61 -22.27
C HIS K 226 -64.21 23.60 -20.82
N ARG K 227 -65.45 24.00 -20.57
CA ARG K 227 -65.97 24.04 -19.21
C ARG K 227 -66.18 22.63 -18.66
N VAL K 228 -66.66 21.70 -19.49
CA VAL K 228 -66.83 20.32 -19.05
C VAL K 228 -65.47 19.68 -18.75
N CYS K 229 -64.48 19.92 -19.62
CA CYS K 229 -63.15 19.36 -19.40
C CYS K 229 -62.51 19.95 -18.15
N GLU K 230 -62.82 21.20 -17.82
CA GLU K 230 -62.31 21.81 -16.59
C GLU K 230 -62.81 21.06 -15.36
N ASP K 231 -64.04 20.57 -15.39
CA ASP K 231 -64.57 19.78 -14.28
C ASP K 231 -63.76 18.51 -14.07
N PHE K 232 -63.41 17.82 -15.16
CA PHE K 232 -62.67 16.56 -15.08
C PHE K 232 -61.17 16.75 -14.88
N GLY K 233 -60.66 17.97 -15.07
CA GLY K 233 -59.24 18.22 -14.87
C GLY K 233 -58.36 17.94 -16.06
N VAL K 234 -58.91 17.87 -17.27
CA VAL K 234 -58.14 17.63 -18.48
C VAL K 234 -58.32 18.83 -19.41
N ILE K 235 -57.51 18.85 -20.47
CA ILE K 235 -57.47 19.95 -21.42
C ILE K 235 -57.92 19.45 -22.78
N ALA K 236 -58.85 20.17 -23.40
CA ALA K 236 -59.27 19.91 -24.77
C ALA K 236 -58.56 20.88 -25.70
N THR K 237 -57.83 20.35 -26.67
CA THR K 237 -57.05 21.17 -27.59
C THR K 237 -57.60 21.02 -29.01
N PHE K 238 -57.60 22.12 -29.75
CA PHE K 238 -58.05 22.15 -31.14
C PHE K 238 -56.89 22.28 -32.11
N ASP K 239 -55.68 21.90 -31.70
CA ASP K 239 -54.50 22.04 -32.54
C ASP K 239 -54.63 21.14 -33.79
N PRO K 240 -54.24 21.63 -34.96
CA PRO K 240 -54.33 20.79 -36.17
C PRO K 240 -53.45 19.55 -36.12
N LYS K 241 -52.28 19.61 -35.48
CA LYS K 241 -51.36 18.48 -35.41
C LYS K 241 -50.79 18.39 -34.00
N PRO K 242 -51.58 17.91 -33.04
CA PRO K 242 -51.08 17.86 -31.65
C PRO K 242 -49.88 16.97 -31.44
N ILE K 243 -49.75 15.87 -32.19
CA ILE K 243 -48.66 14.92 -32.03
C ILE K 243 -47.99 14.75 -33.40
N PRO K 244 -46.70 15.07 -33.54
CA PRO K 244 -46.04 14.89 -34.83
C PRO K 244 -45.79 13.42 -35.15
N GLY K 245 -45.74 13.13 -36.44
CA GLY K 245 -45.41 11.80 -36.89
C GLY K 245 -46.56 11.06 -37.55
N ASN K 246 -46.64 9.75 -37.29
CA ASN K 246 -47.68 8.90 -37.88
C ASN K 246 -48.91 8.84 -36.98
N TRP K 247 -49.43 10.02 -36.66
CA TRP K 247 -50.64 10.16 -35.85
C TRP K 247 -51.57 11.16 -36.51
N ASN K 248 -52.86 10.85 -36.46
CA ASN K 248 -53.85 11.61 -37.22
C ASN K 248 -53.97 13.04 -36.69
N GLY K 249 -54.22 13.97 -37.62
CA GLY K 249 -54.46 15.36 -37.27
C GLY K 249 -55.93 15.65 -37.03
N ALA K 250 -56.23 16.93 -36.85
CA ALA K 250 -57.58 17.38 -36.54
C ALA K 250 -57.98 18.49 -37.51
N GLY K 251 -59.18 18.35 -38.10
CA GLY K 251 -59.72 19.36 -38.97
C GLY K 251 -61.18 19.63 -38.65
N CYS K 252 -61.71 20.67 -39.27
CA CYS K 252 -63.10 21.08 -39.09
C CYS K 252 -63.77 21.11 -40.46
N HIS K 253 -64.29 19.95 -40.88
CA HIS K 253 -64.94 19.84 -42.17
C HIS K 253 -66.24 20.65 -42.18
N THR K 254 -66.48 21.36 -43.28
CA THR K 254 -67.65 22.22 -43.41
C THR K 254 -68.54 21.69 -44.53
N ASN K 255 -69.82 21.50 -44.22
CA ASN K 255 -70.81 21.05 -45.20
C ASN K 255 -71.70 22.23 -45.57
N PHE K 256 -71.92 22.42 -46.86
CA PHE K 256 -72.59 23.60 -47.37
C PHE K 256 -73.68 23.20 -48.38
N SER K 257 -74.84 23.85 -48.26
CA SER K 257 -75.91 23.67 -49.22
C SER K 257 -76.81 24.90 -49.21
N THR K 258 -77.49 25.13 -50.32
CA THR K 258 -78.50 26.16 -50.46
C THR K 258 -79.85 25.50 -50.78
N LYS K 259 -80.88 26.33 -50.92
CA LYS K 259 -82.20 25.80 -51.26
C LYS K 259 -82.20 25.18 -52.65
N ALA K 260 -81.44 25.78 -53.59
CA ALA K 260 -81.37 25.22 -54.93
C ALA K 260 -80.70 23.84 -54.93
N MET K 261 -79.60 23.70 -54.17
CA MET K 261 -78.93 22.40 -54.10
C MET K 261 -79.79 21.37 -53.39
N ARG K 262 -80.63 21.80 -52.46
CA ARG K 262 -81.52 20.88 -51.75
C ARG K 262 -82.75 20.50 -52.56
N GLU K 263 -83.04 21.23 -53.64
CA GLU K 263 -84.24 21.00 -54.43
C GLU K 263 -83.95 19.94 -55.49
N GLU K 264 -84.90 19.73 -56.40
CA GLU K 264 -84.75 18.71 -57.43
C GLU K 264 -83.69 19.10 -58.44
N ASN K 265 -82.84 18.13 -58.79
CA ASN K 265 -81.72 18.35 -59.72
C ASN K 265 -80.81 19.48 -59.24
N GLY K 266 -80.63 19.58 -57.93
CA GLY K 266 -79.73 20.55 -57.35
C GLY K 266 -78.27 20.18 -57.44
N LEU K 267 -77.96 18.98 -57.95
CA LEU K 267 -76.56 18.60 -58.17
C LEU K 267 -75.87 19.55 -59.13
N LYS K 268 -76.61 20.07 -60.12
CA LYS K 268 -76.00 20.98 -61.08
C LYS K 268 -75.55 22.28 -60.40
N TYR K 269 -76.32 22.78 -59.43
CA TYR K 269 -75.94 24.00 -58.75
C TYR K 269 -74.71 23.79 -57.87
N ILE K 270 -74.46 22.55 -57.47
CA ILE K 270 -73.26 22.24 -56.70
C ILE K 270 -72.02 22.37 -57.59
N GLU K 271 -72.14 21.98 -58.86
CA GLU K 271 -70.98 21.93 -59.75
C GLU K 271 -70.42 23.32 -60.04
N GLU K 272 -71.30 24.30 -60.27
CA GLU K 272 -70.80 25.67 -60.40
C GLU K 272 -70.15 26.16 -59.11
N ALA K 273 -70.70 25.79 -57.96
CA ALA K 273 -70.07 26.18 -56.69
C ALA K 273 -68.67 25.57 -56.58
N ILE K 274 -68.53 24.30 -56.97
CA ILE K 274 -67.21 23.69 -56.98
C ILE K 274 -66.31 24.38 -58.01
N GLU K 275 -66.86 24.68 -59.19
CA GLU K 275 -66.08 25.36 -60.22
C GLU K 275 -65.63 26.74 -59.75
N LYS K 276 -66.53 27.49 -59.11
CA LYS K 276 -66.16 28.79 -58.57
C LYS K 276 -65.12 28.67 -57.46
N LEU K 277 -65.23 27.62 -56.63
CA LEU K 277 -64.31 27.45 -55.52
C LEU K 277 -62.89 27.15 -55.99
N SER K 278 -62.75 26.47 -57.12
CA SER K 278 -61.41 26.11 -57.62
C SER K 278 -60.58 27.33 -57.94
N LYS K 279 -61.22 28.46 -58.24
CA LYS K 279 -60.47 29.66 -58.60
C LYS K 279 -59.73 30.25 -57.41
N ARG K 280 -60.33 30.16 -56.22
CA ARG K 280 -59.85 30.89 -55.04
C ARG K 280 -59.36 29.95 -53.94
N HIS K 281 -58.57 28.95 -54.30
CA HIS K 281 -58.01 28.06 -53.29
C HIS K 281 -57.11 28.79 -52.32
N GLN K 282 -56.26 29.68 -52.82
CA GLN K 282 -55.33 30.41 -51.96
C GLN K 282 -56.07 31.36 -51.03
N TYR K 283 -57.12 32.02 -51.53
CA TYR K 283 -57.87 32.95 -50.70
C TYR K 283 -58.56 32.23 -49.54
N HIS K 284 -59.09 31.03 -49.79
CA HIS K 284 -59.82 30.31 -48.75
C HIS K 284 -58.86 29.70 -47.74
N ILE K 285 -57.67 29.27 -48.18
CA ILE K 285 -56.68 28.72 -47.26
C ILE K 285 -56.31 29.76 -46.20
N ARG K 286 -56.13 31.01 -46.61
CA ARG K 286 -55.78 32.07 -45.66
C ARG K 286 -56.93 32.35 -44.71
N ALA K 287 -58.18 32.23 -45.18
CA ALA K 287 -59.34 32.49 -44.34
C ALA K 287 -59.73 31.32 -43.46
N TYR K 288 -59.11 30.15 -43.65
CA TYR K 288 -59.45 28.96 -42.89
C TYR K 288 -58.53 28.75 -41.68
N ASP K 289 -57.65 29.72 -41.39
CA ASP K 289 -56.73 29.60 -40.28
C ASP K 289 -56.71 30.93 -39.53
N PRO K 290 -56.66 30.89 -38.19
CA PRO K 290 -56.54 32.15 -37.43
C PRO K 290 -55.25 32.90 -37.70
N LYS K 291 -54.17 32.20 -38.04
CA LYS K 291 -52.87 32.81 -38.22
C LYS K 291 -52.33 32.58 -39.64
N GLY K 292 -53.21 32.69 -40.63
CA GLY K 292 -52.81 32.82 -42.02
C GLY K 292 -52.60 31.50 -42.76
N GLY K 293 -52.49 30.38 -42.05
CA GLY K 293 -52.29 29.11 -42.72
C GLY K 293 -51.12 28.31 -42.20
N LEU K 294 -50.39 28.89 -41.24
CA LEU K 294 -49.25 28.18 -40.65
C LEU K 294 -49.71 26.93 -39.89
N ASP K 295 -50.83 27.03 -39.17
CA ASP K 295 -51.31 25.89 -38.40
C ASP K 295 -51.74 24.76 -39.31
N ASN K 296 -52.57 25.06 -40.32
CA ASN K 296 -53.04 24.04 -41.25
C ASN K 296 -51.93 23.50 -42.15
N ALA K 297 -50.76 24.15 -42.18
CA ALA K 297 -49.68 23.66 -43.01
C ALA K 297 -49.11 22.34 -42.49
N ARG K 298 -49.14 22.13 -41.18
CA ARG K 298 -48.62 20.91 -40.58
C ARG K 298 -49.59 19.74 -40.65
N ARG K 299 -50.82 19.97 -41.11
CA ARG K 299 -51.83 18.93 -41.21
C ARG K 299 -52.07 18.47 -42.63
N LEU K 300 -52.33 19.39 -43.56
CA LEU K 300 -52.60 19.04 -44.95
C LEU K 300 -51.28 18.74 -45.66
N THR K 301 -50.71 17.60 -45.28
CA THR K 301 -49.44 17.14 -45.86
C THR K 301 -49.63 16.22 -47.06
N GLY K 302 -50.87 15.87 -47.40
CA GLY K 302 -51.10 14.94 -48.48
C GLY K 302 -50.95 13.49 -48.10
N PHE K 303 -51.07 13.16 -46.82
CA PHE K 303 -50.94 11.79 -46.35
C PHE K 303 -51.99 11.53 -45.27
N HIS K 304 -52.20 10.25 -44.97
CA HIS K 304 -53.22 9.81 -44.01
C HIS K 304 -54.60 10.29 -44.43
N GLU K 305 -54.92 10.08 -45.71
CA GLU K 305 -56.20 10.46 -46.30
C GLU K 305 -56.46 11.95 -46.16
N THR K 306 -55.46 12.75 -46.52
CA THR K 306 -55.56 14.20 -46.49
C THR K 306 -55.10 14.76 -47.83
N SER K 307 -55.56 15.97 -48.13
CA SER K 307 -55.17 16.65 -49.36
C SER K 307 -53.98 17.57 -49.11
N ASN K 308 -53.25 17.86 -50.18
CA ASN K 308 -52.09 18.72 -50.09
C ASN K 308 -52.52 20.17 -49.85
N ILE K 309 -51.68 20.90 -49.10
CA ILE K 309 -51.99 22.28 -48.75
C ILE K 309 -52.00 23.17 -49.99
N ASN K 310 -51.25 22.80 -51.03
CA ASN K 310 -51.10 23.64 -52.21
C ASN K 310 -51.84 23.10 -53.43
N ASP K 311 -52.61 22.03 -53.28
CA ASP K 311 -53.30 21.38 -54.40
C ASP K 311 -54.80 21.36 -54.14
N PHE K 312 -55.56 21.84 -55.12
CA PHE K 312 -57.01 21.80 -55.07
C PHE K 312 -57.52 20.60 -55.85
N SER K 313 -58.41 19.82 -55.22
CA SER K 313 -58.98 18.64 -55.87
C SER K 313 -60.46 18.57 -55.54
N ALA K 314 -61.18 17.81 -56.37
CA ALA K 314 -62.60 17.58 -56.17
C ALA K 314 -62.97 16.24 -56.78
N GLY K 315 -64.09 15.69 -56.31
CA GLY K 315 -64.53 14.40 -56.82
C GLY K 315 -65.64 13.77 -56.00
N VAL K 316 -66.43 12.91 -56.63
CA VAL K 316 -67.51 12.23 -55.93
C VAL K 316 -66.94 11.17 -55.00
N ALA K 317 -67.30 11.24 -53.72
CA ALA K 317 -66.91 10.25 -52.72
C ALA K 317 -65.40 10.08 -52.65
N ASN K 318 -64.67 11.17 -52.79
CA ASN K 318 -63.21 11.17 -52.68
C ASN K 318 -62.83 11.86 -51.37
N ARG K 319 -62.32 11.07 -50.42
CA ARG K 319 -61.93 11.62 -49.12
C ARG K 319 -60.54 12.21 -49.12
N SER K 320 -59.77 12.03 -50.19
CA SER K 320 -58.43 12.60 -50.30
C SER K 320 -58.41 13.93 -51.02
N ALA K 321 -59.55 14.41 -51.50
CA ALA K 321 -59.63 15.66 -52.23
C ALA K 321 -59.84 16.84 -51.28
N SER K 322 -59.77 18.05 -51.85
CA SER K 322 -60.08 19.24 -51.07
C SER K 322 -61.59 19.40 -50.89
N ILE K 323 -62.38 18.97 -51.87
CA ILE K 323 -63.83 19.02 -51.81
C ILE K 323 -64.37 17.62 -52.10
N ARG K 324 -65.30 17.17 -51.27
CA ARG K 324 -65.90 15.85 -51.42
C ARG K 324 -67.39 15.98 -51.65
N ILE K 325 -67.89 15.31 -52.67
CA ILE K 325 -69.33 15.17 -52.93
C ILE K 325 -69.74 13.78 -52.46
N PRO K 326 -70.66 13.66 -51.50
CA PRO K 326 -71.05 12.33 -51.02
C PRO K 326 -71.65 11.49 -52.14
N ARG K 327 -71.42 10.18 -52.06
CA ARG K 327 -71.89 9.26 -53.09
C ARG K 327 -73.41 9.29 -53.20
N THR K 328 -74.11 9.36 -52.05
CA THR K 328 -75.56 9.39 -52.08
C THR K 328 -76.08 10.66 -52.75
N VAL K 329 -75.39 11.79 -52.53
CA VAL K 329 -75.80 13.04 -53.15
C VAL K 329 -75.72 12.94 -54.67
N GLY K 330 -74.64 12.35 -55.18
CA GLY K 330 -74.52 12.18 -56.62
C GLY K 330 -75.57 11.25 -57.19
N GLN K 331 -75.87 10.15 -56.50
CA GLN K 331 -76.90 9.23 -56.96
C GLN K 331 -78.30 9.83 -56.85
N GLU K 332 -78.53 10.71 -55.87
CA GLU K 332 -79.83 11.36 -55.72
C GLU K 332 -79.90 12.70 -56.45
N LYS K 333 -78.80 13.18 -57.01
CA LYS K 333 -78.73 14.42 -57.79
C LYS K 333 -79.13 15.65 -56.98
N LYS K 334 -79.04 15.60 -55.65
CA LYS K 334 -79.38 16.74 -54.82
C LYS K 334 -78.75 16.56 -53.45
N GLY K 335 -78.49 17.68 -52.77
CA GLY K 335 -77.93 17.64 -51.44
C GLY K 335 -76.95 18.74 -51.12
N TYR K 336 -75.74 18.35 -50.70
CA TYR K 336 -74.73 19.28 -50.22
C TYR K 336 -73.36 18.79 -50.68
N PHE K 337 -72.33 19.57 -50.36
CA PHE K 337 -70.95 19.16 -50.58
C PHE K 337 -70.13 19.52 -49.35
N GLU K 338 -69.01 18.82 -49.18
CA GLU K 338 -68.17 18.94 -48.00
C GLU K 338 -66.82 19.55 -48.37
N ASP K 339 -66.44 20.59 -47.64
CA ASP K 339 -65.12 21.21 -47.77
C ASP K 339 -64.24 20.70 -46.63
N ARG K 340 -63.21 19.93 -46.98
CA ARG K 340 -62.36 19.25 -46.01
C ARG K 340 -61.12 20.05 -45.64
N ARG K 341 -60.97 21.27 -46.13
CA ARG K 341 -59.77 22.07 -45.94
C ARG K 341 -59.61 22.72 -44.56
N PRO K 342 -60.67 23.29 -43.95
CA PRO K 342 -60.45 24.12 -42.75
C PRO K 342 -59.83 23.34 -41.60
N SER K 343 -59.00 24.04 -40.81
CA SER K 343 -58.35 23.47 -39.65
C SER K 343 -59.32 23.35 -38.49
N ALA K 344 -58.91 22.56 -37.48
CA ALA K 344 -59.76 22.36 -36.31
C ALA K 344 -59.90 23.62 -35.48
N ASN K 345 -58.89 24.49 -35.48
CA ASN K 345 -58.91 25.72 -34.72
C ASN K 345 -59.46 26.90 -35.50
N CYS K 346 -60.25 26.65 -36.56
CA CYS K 346 -60.75 27.70 -37.42
C CYS K 346 -61.84 28.52 -36.72
N ASP K 347 -62.07 29.71 -37.25
CA ASP K 347 -63.18 30.55 -36.81
C ASP K 347 -64.36 30.32 -37.73
N PRO K 348 -65.50 29.81 -37.22
CA PRO K 348 -66.62 29.52 -38.12
C PRO K 348 -67.16 30.73 -38.85
N PHE K 349 -67.03 31.93 -38.28
CA PHE K 349 -67.49 33.14 -38.96
C PHE K 349 -66.68 33.40 -40.23
N SER K 350 -65.36 33.21 -40.16
CA SER K 350 -64.54 33.37 -41.35
C SER K 350 -64.86 32.31 -42.41
N VAL K 351 -65.04 31.07 -41.98
CA VAL K 351 -65.30 29.98 -42.93
C VAL K 351 -66.63 30.19 -43.62
N THR K 352 -67.68 30.51 -42.85
CA THR K 352 -68.99 30.69 -43.44
C THR K 352 -69.04 31.91 -44.35
N GLU K 353 -68.35 32.99 -43.97
CA GLU K 353 -68.39 34.20 -44.78
C GLU K 353 -67.65 34.00 -46.10
N ALA K 354 -66.53 33.29 -46.08
CA ALA K 354 -65.76 33.08 -47.31
C ALA K 354 -66.53 32.21 -48.29
N LEU K 355 -67.26 31.21 -47.78
CA LEU K 355 -68.03 30.33 -48.66
C LEU K 355 -69.18 31.09 -49.33
N ILE K 356 -69.81 32.00 -48.60
CA ILE K 356 -70.90 32.79 -49.18
C ILE K 356 -70.36 33.77 -50.22
N ARG K 357 -69.20 34.37 -49.95
CA ARG K 357 -68.63 35.36 -50.86
C ARG K 357 -68.27 34.74 -52.21
N THR K 358 -67.70 33.53 -52.20
CA THR K 358 -67.21 32.93 -53.42
C THR K 358 -68.33 32.26 -54.21
N CYS K 359 -69.14 31.45 -53.55
CA CYS K 359 -70.13 30.63 -54.25
C CYS K 359 -71.45 31.35 -54.51
N LEU K 360 -71.81 32.33 -53.66
CA LEU K 360 -73.11 32.99 -53.78
C LEU K 360 -73.03 34.43 -54.26
N LEU K 361 -71.92 35.12 -54.00
CA LEU K 361 -71.76 36.51 -54.41
C LEU K 361 -70.78 36.68 -55.57
N ASN K 362 -70.16 35.59 -56.03
CA ASN K 362 -69.28 35.61 -57.19
C ASN K 362 -68.14 36.62 -57.03
N GLU K 363 -67.53 36.64 -55.85
CA GLU K 363 -66.41 37.54 -55.62
C GLU K 363 -65.12 36.94 -56.17
N THR K 364 -64.18 37.82 -56.48
CA THR K 364 -62.88 37.43 -56.99
C THR K 364 -61.84 38.40 -56.46
N GLY K 365 -60.59 37.94 -56.42
CA GLY K 365 -59.49 38.74 -55.93
C GLY K 365 -58.98 38.23 -54.59
N ASP K 366 -57.97 38.94 -54.07
CA ASP K 366 -57.32 38.55 -52.83
C ASP K 366 -57.93 39.19 -51.60
N GLU K 367 -58.75 40.23 -51.76
CA GLU K 367 -59.36 40.91 -50.63
C GLU K 367 -60.86 41.03 -50.83
N PRO K 368 -61.64 41.01 -49.75
CA PRO K 368 -63.09 41.09 -49.88
C PRO K 368 -63.55 42.43 -50.43
N PHE K 369 -64.67 42.40 -51.15
CA PHE K 369 -65.25 43.63 -51.70
C PHE K 369 -65.90 44.43 -50.57
N GLN K 370 -65.15 45.36 -49.99
CA GLN K 370 -65.54 45.99 -48.73
C GLN K 370 -66.30 47.30 -48.95
N TYR K 371 -67.35 47.29 -49.77
CA TYR K 371 -68.28 48.40 -49.83
C TYR K 371 -69.68 47.98 -49.40
N LYS K 372 -70.28 47.04 -50.09
CA LYS K 372 -71.53 46.38 -49.72
C LYS K 372 -71.43 44.87 -49.84
N ASN K 373 -70.68 44.38 -50.82
CA ASN K 373 -70.53 42.94 -51.05
C ASN K 373 -69.69 42.29 -49.97
N THR L 2 -50.91 21.80 -0.38
CA THR L 2 -51.77 20.70 0.07
C THR L 2 -53.05 21.23 0.70
N THR L 3 -53.94 20.30 1.04
CA THR L 3 -55.20 20.61 1.71
C THR L 3 -55.17 20.10 3.14
N SER L 4 -56.17 20.51 3.91
CA SER L 4 -56.20 20.20 5.33
C SER L 4 -56.55 18.72 5.55
N ALA L 5 -56.15 18.22 6.72
CA ALA L 5 -56.50 16.86 7.10
C ALA L 5 -58.00 16.70 7.29
N SER L 6 -58.69 17.75 7.75
CA SER L 6 -60.14 17.68 7.92
C SER L 6 -60.86 17.49 6.58
N SER L 7 -60.29 18.02 5.49
CA SER L 7 -60.91 17.88 4.19
C SER L 7 -60.77 16.47 3.61
N HIS L 8 -59.92 15.62 4.21
CA HIS L 8 -59.74 14.26 3.75
C HIS L 8 -60.69 13.27 4.43
N LEU L 9 -61.50 13.72 5.38
CA LEU L 9 -62.50 12.85 5.97
C LEU L 9 -63.62 12.55 4.97
N ASN L 10 -64.31 11.44 5.21
CA ASN L 10 -65.38 11.01 4.31
C ASN L 10 -66.55 11.97 4.42
N LYS L 11 -66.74 12.80 3.38
CA LYS L 11 -67.82 13.78 3.40
C LYS L 11 -69.18 13.14 3.12
N GLY L 12 -69.22 11.92 2.59
CA GLY L 12 -70.49 11.23 2.45
C GLY L 12 -71.10 10.88 3.80
N ILE L 13 -70.25 10.58 4.79
CA ILE L 13 -70.74 10.29 6.14
C ILE L 13 -71.43 11.50 6.73
N LYS L 14 -70.85 12.69 6.56
CA LYS L 14 -71.46 13.90 7.10
C LYS L 14 -72.82 14.17 6.45
N GLN L 15 -72.92 13.92 5.14
CA GLN L 15 -74.18 14.17 4.44
C GLN L 15 -75.30 13.28 4.95
N VAL L 16 -74.96 12.07 5.42
CA VAL L 16 -75.97 11.19 6.00
C VAL L 16 -76.55 11.79 7.27
N TYR L 17 -75.69 12.32 8.14
CA TYR L 17 -76.17 12.92 9.38
C TYR L 17 -76.94 14.20 9.11
N MET L 18 -76.52 15.00 8.13
CA MET L 18 -77.21 16.25 7.83
C MET L 18 -78.58 16.03 7.21
N SER L 19 -78.89 14.83 6.74
CA SER L 19 -80.20 14.53 6.16
C SER L 19 -81.23 14.16 7.22
N LEU L 20 -80.85 14.01 8.48
CA LEU L 20 -81.81 13.72 9.53
C LEU L 20 -82.76 14.91 9.71
N PRO L 21 -84.06 14.65 9.84
CA PRO L 21 -84.99 15.75 10.14
C PRO L 21 -84.64 16.42 11.46
N GLN L 22 -84.69 17.76 11.46
CA GLN L 22 -84.21 18.52 12.61
C GLN L 22 -85.18 18.42 13.79
N GLY L 23 -86.48 18.55 13.53
CA GLY L 23 -87.44 18.62 14.59
C GLY L 23 -88.00 20.02 14.78
N GLU L 24 -88.14 20.45 16.04
CA GLU L 24 -88.68 21.77 16.34
C GLU L 24 -87.62 22.79 16.75
N LYS L 25 -86.45 22.34 17.21
CA LYS L 25 -85.41 23.27 17.63
C LYS L 25 -84.76 23.92 16.41
N VAL L 26 -84.17 25.09 16.65
CA VAL L 26 -83.56 25.90 15.60
C VAL L 26 -82.17 26.32 16.05
N GLN L 27 -81.19 26.18 15.15
CA GLN L 27 -79.83 26.59 15.42
C GLN L 27 -79.61 28.02 14.94
N ALA L 28 -78.81 28.79 15.68
CA ALA L 28 -78.44 30.14 15.32
C ALA L 28 -76.96 30.34 15.59
N MET L 29 -76.23 30.80 14.58
CA MET L 29 -74.78 30.96 14.66
C MET L 29 -74.47 32.45 14.80
N TYR L 30 -73.72 32.80 15.85
CA TYR L 30 -73.39 34.18 16.15
C TYR L 30 -72.00 34.51 15.63
N ILE L 31 -71.91 35.55 14.80
CA ILE L 31 -70.66 35.95 14.16
C ILE L 31 -70.28 37.34 14.62
N TRP L 32 -69.00 37.54 14.95
CA TRP L 32 -68.51 38.85 15.35
C TRP L 32 -67.04 39.00 14.93
N ILE L 33 -66.61 40.25 14.85
CA ILE L 33 -65.25 40.60 14.45
C ILE L 33 -64.37 40.65 15.70
N ASP L 34 -63.20 40.02 15.63
CA ASP L 34 -62.33 39.86 16.78
C ASP L 34 -61.45 41.11 16.97
N GLY L 35 -60.46 41.00 17.87
CA GLY L 35 -59.63 42.13 18.26
C GLY L 35 -58.60 42.57 17.26
N THR L 36 -58.29 41.74 16.25
CA THR L 36 -57.37 42.16 15.21
C THR L 36 -58.02 43.11 14.22
N GLY L 37 -59.34 43.19 14.20
CA GLY L 37 -60.05 44.06 13.28
C GLY L 37 -60.30 43.47 11.91
N GLU L 38 -59.80 42.27 11.64
CA GLU L 38 -60.00 41.65 10.33
C GLU L 38 -60.39 40.18 10.38
N GLY L 39 -60.31 39.52 11.54
CA GLY L 39 -60.73 38.14 11.66
C GLY L 39 -62.15 38.00 12.20
N LEU L 40 -62.72 36.82 12.00
CA LEU L 40 -64.08 36.53 12.40
C LEU L 40 -64.12 35.37 13.38
N ARG L 41 -65.12 35.39 14.27
CA ARG L 41 -65.35 34.32 15.24
C ARG L 41 -66.81 33.94 15.23
N CYS L 42 -67.10 32.69 15.61
CA CYS L 42 -68.47 32.19 15.57
C CYS L 42 -68.67 31.08 16.59
N LYS L 43 -69.93 30.92 17.00
CA LYS L 43 -70.38 29.79 17.81
C LYS L 43 -71.89 29.71 17.71
N THR L 44 -72.44 28.57 18.16
CA THR L 44 -73.83 28.21 17.91
C THR L 44 -74.59 28.01 19.22
N ARG L 45 -75.87 28.37 19.19
CA ARG L 45 -76.79 28.10 20.30
C ARG L 45 -78.11 27.60 19.74
N THR L 46 -78.87 26.93 20.61
CA THR L 46 -80.15 26.34 20.23
C THR L 46 -81.30 27.26 20.69
N LEU L 47 -82.25 27.49 19.80
CA LEU L 47 -83.43 28.28 20.11
C LEU L 47 -84.67 27.39 20.09
N ASP L 48 -85.70 27.82 20.84
CA ASP L 48 -86.92 27.02 20.94
C ASP L 48 -87.75 27.10 19.66
N SER L 49 -87.76 28.25 19.00
CA SER L 49 -88.57 28.44 17.81
C SER L 49 -87.83 29.33 16.83
N GLU L 50 -88.26 29.29 15.58
CA GLU L 50 -87.60 30.05 14.52
C GLU L 50 -87.89 31.53 14.69
N PRO L 51 -86.87 32.39 14.78
CA PRO L 51 -87.13 33.82 14.92
C PRO L 51 -87.63 34.42 13.60
N LYS L 52 -88.62 35.32 13.72
CA LYS L 52 -89.18 35.97 12.55
C LYS L 52 -88.45 37.26 12.18
N CYS L 53 -87.65 37.81 13.08
CA CYS L 53 -86.89 39.02 12.81
C CYS L 53 -85.73 39.08 13.78
N VAL L 54 -84.75 39.94 13.46
CA VAL L 54 -83.54 40.05 14.27
C VAL L 54 -83.80 40.67 15.64
N GLU L 55 -84.96 41.29 15.84
CA GLU L 55 -85.21 42.00 17.08
C GLU L 55 -85.49 41.05 18.24
N GLU L 56 -85.95 39.83 17.94
CA GLU L 56 -86.29 38.87 18.99
C GLU L 56 -85.18 37.85 19.24
N LEU L 57 -84.00 38.08 18.71
CA LEU L 57 -82.84 37.24 19.05
C LEU L 57 -82.27 37.69 20.40
N PRO L 58 -82.09 36.78 21.34
CA PRO L 58 -81.54 37.17 22.65
C PRO L 58 -80.09 37.61 22.53
N GLU L 59 -79.67 38.44 23.49
CA GLU L 59 -78.27 38.81 23.59
C GLU L 59 -77.44 37.63 24.11
N TRP L 60 -76.13 37.71 23.87
CA TRP L 60 -75.24 36.64 24.28
C TRP L 60 -73.93 37.26 24.74
N ASN L 61 -72.92 36.41 24.94
CA ASN L 61 -71.63 36.86 25.47
C ASN L 61 -70.57 35.82 25.13
N PHE L 62 -69.31 36.19 25.38
CA PHE L 62 -68.19 35.30 25.16
C PHE L 62 -67.03 35.75 26.04
N ASP L 63 -65.94 35.01 25.99
CA ASP L 63 -64.75 35.29 26.79
C ASP L 63 -63.79 36.13 25.96
N GLY L 64 -63.62 37.40 26.35
CA GLY L 64 -62.78 38.31 25.59
C GLY L 64 -61.29 38.11 25.76
N SER L 65 -60.87 37.46 26.85
CA SER L 65 -59.45 37.20 27.03
C SER L 65 -58.93 36.17 26.03
N SER L 66 -59.78 35.24 25.61
CA SER L 66 -59.42 34.26 24.60
C SER L 66 -59.44 34.83 23.19
N THR L 67 -59.99 36.04 23.00
CA THR L 67 -60.07 36.67 21.69
C THR L 67 -59.18 37.90 21.60
N LEU L 68 -58.29 38.11 22.57
CA LEU L 68 -57.37 39.25 22.59
C LEU L 68 -58.11 40.58 22.60
N GLN L 69 -59.28 40.60 23.25
CA GLN L 69 -60.06 41.82 23.41
C GLN L 69 -60.20 42.24 24.86
N SER L 70 -59.57 41.54 25.79
CA SER L 70 -59.65 41.89 27.21
C SER L 70 -58.45 41.29 27.93
N GLU L 71 -58.17 41.84 29.12
CA GLU L 71 -57.06 41.38 29.93
C GLU L 71 -57.50 41.30 31.39
N GLY L 72 -56.96 40.32 32.10
CA GLY L 72 -57.22 40.20 33.54
C GLY L 72 -58.68 40.03 33.86
N SER L 73 -59.12 40.71 34.91
CA SER L 73 -60.52 40.67 35.31
C SER L 73 -61.38 41.48 34.34
N ASN L 74 -62.70 41.36 34.52
CA ASN L 74 -63.67 41.97 33.61
C ASN L 74 -63.44 41.52 32.18
N SER L 75 -63.24 40.21 32.01
CA SER L 75 -62.93 39.64 30.70
C SER L 75 -64.17 39.34 29.87
N ASP L 76 -65.37 39.46 30.45
CA ASP L 76 -66.57 39.15 29.70
C ASP L 76 -66.91 40.25 28.71
N MET L 77 -67.27 39.85 27.49
CA MET L 77 -67.73 40.76 26.45
C MET L 77 -69.15 40.35 26.05
N TYR L 78 -69.86 41.24 25.38
CA TYR L 78 -71.25 41.03 25.05
C TYR L 78 -71.49 41.12 23.56
N LEU L 79 -72.49 40.37 23.08
CA LEU L 79 -72.86 40.31 21.68
C LEU L 79 -74.30 40.78 21.53
N VAL L 80 -74.52 41.73 20.64
CA VAL L 80 -75.84 42.26 20.34
C VAL L 80 -76.14 42.00 18.87
N PRO L 81 -77.18 41.23 18.55
CA PRO L 81 -77.49 40.94 17.14
C PRO L 81 -77.80 42.21 16.36
N ALA L 82 -77.36 42.24 15.10
CA ALA L 82 -77.57 43.38 14.22
C ALA L 82 -78.30 43.01 12.94
N ALA L 83 -78.02 41.85 12.35
CA ALA L 83 -78.66 41.44 11.11
C ALA L 83 -78.76 39.92 11.07
N MET L 84 -79.84 39.43 10.44
CA MET L 84 -80.08 38.01 10.26
C MET L 84 -79.94 37.62 8.80
N PHE L 85 -79.52 36.37 8.57
CA PHE L 85 -79.48 35.79 7.25
C PHE L 85 -79.80 34.31 7.36
N ARG L 86 -80.28 33.75 6.25
CA ARG L 86 -80.52 32.31 6.20
C ARG L 86 -79.19 31.56 6.22
N ASP L 87 -79.18 30.40 6.88
CA ASP L 87 -77.96 29.61 6.99
C ASP L 87 -77.83 28.70 5.77
N PRO L 88 -76.80 28.87 4.94
CA PRO L 88 -76.64 27.98 3.79
C PRO L 88 -75.97 26.66 4.12
N PHE L 89 -75.32 26.54 5.28
CA PHE L 89 -74.62 25.33 5.65
C PHE L 89 -75.48 24.37 6.44
N ARG L 90 -76.54 24.85 7.08
CA ARG L 90 -77.49 24.02 7.79
C ARG L 90 -78.90 24.12 7.23
N LYS L 91 -79.16 25.02 6.28
CA LYS L 91 -80.43 25.17 5.60
C LYS L 91 -81.53 25.67 6.54
N ASP L 92 -82.70 25.95 5.99
CA ASP L 92 -83.81 26.47 6.78
C ASP L 92 -84.23 25.45 7.83
N PRO L 93 -84.73 25.91 8.99
CA PRO L 93 -84.93 27.30 9.41
C PRO L 93 -83.79 27.88 10.23
N ASN L 94 -82.57 27.36 10.08
CA ASN L 94 -81.43 27.87 10.83
C ASN L 94 -80.97 29.21 10.27
N LYS L 95 -80.27 29.98 11.11
CA LYS L 95 -79.95 31.37 10.82
C LYS L 95 -78.49 31.69 11.09
N LEU L 96 -77.99 32.70 10.39
CA LEU L 96 -76.72 33.34 10.68
C LEU L 96 -76.98 34.74 11.24
N VAL L 97 -76.27 35.10 12.31
CA VAL L 97 -76.49 36.37 13.00
C VAL L 97 -75.17 37.11 13.10
N LEU L 98 -75.10 38.28 12.48
CA LEU L 98 -73.97 39.18 12.67
C LEU L 98 -74.24 40.09 13.86
N CYS L 99 -73.28 40.20 14.77
CA CYS L 99 -73.48 40.87 16.04
C CYS L 99 -72.46 41.98 16.24
N GLU L 100 -72.83 42.94 17.08
CA GLU L 100 -71.93 43.96 17.57
C GLU L 100 -71.33 43.53 18.90
N VAL L 101 -70.15 44.06 19.21
CA VAL L 101 -69.39 43.67 20.39
C VAL L 101 -69.32 44.87 21.33
N PHE L 102 -69.62 44.64 22.61
CA PHE L 102 -69.59 45.67 23.64
C PHE L 102 -68.79 45.18 24.84
N LYS L 103 -68.24 46.13 25.58
CA LYS L 103 -67.43 45.80 26.75
C LYS L 103 -68.33 45.49 27.94
N TYR L 104 -67.70 45.06 29.05
CA TYR L 104 -68.48 44.72 30.25
C TYR L 104 -69.24 45.92 30.79
N ASN L 105 -68.75 47.13 30.52
CA ASN L 105 -69.43 48.36 30.93
C ASN L 105 -70.26 48.98 29.81
N ARG L 106 -70.62 48.20 28.81
CA ARG L 106 -71.59 48.56 27.77
C ARG L 106 -71.09 49.67 26.84
N ARG L 107 -69.79 49.84 26.73
CA ARG L 107 -69.33 50.75 25.69
C ARG L 107 -68.76 49.95 24.52
N PRO L 108 -68.81 50.50 23.30
CA PRO L 108 -68.39 49.73 22.12
C PRO L 108 -66.94 49.30 22.20
N ALA L 109 -66.67 48.12 21.65
CA ALA L 109 -65.32 47.59 21.59
C ALA L 109 -64.47 48.41 20.63
N GLU L 110 -63.15 48.22 20.72
CA GLU L 110 -62.23 49.01 19.91
C GLU L 110 -62.43 48.75 18.42
N THR L 111 -62.68 47.50 18.04
CA THR L 111 -62.91 47.13 16.65
C THR L 111 -64.38 47.23 16.26
N ASN L 112 -65.25 47.62 17.18
CA ASN L 112 -66.68 47.78 16.88
C ASN L 112 -66.86 49.15 16.23
N LEU L 113 -66.64 49.17 14.92
CA LEU L 113 -66.76 50.40 14.13
C LEU L 113 -68.15 50.57 13.52
N ARG L 114 -69.05 49.60 13.70
CA ARG L 114 -70.40 49.74 13.18
C ARG L 114 -71.22 50.72 14.01
N HIS L 115 -70.96 50.79 15.32
CA HIS L 115 -71.77 51.64 16.20
C HIS L 115 -71.74 53.09 15.76
N THR L 116 -70.54 53.63 15.52
CA THR L 116 -70.43 55.02 15.09
C THR L 116 -70.83 55.20 13.64
N CYS L 117 -70.68 54.15 12.82
CA CYS L 117 -71.04 54.26 11.41
C CYS L 117 -72.55 54.33 11.22
N LYS L 118 -73.30 53.62 12.07
CA LYS L 118 -74.76 53.66 11.96
C LYS L 118 -75.30 55.04 12.25
N ARG L 119 -74.74 55.71 13.26
CA ARG L 119 -75.19 57.07 13.59
C ARG L 119 -74.88 58.04 12.46
N ILE L 120 -73.71 57.89 11.82
CA ILE L 120 -73.37 58.74 10.69
C ILE L 120 -74.34 58.52 9.54
N MET L 121 -74.74 57.25 9.32
CA MET L 121 -75.59 56.93 8.20
C MET L 121 -77.00 57.48 8.38
N ASP L 122 -77.49 57.51 9.62
CA ASP L 122 -78.84 58.00 9.87
C ASP L 122 -78.96 59.50 9.64
N MET L 123 -77.84 60.22 9.68
CA MET L 123 -77.87 61.68 9.54
C MET L 123 -78.19 62.10 8.10
N VAL L 124 -77.87 61.25 7.12
CA VAL L 124 -78.04 61.61 5.72
C VAL L 124 -78.98 60.62 5.04
N SER L 125 -79.87 60.01 5.84
CA SER L 125 -80.73 58.95 5.32
C SER L 125 -81.59 59.42 4.16
N ASN L 126 -82.01 60.69 4.17
CA ASN L 126 -82.87 61.20 3.09
C ASN L 126 -82.15 61.23 1.75
N GLN L 127 -80.82 61.22 1.73
CA GLN L 127 -80.07 61.24 0.49
C GLN L 127 -79.88 59.85 -0.13
N HIS L 128 -80.15 58.79 0.62
CA HIS L 128 -80.09 57.41 0.16
C HIS L 128 -78.75 57.07 -0.50
N PRO L 129 -77.65 57.04 0.26
CA PRO L 129 -76.36 56.68 -0.34
C PRO L 129 -76.30 55.20 -0.65
N TRP L 130 -75.89 54.88 -1.88
CA TRP L 130 -75.73 53.51 -2.33
C TRP L 130 -74.24 53.17 -2.40
N PHE L 131 -73.91 51.92 -2.06
CA PHE L 131 -72.54 51.44 -2.08
C PHE L 131 -72.46 50.11 -2.82
N GLY L 132 -71.35 49.91 -3.53
CA GLY L 132 -71.04 48.66 -4.16
C GLY L 132 -69.56 48.37 -4.13
N MET L 133 -69.16 47.24 -3.57
CA MET L 133 -67.76 46.93 -3.33
C MET L 133 -67.36 45.65 -4.04
N GLU L 134 -66.19 45.67 -4.67
CA GLU L 134 -65.64 44.54 -5.40
C GLU L 134 -64.53 43.92 -4.56
N GLN L 135 -64.77 42.74 -4.00
CA GLN L 135 -63.83 42.08 -3.11
C GLN L 135 -62.99 41.08 -3.89
N GLU L 136 -61.68 41.25 -3.85
CA GLU L 136 -60.74 40.32 -4.48
C GLU L 136 -60.03 39.50 -3.41
N TYR L 137 -59.64 38.29 -3.78
CA TYR L 137 -59.03 37.36 -2.82
C TYR L 137 -58.25 36.31 -3.58
N THR L 138 -57.35 35.63 -2.86
CA THR L 138 -56.52 34.58 -3.42
C THR L 138 -56.71 33.29 -2.64
N LEU L 139 -56.83 32.18 -3.36
CA LEU L 139 -56.96 30.87 -2.74
C LEU L 139 -55.58 30.27 -2.52
N MET L 140 -55.34 29.79 -1.30
CA MET L 140 -54.04 29.27 -0.90
C MET L 140 -54.18 27.85 -0.36
N GLY L 141 -53.19 27.02 -0.65
CA GLY L 141 -53.06 25.76 0.05
C GLY L 141 -52.61 25.97 1.47
N THR L 142 -52.70 24.91 2.26
CA THR L 142 -52.32 25.01 3.67
C THR L 142 -50.81 25.11 3.87
N ASP L 143 -50.03 25.10 2.79
CA ASP L 143 -48.57 25.28 2.87
C ASP L 143 -48.13 26.72 2.64
N GLY L 144 -49.06 27.65 2.48
CA GLY L 144 -48.71 29.04 2.24
C GLY L 144 -48.39 29.38 0.80
N HIS L 145 -48.70 28.49 -0.14
CA HIS L 145 -48.48 28.68 -1.55
C HIS L 145 -49.83 28.72 -2.27
N PRO L 146 -49.98 29.54 -3.31
CA PRO L 146 -51.29 29.65 -3.97
C PRO L 146 -51.78 28.30 -4.46
N PHE L 147 -53.09 28.08 -4.33
CA PHE L 147 -53.67 26.79 -4.67
C PHE L 147 -53.55 26.53 -6.17
N GLY L 148 -53.11 25.32 -6.51
CA GLY L 148 -52.94 24.93 -7.90
C GLY L 148 -51.64 25.34 -8.55
N TRP L 149 -50.81 26.14 -7.87
CA TRP L 149 -49.53 26.53 -8.42
C TRP L 149 -48.55 25.36 -8.36
N PRO L 150 -47.54 25.34 -9.22
CA PRO L 150 -46.54 24.26 -9.17
C PRO L 150 -45.79 24.27 -7.85
N SER L 151 -45.42 23.08 -7.38
CA SER L 151 -44.72 22.94 -6.12
C SER L 151 -43.36 23.62 -6.19
N ASN L 152 -43.15 24.59 -5.29
CA ASN L 152 -41.91 25.37 -5.24
C ASN L 152 -41.60 26.02 -6.59
N GLY L 153 -42.61 26.59 -7.21
CA GLY L 153 -42.44 27.15 -8.54
C GLY L 153 -43.57 28.09 -8.91
N PHE L 154 -43.61 28.44 -10.20
CA PHE L 154 -44.55 29.42 -10.71
C PHE L 154 -45.26 28.90 -11.94
N PRO L 155 -46.47 29.39 -12.21
CA PRO L 155 -47.12 29.11 -13.50
C PRO L 155 -46.58 30.00 -14.60
N GLY L 156 -47.18 29.93 -15.79
CA GLY L 156 -46.80 30.79 -16.88
C GLY L 156 -47.13 32.24 -16.61
N PRO L 157 -46.61 33.14 -17.43
CA PRO L 157 -46.83 34.58 -17.18
C PRO L 157 -48.29 34.97 -17.34
N GLN L 158 -48.64 36.06 -16.67
CA GLN L 158 -50.02 36.56 -16.67
C GLN L 158 -50.49 36.89 -18.08
N GLY L 159 -51.81 36.93 -18.24
CA GLY L 159 -52.42 37.26 -19.51
C GLY L 159 -53.53 36.33 -19.97
N PRO L 160 -53.38 35.02 -19.78
CA PRO L 160 -54.49 34.10 -20.10
C PRO L 160 -55.45 33.84 -18.95
N TYR L 161 -55.11 34.21 -17.72
CA TYR L 161 -55.91 33.82 -16.56
C TYR L 161 -57.10 34.75 -16.32
N TYR L 162 -57.08 35.97 -16.84
CA TYR L 162 -58.15 36.92 -16.57
C TYR L 162 -59.44 36.46 -17.25
N CYS L 163 -60.47 36.20 -16.44
CA CYS L 163 -61.76 35.71 -16.93
C CYS L 163 -61.59 34.45 -17.78
N GLY L 164 -60.64 33.61 -17.41
CA GLY L 164 -60.30 32.46 -18.22
C GLY L 164 -61.20 31.26 -17.97
N VAL L 165 -61.15 30.32 -18.90
CA VAL L 165 -61.88 29.06 -18.80
C VAL L 165 -60.96 27.93 -19.25
N GLY L 166 -61.03 26.80 -18.54
CA GLY L 166 -60.19 25.66 -18.85
C GLY L 166 -59.39 25.18 -17.65
N ALA L 167 -58.89 23.93 -17.74
CA ALA L 167 -58.16 23.36 -16.61
C ALA L 167 -56.83 24.07 -16.36
N ASP L 168 -56.24 24.67 -17.39
CA ASP L 168 -54.96 25.34 -17.28
C ASP L 168 -55.10 26.85 -17.08
N ARG L 169 -56.30 27.35 -16.87
CA ARG L 169 -56.49 28.80 -16.76
C ARG L 169 -57.21 29.23 -15.50
N ALA L 170 -58.19 28.46 -15.01
CA ALA L 170 -58.94 28.79 -13.81
C ALA L 170 -58.63 27.77 -12.72
N TYR L 171 -58.20 28.26 -11.56
CA TYR L 171 -57.80 27.42 -10.43
C TYR L 171 -58.83 27.56 -9.32
N GLY L 172 -59.62 26.52 -9.10
CA GLY L 172 -60.51 26.49 -7.95
C GLY L 172 -61.87 27.11 -8.18
N ARG L 173 -62.50 26.82 -9.32
CA ARG L 173 -63.83 27.36 -9.59
C ARG L 173 -64.91 26.68 -8.77
N ASP L 174 -64.63 25.50 -8.19
CA ASP L 174 -65.62 24.84 -7.34
C ASP L 174 -65.96 25.70 -6.13
N ILE L 175 -64.94 26.31 -5.51
CA ILE L 175 -65.18 27.21 -4.38
C ILE L 175 -66.03 28.39 -4.80
N VAL L 176 -65.72 28.98 -5.96
CA VAL L 176 -66.41 30.19 -6.40
C VAL L 176 -67.88 29.89 -6.68
N GLU L 177 -68.16 28.79 -7.38
CA GLU L 177 -69.55 28.43 -7.67
C GLU L 177 -70.33 28.14 -6.39
N ALA L 178 -69.71 27.44 -5.45
CA ALA L 178 -70.38 27.14 -4.19
C ALA L 178 -70.66 28.41 -3.39
N HIS L 179 -69.69 29.32 -3.36
CA HIS L 179 -69.87 30.57 -2.61
C HIS L 179 -70.97 31.43 -3.23
N TYR L 180 -71.04 31.47 -4.56
CA TYR L 180 -72.07 32.26 -5.23
C TYR L 180 -73.46 31.76 -4.88
N ARG L 181 -73.66 30.43 -4.91
CA ARG L 181 -74.97 29.87 -4.60
C ARG L 181 -75.31 30.01 -3.11
N ALA L 182 -74.29 29.92 -2.25
CA ALA L 182 -74.52 30.06 -0.82
C ALA L 182 -74.95 31.48 -0.47
N CYS L 183 -74.33 32.49 -1.08
CA CYS L 183 -74.70 33.87 -0.81
C CYS L 183 -76.12 34.17 -1.30
N LEU L 184 -76.50 33.65 -2.47
CA LEU L 184 -77.85 33.87 -2.96
C LEU L 184 -78.88 33.26 -2.04
N TYR L 185 -78.61 32.06 -1.53
CA TYR L 185 -79.53 31.40 -0.60
C TYR L 185 -79.66 32.17 0.70
N ALA L 186 -78.54 32.70 1.21
CA ALA L 186 -78.55 33.40 2.49
C ALA L 186 -79.26 34.74 2.43
N GLY L 187 -79.35 35.35 1.25
CA GLY L 187 -79.87 36.70 1.12
C GLY L 187 -78.83 37.78 0.96
N VAL L 188 -77.55 37.41 0.81
CA VAL L 188 -76.51 38.40 0.55
C VAL L 188 -76.67 38.93 -0.87
N LYS L 189 -76.55 40.25 -1.01
CA LYS L 189 -76.74 40.91 -2.31
C LYS L 189 -75.43 40.83 -3.11
N ILE L 190 -75.20 39.66 -3.69
CA ILE L 190 -74.03 39.42 -4.53
C ILE L 190 -74.38 39.78 -5.96
N ALA L 191 -73.50 40.55 -6.61
CA ALA L 191 -73.78 41.09 -7.93
C ALA L 191 -73.09 40.35 -9.07
N GLY L 192 -72.04 39.58 -8.78
CA GLY L 192 -71.36 38.84 -9.81
C GLY L 192 -69.96 38.46 -9.39
N THR L 193 -69.33 37.63 -10.23
CA THR L 193 -67.98 37.14 -9.97
C THR L 193 -67.20 37.11 -11.28
N ASN L 194 -65.87 37.08 -11.15
CA ASN L 194 -64.99 36.91 -12.30
C ASN L 194 -63.63 36.45 -11.81
N ALA L 195 -62.90 35.77 -12.70
CA ALA L 195 -61.53 35.37 -12.42
C ALA L 195 -60.59 36.54 -12.69
N GLU L 196 -59.54 36.63 -11.87
CA GLU L 196 -58.66 37.80 -11.88
C GLU L 196 -57.40 37.54 -12.71
N VAL L 197 -56.50 38.53 -12.71
CA VAL L 197 -55.32 38.49 -13.56
C VAL L 197 -54.38 37.37 -13.13
N MET L 198 -54.16 37.22 -11.84
CA MET L 198 -53.29 36.17 -11.31
C MET L 198 -54.08 34.87 -11.17
N PRO L 199 -53.52 33.73 -11.58
CA PRO L 199 -54.22 32.46 -11.40
C PRO L 199 -54.42 32.15 -9.92
N ALA L 200 -55.56 31.52 -9.61
CA ALA L 200 -56.05 31.24 -8.25
C ALA L 200 -56.47 32.51 -7.52
N GLN L 201 -56.67 33.61 -8.23
CA GLN L 201 -57.20 34.85 -7.67
C GLN L 201 -58.56 35.13 -8.28
N TRP L 202 -59.49 35.61 -7.46
CA TRP L 202 -60.89 35.75 -7.86
C TRP L 202 -61.46 37.04 -7.31
N GLU L 203 -62.69 37.36 -7.73
CA GLU L 203 -63.38 38.56 -7.29
C GLU L 203 -64.88 38.30 -7.27
N PHE L 204 -65.55 38.90 -6.30
CA PHE L 204 -67.01 38.98 -6.30
C PHE L 204 -67.44 40.38 -5.91
N GLN L 205 -68.62 40.78 -6.36
CA GLN L 205 -69.14 42.12 -6.14
C GLN L 205 -70.40 42.07 -5.26
N ILE L 206 -70.49 43.02 -4.33
CA ILE L 206 -71.62 43.13 -3.42
C ILE L 206 -72.25 44.51 -3.60
N GLY L 207 -73.56 44.54 -3.83
CA GLY L 207 -74.28 45.78 -3.93
C GLY L 207 -75.23 45.81 -5.10
N PRO L 208 -75.89 46.96 -5.32
CA PRO L 208 -75.81 48.21 -4.55
C PRO L 208 -76.60 48.13 -3.23
N CYS L 209 -75.94 48.37 -2.11
CA CYS L 209 -76.56 48.28 -0.79
C CYS L 209 -76.69 49.68 -0.20
N GLU L 210 -77.88 50.00 0.29
CA GLU L 210 -78.15 51.34 0.81
C GLU L 210 -77.71 51.44 2.28
N GLY L 211 -76.86 52.43 2.55
CA GLY L 211 -76.58 52.79 3.93
C GLY L 211 -75.74 51.76 4.67
N ILE L 212 -76.18 51.46 5.90
CA ILE L 212 -75.40 50.60 6.80
C ILE L 212 -75.45 49.15 6.34
N SER L 213 -76.40 48.80 5.46
CA SER L 213 -76.53 47.41 5.03
C SER L 213 -75.34 46.96 4.19
N MET L 214 -74.55 47.91 3.68
CA MET L 214 -73.38 47.54 2.89
C MET L 214 -72.35 46.81 3.74
N GLY L 215 -72.09 47.31 4.95
CA GLY L 215 -71.11 46.66 5.82
C GLY L 215 -71.58 45.33 6.35
N ASP L 216 -72.90 45.17 6.54
CA ASP L 216 -73.43 43.90 7.01
C ASP L 216 -73.30 42.82 5.94
N HIS L 217 -73.64 43.15 4.69
CA HIS L 217 -73.64 42.15 3.63
C HIS L 217 -72.23 41.70 3.28
N LEU L 218 -71.27 42.63 3.28
CA LEU L 218 -69.90 42.28 2.92
C LEU L 218 -69.25 41.41 3.99
N TRP L 219 -69.50 41.71 5.27
CA TRP L 219 -68.89 40.93 6.34
C TRP L 219 -69.46 39.52 6.39
N VAL L 220 -70.76 39.37 6.11
CA VAL L 220 -71.37 38.04 6.05
C VAL L 220 -70.85 37.29 4.83
N ALA L 221 -70.67 37.99 3.71
CA ALA L 221 -70.11 37.35 2.52
C ALA L 221 -68.69 36.83 2.77
N ARG L 222 -67.88 37.57 3.54
CA ARG L 222 -66.55 37.11 3.88
C ARG L 222 -66.61 35.87 4.77
N PHE L 223 -67.54 35.84 5.73
CA PHE L 223 -67.68 34.67 6.59
C PHE L 223 -68.06 33.44 5.78
N ILE L 224 -68.98 33.60 4.83
CA ILE L 224 -69.43 32.47 4.02
C ILE L 224 -68.27 31.93 3.18
N LEU L 225 -67.42 32.82 2.67
CA LEU L 225 -66.28 32.38 1.89
C LEU L 225 -65.30 31.58 2.74
N HIS L 226 -65.00 32.06 3.95
CA HIS L 226 -64.12 31.32 4.85
C HIS L 226 -64.70 29.96 5.21
N ARG L 227 -66.01 29.91 5.49
CA ARG L 227 -66.65 28.66 5.85
C ARG L 227 -66.72 27.70 4.67
N VAL L 228 -66.99 28.22 3.47
CA VAL L 228 -67.00 27.38 2.27
C VAL L 228 -65.61 26.84 1.98
N CYS L 229 -64.58 27.69 2.08
CA CYS L 229 -63.22 27.23 1.83
C CYS L 229 -62.77 26.22 2.87
N GLU L 230 -63.31 26.32 4.10
CA GLU L 230 -62.99 25.35 5.13
C GLU L 230 -63.47 23.95 4.74
N ASP L 231 -64.62 23.85 4.08
CA ASP L 231 -65.11 22.56 3.64
C ASP L 231 -64.17 21.91 2.63
N PHE L 232 -63.64 22.70 1.69
CA PHE L 232 -62.74 22.18 0.67
C PHE L 232 -61.30 22.02 1.17
N GLY L 233 -60.96 22.59 2.32
CA GLY L 233 -59.62 22.44 2.86
C GLY L 233 -58.60 23.44 2.37
N VAL L 234 -59.05 24.57 1.82
CA VAL L 234 -58.16 25.61 1.33
C VAL L 234 -58.37 26.87 2.17
N ILE L 235 -57.48 27.84 1.97
CA ILE L 235 -57.49 29.09 2.73
C ILE L 235 -57.74 30.24 1.77
N ALA L 236 -58.70 31.09 2.10
CA ALA L 236 -58.96 32.33 1.36
C ALA L 236 -58.30 33.48 2.09
N THR L 237 -57.42 34.20 1.40
CA THR L 237 -56.67 35.30 1.99
C THR L 237 -57.09 36.61 1.33
N PHE L 238 -57.16 37.67 2.14
CA PHE L 238 -57.48 39.01 1.67
C PHE L 238 -56.26 39.92 1.69
N ASP L 239 -55.06 39.36 1.67
CA ASP L 239 -53.84 40.15 1.72
C ASP L 239 -53.71 41.00 0.47
N PRO L 240 -53.30 42.27 0.60
CA PRO L 240 -53.18 43.12 -0.60
C PRO L 240 -52.14 42.65 -1.61
N LYS L 241 -51.05 42.04 -1.16
CA LYS L 241 -49.99 41.56 -2.05
C LYS L 241 -49.54 40.19 -1.59
N PRO L 242 -50.35 39.14 -1.84
CA PRO L 242 -49.98 37.80 -1.37
C PRO L 242 -48.67 37.27 -1.94
N ILE L 243 -48.34 37.59 -3.18
CA ILE L 243 -47.14 37.11 -3.84
C ILE L 243 -46.36 38.31 -4.35
N PRO L 244 -45.09 38.48 -3.97
CA PRO L 244 -44.32 39.63 -4.43
C PRO L 244 -43.80 39.45 -5.85
N GLY L 245 -43.66 40.57 -6.55
CA GLY L 245 -43.09 40.56 -7.88
C GLY L 245 -44.05 40.97 -8.97
N ASN L 246 -43.95 40.30 -10.12
CA ASN L 246 -44.78 40.61 -11.29
C ASN L 246 -46.09 39.83 -11.24
N TRP L 247 -46.80 39.97 -10.13
CA TRP L 247 -48.08 39.32 -9.93
C TRP L 247 -49.07 40.32 -9.35
N ASN L 248 -50.32 40.23 -9.79
CA ASN L 248 -51.33 41.21 -9.43
C ASN L 248 -51.66 41.17 -7.95
N GLY L 249 -51.98 42.33 -7.39
CA GLY L 249 -52.45 42.46 -6.03
C GLY L 249 -53.97 42.38 -5.95
N ALA L 250 -54.48 42.61 -4.74
CA ALA L 250 -55.90 42.54 -4.47
C ALA L 250 -56.37 43.81 -3.76
N GLY L 251 -57.44 44.42 -4.27
CA GLY L 251 -58.03 45.58 -3.65
C GLY L 251 -59.53 45.41 -3.48
N CYS L 252 -60.15 46.40 -2.84
CA CYS L 252 -61.59 46.42 -2.62
C CYS L 252 -62.13 47.75 -3.14
N HIS L 253 -62.45 47.78 -4.44
CA HIS L 253 -62.98 48.99 -5.05
C HIS L 253 -64.36 49.30 -4.50
N THR L 254 -64.61 50.57 -4.20
CA THR L 254 -65.87 51.00 -3.62
C THR L 254 -66.58 51.93 -4.59
N ASN L 255 -67.82 51.60 -4.93
CA ASN L 255 -68.65 52.42 -5.80
C ASN L 255 -69.66 53.18 -4.96
N PHE L 256 -69.75 54.49 -5.17
CA PHE L 256 -70.54 55.37 -4.33
C PHE L 256 -71.44 56.24 -5.18
N SER L 257 -72.68 56.42 -4.74
CA SER L 257 -73.61 57.34 -5.37
C SER L 257 -74.66 57.77 -4.36
N THR L 258 -75.19 58.97 -4.57
CA THR L 258 -76.32 59.50 -3.82
C THR L 258 -77.52 59.61 -4.75
N LYS L 259 -78.65 60.04 -4.19
CA LYS L 259 -79.84 60.25 -5.03
C LYS L 259 -79.62 61.37 -6.04
N ALA L 260 -78.89 62.42 -5.64
CA ALA L 260 -78.61 63.52 -6.55
C ALA L 260 -77.79 63.06 -7.74
N MET L 261 -76.79 62.21 -7.51
CA MET L 261 -75.98 61.71 -8.63
C MET L 261 -76.79 60.78 -9.52
N ARG L 262 -77.80 60.11 -8.99
CA ARG L 262 -78.63 59.21 -9.78
C ARG L 262 -79.74 59.92 -10.54
N GLU L 263 -80.04 61.18 -10.22
CA GLU L 263 -81.10 61.91 -10.91
C GLU L 263 -80.56 62.49 -12.22
N GLU L 264 -81.36 63.32 -12.86
CA GLU L 264 -80.95 63.95 -14.12
C GLU L 264 -79.85 64.96 -13.87
N ASN L 265 -78.84 64.94 -14.75
CA ASN L 265 -77.69 65.85 -14.67
C ASN L 265 -76.99 65.75 -13.32
N GLY L 266 -76.94 64.53 -12.78
CA GLY L 266 -76.25 64.28 -11.53
C GLY L 266 -74.75 64.18 -11.64
N LEU L 267 -74.21 64.29 -12.85
CA LEU L 267 -72.76 64.28 -13.02
C LEU L 267 -72.10 65.46 -12.32
N LYS L 268 -72.75 66.62 -12.29
CA LYS L 268 -72.17 67.79 -11.64
C LYS L 268 -72.01 67.56 -10.14
N TYR L 269 -72.92 66.80 -9.52
CA TYR L 269 -72.78 66.49 -8.09
C TYR L 269 -71.64 65.51 -7.87
N ILE L 270 -71.35 64.66 -8.86
CA ILE L 270 -70.21 63.74 -8.75
C ILE L 270 -68.91 64.52 -8.75
N GLU L 271 -68.80 65.53 -9.62
CA GLU L 271 -67.57 66.33 -9.70
C GLU L 271 -67.32 67.08 -8.40
N GLU L 272 -68.38 67.57 -7.75
CA GLU L 272 -68.20 68.23 -6.47
C GLU L 272 -67.66 67.27 -5.41
N ALA L 273 -68.18 66.04 -5.38
CA ALA L 273 -67.70 65.05 -4.43
C ALA L 273 -66.25 64.69 -4.68
N ILE L 274 -65.86 64.55 -5.95
CA ILE L 274 -64.48 64.23 -6.27
C ILE L 274 -63.55 65.39 -5.93
N GLU L 275 -64.01 66.62 -6.20
CA GLU L 275 -63.21 67.79 -5.83
C GLU L 275 -63.00 67.87 -4.33
N LYS L 276 -64.05 67.60 -3.55
CA LYS L 276 -63.91 67.58 -2.10
C LYS L 276 -63.02 66.42 -1.64
N LEU L 277 -63.09 65.29 -2.34
CA LEU L 277 -62.27 64.14 -1.98
C LEU L 277 -60.79 64.39 -2.20
N SER L 278 -60.45 65.26 -3.15
CA SER L 278 -59.06 65.49 -3.52
C SER L 278 -58.24 66.11 -2.39
N LYS L 279 -58.89 66.77 -1.44
CA LYS L 279 -58.19 67.47 -0.37
C LYS L 279 -57.95 66.60 0.87
N ARG L 280 -58.47 65.38 0.90
CA ARG L 280 -58.38 64.50 2.05
C ARG L 280 -57.82 63.14 1.66
N HIS L 281 -56.73 63.15 0.88
CA HIS L 281 -56.13 61.90 0.44
C HIS L 281 -55.52 61.13 1.60
N GLN L 282 -54.71 61.81 2.42
CA GLN L 282 -54.03 61.13 3.53
C GLN L 282 -55.02 60.61 4.56
N TYR L 283 -56.09 61.37 4.83
CA TYR L 283 -57.08 60.92 5.80
C TYR L 283 -57.77 59.65 5.33
N HIS L 284 -58.08 59.55 4.04
CA HIS L 284 -58.78 58.37 3.53
C HIS L 284 -57.85 57.17 3.45
N ILE L 285 -56.57 57.38 3.10
CA ILE L 285 -55.62 56.27 3.06
C ILE L 285 -55.50 55.61 4.43
N ARG L 286 -55.49 56.42 5.49
CA ARG L 286 -55.41 55.86 6.84
C ARG L 286 -56.66 55.06 7.18
N ALA L 287 -57.82 55.54 6.75
CA ALA L 287 -59.09 54.86 7.05
C ALA L 287 -59.37 53.69 6.13
N TYR L 288 -58.58 53.49 5.08
CA TYR L 288 -58.76 52.41 4.13
C TYR L 288 -57.95 51.17 4.48
N ASP L 289 -57.26 51.19 5.62
CA ASP L 289 -56.40 50.08 6.02
C ASP L 289 -56.58 49.82 7.51
N PRO L 290 -56.74 48.56 7.93
CA PRO L 290 -56.76 48.26 9.37
C PRO L 290 -55.43 48.54 10.04
N LYS L 291 -54.32 48.59 9.30
CA LYS L 291 -53.01 48.83 9.85
C LYS L 291 -52.49 50.24 9.59
N GLY L 292 -53.34 51.14 9.10
CA GLY L 292 -52.99 52.52 8.91
C GLY L 292 -52.45 52.87 7.54
N GLY L 293 -52.14 51.89 6.71
CA GLY L 293 -51.66 52.17 5.37
C GLY L 293 -50.45 51.34 4.96
N LEU L 294 -49.84 50.67 5.94
CA LEU L 294 -48.68 49.83 5.64
C LEU L 294 -49.05 48.66 4.74
N ASP L 295 -50.21 48.05 4.96
CA ASP L 295 -50.64 46.93 4.13
C ASP L 295 -50.88 47.37 2.70
N ASN L 296 -51.63 48.46 2.51
CA ASN L 296 -51.90 48.98 1.17
C ASN L 296 -50.67 49.59 0.51
N ALA L 297 -49.59 49.80 1.27
CA ALA L 297 -48.38 50.37 0.68
C ALA L 297 -47.67 49.40 -0.26
N ARG L 298 -47.88 48.09 -0.10
CA ARG L 298 -47.23 47.11 -0.96
C ARG L 298 -47.99 46.85 -2.25
N ARG L 299 -49.21 47.38 -2.40
CA ARG L 299 -50.00 47.20 -3.60
C ARG L 299 -50.00 48.44 -4.49
N LEU L 300 -50.30 49.61 -3.94
CA LEU L 300 -50.38 50.85 -4.70
C LEU L 300 -48.96 51.35 -4.99
N THR L 301 -48.31 50.67 -5.93
CA THR L 301 -46.95 51.00 -6.34
C THR L 301 -46.89 51.80 -7.64
N GLY L 302 -48.04 52.13 -8.23
CA GLY L 302 -48.06 52.80 -9.51
C GLY L 302 -47.94 51.90 -10.71
N PHE L 303 -47.98 50.58 -10.53
CA PHE L 303 -47.89 49.62 -11.61
C PHE L 303 -49.03 48.62 -11.48
N HIS L 304 -49.13 47.72 -12.47
CA HIS L 304 -50.24 46.78 -12.56
C HIS L 304 -51.58 47.51 -12.60
N GLU L 305 -51.61 48.65 -13.30
CA GLU L 305 -52.79 49.49 -13.41
C GLU L 305 -53.29 49.94 -12.04
N THR L 306 -52.36 50.43 -11.23
CA THR L 306 -52.66 50.95 -9.90
C THR L 306 -52.12 52.36 -9.77
N SER L 307 -52.72 53.12 -8.85
CA SER L 307 -52.27 54.48 -8.56
C SER L 307 -51.24 54.47 -7.44
N ASN L 308 -50.45 55.55 -7.38
CA ASN L 308 -49.43 55.65 -6.36
C ASN L 308 -50.06 55.87 -4.99
N ILE L 309 -49.36 55.39 -3.95
CA ILE L 309 -49.89 55.47 -2.59
C ILE L 309 -50.00 56.92 -2.13
N ASN L 310 -49.19 57.83 -2.68
CA ASN L 310 -49.17 59.22 -2.23
C ASN L 310 -49.53 60.19 -3.35
N ASP L 311 -50.24 59.73 -4.38
CA ASP L 311 -50.64 60.57 -5.49
C ASP L 311 -52.14 60.40 -5.73
N PHE L 312 -52.86 61.52 -5.74
CA PHE L 312 -54.30 61.53 -6.00
C PHE L 312 -54.55 61.88 -7.46
N SER L 313 -55.35 61.07 -8.13
CA SER L 313 -55.67 61.29 -9.54
C SER L 313 -57.16 61.03 -9.76
N ALA L 314 -57.68 61.62 -10.83
CA ALA L 314 -59.06 61.42 -11.23
C ALA L 314 -59.17 61.60 -12.73
N GLY L 315 -60.24 61.05 -13.29
CA GLY L 315 -60.45 61.14 -14.73
C GLY L 315 -61.50 60.17 -15.19
N VAL L 316 -62.14 60.52 -16.31
CA VAL L 316 -63.16 59.67 -16.89
C VAL L 316 -62.51 58.45 -17.52
N ALA L 317 -62.99 57.27 -17.15
CA ALA L 317 -62.54 55.99 -17.74
C ALA L 317 -61.04 55.80 -17.60
N ASN L 318 -60.48 56.25 -16.48
CA ASN L 318 -59.07 56.09 -16.18
C ASN L 318 -58.91 55.07 -15.06
N ARG L 319 -58.37 53.89 -15.41
CA ARG L 319 -58.19 52.82 -14.44
C ARG L 319 -56.90 52.94 -13.63
N SER L 320 -56.00 53.85 -14.02
CA SER L 320 -54.77 54.08 -13.29
C SER L 320 -54.87 55.21 -12.29
N ALA L 321 -56.02 55.86 -12.18
CA ALA L 321 -56.21 56.96 -11.26
C ALA L 321 -56.69 56.46 -9.89
N SER L 322 -56.72 57.38 -8.92
CA SER L 322 -57.28 57.05 -7.62
C SER L 322 -58.80 56.94 -7.68
N ILE L 323 -59.43 57.78 -8.49
CA ILE L 323 -60.89 57.79 -8.65
C ILE L 323 -61.19 57.66 -10.14
N ARG L 324 -62.11 56.77 -10.48
CA ARG L 324 -62.49 56.50 -11.86
C ARG L 324 -63.96 56.82 -12.05
N ILE L 325 -64.25 57.59 -13.10
CA ILE L 325 -65.63 57.84 -13.54
C ILE L 325 -65.89 56.95 -14.75
N PRO L 326 -66.88 56.05 -14.69
CA PRO L 326 -67.17 55.19 -15.84
C PRO L 326 -67.53 56.01 -17.07
N ARG L 327 -67.11 55.50 -18.23
CA ARG L 327 -67.35 56.22 -19.48
C ARG L 327 -68.84 56.39 -19.74
N THR L 328 -69.64 55.37 -19.44
CA THR L 328 -71.08 55.46 -19.64
C THR L 328 -71.70 56.53 -18.74
N VAL L 329 -71.22 56.63 -17.50
CA VAL L 329 -71.75 57.63 -16.58
C VAL L 329 -71.50 59.03 -17.12
N GLY L 330 -70.30 59.29 -17.64
CA GLY L 330 -70.01 60.59 -18.23
C GLY L 330 -70.85 60.87 -19.46
N GLN L 331 -71.02 59.88 -20.32
CA GLN L 331 -71.83 60.06 -21.52
C GLN L 331 -73.32 60.19 -21.19
N GLU L 332 -73.76 59.66 -20.05
CA GLU L 332 -75.15 59.81 -19.62
C GLU L 332 -75.33 60.92 -18.60
N LYS L 333 -74.24 61.52 -18.11
CA LYS L 333 -74.28 62.66 -17.18
C LYS L 333 -75.00 62.31 -15.87
N LYS L 334 -74.99 61.03 -15.50
CA LYS L 334 -75.60 60.59 -14.25
C LYS L 334 -75.09 59.21 -13.91
N GLY L 335 -75.06 58.92 -12.60
CA GLY L 335 -74.61 57.61 -12.15
C GLY L 335 -73.84 57.61 -10.85
N TYR L 336 -72.63 57.06 -10.88
CA TYR L 336 -71.82 56.85 -9.69
C TYR L 336 -70.36 57.06 -10.05
N PHE L 337 -69.48 56.97 -9.05
CA PHE L 337 -68.05 57.00 -9.27
C PHE L 337 -67.39 55.93 -8.41
N GLU L 338 -66.20 55.52 -8.82
CA GLU L 338 -65.50 54.39 -8.22
C GLU L 338 -64.21 54.85 -7.55
N ASP L 339 -64.03 54.45 -6.29
CA ASP L 339 -62.81 54.71 -5.55
C ASP L 339 -61.97 53.44 -5.54
N ARG L 340 -60.79 53.49 -6.14
CA ARG L 340 -59.94 52.32 -6.31
C ARG L 340 -58.86 52.19 -5.24
N ARG L 341 -58.87 53.05 -4.24
CA ARG L 341 -57.81 53.08 -3.22
C ARG L 341 -57.89 51.98 -2.16
N PRO L 342 -59.07 51.59 -1.64
CA PRO L 342 -59.09 50.68 -0.50
C PRO L 342 -58.45 49.33 -0.79
N SER L 343 -57.80 48.77 0.22
CA SER L 343 -57.17 47.46 0.14
C SER L 343 -58.23 46.36 0.27
N ALA L 344 -57.82 45.14 -0.11
CA ALA L 344 -58.75 44.01 -0.04
C ALA L 344 -59.14 43.67 1.39
N ASN L 345 -58.26 43.91 2.36
CA ASN L 345 -58.53 43.59 3.75
C ASN L 345 -59.14 44.76 4.53
N CYS L 346 -59.80 45.69 3.84
CA CYS L 346 -60.37 46.86 4.48
C CYS L 346 -61.61 46.50 5.30
N ASP L 347 -61.97 47.39 6.22
CA ASP L 347 -63.22 47.28 6.95
C ASP L 347 -64.28 48.10 6.25
N PRO L 348 -65.36 47.50 5.75
CA PRO L 348 -66.36 48.29 5.01
C PRO L 348 -67.01 49.38 5.83
N PHE L 349 -67.08 49.23 7.15
CA PHE L 349 -67.68 50.26 7.99
C PHE L 349 -66.82 51.53 7.99
N SER L 350 -65.50 51.36 8.02
CA SER L 350 -64.62 52.53 7.97
C SER L 350 -64.65 53.20 6.61
N VAL L 351 -64.68 52.39 5.53
CA VAL L 351 -64.66 52.96 4.18
C VAL L 351 -65.94 53.74 3.91
N THR L 352 -67.09 53.16 4.26
CA THR L 352 -68.36 53.83 4.02
C THR L 352 -68.50 55.09 4.88
N GLU L 353 -67.96 55.06 6.10
CA GLU L 353 -68.05 56.23 6.97
C GLU L 353 -67.19 57.38 6.45
N ALA L 354 -65.98 57.08 5.99
CA ALA L 354 -65.08 58.15 5.52
C ALA L 354 -65.64 58.83 4.28
N LEU L 355 -66.28 58.07 3.39
CA LEU L 355 -66.84 58.65 2.18
C LEU L 355 -68.01 59.57 2.51
N ILE L 356 -68.85 59.18 3.46
CA ILE L 356 -69.99 60.01 3.84
C ILE L 356 -69.52 61.29 4.53
N ARG L 357 -68.48 61.19 5.35
CA ARG L 357 -67.99 62.36 6.08
C ARG L 357 -67.45 63.42 5.13
N THR L 358 -66.59 63.01 4.19
CA THR L 358 -65.93 63.96 3.31
C THR L 358 -66.89 64.54 2.27
N CYS L 359 -67.70 63.69 1.63
CA CYS L 359 -68.51 64.14 0.50
C CYS L 359 -69.86 64.69 0.91
N LEU L 360 -70.40 64.27 2.05
CA LEU L 360 -71.73 64.71 2.47
C LEU L 360 -71.74 65.57 3.73
N LEU L 361 -70.84 65.33 4.66
CA LEU L 361 -70.78 66.12 5.89
C LEU L 361 -69.79 67.28 5.79
N ASN L 362 -69.03 67.38 4.70
CA ASN L 362 -68.11 68.49 4.46
C ASN L 362 -67.09 68.63 5.60
N GLU L 363 -66.59 67.50 6.08
CA GLU L 363 -65.63 67.51 7.17
C GLU L 363 -64.22 67.73 6.64
N THR L 364 -63.39 68.37 7.46
CA THR L 364 -61.98 68.58 7.16
C THR L 364 -61.16 68.23 8.40
N GLY L 365 -59.84 68.30 8.27
CA GLY L 365 -58.94 68.01 9.36
C GLY L 365 -58.45 66.57 9.34
N ASP L 366 -57.52 66.28 10.25
CA ASP L 366 -56.90 64.97 10.33
C ASP L 366 -57.69 63.98 11.17
N GLU L 367 -58.70 64.43 11.89
CA GLU L 367 -59.47 63.56 12.77
C GLU L 367 -60.96 63.74 12.51
N PRO L 368 -61.75 62.68 12.69
CA PRO L 368 -63.20 62.80 12.53
C PRO L 368 -63.80 63.73 13.57
N PHE L 369 -64.87 64.41 13.18
CA PHE L 369 -65.62 65.24 14.12
C PHE L 369 -66.12 64.38 15.27
N GLN L 370 -65.98 64.90 16.49
CA GLN L 370 -66.26 64.12 17.69
C GLN L 370 -67.60 64.43 18.32
N TYR L 371 -68.31 65.46 17.85
CA TYR L 371 -69.59 65.85 18.41
C TYR L 371 -70.68 65.64 17.37
N LYS L 372 -71.72 64.89 17.73
CA LYS L 372 -72.79 64.51 16.80
C LYS L 372 -72.22 63.86 15.55
N ASN L 373 -71.11 63.16 15.71
CA ASN L 373 -70.40 62.55 14.58
C ASN L 373 -69.57 61.35 15.06
N THR M 2 -53.25 9.52 11.99
CA THR M 2 -53.96 8.73 11.00
C THR M 2 -55.36 8.35 11.48
N THR M 3 -56.14 7.76 10.59
CA THR M 3 -57.49 7.29 10.90
C THR M 3 -57.53 5.77 10.84
N SER M 4 -58.62 5.21 11.36
CA SER M 4 -58.74 3.77 11.49
C SER M 4 -58.88 3.10 10.12
N ALA M 5 -58.54 1.81 10.08
CA ALA M 5 -58.73 1.03 8.87
C ALA M 5 -60.20 0.89 8.52
N SER M 6 -61.07 0.83 9.54
CA SER M 6 -62.51 0.72 9.28
C SER M 6 -63.05 1.96 8.57
N SER M 7 -62.44 3.13 8.80
CA SER M 7 -62.91 4.34 8.15
C SER M 7 -62.54 4.42 6.68
N HIS M 8 -61.63 3.56 6.21
CA HIS M 8 -61.24 3.54 4.80
C HIS M 8 -62.09 2.60 3.97
N LEU M 9 -63.04 1.90 4.56
CA LEU M 9 -63.97 1.09 3.80
C LEU M 9 -64.93 1.98 3.03
N ASN M 10 -65.47 1.44 1.94
CA ASN M 10 -66.38 2.19 1.08
C ASN M 10 -67.68 2.47 1.82
N LYS M 11 -67.88 3.71 2.24
CA LYS M 11 -69.08 4.08 2.98
C LYS M 11 -70.32 4.15 2.10
N GLY M 12 -70.14 4.29 0.78
CA GLY M 12 -71.29 4.23 -0.12
C GLY M 12 -71.94 2.86 -0.13
N ILE M 13 -71.14 1.81 0.05
CA ILE M 13 -71.69 0.45 0.12
C ILE M 13 -72.61 0.30 1.32
N LYS M 14 -72.19 0.84 2.47
CA LYS M 14 -73.03 0.75 3.66
C LYS M 14 -74.35 1.49 3.47
N GLN M 15 -74.31 2.67 2.82
CA GLN M 15 -75.51 3.47 2.64
C GLN M 15 -76.54 2.74 1.79
N VAL M 16 -76.08 1.89 0.86
CA VAL M 16 -77.00 1.11 0.03
C VAL M 16 -77.78 0.13 0.90
N TYR M 17 -77.09 -0.56 1.81
CA TYR M 17 -77.77 -1.52 2.67
C TYR M 17 -78.69 -0.84 3.66
N MET M 18 -78.33 0.35 4.15
CA MET M 18 -79.15 1.05 5.12
C MET M 18 -80.40 1.67 4.51
N SER M 19 -80.50 1.70 3.18
CA SER M 19 -81.69 2.21 2.50
C SER M 19 -82.75 1.13 2.29
N LEU M 20 -82.46 -0.12 2.64
CA LEU M 20 -83.46 -1.18 2.52
C LEU M 20 -84.58 -0.95 3.53
N PRO M 21 -85.84 -1.08 3.13
CA PRO M 21 -86.94 -0.95 4.10
C PRO M 21 -86.80 -1.98 5.21
N GLN M 22 -87.04 -1.53 6.45
CA GLN M 22 -86.79 -2.38 7.61
C GLN M 22 -87.81 -3.49 7.71
N GLY M 23 -89.09 -3.16 7.56
CA GLY M 23 -90.14 -4.14 7.78
C GLY M 23 -90.94 -3.84 9.03
N GLU M 24 -91.21 -4.87 9.84
CA GLU M 24 -91.96 -4.70 11.08
C GLU M 24 -91.13 -4.86 12.34
N LYS M 25 -89.97 -5.50 12.25
CA LYS M 25 -89.11 -5.65 13.41
C LYS M 25 -88.43 -4.32 13.75
N VAL M 26 -88.03 -4.19 15.02
CA VAL M 26 -87.44 -2.96 15.54
C VAL M 26 -86.17 -3.31 16.30
N GLN M 27 -85.10 -2.56 16.05
CA GLN M 27 -83.85 -2.74 16.75
C GLN M 27 -83.79 -1.82 17.97
N ALA M 28 -83.17 -2.30 19.04
CA ALA M 28 -82.97 -1.52 20.26
C ALA M 28 -81.55 -1.74 20.75
N MET M 29 -80.84 -0.65 21.02
CA MET M 29 -79.45 -0.72 21.46
C MET M 29 -79.37 -0.42 22.95
N TYR M 30 -78.76 -1.33 23.71
CA TYR M 30 -78.64 -1.20 25.16
C TYR M 30 -77.27 -0.63 25.51
N ILE M 31 -77.24 0.46 26.27
CA ILE M 31 -76.01 1.13 26.64
C ILE M 31 -75.89 1.15 28.15
N TRP M 32 -74.68 0.88 28.65
CA TRP M 32 -74.42 0.90 30.08
C TRP M 32 -72.97 1.26 30.34
N ILE M 33 -72.70 1.75 31.56
CA ILE M 33 -71.36 2.15 31.97
C ILE M 33 -70.63 0.95 32.54
N ASP M 34 -69.37 0.78 32.13
CA ASP M 34 -68.59 -0.41 32.46
C ASP M 34 -67.91 -0.25 33.83
N GLY M 35 -67.01 -1.19 34.14
CA GLY M 35 -66.40 -1.23 35.47
C GLY M 35 -65.34 -0.18 35.70
N THR M 36 -64.82 0.45 34.65
CA THR M 36 -63.88 1.54 34.84
C THR M 36 -64.55 2.81 35.34
N GLY M 37 -65.87 2.92 35.18
CA GLY M 37 -66.61 4.08 35.60
C GLY M 37 -66.64 5.23 34.62
N GLU M 38 -65.95 5.11 33.48
CA GLU M 38 -65.94 6.17 32.48
C GLU M 38 -66.13 5.67 31.05
N GLY M 39 -66.07 4.36 30.81
CA GLY M 39 -66.30 3.81 29.49
C GLY M 39 -67.72 3.32 29.31
N LEU M 40 -68.11 3.13 28.05
CA LEU M 40 -69.45 2.71 27.70
C LEU M 40 -69.41 1.41 26.91
N ARG M 41 -70.48 0.61 27.04
CA ARG M 41 -70.63 -0.64 26.31
C ARG M 41 -72.03 -0.69 25.70
N CYS M 42 -72.16 -1.41 24.59
CA CYS M 42 -73.44 -1.48 23.90
C CYS M 42 -73.59 -2.80 23.17
N LYS M 43 -74.84 -3.17 22.91
CA LYS M 43 -75.19 -4.31 22.08
C LYS M 43 -76.66 -4.19 21.71
N THR M 44 -77.06 -4.97 20.69
CA THR M 44 -78.34 -4.80 20.03
C THR M 44 -79.20 -6.06 20.12
N ARG M 45 -80.51 -5.87 20.22
CA ARG M 45 -81.47 -6.96 20.18
C ARG M 45 -82.66 -6.52 19.33
N THR M 46 -83.43 -7.51 18.87
CA THR M 46 -84.56 -7.28 17.99
C THR M 46 -85.86 -7.40 18.76
N LEU M 47 -86.73 -6.40 18.62
CA LEU M 47 -88.05 -6.40 19.24
C LEU M 47 -89.12 -6.62 18.17
N ASP M 48 -90.24 -7.20 18.60
CA ASP M 48 -91.33 -7.52 17.67
C ASP M 48 -92.09 -6.27 17.23
N SER M 49 -92.16 -5.25 18.09
CA SER M 49 -92.89 -4.04 17.77
C SER M 49 -92.21 -2.86 18.44
N GLU M 50 -92.49 -1.67 17.93
CA GLU M 50 -91.85 -0.46 18.43
C GLU M 50 -92.39 -0.11 19.82
N PRO M 51 -91.53 0.03 20.82
CA PRO M 51 -92.02 0.38 22.17
C PRO M 51 -92.44 1.84 22.25
N LYS M 52 -93.57 2.06 22.92
CA LYS M 52 -94.10 3.41 23.08
C LYS M 52 -93.53 4.15 24.29
N CYS M 53 -92.86 3.45 25.20
CA CYS M 53 -92.27 4.07 26.37
C CYS M 53 -91.20 3.16 26.93
N VAL M 54 -90.37 3.70 27.81
CA VAL M 54 -89.24 2.95 28.37
C VAL M 54 -89.72 1.81 29.26
N GLU M 55 -90.94 1.89 29.79
CA GLU M 55 -91.44 0.86 30.69
C GLU M 55 -91.82 -0.43 29.96
N GLU M 56 -91.96 -0.39 28.64
CA GLU M 56 -92.31 -1.59 27.87
C GLU M 56 -91.08 -2.38 27.41
N LEU M 57 -89.88 -1.87 27.63
CA LEU M 57 -88.67 -2.58 27.23
C LEU M 57 -88.35 -3.68 28.23
N PRO M 58 -88.07 -4.89 27.77
CA PRO M 58 -87.72 -5.97 28.71
C PRO M 58 -86.34 -5.78 29.31
N GLU M 59 -86.09 -6.50 30.39
CA GLU M 59 -84.77 -6.54 31.00
C GLU M 59 -83.84 -7.43 30.17
N TRP M 60 -82.54 -7.28 30.41
CA TRP M 60 -81.53 -8.03 29.69
C TRP M 60 -80.38 -8.35 30.63
N ASN M 61 -79.29 -8.86 30.07
CA ASN M 61 -78.14 -9.30 30.87
C ASN M 61 -76.91 -9.33 29.98
N PHE M 62 -75.75 -9.49 30.60
CA PHE M 62 -74.48 -9.59 29.88
C PHE M 62 -73.48 -10.32 30.77
N ASP M 63 -72.31 -10.60 30.19
CA ASP M 63 -71.24 -11.33 30.89
C ASP M 63 -70.34 -10.31 31.59
N GLY M 64 -70.37 -10.31 32.93
CA GLY M 64 -69.61 -9.34 33.69
C GLY M 64 -68.12 -9.61 33.75
N SER M 65 -67.69 -10.85 33.51
CA SER M 65 -66.26 -11.14 33.52
C SER M 65 -65.56 -10.54 32.31
N SER M 66 -66.23 -10.49 31.16
CA SER M 66 -65.66 -9.86 29.98
C SER M 66 -65.55 -8.34 30.14
N THR M 67 -66.38 -7.75 31.00
CA THR M 67 -66.34 -6.32 31.27
C THR M 67 -65.52 -6.02 32.53
N LEU M 68 -64.93 -7.04 33.16
CA LEU M 68 -64.19 -6.89 34.42
C LEU M 68 -65.06 -6.24 35.50
N GLN M 69 -66.23 -6.84 35.74
CA GLN M 69 -67.17 -6.31 36.70
C GLN M 69 -67.74 -7.38 37.63
N SER M 70 -67.20 -8.60 37.63
CA SER M 70 -67.81 -9.70 38.35
C SER M 70 -66.73 -10.64 38.88
N GLU M 71 -67.17 -11.58 39.72
CA GLU M 71 -66.31 -12.60 40.30
C GLU M 71 -66.20 -13.78 39.33
N GLY M 72 -65.65 -14.89 39.81
CA GLY M 72 -65.44 -16.06 38.98
C GLY M 72 -66.70 -16.80 38.58
N SER M 73 -67.47 -17.27 39.56
CA SER M 73 -68.62 -18.13 39.26
C SER M 73 -69.86 -17.31 38.94
N ASN M 74 -70.22 -16.36 39.80
CA ASN M 74 -71.42 -15.55 39.61
C ASN M 74 -71.09 -14.36 38.71
N SER M 75 -70.85 -14.67 37.44
CA SER M 75 -70.38 -13.69 36.47
C SER M 75 -71.50 -12.97 35.73
N ASP M 76 -72.75 -13.36 35.92
CA ASP M 76 -73.84 -12.75 35.18
C ASP M 76 -74.28 -11.44 35.84
N MET M 77 -74.43 -10.40 35.01
CA MET M 77 -74.95 -9.13 35.44
C MET M 77 -76.25 -8.87 34.71
N TYR M 78 -76.98 -7.83 35.13
CA TYR M 78 -78.30 -7.54 34.59
C TYR M 78 -78.42 -6.07 34.21
N LEU M 79 -79.22 -5.81 33.18
CA LEU M 79 -79.47 -4.46 32.68
C LEU M 79 -80.94 -4.13 32.82
N VAL M 80 -81.23 -2.99 33.44
CA VAL M 80 -82.59 -2.50 33.61
C VAL M 80 -82.71 -1.17 32.85
N PRO M 81 -83.59 -1.07 31.87
CA PRO M 81 -83.71 0.19 31.11
C PRO M 81 -84.12 1.34 32.02
N ALA M 82 -83.57 2.52 31.73
CA ALA M 82 -83.85 3.73 32.49
C ALA M 82 -84.38 4.87 31.64
N ALA M 83 -83.85 5.06 30.43
CA ALA M 83 -84.26 6.14 29.56
C ALA M 83 -84.18 5.68 28.10
N MET M 84 -85.11 6.19 27.29
CA MET M 84 -85.22 5.85 25.88
C MET M 84 -84.97 7.08 25.02
N PHE M 85 -84.33 6.85 23.87
CA PHE M 85 -84.07 7.93 22.91
C PHE M 85 -84.18 7.36 21.50
N ARG M 86 -84.46 8.25 20.56
CA ARG M 86 -84.48 7.87 19.15
C ARG M 86 -83.06 7.57 18.68
N ASP M 87 -82.96 6.59 17.78
CA ASP M 87 -81.66 6.16 17.27
C ASP M 87 -81.27 7.02 16.07
N PRO M 88 -80.20 7.81 16.14
CA PRO M 88 -79.82 8.63 14.98
C PRO M 88 -79.00 7.88 13.95
N PHE M 89 -78.44 6.72 14.29
CA PHE M 89 -77.62 5.95 13.36
C PHE M 89 -78.42 4.94 12.57
N ARG M 90 -79.60 4.55 13.06
CA ARG M 90 -80.49 3.64 12.36
C ARG M 90 -81.84 4.25 12.04
N LYS M 91 -82.14 5.45 12.56
CA LYS M 91 -83.36 6.19 12.29
C LYS M 91 -84.59 5.48 12.87
N ASP M 92 -85.75 6.15 12.78
CA ASP M 92 -86.97 5.59 13.33
C ASP M 92 -87.33 4.29 12.62
N PRO M 93 -87.98 3.35 13.33
CA PRO M 93 -88.44 3.40 14.72
C PRO M 93 -87.45 2.81 15.72
N ASN M 94 -86.18 2.68 15.37
CA ASN M 94 -85.19 2.09 16.28
C ASN M 94 -84.88 3.04 17.43
N LYS M 95 -84.37 2.48 18.51
CA LYS M 95 -84.24 3.20 19.77
C LYS M 95 -82.86 2.97 20.40
N LEU M 96 -82.44 3.94 21.21
CA LEU M 96 -81.31 3.79 22.12
C LEU M 96 -81.82 3.73 23.55
N VAL M 97 -81.25 2.83 24.34
CA VAL M 97 -81.71 2.57 25.70
C VAL M 97 -80.53 2.65 26.65
N LEU M 98 -80.53 3.64 27.54
CA LEU M 98 -79.57 3.71 28.63
C LEU M 98 -80.08 2.87 29.80
N CYS M 99 -79.22 2.02 30.34
CA CYS M 99 -79.62 1.04 31.33
C CYS M 99 -78.82 1.18 32.61
N GLU M 100 -79.38 0.63 33.69
CA GLU M 100 -78.69 0.50 34.96
C GLU M 100 -78.16 -0.91 35.11
N VAL M 101 -77.07 -1.05 35.86
CA VAL M 101 -76.36 -2.32 36.01
C VAL M 101 -76.56 -2.83 37.42
N PHE M 102 -76.92 -4.11 37.55
CA PHE M 102 -77.15 -4.76 38.83
C PHE M 102 -76.39 -6.08 38.87
N LYS M 103 -76.03 -6.50 40.07
CA LYS M 103 -75.30 -7.75 40.27
C LYS M 103 -76.25 -8.94 40.17
N TYR M 104 -75.68 -10.14 40.24
CA TYR M 104 -76.47 -11.36 40.17
C TYR M 104 -77.49 -11.43 41.31
N ASN M 105 -77.16 -10.85 42.46
CA ASN M 105 -78.06 -10.78 43.60
C ASN M 105 -78.95 -9.53 43.57
N ARG M 106 -79.06 -8.88 42.41
CA ARG M 106 -79.95 -7.74 42.20
C ARG M 106 -79.60 -6.55 43.09
N ARG M 107 -78.34 -6.46 43.53
CA ARG M 107 -77.90 -5.24 44.17
C ARG M 107 -77.11 -4.40 43.17
N PRO M 108 -77.14 -3.07 43.32
CA PRO M 108 -76.48 -2.21 42.31
C PRO M 108 -74.99 -2.46 42.23
N ALA M 109 -74.46 -2.30 41.03
CA ALA M 109 -73.03 -2.47 40.78
C ALA M 109 -72.25 -1.31 41.39
N GLU M 110 -70.92 -1.49 41.45
CA GLU M 110 -70.07 -0.48 42.07
C GLU M 110 -70.12 0.84 41.31
N THR M 111 -70.13 0.78 39.98
CA THR M 111 -70.18 1.98 39.15
C THR M 111 -71.60 2.45 38.87
N ASN M 112 -72.61 1.74 39.36
CA ASN M 112 -74.01 2.13 39.20
C ASN M 112 -74.31 3.22 40.22
N LEU M 113 -74.01 4.47 39.85
CA LEU M 113 -74.22 5.61 40.72
C LEU M 113 -75.56 6.30 40.49
N ARG M 114 -76.33 5.85 39.49
CA ARG M 114 -77.64 6.44 39.24
C ARG M 114 -78.66 6.06 40.30
N HIS M 115 -78.54 4.85 40.88
CA HIS M 115 -79.52 4.37 41.85
C HIS M 115 -79.62 5.31 43.05
N THR M 116 -78.47 5.65 43.65
CA THR M 116 -78.51 6.53 44.81
C THR M 116 -78.82 7.97 44.43
N CYS M 117 -78.43 8.39 43.22
CA CYS M 117 -78.70 9.76 42.79
C CYS M 117 -80.20 9.99 42.57
N LYS M 118 -80.89 8.98 42.04
CA LYS M 118 -82.33 9.11 41.84
C LYS M 118 -83.07 9.24 43.16
N ARG M 119 -82.65 8.46 44.17
CA ARG M 119 -83.27 8.55 45.48
C ARG M 119 -83.03 9.93 46.10
N ILE M 120 -81.81 10.47 45.95
CA ILE M 120 -81.52 11.80 46.45
C ILE M 120 -82.34 12.85 45.70
N MET M 121 -82.54 12.65 44.40
CA MET M 121 -83.30 13.61 43.60
C MET M 121 -84.76 13.64 44.04
N ASP M 122 -85.33 12.48 44.39
CA ASP M 122 -86.73 12.43 44.80
C ASP M 122 -86.97 13.20 46.09
N MET M 123 -85.97 13.27 46.96
CA MET M 123 -86.15 13.89 48.28
C MET M 123 -86.39 15.38 48.19
N VAL M 124 -85.86 16.05 47.17
CA VAL M 124 -85.95 17.49 47.03
C VAL M 124 -86.70 17.88 45.76
N SER M 125 -87.55 16.99 45.25
CA SER M 125 -88.21 17.16 43.96
C SER M 125 -89.03 18.44 43.86
N ASN M 126 -89.60 18.89 44.98
CA ASN M 126 -90.47 20.07 44.95
C ASN M 126 -89.71 21.34 44.62
N GLN M 127 -88.38 21.35 44.77
CA GLN M 127 -87.58 22.54 44.51
C GLN M 127 -87.15 22.68 43.06
N HIS M 128 -87.36 21.65 42.24
CA HIS M 128 -87.06 21.69 40.81
C HIS M 128 -85.62 22.13 40.51
N PRO M 129 -84.62 21.34 40.93
CA PRO M 129 -83.24 21.70 40.61
C PRO M 129 -82.95 21.52 39.12
N TRP M 130 -82.32 22.53 38.52
CA TRP M 130 -81.94 22.50 37.12
C TRP M 130 -80.42 22.44 37.00
N PHE M 131 -79.95 21.68 36.01
CA PHE M 131 -78.52 21.51 35.77
C PHE M 131 -78.20 21.78 34.30
N GLY M 132 -77.03 22.35 34.08
CA GLY M 132 -76.49 22.54 32.75
C GLY M 132 -74.99 22.36 32.74
N MET M 133 -74.49 21.45 31.93
CA MET M 133 -73.08 21.08 31.94
C MET M 133 -72.45 21.33 30.59
N GLU M 134 -71.23 21.89 30.61
CA GLU M 134 -70.48 22.21 29.41
C GLU M 134 -69.36 21.18 29.26
N GLN M 135 -69.51 20.27 28.30
CA GLN M 135 -68.59 19.16 28.12
C GLN M 135 -67.54 19.53 27.07
N GLU M 136 -66.27 19.46 27.45
CA GLU M 136 -65.16 19.72 26.55
C GLU M 136 -64.45 18.42 26.22
N TYR M 137 -63.84 18.37 25.05
CA TYR M 137 -63.19 17.15 24.57
C TYR M 137 -62.19 17.51 23.48
N THR M 138 -61.30 16.56 23.19
CA THR M 138 -60.26 16.73 22.18
C THR M 138 -60.34 15.59 21.17
N LEU M 139 -60.25 15.93 19.89
CA LEU M 139 -60.23 14.94 18.83
C LEU M 139 -58.81 14.48 18.57
N MET M 140 -58.62 13.17 18.51
CA MET M 140 -57.30 12.56 18.38
C MET M 140 -57.28 11.57 17.21
N GLY M 141 -56.16 11.55 16.50
CA GLY M 141 -55.92 10.47 15.57
C GLY M 141 -55.61 9.18 16.29
N THR M 142 -55.63 8.08 15.52
CA THR M 142 -55.39 6.77 16.12
C THR M 142 -53.95 6.57 16.57
N ASP M 143 -53.05 7.48 16.21
CA ASP M 143 -51.66 7.41 16.63
C ASP M 143 -51.42 8.05 17.99
N GLY M 144 -52.45 8.59 18.63
CA GLY M 144 -52.30 9.22 19.93
C GLY M 144 -51.92 10.69 19.89
N HIS M 145 -51.99 11.33 18.72
CA HIS M 145 -51.71 12.74 18.50
C HIS M 145 -53.00 13.46 18.16
N PRO M 146 -53.16 14.73 18.53
CA PRO M 146 -54.39 15.45 18.21
C PRO M 146 -54.63 15.51 16.70
N PHE M 147 -55.89 15.35 16.31
CA PHE M 147 -56.24 15.26 14.90
C PHE M 147 -55.96 16.59 14.20
N GLY M 148 -55.30 16.51 13.04
CA GLY M 148 -54.95 17.68 12.28
C GLY M 148 -53.67 18.38 12.69
N TRP M 149 -53.06 17.98 13.79
CA TRP M 149 -51.79 18.57 14.21
C TRP M 149 -50.67 18.09 13.28
N PRO M 150 -49.60 18.88 13.15
CA PRO M 150 -48.46 18.44 12.32
C PRO M 150 -47.83 17.18 12.89
N SER M 151 -47.34 16.33 11.98
CA SER M 151 -46.75 15.06 12.37
C SER M 151 -45.50 15.29 13.20
N ASN M 152 -45.50 14.77 14.43
CA ASN M 152 -44.38 14.93 15.37
C ASN M 152 -44.05 16.40 15.60
N GLY M 153 -45.06 17.23 15.76
CA GLY M 153 -44.85 18.65 15.91
C GLY M 153 -46.06 19.35 16.49
N PHE M 154 -46.03 20.68 16.41
CA PHE M 154 -47.05 21.51 17.01
C PHE M 154 -47.57 22.54 16.02
N PRO M 155 -48.82 22.96 16.17
CA PRO M 155 -49.30 24.11 15.40
C PRO M 155 -48.80 25.43 15.99
N GLY M 156 -49.27 26.55 15.46
CA GLY M 156 -48.91 27.85 15.99
C GLY M 156 -49.45 28.05 17.39
N PRO M 157 -49.00 29.11 18.05
CA PRO M 157 -49.43 29.37 19.43
C PRO M 157 -50.92 29.68 19.52
N GLN M 158 -51.47 29.46 20.70
CA GLN M 158 -52.90 29.66 20.93
C GLN M 158 -53.30 31.11 20.73
N GLY M 159 -54.59 31.33 20.51
CA GLY M 159 -55.14 32.65 20.32
C GLY M 159 -56.08 32.82 19.15
N PRO M 160 -55.77 32.23 17.98
CA PRO M 160 -56.71 32.29 16.86
C PRO M 160 -57.70 31.14 16.78
N TYR M 161 -57.54 30.09 17.58
CA TYR M 161 -58.36 28.89 17.46
C TYR M 161 -59.70 28.99 18.18
N TYR M 162 -59.81 29.84 19.21
CA TYR M 162 -61.03 29.93 19.99
C TYR M 162 -62.16 30.51 19.15
N CYS M 163 -63.23 29.72 18.94
CA CYS M 163 -64.36 30.10 18.11
C CYS M 163 -63.92 30.48 16.69
N GLY M 164 -62.87 29.83 16.19
CA GLY M 164 -62.31 30.21 14.91
C GLY M 164 -63.05 29.63 13.73
N VAL M 165 -62.82 30.22 12.56
CA VAL M 165 -63.36 29.76 11.30
C VAL M 165 -62.25 29.77 10.25
N GLY M 166 -62.23 28.74 9.41
CA GLY M 166 -61.20 28.62 8.39
C GLY M 166 -60.45 27.30 8.45
N ALA M 167 -59.79 26.94 7.37
CA ALA M 167 -59.09 25.65 7.31
C ALA M 167 -57.92 25.60 8.29
N ASP M 168 -57.29 26.74 8.58
CA ASP M 168 -56.15 26.79 9.47
C ASP M 168 -56.52 27.09 10.91
N ARG M 169 -57.80 27.14 11.24
CA ARG M 169 -58.20 27.54 12.59
C ARG M 169 -59.10 26.51 13.28
N ALA M 170 -59.98 25.85 12.54
CA ALA M 170 -60.89 24.84 13.10
C ALA M 170 -60.52 23.47 12.54
N TYR M 171 -60.29 22.51 13.44
CA TYR M 171 -59.89 21.16 13.07
C TYR M 171 -61.04 20.21 13.38
N GLY M 172 -61.66 19.66 12.34
CA GLY M 172 -62.63 18.60 12.50
C GLY M 172 -64.04 19.05 12.80
N ARG M 173 -64.52 20.08 12.09
CA ARG M 173 -65.89 20.55 12.31
C ARG M 173 -66.93 19.58 11.75
N ASP M 174 -66.51 18.65 10.89
CA ASP M 174 -67.46 17.66 10.37
C ASP M 174 -68.05 16.81 11.50
N ILE M 175 -67.20 16.40 12.44
CA ILE M 175 -67.68 15.61 13.58
C ILE M 175 -68.66 16.44 14.42
N VAL M 176 -68.31 17.71 14.67
CA VAL M 176 -69.12 18.55 15.55
C VAL M 176 -70.51 18.78 14.95
N GLU M 177 -70.56 19.08 13.64
CA GLU M 177 -71.85 19.28 12.99
C GLU M 177 -72.69 18.02 13.00
N ALA M 178 -72.07 16.86 12.77
CA ALA M 178 -72.80 15.60 12.77
C ALA M 178 -73.33 15.28 14.16
N HIS M 179 -72.52 15.50 15.20
CA HIS M 179 -72.95 15.22 16.56
C HIS M 179 -74.10 16.14 16.97
N TYR M 180 -74.04 17.41 16.59
CA TYR M 180 -75.11 18.34 16.93
C TYR M 180 -76.44 17.90 16.33
N ARG M 181 -76.43 17.52 15.06
CA ARG M 181 -77.68 17.11 14.41
C ARG M 181 -78.16 15.76 14.94
N ALA M 182 -77.23 14.86 15.25
CA ALA M 182 -77.60 13.55 15.80
C ALA M 182 -78.26 13.69 17.16
N CYS M 183 -77.74 14.58 18.02
CA CYS M 183 -78.33 14.77 19.33
C CYS M 183 -79.73 15.36 19.24
N LEU M 184 -79.94 16.32 18.33
CA LEU M 184 -81.26 16.91 18.16
C LEU M 184 -82.27 15.87 17.70
N TYR M 185 -81.86 15.00 16.78
CA TYR M 185 -82.76 13.94 16.31
C TYR M 185 -83.13 12.98 17.43
N ALA M 186 -82.15 12.61 18.27
CA ALA M 186 -82.39 11.65 19.33
C ALA M 186 -83.26 12.20 20.45
N GLY M 187 -83.32 13.52 20.59
CA GLY M 187 -84.01 14.13 21.72
C GLY M 187 -83.11 14.58 22.85
N VAL M 188 -81.79 14.53 22.66
CA VAL M 188 -80.87 15.02 23.66
C VAL M 188 -80.97 16.55 23.73
N LYS M 189 -80.99 17.08 24.96
CA LYS M 189 -81.17 18.52 25.17
C LYS M 189 -79.83 19.23 25.05
N ILE M 190 -79.39 19.39 23.81
CA ILE M 190 -78.12 20.06 23.51
C ILE M 190 -78.38 21.54 23.32
N ALA M 191 -77.57 22.38 23.98
CA ALA M 191 -77.81 23.81 24.01
C ALA M 191 -76.90 24.62 23.10
N GLY M 192 -75.79 24.06 22.64
CA GLY M 192 -74.90 24.78 21.76
C GLY M 192 -73.51 24.20 21.75
N THR M 193 -72.69 24.70 20.82
CA THR M 193 -71.32 24.24 20.65
C THR M 193 -70.43 25.43 20.34
N ASN M 194 -69.13 25.26 20.60
CA ASN M 194 -68.13 26.25 20.21
C ASN M 194 -66.77 25.58 20.13
N ALA M 195 -65.87 26.18 19.36
CA ALA M 195 -64.49 25.72 19.28
C ALA M 195 -63.68 26.28 20.45
N GLU M 196 -62.78 25.48 20.98
CA GLU M 196 -62.07 25.81 22.20
C GLU M 196 -60.73 26.47 21.90
N VAL M 197 -59.97 26.74 22.97
CA VAL M 197 -58.73 27.51 22.85
C VAL M 197 -57.67 26.70 22.11
N MET M 198 -57.53 25.43 22.45
CA MET M 198 -56.58 24.55 21.76
C MET M 198 -57.18 24.06 20.44
N PRO M 199 -56.41 24.07 19.36
CA PRO M 199 -56.92 23.54 18.09
C PRO M 199 -57.23 22.05 18.21
N ALA M 200 -58.29 21.63 17.53
CA ALA M 200 -58.88 20.29 17.59
C ALA M 200 -59.56 20.00 18.92
N GLN M 201 -59.88 21.03 19.69
CA GLN M 201 -60.61 20.90 20.94
C GLN M 201 -61.93 21.64 20.83
N TRP M 202 -63.01 21.03 21.32
CA TRP M 202 -64.35 21.56 21.15
C TRP M 202 -65.13 21.44 22.45
N GLU M 203 -66.36 21.94 22.43
CA GLU M 203 -67.24 21.92 23.59
C GLU M 203 -68.68 21.93 23.13
N PHE M 204 -69.52 21.13 23.79
CA PHE M 204 -70.97 21.21 23.62
C PHE M 204 -71.61 21.35 25.00
N GLN M 205 -72.81 21.92 25.03
CA GLN M 205 -73.53 22.20 26.27
C GLN M 205 -74.84 21.43 26.31
N ILE M 206 -75.13 20.85 27.47
CA ILE M 206 -76.35 20.09 27.70
C ILE M 206 -77.12 20.76 28.84
N GLY M 207 -78.41 21.03 28.61
CA GLY M 207 -79.25 21.58 29.63
C GLY M 207 -80.13 22.72 29.15
N PRO M 208 -80.93 23.29 30.05
CA PRO M 208 -81.12 22.94 31.45
C PRO M 208 -81.97 21.69 31.64
N CYS M 209 -81.49 20.70 32.38
CA CYS M 209 -82.19 19.45 32.62
C CYS M 209 -82.57 19.35 34.09
N GLU M 210 -83.82 19.00 34.37
CA GLU M 210 -84.33 18.94 35.73
C GLU M 210 -83.97 17.61 36.39
N GLY M 211 -83.28 17.69 37.52
CA GLY M 211 -83.10 16.52 38.38
C GLY M 211 -82.26 15.42 37.73
N ILE M 212 -82.77 14.19 37.83
CA ILE M 212 -82.03 13.02 37.38
C ILE M 212 -81.88 13.01 35.86
N SER M 213 -82.70 13.80 35.16
CA SER M 213 -82.64 13.84 33.71
C SER M 213 -81.31 14.36 33.18
N MET M 214 -80.54 15.06 34.02
CA MET M 214 -79.28 15.64 33.55
C MET M 214 -78.26 14.54 33.26
N GLY M 215 -78.16 13.55 34.14
CA GLY M 215 -77.19 12.49 33.95
C GLY M 215 -77.49 11.61 32.75
N ASP M 216 -78.77 11.34 32.52
CA ASP M 216 -79.16 10.50 31.37
C ASP M 216 -78.82 11.20 30.06
N HIS M 217 -79.08 12.50 29.97
CA HIS M 217 -78.86 13.22 28.71
C HIS M 217 -77.38 13.37 28.40
N LEU M 218 -76.55 13.61 29.42
CA LEU M 218 -75.12 13.78 29.19
C LEU M 218 -74.46 12.47 28.79
N TRP M 219 -74.84 11.36 29.45
CA TRP M 219 -74.23 10.08 29.14
C TRP M 219 -74.59 9.62 27.73
N VAL M 220 -75.84 9.85 27.32
CA VAL M 220 -76.24 9.50 25.96
C VAL M 220 -75.52 10.38 24.95
N ALA M 221 -75.34 11.66 25.26
CA ALA M 221 -74.60 12.55 24.37
C ALA M 221 -73.16 12.09 24.20
N ARG M 222 -72.54 11.58 25.26
CA ARG M 222 -71.18 11.05 25.15
C ARG M 222 -71.14 9.80 24.26
N PHE M 223 -72.15 8.94 24.38
CA PHE M 223 -72.20 7.74 23.54
C PHE M 223 -72.34 8.12 22.07
N ILE M 224 -73.18 9.12 21.77
CA ILE M 224 -73.38 9.54 20.39
C ILE M 224 -72.09 10.12 19.82
N LEU M 225 -71.34 10.85 20.65
CA LEU M 225 -70.07 11.41 20.19
C LEU M 225 -69.08 10.31 19.84
N HIS M 226 -68.94 9.31 20.72
CA HIS M 226 -68.04 8.19 20.44
C HIS M 226 -68.46 7.45 19.18
N ARG M 227 -69.75 7.22 19.01
CA ARG M 227 -70.24 6.46 17.86
C ARG M 227 -70.08 7.27 16.56
N VAL M 228 -70.31 8.58 16.62
CA VAL M 228 -70.12 9.43 15.45
C VAL M 228 -68.65 9.47 15.07
N CYS M 229 -67.76 9.62 16.05
CA CYS M 229 -66.33 9.64 15.77
C CYS M 229 -65.85 8.31 15.22
N GLU M 230 -66.49 7.21 15.60
CA GLU M 230 -66.12 5.90 15.05
C GLU M 230 -66.36 5.84 13.55
N ASP M 231 -67.43 6.48 13.06
CA ASP M 231 -67.67 6.51 11.63
C ASP M 231 -66.55 7.22 10.89
N PHE M 232 -66.07 8.35 11.42
CA PHE M 232 -65.01 9.11 10.79
C PHE M 232 -63.62 8.51 11.03
N GLY M 233 -63.48 7.60 11.99
CA GLY M 233 -62.21 6.96 12.26
C GLY M 233 -61.29 7.69 13.22
N VAL M 234 -61.82 8.61 14.04
CA VAL M 234 -61.03 9.35 15.00
C VAL M 234 -61.53 9.04 16.41
N ILE M 235 -60.74 9.42 17.40
CA ILE M 235 -61.01 9.13 18.80
C ILE M 235 -61.32 10.44 19.52
N ALA M 236 -62.43 10.45 20.26
CA ALA M 236 -62.79 11.57 21.12
C ALA M 236 -62.39 11.24 22.56
N THR M 237 -61.55 12.08 23.16
CA THR M 237 -61.05 11.84 24.50
C THR M 237 -61.56 12.91 25.46
N PHE M 238 -61.86 12.49 26.69
CA PHE M 238 -62.29 13.40 27.75
C PHE M 238 -61.22 13.60 28.81
N ASP M 239 -59.96 13.37 28.46
CA ASP M 239 -58.87 13.50 29.42
C ASP M 239 -58.75 14.94 29.90
N PRO M 240 -58.54 15.17 31.19
CA PRO M 240 -58.43 16.55 31.68
C PRO M 240 -57.26 17.34 31.09
N LYS M 241 -56.16 16.68 30.74
CA LYS M 241 -54.99 17.34 30.17
C LYS M 241 -54.37 16.45 29.11
N PRO M 242 -54.97 16.39 27.92
CA PRO M 242 -54.44 15.50 26.88
C PRO M 242 -53.02 15.84 26.43
N ILE M 243 -52.65 17.11 26.42
CA ILE M 243 -51.34 17.55 25.95
C ILE M 243 -50.68 18.36 27.05
N PRO M 244 -49.52 17.93 27.56
CA PRO M 244 -48.84 18.72 28.60
C PRO M 244 -48.21 19.98 28.04
N GLY M 245 -48.08 20.99 28.90
CA GLY M 245 -47.41 22.22 28.52
C GLY M 245 -48.33 23.42 28.47
N ASN M 246 -48.07 24.32 27.52
CA ASN M 246 -48.85 25.55 27.37
C ASN M 246 -50.00 25.34 26.40
N TRP M 247 -50.82 24.31 26.71
CA TRP M 247 -52.00 23.99 25.94
C TRP M 247 -53.18 23.80 26.89
N ASN M 248 -54.35 24.25 26.46
CA ASN M 248 -55.51 24.31 27.34
C ASN M 248 -55.99 22.91 27.71
N GLY M 249 -56.51 22.77 28.93
CA GLY M 249 -57.10 21.53 29.40
C GLY M 249 -58.59 21.47 29.12
N ALA M 250 -59.21 20.41 29.64
CA ALA M 250 -60.63 20.16 29.42
C ALA M 250 -61.33 19.97 30.75
N GLY M 251 -62.46 20.68 30.94
CA GLY M 251 -63.26 20.53 32.13
C GLY M 251 -64.74 20.42 31.78
N CYS M 252 -65.54 20.14 32.79
CA CYS M 252 -66.99 20.01 32.65
C CYS M 252 -67.66 20.95 33.65
N HIS M 253 -67.84 22.20 33.25
CA HIS M 253 -68.49 23.18 34.11
C HIS M 253 -69.95 22.81 34.33
N THR M 254 -70.41 22.96 35.57
CA THR M 254 -71.78 22.61 35.95
C THR M 254 -72.50 23.86 36.40
N ASN M 255 -73.67 24.12 35.82
CA ASN M 255 -74.52 25.24 36.19
C ASN M 255 -75.69 24.73 37.01
N PHE M 256 -75.94 25.37 38.15
CA PHE M 256 -76.92 24.91 39.11
C PHE M 256 -77.87 26.03 39.51
N SER M 257 -79.15 25.70 39.61
CA SER M 257 -80.15 26.64 40.10
C SER M 257 -81.34 25.85 40.63
N THR M 258 -82.04 26.46 41.58
CA THR M 258 -83.31 25.94 42.10
C THR M 258 -84.42 26.91 41.72
N LYS M 259 -85.65 26.58 42.15
CA LYS M 259 -86.77 27.48 41.89
C LYS M 259 -86.64 28.78 42.67
N ALA M 260 -86.04 28.74 43.86
CA ALA M 260 -85.86 29.95 44.66
C ALA M 260 -84.91 30.93 43.99
N MET M 261 -83.80 30.43 43.45
CA MET M 261 -82.84 31.31 42.78
C MET M 261 -83.36 31.82 41.44
N ARG M 262 -84.31 31.11 40.82
CA ARG M 262 -84.85 31.54 39.53
C ARG M 262 -85.93 32.61 39.65
N GLU M 263 -86.48 32.84 40.83
CA GLU M 263 -87.56 33.80 41.00
C GLU M 263 -87.00 35.10 41.57
N GLU M 264 -87.90 36.02 41.94
CA GLU M 264 -87.50 37.36 42.35
C GLU M 264 -86.59 37.32 43.57
N ASN M 265 -85.52 38.11 43.52
CA ASN M 265 -84.53 38.21 44.60
C ASN M 265 -83.96 36.84 44.95
N GLY M 266 -83.78 36.00 43.93
CA GLY M 266 -83.16 34.70 44.12
C GLY M 266 -81.67 34.72 44.31
N LEU M 267 -81.04 35.88 44.14
CA LEU M 267 -79.60 36.00 44.37
C LEU M 267 -79.26 35.71 45.83
N LYS M 268 -80.17 36.04 46.75
CA LYS M 268 -79.91 35.82 48.16
C LYS M 268 -79.74 34.34 48.48
N TYR M 269 -80.49 33.47 47.78
CA TYR M 269 -80.35 32.04 48.00
C TYR M 269 -79.10 31.48 47.34
N ILE M 270 -78.56 32.17 46.33
CA ILE M 270 -77.35 31.71 45.67
C ILE M 270 -76.14 31.85 46.59
N GLU M 271 -76.04 32.99 47.28
CA GLU M 271 -74.84 33.28 48.08
C GLU M 271 -74.70 32.29 49.23
N GLU M 272 -75.82 31.93 49.88
CA GLU M 272 -75.73 30.99 50.98
C GLU M 272 -75.34 29.59 50.49
N ALA M 273 -75.81 29.22 49.30
CA ALA M 273 -75.38 27.96 48.70
C ALA M 273 -73.88 27.96 48.43
N ILE M 274 -73.37 29.08 47.91
CA ILE M 274 -71.92 29.22 47.71
C ILE M 274 -71.20 29.22 49.04
N GLU M 275 -71.78 29.88 50.05
CA GLU M 275 -71.20 29.87 51.39
C GLU M 275 -71.17 28.46 51.95
N LYS M 276 -72.26 27.70 51.77
CA LYS M 276 -72.30 26.32 52.22
C LYS M 276 -71.31 25.46 51.43
N LEU M 277 -71.14 25.75 50.14
CA LEU M 277 -70.19 25.02 49.31
C LEU M 277 -68.75 25.24 49.74
N SER M 278 -68.43 26.44 50.26
CA SER M 278 -67.06 26.77 50.62
C SER M 278 -66.49 25.87 51.70
N LYS M 279 -67.33 25.29 52.54
CA LYS M 279 -66.88 24.46 53.66
C LYS M 279 -66.64 23.01 53.27
N ARG M 280 -66.97 22.61 52.04
CA ARG M 280 -66.84 21.22 51.60
C ARG M 280 -66.06 21.15 50.29
N HIS M 281 -65.00 21.95 50.18
CA HIS M 281 -64.22 21.96 48.95
C HIS M 281 -63.53 20.62 48.70
N GLN M 282 -62.91 20.05 49.74
CA GLN M 282 -62.18 18.80 49.56
C GLN M 282 -63.12 17.65 49.26
N TYR M 283 -64.29 17.64 49.89
CA TYR M 283 -65.27 16.58 49.62
C TYR M 283 -65.74 16.63 48.18
N HIS M 284 -65.97 17.83 47.64
CA HIS M 284 -66.47 17.94 46.27
C HIS M 284 -65.39 17.60 45.25
N ILE M 285 -64.13 17.92 45.54
CA ILE M 285 -63.04 17.58 44.64
C ILE M 285 -62.95 16.07 44.46
N ARG M 286 -63.15 15.32 45.54
CA ARG M 286 -63.09 13.86 45.45
C ARG M 286 -64.24 13.31 44.59
N ALA M 287 -65.42 13.93 44.68
CA ALA M 287 -66.57 13.47 43.93
C ALA M 287 -66.61 13.99 42.50
N TYR M 288 -65.72 14.90 42.13
CA TYR M 288 -65.67 15.46 40.79
C TYR M 288 -64.69 14.72 39.89
N ASP M 289 -64.11 13.62 40.36
CA ASP M 289 -63.11 12.89 39.61
C ASP M 289 -63.38 11.40 39.74
N PRO M 290 -63.42 10.65 38.63
CA PRO M 290 -63.56 9.19 38.74
C PRO M 290 -62.38 8.52 39.40
N LYS M 291 -61.21 9.17 39.43
CA LYS M 291 -60.01 8.61 40.06
C LYS M 291 -59.74 9.24 41.43
N GLY M 292 -60.65 10.05 41.96
CA GLY M 292 -60.52 10.62 43.27
C GLY M 292 -59.94 12.02 43.29
N GLY M 293 -59.29 12.46 42.21
CA GLY M 293 -58.75 13.81 42.17
C GLY M 293 -57.41 13.89 41.47
N LEU M 294 -56.82 12.73 41.15
CA LEU M 294 -55.53 12.72 40.46
C LEU M 294 -55.66 13.26 39.04
N ASP M 295 -56.75 12.93 38.34
CA ASP M 295 -56.93 13.42 36.99
C ASP M 295 -57.10 14.92 36.95
N ASN M 296 -57.98 15.46 37.80
CA ASN M 296 -58.19 16.91 37.86
C ASN M 296 -56.97 17.64 38.42
N ALA M 297 -56.04 16.92 39.05
CA ALA M 297 -54.85 17.57 39.59
C ALA M 297 -53.93 18.09 38.49
N ARG M 298 -54.00 17.53 37.28
CA ARG M 298 -53.15 17.96 36.19
C ARG M 298 -53.74 19.13 35.39
N ARG M 299 -54.97 19.54 35.69
CA ARG M 299 -55.60 20.66 35.01
C ARG M 299 -55.70 21.90 35.88
N LEU M 300 -56.23 21.76 37.10
CA LEU M 300 -56.42 22.91 37.98
C LEU M 300 -55.10 23.36 38.57
N THR M 301 -54.23 23.92 37.73
CA THR M 301 -52.93 24.43 38.18
C THR M 301 -52.99 25.89 38.57
N GLY M 302 -53.92 26.66 38.01
CA GLY M 302 -54.05 28.07 38.31
C GLY M 302 -53.30 29.00 37.40
N PHE M 303 -52.85 28.53 36.22
CA PHE M 303 -52.09 29.35 35.29
C PHE M 303 -52.82 29.64 33.99
N HIS M 304 -53.82 28.84 33.63
CA HIS M 304 -54.52 28.94 32.36
C HIS M 304 -55.85 29.65 32.48
N GLU M 305 -55.92 30.70 33.32
CA GLU M 305 -57.17 31.34 33.70
C GLU M 305 -58.12 30.33 34.34
N THR M 306 -57.56 29.44 35.14
CA THR M 306 -58.30 28.42 35.87
C THR M 306 -58.00 28.57 37.36
N SER M 307 -58.59 27.68 38.16
CA SER M 307 -58.39 27.71 39.60
C SER M 307 -57.31 26.72 40.01
N ASN M 308 -57.03 26.68 41.32
CA ASN M 308 -56.06 25.75 41.89
C ASN M 308 -56.79 24.60 42.58
N ILE M 309 -56.14 23.43 42.55
CA ILE M 309 -56.75 22.23 43.09
C ILE M 309 -56.91 22.29 44.61
N ASN M 310 -56.21 23.19 45.29
CA ASN M 310 -56.25 23.27 46.75
C ASN M 310 -56.84 24.57 47.28
N ASP M 311 -57.31 25.46 46.40
CA ASP M 311 -57.80 26.77 46.81
C ASP M 311 -59.25 26.94 46.37
N PHE M 312 -60.09 27.40 47.28
CA PHE M 312 -61.49 27.70 46.99
C PHE M 312 -61.67 29.21 46.93
N SER M 313 -62.40 29.67 45.92
CA SER M 313 -62.67 31.09 45.75
C SER M 313 -63.98 31.26 45.00
N ALA M 314 -64.54 32.46 45.08
CA ALA M 314 -65.78 32.80 44.41
C ALA M 314 -65.74 34.25 44.01
N GLY M 315 -66.77 34.70 43.30
CA GLY M 315 -66.85 36.07 42.86
C GLY M 315 -67.72 36.29 41.64
N VAL M 316 -68.26 37.50 41.52
CA VAL M 316 -69.12 37.82 40.37
C VAL M 316 -68.25 37.98 39.13
N ALA M 317 -68.60 37.25 38.07
CA ALA M 317 -67.92 37.34 36.78
C ALA M 317 -66.42 37.13 36.90
N ASN M 318 -66.03 36.20 37.77
CA ASN M 318 -64.63 35.85 37.96
C ASN M 318 -64.42 34.44 37.40
N ARG M 319 -63.74 34.37 36.26
CA ARG M 319 -63.50 33.09 35.60
C ARG M 319 -62.33 32.33 36.19
N SER M 320 -61.50 32.97 37.02
CA SER M 320 -60.39 32.30 37.66
C SER M 320 -60.74 31.67 39.00
N ALA M 321 -61.95 31.89 39.50
CA ALA M 321 -62.36 31.35 40.79
C ALA M 321 -62.91 29.93 40.62
N SER M 322 -63.15 29.28 41.75
CA SER M 322 -63.76 27.96 41.75
C SER M 322 -65.25 28.02 41.44
N ILE M 323 -65.92 29.10 41.85
CA ILE M 323 -67.34 29.31 41.58
C ILE M 323 -67.49 30.68 40.94
N ARG M 324 -68.26 30.74 39.85
CA ARG M 324 -68.47 31.98 39.11
C ARG M 324 -69.93 32.34 39.14
N ILE M 325 -70.23 33.60 39.45
CA ILE M 325 -71.56 34.17 39.34
C ILE M 325 -71.60 35.04 38.09
N PRO M 326 -72.44 34.73 37.11
CA PRO M 326 -72.49 35.56 35.90
C PRO M 326 -72.86 37.00 36.23
N ARG M 327 -72.28 37.93 35.46
CA ARG M 327 -72.51 39.35 35.72
C ARG M 327 -73.99 39.71 35.55
N THR M 328 -74.64 39.14 34.54
CA THR M 328 -76.05 39.42 34.32
C THR M 328 -76.91 38.93 35.48
N VAL M 329 -76.56 37.77 36.05
CA VAL M 329 -77.31 37.24 37.18
C VAL M 329 -77.22 38.20 38.37
N GLY M 330 -76.02 38.72 38.64
CA GLY M 330 -75.88 39.69 39.72
C GLY M 330 -76.64 40.98 39.47
N GLN M 331 -76.61 41.47 38.23
CA GLN M 331 -77.33 42.70 37.90
C GLN M 331 -78.84 42.50 37.89
N GLU M 332 -79.31 41.28 37.64
CA GLU M 332 -80.74 40.98 37.67
C GLU M 332 -81.17 40.36 38.99
N LYS M 333 -80.24 40.08 39.90
CA LYS M 333 -80.52 39.57 41.24
C LYS M 333 -81.22 38.23 41.23
N LYS M 334 -81.10 37.47 40.15
CA LYS M 334 -81.72 36.16 40.05
C LYS M 334 -81.04 35.35 38.95
N GLY M 335 -81.08 34.03 39.09
CA GLY M 335 -80.52 33.16 38.07
C GLY M 335 -79.87 31.90 38.60
N TYR M 336 -78.60 31.70 38.24
CA TYR M 336 -77.87 30.48 38.54
C TYR M 336 -76.43 30.83 38.87
N PHE M 337 -75.66 29.82 39.29
CA PHE M 337 -74.22 29.98 39.48
C PHE M 337 -73.51 28.78 38.87
N GLU M 338 -72.24 28.97 38.54
CA GLU M 338 -71.47 28.02 37.78
C GLU M 338 -70.31 27.48 38.62
N ASP M 339 -70.18 26.16 38.66
CA ASP M 339 -69.06 25.50 39.33
C ASP M 339 -68.07 25.03 38.25
N ARG M 340 -66.84 25.56 38.31
CA ARG M 340 -65.83 25.31 37.29
C ARG M 340 -64.85 24.22 37.67
N ARG M 341 -65.09 23.52 38.77
CA ARG M 341 -64.15 22.55 39.31
C ARG M 341 -64.13 21.18 38.61
N PRO M 342 -65.27 20.58 38.24
CA PRO M 342 -65.23 19.20 37.75
C PRO M 342 -64.42 19.04 36.46
N SER M 343 -63.77 17.90 36.33
CA SER M 343 -63.00 17.57 35.15
C SER M 343 -63.92 17.13 34.02
N ALA M 344 -63.32 16.97 32.83
CA ALA M 344 -64.10 16.59 31.66
C ALA M 344 -64.58 15.14 31.72
N ASN M 345 -63.83 14.27 32.40
CA ASN M 345 -64.18 12.85 32.50
C ASN M 345 -64.99 12.54 33.76
N CYS M 346 -65.71 13.52 34.31
CA CYS M 346 -66.48 13.31 35.52
C CYS M 346 -67.75 12.51 35.23
N ASP M 347 -68.29 11.91 36.28
CA ASP M 347 -69.58 11.24 36.21
C ASP M 347 -70.68 12.22 36.60
N PRO M 348 -71.62 12.54 35.70
CA PRO M 348 -72.66 13.53 36.03
C PRO M 348 -73.50 13.14 37.24
N PHE M 349 -73.71 11.85 37.47
CA PHE M 349 -74.48 11.42 38.63
C PHE M 349 -73.79 11.80 39.94
N SER M 350 -72.48 11.63 40.00
CA SER M 350 -71.74 12.04 41.18
C SER M 350 -71.77 13.55 41.38
N VAL M 351 -71.63 14.31 40.29
CA VAL M 351 -71.59 15.77 40.40
C VAL M 351 -72.94 16.31 40.85
N THR M 352 -74.02 15.81 40.24
CA THR M 352 -75.36 16.29 40.60
C THR M 352 -75.72 15.90 42.02
N GLU M 353 -75.35 14.68 42.44
CA GLU M 353 -75.68 14.23 43.79
C GLU M 353 -74.93 15.04 44.85
N ALA M 354 -73.66 15.36 44.59
CA ALA M 354 -72.87 16.10 45.59
C ALA M 354 -73.39 17.52 45.75
N LEU M 355 -73.83 18.15 44.66
CA LEU M 355 -74.35 19.51 44.76
C LEU M 355 -75.67 19.55 45.52
N ILE M 356 -76.52 18.54 45.34
CA ILE M 356 -77.80 18.51 46.05
C ILE M 356 -77.57 18.26 47.53
N ARG M 357 -76.62 17.38 47.87
CA ARG M 357 -76.37 17.05 49.26
C ARG M 357 -75.89 18.26 50.05
N THR M 358 -74.96 19.04 49.46
CA THR M 358 -74.34 20.13 50.20
C THR M 358 -75.24 21.34 50.30
N CYS M 359 -75.82 21.78 49.18
CA CYS M 359 -76.54 23.05 49.16
C CYS M 359 -78.02 22.91 49.50
N LEU M 360 -78.60 21.72 49.35
CA LEU M 360 -80.03 21.53 49.57
C LEU M 360 -80.37 20.70 50.79
N LEU M 361 -79.59 19.66 51.08
CA LEU M 361 -79.83 18.82 52.26
C LEU M 361 -78.99 19.24 53.45
N ASN M 362 -78.19 20.30 53.33
CA ASN M 362 -77.36 20.82 54.43
C ASN M 362 -76.44 19.73 54.99
N GLU M 363 -75.94 18.87 54.12
CA GLU M 363 -75.05 17.80 54.56
C GLU M 363 -73.67 18.36 54.91
N THR M 364 -72.97 17.64 55.76
CA THR M 364 -71.61 18.01 56.15
C THR M 364 -70.87 16.75 56.58
N GLY M 365 -69.56 16.86 56.67
CA GLY M 365 -68.70 15.73 56.96
C GLY M 365 -67.93 15.28 55.74
N ASP M 366 -67.24 14.16 55.89
CA ASP M 366 -66.40 13.62 54.83
C ASP M 366 -67.03 12.46 54.08
N GLU M 367 -68.10 11.87 54.60
CA GLU M 367 -68.76 10.76 53.93
C GLU M 367 -70.24 11.06 53.79
N PRO M 368 -70.88 10.56 52.73
CA PRO M 368 -72.30 10.85 52.51
C PRO M 368 -73.17 10.27 53.62
N PHE M 369 -74.26 10.97 53.91
CA PHE M 369 -75.24 10.46 54.86
C PHE M 369 -75.77 9.13 54.38
N GLN M 370 -75.81 8.15 55.29
CA GLN M 370 -76.05 6.77 54.89
C GLN M 370 -77.52 6.43 54.75
N TYR M 371 -78.43 7.37 55.04
CA TYR M 371 -79.85 7.15 54.76
C TYR M 371 -80.56 8.50 54.74
N LYS M 372 -81.11 8.86 53.58
CA LYS M 372 -81.97 10.02 53.43
C LYS M 372 -81.31 11.29 53.97
N ASN M 373 -81.94 11.94 54.93
CA ASN M 373 -81.41 13.16 55.53
C ASN M 373 -81.95 13.37 56.94
N THR N 2 -54.59 -5.19 1.88
CA THR N 2 -55.36 -5.88 2.93
C THR N 2 -56.79 -6.15 2.48
N THR N 3 -57.29 -5.39 1.53
CA THR N 3 -58.60 -5.60 0.94
C THR N 3 -58.46 -6.01 -0.51
N SER N 4 -59.52 -6.61 -1.05
CA SER N 4 -59.48 -7.19 -2.38
C SER N 4 -59.42 -6.10 -3.46
N ALA N 5 -58.89 -6.49 -4.62
CA ALA N 5 -58.84 -5.58 -5.76
C ALA N 5 -60.26 -5.22 -6.24
N SER N 6 -61.19 -6.18 -6.17
CA SER N 6 -62.55 -5.92 -6.61
C SER N 6 -63.22 -4.83 -5.76
N SER N 7 -62.85 -4.72 -4.48
CA SER N 7 -63.44 -3.71 -3.62
C SER N 7 -62.95 -2.31 -3.92
N HIS N 8 -61.87 -2.17 -4.67
CA HIS N 8 -61.34 -0.86 -5.04
C HIS N 8 -61.94 -0.31 -6.32
N LEU N 9 -62.82 -1.06 -6.98
CA LEU N 9 -63.53 -0.54 -8.14
C LEU N 9 -64.55 0.51 -7.71
N ASN N 10 -64.93 1.37 -8.65
CA ASN N 10 -65.86 2.46 -8.36
C ASN N 10 -67.26 1.88 -8.11
N LYS N 11 -67.67 1.89 -6.84
CA LYS N 11 -68.99 1.39 -6.48
C LYS N 11 -70.12 2.33 -6.87
N GLY N 12 -69.81 3.61 -7.14
CA GLY N 12 -70.82 4.51 -7.65
C GLY N 12 -71.31 4.12 -9.03
N ILE N 13 -70.41 3.57 -9.85
CA ILE N 13 -70.79 3.10 -11.18
C ILE N 13 -71.78 1.95 -11.09
N LYS N 14 -71.53 1.01 -10.17
CA LYS N 14 -72.41 -0.14 -10.02
C LYS N 14 -73.81 0.29 -9.58
N GLN N 15 -73.90 1.26 -8.68
CA GLN N 15 -75.18 1.71 -8.18
C GLN N 15 -76.02 2.36 -9.29
N VAL N 16 -75.35 2.95 -10.28
CA VAL N 16 -76.07 3.53 -11.41
C VAL N 16 -76.80 2.44 -12.20
N TYR N 17 -76.09 1.33 -12.47
CA TYR N 17 -76.72 0.23 -13.21
C TYR N 17 -77.80 -0.45 -12.40
N MET N 18 -77.63 -0.56 -11.08
CA MET N 18 -78.63 -1.20 -10.24
C MET N 18 -79.89 -0.36 -10.06
N SER N 19 -79.87 0.91 -10.47
CA SER N 19 -81.05 1.76 -10.40
C SER N 19 -81.95 1.63 -11.62
N LEU N 20 -81.52 0.90 -12.65
CA LEU N 20 -82.34 0.73 -13.83
C LEU N 20 -83.58 -0.10 -13.50
N PRO N 21 -84.74 0.27 -14.02
CA PRO N 21 -85.94 -0.56 -13.83
C PRO N 21 -85.73 -1.96 -14.43
N GLN N 22 -86.16 -2.96 -13.68
CA GLN N 22 -85.88 -4.34 -14.07
C GLN N 22 -86.76 -4.79 -15.23
N GLY N 23 -88.05 -4.44 -15.19
CA GLY N 23 -88.98 -4.96 -16.18
C GLY N 23 -89.93 -5.97 -15.55
N GLU N 24 -90.19 -7.07 -16.26
CA GLU N 24 -91.04 -8.13 -15.74
C GLU N 24 -90.31 -9.43 -15.45
N LYS N 25 -89.06 -9.57 -15.89
CA LYS N 25 -88.28 -10.75 -15.55
C LYS N 25 -87.82 -10.70 -14.10
N VAL N 26 -87.58 -11.87 -13.52
CA VAL N 26 -87.22 -12.01 -12.11
C VAL N 26 -86.00 -12.89 -12.00
N GLN N 27 -85.02 -12.44 -11.20
CA GLN N 27 -83.82 -13.22 -10.93
C GLN N 27 -84.01 -14.06 -9.68
N ALA N 28 -83.42 -15.26 -9.70
CA ALA N 28 -83.44 -16.16 -8.54
C ALA N 28 -82.07 -16.79 -8.39
N MET N 29 -81.51 -16.71 -7.19
CA MET N 29 -80.18 -17.22 -6.91
C MET N 29 -80.28 -18.53 -6.14
N TYR N 30 -79.64 -19.57 -6.65
CA TYR N 30 -79.67 -20.90 -6.07
C TYR N 30 -78.42 -21.10 -5.20
N ILE N 31 -78.62 -21.52 -3.97
CA ILE N 31 -77.53 -21.69 -3.00
C ILE N 31 -77.53 -23.12 -2.48
N TRP N 32 -76.35 -23.71 -2.37
CA TRP N 32 -76.22 -25.07 -1.86
C TRP N 32 -74.87 -25.25 -1.20
N ILE N 33 -74.79 -26.26 -0.32
CA ILE N 33 -73.55 -26.58 0.39
C ILE N 33 -72.71 -27.51 -0.47
N ASP N 34 -71.41 -27.24 -0.55
CA ASP N 34 -70.51 -27.97 -1.44
C ASP N 34 -69.98 -29.23 -0.76
N GLY N 35 -68.98 -29.86 -1.38
CA GLY N 35 -68.48 -31.14 -0.92
C GLY N 35 -67.63 -31.08 0.32
N THR N 36 -67.12 -29.89 0.68
CA THR N 36 -66.36 -29.76 1.92
C THR N 36 -67.26 -29.79 3.14
N GLY N 37 -68.56 -29.56 2.98
CA GLY N 37 -69.49 -29.57 4.08
C GLY N 37 -69.59 -28.28 4.86
N GLU N 38 -68.78 -27.27 4.53
CA GLU N 38 -68.84 -25.99 5.21
C GLU N 38 -68.81 -24.79 4.28
N GLY N 39 -68.55 -24.98 2.98
CA GLY N 39 -68.58 -23.90 2.02
C GLY N 39 -69.91 -23.84 1.27
N LEU N 40 -70.13 -22.70 0.62
CA LEU N 40 -71.38 -22.45 -0.10
C LEU N 40 -71.07 -22.09 -1.55
N ARG N 41 -72.03 -22.39 -2.43
CA ARG N 41 -71.94 -22.08 -3.85
C ARG N 41 -73.25 -21.46 -4.31
N CYS N 42 -73.18 -20.67 -5.38
CA CYS N 42 -74.37 -19.99 -5.86
C CYS N 42 -74.28 -19.77 -7.36
N LYS N 43 -75.47 -19.65 -7.99
CA LYS N 43 -75.61 -19.31 -9.40
C LYS N 43 -77.01 -18.75 -9.60
N THR N 44 -77.19 -18.01 -10.70
CA THR N 44 -78.39 -17.23 -10.93
C THR N 44 -79.08 -17.65 -12.23
N ARG N 45 -80.41 -17.64 -12.21
CA ARG N 45 -81.21 -17.91 -13.39
C ARG N 45 -82.34 -16.88 -13.47
N THR N 46 -82.92 -16.75 -14.66
CA THR N 46 -83.99 -15.81 -14.92
C THR N 46 -85.33 -16.54 -14.99
N LEU N 47 -86.33 -16.01 -14.27
CA LEU N 47 -87.67 -16.55 -14.27
C LEU N 47 -88.63 -15.60 -14.98
N ASP N 48 -89.70 -16.17 -15.54
CA ASP N 48 -90.65 -15.35 -16.30
C ASP N 48 -91.48 -14.45 -15.39
N SER N 49 -91.81 -14.93 -14.20
CA SER N 49 -92.65 -14.18 -13.27
C SER N 49 -92.21 -14.47 -11.85
N GLU N 50 -92.62 -13.59 -10.94
CA GLU N 50 -92.21 -13.70 -9.54
C GLU N 50 -92.88 -14.91 -8.90
N PRO N 51 -92.10 -15.82 -8.32
CA PRO N 51 -92.72 -16.99 -7.66
C PRO N 51 -93.43 -16.59 -6.38
N LYS N 52 -94.61 -17.17 -6.16
CA LYS N 52 -95.39 -16.89 -4.97
C LYS N 52 -95.03 -17.79 -3.80
N CYS N 53 -94.35 -18.90 -4.05
CA CYS N 53 -93.96 -19.83 -2.99
C CYS N 53 -92.83 -20.69 -3.50
N VAL N 54 -92.14 -21.36 -2.58
CA VAL N 54 -91.00 -22.19 -2.92
C VAL N 54 -91.38 -23.42 -3.72
N GLU N 55 -92.67 -23.80 -3.72
CA GLU N 55 -93.10 -25.02 -4.37
C GLU N 55 -93.12 -24.91 -5.90
N GLU N 56 -93.23 -23.70 -6.45
CA GLU N 56 -93.29 -23.50 -7.88
C GLU N 56 -91.94 -23.12 -8.49
N LEU N 57 -90.87 -23.16 -7.70
CA LEU N 57 -89.54 -22.95 -8.26
C LEU N 57 -89.06 -24.23 -8.93
N PRO N 58 -88.64 -24.17 -10.21
CA PRO N 58 -88.21 -25.38 -10.89
C PRO N 58 -86.91 -25.94 -10.32
N GLU N 59 -86.74 -27.25 -10.50
CA GLU N 59 -85.48 -27.89 -10.14
C GLU N 59 -84.38 -27.48 -11.11
N TRP N 60 -83.14 -27.61 -10.66
CA TRP N 60 -81.98 -27.22 -11.46
C TRP N 60 -80.88 -28.25 -11.27
N ASN N 61 -79.69 -27.93 -11.75
CA ASN N 61 -78.58 -28.88 -11.76
C ASN N 61 -77.27 -28.10 -11.89
N PHE N 62 -76.18 -28.79 -11.59
CA PHE N 62 -74.84 -28.22 -11.74
C PHE N 62 -73.85 -29.36 -11.99
N ASP N 63 -72.59 -28.99 -12.22
CA ASP N 63 -71.52 -29.94 -12.50
C ASP N 63 -70.81 -30.26 -11.20
N GLY N 64 -70.98 -31.48 -10.71
CA GLY N 64 -70.37 -31.88 -9.46
C GLY N 64 -68.87 -32.14 -9.53
N SER N 65 -68.34 -32.34 -10.74
CA SER N 65 -66.90 -32.51 -10.89
C SER N 65 -66.16 -31.24 -10.51
N SER N 66 -66.69 -30.07 -10.89
CA SER N 66 -66.07 -28.80 -10.54
C SER N 66 -66.21 -28.50 -9.06
N THR N 67 -67.20 -29.05 -8.39
CA THR N 67 -67.40 -28.86 -6.95
C THR N 67 -66.80 -29.98 -6.13
N LEU N 68 -66.13 -30.95 -6.78
CA LEU N 68 -65.52 -32.09 -6.09
C LEU N 68 -66.55 -32.88 -5.28
N GLN N 69 -67.74 -33.08 -5.86
CA GLN N 69 -68.79 -33.87 -5.23
C GLN N 69 -69.11 -35.14 -6.00
N SER N 70 -68.35 -35.46 -7.05
CA SER N 70 -68.60 -36.64 -7.85
C SER N 70 -67.40 -36.87 -8.77
N GLU N 71 -67.44 -37.98 -9.48
CA GLU N 71 -66.47 -38.29 -10.51
C GLU N 71 -66.88 -37.64 -11.83
N GLY N 72 -65.93 -37.56 -12.77
CA GLY N 72 -66.21 -36.93 -14.05
C GLY N 72 -67.14 -37.73 -14.95
N SER N 73 -67.21 -39.05 -14.75
CA SER N 73 -68.07 -39.90 -15.57
C SER N 73 -69.53 -39.52 -15.40
N ASN N 74 -70.05 -39.63 -14.19
CA ASN N 74 -71.43 -39.23 -13.88
C ASN N 74 -71.42 -37.94 -13.07
N SER N 75 -71.05 -36.85 -13.75
CA SER N 75 -70.72 -35.61 -13.07
C SER N 75 -71.95 -34.77 -12.70
N ASP N 76 -73.11 -35.07 -13.27
CA ASP N 76 -74.27 -34.20 -13.06
C ASP N 76 -74.89 -34.41 -11.68
N MET N 77 -75.10 -33.29 -10.97
CA MET N 77 -75.84 -33.26 -9.72
C MET N 77 -77.10 -32.45 -9.92
N TYR N 78 -78.01 -32.50 -8.95
CA TYR N 78 -79.31 -31.85 -9.07
C TYR N 78 -79.62 -31.05 -7.82
N LEU N 79 -80.32 -29.94 -8.02
CA LEU N 79 -80.70 -29.03 -6.94
C LEU N 79 -82.21 -29.01 -6.81
N VAL N 80 -82.70 -29.16 -5.58
CA VAL N 80 -84.13 -29.12 -5.28
C VAL N 80 -84.37 -27.98 -4.29
N PRO N 81 -85.17 -26.98 -4.65
CA PRO N 81 -85.41 -25.86 -3.72
C PRO N 81 -86.05 -26.32 -2.42
N ALA N 82 -85.64 -25.70 -1.32
CA ALA N 82 -86.16 -26.01 0.00
C ALA N 82 -86.76 -24.82 0.72
N ALA N 83 -86.14 -23.64 0.62
CA ALA N 83 -86.63 -22.45 1.29
C ALA N 83 -86.33 -21.22 0.44
N MET N 84 -87.27 -20.28 0.43
CA MET N 84 -87.16 -19.05 -0.34
C MET N 84 -87.04 -17.85 0.57
N PHE N 85 -86.26 -16.86 0.14
CA PHE N 85 -86.08 -15.63 0.89
C PHE N 85 -85.98 -14.45 -0.07
N ARG N 86 -86.31 -13.27 0.43
CA ARG N 86 -86.17 -12.05 -0.34
C ARG N 86 -84.69 -11.74 -0.56
N ASP N 87 -84.36 -11.25 -1.75
CA ASP N 87 -82.98 -10.95 -2.08
C ASP N 87 -82.62 -9.56 -1.57
N PRO N 88 -81.68 -9.43 -0.64
CA PRO N 88 -81.29 -8.09 -0.17
C PRO N 88 -80.28 -7.39 -1.06
N PHE N 89 -79.67 -8.09 -2.00
CA PHE N 89 -78.65 -7.51 -2.87
C PHE N 89 -79.20 -7.01 -4.20
N ARG N 90 -80.30 -7.60 -4.66
CA ARG N 90 -80.97 -7.15 -5.87
C ARG N 90 -82.36 -6.60 -5.61
N LYS N 91 -82.86 -6.71 -4.38
CA LYS N 91 -84.16 -6.16 -3.96
C LYS N 91 -85.32 -6.88 -4.64
N ASP N 92 -86.54 -6.54 -4.24
CA ASP N 92 -87.72 -7.17 -4.79
C ASP N 92 -87.83 -6.90 -6.29
N PRO N 93 -88.41 -7.84 -7.05
CA PRO N 93 -89.01 -9.11 -6.65
C PRO N 93 -88.04 -10.30 -6.70
N ASN N 94 -86.74 -10.05 -6.72
CA ASN N 94 -85.77 -11.13 -6.81
C ASN N 94 -85.71 -11.91 -5.50
N LYS N 95 -85.25 -13.16 -5.58
CA LYS N 95 -85.30 -14.09 -4.47
C LYS N 95 -83.98 -14.83 -4.30
N LEU N 96 -83.77 -15.33 -3.07
CA LEU N 96 -82.71 -16.28 -2.75
C LEU N 96 -83.34 -17.64 -2.47
N VAL N 97 -82.74 -18.69 -3.01
CA VAL N 97 -83.27 -20.05 -2.88
C VAL N 97 -82.19 -20.95 -2.31
N LEU N 98 -82.45 -21.53 -1.13
CA LEU N 98 -81.59 -22.56 -0.57
C LEU N 98 -82.07 -23.92 -1.03
N CYS N 99 -81.16 -24.74 -1.56
CA CYS N 99 -81.51 -25.98 -2.21
C CYS N 99 -80.82 -27.17 -1.56
N GLU N 100 -81.43 -28.34 -1.70
CA GLU N 100 -80.84 -29.61 -1.34
C GLU N 100 -80.14 -30.21 -2.56
N VAL N 101 -79.14 -31.05 -2.30
CA VAL N 101 -78.29 -31.60 -3.35
C VAL N 101 -78.54 -33.10 -3.45
N PHE N 102 -78.77 -33.57 -4.67
CA PHE N 102 -78.93 -34.99 -4.96
C PHE N 102 -78.02 -35.36 -6.13
N LYS N 103 -77.53 -36.60 -6.12
CA LYS N 103 -76.66 -37.06 -7.19
C LYS N 103 -77.49 -37.61 -8.34
N TYR N 104 -76.82 -38.23 -9.32
CA TYR N 104 -77.49 -38.59 -10.57
C TYR N 104 -78.61 -39.59 -10.36
N ASN N 105 -78.41 -40.55 -9.45
CA ASN N 105 -79.42 -41.56 -9.16
C ASN N 105 -80.46 -41.07 -8.14
N ARG N 106 -80.57 -39.76 -7.94
CA ARG N 106 -81.57 -39.13 -7.08
C ARG N 106 -81.46 -39.56 -5.62
N ARG N 107 -80.28 -40.00 -5.20
CA ARG N 107 -80.07 -40.22 -3.78
C ARG N 107 -79.35 -39.02 -3.16
N PRO N 108 -79.58 -38.74 -1.88
CA PRO N 108 -78.98 -37.55 -1.27
C PRO N 108 -77.45 -37.58 -1.32
N ALA N 109 -76.87 -36.39 -1.47
CA ALA N 109 -75.42 -36.26 -1.49
C ALA N 109 -74.84 -36.51 -0.11
N GLU N 110 -73.52 -36.70 -0.06
CA GLU N 110 -72.85 -37.03 1.18
C GLU N 110 -73.00 -35.91 2.22
N THR N 111 -72.91 -34.66 1.77
CA THR N 111 -73.04 -33.52 2.67
C THR N 111 -74.48 -33.04 2.79
N ASN N 112 -75.43 -33.70 2.14
CA ASN N 112 -76.84 -33.34 2.23
C ASN N 112 -77.40 -33.94 3.52
N LEU N 113 -77.23 -33.20 4.62
CA LEU N 113 -77.70 -33.64 5.92
C LEU N 113 -79.10 -33.14 6.26
N ARG N 114 -79.68 -32.28 5.41
CA ARG N 114 -81.03 -31.80 5.65
C ARG N 114 -82.08 -32.89 5.46
N HIS N 115 -81.85 -33.80 4.51
CA HIS N 115 -82.85 -34.82 4.18
C HIS N 115 -83.18 -35.68 5.39
N THR N 116 -82.16 -36.23 6.05
CA THR N 116 -82.40 -37.06 7.21
C THR N 116 -82.86 -36.24 8.42
N CYS N 117 -82.41 -34.99 8.51
CA CYS N 117 -82.82 -34.14 9.63
C CYS N 117 -84.29 -33.76 9.54
N LYS N 118 -84.77 -33.51 8.32
CA LYS N 118 -86.18 -33.18 8.14
C LYS N 118 -87.08 -34.33 8.57
N ARG N 119 -86.69 -35.56 8.25
CA ARG N 119 -87.47 -36.73 8.66
C ARG N 119 -87.49 -36.85 10.18
N ILE N 120 -86.38 -36.56 10.84
CA ILE N 120 -86.32 -36.64 12.30
C ILE N 120 -87.25 -35.60 12.93
N MET N 121 -87.28 -34.39 12.37
CA MET N 121 -88.12 -33.33 12.92
C MET N 121 -89.60 -33.67 12.75
N ASP N 122 -89.96 -34.38 11.68
CA ASP N 122 -91.35 -34.74 11.45
C ASP N 122 -91.83 -35.75 12.50
N MET N 123 -90.91 -36.50 13.10
CA MET N 123 -91.30 -37.55 14.03
C MET N 123 -91.74 -36.99 15.37
N VAL N 124 -91.22 -35.84 15.77
CA VAL N 124 -91.49 -35.28 17.09
C VAL N 124 -92.16 -33.91 16.95
N SER N 125 -92.79 -33.67 15.80
CA SER N 125 -93.33 -32.35 15.48
C SER N 125 -94.36 -31.86 16.50
N ASN N 126 -95.03 -32.79 17.19
CA ASN N 126 -96.08 -32.39 18.13
C ASN N 126 -95.52 -31.69 19.36
N GLN N 127 -94.22 -31.80 19.62
CA GLN N 127 -93.61 -31.18 20.79
C GLN N 127 -93.05 -29.79 20.51
N HIS N 128 -93.03 -29.36 19.25
CA HIS N 128 -92.59 -28.03 18.87
C HIS N 128 -91.20 -27.66 19.43
N PRO N 129 -90.14 -28.35 19.02
CA PRO N 129 -88.81 -27.98 19.51
C PRO N 129 -88.35 -26.65 18.92
N TRP N 130 -87.84 -25.78 19.78
CA TRP N 130 -87.34 -24.48 19.37
C TRP N 130 -85.81 -24.45 19.50
N PHE N 131 -85.16 -23.75 18.58
CA PHE N 131 -83.71 -23.65 18.57
C PHE N 131 -83.28 -22.20 18.42
N GLY N 132 -82.20 -21.85 19.12
CA GLY N 132 -81.58 -20.55 18.98
C GLY N 132 -80.07 -20.66 19.00
N MET N 133 -79.41 -20.18 17.97
CA MET N 133 -77.97 -20.38 17.80
C MET N 133 -77.25 -19.04 17.75
N GLU N 134 -76.12 -18.96 18.44
CA GLU N 134 -75.29 -17.76 18.50
C GLU N 134 -74.04 -18.01 17.66
N GLN N 135 -73.96 -17.37 16.50
CA GLN N 135 -72.87 -17.57 15.56
C GLN N 135 -71.81 -16.50 15.73
N GLU N 136 -70.58 -16.94 16.02
CA GLU N 136 -69.44 -16.05 16.17
C GLU N 136 -68.51 -16.19 14.96
N TYR N 137 -67.82 -15.10 14.64
CA TYR N 137 -66.97 -15.06 13.46
C TYR N 137 -65.94 -13.96 13.61
N THR N 138 -64.87 -14.06 12.82
CA THR N 138 -63.79 -13.09 12.82
C THR N 138 -63.61 -12.51 11.43
N LEU N 139 -63.45 -11.19 11.35
CA LEU N 139 -63.20 -10.51 10.09
C LEU N 139 -61.70 -10.49 9.80
N MET N 140 -61.34 -10.85 8.56
CA MET N 140 -59.95 -10.95 8.15
C MET N 140 -59.72 -10.14 6.88
N GLY N 141 -58.52 -9.57 6.78
CA GLY N 141 -58.06 -9.04 5.52
C GLY N 141 -57.67 -10.14 4.57
N THR N 142 -57.40 -9.75 3.32
CA THR N 142 -57.03 -10.73 2.31
C THR N 142 -55.62 -11.26 2.48
N ASP N 143 -54.86 -10.75 3.44
CA ASP N 143 -53.53 -11.24 3.74
C ASP N 143 -53.50 -12.31 4.81
N GLY N 144 -54.67 -12.73 5.32
CA GLY N 144 -54.72 -13.74 6.35
C GLY N 144 -54.51 -13.24 7.76
N HIS N 145 -54.65 -11.93 7.98
CA HIS N 145 -54.48 -11.30 9.28
C HIS N 145 -55.79 -10.62 9.65
N PRO N 146 -56.16 -10.58 10.93
CA PRO N 146 -57.45 -9.98 11.31
C PRO N 146 -57.55 -8.54 10.85
N PHE N 147 -58.74 -8.17 10.39
CA PHE N 147 -58.97 -6.84 9.82
C PHE N 147 -58.80 -5.77 10.89
N GLY N 148 -58.05 -4.72 10.56
CA GLY N 148 -57.79 -3.62 11.48
C GLY N 148 -56.66 -3.84 12.44
N TRP N 149 -56.08 -5.03 12.50
CA TRP N 149 -54.96 -5.29 13.39
C TRP N 149 -53.69 -4.60 12.85
N PRO N 150 -52.74 -4.29 13.73
CA PRO N 150 -51.48 -3.69 13.27
C PRO N 150 -50.75 -4.63 12.32
N SER N 151 -50.06 -4.03 11.34
CA SER N 151 -49.33 -4.81 10.35
C SER N 151 -48.21 -5.60 11.03
N ASN N 152 -48.28 -6.92 10.90
CA ASN N 152 -47.29 -7.84 11.50
C ASN N 152 -47.18 -7.65 13.01
N GLY N 153 -48.32 -7.42 13.66
CA GLY N 153 -48.31 -7.17 15.09
C GLY N 153 -49.65 -7.44 15.73
N PHE N 154 -49.78 -6.98 16.96
CA PHE N 154 -50.96 -7.24 17.77
C PHE N 154 -51.50 -5.94 18.36
N PRO N 155 -52.81 -5.89 18.62
CA PRO N 155 -53.37 -4.77 19.38
C PRO N 155 -53.14 -4.94 20.88
N GLY N 156 -53.70 -4.07 21.69
CA GLY N 156 -53.59 -4.17 23.13
C GLY N 156 -54.30 -5.40 23.65
N PRO N 157 -54.04 -5.74 24.92
CA PRO N 157 -54.64 -6.95 25.49
C PRO N 157 -56.16 -6.85 25.60
N GLN N 158 -56.80 -8.02 25.59
CA GLN N 158 -58.25 -8.11 25.65
C GLN N 158 -58.80 -7.43 26.89
N GLY N 159 -60.09 -7.10 26.85
CA GLY N 159 -60.77 -6.48 27.95
C GLY N 159 -61.61 -5.26 27.61
N PRO N 160 -61.13 -4.37 26.73
CA PRO N 160 -61.97 -3.25 26.31
C PRO N 160 -62.78 -3.48 25.03
N TYR N 161 -62.57 -4.60 24.34
CA TYR N 161 -63.20 -4.83 23.05
C TYR N 161 -64.60 -5.43 23.15
N TYR N 162 -64.93 -6.08 24.27
CA TYR N 162 -66.22 -6.73 24.40
C TYR N 162 -67.33 -5.68 24.50
N CYS N 163 -68.26 -5.73 23.53
CA CYS N 163 -69.35 -4.77 23.45
C CYS N 163 -68.85 -3.32 23.43
N GLY N 164 -67.68 -3.12 22.83
CA GLY N 164 -67.05 -1.81 22.86
C GLY N 164 -67.59 -0.86 21.81
N VAL N 165 -67.33 0.43 22.03
CA VAL N 165 -67.69 1.49 21.11
C VAL N 165 -66.51 2.43 20.97
N GLY N 166 -66.23 2.87 19.74
CA GLY N 166 -65.13 3.76 19.48
C GLY N 166 -64.22 3.29 18.36
N ALA N 167 -63.40 4.20 17.83
CA ALA N 167 -62.53 3.85 16.72
C ALA N 167 -61.44 2.86 17.13
N ASP N 168 -61.06 2.86 18.40
CA ASP N 168 -60.00 1.99 18.91
C ASP N 168 -60.53 0.74 19.59
N ARG N 169 -61.84 0.48 19.52
CA ARG N 169 -62.41 -0.65 20.25
C ARG N 169 -63.21 -1.59 19.35
N ALA N 170 -63.89 -1.07 18.34
CA ALA N 170 -64.69 -1.87 17.42
C ALA N 170 -64.10 -1.78 16.03
N TYR N 171 -63.82 -2.94 15.42
CA TYR N 171 -63.21 -3.03 14.10
C TYR N 171 -64.23 -3.57 13.12
N GLY N 172 -64.68 -2.72 12.20
CA GLY N 172 -65.52 -3.19 11.10
C GLY N 172 -66.99 -3.29 11.41
N ARG N 173 -67.54 -2.30 12.11
CA ARG N 173 -68.97 -2.31 12.40
C ARG N 173 -69.82 -2.03 11.15
N ASP N 174 -69.21 -1.52 10.09
CA ASP N 174 -69.96 -1.30 8.85
C ASP N 174 -70.52 -2.61 8.30
N ILE N 175 -69.70 -3.67 8.32
CA ILE N 175 -70.18 -4.98 7.88
C ILE N 175 -71.32 -5.46 8.76
N VAL N 176 -71.16 -5.30 10.08
CA VAL N 176 -72.15 -5.82 11.03
C VAL N 176 -73.50 -5.13 10.82
N GLU N 177 -73.49 -3.81 10.66
CA GLU N 177 -74.73 -3.07 10.45
C GLU N 177 -75.40 -3.45 9.13
N ALA N 178 -74.60 -3.63 8.08
CA ALA N 178 -75.16 -4.02 6.78
C ALA N 178 -75.78 -5.41 6.83
N HIS N 179 -75.09 -6.35 7.48
CA HIS N 179 -75.59 -7.72 7.58
C HIS N 179 -76.88 -7.78 8.38
N TYR N 180 -76.97 -6.99 9.46
CA TYR N 180 -78.19 -6.97 10.27
C TYR N 180 -79.37 -6.48 9.46
N ARG N 181 -79.20 -5.40 8.70
CA ARG N 181 -80.30 -4.87 7.90
C ARG N 181 -80.63 -5.80 6.74
N ALA N 182 -79.62 -6.46 6.17
CA ALA N 182 -79.86 -7.38 5.06
C ALA N 182 -80.65 -8.60 5.50
N CYS N 183 -80.36 -9.13 6.69
CA CYS N 183 -81.09 -10.30 7.19
C CYS N 183 -82.55 -9.95 7.48
N LEU N 184 -82.80 -8.77 8.06
CA LEU N 184 -84.16 -8.35 8.34
C LEU N 184 -84.98 -8.21 7.05
N TYR N 185 -84.35 -7.65 6.01
CA TYR N 185 -85.04 -7.49 4.73
C TYR N 185 -85.35 -8.85 4.10
N ALA N 186 -84.43 -9.81 4.22
CA ALA N 186 -84.61 -11.10 3.58
C ALA N 186 -85.65 -11.97 4.27
N GLY N 187 -85.94 -11.71 5.54
CA GLY N 187 -86.80 -12.56 6.34
C GLY N 187 -86.07 -13.52 7.26
N VAL N 188 -84.75 -13.39 7.39
CA VAL N 188 -84.00 -14.21 8.34
C VAL N 188 -84.32 -13.75 9.76
N LYS N 189 -84.54 -14.72 10.64
CA LYS N 189 -84.94 -14.43 12.01
C LYS N 189 -83.71 -14.15 12.87
N ILE N 190 -83.14 -12.96 12.65
CA ILE N 190 -81.97 -12.53 13.40
C ILE N 190 -82.44 -11.88 14.70
N ALA N 191 -81.80 -12.25 15.82
CA ALA N 191 -82.24 -11.83 17.14
C ALA N 191 -81.38 -10.73 17.76
N GLY N 192 -80.16 -10.53 17.27
CA GLY N 192 -79.31 -9.48 17.81
C GLY N 192 -77.87 -9.73 17.48
N THR N 193 -77.04 -8.74 17.81
CA THR N 193 -75.60 -8.79 17.55
C THR N 193 -74.87 -8.14 18.72
N ASN N 194 -73.57 -8.46 18.83
CA ASN N 194 -72.70 -7.81 19.79
C ASN N 194 -71.25 -8.05 19.38
N ALA N 195 -70.37 -7.14 19.82
CA ALA N 195 -68.94 -7.30 19.63
C ALA N 195 -68.38 -8.28 20.63
N GLU N 196 -67.34 -9.02 20.22
CA GLU N 196 -66.81 -10.11 21.01
C GLU N 196 -65.53 -9.68 21.74
N VAL N 197 -64.94 -10.64 22.45
CA VAL N 197 -63.80 -10.35 23.32
C VAL N 197 -62.58 -9.93 22.49
N MET N 198 -62.32 -10.63 21.39
CA MET N 198 -61.21 -10.28 20.51
C MET N 198 -61.63 -9.15 19.57
N PRO N 199 -60.78 -8.15 19.35
CA PRO N 199 -61.09 -7.12 18.36
C PRO N 199 -61.17 -7.73 16.97
N ALA N 200 -62.10 -7.19 16.16
CA ALA N 200 -62.49 -7.68 14.84
C ALA N 200 -63.25 -9.00 14.90
N GLN N 201 -63.74 -9.39 16.08
CA GLN N 201 -64.58 -10.57 16.25
C GLN N 201 -65.97 -10.13 16.67
N TRP N 202 -66.99 -10.83 16.15
CA TRP N 202 -68.38 -10.42 16.32
C TRP N 202 -69.26 -11.64 16.49
N GLU N 203 -70.55 -11.38 16.71
CA GLU N 203 -71.53 -12.44 16.93
C GLU N 203 -72.91 -11.94 16.51
N PHE N 204 -73.71 -12.83 15.93
CA PHE N 204 -75.13 -12.59 15.73
C PHE N 204 -75.90 -13.82 16.17
N GLN N 205 -77.17 -13.60 16.51
CA GLN N 205 -78.03 -14.66 17.04
C GLN N 205 -79.22 -14.89 16.11
N ILE N 206 -79.54 -16.17 15.89
CA ILE N 206 -80.67 -16.57 15.06
C ILE N 206 -81.62 -17.39 15.92
N GLY N 207 -82.91 -17.06 15.85
CA GLY N 207 -83.93 -17.80 16.56
C GLY N 207 -84.86 -16.92 17.37
N PRO N 208 -85.80 -17.55 18.09
CA PRO N 208 -86.06 -18.99 18.18
C PRO N 208 -86.75 -19.53 16.93
N CYS N 209 -86.21 -20.59 16.34
CA CYS N 209 -86.75 -21.19 15.13
C CYS N 209 -87.23 -22.60 15.43
N GLU N 210 -88.43 -22.92 14.94
CA GLU N 210 -89.06 -24.21 15.22
C GLU N 210 -88.59 -25.25 14.22
N GLY N 211 -88.01 -26.34 14.72
CA GLY N 211 -87.76 -27.51 13.90
C GLY N 211 -86.72 -27.28 12.80
N ILE N 212 -87.10 -27.66 11.58
CA ILE N 212 -86.15 -27.67 10.47
C ILE N 212 -85.80 -26.26 10.00
N SER N 213 -86.63 -25.28 10.36
CA SER N 213 -86.38 -23.92 9.88
C SER N 213 -85.13 -23.32 10.50
N MET N 214 -84.64 -23.88 11.60
CA MET N 214 -83.43 -23.36 12.22
C MET N 214 -82.22 -23.52 11.30
N GLY N 215 -82.09 -24.70 10.67
CA GLY N 215 -80.97 -24.92 9.77
C GLY N 215 -81.05 -24.09 8.50
N ASP N 216 -82.26 -23.81 8.01
CA ASP N 216 -82.40 -22.99 6.82
C ASP N 216 -82.02 -21.54 7.09
N HIS N 217 -82.46 -20.98 8.21
CA HIS N 217 -82.22 -19.58 8.50
C HIS N 217 -80.74 -19.31 8.78
N LEU N 218 -80.06 -20.24 9.46
CA LEU N 218 -78.66 -20.04 9.78
C LEU N 218 -77.79 -20.11 8.53
N TRP N 219 -78.08 -21.07 7.64
CA TRP N 219 -77.27 -21.23 6.44
C TRP N 219 -77.44 -20.04 5.49
N VAL N 220 -78.65 -19.49 5.41
CA VAL N 220 -78.87 -18.29 4.60
C VAL N 220 -78.19 -17.09 5.24
N ALA N 221 -78.21 -17.01 6.57
CA ALA N 221 -77.54 -15.92 7.26
C ALA N 221 -76.03 -15.94 7.00
N ARG N 222 -75.45 -17.14 6.98
CA ARG N 222 -74.03 -17.27 6.67
C ARG N 222 -73.74 -16.82 5.24
N PHE N 223 -74.62 -17.18 4.30
CA PHE N 223 -74.42 -16.76 2.92
C PHE N 223 -74.48 -15.24 2.79
N ILE N 224 -75.42 -14.60 3.48
CA ILE N 224 -75.55 -13.15 3.41
C ILE N 224 -74.29 -12.47 3.96
N LEU N 225 -73.73 -13.02 5.03
CA LEU N 225 -72.51 -12.45 5.60
C LEU N 225 -71.35 -12.53 4.61
N HIS N 226 -71.17 -13.68 3.96
CA HIS N 226 -70.10 -13.84 2.98
C HIS N 226 -70.29 -12.87 1.81
N ARG N 227 -71.53 -12.74 1.34
CA ARG N 227 -71.80 -11.86 0.20
C ARG N 227 -71.63 -10.40 0.58
N VAL N 228 -72.04 -10.02 1.79
CA VAL N 228 -71.84 -8.65 2.26
C VAL N 228 -70.35 -8.35 2.42
N CYS N 229 -69.61 -9.27 3.03
CA CYS N 229 -68.17 -9.07 3.19
C CYS N 229 -67.45 -9.00 1.86
N GLU N 230 -67.98 -9.68 0.83
CA GLU N 230 -67.40 -9.58 -0.50
C GLU N 230 -67.48 -8.16 -1.04
N ASP N 231 -68.58 -7.45 -0.76
CA ASP N 231 -68.72 -6.07 -1.20
C ASP N 231 -67.65 -5.18 -0.59
N PHE N 232 -67.36 -5.35 0.70
CA PHE N 232 -66.37 -4.56 1.39
C PHE N 232 -64.93 -5.03 1.15
N GLY N 233 -64.75 -6.23 0.59
CA GLY N 233 -63.41 -6.71 0.28
C GLY N 233 -62.70 -7.40 1.41
N VAL N 234 -63.41 -7.84 2.45
CA VAL N 234 -62.80 -8.56 3.57
C VAL N 234 -63.38 -9.97 3.60
N ILE N 235 -62.79 -10.81 4.46
CA ILE N 235 -63.14 -12.22 4.57
C ILE N 235 -63.70 -12.48 5.95
N ALA N 236 -64.85 -13.15 6.00
CA ALA N 236 -65.44 -13.61 7.25
C ALA N 236 -65.12 -15.09 7.42
N THR N 237 -64.48 -15.44 8.53
CA THR N 237 -64.06 -16.81 8.80
C THR N 237 -64.81 -17.36 10.00
N PHE N 238 -65.13 -18.65 9.94
CA PHE N 238 -65.80 -19.35 11.03
C PHE N 238 -64.88 -20.33 11.75
N ASP N 239 -63.57 -20.16 11.62
CA ASP N 239 -62.62 -21.08 12.24
C ASP N 239 -62.73 -21.00 13.76
N PRO N 240 -62.69 -22.14 14.46
CA PRO N 240 -62.81 -22.11 15.92
C PRO N 240 -61.70 -21.36 16.63
N LYS N 241 -60.47 -21.40 16.11
CA LYS N 241 -59.33 -20.75 16.74
C LYS N 241 -58.52 -20.01 15.69
N PRO N 242 -59.03 -18.88 15.19
CA PRO N 242 -58.32 -18.16 14.13
C PRO N 242 -56.94 -17.67 14.52
N ILE N 243 -56.74 -17.26 15.77
CA ILE N 243 -55.47 -16.74 16.25
C ILE N 243 -55.03 -17.53 17.47
N PRO N 244 -53.86 -18.16 17.46
CA PRO N 244 -53.43 -18.93 18.63
C PRO N 244 -52.87 -18.04 19.73
N GLY N 245 -53.03 -18.52 20.96
CA GLY N 245 -52.48 -17.86 22.14
C GLY N 245 -53.59 -17.35 23.05
N ASN N 246 -53.34 -16.18 23.64
CA ASN N 246 -54.29 -15.53 24.55
C ASN N 246 -55.32 -14.70 23.81
N TRP N 247 -56.00 -15.33 22.85
CA TRP N 247 -57.05 -14.66 22.07
C TRP N 247 -58.27 -15.57 21.99
N ASN N 248 -59.45 -14.98 22.12
CA ASN N 248 -60.68 -15.74 22.25
C ASN N 248 -60.97 -16.54 20.99
N GLY N 249 -61.57 -17.72 21.18
CA GLY N 249 -62.02 -18.55 20.08
C GLY N 249 -63.44 -18.20 19.66
N ALA N 250 -63.98 -19.02 18.76
CA ALA N 250 -65.32 -18.82 18.23
C ALA N 250 -66.10 -20.11 18.31
N GLY N 251 -67.32 -20.04 18.85
CA GLY N 251 -68.20 -21.18 18.92
C GLY N 251 -69.61 -20.82 18.48
N CYS N 252 -70.46 -21.83 18.40
CA CYS N 252 -71.85 -21.67 18.01
C CYS N 252 -72.73 -22.28 19.10
N HIS N 253 -73.06 -21.49 20.12
CA HIS N 253 -73.91 -21.97 21.20
C HIS N 253 -75.32 -22.23 20.69
N THR N 254 -75.90 -23.35 21.11
CA THR N 254 -77.23 -23.77 20.67
C THR N 254 -78.16 -23.80 21.86
N ASN N 255 -79.28 -23.08 21.75
CA ASN N 255 -80.30 -23.05 22.79
C ASN N 255 -81.46 -23.94 22.37
N PHE N 256 -81.93 -24.77 23.30
CA PHE N 256 -82.93 -25.80 23.01
C PHE N 256 -84.05 -25.74 24.02
N SER N 257 -85.29 -25.86 23.54
CA SER N 257 -86.45 -25.97 24.41
C SER N 257 -87.56 -26.69 23.66
N THR N 258 -88.46 -27.29 24.43
CA THR N 258 -89.68 -27.89 23.91
C THR N 258 -90.89 -27.18 24.51
N LYS N 259 -92.08 -27.63 24.14
CA LYS N 259 -93.30 -27.06 24.71
C LYS N 259 -93.41 -27.36 26.20
N ALA N 260 -93.01 -28.58 26.60
CA ALA N 260 -93.05 -28.94 28.01
C ALA N 260 -92.10 -28.07 28.84
N MET N 261 -90.88 -27.83 28.34
CA MET N 261 -89.95 -26.98 29.06
C MET N 261 -90.43 -25.53 29.11
N ARG N 262 -91.18 -25.10 28.09
CA ARG N 262 -91.72 -23.75 28.07
C ARG N 262 -92.99 -23.59 28.90
N GLU N 263 -93.63 -24.70 29.30
CA GLU N 263 -94.86 -24.65 30.06
C GLU N 263 -94.55 -24.53 31.56
N GLU N 264 -95.58 -24.58 32.39
CA GLU N 264 -95.40 -24.42 33.82
C GLU N 264 -94.63 -25.60 34.40
N ASN N 265 -93.69 -25.30 35.30
CA ASN N 265 -92.83 -26.30 35.93
C ASN N 265 -92.08 -27.13 34.90
N GLY N 266 -91.72 -26.49 33.79
CA GLY N 266 -90.94 -27.13 32.75
C GLY N 266 -89.48 -27.32 33.06
N LEU N 267 -89.00 -26.75 34.17
CA LEU N 267 -87.62 -26.95 34.57
C LEU N 267 -87.32 -28.42 34.85
N LYS N 268 -88.32 -29.17 35.33
CA LYS N 268 -88.11 -30.58 35.60
C LYS N 268 -87.81 -31.37 34.31
N TYR N 269 -88.40 -30.94 33.19
CA TYR N 269 -88.15 -31.62 31.93
C TYR N 269 -86.77 -31.28 31.38
N ILE N 270 -86.23 -30.11 31.77
CA ILE N 270 -84.89 -29.73 31.33
C ILE N 270 -83.84 -30.64 31.95
N GLU N 271 -84.03 -30.98 33.23
CA GLU N 271 -83.04 -31.80 33.94
C GLU N 271 -82.94 -33.20 33.34
N GLU N 272 -84.06 -33.77 32.91
CA GLU N 272 -84.01 -35.09 32.26
C GLU N 272 -83.22 -35.02 30.96
N ALA N 273 -83.43 -33.97 30.16
CA ALA N 273 -82.68 -33.84 28.92
C ALA N 273 -81.19 -33.70 29.18
N ILE N 274 -80.82 -32.88 30.16
CA ILE N 274 -79.41 -32.72 30.49
C ILE N 274 -78.85 -34.02 31.06
N GLU N 275 -79.62 -34.71 31.90
CA GLU N 275 -79.18 -36.01 32.41
C GLU N 275 -78.99 -37.01 31.28
N LYS N 276 -79.91 -37.04 30.32
CA LYS N 276 -79.76 -37.92 29.17
C LYS N 276 -78.63 -37.47 28.26
N LEU N 277 -78.35 -36.16 28.22
CA LEU N 277 -77.24 -35.66 27.42
C LEU N 277 -75.89 -36.03 28.00
N SER N 278 -75.81 -36.16 29.33
CA SER N 278 -74.54 -36.42 29.99
C SER N 278 -73.92 -37.75 29.58
N LYS N 279 -74.72 -38.69 29.11
CA LYS N 279 -74.21 -40.02 28.77
C LYS N 279 -73.69 -40.12 27.34
N ARG N 280 -73.90 -39.11 26.51
CA ARG N 280 -73.49 -39.17 25.11
C ARG N 280 -72.58 -38.00 24.73
N HIS N 281 -71.58 -37.71 25.58
CA HIS N 281 -70.69 -36.60 25.30
C HIS N 281 -69.87 -36.84 24.04
N GLN N 282 -69.31 -38.03 23.85
CA GLN N 282 -68.42 -38.26 22.69
C GLN N 282 -69.23 -38.24 21.38
N TYR N 283 -70.42 -38.84 21.40
CA TYR N 283 -71.28 -38.86 20.20
C TYR N 283 -71.58 -37.41 19.77
N HIS N 284 -71.98 -36.56 20.72
CA HIS N 284 -72.33 -35.15 20.39
C HIS N 284 -71.06 -34.44 19.87
N ILE N 285 -69.92 -34.63 20.52
CA ILE N 285 -68.70 -33.93 20.11
C ILE N 285 -68.37 -34.27 18.66
N ARG N 286 -68.55 -35.53 18.27
CA ARG N 286 -68.29 -35.93 16.88
C ARG N 286 -69.26 -35.25 15.92
N ALA N 287 -70.52 -35.10 16.32
CA ALA N 287 -71.54 -34.51 15.46
C ALA N 287 -71.52 -32.99 15.46
N TYR N 288 -70.70 -32.36 16.30
CA TYR N 288 -70.62 -30.91 16.40
C TYR N 288 -69.48 -30.34 15.57
N ASP N 289 -68.83 -31.14 14.72
CA ASP N 289 -67.69 -30.71 13.96
C ASP N 289 -67.73 -31.36 12.57
N PRO N 290 -67.55 -30.57 11.51
CA PRO N 290 -67.42 -31.19 10.18
C PRO N 290 -66.19 -32.08 10.05
N LYS N 291 -65.16 -31.83 10.84
CA LYS N 291 -63.93 -32.61 10.81
C LYS N 291 -63.94 -33.76 11.81
N GLY N 292 -65.04 -33.96 12.54
CA GLY N 292 -65.14 -35.02 13.51
C GLY N 292 -64.61 -34.71 14.89
N GLY N 293 -64.01 -33.54 15.09
CA GLY N 293 -63.50 -33.18 16.40
C GLY N 293 -62.12 -32.56 16.34
N LEU N 294 -61.55 -32.43 15.14
CA LEU N 294 -60.22 -31.86 14.98
C LEU N 294 -60.23 -30.34 14.95
N ASP N 295 -61.39 -29.70 15.01
CA ASP N 295 -61.49 -28.25 15.05
C ASP N 295 -61.82 -27.73 16.45
N ASN N 296 -62.80 -28.34 17.13
CA ASN N 296 -63.09 -27.98 18.51
C ASN N 296 -61.94 -28.32 19.46
N ALA N 297 -61.00 -29.15 19.02
CA ALA N 297 -59.87 -29.53 19.88
C ALA N 297 -59.03 -28.31 20.24
N ARG N 298 -58.80 -27.41 19.29
CA ARG N 298 -58.00 -26.23 19.54
C ARG N 298 -58.76 -25.12 20.25
N ARG N 299 -60.09 -25.23 20.34
CA ARG N 299 -60.90 -24.22 21.03
C ARG N 299 -61.27 -24.67 22.45
N LEU N 300 -61.91 -25.83 22.57
CA LEU N 300 -62.30 -26.35 23.87
C LEU N 300 -61.07 -26.84 24.62
N THR N 301 -60.46 -25.96 25.41
CA THR N 301 -59.25 -26.30 26.15
C THR N 301 -59.40 -26.11 27.66
N GLY N 302 -60.48 -25.51 28.13
CA GLY N 302 -60.64 -25.21 29.54
C GLY N 302 -60.14 -23.85 29.97
N PHE N 303 -59.52 -23.09 29.08
CA PHE N 303 -59.02 -21.76 29.39
C PHE N 303 -59.93 -20.71 28.78
N HIS N 304 -59.77 -19.47 29.26
CA HIS N 304 -60.58 -18.34 28.82
C HIS N 304 -62.06 -18.61 29.00
N GLU N 305 -62.41 -19.23 30.14
CA GLU N 305 -63.79 -19.56 30.49
C GLU N 305 -64.45 -20.43 29.42
N THR N 306 -63.81 -21.55 29.13
CA THR N 306 -64.32 -22.55 28.19
C THR N 306 -64.51 -23.88 28.93
N SER N 307 -64.84 -24.91 28.17
CA SER N 307 -65.03 -26.25 28.71
C SER N 307 -64.03 -27.21 28.06
N ASN N 308 -63.62 -28.23 28.82
CA ASN N 308 -62.66 -29.20 28.31
C ASN N 308 -63.30 -30.05 27.21
N ILE N 309 -62.47 -30.45 26.25
CA ILE N 309 -62.96 -31.23 25.11
C ILE N 309 -63.44 -32.60 25.55
N ASN N 310 -62.91 -33.14 26.65
CA ASN N 310 -63.18 -34.51 27.07
C ASN N 310 -63.90 -34.59 28.41
N ASP N 311 -64.45 -33.50 28.92
CA ASP N 311 -65.13 -33.49 30.21
C ASP N 311 -66.50 -32.86 30.06
N PHE N 312 -67.53 -33.57 30.52
CA PHE N 312 -68.90 -33.09 30.51
C PHE N 312 -69.24 -32.50 31.87
N SER N 313 -69.85 -31.31 31.88
CA SER N 313 -70.27 -30.67 33.11
C SER N 313 -71.51 -29.84 32.83
N ALA N 314 -72.25 -29.56 33.89
CA ALA N 314 -73.47 -28.76 33.79
C ALA N 314 -73.70 -28.05 35.11
N GLY N 315 -74.47 -26.97 35.05
CA GLY N 315 -74.77 -26.20 36.24
C GLY N 315 -75.57 -24.97 35.89
N VAL N 316 -76.29 -24.48 36.89
CA VAL N 316 -77.10 -23.28 36.72
C VAL N 316 -76.17 -22.07 36.65
N ALA N 317 -76.34 -21.28 35.57
CA ALA N 317 -75.59 -20.03 35.39
C ALA N 317 -74.08 -20.25 35.42
N ASN N 318 -73.61 -21.40 34.95
CA ASN N 318 -72.20 -21.71 34.90
C ASN N 318 -71.73 -21.63 33.46
N ARG N 319 -70.99 -20.56 33.14
CA ARG N 319 -70.51 -20.36 31.78
C ARG N 319 -69.29 -21.21 31.45
N SER N 320 -68.67 -21.84 32.44
CA SER N 320 -67.53 -22.73 32.20
C SER N 320 -67.94 -24.17 31.95
N ALA N 321 -69.21 -24.51 32.15
CA ALA N 321 -69.67 -25.87 31.93
C ALA N 321 -69.94 -26.11 30.44
N SER N 322 -70.14 -27.39 30.11
CA SER N 322 -70.53 -27.74 28.75
C SER N 322 -72.01 -27.45 28.50
N ILE N 323 -72.83 -27.47 29.54
CA ILE N 323 -74.25 -27.15 29.44
C ILE N 323 -74.56 -26.10 30.50
N ARG N 324 -75.24 -25.03 30.10
CA ARG N 324 -75.55 -23.92 30.99
C ARG N 324 -77.06 -23.77 31.10
N ILE N 325 -77.55 -23.67 32.33
CA ILE N 325 -78.94 -23.31 32.61
C ILE N 325 -78.97 -21.83 32.97
N PRO N 326 -79.71 -21.00 32.24
CA PRO N 326 -79.76 -19.57 32.57
C PRO N 326 -80.29 -19.34 33.97
N ARG N 327 -79.76 -18.31 34.63
CA ARG N 327 -80.14 -18.01 36.00
C ARG N 327 -81.63 -17.69 36.10
N THR N 328 -82.15 -16.90 35.16
CA THR N 328 -83.57 -16.56 35.18
C THR N 328 -84.43 -17.80 35.00
N VAL N 329 -84.01 -18.73 34.15
CA VAL N 329 -84.72 -19.99 34.01
C VAL N 329 -84.72 -20.74 35.34
N GLY N 330 -83.61 -20.67 36.07
CA GLY N 330 -83.59 -21.23 37.42
C GLY N 330 -84.48 -20.48 38.39
N GLN N 331 -84.51 -19.15 38.29
CA GLN N 331 -85.38 -18.37 39.16
C GLN N 331 -86.84 -18.71 38.91
N GLU N 332 -87.24 -18.81 37.65
CA GLU N 332 -88.54 -19.35 37.29
C GLU N 332 -88.44 -20.87 37.27
N LYS N 333 -89.45 -21.53 36.72
CA LYS N 333 -89.45 -22.99 36.61
C LYS N 333 -89.69 -23.43 35.16
N LYS N 334 -89.27 -22.61 34.20
CA LYS N 334 -89.57 -22.86 32.80
C LYS N 334 -88.56 -22.12 31.93
N GLY N 335 -88.41 -22.59 30.70
CA GLY N 335 -87.53 -21.94 29.76
C GLY N 335 -86.78 -22.88 28.84
N TYR N 336 -85.45 -22.73 28.81
CA TYR N 336 -84.59 -23.46 27.88
C TYR N 336 -83.25 -23.71 28.55
N PHE N 337 -82.38 -24.42 27.85
CA PHE N 337 -81.00 -24.62 28.29
C PHE N 337 -80.07 -24.43 27.11
N GLU N 338 -78.82 -24.11 27.43
CA GLU N 338 -77.83 -23.70 26.43
C GLU N 338 -76.69 -24.71 26.37
N ASP N 339 -76.37 -25.16 25.16
CA ASP N 339 -75.26 -26.07 24.91
C ASP N 339 -74.11 -25.27 24.30
N ARG N 340 -72.98 -25.23 25.01
CA ARG N 340 -71.84 -24.41 24.62
C ARG N 340 -70.77 -25.18 23.85
N ARG N 341 -71.02 -26.44 23.52
CA ARG N 341 -70.02 -27.30 22.90
C ARG N 341 -69.77 -27.07 21.41
N PRO N 342 -70.79 -26.82 20.57
CA PRO N 342 -70.55 -26.79 19.11
C PRO N 342 -69.59 -25.68 18.71
N SER N 343 -68.82 -25.97 17.66
CA SER N 343 -67.87 -25.02 17.09
C SER N 343 -68.59 -24.01 16.20
N ALA N 344 -67.86 -22.94 15.86
CA ALA N 344 -68.42 -21.90 15.00
C ALA N 344 -68.70 -22.42 13.59
N ASN N 345 -67.91 -23.37 13.11
CA ASN N 345 -68.06 -23.91 11.76
C ASN N 345 -68.94 -25.15 11.72
N CYS N 346 -69.81 -25.35 12.71
CA CYS N 346 -70.65 -26.53 12.78
C CYS N 346 -71.77 -26.47 11.74
N ASP N 347 -72.31 -27.64 11.42
CA ASP N 347 -73.47 -27.74 10.55
C ASP N 347 -74.74 -27.73 11.41
N PRO N 348 -75.62 -26.74 11.26
CA PRO N 348 -76.82 -26.69 12.11
C PRO N 348 -77.71 -27.91 11.98
N PHE N 349 -77.75 -28.54 10.81
CA PHE N 349 -78.57 -29.74 10.63
C PHE N 349 -78.05 -30.88 11.50
N SER N 350 -76.72 -31.05 11.57
CA SER N 350 -76.15 -32.08 12.43
C SER N 350 -76.40 -31.78 13.90
N VAL N 351 -76.25 -30.51 14.30
CA VAL N 351 -76.42 -30.15 15.71
C VAL N 351 -77.87 -30.35 16.15
N THR N 352 -78.81 -29.87 15.34
CA THR N 352 -80.22 -29.96 15.73
C THR N 352 -80.69 -31.41 15.71
N GLU N 353 -80.14 -32.24 14.82
CA GLU N 353 -80.56 -33.63 14.76
C GLU N 353 -80.05 -34.42 15.97
N ALA N 354 -78.81 -34.18 16.39
CA ALA N 354 -78.26 -34.91 17.52
C ALA N 354 -78.99 -34.58 18.82
N LEU N 355 -79.38 -33.32 18.99
CA LEU N 355 -80.10 -32.92 20.21
C LEU N 355 -81.48 -33.58 20.27
N ILE N 356 -82.13 -33.76 19.14
CA ILE N 356 -83.49 -34.37 19.13
C ILE N 356 -83.40 -35.88 19.35
N ARG N 357 -82.31 -36.51 18.93
CA ARG N 357 -82.17 -37.99 19.02
C ARG N 357 -81.84 -38.40 20.47
N THR N 358 -81.07 -37.58 21.18
CA THR N 358 -80.66 -37.93 22.55
C THR N 358 -81.68 -37.45 23.56
N CYS N 359 -82.35 -36.33 23.36
CA CYS N 359 -83.26 -35.82 24.38
C CYS N 359 -84.72 -36.19 24.15
N LEU N 360 -85.14 -36.30 22.89
CA LEU N 360 -86.55 -36.54 22.59
C LEU N 360 -86.85 -37.96 22.10
N LEU N 361 -85.84 -38.68 21.61
CA LEU N 361 -86.04 -40.04 21.12
C LEU N 361 -85.38 -41.09 22.00
N ASN N 362 -84.61 -40.64 22.98
CA ASN N 362 -83.96 -41.56 23.95
C ASN N 362 -83.11 -42.58 23.19
N GLU N 363 -82.41 -42.13 22.16
CA GLU N 363 -81.51 -43.05 21.41
C GLU N 363 -80.19 -43.17 22.16
N THR N 364 -79.48 -44.28 21.97
CA THR N 364 -78.14 -44.42 22.55
C THR N 364 -77.29 -45.24 21.60
N GLY N 365 -76.01 -45.36 21.89
CA GLY N 365 -75.04 -46.06 21.07
C GLY N 365 -74.18 -45.09 20.28
N ASP N 366 -73.29 -45.63 19.46
CA ASP N 366 -72.41 -44.77 18.62
C ASP N 366 -73.10 -44.54 17.26
N GLU N 367 -74.08 -45.38 16.94
CA GLU N 367 -74.75 -45.26 15.62
C GLU N 367 -76.21 -44.84 15.80
N PRO N 368 -76.68 -43.77 15.11
CA PRO N 368 -78.06 -43.35 15.20
C PRO N 368 -79.02 -44.42 14.66
N PHE N 369 -80.16 -44.60 15.33
CA PHE N 369 -81.15 -45.62 14.90
C PHE N 369 -81.84 -45.15 13.62
N GLN N 370 -82.14 -46.07 12.70
CA GLN N 370 -82.79 -45.71 11.42
C GLN N 370 -84.31 -45.91 11.47
N TYR N 371 -85.08 -45.03 10.80
CA TYR N 371 -86.56 -45.16 10.67
C TYR N 371 -87.27 -44.86 11.98
N LYS N 372 -86.57 -44.91 13.12
CA LYS N 372 -87.21 -44.74 14.43
C LYS N 372 -86.11 -44.53 15.46
N ASN N 373 -86.49 -44.49 16.73
CA ASN N 373 -85.52 -44.42 17.82
C ASN N 373 -85.08 -45.81 18.26
N THR O 2 -53.61 -3.44 -13.30
CA THR O 2 -54.13 -2.10 -13.07
C THR O 2 -55.39 -1.84 -13.89
N THR O 3 -55.96 -0.65 -13.72
CA THR O 3 -57.13 -0.22 -14.47
C THR O 3 -56.77 1.02 -15.30
N SER O 4 -57.67 1.36 -16.21
CA SER O 4 -57.40 2.44 -17.16
C SER O 4 -57.39 3.81 -16.46
N ALA O 5 -56.71 4.76 -17.08
CA ALA O 5 -56.70 6.13 -16.58
C ALA O 5 -58.09 6.73 -16.60
N SER O 6 -58.88 6.42 -17.63
CA SER O 6 -60.24 6.97 -17.75
C SER O 6 -61.11 6.53 -16.58
N SER O 7 -60.85 5.37 -15.99
CA SER O 7 -61.65 4.89 -14.88
C SER O 7 -61.32 5.60 -13.57
N HIS O 8 -60.24 6.38 -13.51
CA HIS O 8 -59.88 7.13 -12.32
C HIS O 8 -60.44 8.55 -12.32
N LEU O 9 -61.16 8.95 -13.37
CA LEU O 9 -61.84 10.23 -13.35
C LEU O 9 -63.02 10.19 -12.39
N ASN O 10 -63.43 11.37 -11.92
CA ASN O 10 -64.51 11.47 -10.95
C ASN O 10 -65.84 11.11 -11.62
N LYS O 11 -66.36 9.93 -11.30
CA LYS O 11 -67.62 9.47 -11.87
C LYS O 11 -68.83 10.19 -11.31
N GLY O 12 -68.69 10.84 -10.14
CA GLY O 12 -69.78 11.66 -9.64
C GLY O 12 -70.07 12.86 -10.53
N ILE O 13 -69.02 13.42 -11.14
CA ILE O 13 -69.18 14.54 -12.06
C ILE O 13 -70.01 14.13 -13.26
N LYS O 14 -69.74 12.95 -13.81
CA LYS O 14 -70.48 12.47 -14.98
C LYS O 14 -71.95 12.25 -14.64
N GLN O 15 -72.24 11.73 -13.45
CA GLN O 15 -73.61 11.48 -13.06
C GLN O 15 -74.43 12.77 -13.00
N VAL O 16 -73.79 13.87 -12.63
CA VAL O 16 -74.48 15.16 -12.58
C VAL O 16 -74.97 15.56 -13.97
N TYR O 17 -74.09 15.43 -14.97
CA TYR O 17 -74.47 15.81 -16.33
C TYR O 17 -75.54 14.89 -16.90
N MET O 18 -75.47 13.60 -16.59
CA MET O 18 -76.46 12.66 -17.10
C MET O 18 -77.82 12.83 -16.45
N SER O 19 -77.93 13.60 -15.37
CA SER O 19 -79.21 13.88 -14.74
C SER O 19 -79.96 15.03 -15.39
N LEU O 20 -79.34 15.74 -16.32
CA LEU O 20 -80.02 16.83 -17.01
C LEU O 20 -81.14 16.27 -17.88
N PRO O 21 -82.34 16.87 -17.87
CA PRO O 21 -83.39 16.42 -18.78
C PRO O 21 -82.96 16.55 -20.23
N GLN O 22 -83.31 15.54 -21.02
CA GLN O 22 -82.81 15.47 -22.39
C GLN O 22 -83.51 16.46 -23.31
N GLY O 23 -84.83 16.59 -23.19
CA GLY O 23 -85.58 17.41 -24.12
C GLY O 23 -86.39 16.58 -25.08
N GLU O 24 -86.39 16.95 -26.38
CA GLU O 24 -87.13 16.22 -27.40
C GLU O 24 -86.25 15.41 -28.34
N LYS O 25 -84.95 15.72 -28.42
CA LYS O 25 -84.07 14.97 -29.29
C LYS O 25 -83.75 13.60 -28.69
N VAL O 26 -83.43 12.64 -29.56
CA VAL O 26 -83.19 11.26 -29.17
C VAL O 26 -81.86 10.80 -29.75
N GLN O 27 -81.04 10.17 -28.91
CA GLN O 27 -79.76 9.62 -29.34
C GLN O 27 -79.93 8.18 -29.79
N ALA O 28 -79.20 7.80 -30.83
CA ALA O 28 -79.19 6.43 -31.34
C ALA O 28 -77.75 6.02 -31.61
N MET O 29 -77.35 4.86 -31.09
CA MET O 29 -76.01 4.34 -31.25
C MET O 29 -76.02 3.22 -32.29
N TYR O 30 -75.19 3.36 -33.32
CA TYR O 30 -75.08 2.37 -34.38
C TYR O 30 -73.90 1.46 -34.09
N ILE O 31 -74.12 0.15 -34.15
CA ILE O 31 -73.11 -0.85 -33.84
C ILE O 31 -72.95 -1.78 -35.04
N TRP O 32 -71.71 -2.14 -35.34
CA TRP O 32 -71.44 -3.07 -36.45
C TRP O 32 -70.14 -3.82 -36.17
N ILE O 33 -70.03 -4.99 -36.79
CA ILE O 33 -68.83 -5.83 -36.67
C ILE O 33 -67.79 -5.35 -37.67
N ASP O 34 -66.54 -5.22 -37.21
CA ASP O 34 -65.48 -4.65 -38.03
C ASP O 34 -64.83 -5.72 -38.91
N GLY O 35 -63.71 -5.37 -39.54
CA GLY O 35 -63.08 -6.23 -40.53
C GLY O 35 -62.32 -7.41 -39.98
N THR O 36 -62.08 -7.46 -38.67
CA THR O 36 -61.45 -8.63 -38.09
C THR O 36 -62.43 -9.76 -37.84
N GLY O 37 -63.73 -9.49 -37.90
CA GLY O 37 -64.74 -10.48 -37.61
C GLY O 37 -64.97 -10.74 -36.14
N GLU O 38 -64.26 -10.05 -35.25
CA GLU O 38 -64.34 -10.27 -33.82
C GLU O 38 -64.71 -9.01 -33.05
N GLY O 39 -64.15 -7.86 -33.42
CA GLY O 39 -64.39 -6.64 -32.69
C GLY O 39 -65.65 -5.91 -33.14
N LEU O 40 -66.04 -4.92 -32.33
CA LEU O 40 -67.22 -4.12 -32.58
C LEU O 40 -66.84 -2.65 -32.68
N ARG O 41 -67.65 -1.88 -33.41
CA ARG O 41 -67.47 -0.45 -33.55
C ARG O 41 -68.82 0.24 -33.33
N CYS O 42 -68.76 1.51 -32.91
CA CYS O 42 -69.99 2.23 -32.61
C CYS O 42 -69.80 3.73 -32.84
N LYS O 43 -70.91 4.40 -33.11
CA LYS O 43 -70.96 5.85 -33.25
C LYS O 43 -72.41 6.30 -33.02
N THR O 44 -72.59 7.58 -32.73
CA THR O 44 -73.86 8.12 -32.27
C THR O 44 -74.36 9.22 -33.20
N ARG O 45 -75.67 9.24 -33.42
CA ARG O 45 -76.34 10.29 -34.17
C ARG O 45 -77.59 10.73 -33.42
N THR O 46 -78.04 11.96 -33.71
CA THR O 46 -79.21 12.54 -33.07
C THR O 46 -80.42 12.42 -33.99
N LEU O 47 -81.55 12.02 -33.41
CA LEU O 47 -82.81 11.92 -34.14
C LEU O 47 -83.82 12.92 -33.59
N ASP O 48 -84.76 13.32 -34.46
CA ASP O 48 -85.74 14.31 -34.07
C ASP O 48 -86.80 13.75 -33.13
N SER O 49 -87.16 12.48 -33.28
CA SER O 49 -88.18 11.87 -32.45
C SER O 49 -87.80 10.41 -32.19
N GLU O 50 -88.41 9.85 -31.16
CA GLU O 50 -88.10 8.48 -30.75
C GLU O 50 -88.65 7.49 -31.78
N PRO O 51 -87.82 6.63 -32.36
CA PRO O 51 -88.34 5.67 -33.34
C PRO O 51 -89.18 4.59 -32.69
N LYS O 52 -90.31 4.27 -33.32
CA LYS O 52 -91.21 3.26 -32.81
C LYS O 52 -90.84 1.85 -33.26
N CYS O 53 -89.99 1.71 -34.26
CA CYS O 53 -89.56 0.41 -34.75
C CYS O 53 -88.27 0.58 -35.52
N VAL O 54 -87.59 -0.54 -35.76
CA VAL O 54 -86.30 -0.51 -36.44
C VAL O 54 -86.45 -0.13 -37.91
N GLU O 55 -87.64 -0.29 -38.48
CA GLU O 55 -87.84 -0.05 -39.91
C GLU O 55 -87.76 1.43 -40.27
N GLU O 56 -87.98 2.34 -39.31
CA GLU O 56 -87.95 3.77 -39.58
C GLU O 56 -86.64 4.42 -39.13
N LEU O 57 -85.63 3.63 -38.78
CA LEU O 57 -84.32 4.17 -38.48
C LEU O 57 -83.56 4.44 -39.78
N PRO O 58 -83.06 5.65 -39.99
CA PRO O 58 -82.41 5.98 -41.26
C PRO O 58 -81.12 5.19 -41.47
N GLU O 59 -80.79 5.00 -42.75
CA GLU O 59 -79.54 4.38 -43.13
C GLU O 59 -78.38 5.35 -42.92
N TRP O 60 -77.19 4.79 -42.67
CA TRP O 60 -76.02 5.60 -42.37
C TRP O 60 -74.82 5.01 -43.10
N ASN O 61 -73.62 5.49 -42.74
CA ASN O 61 -72.39 5.09 -43.43
C ASN O 61 -71.21 5.41 -42.52
N PHE O 62 -70.04 4.91 -42.91
CA PHE O 62 -68.80 5.17 -42.20
C PHE O 62 -67.64 5.03 -43.16
N ASP O 63 -66.43 5.35 -42.68
CA ASP O 63 -65.22 5.29 -43.50
C ASP O 63 -64.58 3.91 -43.34
N GLY O 64 -64.56 3.13 -44.42
CA GLY O 64 -64.08 1.77 -44.36
C GLY O 64 -62.57 1.64 -44.28
N SER O 65 -61.82 2.65 -44.73
CA SER O 65 -60.37 2.56 -44.66
C SER O 65 -59.86 2.67 -43.23
N SER O 66 -60.54 3.44 -42.39
CA SER O 66 -60.15 3.53 -40.98
C SER O 66 -60.43 2.23 -40.25
N THR O 67 -61.43 1.47 -40.68
CA THR O 67 -61.74 0.17 -40.10
C THR O 67 -61.05 -0.97 -40.85
N LEU O 68 -60.27 -0.66 -41.89
CA LEU O 68 -59.56 -1.65 -42.69
C LEU O 68 -60.53 -2.64 -43.33
N GLN O 69 -61.45 -2.10 -44.12
CA GLN O 69 -62.45 -2.92 -44.80
C GLN O 69 -62.68 -2.52 -46.25
N SER O 70 -61.84 -1.66 -46.82
CA SER O 70 -62.14 -1.06 -48.12
C SER O 70 -60.86 -0.89 -48.93
N GLU O 71 -61.04 -0.52 -50.20
CA GLU O 71 -59.94 -0.21 -51.11
C GLU O 71 -59.45 1.20 -50.84
N GLY O 72 -58.63 1.72 -51.75
CA GLY O 72 -58.11 3.08 -51.62
C GLY O 72 -59.09 4.15 -52.05
N SER O 73 -59.75 3.94 -53.18
CA SER O 73 -60.65 4.95 -53.75
C SER O 73 -62.07 4.84 -53.20
N ASN O 74 -62.71 3.69 -53.41
CA ASN O 74 -64.09 3.48 -52.96
C ASN O 74 -64.07 3.01 -51.52
N SER O 75 -63.80 3.97 -50.62
CA SER O 75 -63.60 3.66 -49.21
C SER O 75 -64.87 3.72 -48.37
N ASP O 76 -65.95 4.28 -48.90
CA ASP O 76 -67.17 4.45 -48.12
C ASP O 76 -67.96 3.14 -48.03
N MET O 77 -68.42 2.83 -46.83
CA MET O 77 -69.25 1.66 -46.58
C MET O 77 -70.55 2.11 -45.94
N TYR O 78 -71.55 1.23 -45.96
CA TYR O 78 -72.91 1.57 -45.57
C TYR O 78 -73.37 0.70 -44.41
N LEU O 79 -74.23 1.27 -43.57
CA LEU O 79 -74.81 0.58 -42.42
C LEU O 79 -76.32 0.54 -42.59
N VAL O 80 -76.90 -0.64 -42.48
CA VAL O 80 -78.35 -0.84 -42.57
C VAL O 80 -78.84 -1.39 -41.24
N PRO O 81 -79.72 -0.70 -40.53
CA PRO O 81 -80.20 -1.20 -39.23
C PRO O 81 -80.90 -2.55 -39.37
N ALA O 82 -80.68 -3.42 -38.39
CA ALA O 82 -81.28 -4.74 -38.36
C ALA O 82 -82.09 -5.02 -37.10
N ALA O 83 -81.62 -4.57 -35.94
CA ALA O 83 -82.33 -4.80 -34.68
C ALA O 83 -82.11 -3.60 -33.76
N MET O 84 -83.14 -3.29 -32.99
CA MET O 84 -83.13 -2.13 -32.10
C MET O 84 -83.36 -2.58 -30.67
N PHE O 85 -82.68 -1.89 -29.74
CA PHE O 85 -82.78 -2.22 -28.32
C PHE O 85 -82.76 -0.93 -27.50
N ARG O 86 -83.32 -1.01 -26.30
CA ARG O 86 -83.25 0.12 -25.38
C ARG O 86 -81.81 0.33 -24.91
N ASP O 87 -81.43 1.59 -24.77
CA ASP O 87 -80.06 1.92 -24.36
C ASP O 87 -79.96 1.89 -22.84
N PRO O 88 -79.16 1.00 -22.26
CA PRO O 88 -79.01 0.98 -20.79
C PRO O 88 -78.03 2.00 -20.26
N PHE O 89 -77.22 2.61 -21.11
CA PHE O 89 -76.21 3.57 -20.66
C PHE O 89 -76.71 5.01 -20.70
N ARG O 90 -77.68 5.30 -21.57
CA ARG O 90 -78.31 6.61 -21.64
C ARG O 90 -79.78 6.59 -21.26
N LYS O 91 -80.37 5.42 -21.06
CA LYS O 91 -81.76 5.24 -20.63
C LYS O 91 -82.74 5.70 -21.70
N ASP O 92 -84.03 5.48 -21.45
CA ASP O 92 -85.06 5.84 -22.42
C ASP O 92 -85.07 7.35 -22.63
N PRO O 93 -85.44 7.81 -23.83
CA PRO O 93 -85.87 7.05 -25.01
C PRO O 93 -84.75 6.71 -25.99
N ASN O 94 -83.49 6.76 -25.56
CA ASN O 94 -82.37 6.45 -26.45
C ASN O 94 -82.31 4.96 -26.75
N LYS O 95 -81.67 4.63 -27.87
CA LYS O 95 -81.71 3.27 -28.41
C LYS O 95 -80.31 2.82 -28.83
N LEU O 96 -80.14 1.50 -28.88
CA LEU O 96 -79.00 0.84 -29.51
C LEU O 96 -79.46 0.16 -30.80
N VAL O 97 -78.66 0.30 -31.85
CA VAL O 97 -79.02 -0.22 -33.17
C VAL O 97 -77.89 -1.09 -33.67
N LEU O 98 -78.16 -2.37 -33.87
CA LEU O 98 -77.22 -3.28 -34.54
C LEU O 98 -77.48 -3.23 -36.04
N CYS O 99 -76.40 -3.10 -36.81
CA CYS O 99 -76.50 -2.84 -38.24
C CYS O 99 -75.75 -3.88 -39.04
N GLU O 100 -76.13 -3.99 -40.32
CA GLU O 100 -75.42 -4.80 -41.30
C GLU O 100 -74.54 -3.89 -42.14
N VAL O 101 -73.43 -4.44 -42.61
CA VAL O 101 -72.41 -3.68 -43.34
C VAL O 101 -72.45 -4.09 -44.81
N PHE O 102 -72.47 -3.10 -45.69
CA PHE O 102 -72.50 -3.32 -47.13
C PHE O 102 -71.42 -2.48 -47.80
N LYS O 103 -70.96 -2.96 -48.95
CA LYS O 103 -69.90 -2.29 -49.68
C LYS O 103 -70.45 -1.08 -50.45
N TYR O 104 -69.55 -0.34 -51.10
CA TYR O 104 -69.97 0.82 -51.88
C TYR O 104 -70.91 0.43 -53.02
N ASN O 105 -70.79 -0.79 -53.52
CA ASN O 105 -71.67 -1.31 -54.55
C ASN O 105 -72.88 -2.07 -53.98
N ARG O 106 -73.18 -1.86 -52.70
CA ARG O 106 -74.32 -2.45 -52.00
C ARG O 106 -74.26 -3.98 -51.96
N ARG O 107 -73.07 -4.55 -52.06
CA ARG O 107 -72.91 -5.98 -51.82
C ARG O 107 -72.42 -6.21 -50.38
N PRO O 108 -72.81 -7.32 -49.76
CA PRO O 108 -72.45 -7.54 -48.36
C PRO O 108 -70.94 -7.59 -48.15
N ALA O 109 -70.51 -7.10 -46.99
CA ALA O 109 -69.11 -7.12 -46.63
C ALA O 109 -68.65 -8.55 -46.34
N GLU O 110 -67.32 -8.72 -46.28
CA GLU O 110 -66.77 -10.05 -46.08
C GLU O 110 -67.15 -10.61 -44.72
N THR O 111 -67.18 -9.77 -43.69
CA THR O 111 -67.54 -10.20 -42.35
C THR O 111 -69.03 -10.09 -42.08
N ASN O 112 -69.82 -9.66 -43.06
CA ASN O 112 -71.27 -9.57 -42.92
C ASN O 112 -71.85 -10.96 -43.18
N LEU O 113 -71.87 -11.79 -42.15
CA LEU O 113 -72.40 -13.14 -42.24
C LEU O 113 -73.90 -13.22 -41.93
N ARG O 114 -74.51 -12.11 -41.48
CA ARG O 114 -75.93 -12.14 -41.17
C ARG O 114 -76.78 -12.26 -42.43
N HIS O 115 -76.34 -11.66 -43.54
CA HIS O 115 -77.15 -11.63 -44.75
C HIS O 115 -77.48 -13.03 -45.24
N THR O 116 -76.46 -13.89 -45.36
CA THR O 116 -76.70 -15.25 -45.82
C THR O 116 -77.35 -16.11 -44.75
N CYS O 117 -77.12 -15.81 -43.46
CA CYS O 117 -77.73 -16.59 -42.40
C CYS O 117 -79.23 -16.33 -42.32
N LYS O 118 -79.66 -15.10 -42.59
CA LYS O 118 -81.09 -14.80 -42.58
C LYS O 118 -81.82 -15.55 -43.69
N ARG O 119 -81.21 -15.62 -44.87
CA ARG O 119 -81.82 -16.36 -45.98
C ARG O 119 -81.96 -17.83 -45.65
N ILE O 120 -80.94 -18.42 -45.02
CA ILE O 120 -81.01 -19.82 -44.62
C ILE O 120 -82.09 -20.03 -43.59
N MET O 121 -82.27 -19.07 -42.68
CA MET O 121 -83.26 -19.21 -41.61
C MET O 121 -84.68 -19.04 -42.12
N ASP O 122 -84.85 -18.42 -43.30
CA ASP O 122 -86.19 -18.08 -43.78
C ASP O 122 -86.94 -19.26 -44.36
N MET O 123 -86.25 -20.36 -44.68
CA MET O 123 -86.88 -21.49 -45.35
C MET O 123 -87.03 -22.71 -44.44
N VAL O 124 -86.80 -22.56 -43.14
CA VAL O 124 -87.02 -23.63 -42.17
C VAL O 124 -87.94 -23.11 -41.07
N SER O 125 -88.68 -22.04 -41.40
CA SER O 125 -89.44 -21.32 -40.37
C SER O 125 -90.48 -22.19 -39.69
N ASN O 126 -91.14 -23.08 -40.44
CA ASN O 126 -92.20 -23.90 -39.86
C ASN O 126 -91.68 -24.78 -38.73
N GLN O 127 -90.39 -25.15 -38.77
CA GLN O 127 -89.82 -26.00 -37.73
C GLN O 127 -89.42 -25.23 -36.48
N HIS O 128 -89.35 -23.90 -36.55
CA HIS O 128 -89.06 -23.02 -35.42
C HIS O 128 -87.80 -23.44 -34.67
N PRO O 129 -86.62 -23.31 -35.27
CA PRO O 129 -85.39 -23.68 -34.55
C PRO O 129 -85.10 -22.73 -33.41
N TRP O 130 -84.81 -23.27 -32.24
CA TRP O 130 -84.43 -22.50 -31.07
C TRP O 130 -82.96 -22.69 -30.77
N PHE O 131 -82.32 -21.63 -30.29
CA PHE O 131 -80.91 -21.64 -29.94
C PHE O 131 -80.69 -21.05 -28.55
N GLY O 132 -79.71 -21.61 -27.84
CA GLY O 132 -79.29 -21.05 -26.57
C GLY O 132 -77.79 -21.24 -26.40
N MET O 133 -77.08 -20.15 -26.17
CA MET O 133 -75.62 -20.17 -26.15
C MET O 133 -75.09 -19.66 -24.82
N GLU O 134 -74.01 -20.29 -24.35
CA GLU O 134 -73.40 -19.99 -23.06
C GLU O 134 -72.05 -19.32 -23.33
N GLN O 135 -72.01 -18.00 -23.14
CA GLN O 135 -70.81 -17.22 -23.43
C GLN O 135 -69.91 -17.16 -22.19
N GLU O 136 -68.67 -17.61 -22.33
CA GLU O 136 -67.68 -17.53 -21.28
C GLU O 136 -66.64 -16.47 -21.62
N TYR O 137 -66.06 -15.86 -20.60
CA TYR O 137 -65.12 -14.77 -20.79
C TYR O 137 -64.26 -14.61 -19.54
N THR O 138 -63.15 -13.90 -19.71
CA THR O 138 -62.22 -13.63 -18.62
C THR O 138 -62.00 -12.12 -18.50
N LEU O 139 -62.02 -11.63 -17.26
CA LEU O 139 -61.75 -10.23 -17.00
C LEU O 139 -60.26 -10.00 -16.80
N MET O 140 -59.73 -8.97 -17.45
CA MET O 140 -58.30 -8.71 -17.49
C MET O 140 -58.03 -7.27 -17.09
N GLY O 141 -56.97 -7.07 -16.32
CA GLY O 141 -56.44 -5.74 -16.11
C GLY O 141 -55.80 -5.21 -17.38
N THR O 142 -55.53 -3.89 -17.37
CA THR O 142 -54.95 -3.25 -18.55
C THR O 142 -53.50 -3.67 -18.79
N ASP O 143 -52.88 -4.38 -17.87
CA ASP O 143 -51.52 -4.88 -18.04
C ASP O 143 -51.48 -6.25 -18.72
N GLY O 144 -52.61 -6.80 -19.12
CA GLY O 144 -52.63 -8.09 -19.77
C GLY O 144 -52.61 -9.28 -18.83
N HIS O 145 -52.94 -9.08 -17.56
CA HIS O 145 -52.98 -10.12 -16.55
C HIS O 145 -54.39 -10.18 -15.97
N PRO O 146 -54.89 -11.36 -15.60
CA PRO O 146 -56.27 -11.48 -15.13
C PRO O 146 -56.54 -10.59 -13.92
N PHE O 147 -57.72 -9.98 -13.91
CA PHE O 147 -58.07 -9.01 -12.87
C PHE O 147 -58.16 -9.70 -11.51
N GLY O 148 -57.54 -9.09 -10.50
CA GLY O 148 -57.53 -9.63 -9.16
C GLY O 148 -56.44 -10.65 -8.88
N TRP O 149 -55.74 -11.13 -9.92
CA TRP O 149 -54.66 -12.09 -9.71
C TRP O 149 -53.47 -11.41 -9.05
N PRO O 150 -52.63 -12.16 -8.33
CA PRO O 150 -51.43 -11.56 -7.73
C PRO O 150 -50.49 -11.04 -8.80
N SER O 151 -49.81 -9.94 -8.48
CA SER O 151 -48.90 -9.31 -9.42
C SER O 151 -47.74 -10.24 -9.73
N ASN O 152 -47.58 -10.58 -11.02
CA ASN O 152 -46.54 -11.49 -11.48
C ASN O 152 -46.62 -12.84 -10.78
N GLY O 153 -47.84 -13.33 -10.56
CA GLY O 153 -48.01 -14.56 -9.82
C GLY O 153 -49.34 -15.22 -10.13
N PHE O 154 -49.68 -16.19 -9.31
CA PHE O 154 -50.87 -17.00 -9.51
C PHE O 154 -51.66 -17.13 -8.21
N PRO O 155 -52.98 -17.31 -8.30
CA PRO O 155 -53.76 -17.64 -7.11
C PRO O 155 -53.63 -19.11 -6.75
N GLY O 156 -54.40 -19.57 -5.77
CA GLY O 156 -54.40 -20.96 -5.39
C GLY O 156 -54.96 -21.85 -6.48
N PRO O 157 -54.77 -23.17 -6.34
CA PRO O 157 -55.22 -24.10 -7.38
C PRO O 157 -56.74 -24.09 -7.52
N GLN O 158 -57.20 -24.42 -8.72
CA GLN O 158 -58.63 -24.44 -9.04
C GLN O 158 -59.38 -25.40 -8.12
N GLY O 159 -60.69 -25.18 -8.02
CA GLY O 159 -61.54 -25.99 -7.19
C GLY O 159 -62.51 -25.24 -6.29
N PRO O 160 -62.09 -24.13 -5.67
CA PRO O 160 -63.03 -23.32 -4.88
C PRO O 160 -63.68 -22.17 -5.63
N TYR O 161 -63.27 -21.88 -6.86
CA TYR O 161 -63.74 -20.71 -7.56
C TYR O 161 -65.04 -20.93 -8.33
N TYR O 162 -65.37 -22.17 -8.67
CA TYR O 162 -66.56 -22.45 -9.47
C TYR O 162 -67.82 -22.16 -8.66
N CYS O 163 -68.64 -21.22 -9.15
CA CYS O 163 -69.86 -20.79 -8.46
C CYS O 163 -69.55 -20.32 -7.03
N GLY O 164 -68.36 -19.77 -6.80
CA GLY O 164 -67.95 -19.42 -5.47
C GLY O 164 -68.52 -18.09 -4.99
N VAL O 165 -68.44 -17.90 -3.68
CA VAL O 165 -68.86 -16.65 -3.04
C VAL O 165 -67.82 -16.27 -2.00
N GLY O 166 -67.51 -14.98 -1.92
CA GLY O 166 -66.52 -14.49 -0.97
C GLY O 166 -65.46 -13.63 -1.62
N ALA O 167 -64.72 -12.87 -0.80
CA ALA O 167 -63.72 -11.97 -1.33
C ALA O 167 -62.55 -12.72 -1.97
N ASP O 168 -62.28 -13.94 -1.54
CA ASP O 168 -61.17 -14.72 -2.04
C ASP O 168 -61.58 -15.78 -3.06
N ARG O 169 -62.82 -15.74 -3.55
CA ARG O 169 -63.29 -16.78 -4.45
C ARG O 169 -63.90 -16.22 -5.74
N ALA O 170 -64.45 -15.02 -5.68
CA ALA O 170 -65.08 -14.39 -6.85
C ALA O 170 -64.40 -13.05 -7.11
N TYR O 171 -63.90 -12.87 -8.32
CA TYR O 171 -63.17 -11.66 -8.71
C TYR O 171 -64.03 -10.86 -9.69
N GLY O 172 -64.49 -9.69 -9.24
CA GLY O 172 -65.17 -8.77 -10.13
C GLY O 172 -66.64 -9.06 -10.36
N ARG O 173 -67.38 -9.35 -9.30
CA ARG O 173 -68.81 -9.58 -9.44
C ARG O 173 -69.58 -8.30 -9.71
N ASP O 174 -68.96 -7.13 -9.49
CA ASP O 174 -69.64 -5.87 -9.80
C ASP O 174 -69.94 -5.76 -11.29
N ILE O 175 -69.00 -6.16 -12.14
CA ILE O 175 -69.21 -6.13 -13.58
C ILE O 175 -70.35 -7.07 -13.97
N VAL O 176 -70.36 -8.27 -13.38
CA VAL O 176 -71.35 -9.28 -13.74
C VAL O 176 -72.75 -8.81 -13.35
N GLU O 177 -72.90 -8.24 -12.16
CA GLU O 177 -74.20 -7.75 -11.73
C GLU O 177 -74.68 -6.59 -12.61
N ALA O 178 -73.77 -5.67 -12.96
CA ALA O 178 -74.14 -4.54 -13.81
C ALA O 178 -74.54 -5.01 -15.20
N HIS O 179 -73.80 -5.96 -15.77
CA HIS O 179 -74.11 -6.44 -17.11
C HIS O 179 -75.45 -7.17 -17.14
N TYR O 180 -75.75 -7.94 -16.10
CA TYR O 180 -77.02 -8.67 -16.04
C TYR O 180 -78.19 -7.69 -16.04
N ARG O 181 -78.10 -6.63 -15.23
CA ARG O 181 -79.20 -5.68 -15.16
C ARG O 181 -79.29 -4.83 -16.43
N ALA O 182 -78.14 -4.54 -17.05
CA ALA O 182 -78.15 -3.78 -18.29
C ALA O 182 -78.81 -4.55 -19.43
N CYS O 183 -78.53 -5.86 -19.51
CA CYS O 183 -79.15 -6.67 -20.56
C CYS O 183 -80.65 -6.78 -20.36
N LEU O 184 -81.11 -6.95 -19.11
CA LEU O 184 -82.54 -7.03 -18.85
C LEU O 184 -83.25 -5.74 -19.23
N TYR O 185 -82.63 -4.60 -18.95
CA TYR O 185 -83.21 -3.31 -19.33
C TYR O 185 -83.28 -3.17 -20.84
N ALA O 186 -82.24 -3.59 -21.55
CA ALA O 186 -82.18 -3.41 -23.00
C ALA O 186 -83.16 -4.30 -23.74
N GLY O 187 -83.59 -5.41 -23.14
CA GLY O 187 -84.39 -6.40 -23.83
C GLY O 187 -83.64 -7.60 -24.33
N VAL O 188 -82.35 -7.75 -23.97
CA VAL O 188 -81.59 -8.93 -24.33
C VAL O 188 -82.10 -10.12 -23.53
N LYS O 189 -82.29 -11.25 -24.20
CA LYS O 189 -82.84 -12.46 -23.58
C LYS O 189 -81.71 -13.19 -22.84
N ILE O 190 -81.35 -12.67 -21.68
CA ILE O 190 -80.30 -13.26 -20.85
C ILE O 190 -80.94 -14.26 -19.89
N ALA O 191 -80.38 -15.47 -19.84
CA ALA O 191 -81.00 -16.56 -19.09
C ALA O 191 -80.36 -16.81 -17.73
N GLY O 192 -79.11 -16.42 -17.51
CA GLY O 192 -78.49 -16.63 -16.23
C GLY O 192 -76.99 -16.41 -16.31
N THR O 193 -76.36 -16.47 -15.13
CA THR O 193 -74.92 -16.29 -15.00
C THR O 193 -74.38 -17.22 -13.93
N ASN O 194 -73.08 -17.48 -14.00
CA ASN O 194 -72.39 -18.24 -12.96
C ASN O 194 -70.90 -17.94 -13.04
N ALA O 195 -70.21 -18.16 -11.93
CA ALA O 195 -68.76 -18.07 -11.90
C ALA O 195 -68.14 -19.36 -12.38
N GLU O 196 -67.00 -19.23 -13.06
CA GLU O 196 -66.38 -20.35 -13.74
C GLU O 196 -65.26 -20.98 -12.90
N VAL O 197 -64.60 -21.98 -13.47
CA VAL O 197 -63.61 -22.76 -12.73
C VAL O 197 -62.39 -21.90 -12.41
N MET O 198 -61.92 -21.12 -13.36
CA MET O 198 -60.79 -20.23 -13.16
C MET O 198 -61.26 -18.94 -12.50
N PRO O 199 -60.54 -18.42 -11.49
CA PRO O 199 -60.92 -17.14 -10.90
C PRO O 199 -60.78 -16.01 -11.91
N ALA O 200 -61.68 -15.03 -11.79
CA ALA O 200 -61.87 -13.91 -12.72
C ALA O 200 -62.46 -14.34 -14.05
N GLN O 201 -62.98 -15.55 -14.14
CA GLN O 201 -63.66 -16.05 -15.33
C GLN O 201 -65.14 -16.28 -15.02
N TRP O 202 -66.00 -15.89 -15.96
CA TRP O 202 -67.43 -15.91 -15.74
C TRP O 202 -68.15 -16.43 -16.98
N GLU O 203 -69.47 -16.54 -16.88
CA GLU O 203 -70.31 -17.04 -17.96
C GLU O 203 -71.70 -16.43 -17.85
N PHE O 204 -72.29 -16.11 -19.00
CA PHE O 204 -73.71 -15.78 -19.07
C PHE O 204 -74.35 -16.55 -20.22
N GLN O 205 -75.65 -16.79 -20.11
CA GLN O 205 -76.39 -17.59 -21.07
C GLN O 205 -77.45 -16.73 -21.76
N ILE O 206 -77.57 -16.90 -23.07
CA ILE O 206 -78.55 -16.20 -23.89
C ILE O 206 -79.46 -17.22 -24.55
N GLY O 207 -80.76 -17.03 -24.41
CA GLY O 207 -81.72 -17.89 -25.06
C GLY O 207 -82.88 -18.30 -24.17
N PRO O 208 -83.80 -19.13 -24.69
CA PRO O 208 -83.85 -19.66 -26.07
C PRO O 208 -84.32 -18.61 -27.06
N CYS O 209 -83.62 -18.46 -28.19
CA CYS O 209 -83.95 -17.47 -29.20
C CYS O 209 -84.28 -18.17 -30.50
N GLU O 210 -85.39 -17.77 -31.12
CA GLU O 210 -85.87 -18.41 -32.35
C GLU O 210 -85.13 -17.83 -33.55
N GLY O 211 -84.44 -18.69 -34.29
CA GLY O 211 -83.94 -18.31 -35.60
C GLY O 211 -82.86 -17.25 -35.56
N ILE O 212 -83.06 -16.20 -36.36
CA ILE O 212 -82.02 -15.18 -36.56
C ILE O 212 -81.86 -14.31 -35.33
N SER O 213 -82.82 -14.32 -34.41
CA SER O 213 -82.74 -13.46 -33.24
C SER O 213 -81.61 -13.89 -32.30
N MET O 214 -81.13 -15.13 -32.43
CA MET O 214 -80.04 -15.58 -31.58
C MET O 214 -78.76 -14.79 -31.84
N GLY O 215 -78.45 -14.55 -33.11
CA GLY O 215 -77.25 -13.80 -33.44
C GLY O 215 -77.31 -12.34 -33.03
N ASP O 216 -78.48 -11.72 -33.16
CA ASP O 216 -78.63 -10.32 -32.78
C ASP O 216 -78.47 -10.14 -31.28
N HIS O 217 -79.10 -11.01 -30.50
CA HIS O 217 -79.08 -10.86 -29.04
C HIS O 217 -77.69 -11.10 -28.47
N LEU O 218 -76.98 -12.10 -28.98
CA LEU O 218 -75.64 -12.39 -28.47
C LEU O 218 -74.66 -11.28 -28.79
N TRP O 219 -74.72 -10.75 -30.02
CA TRP O 219 -73.79 -9.70 -30.42
C TRP O 219 -74.03 -8.42 -29.62
N VAL O 220 -75.30 -8.08 -29.37
CA VAL O 220 -75.60 -6.92 -28.55
C VAL O 220 -75.17 -7.15 -27.12
N ALA O 221 -75.33 -8.38 -26.62
CA ALA O 221 -74.89 -8.70 -25.27
C ALA O 221 -73.38 -8.54 -25.13
N ARG O 222 -72.63 -8.93 -26.17
CA ARG O 222 -71.18 -8.74 -26.14
C ARG O 222 -70.82 -7.27 -26.13
N PHE O 223 -71.55 -6.45 -26.88
CA PHE O 223 -71.29 -5.01 -26.89
C PHE O 223 -71.54 -4.41 -25.51
N ILE O 224 -72.61 -4.83 -24.85
CA ILE O 224 -72.94 -4.29 -23.53
C ILE O 224 -71.85 -4.65 -22.52
N LEU O 225 -71.29 -5.86 -22.63
CA LEU O 225 -70.23 -6.26 -21.71
C LEU O 225 -68.99 -5.39 -21.88
N HIS O 226 -68.59 -5.14 -23.13
CA HIS O 226 -67.43 -4.29 -23.39
C HIS O 226 -67.65 -2.87 -22.87
N ARG O 227 -68.85 -2.33 -23.10
CA ARG O 227 -69.14 -0.97 -22.67
C ARG O 227 -69.22 -0.88 -21.15
N VAL O 228 -69.79 -1.89 -20.50
CA VAL O 228 -69.84 -1.91 -19.04
C VAL O 228 -68.44 -2.02 -18.46
N CYS O 229 -67.61 -2.91 -19.02
CA CYS O 229 -66.26 -3.08 -18.53
C CYS O 229 -65.42 -1.82 -18.78
N GLU O 230 -65.76 -1.04 -19.80
CA GLU O 230 -65.05 0.20 -20.05
C GLU O 230 -65.28 1.22 -18.94
N ASP O 231 -66.48 1.23 -18.35
CA ASP O 231 -66.75 2.11 -17.22
C ASP O 231 -65.88 1.77 -16.02
N PHE O 232 -65.72 0.47 -15.73
CA PHE O 232 -64.93 0.02 -14.60
C PHE O 232 -63.43 0.05 -14.86
N GLY O 233 -63.02 0.14 -16.11
CA GLY O 233 -61.61 0.23 -16.44
C GLY O 233 -60.91 -1.10 -16.64
N VAL O 234 -61.64 -2.19 -16.87
CA VAL O 234 -61.05 -3.50 -17.10
C VAL O 234 -61.42 -3.95 -18.51
N ILE O 235 -60.77 -5.02 -18.95
CA ILE O 235 -60.93 -5.55 -20.30
C ILE O 235 -61.58 -6.92 -20.21
N ALA O 236 -62.63 -7.14 -20.99
CA ALA O 236 -63.28 -8.44 -21.12
C ALA O 236 -62.78 -9.10 -22.40
N THR O 237 -62.22 -10.30 -22.28
CA THR O 237 -61.65 -11.03 -23.41
C THR O 237 -62.41 -12.31 -23.65
N PHE O 238 -62.54 -12.68 -24.93
CA PHE O 238 -63.19 -13.91 -25.34
C PHE O 238 -62.18 -14.94 -25.90
N ASP O 239 -60.92 -14.83 -25.52
CA ASP O 239 -59.90 -15.74 -26.03
C ASP O 239 -60.18 -17.15 -25.54
N PRO O 240 -60.01 -18.16 -26.40
CA PRO O 240 -60.29 -19.55 -25.96
C PRO O 240 -59.36 -20.05 -24.87
N LYS O 241 -58.13 -19.53 -24.77
CA LYS O 241 -57.17 -19.97 -23.77
C LYS O 241 -56.35 -18.77 -23.30
N PRO O 242 -56.93 -17.91 -22.47
CA PRO O 242 -56.21 -16.70 -22.04
C PRO O 242 -54.95 -16.99 -21.24
N ILE O 243 -54.93 -18.08 -20.46
CA ILE O 243 -53.80 -18.40 -19.60
C ILE O 243 -53.35 -19.83 -19.90
N PRO O 244 -52.13 -20.05 -20.39
CA PRO O 244 -51.67 -21.42 -20.65
C PRO O 244 -51.40 -22.17 -19.36
N GLY O 245 -51.54 -23.49 -19.43
CA GLY O 245 -51.21 -24.38 -18.34
C GLY O 245 -52.45 -25.07 -17.78
N ASN O 246 -52.44 -25.27 -16.46
CA ASN O 246 -53.55 -25.92 -15.76
C ASN O 246 -54.64 -24.93 -15.35
N TRP O 247 -55.13 -24.17 -16.32
CA TRP O 247 -56.19 -23.21 -16.09
C TRP O 247 -57.26 -23.39 -17.16
N ASN O 248 -58.52 -23.26 -16.74
CA ASN O 248 -59.65 -23.56 -17.61
C ASN O 248 -59.72 -22.59 -18.79
N GLY O 249 -60.15 -23.11 -19.94
CA GLY O 249 -60.38 -22.31 -21.12
C GLY O 249 -61.80 -21.77 -21.18
N ALA O 250 -62.11 -21.15 -22.31
CA ALA O 250 -63.41 -20.53 -22.53
C ALA O 250 -64.01 -21.01 -23.84
N GLY O 251 -65.27 -21.44 -23.78
CA GLY O 251 -65.99 -21.85 -24.96
C GLY O 251 -67.39 -21.25 -24.98
N CYS O 252 -68.09 -21.48 -26.10
CA CYS O 252 -69.45 -20.99 -26.30
C CYS O 252 -70.33 -22.17 -26.69
N HIS O 253 -70.85 -22.88 -25.70
CA HIS O 253 -71.71 -24.01 -25.95
C HIS O 253 -73.02 -23.56 -26.59
N THR O 254 -73.46 -24.30 -27.61
CA THR O 254 -74.67 -23.98 -28.34
C THR O 254 -75.70 -25.08 -28.14
N ASN O 255 -76.90 -24.68 -27.73
CA ASN O 255 -78.02 -25.60 -27.53
C ASN O 255 -79.00 -25.44 -28.67
N PHE O 256 -79.44 -26.57 -29.24
CA PHE O 256 -80.24 -26.57 -30.45
C PHE O 256 -81.44 -27.49 -30.28
N SER O 257 -82.58 -27.04 -30.79
CA SER O 257 -83.79 -27.85 -30.82
C SER O 257 -84.75 -27.31 -31.88
N THR O 258 -85.60 -28.19 -32.39
CA THR O 258 -86.68 -27.82 -33.29
C THR O 258 -88.01 -28.15 -32.62
N LYS O 259 -89.10 -27.89 -33.34
CA LYS O 259 -90.42 -28.18 -32.79
C LYS O 259 -90.64 -29.69 -32.63
N ALA O 260 -90.08 -30.48 -33.55
CA ALA O 260 -90.21 -31.93 -33.45
C ALA O 260 -89.49 -32.46 -32.20
N MET O 261 -88.27 -31.96 -31.94
CA MET O 261 -87.53 -32.41 -30.76
C MET O 261 -88.22 -31.99 -29.47
N ARG O 262 -88.92 -30.86 -29.48
CA ARG O 262 -89.64 -30.38 -28.31
C ARG O 262 -90.99 -31.05 -28.13
N GLU O 263 -91.47 -31.80 -29.13
CA GLU O 263 -92.77 -32.45 -29.07
C GLU O 263 -92.63 -33.83 -28.43
N GLU O 264 -93.71 -34.62 -28.46
CA GLU O 264 -93.69 -35.95 -27.87
C GLU O 264 -92.78 -36.87 -28.67
N ASN O 265 -91.97 -37.66 -27.95
CA ASN O 265 -91.02 -38.59 -28.55
C ASN O 265 -90.07 -37.86 -29.52
N GLY O 266 -89.68 -36.65 -29.15
CA GLY O 266 -88.74 -35.89 -29.96
C GLY O 266 -87.30 -36.30 -29.79
N LEU O 267 -87.03 -37.25 -28.89
CA LEU O 267 -85.67 -37.78 -28.75
C LEU O 267 -85.23 -38.49 -30.01
N LYS O 268 -86.17 -39.12 -30.73
CA LYS O 268 -85.81 -39.84 -31.95
C LYS O 268 -85.28 -38.89 -33.02
N TYR O 269 -85.83 -37.67 -33.09
CA TYR O 269 -85.33 -36.70 -34.06
C TYR O 269 -83.99 -36.12 -33.64
N ILE O 270 -83.69 -36.14 -32.35
CA ILE O 270 -82.40 -35.66 -31.87
C ILE O 270 -81.28 -36.59 -32.36
N GLU O 271 -81.52 -37.90 -32.34
CA GLU O 271 -80.50 -38.86 -32.74
C GLU O 271 -80.16 -38.73 -34.22
N GLU O 272 -81.16 -38.48 -35.06
CA GLU O 272 -80.88 -38.27 -36.48
C GLU O 272 -79.98 -37.07 -36.69
N ALA O 273 -80.26 -35.96 -35.99
CA ALA O 273 -79.42 -34.78 -36.12
C ALA O 273 -78.00 -35.05 -35.65
N ILE O 274 -77.84 -35.74 -34.52
CA ILE O 274 -76.52 -36.07 -34.03
C ILE O 274 -75.81 -37.02 -34.99
N GLU O 275 -76.54 -38.01 -35.51
CA GLU O 275 -75.95 -38.91 -36.50
C GLU O 275 -75.52 -38.15 -37.76
N LYS O 276 -76.37 -37.23 -38.22
CA LYS O 276 -75.99 -36.41 -39.38
C LYS O 276 -74.82 -35.49 -39.05
N LEU O 277 -74.74 -35.03 -37.81
CA LEU O 277 -73.63 -34.16 -37.40
C LEU O 277 -72.31 -34.92 -37.38
N SER O 278 -72.34 -36.21 -37.06
CA SER O 278 -71.11 -36.99 -36.91
C SER O 278 -70.28 -37.06 -38.19
N LYS O 279 -70.91 -36.90 -39.35
CA LYS O 279 -70.20 -37.02 -40.62
C LYS O 279 -69.52 -35.72 -41.05
N ARG O 280 -69.79 -34.61 -40.38
CA ARG O 280 -69.29 -33.30 -40.79
C ARG O 280 -68.56 -32.62 -39.64
N HIS O 281 -67.67 -33.36 -38.96
CA HIS O 281 -66.94 -32.79 -37.84
C HIS O 281 -65.97 -31.70 -38.30
N GLN O 282 -65.19 -31.98 -39.36
CA GLN O 282 -64.18 -31.03 -39.81
C GLN O 282 -64.82 -29.77 -40.39
N TYR O 283 -65.95 -29.92 -41.09
CA TYR O 283 -66.63 -28.76 -41.64
C TYR O 283 -67.12 -27.82 -40.53
N HIS O 284 -67.65 -28.38 -39.44
CA HIS O 284 -68.16 -27.56 -38.36
C HIS O 284 -67.04 -26.96 -37.53
N ILE O 285 -65.92 -27.66 -37.39
CA ILE O 285 -64.77 -27.10 -36.68
C ILE O 285 -64.28 -25.82 -37.37
N ARG O 286 -64.28 -25.84 -38.71
CA ARG O 286 -63.86 -24.65 -39.46
C ARG O 286 -64.82 -23.49 -39.25
N ALA O 287 -66.13 -23.78 -39.20
CA ALA O 287 -67.13 -22.73 -39.05
C ALA O 287 -67.31 -22.24 -37.62
N TYR O 288 -66.65 -22.89 -36.65
CA TYR O 288 -66.78 -22.51 -35.25
C TYR O 288 -65.66 -21.59 -34.78
N ASP O 289 -64.84 -21.10 -35.70
CA ASP O 289 -63.72 -20.24 -35.35
C ASP O 289 -63.60 -19.13 -36.41
N PRO O 290 -63.47 -17.87 -35.99
CA PRO O 290 -63.18 -16.81 -36.95
C PRO O 290 -61.81 -16.94 -37.61
N LYS O 291 -60.89 -17.69 -37.00
CA LYS O 291 -59.56 -17.89 -37.54
C LYS O 291 -59.42 -19.23 -38.27
N GLY O 292 -60.51 -19.97 -38.44
CA GLY O 292 -60.49 -21.22 -39.16
C GLY O 292 -60.22 -22.45 -38.32
N GLY O 293 -59.85 -22.28 -37.05
CA GLY O 293 -59.63 -23.42 -36.18
C GLY O 293 -58.38 -23.30 -35.32
N LEU O 294 -57.55 -22.31 -35.61
CA LEU O 294 -56.31 -22.14 -34.85
C LEU O 294 -56.60 -21.75 -33.41
N ASP O 295 -57.58 -20.88 -33.18
CA ASP O 295 -57.89 -20.43 -31.83
C ASP O 295 -58.41 -21.58 -30.98
N ASN O 296 -59.41 -22.30 -31.48
CA ASN O 296 -59.98 -23.42 -30.73
C ASN O 296 -59.03 -24.60 -30.60
N ALA O 297 -57.91 -24.60 -31.34
CA ALA O 297 -56.96 -25.70 -31.25
C ALA O 297 -56.24 -25.72 -29.90
N ARG O 298 -56.06 -24.56 -29.28
CA ARG O 298 -55.38 -24.48 -27.99
C ARG O 298 -56.29 -24.79 -26.82
N ARG O 299 -57.59 -24.97 -27.05
CA ARG O 299 -58.54 -25.26 -25.98
C ARG O 299 -59.00 -26.72 -25.99
N LEU O 300 -59.44 -27.22 -27.14
CA LEU O 300 -59.93 -28.60 -27.25
C LEU O 300 -58.74 -29.56 -27.26
N THR O 301 -58.11 -29.70 -26.10
CA THR O 301 -56.96 -30.57 -25.92
C THR O 301 -57.34 -31.94 -25.38
N GLY O 302 -58.62 -32.18 -25.10
CA GLY O 302 -59.02 -33.43 -24.48
C GLY O 302 -58.75 -33.53 -23.00
N PHE O 303 -58.55 -32.40 -22.33
CA PHE O 303 -58.27 -32.38 -20.90
C PHE O 303 -59.09 -31.27 -20.25
N HIS O 304 -59.19 -31.34 -18.92
CA HIS O 304 -60.03 -30.43 -18.15
C HIS O 304 -61.48 -30.48 -18.63
N GLU O 305 -62.00 -31.71 -18.79
CA GLU O 305 -63.37 -31.95 -19.21
C GLU O 305 -63.67 -31.31 -20.56
N THR O 306 -62.75 -31.49 -21.51
CA THR O 306 -62.92 -31.04 -22.88
C THR O 306 -62.96 -32.24 -23.82
N SER O 307 -63.12 -31.96 -25.11
CA SER O 307 -63.12 -32.99 -26.15
C SER O 307 -61.96 -32.72 -27.10
N ASN O 308 -61.44 -33.79 -27.70
CA ASN O 308 -60.32 -33.66 -28.62
C ASN O 308 -60.73 -32.89 -29.87
N ILE O 309 -59.81 -32.07 -30.38
CA ILE O 309 -60.11 -31.26 -31.56
C ILE O 309 -60.31 -32.12 -32.79
N ASN O 310 -59.57 -33.23 -32.92
CA ASN O 310 -59.63 -34.07 -34.10
C ASN O 310 -60.58 -35.25 -33.96
N ASP O 311 -61.26 -35.39 -32.83
CA ASP O 311 -62.10 -36.56 -32.56
C ASP O 311 -63.53 -36.13 -32.25
N PHE O 312 -64.48 -36.81 -32.89
CA PHE O 312 -65.91 -36.57 -32.66
C PHE O 312 -66.48 -37.66 -31.76
N SER O 313 -67.30 -37.26 -30.79
CA SER O 313 -67.95 -38.20 -29.90
C SER O 313 -69.27 -37.61 -29.44
N ALA O 314 -70.14 -38.49 -28.94
CA ALA O 314 -71.44 -38.08 -28.43
C ALA O 314 -71.88 -39.05 -27.36
N GLY O 315 -72.83 -38.60 -26.53
CA GLY O 315 -73.35 -39.44 -25.47
C GLY O 315 -74.31 -38.71 -24.55
N VAL O 316 -75.08 -39.48 -23.79
CA VAL O 316 -76.04 -38.91 -22.85
C VAL O 316 -75.30 -38.49 -21.59
N ALA O 317 -75.49 -37.22 -21.20
CA ALA O 317 -74.92 -36.67 -19.96
C ALA O 317 -73.41 -36.82 -19.91
N ASN O 318 -72.75 -36.80 -21.07
CA ASN O 318 -71.29 -36.90 -21.15
C ASN O 318 -70.75 -35.51 -21.46
N ARG O 319 -70.09 -34.90 -20.48
CA ARG O 319 -69.54 -33.57 -20.64
C ARG O 319 -68.18 -33.55 -21.35
N SER O 320 -67.56 -34.72 -21.55
CA SER O 320 -66.29 -34.82 -22.23
C SER O 320 -66.43 -35.10 -23.73
N ALA O 321 -67.65 -35.22 -24.23
CA ALA O 321 -67.89 -35.50 -25.63
C ALA O 321 -68.03 -34.20 -26.44
N SER O 322 -68.11 -34.36 -27.76
CA SER O 322 -68.35 -33.21 -28.62
C SER O 322 -69.82 -32.79 -28.56
N ILE O 323 -70.73 -33.74 -28.41
CA ILE O 323 -72.15 -33.48 -28.31
C ILE O 323 -72.66 -34.11 -27.03
N ARG O 324 -73.43 -33.35 -26.25
CA ARG O 324 -73.97 -33.82 -24.98
C ARG O 324 -75.49 -33.79 -25.04
N ILE O 325 -76.10 -34.90 -24.64
CA ILE O 325 -77.55 -34.99 -24.46
C ILE O 325 -77.83 -34.91 -22.97
N PRO O 326 -78.58 -33.92 -22.48
CA PRO O 326 -78.86 -33.84 -21.05
C PRO O 326 -79.58 -35.07 -20.54
N ARG O 327 -79.26 -35.43 -19.29
CA ARG O 327 -79.85 -36.63 -18.68
C ARG O 327 -81.37 -36.51 -18.62
N THR O 328 -81.88 -35.32 -18.29
CA THR O 328 -83.32 -35.14 -18.20
C THR O 328 -83.99 -35.30 -19.56
N VAL O 329 -83.34 -34.82 -20.63
CA VAL O 329 -83.90 -34.95 -21.96
C VAL O 329 -84.07 -36.42 -22.34
N GLY O 330 -83.06 -37.24 -22.07
CA GLY O 330 -83.17 -38.67 -22.35
C GLY O 330 -84.26 -39.34 -21.54
N GLN O 331 -84.36 -38.99 -20.25
CA GLN O 331 -85.40 -39.56 -19.40
C GLN O 331 -86.79 -39.10 -19.81
N GLU O 332 -86.92 -37.89 -20.38
CA GLU O 332 -88.20 -37.38 -20.85
C GLU O 332 -88.44 -37.63 -22.33
N LYS O 333 -87.43 -38.15 -23.04
CA LYS O 333 -87.53 -38.48 -24.47
C LYS O 333 -87.89 -37.27 -25.33
N LYS O 334 -87.58 -36.07 -24.87
CA LYS O 334 -87.86 -34.86 -25.63
C LYS O 334 -87.01 -33.72 -25.09
N GLY O 335 -86.70 -32.76 -25.96
CA GLY O 335 -85.93 -31.60 -25.55
C GLY O 335 -84.96 -31.07 -26.58
N TYR O 336 -83.70 -30.96 -26.20
CA TYR O 336 -82.66 -30.36 -27.02
C TYR O 336 -81.36 -31.15 -26.84
N PHE O 337 -80.32 -30.72 -27.55
CA PHE O 337 -78.99 -31.28 -27.37
C PHE O 337 -77.97 -30.14 -27.43
N GLU O 338 -76.81 -30.40 -26.86
CA GLU O 338 -75.78 -29.38 -26.65
C GLU O 338 -74.55 -29.71 -27.49
N ASP O 339 -74.08 -28.72 -28.25
CA ASP O 339 -72.82 -28.81 -28.99
C ASP O 339 -71.77 -28.03 -28.22
N ARG O 340 -70.75 -28.74 -27.74
CA ARG O 340 -69.73 -28.17 -26.86
C ARG O 340 -68.48 -27.72 -27.61
N ARG O 341 -68.48 -27.80 -28.94
CA ARG O 341 -67.30 -27.53 -29.75
C ARG O 341 -66.96 -26.05 -29.96
N PRO O 342 -67.91 -25.14 -30.19
CA PRO O 342 -67.54 -23.78 -30.60
C PRO O 342 -66.71 -23.05 -29.55
N SER O 343 -65.81 -22.20 -30.02
CA SER O 343 -64.95 -21.40 -29.18
C SER O 343 -65.71 -20.20 -28.62
N ALA O 344 -65.11 -19.55 -27.62
CA ALA O 344 -65.73 -18.38 -27.00
C ALA O 344 -65.81 -17.21 -27.96
N ASN O 345 -64.86 -17.09 -28.90
CA ASN O 345 -64.81 -15.98 -29.84
C ASN O 345 -65.49 -16.31 -31.16
N CYS O 346 -66.43 -17.24 -31.15
CA CYS O 346 -67.12 -17.64 -32.37
C CYS O 346 -68.14 -16.59 -32.81
N ASP O 347 -68.49 -16.64 -34.09
CA ASP O 347 -69.56 -15.80 -34.62
C ASP O 347 -70.87 -16.57 -34.57
N PRO O 348 -71.88 -16.11 -33.83
CA PRO O 348 -73.13 -16.88 -33.73
C PRO O 348 -73.84 -17.07 -35.06
N PHE O 349 -73.68 -16.14 -36.00
CA PHE O 349 -74.31 -16.30 -37.31
C PHE O 349 -73.75 -17.51 -38.05
N SER O 350 -72.42 -17.68 -38.00
CA SER O 350 -71.81 -18.83 -38.65
C SER O 350 -72.17 -20.13 -37.94
N VAL O 351 -72.22 -20.10 -36.60
CA VAL O 351 -72.53 -21.30 -35.84
C VAL O 351 -73.97 -21.76 -36.10
N THR O 352 -74.90 -20.81 -36.05
CA THR O 352 -76.31 -21.15 -36.25
C THR O 352 -76.57 -21.60 -37.69
N GLU O 353 -75.86 -21.02 -38.65
CA GLU O 353 -76.05 -21.41 -40.04
C GLU O 353 -75.55 -22.82 -40.30
N ALA O 354 -74.39 -23.18 -39.73
CA ALA O 354 -73.84 -24.51 -39.96
C ALA O 354 -74.73 -25.59 -39.36
N LEU O 355 -75.31 -25.32 -38.18
CA LEU O 355 -76.19 -26.30 -37.55
C LEU O 355 -77.45 -26.53 -38.37
N ILE O 356 -78.01 -25.45 -38.95
CA ILE O 356 -79.22 -25.59 -39.75
C ILE O 356 -78.92 -26.32 -41.05
N ARG O 357 -77.78 -26.02 -41.67
CA ARG O 357 -77.43 -26.65 -42.94
C ARG O 357 -77.25 -28.16 -42.79
N THR O 358 -76.53 -28.59 -41.75
CA THR O 358 -76.23 -30.00 -41.59
C THR O 358 -77.44 -30.80 -41.12
N CYS O 359 -78.20 -30.26 -40.17
CA CYS O 359 -79.25 -31.05 -39.53
C CYS O 359 -80.61 -30.89 -40.20
N LEU O 360 -80.90 -29.73 -40.79
CA LEU O 360 -82.22 -29.45 -41.33
C LEU O 360 -82.26 -29.41 -42.85
N LEU O 361 -81.14 -29.18 -43.52
CA LEU O 361 -81.10 -29.17 -44.97
C LEU O 361 -80.33 -30.35 -45.56
N ASN O 362 -79.71 -31.18 -44.73
CA ASN O 362 -79.01 -32.38 -45.17
C ASN O 362 -77.92 -32.06 -46.20
N GLU O 363 -77.22 -30.96 -45.98
CA GLU O 363 -76.11 -30.60 -46.85
C GLU O 363 -74.90 -31.48 -46.57
N THR O 364 -74.04 -31.61 -47.57
CA THR O 364 -72.83 -32.41 -47.45
C THR O 364 -71.73 -31.75 -48.27
N GLY O 365 -70.50 -32.22 -48.05
CA GLY O 365 -69.34 -31.68 -48.74
C GLY O 365 -68.58 -30.68 -47.89
N ASP O 366 -67.51 -30.16 -48.47
CA ASP O 366 -66.63 -29.23 -47.78
C ASP O 366 -67.05 -27.78 -47.88
N GLU O 367 -67.98 -27.45 -48.78
CA GLU O 367 -68.37 -26.06 -48.99
C GLU O 367 -69.88 -25.92 -48.90
N PRO O 368 -70.36 -24.77 -48.45
CA PRO O 368 -71.81 -24.54 -48.42
C PRO O 368 -72.41 -24.57 -49.82
N PHE O 369 -73.62 -25.09 -49.90
CA PHE O 369 -74.34 -25.12 -51.17
C PHE O 369 -74.62 -23.69 -51.64
N GLN O 370 -74.08 -23.32 -52.80
CA GLN O 370 -74.10 -21.93 -53.22
C GLN O 370 -75.48 -21.43 -53.60
N TYR O 371 -76.45 -22.31 -53.79
CA TYR O 371 -77.83 -21.90 -53.97
C TYR O 371 -78.49 -21.81 -52.59
N LYS O 372 -79.82 -21.76 -52.54
CA LYS O 372 -80.51 -21.74 -51.25
C LYS O 372 -80.08 -22.91 -50.39
N ASN O 373 -80.12 -24.13 -50.93
CA ASN O 373 -79.66 -25.31 -50.24
C ASN O 373 -79.26 -26.39 -51.24
N THR P 2 -38.70 11.38 -13.90
CA THR P 2 -37.81 12.41 -14.43
C THR P 2 -36.49 11.82 -14.92
N THR P 3 -36.08 10.71 -14.31
CA THR P 3 -34.85 10.03 -14.69
C THR P 3 -35.17 8.64 -15.23
N SER P 4 -34.24 8.13 -16.03
CA SER P 4 -34.46 6.87 -16.74
C SER P 4 -34.49 5.68 -15.79
N ALA P 5 -35.10 4.59 -16.26
CA ALA P 5 -35.17 3.36 -15.48
C ALA P 5 -33.77 2.76 -15.27
N SER P 6 -32.89 2.89 -16.27
CA SER P 6 -31.54 2.37 -16.15
C SER P 6 -30.77 3.00 -14.99
N SER P 7 -31.02 4.29 -14.72
CA SER P 7 -30.29 4.98 -13.66
C SER P 7 -30.74 4.55 -12.27
N HIS P 8 -31.83 3.82 -12.15
CA HIS P 8 -32.29 3.32 -10.85
C HIS P 8 -31.72 1.94 -10.51
N LEU P 9 -30.95 1.33 -11.41
CA LEU P 9 -30.27 0.09 -11.08
C LEU P 9 -29.16 0.36 -10.06
N ASN P 10 -28.74 -0.70 -9.38
CA ASN P 10 -27.73 -0.58 -8.33
C ASN P 10 -26.36 -0.35 -8.98
N LYS P 11 -25.84 0.87 -8.87
CA LYS P 11 -24.55 1.20 -9.44
C LYS P 11 -23.39 0.61 -8.64
N GLY P 12 -23.59 0.32 -7.36
CA GLY P 12 -22.57 -0.36 -6.59
C GLY P 12 -22.24 -1.73 -7.14
N ILE P 13 -23.26 -2.43 -7.63
CA ILE P 13 -23.04 -3.74 -8.26
C ILE P 13 -22.13 -3.61 -9.47
N LYS P 14 -22.39 -2.60 -10.31
CA LYS P 14 -21.56 -2.41 -11.50
C LYS P 14 -20.10 -2.16 -11.13
N GLN P 15 -19.86 -1.39 -10.07
CA GLN P 15 -18.49 -1.06 -9.69
C GLN P 15 -17.71 -2.29 -9.23
N VAL P 16 -18.40 -3.29 -8.66
CA VAL P 16 -17.73 -4.52 -8.28
C VAL P 16 -17.17 -5.22 -9.52
N TYR P 17 -17.98 -5.32 -10.58
CA TYR P 17 -17.52 -5.95 -11.82
C TYR P 17 -16.42 -5.13 -12.49
N MET P 18 -16.54 -3.80 -12.47
CA MET P 18 -15.54 -2.95 -13.09
C MET P 18 -14.21 -2.96 -12.36
N SER P 19 -14.17 -3.42 -11.11
CA SER P 19 -12.92 -3.51 -10.38
C SER P 19 -12.17 -4.82 -10.61
N LEU P 20 -12.73 -5.74 -11.40
CA LEU P 20 -12.02 -6.95 -11.74
C LEU P 20 -10.82 -6.63 -12.63
N PRO P 21 -9.65 -7.21 -12.35
CA PRO P 21 -8.49 -6.98 -13.21
C PRO P 21 -8.75 -7.45 -14.63
N GLN P 22 -8.34 -6.62 -15.60
CA GLN P 22 -8.72 -6.85 -16.99
C GLN P 22 -8.00 -8.07 -17.57
N GLY P 23 -6.70 -8.14 -17.40
CA GLY P 23 -5.90 -9.12 -18.12
C GLY P 23 -5.19 -8.51 -19.31
N GLU P 24 -4.94 -9.31 -20.34
CA GLU P 24 -4.12 -8.87 -21.47
C GLU P 24 -4.90 -8.16 -22.57
N LYS P 25 -6.18 -8.49 -22.76
CA LYS P 25 -6.96 -7.92 -23.85
C LYS P 25 -7.32 -6.46 -23.55
N VAL P 26 -7.65 -5.73 -24.63
CA VAL P 26 -7.94 -4.31 -24.57
C VAL P 26 -9.22 -4.02 -25.34
N GLN P 27 -10.07 -3.17 -24.76
CA GLN P 27 -11.31 -2.74 -25.40
C GLN P 27 -11.11 -1.43 -26.15
N ALA P 28 -11.68 -1.35 -27.35
CA ALA P 28 -11.66 -0.14 -28.17
C ALA P 28 -13.07 0.20 -28.59
N MET P 29 -13.51 1.42 -28.31
CA MET P 29 -14.84 1.89 -28.66
C MET P 29 -14.75 2.81 -29.87
N TYR P 30 -15.38 2.41 -30.97
CA TYR P 30 -15.40 3.20 -32.20
C TYR P 30 -16.61 4.13 -32.19
N ILE P 31 -16.40 5.39 -32.56
CA ILE P 31 -17.44 6.41 -32.52
C ILE P 31 -17.50 7.11 -33.87
N TRP P 32 -18.72 7.34 -34.36
CA TRP P 32 -18.92 7.99 -35.65
C TRP P 32 -20.23 8.78 -35.64
N ILE P 33 -20.38 9.64 -36.65
CA ILE P 33 -21.55 10.50 -36.81
C ILE P 33 -22.49 9.87 -37.83
N ASP P 34 -23.78 9.83 -37.49
CA ASP P 34 -24.77 9.13 -38.31
C ASP P 34 -25.40 10.08 -39.34
N GLY P 35 -26.49 9.62 -39.97
CA GLY P 35 -27.05 10.28 -41.14
C GLY P 35 -27.79 11.57 -40.87
N THR P 36 -28.11 11.87 -39.60
CA THR P 36 -28.72 13.15 -39.30
C THR P 36 -27.71 14.28 -39.19
N GLY P 37 -26.42 13.97 -39.10
CA GLY P 37 -25.39 14.97 -38.93
C GLY P 37 -25.26 15.54 -37.54
N GLU P 38 -26.05 15.05 -36.58
CA GLU P 38 -26.03 15.57 -35.22
C GLU P 38 -25.80 14.46 -34.20
N GLY P 39 -26.27 13.26 -34.52
CA GLY P 39 -26.21 12.15 -33.59
C GLY P 39 -24.92 11.35 -33.70
N LEU P 40 -24.54 10.74 -32.59
CA LEU P 40 -23.34 9.91 -32.50
C LEU P 40 -23.73 8.46 -32.29
N ARG P 41 -22.89 7.56 -32.78
CA ARG P 41 -23.07 6.12 -32.65
C ARG P 41 -21.76 5.50 -32.17
N CYS P 42 -21.85 4.31 -31.57
CA CYS P 42 -20.66 3.68 -31.03
C CYS P 42 -20.88 2.18 -30.87
N LYS P 43 -19.77 1.43 -30.89
CA LYS P 43 -19.73 0.02 -30.55
C LYS P 43 -18.30 -0.37 -30.24
N THR P 44 -18.13 -1.53 -29.62
CA THR P 44 -16.88 -1.94 -29.00
C THR P 44 -16.35 -3.24 -29.58
N ARG P 45 -15.03 -3.31 -29.78
CA ARG P 45 -14.35 -4.53 -30.18
C ARG P 45 -13.17 -4.79 -29.27
N THR P 46 -12.75 -6.05 -29.22
CA THR P 46 -11.62 -6.48 -28.41
C THR P 46 -10.36 -6.52 -29.26
N LEU P 47 -9.26 -6.01 -28.72
CA LEU P 47 -7.96 -6.02 -29.37
C LEU P 47 -7.00 -6.90 -28.58
N ASP P 48 -6.00 -7.44 -29.27
CA ASP P 48 -5.05 -8.34 -28.65
C ASP P 48 -4.03 -7.59 -27.79
N SER P 49 -3.70 -6.36 -28.14
CA SER P 49 -2.68 -5.59 -27.44
C SER P 49 -3.06 -4.12 -27.45
N GLU P 50 -2.45 -3.36 -26.54
CA GLU P 50 -2.74 -1.94 -26.46
C GLU P 50 -2.17 -1.22 -27.67
N PRO P 51 -2.96 -0.45 -28.40
CA PRO P 51 -2.43 0.34 -29.52
C PRO P 51 -1.77 1.63 -29.03
N LYS P 52 -0.60 1.92 -29.60
CA LYS P 52 0.16 3.09 -29.18
C LYS P 52 -0.19 4.34 -29.99
N CYS P 53 -0.59 4.17 -31.26
CA CYS P 53 -0.97 5.29 -32.10
C CYS P 53 -2.20 4.90 -32.91
N VAL P 54 -2.89 5.91 -33.44
CA VAL P 54 -4.13 5.70 -34.18
C VAL P 54 -3.88 4.89 -35.45
N GLU P 55 -2.67 4.97 -36.00
CA GLU P 55 -2.39 4.35 -37.29
C GLU P 55 -2.41 2.82 -37.24
N GLU P 56 -2.31 2.21 -36.05
CA GLU P 56 -2.27 0.77 -35.94
C GLU P 56 -3.60 0.17 -35.49
N LEU P 57 -4.68 0.95 -35.56
CA LEU P 57 -6.02 0.42 -35.34
C LEU P 57 -6.62 -0.09 -36.64
N PRO P 58 -7.27 -1.25 -36.62
CA PRO P 58 -7.84 -1.80 -37.86
C PRO P 58 -9.10 -1.05 -38.30
N GLU P 59 -9.38 -1.14 -39.59
CA GLU P 59 -10.63 -0.63 -40.12
C GLU P 59 -11.80 -1.54 -39.73
N TRP P 60 -12.98 -0.95 -39.66
CA TRP P 60 -14.17 -1.69 -39.26
C TRP P 60 -15.34 -1.35 -40.18
N ASN P 61 -16.55 -1.81 -39.83
CA ASN P 61 -17.71 -1.61 -40.68
C ASN P 61 -18.96 -1.69 -39.84
N PHE P 62 -20.07 -1.23 -40.41
CA PHE P 62 -21.38 -1.31 -39.78
C PHE P 62 -22.46 -1.31 -40.85
N ASP P 63 -23.65 -1.73 -40.46
CA ASP P 63 -24.79 -1.80 -41.39
C ASP P 63 -25.43 -0.43 -41.48
N GLY P 64 -25.34 0.19 -42.66
CA GLY P 64 -25.82 1.55 -42.83
C GLY P 64 -27.32 1.71 -42.94
N SER P 65 -28.04 0.62 -43.19
CA SER P 65 -29.50 0.70 -43.26
C SER P 65 -30.13 0.88 -41.89
N SER P 66 -29.40 0.60 -40.82
CA SER P 66 -29.88 0.84 -39.46
C SER P 66 -29.55 2.24 -38.95
N THR P 67 -28.82 3.03 -39.73
CA THR P 67 -28.48 4.40 -39.34
C THR P 67 -28.95 5.43 -40.36
N LEU P 68 -29.80 5.04 -41.31
CA LEU P 68 -30.29 5.92 -42.36
C LEU P 68 -29.16 6.58 -43.13
N GLN P 69 -28.11 5.79 -43.43
CA GLN P 69 -26.96 6.28 -44.17
C GLN P 69 -26.71 5.54 -45.47
N SER P 70 -27.46 4.49 -45.77
CA SER P 70 -27.22 3.69 -46.97
C SER P 70 -28.53 3.08 -47.44
N GLU P 71 -28.55 2.70 -48.72
CA GLU P 71 -29.74 2.13 -49.34
C GLU P 71 -29.81 0.64 -49.05
N GLY P 72 -30.72 -0.06 -49.73
CA GLY P 72 -31.00 -1.45 -49.44
C GLY P 72 -29.92 -2.45 -49.82
N SER P 73 -29.66 -2.61 -51.12
CA SER P 73 -28.78 -3.68 -51.59
C SER P 73 -27.36 -3.49 -51.08
N ASN P 74 -26.78 -2.30 -51.30
CA ASN P 74 -25.41 -2.01 -50.88
C ASN P 74 -25.50 -1.17 -49.61
N SER P 75 -25.60 -1.85 -48.47
CA SER P 75 -25.83 -1.18 -47.20
C SER P 75 -24.60 -1.12 -46.29
N ASP P 76 -23.53 -1.84 -46.61
CA ASP P 76 -22.36 -1.84 -45.75
C ASP P 76 -21.63 -0.50 -45.84
N MET P 77 -21.28 0.05 -44.68
CA MET P 77 -20.46 1.24 -44.57
C MET P 77 -19.15 0.88 -43.86
N TYR P 78 -18.15 1.74 -43.99
CA TYR P 78 -16.82 1.46 -43.48
C TYR P 78 -16.36 2.56 -42.54
N LEU P 79 -15.65 2.17 -41.48
CA LEU P 79 -15.16 3.09 -40.47
C LEU P 79 -13.64 3.14 -40.56
N VAL P 80 -13.10 4.35 -40.65
CA VAL P 80 -11.66 4.57 -40.72
C VAL P 80 -11.23 5.40 -39.51
N PRO P 81 -10.42 4.84 -38.60
CA PRO P 81 -10.01 5.61 -37.41
C PRO P 81 -9.28 6.89 -37.77
N ALA P 82 -9.58 7.95 -37.03
CA ALA P 82 -9.00 9.27 -37.26
C ALA P 82 -8.28 9.84 -36.06
N ALA P 83 -8.81 9.65 -34.84
CA ALA P 83 -8.19 10.19 -33.65
C ALA P 83 -8.48 9.26 -32.47
N MET P 84 -7.50 9.13 -31.58
CA MET P 84 -7.57 8.22 -30.46
C MET P 84 -7.44 8.97 -29.14
N PHE P 85 -8.22 8.56 -28.15
CA PHE P 85 -8.19 9.15 -26.82
C PHE P 85 -8.27 8.04 -25.77
N ARG P 86 -7.82 8.35 -24.57
CA ARG P 86 -8.02 7.45 -23.44
C ARG P 86 -9.49 7.39 -23.06
N ASP P 87 -9.94 6.23 -22.58
CA ASP P 87 -11.34 6.02 -22.24
C ASP P 87 -11.55 6.25 -20.76
N PRO P 88 -12.32 7.27 -20.36
CA PRO P 88 -12.52 7.51 -18.92
C PRO P 88 -13.58 6.62 -18.29
N PHE P 89 -14.41 5.92 -19.07
CA PHE P 89 -15.48 5.00 -18.59
C PHE P 89 -14.89 3.61 -18.22
N ARG P 90 -13.87 3.15 -18.92
CA ARG P 90 -13.28 1.80 -18.68
C ARG P 90 -11.85 1.91 -18.17
N LYS P 91 -11.25 3.09 -18.31
CA LYS P 91 -9.86 3.38 -17.87
C LYS P 91 -8.80 2.69 -18.74
N ASP P 92 -7.54 3.08 -18.56
CA ASP P 92 -6.39 2.53 -19.25
C ASP P 92 -6.35 1.01 -19.07
N PRO P 93 -5.94 0.26 -20.10
CA PRO P 93 -5.43 0.69 -21.41
C PRO P 93 -6.51 0.83 -22.50
N ASN P 94 -7.78 0.95 -22.14
CA ASN P 94 -8.86 0.99 -23.12
C ASN P 94 -8.93 2.36 -23.78
N LYS P 95 -9.46 2.39 -25.01
CA LYS P 95 -9.37 3.56 -25.87
C LYS P 95 -10.72 3.97 -26.45
N LEU P 96 -10.84 5.25 -26.77
CA LEU P 96 -11.92 5.79 -27.60
C LEU P 96 -11.36 6.15 -28.97
N VAL P 97 -12.10 5.80 -30.02
CA VAL P 97 -11.65 5.98 -31.40
C VAL P 97 -12.73 6.72 -32.18
N LEU P 98 -12.42 7.92 -32.66
CA LEU P 98 -13.29 8.66 -33.57
C LEU P 98 -12.94 8.30 -35.01
N CYS P 99 -13.96 8.01 -35.82
CA CYS P 99 -13.77 7.47 -37.15
C CYS P 99 -14.48 8.32 -38.20
N GLU P 100 -13.95 8.27 -39.42
CA GLU P 100 -14.61 8.78 -40.61
C GLU P 100 -15.42 7.68 -41.26
N VAL P 101 -16.53 8.06 -41.90
CA VAL P 101 -17.49 7.13 -42.48
C VAL P 101 -17.35 7.18 -44.00
N PHE P 102 -17.29 6.02 -44.63
CA PHE P 102 -17.18 5.89 -46.08
C PHE P 102 -18.22 4.91 -46.60
N LYS P 103 -18.68 5.15 -47.82
CA LYS P 103 -19.66 4.29 -48.46
C LYS P 103 -19.00 3.01 -48.98
N TYR P 104 -19.85 2.10 -49.48
CA TYR P 104 -19.36 0.80 -49.95
C TYR P 104 -18.36 0.96 -51.09
N ASN P 105 -18.48 2.04 -51.87
CA ASN P 105 -17.57 2.31 -52.97
C ASN P 105 -16.41 3.22 -52.57
N ARG P 106 -16.19 3.42 -51.28
CA ARG P 106 -15.09 4.17 -50.69
C ARG P 106 -15.21 5.68 -50.87
N ARG P 107 -16.34 6.17 -51.38
CA ARG P 107 -16.57 7.60 -51.34
C ARG P 107 -16.99 8.03 -49.94
N PRO P 108 -16.67 9.25 -49.53
CA PRO P 108 -17.11 9.73 -48.22
C PRO P 108 -18.62 9.79 -48.11
N ALA P 109 -19.12 9.54 -46.91
CA ALA P 109 -20.56 9.62 -46.66
C ALA P 109 -21.04 11.06 -46.73
N GLU P 110 -22.36 11.21 -46.87
CA GLU P 110 -22.94 12.54 -47.04
C GLU P 110 -22.68 13.42 -45.81
N THR P 111 -22.70 12.82 -44.62
CA THR P 111 -22.43 13.55 -43.39
C THR P 111 -20.97 13.51 -42.98
N ASN P 112 -20.10 12.92 -43.81
CA ASN P 112 -18.66 12.93 -43.55
C ASN P 112 -18.11 14.25 -44.07
N LEU P 113 -17.96 15.24 -43.18
CA LEU P 113 -17.45 16.55 -43.55
C LEU P 113 -16.00 16.76 -43.12
N ARG P 114 -15.42 15.83 -42.36
CA ARG P 114 -14.02 15.94 -42.00
C ARG P 114 -13.10 15.74 -43.19
N HIS P 115 -13.52 14.93 -44.17
CA HIS P 115 -12.65 14.61 -45.30
C HIS P 115 -12.27 15.86 -46.09
N THR P 116 -13.25 16.72 -46.38
CA THR P 116 -12.96 17.95 -47.10
C THR P 116 -12.31 18.99 -46.19
N CYS P 117 -12.74 19.04 -44.93
CA CYS P 117 -12.18 20.03 -44.00
C CYS P 117 -10.69 19.79 -43.78
N LYS P 118 -10.27 18.54 -43.66
CA LYS P 118 -8.86 18.23 -43.46
C LYS P 118 -8.02 18.71 -44.64
N ARG P 119 -8.53 18.53 -45.86
CA ARG P 119 -7.77 18.90 -47.06
C ARG P 119 -7.65 20.42 -47.18
N ILE P 120 -8.63 21.17 -46.66
CA ILE P 120 -8.51 22.62 -46.60
C ILE P 120 -7.49 23.02 -45.55
N MET P 121 -7.48 22.33 -44.40
CA MET P 121 -6.57 22.70 -43.31
C MET P 121 -5.11 22.56 -43.71
N ASP P 122 -4.81 21.67 -44.67
CA ASP P 122 -3.42 21.39 -45.00
C ASP P 122 -2.78 22.48 -45.85
N MET P 123 -3.58 23.36 -46.45
CA MET P 123 -3.01 24.46 -47.21
C MET P 123 -2.49 25.58 -46.33
N VAL P 124 -3.20 25.91 -45.25
CA VAL P 124 -2.87 27.03 -44.40
C VAL P 124 -2.13 26.59 -43.15
N SER P 125 -1.46 25.43 -43.21
CA SER P 125 -0.73 24.87 -42.08
C SER P 125 0.36 25.83 -41.60
N ASN P 126 0.97 26.57 -42.54
CA ASN P 126 2.02 27.51 -42.16
C ASN P 126 1.46 28.76 -41.49
N GLN P 127 0.16 29.01 -41.60
CA GLN P 127 -0.49 30.12 -40.91
C GLN P 127 -1.01 29.73 -39.54
N HIS P 128 -0.99 28.44 -39.20
CA HIS P 128 -1.34 27.89 -37.89
C HIS P 128 -2.66 28.43 -37.34
N PRO P 129 -3.79 28.10 -37.95
CA PRO P 129 -5.08 28.58 -37.42
C PRO P 129 -5.41 27.92 -36.09
N TRP P 130 -5.86 28.74 -35.14
CA TRP P 130 -6.31 28.28 -33.83
C TRP P 130 -7.80 28.52 -33.70
N PHE P 131 -8.51 27.57 -33.09
CA PHE P 131 -9.94 27.68 -32.88
C PHE P 131 -10.27 27.45 -31.41
N GLY P 132 -11.30 28.16 -30.94
CA GLY P 132 -11.85 27.95 -29.61
C GLY P 132 -13.36 28.02 -29.64
N MET P 133 -14.02 26.98 -29.16
CA MET P 133 -15.48 26.86 -29.29
C MET P 133 -16.10 26.73 -27.90
N GLU P 134 -17.21 27.44 -27.70
CA GLU P 134 -17.94 27.49 -26.43
C GLU P 134 -19.26 26.75 -26.59
N GLN P 135 -19.31 25.51 -26.11
CA GLN P 135 -20.48 24.66 -26.30
C GLN P 135 -21.47 24.86 -25.15
N GLU P 136 -22.66 25.36 -25.49
CA GLU P 136 -23.75 25.49 -24.53
C GLU P 136 -24.73 24.35 -24.70
N TYR P 137 -25.35 23.95 -23.59
CA TYR P 137 -26.30 22.84 -23.59
C TYR P 137 -27.23 22.96 -22.40
N THR P 138 -28.35 22.23 -22.47
CA THR P 138 -29.33 22.18 -21.40
C THR P 138 -29.55 20.74 -20.96
N LEU P 139 -29.57 20.52 -19.64
CA LEU P 139 -29.88 19.22 -19.07
C LEU P 139 -31.39 19.06 -18.98
N MET P 140 -31.89 17.90 -19.41
CA MET P 140 -33.33 17.64 -19.47
C MET P 140 -33.63 16.29 -18.83
N GLY P 141 -34.80 16.23 -18.18
CA GLY P 141 -35.32 14.97 -17.70
C GLY P 141 -35.89 14.13 -18.83
N THR P 142 -36.15 12.86 -18.53
CA THR P 142 -36.70 11.96 -19.54
C THR P 142 -38.11 12.30 -19.94
N ASP P 143 -38.78 13.21 -19.22
CA ASP P 143 -40.14 13.64 -19.52
C ASP P 143 -40.18 14.81 -20.50
N GLY P 144 -39.04 15.27 -20.99
CA GLY P 144 -39.01 16.39 -21.91
C GLY P 144 -39.01 17.77 -21.29
N HIS P 145 -38.83 17.86 -19.97
CA HIS P 145 -38.80 19.11 -19.23
C HIS P 145 -37.41 19.33 -18.65
N PRO P 146 -36.94 20.57 -18.51
CA PRO P 146 -35.60 20.80 -17.97
C PRO P 146 -35.43 20.21 -16.58
N PHE P 147 -34.24 19.67 -16.33
CA PHE P 147 -33.98 18.95 -15.08
C PHE P 147 -34.03 19.91 -13.90
N GLY P 148 -34.73 19.49 -12.84
CA GLY P 148 -34.85 20.29 -11.64
C GLY P 148 -35.86 21.40 -11.72
N TRP P 149 -36.56 21.57 -12.84
CA TRP P 149 -37.61 22.56 -12.93
C TRP P 149 -38.88 22.04 -12.25
N PRO P 150 -39.73 22.93 -11.75
CA PRO P 150 -40.98 22.48 -11.14
C PRO P 150 -41.84 21.74 -12.15
N SER P 151 -42.51 20.69 -11.70
CA SER P 151 -43.33 19.89 -12.61
C SER P 151 -44.48 20.72 -13.15
N ASN P 152 -44.57 20.78 -14.47
CA ASN P 152 -45.60 21.55 -15.18
C ASN P 152 -45.52 23.04 -14.87
N GLY P 153 -44.32 23.53 -14.54
CA GLY P 153 -44.16 24.92 -14.15
C GLY P 153 -42.80 25.52 -14.45
N PHE P 154 -42.52 26.67 -13.86
CA PHE P 154 -41.31 27.41 -14.16
C PHE P 154 -40.61 27.83 -12.88
N PRO P 155 -39.30 28.01 -12.91
CA PRO P 155 -38.60 28.62 -11.77
C PRO P 155 -38.74 30.14 -11.78
N GLY P 156 -38.03 30.81 -10.88
CA GLY P 156 -38.09 32.25 -10.81
C GLY P 156 -37.47 32.92 -12.02
N PRO P 157 -37.63 34.24 -12.11
CA PRO P 157 -37.07 34.96 -13.27
C PRO P 157 -35.55 34.88 -13.31
N GLN P 158 -35.01 34.99 -14.52
CA GLN P 158 -33.58 34.89 -14.73
C GLN P 158 -32.84 36.02 -14.01
N GLY P 159 -31.55 35.81 -13.80
CA GLY P 159 -30.71 36.79 -13.13
C GLY P 159 -29.82 36.25 -12.02
N PRO P 160 -30.33 35.36 -11.18
CA PRO P 160 -29.47 34.74 -10.15
C PRO P 160 -28.82 33.42 -10.55
N TYR P 161 -29.09 32.89 -11.74
CA TYR P 161 -28.59 31.56 -12.09
C TYR P 161 -27.24 31.60 -12.79
N TYR P 162 -26.90 32.70 -13.46
CA TYR P 162 -25.64 32.80 -14.18
C TYR P 162 -24.46 32.71 -13.22
N CYS P 163 -23.58 31.74 -13.46
CA CYS P 163 -22.41 31.49 -12.60
C CYS P 163 -22.82 31.36 -11.14
N GLY P 164 -23.94 30.68 -10.90
CA GLY P 164 -24.50 30.61 -9.56
C GLY P 164 -23.97 29.45 -8.74
N VAL P 165 -24.16 29.57 -7.43
CA VAL P 165 -23.81 28.51 -6.48
C VAL P 165 -24.95 28.40 -5.47
N GLY P 166 -25.28 27.17 -5.09
CA GLY P 166 -26.36 26.94 -4.15
C GLY P 166 -27.43 26.02 -4.67
N ALA P 167 -28.17 25.38 -3.76
CA ALA P 167 -29.17 24.39 -4.15
C ALA P 167 -30.28 25.00 -4.98
N ASP P 168 -30.59 26.29 -4.76
CA ASP P 168 -31.66 26.97 -5.48
C ASP P 168 -31.16 27.75 -6.69
N ARG P 169 -29.88 27.64 -7.04
CA ARG P 169 -29.33 28.43 -8.13
C ARG P 169 -28.73 27.60 -9.25
N ALA P 170 -28.06 26.50 -8.94
CA ALA P 170 -27.40 25.66 -9.93
C ALA P 170 -27.98 24.26 -9.90
N TYR P 171 -28.44 23.77 -11.05
CA TYR P 171 -29.04 22.45 -11.19
C TYR P 171 -28.09 21.54 -11.93
N GLY P 172 -27.76 20.40 -11.33
CA GLY P 172 -27.01 19.37 -12.01
C GLY P 172 -25.51 19.57 -12.10
N ARG P 173 -24.90 20.17 -11.08
CA ARG P 173 -23.46 20.36 -11.09
C ARG P 173 -22.69 19.04 -11.05
N ASP P 174 -23.30 17.96 -10.57
CA ASP P 174 -22.63 16.66 -10.56
C ASP P 174 -22.26 16.22 -11.97
N ILE P 175 -23.15 16.43 -12.93
CA ILE P 175 -22.85 16.08 -14.32
C ILE P 175 -21.69 16.91 -14.83
N VAL P 176 -21.69 18.21 -14.55
CA VAL P 176 -20.64 19.10 -15.04
C VAL P 176 -19.28 18.70 -14.48
N GLU P 177 -19.21 18.43 -13.17
CA GLU P 177 -17.94 18.04 -12.56
C GLU P 177 -17.43 16.72 -13.13
N ALA P 178 -18.33 15.74 -13.30
CA ALA P 178 -17.92 14.46 -13.87
C ALA P 178 -17.43 14.63 -15.30
N HIS P 179 -18.11 15.45 -16.10
CA HIS P 179 -17.71 15.66 -17.48
C HIS P 179 -16.35 16.34 -17.57
N TYR P 180 -16.11 17.35 -16.72
CA TYR P 180 -14.82 18.03 -16.71
C TYR P 180 -13.67 17.06 -16.44
N ARG P 181 -13.83 16.20 -15.43
CA ARG P 181 -12.74 15.30 -15.04
C ARG P 181 -12.54 14.21 -16.09
N ALA P 182 -13.62 13.72 -16.69
CA ALA P 182 -13.50 12.72 -17.75
C ALA P 182 -12.76 13.27 -18.97
N CYS P 183 -13.06 14.51 -19.35
CA CYS P 183 -12.39 15.11 -20.50
C CYS P 183 -10.88 15.26 -20.24
N LEU P 184 -10.51 15.68 -19.04
CA LEU P 184 -9.10 15.82 -18.71
C LEU P 184 -8.38 14.48 -18.77
N TYR P 185 -9.01 13.43 -18.24
CA TYR P 185 -8.42 12.09 -18.32
C TYR P 185 -8.28 11.63 -19.76
N ALA P 186 -9.30 11.86 -20.59
CA ALA P 186 -9.31 11.37 -21.96
C ALA P 186 -8.25 12.04 -22.83
N GLY P 187 -7.82 13.25 -22.48
CA GLY P 187 -6.95 14.03 -23.32
C GLY P 187 -7.63 15.10 -24.14
N VAL P 188 -8.90 15.41 -23.85
CA VAL P 188 -9.61 16.48 -24.53
C VAL P 188 -9.18 17.82 -23.93
N LYS P 189 -8.90 18.78 -24.80
CA LYS P 189 -8.43 20.10 -24.38
C LYS P 189 -9.62 20.95 -23.94
N ILE P 190 -10.13 20.65 -22.74
CA ILE P 190 -11.20 21.44 -22.14
C ILE P 190 -10.57 22.61 -21.38
N ALA P 191 -11.09 23.82 -21.63
CA ALA P 191 -10.51 25.03 -21.09
C ALA P 191 -11.26 25.59 -19.88
N GLY P 192 -12.53 25.27 -19.71
CA GLY P 192 -13.27 25.78 -18.57
C GLY P 192 -14.76 25.55 -18.73
N THR P 193 -15.49 25.85 -17.66
CA THR P 193 -16.94 25.69 -17.62
C THR P 193 -17.55 26.82 -16.79
N ASN P 194 -18.84 27.08 -17.04
CA ASN P 194 -19.60 27.99 -16.21
C ASN P 194 -21.09 27.67 -16.34
N ALA P 195 -21.85 28.05 -15.32
CA ALA P 195 -23.29 27.97 -15.36
C ALA P 195 -23.87 29.16 -16.14
N GLU P 196 -24.96 28.91 -16.83
CA GLU P 196 -25.52 29.89 -17.76
C GLU P 196 -26.74 30.59 -17.18
N VAL P 197 -27.30 31.52 -17.96
CA VAL P 197 -28.38 32.37 -17.49
C VAL P 197 -29.63 31.55 -17.14
N MET P 198 -29.96 30.59 -17.99
CA MET P 198 -31.08 29.70 -17.71
C MET P 198 -30.66 28.67 -16.67
N PRO P 199 -31.49 28.41 -15.65
CA PRO P 199 -31.18 27.31 -14.74
C PRO P 199 -31.23 25.97 -15.47
N ALA P 200 -30.32 25.07 -15.07
CA ALA P 200 -30.04 23.79 -15.73
C ALA P 200 -29.34 23.95 -17.07
N GLN P 201 -28.92 25.15 -17.43
CA GLN P 201 -28.14 25.40 -18.64
C GLN P 201 -26.68 25.61 -18.26
N TRP P 202 -25.78 25.06 -19.08
CA TRP P 202 -24.35 25.07 -18.77
C TRP P 202 -23.55 25.29 -20.05
N GLU P 203 -22.25 25.53 -19.86
CA GLU P 203 -21.32 25.78 -20.94
C GLU P 203 -19.96 25.20 -20.60
N PHE P 204 -19.29 24.63 -21.60
CA PHE P 204 -17.88 24.27 -21.49
C PHE P 204 -17.14 24.77 -22.72
N GLN P 205 -15.87 25.13 -22.52
CA GLN P 205 -15.03 25.69 -23.58
C GLN P 205 -13.97 24.68 -23.98
N ILE P 206 -13.72 24.58 -25.29
CA ILE P 206 -12.72 23.68 -25.85
C ILE P 206 -11.74 24.52 -26.66
N GLY P 207 -10.44 24.35 -26.36
CA GLY P 207 -9.40 24.99 -27.14
C GLY P 207 -8.33 25.64 -26.29
N PRO P 208 -7.42 26.38 -26.94
CA PRO P 208 -7.30 26.61 -28.39
C PRO P 208 -6.76 25.38 -29.11
N CYS P 209 -7.34 25.03 -30.26
CA CYS P 209 -6.95 23.85 -31.01
C CYS P 209 -6.48 24.25 -32.40
N GLU P 210 -5.46 23.57 -32.89
CA GLU P 210 -4.87 23.87 -34.20
C GLU P 210 -5.51 23.00 -35.28
N GLY P 211 -5.99 23.64 -36.34
CA GLY P 211 -6.39 22.93 -37.55
C GLY P 211 -7.56 21.98 -37.35
N ILE P 212 -7.38 20.74 -37.83
CA ILE P 212 -8.46 19.76 -37.83
C ILE P 212 -8.72 19.24 -36.42
N SER P 213 -7.81 19.49 -35.48
CA SER P 213 -7.98 19.00 -34.12
C SER P 213 -9.20 19.59 -33.43
N MET P 214 -9.63 20.79 -33.85
CA MET P 214 -10.80 21.41 -33.22
C MET P 214 -12.04 20.54 -33.38
N GLY P 215 -12.30 20.07 -34.60
CA GLY P 215 -13.47 19.23 -34.82
C GLY P 215 -13.40 17.92 -34.05
N ASP P 216 -12.22 17.30 -34.03
CA ASP P 216 -12.07 16.02 -33.34
C ASP P 216 -12.29 16.17 -31.84
N HIS P 217 -11.77 17.24 -31.23
CA HIS P 217 -11.88 17.40 -29.79
C HIS P 217 -13.30 17.71 -29.36
N LEU P 218 -14.01 18.55 -30.13
CA LEU P 218 -15.37 18.91 -29.77
C LEU P 218 -16.32 17.73 -29.92
N TRP P 219 -16.15 16.94 -30.99
CA TRP P 219 -17.04 15.80 -31.21
C TRP P 219 -16.86 14.74 -30.13
N VAL P 220 -15.62 14.51 -29.69
CA VAL P 220 -15.37 13.56 -28.61
C VAL P 220 -15.90 14.10 -27.28
N ALA P 221 -15.76 15.41 -27.07
CA ALA P 221 -16.32 16.01 -25.86
C ALA P 221 -17.83 15.90 -25.82
N ARG P 222 -18.48 16.03 -26.97
CA ARG P 222 -19.93 15.84 -27.06
C ARG P 222 -20.30 14.40 -26.72
N PHE P 223 -19.53 13.42 -27.22
CA PHE P 223 -19.79 12.03 -26.91
C PHE P 223 -19.63 11.75 -25.42
N ILE P 224 -18.59 12.31 -24.80
CA ILE P 224 -18.34 12.07 -23.38
C ILE P 224 -19.48 12.63 -22.54
N LEU P 225 -20.01 13.80 -22.93
CA LEU P 225 -21.13 14.39 -22.20
C LEU P 225 -22.37 13.50 -22.26
N HIS P 226 -22.69 12.98 -23.46
CA HIS P 226 -23.85 12.11 -23.59
C HIS P 226 -23.70 10.85 -22.75
N ARG P 227 -22.51 10.26 -22.75
CA ARG P 227 -22.27 9.03 -22.00
C ARG P 227 -22.31 9.27 -20.50
N VAL P 228 -21.80 10.43 -20.04
CA VAL P 228 -21.87 10.76 -18.62
C VAL P 228 -23.32 10.97 -18.19
N CYS P 229 -24.10 11.70 -19.00
CA CYS P 229 -25.50 11.93 -18.67
C CYS P 229 -26.30 10.64 -18.66
N GLU P 230 -25.89 9.67 -19.49
CA GLU P 230 -26.55 8.37 -19.50
C GLU P 230 -26.42 7.67 -18.14
N ASP P 231 -25.26 7.78 -17.50
CA ASP P 231 -25.08 7.18 -16.19
C ASP P 231 -26.00 7.79 -15.15
N PHE P 232 -26.16 9.11 -15.17
CA PHE P 232 -27.05 9.79 -14.24
C PHE P 232 -28.52 9.69 -14.63
N GLY P 233 -28.82 9.30 -15.87
CA GLY P 233 -30.19 9.16 -16.31
C GLY P 233 -30.84 10.41 -16.87
N VAL P 234 -30.06 11.40 -17.28
CA VAL P 234 -30.60 12.63 -17.84
C VAL P 234 -30.18 12.76 -19.31
N ILE P 235 -30.80 13.73 -19.99
CA ILE P 235 -30.53 14.00 -21.40
C ILE P 235 -29.92 15.38 -21.54
N ALA P 236 -28.84 15.46 -22.32
CA ALA P 236 -28.25 16.73 -22.70
C ALA P 236 -28.66 17.08 -24.12
N THR P 237 -29.22 18.27 -24.31
CA THR P 237 -29.72 18.71 -25.60
C THR P 237 -28.93 19.92 -26.09
N PHE P 238 -28.58 19.92 -27.38
CA PHE P 238 -27.92 21.03 -28.03
C PHE P 238 -28.88 21.86 -28.89
N ASP P 239 -30.18 21.76 -28.63
CA ASP P 239 -31.15 22.52 -29.41
C ASP P 239 -30.97 24.01 -29.16
N PRO P 240 -30.99 24.85 -30.20
CA PRO P 240 -30.72 26.29 -30.00
C PRO P 240 -31.70 26.98 -29.08
N LYS P 241 -32.97 26.58 -29.06
CA LYS P 241 -33.99 27.21 -28.21
C LYS P 241 -34.82 26.14 -27.53
N PRO P 242 -34.30 25.53 -26.47
CA PRO P 242 -35.07 24.46 -25.79
C PRO P 242 -36.40 24.93 -25.22
N ILE P 243 -36.47 26.15 -24.71
CA ILE P 243 -37.70 26.65 -24.08
C ILE P 243 -38.14 27.94 -24.77
N PRO P 244 -39.39 28.02 -25.24
CA PRO P 244 -39.84 29.24 -25.91
C PRO P 244 -40.04 30.39 -24.94
N GLY P 245 -39.96 31.61 -25.48
CA GLY P 245 -40.27 32.79 -24.73
C GLY P 245 -39.06 33.50 -24.14
N ASN P 246 -39.17 33.90 -22.87
CA ASN P 246 -38.15 34.69 -22.19
C ASN P 246 -37.14 33.82 -21.46
N TRP P 247 -36.53 32.88 -22.17
CA TRP P 247 -35.49 32.02 -21.60
C TRP P 247 -34.32 31.96 -22.57
N ASN P 248 -33.11 31.92 -22.01
CA ASN P 248 -31.89 32.01 -22.80
C ASN P 248 -31.79 30.88 -23.81
N GLY P 249 -31.27 31.20 -25.00
CA GLY P 249 -31.00 30.21 -26.02
C GLY P 249 -29.63 29.58 -25.84
N ALA P 250 -29.26 28.74 -26.81
CA ALA P 250 -28.00 28.01 -26.77
C ALA P 250 -27.26 28.18 -28.09
N GLY P 251 -26.02 28.65 -28.01
CA GLY P 251 -25.19 28.82 -29.18
C GLY P 251 -23.83 28.16 -28.99
N CYS P 252 -23.00 28.28 -30.03
CA CYS P 252 -21.62 27.76 -30.00
C CYS P 252 -20.70 28.83 -30.58
N HIS P 253 -20.25 29.75 -29.74
CA HIS P 253 -19.34 30.80 -30.20
C HIS P 253 -18.00 30.20 -30.62
N THR P 254 -17.44 30.72 -31.70
CA THR P 254 -16.19 30.20 -32.26
C THR P 254 -15.17 31.33 -32.31
N ASN P 255 -14.05 31.13 -31.63
CA ASN P 255 -12.95 32.08 -31.63
C ASN P 255 -11.90 31.65 -32.64
N PHE P 256 -11.29 32.63 -33.31
CA PHE P 256 -10.39 32.36 -34.44
C PHE P 256 -9.21 33.30 -34.42
N SER P 257 -8.02 32.76 -34.72
CA SER P 257 -6.82 33.56 -34.90
C SER P 257 -5.81 32.79 -35.71
N THR P 258 -4.95 33.52 -36.42
CA THR P 258 -3.82 32.96 -37.13
C THR P 258 -2.52 33.44 -36.48
N LYS P 259 -1.40 32.96 -37.03
CA LYS P 259 -0.09 33.34 -36.48
C LYS P 259 0.15 34.83 -36.63
N ALA P 260 -0.24 35.40 -37.77
CA ALA P 260 -0.10 36.84 -37.97
C ALA P 260 -0.99 37.64 -37.04
N MET P 261 -2.19 37.13 -36.73
CA MET P 261 -3.09 37.83 -35.82
C MET P 261 -2.55 37.86 -34.40
N ARG P 262 -1.78 36.85 -34.00
CA ARG P 262 -1.31 36.73 -32.62
C ARG P 262 -0.02 37.49 -32.35
N GLU P 263 0.64 38.02 -33.37
CA GLU P 263 1.84 38.81 -33.15
C GLU P 263 1.50 40.29 -32.97
N GLU P 264 2.52 41.08 -32.67
CA GLU P 264 2.33 42.51 -32.43
C GLU P 264 1.72 43.19 -33.65
N ASN P 265 0.79 44.11 -33.39
CA ASN P 265 0.03 44.81 -34.44
C ASN P 265 -0.75 43.83 -35.31
N GLY P 266 -1.17 42.71 -34.73
CA GLY P 266 -2.00 41.75 -35.42
C GLY P 266 -3.45 42.16 -35.55
N LEU P 267 -3.84 43.25 -34.91
CA LEU P 267 -5.20 43.75 -35.03
C LEU P 267 -5.53 44.15 -36.47
N LYS P 268 -4.51 44.52 -37.25
CA LYS P 268 -4.73 44.85 -38.65
C LYS P 268 -5.27 43.66 -39.44
N TYR P 269 -4.70 42.47 -39.19
CA TYR P 269 -5.18 41.28 -39.88
C TYR P 269 -6.53 40.82 -39.33
N ILE P 270 -6.84 41.13 -38.07
CA ILE P 270 -8.17 40.85 -37.54
C ILE P 270 -9.22 41.66 -38.29
N GLU P 271 -8.94 42.94 -38.52
CA GLU P 271 -9.89 43.81 -39.22
C GLU P 271 -10.05 43.38 -40.67
N GLU P 272 -8.99 42.85 -41.28
CA GLU P 272 -9.08 42.36 -42.65
C GLU P 272 -10.04 41.17 -42.75
N ALA P 273 -9.93 40.23 -41.80
CA ALA P 273 -10.76 39.04 -41.85
C ALA P 273 -12.23 39.38 -41.59
N ILE P 274 -12.49 40.33 -40.70
CA ILE P 274 -13.87 40.73 -40.42
C ILE P 274 -14.48 41.41 -41.63
N GLU P 275 -13.68 42.17 -42.37
CA GLU P 275 -14.17 42.80 -43.59
C GLU P 275 -14.59 41.75 -44.62
N LYS P 276 -13.78 40.70 -44.77
CA LYS P 276 -14.13 39.61 -45.69
C LYS P 276 -15.40 38.89 -45.24
N LEU P 277 -15.53 38.66 -43.93
CA LEU P 277 -16.73 38.02 -43.40
C LEU P 277 -17.97 38.88 -43.56
N SER P 278 -17.81 40.19 -43.71
CA SER P 278 -18.96 41.09 -43.76
C SER P 278 -19.79 40.88 -45.03
N LYS P 279 -19.18 40.40 -46.11
CA LYS P 279 -19.86 40.26 -47.39
C LYS P 279 -20.25 38.82 -47.68
N ARG P 280 -20.22 37.94 -46.69
CA ARG P 280 -20.56 36.54 -46.87
C ARG P 280 -21.47 36.06 -45.75
N HIS P 281 -22.39 36.91 -45.30
CA HIS P 281 -23.24 36.59 -44.16
C HIS P 281 -24.15 35.41 -44.46
N GLN P 282 -24.79 35.41 -45.63
CA GLN P 282 -25.71 34.32 -45.98
C GLN P 282 -24.99 33.00 -46.13
N TYR P 283 -23.77 33.02 -46.69
CA TYR P 283 -23.02 31.78 -46.85
C TYR P 283 -22.68 31.15 -45.50
N HIS P 284 -22.31 31.97 -44.52
CA HIS P 284 -21.93 31.43 -43.22
C HIS P 284 -23.14 31.01 -42.40
N ILE P 285 -24.29 31.68 -42.59
CA ILE P 285 -25.51 31.26 -41.92
C ILE P 285 -25.89 29.85 -42.37
N ARG P 286 -25.76 29.58 -43.67
CA ARG P 286 -26.05 28.25 -44.19
C ARG P 286 -25.12 27.20 -43.59
N ALA P 287 -23.84 27.53 -43.43
CA ALA P 287 -22.86 26.56 -42.97
C ALA P 287 -22.86 26.37 -41.45
N TYR P 288 -23.50 27.26 -40.70
CA TYR P 288 -23.49 27.20 -39.25
C TYR P 288 -24.68 26.44 -38.68
N ASP P 289 -25.40 25.68 -39.52
CA ASP P 289 -26.58 24.98 -39.09
C ASP P 289 -26.69 23.65 -39.84
N PRO P 290 -27.04 22.56 -39.14
CA PRO P 290 -27.29 21.30 -39.85
C PRO P 290 -28.52 21.35 -40.75
N LYS P 291 -29.41 22.32 -40.57
CA LYS P 291 -30.61 22.45 -41.38
C LYS P 291 -30.56 23.66 -42.31
N GLY P 292 -29.41 24.30 -42.46
CA GLY P 292 -29.27 25.42 -43.36
C GLY P 292 -29.66 26.77 -42.79
N GLY P 293 -29.99 26.85 -41.51
CA GLY P 293 -30.27 28.13 -40.88
C GLY P 293 -31.59 28.21 -40.16
N LEU P 294 -32.47 27.23 -40.39
CA LEU P 294 -33.79 27.25 -39.77
C LEU P 294 -33.71 27.11 -38.25
N ASP P 295 -32.82 26.23 -37.77
CA ASP P 295 -32.69 26.04 -36.32
C ASP P 295 -32.24 27.33 -35.64
N ASN P 296 -31.24 28.00 -36.21
CA ASN P 296 -30.73 29.25 -35.62
C ASN P 296 -31.74 30.38 -35.66
N ALA P 297 -32.77 30.29 -36.51
CA ALA P 297 -33.77 31.35 -36.60
C ALA P 297 -34.59 31.47 -35.32
N ARG P 298 -34.83 30.35 -34.63
CA ARG P 298 -35.54 30.38 -33.36
C ARG P 298 -34.74 31.02 -32.24
N ARG P 299 -33.44 31.23 -32.44
CA ARG P 299 -32.56 31.79 -31.41
C ARG P 299 -32.09 33.20 -31.74
N LEU P 300 -31.66 33.46 -32.97
CA LEU P 300 -31.09 34.75 -33.34
C LEU P 300 -32.21 35.68 -33.80
N THR P 301 -32.81 36.36 -32.84
CA THR P 301 -33.89 37.31 -33.10
C THR P 301 -33.57 38.73 -32.67
N GLY P 302 -32.41 38.95 -32.06
CA GLY P 302 -32.02 40.28 -31.61
C GLY P 302 -32.28 40.57 -30.15
N PHE P 303 -32.64 39.58 -29.35
CA PHE P 303 -32.88 39.75 -27.92
C PHE P 303 -32.06 38.72 -27.16
N HIS P 304 -32.04 38.87 -25.84
CA HIS P 304 -31.22 38.03 -24.95
C HIS P 304 -29.75 38.07 -25.38
N GLU P 305 -29.26 39.29 -25.59
CA GLU P 305 -27.89 39.57 -26.03
C GLU P 305 -27.48 38.71 -27.22
N THR P 306 -28.35 38.66 -28.22
CA THR P 306 -28.08 37.99 -29.48
C THR P 306 -28.23 38.97 -30.64
N SER P 307 -27.64 38.62 -31.77
CA SER P 307 -27.73 39.40 -32.99
C SER P 307 -28.86 38.89 -33.86
N ASN P 308 -29.32 39.74 -34.78
CA ASN P 308 -30.39 39.37 -35.68
C ASN P 308 -29.88 38.41 -36.76
N ILE P 309 -30.73 37.44 -37.13
CA ILE P 309 -30.36 36.47 -38.15
C ILE P 309 -30.18 37.13 -39.50
N ASN P 310 -30.84 38.26 -39.74
CA ASN P 310 -30.82 38.91 -41.05
C ASN P 310 -29.64 39.86 -41.24
N ASP P 311 -29.12 40.43 -40.16
CA ASP P 311 -28.16 41.52 -40.26
C ASP P 311 -26.78 41.11 -39.77
N PHE P 312 -25.75 41.67 -40.40
CA PHE P 312 -24.37 41.49 -39.99
C PHE P 312 -23.89 42.75 -39.28
N SER P 313 -23.25 42.57 -38.13
CA SER P 313 -22.67 43.69 -37.41
C SER P 313 -21.39 43.22 -36.72
N ALA P 314 -20.50 44.17 -36.48
CA ALA P 314 -19.23 43.88 -35.81
C ALA P 314 -18.80 45.09 -35.01
N GLY P 315 -18.08 44.84 -33.93
CA GLY P 315 -17.61 45.92 -33.08
C GLY P 315 -16.71 45.38 -31.99
N VAL P 316 -16.09 46.31 -31.27
CA VAL P 316 -15.22 45.99 -30.16
C VAL P 316 -16.05 45.96 -28.88
N ALA P 317 -15.95 44.85 -28.13
CA ALA P 317 -16.65 44.68 -26.86
C ALA P 317 -18.16 44.73 -27.02
N ASN P 318 -18.66 44.35 -28.19
CA ASN P 318 -20.10 44.32 -28.47
C ASN P 318 -20.58 42.88 -28.44
N ARG P 319 -21.35 42.53 -27.41
CA ARG P 319 -21.93 41.19 -27.29
C ARG P 319 -23.22 41.03 -28.07
N SER P 320 -23.76 42.11 -28.63
CA SER P 320 -24.98 42.06 -29.42
C SER P 320 -24.72 41.98 -30.92
N ALA P 321 -23.46 41.92 -31.33
CA ALA P 321 -23.09 41.89 -32.74
C ALA P 321 -22.77 40.47 -33.19
N SER P 322 -22.70 40.29 -34.51
CA SER P 322 -22.35 38.99 -35.08
C SER P 322 -20.93 38.58 -34.71
N ILE P 323 -19.98 39.52 -34.82
CA ILE P 323 -18.58 39.26 -34.52
C ILE P 323 -18.14 40.27 -33.47
N ARG P 324 -17.48 39.80 -32.42
CA ARG P 324 -17.05 40.64 -31.31
C ARG P 324 -15.54 40.58 -31.16
N ILE P 325 -14.92 41.74 -31.00
CA ILE P 325 -13.50 41.85 -30.67
C ILE P 325 -13.37 42.14 -29.18
N PRO P 326 -12.72 41.29 -28.40
CA PRO P 326 -12.58 41.56 -26.97
C PRO P 326 -11.81 42.84 -26.72
N ARG P 327 -12.20 43.54 -25.64
CA ARG P 327 -11.58 44.83 -25.33
C ARG P 327 -10.08 44.68 -25.08
N THR P 328 -9.67 43.60 -24.42
CA THR P 328 -8.24 43.38 -24.19
C THR P 328 -7.50 43.22 -25.51
N VAL P 329 -8.08 42.50 -26.46
CA VAL P 329 -7.45 42.32 -27.77
C VAL P 329 -7.28 43.67 -28.46
N GLY P 330 -8.31 44.51 -28.42
CA GLY P 330 -8.22 45.82 -29.04
C GLY P 330 -7.19 46.71 -28.36
N GLN P 331 -7.06 46.59 -27.03
CA GLN P 331 -6.10 47.40 -26.30
C GLN P 331 -4.66 46.97 -26.60
N GLU P 332 -4.40 45.66 -26.62
CA GLU P 332 -3.07 45.15 -26.93
C GLU P 332 -2.79 45.06 -28.42
N LYS P 333 -3.80 45.33 -29.26
CA LYS P 333 -3.64 45.34 -30.72
C LYS P 333 -3.19 43.99 -31.27
N LYS P 334 -3.59 42.91 -30.61
CA LYS P 334 -3.28 41.56 -31.08
C LYS P 334 -4.21 40.57 -30.39
N GLY P 335 -4.28 39.37 -30.95
CA GLY P 335 -5.07 38.31 -30.34
C GLY P 335 -5.96 37.56 -31.30
N TYR P 336 -7.27 37.60 -31.04
CA TYR P 336 -8.24 36.78 -31.77
C TYR P 336 -9.54 37.56 -31.88
N PHE P 337 -10.57 36.90 -32.41
CA PHE P 337 -11.91 37.48 -32.46
C PHE P 337 -12.92 36.35 -32.39
N GLU P 338 -14.16 36.72 -32.06
CA GLU P 338 -15.22 35.76 -31.74
C GLU P 338 -16.36 35.89 -32.74
N ASP P 339 -16.77 34.75 -33.30
CA ASP P 339 -17.96 34.67 -34.15
C ASP P 339 -19.09 34.08 -33.32
N ARG P 340 -20.13 34.87 -33.08
CA ARG P 340 -21.22 34.51 -32.17
C ARG P 340 -22.44 33.97 -32.89
N ARG P 341 -22.37 33.77 -34.19
CA ARG P 341 -23.49 33.30 -35.00
C ARG P 341 -23.80 31.80 -34.91
N PRO P 342 -22.82 30.90 -34.85
CA PRO P 342 -23.15 29.47 -34.91
C PRO P 342 -24.05 29.02 -33.76
N SER P 343 -24.98 28.12 -34.07
CA SER P 343 -25.88 27.56 -33.08
C SER P 343 -25.20 26.42 -32.32
N ALA P 344 -25.86 25.97 -31.26
CA ALA P 344 -25.27 24.97 -30.37
C ALA P 344 -25.21 23.58 -30.99
N ASN P 345 -25.95 23.33 -32.07
CA ASN P 345 -25.94 22.02 -32.72
C ASN P 345 -25.17 22.03 -34.03
N CYS P 346 -24.25 22.97 -34.21
CA CYS P 346 -23.46 23.06 -35.42
C CYS P 346 -22.44 21.93 -35.51
N ASP P 347 -22.05 21.61 -36.74
CA ASP P 347 -20.94 20.70 -36.97
C ASP P 347 -19.64 21.50 -36.96
N PRO P 348 -18.69 21.20 -36.07
CA PRO P 348 -17.44 21.97 -36.05
C PRO P 348 -16.63 21.88 -37.33
N PHE P 349 -16.70 20.75 -38.04
CA PHE P 349 -15.98 20.63 -39.32
C PHE P 349 -16.51 21.62 -40.34
N SER P 350 -17.84 21.86 -40.34
CA SER P 350 -18.41 22.84 -41.24
C SER P 350 -18.02 24.26 -40.86
N VAL P 351 -18.02 24.56 -39.56
CA VAL P 351 -17.78 25.93 -39.10
C VAL P 351 -16.33 26.33 -39.38
N THR P 352 -15.38 25.46 -39.04
CA THR P 352 -13.97 25.80 -39.22
C THR P 352 -13.61 25.90 -40.69
N GLU P 353 -14.17 25.04 -41.54
CA GLU P 353 -13.87 25.08 -42.97
C GLU P 353 -14.34 26.39 -43.59
N ALA P 354 -15.54 26.86 -43.21
CA ALA P 354 -16.06 28.10 -43.78
C ALA P 354 -15.20 29.29 -43.40
N LEU P 355 -14.75 29.35 -42.14
CA LEU P 355 -13.95 30.48 -41.69
C LEU P 355 -12.65 30.59 -42.48
N ILE P 356 -11.99 29.46 -42.72
CA ILE P 356 -10.72 29.48 -43.44
C ILE P 356 -10.94 29.82 -44.91
N ARG P 357 -12.01 29.29 -45.50
CA ARG P 357 -12.28 29.57 -46.91
C ARG P 357 -12.51 31.05 -47.15
N THR P 358 -13.26 31.72 -46.26
CA THR P 358 -13.54 33.14 -46.44
C THR P 358 -12.36 34.01 -46.07
N CYS P 359 -11.66 33.67 -44.98
CA CYS P 359 -10.67 34.58 -44.42
C CYS P 359 -9.26 34.35 -44.97
N LEU P 360 -8.86 33.10 -45.18
CA LEU P 360 -7.50 32.78 -45.58
C LEU P 360 -7.36 32.52 -47.08
N LEU P 361 -8.31 31.81 -47.68
CA LEU P 361 -8.29 31.60 -49.12
C LEU P 361 -9.14 32.62 -49.87
N ASN P 362 -9.75 33.57 -49.16
CA ASN P 362 -10.48 34.72 -49.69
C ASN P 362 -11.26 34.38 -50.97
N GLU P 363 -12.09 33.35 -50.85
CA GLU P 363 -12.96 32.94 -51.95
C GLU P 363 -14.32 33.58 -51.81
N THR P 364 -15.03 33.69 -52.93
CA THR P 364 -16.29 34.39 -53.02
C THR P 364 -17.34 33.48 -53.63
N GLY P 365 -18.55 34.02 -53.81
CA GLY P 365 -19.64 33.27 -54.39
C GLY P 365 -20.46 32.51 -53.36
N ASP P 366 -21.47 31.83 -53.87
CA ASP P 366 -22.41 31.08 -53.03
C ASP P 366 -22.00 29.63 -52.83
N GLU P 367 -20.92 29.17 -53.46
CA GLU P 367 -20.51 27.78 -53.36
C GLU P 367 -19.02 27.68 -53.07
N PRO P 368 -18.59 26.62 -52.40
CA PRO P 368 -17.16 26.43 -52.19
C PRO P 368 -16.43 26.11 -53.48
N PHE P 369 -15.19 26.57 -53.56
CA PHE P 369 -14.36 26.31 -54.73
C PHE P 369 -14.06 24.82 -54.86
N GLN P 370 -14.42 24.23 -56.00
CA GLN P 370 -13.96 22.88 -56.29
C GLN P 370 -12.50 22.90 -56.72
N TYR P 371 -11.79 21.85 -56.34
CA TYR P 371 -10.33 21.82 -56.27
C TYR P 371 -9.79 22.89 -55.32
N LYS P 372 -10.66 23.49 -54.52
CA LYS P 372 -10.27 24.25 -53.34
C LYS P 372 -9.49 25.52 -53.68
N ASN P 373 -8.92 26.17 -52.67
CA ASN P 373 -8.30 27.49 -52.79
C ASN P 373 -9.36 28.54 -53.14
N THR Q 2 -40.35 -3.22 -13.72
CA THR Q 2 -40.08 -3.57 -12.33
C THR Q 2 -39.04 -4.68 -12.23
N THR Q 3 -38.32 -4.72 -11.11
CA THR Q 3 -37.23 -5.65 -10.89
C THR Q 3 -37.55 -6.57 -9.71
N SER Q 4 -36.73 -7.60 -9.55
CA SER Q 4 -36.98 -8.63 -8.57
C SER Q 4 -36.80 -8.11 -7.14
N ALA Q 5 -37.45 -8.80 -6.20
CA ALA Q 5 -37.33 -8.45 -4.79
C ALA Q 5 -35.89 -8.64 -4.29
N SER Q 6 -35.21 -9.67 -4.80
CA SER Q 6 -33.83 -9.94 -4.38
C SER Q 6 -32.91 -8.77 -4.71
N SER Q 7 -33.15 -8.07 -5.82
CA SER Q 7 -32.28 -6.97 -6.22
C SER Q 7 -32.46 -5.73 -5.34
N HIS Q 8 -33.52 -5.66 -4.55
CA HIS Q 8 -33.74 -4.55 -3.64
C HIS Q 8 -33.06 -4.74 -2.29
N LEU Q 9 -32.45 -5.89 -2.04
CA LEU Q 9 -31.68 -6.08 -0.83
C LEU Q 9 -30.43 -5.21 -0.85
N ASN Q 10 -29.86 -4.97 0.34
CA ASN Q 10 -28.70 -4.10 0.49
C ASN Q 10 -27.47 -4.81 -0.05
N LYS Q 11 -26.97 -4.37 -1.21
CA LYS Q 11 -25.81 -4.99 -1.82
C LYS Q 11 -24.50 -4.61 -1.13
N GLY Q 12 -24.48 -3.48 -0.41
CA GLY Q 12 -23.31 -3.14 0.37
C GLY Q 12 -23.03 -4.15 1.47
N ILE Q 13 -24.10 -4.71 2.06
CA ILE Q 13 -23.94 -5.75 3.07
C ILE Q 13 -23.24 -6.96 2.49
N LYS Q 14 -23.67 -7.39 1.30
CA LYS Q 14 -23.05 -8.55 0.66
C LYS Q 14 -21.58 -8.33 0.40
N GLN Q 15 -21.21 -7.13 -0.05
CA GLN Q 15 -19.81 -6.86 -0.39
C GLN Q 15 -18.91 -6.90 0.84
N VAL Q 16 -19.44 -6.60 2.03
CA VAL Q 16 -18.65 -6.73 3.25
C VAL Q 16 -18.26 -8.18 3.48
N TYR Q 17 -19.22 -9.11 3.30
CA TYR Q 17 -18.92 -10.53 3.52
C TYR Q 17 -17.95 -11.07 2.47
N MET Q 18 -18.09 -10.63 1.22
CA MET Q 18 -17.18 -11.07 0.17
C MET Q 18 -15.78 -10.46 0.29
N SER Q 19 -15.60 -9.48 1.17
CA SER Q 19 -14.27 -8.94 1.44
C SER Q 19 -13.47 -9.79 2.42
N LEU Q 20 -14.11 -10.73 3.10
CA LEU Q 20 -13.41 -11.58 4.06
C LEU Q 20 -12.41 -12.48 3.33
N PRO Q 21 -11.16 -12.59 3.82
CA PRO Q 21 -10.20 -13.51 3.18
C PRO Q 21 -10.70 -14.95 3.22
N GLN Q 22 -10.51 -15.65 2.11
CA GLN Q 22 -11.08 -16.98 1.96
C GLN Q 22 -10.41 -18.00 2.86
N GLY Q 23 -9.08 -18.04 2.85
CA GLY Q 23 -8.36 -19.13 3.48
C GLY Q 23 -7.86 -20.13 2.46
N GLU Q 24 -7.68 -21.38 2.87
CA GLU Q 24 -7.09 -22.39 2.00
C GLU Q 24 -8.09 -23.14 1.13
N LYS Q 25 -9.36 -23.15 1.49
CA LYS Q 25 -10.37 -23.87 0.71
C LYS Q 25 -10.75 -23.08 -0.54
N VAL Q 26 -11.29 -23.81 -1.52
CA VAL Q 26 -11.63 -23.26 -2.83
C VAL Q 26 -13.03 -23.71 -3.21
N GLN Q 27 -13.81 -22.78 -3.78
CA GLN Q 27 -15.16 -23.07 -4.25
C GLN Q 27 -15.14 -23.37 -5.75
N ALA Q 28 -15.89 -24.39 -6.16
CA ALA Q 28 -16.05 -24.74 -7.56
C ALA Q 28 -17.53 -24.85 -7.88
N MET Q 29 -17.97 -24.15 -8.93
CA MET Q 29 -19.36 -24.16 -9.35
C MET Q 29 -19.50 -25.03 -10.60
N TYR Q 30 -20.30 -26.09 -10.49
CA TYR Q 30 -20.55 -27.01 -11.61
C TYR Q 30 -21.79 -26.55 -12.37
N ILE Q 31 -21.68 -26.51 -13.70
CA ILE Q 31 -22.74 -25.98 -14.57
C ILE Q 31 -23.05 -27.00 -15.65
N TRP Q 32 -24.34 -27.23 -15.90
CA TRP Q 32 -24.77 -28.17 -16.93
C TRP Q 32 -26.09 -27.72 -17.54
N ILE Q 33 -26.42 -28.33 -18.68
CA ILE Q 33 -27.63 -28.04 -19.43
C ILE Q 33 -28.70 -29.05 -19.06
N ASP Q 34 -29.91 -28.56 -18.77
CA ASP Q 34 -30.97 -29.41 -18.26
C ASP Q 34 -31.80 -30.02 -19.39
N GLY Q 35 -32.95 -30.60 -19.05
CA GLY Q 35 -33.72 -31.42 -19.96
C GLY Q 35 -34.47 -30.67 -21.04
N THR Q 36 -34.60 -29.35 -20.92
CA THR Q 36 -35.25 -28.59 -21.98
C THR Q 36 -34.31 -28.25 -23.13
N GLY Q 37 -33.00 -28.43 -22.95
CA GLY Q 37 -32.03 -28.11 -23.97
C GLY Q 37 -31.68 -26.65 -24.08
N GLU Q 38 -32.28 -25.79 -23.27
CA GLU Q 38 -32.00 -24.35 -23.28
C GLU Q 38 -31.62 -23.78 -21.92
N GLY Q 39 -32.04 -24.39 -20.82
CA GLY Q 39 -31.76 -23.85 -19.51
C GLY Q 39 -30.48 -24.41 -18.90
N LEU Q 40 -29.91 -23.64 -17.99
CA LEU Q 40 -28.68 -24.00 -17.30
C LEU Q 40 -28.97 -24.23 -15.82
N ARG Q 41 -28.22 -25.13 -15.21
CA ARG Q 41 -28.30 -25.42 -13.79
C ARG Q 41 -26.91 -25.33 -13.18
N CYS Q 42 -26.84 -25.10 -11.87
CA CYS Q 42 -25.55 -24.98 -11.21
C CYS Q 42 -25.67 -25.30 -9.72
N LYS Q 43 -24.54 -25.72 -9.14
CA LYS Q 43 -24.39 -25.86 -7.70
C LYS Q 43 -22.91 -25.87 -7.37
N THR Q 44 -22.59 -25.66 -6.09
CA THR Q 44 -21.24 -25.41 -5.64
C THR Q 44 -20.78 -26.47 -4.64
N ARG Q 45 -19.48 -26.81 -4.72
CA ARG Q 45 -18.85 -27.69 -3.75
C ARG Q 45 -17.51 -27.08 -3.32
N THR Q 46 -17.05 -27.51 -2.15
CA THR Q 46 -15.77 -27.06 -1.59
C THR Q 46 -14.67 -28.05 -1.96
N LEU Q 47 -13.52 -27.53 -2.38
CA LEU Q 47 -12.35 -28.35 -2.68
C LEU Q 47 -11.22 -28.00 -1.71
N ASP Q 48 -10.32 -28.97 -1.50
CA ASP Q 48 -9.25 -28.80 -0.53
C ASP Q 48 -8.16 -27.85 -1.03
N SER Q 49 -7.91 -27.82 -2.34
CA SER Q 49 -6.88 -26.97 -2.90
C SER Q 49 -7.28 -26.57 -4.32
N GLU Q 50 -6.60 -25.55 -4.83
CA GLU Q 50 -6.92 -25.03 -6.15
C GLU Q 50 -6.57 -26.03 -7.24
N PRO Q 51 -7.50 -26.39 -8.13
CA PRO Q 51 -7.15 -27.25 -9.25
C PRO Q 51 -6.47 -26.46 -10.36
N LYS Q 52 -5.47 -27.09 -10.99
CA LYS Q 52 -4.71 -26.41 -12.03
C LYS Q 52 -5.24 -26.69 -13.43
N CYS Q 53 -5.76 -27.89 -13.68
CA CYS Q 53 -6.35 -28.23 -14.96
C CYS Q 53 -7.70 -28.91 -14.73
N VAL Q 54 -8.48 -29.02 -15.81
CA VAL Q 54 -9.83 -29.58 -15.72
C VAL Q 54 -9.78 -31.05 -15.34
N GLU Q 55 -8.68 -31.74 -15.65
CA GLU Q 55 -8.57 -33.17 -15.36
C GLU Q 55 -8.49 -33.48 -13.87
N GLU Q 56 -8.13 -32.50 -13.04
CA GLU Q 56 -8.04 -32.73 -11.60
C GLU Q 56 -9.38 -32.61 -10.88
N LEU Q 57 -10.43 -32.19 -11.58
CA LEU Q 57 -11.70 -32.04 -10.86
C LEU Q 57 -12.45 -33.36 -10.79
N PRO Q 58 -13.05 -33.69 -9.65
CA PRO Q 58 -13.77 -34.95 -9.52
C PRO Q 58 -15.15 -34.91 -10.18
N GLU Q 59 -15.66 -36.11 -10.46
CA GLU Q 59 -17.02 -36.25 -10.96
C GLU Q 59 -18.02 -35.96 -9.85
N TRP Q 60 -19.22 -35.55 -10.26
CA TRP Q 60 -20.29 -35.24 -9.31
C TRP Q 60 -21.60 -35.84 -9.82
N ASN Q 61 -22.70 -35.54 -9.15
CA ASN Q 61 -23.99 -36.11 -9.52
C ASN Q 61 -25.10 -35.18 -9.05
N PHE Q 62 -26.30 -35.41 -9.58
CA PHE Q 62 -27.49 -34.66 -9.18
C PHE Q 62 -28.71 -35.54 -9.39
N ASP Q 63 -29.83 -35.12 -8.81
CA ASP Q 63 -31.09 -35.85 -8.91
C ASP Q 63 -31.80 -35.39 -10.18
N GLY Q 64 -31.89 -36.30 -11.17
CA GLY Q 64 -32.45 -35.95 -12.47
C GLY Q 64 -33.95 -35.84 -12.52
N SER Q 65 -34.66 -36.28 -11.49
CA SER Q 65 -36.11 -36.12 -11.46
C SER Q 65 -36.53 -34.70 -11.10
N SER Q 66 -35.62 -33.88 -10.57
CA SER Q 66 -35.90 -32.47 -10.32
C SER Q 66 -35.53 -31.59 -11.50
N THR Q 67 -34.96 -32.15 -12.56
CA THR Q 67 -34.63 -31.40 -13.77
C THR Q 67 -35.31 -31.97 -15.00
N LEU Q 68 -36.19 -32.96 -14.84
CA LEU Q 68 -37.01 -33.52 -15.92
C LEU Q 68 -36.15 -34.09 -17.05
N GLN Q 69 -35.11 -34.84 -16.66
CA GLN Q 69 -34.33 -35.59 -17.63
C GLN Q 69 -34.02 -37.00 -17.12
N SER Q 70 -34.87 -37.54 -16.25
CA SER Q 70 -34.62 -38.85 -15.68
C SER Q 70 -35.94 -39.44 -15.18
N GLU Q 71 -35.99 -40.76 -15.12
CA GLU Q 71 -37.16 -41.47 -14.65
C GLU Q 71 -37.16 -41.50 -13.12
N GLY Q 72 -38.19 -42.14 -12.55
CA GLY Q 72 -38.35 -42.13 -11.10
C GLY Q 72 -37.38 -43.05 -10.38
N SER Q 73 -37.38 -44.33 -10.73
CA SER Q 73 -36.63 -45.33 -9.96
C SER Q 73 -35.12 -45.13 -10.09
N ASN Q 74 -34.65 -44.72 -11.26
CA ASN Q 74 -33.21 -44.65 -11.53
C ASN Q 74 -32.81 -43.21 -11.83
N SER Q 75 -33.23 -42.28 -10.97
CA SER Q 75 -33.17 -40.86 -11.26
C SER Q 75 -31.77 -40.26 -11.17
N ASP Q 76 -30.78 -40.98 -10.65
CA ASP Q 76 -29.46 -40.40 -10.45
C ASP Q 76 -28.76 -40.15 -11.78
N MET Q 77 -28.23 -38.95 -11.95
CA MET Q 77 -27.47 -38.56 -13.13
C MET Q 77 -26.07 -38.13 -12.69
N TYR Q 78 -25.12 -38.15 -13.63
CA TYR Q 78 -23.72 -37.94 -13.32
C TYR Q 78 -23.16 -36.76 -14.11
N LEU Q 79 -22.27 -36.01 -13.48
CA LEU Q 79 -21.66 -34.82 -14.07
C LEU Q 79 -20.18 -35.09 -14.33
N VAL Q 80 -19.74 -34.84 -15.56
CA VAL Q 80 -18.35 -35.04 -15.94
C VAL Q 80 -17.77 -33.70 -16.41
N PRO Q 81 -16.82 -33.12 -15.66
CA PRO Q 81 -16.26 -31.82 -16.06
C PRO Q 81 -15.61 -31.85 -17.43
N ALA Q 82 -15.81 -30.79 -18.19
CA ALA Q 82 -15.29 -30.68 -19.54
C ALA Q 82 -14.43 -29.44 -19.79
N ALA Q 83 -14.74 -28.30 -19.15
CA ALA Q 83 -13.98 -27.08 -19.35
C ALA Q 83 -14.02 -26.25 -18.07
N MET Q 84 -12.91 -25.58 -17.78
CA MET Q 84 -12.76 -24.80 -16.55
C MET Q 84 -12.44 -23.36 -16.88
N PHE Q 85 -13.05 -22.44 -16.12
CA PHE Q 85 -12.81 -21.01 -16.26
C PHE Q 85 -12.68 -20.39 -14.87
N ARG Q 86 -12.04 -19.23 -14.81
CA ARG Q 86 -12.02 -18.44 -13.58
C ARG Q 86 -13.42 -17.89 -13.28
N ASP Q 87 -13.73 -17.80 -11.98
CA ASP Q 87 -15.05 -17.36 -11.54
C ASP Q 87 -15.02 -15.85 -11.33
N PRO Q 88 -15.76 -15.06 -12.11
CA PRO Q 88 -15.73 -13.61 -11.91
C PRO Q 88 -16.60 -13.13 -10.76
N PHE Q 89 -17.52 -13.95 -10.28
CA PHE Q 89 -18.40 -13.59 -9.17
C PHE Q 89 -17.76 -13.82 -7.82
N ARG Q 90 -16.82 -14.75 -7.71
CA ARG Q 90 -16.11 -15.01 -6.48
C ARG Q 90 -14.61 -14.72 -6.57
N LYS Q 91 -14.07 -14.50 -7.77
CA LYS Q 91 -12.66 -14.18 -8.01
C LYS Q 91 -11.74 -15.37 -7.71
N ASP Q 92 -10.45 -15.21 -8.03
CA ASP Q 92 -9.48 -16.27 -7.81
C ASP Q 92 -9.40 -16.59 -6.32
N PRO Q 93 -9.14 -17.86 -5.97
CA PRO Q 93 -8.87 -19.01 -6.85
C PRO Q 93 -10.09 -19.84 -7.21
N ASN Q 94 -11.30 -19.29 -7.10
CA ASN Q 94 -12.51 -20.07 -7.33
C ASN Q 94 -12.76 -20.26 -8.82
N LYS Q 95 -13.46 -21.33 -9.18
CA LYS Q 95 -13.56 -21.78 -10.56
C LYS Q 95 -15.01 -21.99 -11.00
N LEU Q 96 -15.24 -21.86 -12.30
CA LEU Q 96 -16.46 -22.30 -12.97
C LEU Q 96 -16.15 -23.53 -13.80
N VAL Q 97 -17.04 -24.52 -13.74
CA VAL Q 97 -16.82 -25.82 -14.39
C VAL Q 97 -18.05 -26.15 -15.24
N LEU Q 98 -17.84 -26.27 -16.55
CA LEU Q 98 -18.88 -26.75 -17.46
C LEU Q 98 -18.75 -28.26 -17.60
N CYS Q 99 -19.89 -28.96 -17.48
CA CYS Q 99 -19.89 -30.41 -17.39
C CYS Q 99 -20.80 -31.03 -18.44
N GLU Q 100 -20.50 -32.29 -18.77
CA GLU Q 100 -21.37 -33.14 -19.57
C GLU Q 100 -22.22 -34.02 -18.67
N VAL Q 101 -23.44 -34.31 -19.12
CA VAL Q 101 -24.43 -35.05 -18.34
C VAL Q 101 -24.52 -36.47 -18.88
N PHE Q 102 -24.52 -37.45 -17.98
CA PHE Q 102 -24.64 -38.86 -18.34
C PHE Q 102 -25.70 -39.52 -17.48
N LYS Q 103 -26.35 -40.52 -18.05
CA LYS Q 103 -27.41 -41.26 -17.36
C LYS Q 103 -26.80 -42.19 -16.30
N TYR Q 104 -27.67 -42.88 -15.57
CA TYR Q 104 -27.22 -43.80 -14.53
C TYR Q 104 -26.41 -44.96 -15.11
N ASN Q 105 -26.66 -45.33 -16.36
CA ASN Q 105 -25.92 -46.39 -17.03
C ASN Q 105 -24.77 -45.86 -17.87
N ARG Q 106 -24.35 -44.60 -17.63
CA ARG Q 106 -23.20 -43.95 -18.25
C ARG Q 106 -23.40 -43.61 -19.71
N ARG Q 107 -24.58 -43.83 -20.26
CA ARG Q 107 -24.87 -43.32 -21.59
C ARG Q 107 -25.18 -41.83 -21.53
N PRO Q 108 -24.87 -41.08 -22.59
CA PRO Q 108 -25.13 -39.63 -22.57
C PRO Q 108 -26.61 -39.32 -22.46
N ALA Q 109 -26.92 -38.20 -21.81
CA ALA Q 109 -28.28 -37.75 -21.70
C ALA Q 109 -28.83 -37.30 -23.04
N GLU Q 110 -30.15 -37.13 -23.11
CA GLU Q 110 -30.79 -36.76 -24.37
C GLU Q 110 -30.33 -35.40 -24.85
N THR Q 111 -30.14 -34.45 -23.93
CA THR Q 111 -29.72 -33.10 -24.27
C THR Q 111 -28.20 -32.93 -24.23
N ASN Q 112 -27.45 -34.00 -23.98
CA ASN Q 112 -25.99 -33.97 -24.04
C ASN Q 112 -25.59 -34.11 -25.50
N LEU Q 113 -25.41 -32.98 -26.17
CA LEU Q 113 -25.01 -32.95 -27.57
C LEU Q 113 -23.52 -32.75 -27.76
N ARG Q 114 -22.78 -32.47 -26.69
CA ARG Q 114 -21.33 -32.27 -26.81
C ARG Q 114 -20.60 -33.58 -27.08
N HIS Q 115 -21.14 -34.71 -26.61
CA HIS Q 115 -20.44 -35.99 -26.74
C HIS Q 115 -20.25 -36.37 -28.21
N THR Q 116 -21.30 -36.22 -29.02
CA THR Q 116 -21.19 -36.54 -30.43
C THR Q 116 -20.45 -35.44 -31.19
N CYS Q 117 -20.67 -34.17 -30.80
CA CYS Q 117 -20.01 -33.06 -31.49
C CYS Q 117 -18.49 -33.14 -31.35
N LYS Q 118 -18.01 -33.53 -30.17
CA LYS Q 118 -16.57 -33.60 -29.94
C LYS Q 118 -15.91 -34.64 -30.86
N ARG Q 119 -16.55 -35.79 -31.05
CA ARG Q 119 -15.96 -36.82 -31.90
C ARG Q 119 -15.90 -36.37 -33.35
N ILE Q 120 -16.91 -35.62 -33.80
CA ILE Q 120 -16.90 -35.09 -35.17
C ILE Q 120 -15.75 -34.10 -35.35
N MET Q 121 -15.52 -33.24 -34.36
CA MET Q 121 -14.43 -32.27 -34.46
C MET Q 121 -13.07 -32.95 -34.48
N ASP Q 122 -12.98 -34.15 -33.92
CA ASP Q 122 -11.67 -34.80 -33.82
C ASP Q 122 -11.26 -35.46 -35.14
N MET Q 123 -12.20 -35.67 -36.06
CA MET Q 123 -11.87 -36.28 -37.34
C MET Q 123 -11.65 -35.26 -38.44
N VAL Q 124 -11.71 -33.97 -38.12
CA VAL Q 124 -11.39 -32.89 -39.06
C VAL Q 124 -10.38 -31.96 -38.42
N SER Q 125 -9.63 -32.48 -37.45
CA SER Q 125 -8.75 -31.64 -36.63
C SER Q 125 -7.67 -30.95 -37.44
N ASN Q 126 -7.15 -31.61 -38.47
CA ASN Q 126 -6.08 -31.03 -39.28
C ASN Q 126 -6.56 -29.88 -40.15
N GLN Q 127 -7.87 -29.71 -40.34
CA GLN Q 127 -8.40 -28.60 -41.13
C GLN Q 127 -8.64 -27.35 -40.30
N HIS Q 128 -8.52 -27.44 -38.97
CA HIS Q 128 -8.61 -26.31 -38.05
C HIS Q 128 -9.84 -25.43 -38.28
N PRO Q 129 -11.05 -25.95 -38.07
CA PRO Q 129 -12.25 -25.12 -38.27
C PRO Q 129 -12.37 -24.06 -37.19
N TRP Q 130 -12.64 -22.82 -37.60
CA TRP Q 130 -12.87 -21.71 -36.70
C TRP Q 130 -14.34 -21.31 -36.76
N PHE Q 131 -14.92 -21.00 -35.61
CA PHE Q 131 -16.29 -20.54 -35.51
C PHE Q 131 -16.36 -19.21 -34.79
N GLY Q 132 -17.33 -18.39 -35.19
CA GLY Q 132 -17.65 -17.15 -34.51
C GLY Q 132 -19.13 -16.91 -34.49
N MET Q 133 -19.71 -16.71 -33.30
CA MET Q 133 -21.15 -16.64 -33.15
C MET Q 133 -21.55 -15.30 -32.53
N GLU Q 134 -22.63 -14.72 -33.06
CA GLU Q 134 -23.14 -13.41 -32.64
C GLU Q 134 -24.43 -13.63 -31.87
N GLN Q 135 -24.37 -13.54 -30.55
CA GLN Q 135 -25.51 -13.81 -29.68
C GLN Q 135 -26.31 -12.55 -29.44
N GLU Q 136 -27.56 -12.53 -29.88
CA GLU Q 136 -28.49 -11.44 -29.61
C GLU Q 136 -29.43 -11.83 -28.48
N TYR Q 137 -29.82 -10.83 -27.68
CA TYR Q 137 -30.70 -11.07 -26.54
C TYR Q 137 -31.44 -9.78 -26.21
N THR Q 138 -32.50 -9.91 -25.42
CA THR Q 138 -33.30 -8.78 -24.96
C THR Q 138 -33.37 -8.79 -23.44
N LEU Q 139 -33.21 -7.61 -22.84
CA LEU Q 139 -33.35 -7.45 -21.40
C LEU Q 139 -34.81 -7.18 -21.06
N MET Q 140 -35.34 -7.94 -20.10
CA MET Q 140 -36.75 -7.88 -19.74
C MET Q 140 -36.90 -7.67 -18.25
N GLY Q 141 -37.95 -6.94 -17.87
CA GLY Q 141 -38.33 -6.84 -16.48
C GLY Q 141 -39.04 -8.09 -15.99
N THR Q 142 -39.18 -8.17 -14.66
CA THR Q 142 -39.84 -9.33 -14.06
C THR Q 142 -41.33 -9.37 -14.38
N ASP Q 143 -41.89 -8.31 -14.93
CA ASP Q 143 -43.30 -8.24 -15.30
C ASP Q 143 -43.57 -8.74 -16.72
N GLY Q 144 -42.55 -9.24 -17.42
CA GLY Q 144 -42.74 -9.76 -18.76
C GLY Q 144 -42.68 -8.74 -19.87
N HIS Q 145 -42.30 -7.50 -19.58
CA HIS Q 145 -42.19 -6.40 -20.52
C HIS Q 145 -40.72 -6.01 -20.69
N PRO Q 146 -40.32 -5.54 -21.87
CA PRO Q 146 -38.91 -5.16 -22.06
C PRO Q 146 -38.48 -4.07 -21.08
N PHE Q 147 -37.25 -4.19 -20.61
CA PHE Q 147 -36.76 -3.30 -19.56
C PHE Q 147 -36.65 -1.87 -20.06
N GLY Q 148 -37.14 -0.93 -19.28
CA GLY Q 148 -37.11 0.47 -19.63
C GLY Q 148 -38.16 0.92 -20.63
N TRP Q 149 -39.03 0.03 -21.06
CA TRP Q 149 -40.11 0.42 -21.96
C TRP Q 149 -41.23 1.10 -21.17
N PRO Q 150 -42.03 1.95 -21.82
CA PRO Q 150 -43.14 2.59 -21.11
C PRO Q 150 -44.13 1.55 -20.59
N SER Q 151 -44.65 1.81 -19.39
CA SER Q 151 -45.58 0.87 -18.77
C SER Q 151 -46.83 0.70 -19.64
N ASN Q 152 -47.08 -0.54 -20.05
CA ASN Q 152 -48.22 -0.90 -20.89
C ASN Q 152 -48.18 -0.21 -22.26
N GLY Q 153 -47.00 0.24 -22.69
CA GLY Q 153 -46.89 0.96 -23.94
C GLY Q 153 -45.61 0.69 -24.72
N PHE Q 154 -45.29 1.57 -25.67
CA PHE Q 154 -44.17 1.38 -26.56
C PHE Q 154 -43.30 2.63 -26.60
N PRO Q 155 -42.01 2.47 -26.90
CA PRO Q 155 -41.17 3.64 -27.15
C PRO Q 155 -41.34 4.14 -28.57
N GLY Q 156 -40.53 5.11 -28.97
CA GLY Q 156 -40.58 5.64 -30.32
C GLY Q 156 -40.19 4.60 -31.35
N PRO Q 157 -40.49 4.87 -32.62
CA PRO Q 157 -40.18 3.92 -33.69
C PRO Q 157 -38.68 3.68 -33.82
N GLN Q 158 -38.35 2.51 -34.38
CA GLN Q 158 -36.96 2.10 -34.51
C GLN Q 158 -36.18 3.06 -35.41
N GLY Q 159 -34.86 3.00 -35.29
CA GLY Q 159 -33.98 3.82 -36.09
C GLY Q 159 -32.89 4.56 -35.31
N PRO Q 160 -33.21 5.13 -34.15
CA PRO Q 160 -32.17 5.77 -33.34
C PRO Q 160 -31.50 4.89 -32.30
N TYR Q 161 -31.97 3.65 -32.09
CA TYR Q 161 -31.46 2.82 -31.01
C TYR Q 161 -30.23 2.00 -31.40
N TYR Q 162 -30.05 1.70 -32.69
CA TYR Q 162 -28.93 0.89 -33.12
C TYR Q 162 -27.61 1.61 -32.84
N CYS Q 163 -26.74 0.96 -32.08
CA CYS Q 163 -25.44 1.53 -31.67
C CYS Q 163 -25.61 2.91 -31.04
N GLY Q 164 -26.67 3.06 -30.22
CA GLY Q 164 -27.02 4.36 -29.69
C GLY Q 164 -26.32 4.70 -28.38
N VAL Q 165 -26.28 6.00 -28.09
CA VAL Q 165 -25.73 6.51 -26.85
C VAL Q 165 -26.67 7.57 -26.30
N GLY Q 166 -26.88 7.56 -24.99
CA GLY Q 166 -27.77 8.51 -24.36
C GLY Q 166 -28.89 7.87 -23.57
N ALA Q 167 -29.46 8.63 -22.62
CA ALA Q 167 -30.48 8.09 -21.73
C ALA Q 167 -31.73 7.66 -22.49
N ASP Q 168 -32.04 8.32 -23.59
CA ASP Q 168 -33.23 8.03 -24.36
C ASP Q 168 -32.99 7.05 -25.51
N ARG Q 169 -31.80 6.48 -25.61
CA ARG Q 169 -31.47 5.63 -26.75
C ARG Q 169 -31.01 4.23 -26.37
N ALA Q 170 -30.28 4.07 -25.27
CA ALA Q 170 -29.75 2.76 -24.87
C ALA Q 170 -30.23 2.44 -23.46
N TYR Q 171 -30.86 1.28 -23.31
CA TYR Q 171 -31.39 0.82 -22.03
C TYR Q 171 -30.54 -0.32 -21.49
N GLY Q 172 -30.05 -0.18 -20.27
CA GLY Q 172 -29.39 -1.28 -19.59
C GLY Q 172 -27.93 -1.50 -19.91
N ARG Q 173 -27.19 -0.42 -20.24
CA ARG Q 173 -25.77 -0.57 -20.55
C ARG Q 173 -24.95 -1.07 -19.36
N ASP Q 174 -25.45 -0.91 -18.12
CA ASP Q 174 -24.72 -1.39 -16.96
C ASP Q 174 -24.52 -2.91 -17.00
N ILE Q 175 -25.57 -3.64 -17.39
CA ILE Q 175 -25.46 -5.08 -17.53
C ILE Q 175 -24.46 -5.45 -18.63
N VAL Q 176 -24.51 -4.74 -19.76
CA VAL Q 176 -23.62 -5.04 -20.87
C VAL Q 176 -22.16 -4.83 -20.47
N GLU Q 177 -21.87 -3.71 -19.79
CA GLU Q 177 -20.51 -3.44 -19.35
C GLU Q 177 -20.03 -4.47 -18.34
N ALA Q 178 -20.89 -4.84 -17.40
CA ALA Q 178 -20.51 -5.84 -16.40
C ALA Q 178 -20.29 -7.20 -17.03
N HIS Q 179 -21.14 -7.59 -17.99
CA HIS Q 179 -20.97 -8.87 -18.66
C HIS Q 179 -19.66 -8.91 -19.44
N TYR Q 180 -19.31 -7.82 -20.13
CA TYR Q 180 -18.07 -7.76 -20.89
C TYR Q 180 -16.85 -7.96 -19.99
N ARG Q 181 -16.83 -7.28 -18.84
CA ARG Q 181 -15.69 -7.39 -17.93
C ARG Q 181 -15.60 -8.79 -17.32
N ALA Q 182 -16.74 -9.36 -16.93
CA ALA Q 182 -16.75 -10.70 -16.33
C ALA Q 182 -16.23 -11.74 -17.30
N CYS Q 183 -16.64 -11.67 -18.57
CA CYS Q 183 -16.18 -12.63 -19.56
C CYS Q 183 -14.68 -12.55 -19.76
N LEU Q 184 -14.13 -11.32 -19.82
CA LEU Q 184 -12.69 -11.16 -19.97
C LEU Q 184 -11.93 -11.73 -18.78
N TYR Q 185 -12.45 -11.50 -17.56
CA TYR Q 185 -11.81 -12.06 -16.37
C TYR Q 185 -11.86 -13.58 -16.37
N ALA Q 186 -12.99 -14.16 -16.80
CA ALA Q 186 -13.17 -15.60 -16.75
C ALA Q 186 -12.32 -16.35 -17.77
N GLY Q 187 -11.91 -15.69 -18.85
CA GLY Q 187 -11.22 -16.34 -19.93
C GLY Q 187 -12.07 -16.67 -21.13
N VAL Q 188 -13.29 -16.15 -21.20
CA VAL Q 188 -14.15 -16.35 -22.35
C VAL Q 188 -13.71 -15.41 -23.47
N LYS Q 189 -13.59 -15.94 -24.68
CA LYS Q 189 -13.11 -15.17 -25.82
C LYS Q 189 -14.22 -14.29 -26.39
N ILE Q 190 -14.54 -13.24 -25.65
CA ILE Q 190 -15.52 -12.26 -26.09
C ILE Q 190 -14.84 -11.25 -27.01
N ALA Q 191 -15.44 -11.01 -28.18
CA ALA Q 191 -14.83 -10.20 -29.22
C ALA Q 191 -15.40 -8.80 -29.35
N GLY Q 192 -16.61 -8.56 -28.88
CA GLY Q 192 -17.19 -7.23 -28.95
C GLY Q 192 -18.65 -7.25 -28.61
N THR Q 193 -19.22 -6.04 -28.52
CA THR Q 193 -20.63 -5.84 -28.21
C THR Q 193 -21.15 -4.64 -28.97
N ASN Q 194 -22.47 -4.60 -29.16
CA ASN Q 194 -23.13 -3.43 -29.73
C ASN Q 194 -24.60 -3.44 -29.33
N ALA Q 195 -25.21 -2.26 -29.35
CA ALA Q 195 -26.64 -2.12 -29.16
C ALA Q 195 -27.37 -2.39 -30.48
N GLU Q 196 -28.55 -2.97 -30.36
CA GLU Q 196 -29.29 -3.47 -31.52
C GLU Q 196 -30.44 -2.53 -31.89
N VAL Q 197 -31.17 -2.92 -32.93
CA VAL Q 197 -32.20 -2.06 -33.51
C VAL Q 197 -33.31 -1.79 -32.51
N MET Q 198 -33.69 -2.80 -31.74
CA MET Q 198 -34.73 -2.65 -30.74
C MET Q 198 -34.14 -2.09 -29.45
N PRO Q 199 -34.78 -1.11 -28.81
CA PRO Q 199 -34.29 -0.65 -27.50
C PRO Q 199 -34.39 -1.77 -26.47
N ALA Q 200 -33.39 -1.82 -25.59
CA ALA Q 200 -33.15 -2.89 -24.62
C ALA Q 200 -32.69 -4.19 -25.26
N GLN Q 201 -32.38 -4.19 -26.55
CA GLN Q 201 -31.82 -5.35 -27.25
C GLN Q 201 -30.34 -5.13 -27.50
N TRP Q 202 -29.55 -6.18 -27.28
CA TRP Q 202 -28.10 -6.09 -27.35
C TRP Q 202 -27.52 -7.33 -28.03
N GLU Q 203 -26.22 -7.29 -28.30
CA GLU Q 203 -25.51 -8.37 -28.96
C GLU Q 203 -24.08 -8.41 -28.47
N PHE Q 204 -23.56 -9.61 -28.24
CA PHE Q 204 -22.13 -9.82 -27.99
C PHE Q 204 -21.62 -10.92 -28.91
N GLN Q 205 -20.39 -10.76 -29.38
CA GLN Q 205 -19.76 -11.69 -30.30
C GLN Q 205 -18.72 -12.53 -29.58
N ILE Q 206 -18.72 -13.83 -29.86
CA ILE Q 206 -17.78 -14.78 -29.25
C ILE Q 206 -16.96 -15.43 -30.36
N GLY Q 207 -15.64 -15.39 -30.22
CA GLY Q 207 -14.76 -16.05 -31.15
C GLY Q 207 -13.58 -15.20 -31.56
N PRO Q 208 -12.80 -15.67 -32.56
CA PRO Q 208 -12.93 -16.96 -33.25
C PRO Q 208 -12.43 -18.14 -32.40
N CYS Q 209 -13.19 -19.23 -32.35
CA CYS Q 209 -12.86 -20.38 -31.51
C CYS Q 209 -12.64 -21.61 -32.40
N GLU Q 210 -11.68 -22.44 -32.00
CA GLU Q 210 -11.33 -23.65 -32.76
C GLU Q 210 -12.11 -24.84 -32.25
N GLY Q 211 -12.83 -25.51 -33.15
CA GLY Q 211 -13.43 -26.80 -32.86
C GLY Q 211 -14.47 -26.77 -31.75
N ILE Q 212 -14.31 -27.69 -30.80
CA ILE Q 212 -15.30 -27.87 -29.74
C ILE Q 212 -15.29 -26.71 -28.77
N SER Q 213 -14.28 -25.85 -28.82
CA SER Q 213 -14.19 -24.73 -27.89
C SER Q 213 -15.30 -23.71 -28.10
N MET Q 214 -15.86 -23.64 -29.32
CA MET Q 214 -16.93 -22.69 -29.60
C MET Q 214 -18.13 -22.93 -28.69
N GLY Q 215 -18.57 -24.19 -28.57
CA GLY Q 215 -19.72 -24.49 -27.74
C GLY Q 215 -19.48 -24.20 -26.28
N ASP Q 216 -18.29 -24.54 -25.77
CA ASP Q 216 -17.98 -24.31 -24.35
C ASP Q 216 -17.96 -22.83 -24.02
N HIS Q 217 -17.39 -22.00 -24.90
CA HIS Q 217 -17.28 -20.58 -24.61
C HIS Q 217 -18.63 -19.88 -24.69
N LEU Q 218 -19.48 -20.26 -25.64
CA LEU Q 218 -20.79 -19.64 -25.76
C LEU Q 218 -21.69 -20.00 -24.58
N TRP Q 219 -21.68 -21.26 -24.17
CA TRP Q 219 -22.53 -21.69 -23.07
C TRP Q 219 -22.13 -21.02 -21.75
N VAL Q 220 -20.82 -20.91 -21.50
CA VAL Q 220 -20.36 -20.25 -20.29
C VAL Q 220 -20.67 -18.75 -20.35
N ALA Q 221 -20.57 -18.15 -21.53
CA ALA Q 221 -20.95 -16.76 -21.69
C ALA Q 221 -22.43 -16.54 -21.41
N ARG Q 222 -23.27 -17.49 -21.83
CA ARG Q 222 -24.70 -17.43 -21.53
C ARG Q 222 -24.95 -17.50 -20.03
N PHE Q 223 -24.25 -18.40 -19.34
CA PHE Q 223 -24.39 -18.53 -17.89
C PHE Q 223 -23.97 -17.24 -17.19
N ILE Q 224 -22.86 -16.65 -17.62
CA ILE Q 224 -22.38 -15.42 -16.99
C ILE Q 224 -23.38 -14.30 -17.18
N LEU Q 225 -24.01 -14.24 -18.36
CA LEU Q 225 -25.03 -13.23 -18.62
C LEU Q 225 -26.23 -13.38 -17.69
N HIS Q 226 -26.72 -14.62 -17.54
CA HIS Q 226 -27.87 -14.85 -16.65
C HIS Q 226 -27.53 -14.49 -15.21
N ARG Q 227 -26.34 -14.86 -14.75
CA ARG Q 227 -25.93 -14.59 -13.38
C ARG Q 227 -25.72 -13.09 -13.14
N VAL Q 228 -25.18 -12.37 -14.12
CA VAL Q 228 -25.03 -10.92 -13.98
C VAL Q 228 -26.41 -10.24 -13.95
N CYS Q 229 -27.32 -10.68 -14.82
CA CYS Q 229 -28.67 -10.10 -14.83
C CYS Q 229 -29.39 -10.39 -13.52
N GLU Q 230 -29.10 -11.52 -12.89
CA GLU Q 230 -29.71 -11.86 -11.61
C GLU Q 230 -29.33 -10.86 -10.53
N ASP Q 231 -28.07 -10.39 -10.55
CA ASP Q 231 -27.63 -9.39 -9.57
C ASP Q 231 -28.41 -8.08 -9.73
N PHE Q 232 -28.63 -7.64 -10.96
CA PHE Q 232 -29.38 -6.42 -11.21
C PHE Q 232 -30.89 -6.62 -11.12
N GLY Q 233 -31.36 -7.86 -11.09
CA GLY Q 233 -32.79 -8.12 -10.95
C GLY Q 233 -33.57 -8.06 -12.24
N VAL Q 234 -32.94 -8.28 -13.39
CA VAL Q 234 -33.63 -8.31 -14.68
C VAL Q 234 -33.44 -9.68 -15.30
N ILE Q 235 -34.19 -9.93 -16.38
CA ILE Q 235 -34.19 -11.21 -17.08
C ILE Q 235 -33.65 -11.00 -18.49
N ALA Q 236 -32.71 -11.84 -18.89
CA ALA Q 236 -32.23 -11.88 -20.27
C ALA Q 236 -32.89 -13.04 -20.99
N THR Q 237 -33.52 -12.76 -22.14
CA THR Q 237 -34.24 -13.76 -22.90
C THR Q 237 -33.57 -13.94 -24.27
N PHE Q 238 -33.49 -15.20 -24.71
CA PHE Q 238 -32.97 -15.55 -26.02
C PHE Q 238 -34.08 -15.92 -27.01
N ASP Q 239 -35.32 -15.58 -26.71
CA ASP Q 239 -36.43 -15.93 -27.59
C ASP Q 239 -36.27 -15.22 -28.94
N PRO Q 240 -36.45 -15.92 -30.06
CA PRO Q 240 -36.20 -15.30 -31.37
C PRO Q 240 -37.08 -14.10 -31.67
N LYS Q 241 -38.33 -14.07 -31.21
CA LYS Q 241 -39.25 -12.97 -31.47
C LYS Q 241 -39.93 -12.55 -30.17
N PRO Q 242 -39.22 -11.82 -29.31
CA PRO Q 242 -39.80 -11.44 -28.01
C PRO Q 242 -41.05 -10.57 -28.12
N ILE Q 243 -41.11 -9.68 -29.09
CA ILE Q 243 -42.21 -8.72 -29.23
C ILE Q 243 -42.80 -8.88 -30.63
N PRO Q 244 -44.11 -9.13 -30.75
CA PRO Q 244 -44.71 -9.29 -32.07
C PRO Q 244 -44.79 -7.98 -32.84
N GLY Q 245 -44.87 -8.10 -34.16
CA GLY Q 245 -45.09 -6.96 -35.02
C GLY Q 245 -43.84 -6.35 -35.61
N ASN Q 246 -43.77 -5.02 -35.60
CA ASN Q 246 -42.69 -4.27 -36.23
C ASN Q 246 -41.54 -4.00 -35.26
N TRP Q 247 -41.02 -5.06 -34.65
CA TRP Q 247 -39.88 -4.95 -33.75
C TRP Q 247 -38.86 -6.03 -34.07
N ASN Q 248 -37.58 -5.68 -33.94
CA ASN Q 248 -36.52 -6.56 -34.39
C ASN Q 248 -36.51 -7.88 -33.63
N GLY Q 249 -36.16 -8.96 -34.35
CA GLY Q 249 -36.00 -10.26 -33.76
C GLY Q 249 -34.58 -10.48 -33.28
N ALA Q 250 -34.31 -11.71 -32.83
CA ALA Q 250 -33.02 -12.07 -32.26
C ALA Q 250 -32.48 -13.31 -32.96
N GLY Q 251 -31.26 -13.23 -33.47
CA GLY Q 251 -30.61 -14.33 -34.15
C GLY Q 251 -29.26 -14.66 -33.54
N CYS Q 252 -28.64 -15.70 -34.10
CA CYS Q 252 -27.35 -16.20 -33.62
C CYS Q 252 -26.42 -16.51 -34.80
N HIS Q 253 -26.24 -15.52 -35.69
CA HIS Q 253 -25.36 -15.67 -36.86
C HIS Q 253 -24.06 -16.38 -36.51
N THR Q 254 -23.70 -17.38 -37.32
CA THR Q 254 -22.53 -18.21 -37.11
C THR Q 254 -21.57 -18.03 -38.27
N ASN Q 255 -20.32 -17.69 -37.96
CA ASN Q 255 -19.27 -17.52 -38.96
C ASN Q 255 -18.37 -18.74 -38.96
N PHE Q 256 -17.91 -19.13 -40.15
CA PHE Q 256 -17.20 -20.39 -40.34
C PHE Q 256 -16.06 -20.22 -41.33
N SER Q 257 -14.92 -20.85 -41.02
CA SER Q 257 -13.80 -20.91 -41.95
C SER Q 257 -12.91 -22.09 -41.59
N THR Q 258 -12.14 -22.56 -42.56
CA THR Q 258 -11.12 -23.57 -42.38
C THR Q 258 -9.75 -22.99 -42.74
N LYS Q 259 -8.71 -23.79 -42.54
CA LYS Q 259 -7.36 -23.35 -42.90
C LYS Q 259 -7.24 -23.05 -44.38
N ALA Q 260 -7.84 -23.91 -45.22
CA ALA Q 260 -7.83 -23.66 -46.66
C ALA Q 260 -8.59 -22.39 -47.02
N MET Q 261 -9.69 -22.11 -46.32
CA MET Q 261 -10.46 -20.91 -46.61
C MET Q 261 -9.69 -19.64 -46.27
N ARG Q 262 -8.83 -19.69 -45.25
CA ARG Q 262 -8.12 -18.51 -44.78
C ARG Q 262 -6.84 -18.21 -45.55
N GLU Q 263 -6.40 -19.12 -46.41
CA GLU Q 263 -5.19 -18.90 -47.21
C GLU Q 263 -5.55 -18.20 -48.53
N GLU Q 264 -4.51 -17.83 -49.27
CA GLU Q 264 -4.69 -17.10 -50.52
C GLU Q 264 -5.55 -17.91 -51.48
N ASN Q 265 -6.46 -17.21 -52.17
CA ASN Q 265 -7.42 -17.83 -53.09
C ASN Q 265 -8.30 -18.85 -52.37
N GLY Q 266 -8.59 -18.58 -51.09
CA GLY Q 266 -9.50 -19.41 -50.32
C GLY Q 266 -10.96 -19.23 -50.65
N LEU Q 267 -11.29 -18.22 -51.46
CA LEU Q 267 -12.67 -18.01 -51.86
C LEU Q 267 -13.24 -19.18 -52.64
N LYS Q 268 -12.36 -19.94 -53.32
CA LYS Q 268 -12.82 -21.12 -54.04
C LYS Q 268 -13.42 -22.15 -53.09
N TYR Q 269 -12.78 -22.36 -51.94
CA TYR Q 269 -13.29 -23.33 -50.97
C TYR Q 269 -14.52 -22.79 -50.25
N ILE Q 270 -14.64 -21.47 -50.12
CA ILE Q 270 -15.86 -20.88 -49.56
C ILE Q 270 -17.05 -21.18 -50.45
N GLU Q 271 -16.88 -21.01 -51.77
CA GLU Q 271 -17.98 -21.27 -52.70
C GLU Q 271 -18.33 -22.75 -52.74
N GLU Q 272 -17.34 -23.61 -52.53
CA GLU Q 272 -17.61 -25.05 -52.49
C GLU Q 272 -18.52 -25.42 -51.32
N ALA Q 273 -18.25 -24.86 -50.15
CA ALA Q 273 -19.05 -25.18 -48.97
C ALA Q 273 -20.47 -24.61 -49.10
N ILE Q 274 -20.59 -23.42 -49.68
CA ILE Q 274 -21.91 -22.81 -49.84
C ILE Q 274 -22.76 -23.63 -50.81
N GLU Q 275 -22.12 -24.19 -51.85
CA GLU Q 275 -22.85 -25.07 -52.76
C GLU Q 275 -23.39 -26.29 -52.04
N LYS Q 276 -22.59 -26.88 -51.14
CA LYS Q 276 -23.03 -28.04 -50.37
C LYS Q 276 -24.17 -27.65 -49.43
N LEU Q 277 -24.11 -26.47 -48.84
CA LEU Q 277 -25.16 -26.03 -47.93
C LEU Q 277 -26.47 -25.75 -48.67
N SER Q 278 -26.41 -25.48 -49.96
CA SER Q 278 -27.60 -25.12 -50.73
C SER Q 278 -28.58 -26.29 -50.86
N LYS Q 279 -28.09 -27.52 -50.81
CA LYS Q 279 -28.94 -28.70 -51.02
C LYS Q 279 -29.30 -29.40 -49.71
N ARG Q 280 -29.08 -28.75 -48.57
CA ARG Q 280 -29.40 -29.32 -47.26
C ARG Q 280 -30.09 -28.28 -46.39
N HIS Q 281 -30.95 -27.45 -46.99
CA HIS Q 281 -31.57 -26.36 -46.26
C HIS Q 281 -32.48 -26.86 -45.14
N GLN Q 282 -33.27 -27.90 -45.41
CA GLN Q 282 -34.21 -28.40 -44.41
C GLN Q 282 -33.47 -29.08 -43.25
N TYR Q 283 -32.35 -29.75 -43.54
CA TYR Q 283 -31.58 -30.40 -42.49
C TYR Q 283 -31.02 -29.39 -41.50
N HIS Q 284 -30.55 -28.24 -42.00
CA HIS Q 284 -29.97 -27.24 -41.11
C HIS Q 284 -31.03 -26.47 -40.33
N ILE Q 285 -32.20 -26.24 -40.92
CA ILE Q 285 -33.28 -25.59 -40.20
C ILE Q 285 -33.68 -26.43 -38.99
N ARG Q 286 -33.75 -27.75 -39.17
CA ARG Q 286 -34.09 -28.65 -38.07
C ARG Q 286 -33.02 -28.59 -36.98
N ALA Q 287 -31.74 -28.52 -37.36
CA ALA Q 287 -30.65 -28.55 -36.39
C ALA Q 287 -30.38 -27.19 -35.75
N TYR Q 288 -30.91 -26.11 -36.31
CA TYR Q 288 -30.67 -24.76 -35.80
C TYR Q 288 -31.71 -24.33 -34.78
N ASP Q 289 -32.47 -25.26 -34.21
CA ASP Q 289 -33.53 -24.91 -33.29
C ASP Q 289 -33.71 -26.03 -32.27
N PRO Q 290 -33.93 -25.70 -31.00
CA PRO Q 290 -34.19 -26.75 -30.01
C PRO Q 290 -35.55 -27.41 -30.18
N LYS Q 291 -36.44 -26.84 -30.99
CA LYS Q 291 -37.77 -27.39 -31.23
C LYS Q 291 -37.98 -27.80 -32.69
N GLY Q 292 -36.90 -27.94 -33.45
CA GLY Q 292 -36.99 -28.40 -34.82
C GLY Q 292 -37.32 -27.34 -35.85
N GLY Q 293 -37.41 -26.08 -35.47
CA GLY Q 293 -37.63 -25.02 -36.44
C GLY Q 293 -38.84 -24.16 -36.17
N LEU Q 294 -39.69 -24.57 -35.22
CA LEU Q 294 -40.89 -23.80 -34.93
C LEU Q 294 -40.56 -22.42 -34.36
N ASP Q 295 -39.56 -22.34 -33.49
CA ASP Q 295 -39.19 -21.06 -32.90
C ASP Q 295 -38.71 -20.07 -33.96
N ASN Q 296 -37.87 -20.53 -34.88
CA ASN Q 296 -37.32 -19.67 -35.93
C ASN Q 296 -38.38 -19.20 -36.93
N ALA Q 297 -39.54 -19.86 -36.97
CA ALA Q 297 -40.57 -19.46 -37.91
C ALA Q 297 -41.17 -18.10 -37.57
N ARG Q 298 -41.23 -17.76 -36.28
CA ARG Q 298 -41.73 -16.46 -35.86
C ARG Q 298 -40.77 -15.32 -36.19
N ARG Q 299 -39.54 -15.62 -36.58
CA ARG Q 299 -38.53 -14.62 -36.86
C ARG Q 299 -38.18 -14.52 -38.34
N LEU Q 300 -37.97 -15.65 -39.01
CA LEU Q 300 -37.51 -15.66 -40.40
C LEU Q 300 -38.72 -15.65 -41.32
N THR Q 301 -39.19 -14.44 -41.64
CA THR Q 301 -40.33 -14.26 -42.53
C THR Q 301 -39.99 -13.44 -43.77
N GLY Q 302 -38.74 -13.02 -43.93
CA GLY Q 302 -38.34 -12.23 -45.08
C GLY Q 302 -38.47 -10.73 -44.91
N PHE Q 303 -38.64 -10.24 -43.69
CA PHE Q 303 -38.75 -8.81 -43.42
C PHE Q 303 -37.80 -8.43 -42.30
N HIS Q 304 -37.51 -7.13 -42.22
CA HIS Q 304 -36.59 -6.57 -41.23
C HIS Q 304 -35.21 -7.22 -41.32
N GLU Q 305 -34.67 -7.25 -42.55
CA GLU Q 305 -33.31 -7.75 -42.81
C GLU Q 305 -33.16 -9.21 -42.39
N THR Q 306 -34.11 -10.04 -42.81
CA THR Q 306 -34.06 -11.48 -42.56
C THR Q 306 -34.42 -12.22 -43.84
N SER Q 307 -33.93 -13.45 -43.94
CA SER Q 307 -34.28 -14.33 -45.04
C SER Q 307 -35.52 -15.14 -44.71
N ASN Q 308 -36.17 -15.64 -45.76
CA ASN Q 308 -37.36 -16.46 -45.58
C ASN Q 308 -36.99 -17.84 -45.06
N ILE Q 309 -37.84 -18.39 -44.18
CA ILE Q 309 -37.59 -19.71 -43.61
C ILE Q 309 -37.76 -20.82 -44.65
N ASN Q 310 -38.38 -20.53 -45.80
CA ASN Q 310 -38.73 -21.56 -46.76
C ASN Q 310 -37.63 -21.83 -47.78
N ASP Q 311 -36.88 -20.81 -48.21
CA ASP Q 311 -35.96 -20.95 -49.32
C ASP Q 311 -34.53 -20.59 -48.92
N PHE Q 312 -33.59 -21.07 -49.71
CA PHE Q 312 -32.16 -20.85 -49.49
C PHE Q 312 -31.66 -19.80 -50.47
N SER Q 313 -30.88 -18.85 -49.97
CA SER Q 313 -30.25 -17.84 -50.81
C SER Q 313 -28.87 -17.53 -50.29
N ALA Q 314 -27.97 -17.17 -51.21
CA ALA Q 314 -26.60 -16.82 -50.86
C ALA Q 314 -26.12 -15.72 -51.80
N GLY Q 315 -25.23 -14.87 -51.28
CA GLY Q 315 -24.70 -13.79 -52.08
C GLY Q 315 -23.61 -13.05 -51.34
N VAL Q 316 -22.86 -12.26 -52.10
CA VAL Q 316 -21.80 -11.43 -51.54
C VAL Q 316 -22.39 -10.13 -51.05
N ALA Q 317 -22.12 -9.79 -49.78
CA ALA Q 317 -22.58 -8.55 -49.16
C ALA Q 317 -24.10 -8.44 -49.15
N ASN Q 318 -24.80 -9.56 -49.05
CA ASN Q 318 -26.26 -9.60 -48.99
C ASN Q 318 -26.67 -9.95 -47.57
N ARG Q 319 -27.27 -8.98 -46.87
CA ARG Q 319 -27.74 -9.20 -45.50
C ARG Q 319 -29.15 -9.75 -45.44
N SER Q 320 -29.84 -9.86 -46.59
CA SER Q 320 -31.16 -10.47 -46.65
C SER Q 320 -31.11 -11.94 -47.02
N ALA Q 321 -29.94 -12.48 -47.33
CA ALA Q 321 -29.79 -13.86 -47.74
C ALA Q 321 -29.51 -14.76 -46.55
N SER Q 322 -29.68 -16.08 -46.76
CA SER Q 322 -29.40 -17.03 -45.69
C SER Q 322 -27.91 -17.15 -45.42
N ILE Q 323 -27.07 -17.02 -46.45
CA ILE Q 323 -25.62 -17.06 -46.32
C ILE Q 323 -25.07 -15.78 -46.94
N ARG Q 324 -24.16 -15.12 -46.21
CA ARG Q 324 -23.58 -13.86 -46.65
C ARG Q 324 -22.07 -13.96 -46.68
N ILE Q 325 -21.48 -13.54 -47.80
CA ILE Q 325 -20.03 -13.42 -47.93
C ILE Q 325 -19.68 -11.94 -47.74
N PRO Q 326 -18.87 -11.59 -46.75
CA PRO Q 326 -18.50 -10.18 -46.55
C PRO Q 326 -17.77 -9.63 -47.76
N ARG Q 327 -17.99 -8.34 -48.01
CA ARG Q 327 -17.40 -7.69 -49.19
C ARG Q 327 -15.88 -7.73 -49.15
N THR Q 328 -15.30 -7.51 -47.97
CA THR Q 328 -13.84 -7.58 -47.84
C THR Q 328 -13.32 -8.97 -48.17
N VAL Q 329 -14.03 -10.01 -47.74
CA VAL Q 329 -13.62 -11.38 -48.04
C VAL Q 329 -13.62 -11.62 -49.54
N GLY Q 330 -14.68 -11.17 -50.23
CA GLY Q 330 -14.73 -11.33 -51.67
C GLY Q 330 -13.64 -10.55 -52.39
N GLN Q 331 -13.27 -9.38 -51.86
CA GLN Q 331 -12.24 -8.58 -52.50
C GLN Q 331 -10.85 -9.19 -52.29
N GLU Q 332 -10.56 -9.66 -51.08
CA GLU Q 332 -9.27 -10.27 -50.77
C GLU Q 332 -9.19 -11.73 -51.19
N LYS Q 333 -10.30 -12.30 -51.68
CA LYS Q 333 -10.37 -13.70 -52.14
C LYS Q 333 -10.05 -14.70 -51.05
N LYS Q 334 -10.26 -14.36 -49.78
CA LYS Q 334 -10.04 -15.29 -48.68
C LYS Q 334 -10.77 -14.79 -47.46
N GLY Q 335 -10.93 -15.68 -46.48
CA GLY Q 335 -11.59 -15.32 -45.24
C GLY Q 335 -12.57 -16.36 -44.73
N TYR Q 336 -13.83 -15.94 -44.55
CA TYR Q 336 -14.86 -16.76 -43.94
C TYR Q 336 -16.19 -16.44 -44.60
N PHE Q 337 -17.26 -17.09 -44.12
CA PHE Q 337 -18.62 -16.76 -44.55
C PHE Q 337 -19.54 -16.88 -43.35
N GLU Q 338 -20.73 -16.27 -43.48
CA GLU Q 338 -21.65 -16.12 -42.37
C GLU Q 338 -22.97 -16.84 -42.67
N ASP Q 339 -23.40 -17.66 -41.72
CA ASP Q 339 -24.70 -18.32 -41.77
C ASP Q 339 -25.66 -17.56 -40.87
N ARG Q 340 -26.67 -16.93 -41.46
CA ARG Q 340 -27.58 -16.03 -40.76
C ARG Q 340 -28.88 -16.70 -40.35
N ARG Q 341 -29.01 -18.00 -40.54
CA ARG Q 341 -30.23 -18.74 -40.25
C ARG Q 341 -30.46 -19.09 -38.77
N PRO Q 342 -29.44 -19.46 -37.98
CA PRO Q 342 -29.71 -19.93 -36.62
C PRO Q 342 -30.39 -18.88 -35.76
N SER Q 343 -31.34 -19.34 -34.93
CA SER Q 343 -32.05 -18.48 -34.00
C SER Q 343 -31.23 -18.26 -32.73
N ALA Q 344 -31.64 -17.26 -31.94
CA ALA Q 344 -30.89 -16.85 -30.77
C ALA Q 344 -30.86 -17.87 -29.65
N ASN Q 345 -31.74 -18.88 -29.68
CA ASN Q 345 -31.79 -19.90 -28.64
C ASN Q 345 -31.26 -21.25 -29.13
N CYS Q 346 -30.40 -21.24 -30.14
CA CYS Q 346 -29.83 -22.47 -30.67
C CYS Q 346 -28.81 -23.05 -29.70
N ASP Q 347 -28.57 -24.35 -29.85
CA ASP Q 347 -27.49 -25.02 -29.15
C ASP Q 347 -26.23 -24.98 -30.03
N PRO Q 348 -25.15 -24.34 -29.58
CA PRO Q 348 -23.94 -24.26 -30.43
C PRO Q 348 -23.34 -25.60 -30.81
N PHE Q 349 -23.43 -26.60 -29.93
CA PHE Q 349 -22.91 -27.93 -30.27
C PHE Q 349 -23.66 -28.52 -31.46
N SER Q 350 -24.97 -28.31 -31.52
CA SER Q 350 -25.75 -28.81 -32.64
C SER Q 350 -25.48 -28.02 -33.92
N VAL Q 351 -25.29 -26.71 -33.79
CA VAL Q 351 -25.08 -25.87 -34.98
C VAL Q 351 -23.72 -26.17 -35.62
N THR Q 352 -22.67 -26.23 -34.79
CA THR Q 352 -21.33 -26.45 -35.33
C THR Q 352 -21.18 -27.85 -35.91
N GLU Q 353 -21.81 -28.84 -35.29
CA GLU Q 353 -21.73 -30.21 -35.81
C GLU Q 353 -22.33 -30.31 -37.21
N ALA Q 354 -23.48 -29.66 -37.42
CA ALA Q 354 -24.13 -29.72 -38.73
C ALA Q 354 -23.26 -29.11 -39.81
N LEU Q 355 -22.62 -27.97 -39.52
CA LEU Q 355 -21.80 -27.29 -40.51
C LEU Q 355 -20.64 -28.17 -40.96
N ILE Q 356 -19.97 -28.84 -40.02
CA ILE Q 356 -18.79 -29.60 -40.36
C ILE Q 356 -19.15 -30.84 -41.16
N ARG Q 357 -20.19 -31.56 -40.73
CA ARG Q 357 -20.54 -32.81 -41.41
C ARG Q 357 -21.28 -32.58 -42.72
N THR Q 358 -21.63 -31.35 -43.05
CA THR Q 358 -22.15 -31.04 -44.38
C THR Q 358 -21.07 -30.49 -45.31
N CYS Q 359 -20.18 -29.66 -44.78
CA CYS Q 359 -19.17 -29.00 -45.60
C CYS Q 359 -17.85 -29.77 -45.68
N LEU Q 360 -17.50 -30.51 -44.63
CA LEU Q 360 -16.21 -31.20 -44.60
C LEU Q 360 -16.31 -32.71 -44.75
N LEU Q 361 -17.42 -33.32 -44.34
CA LEU Q 361 -17.57 -34.77 -44.44
C LEU Q 361 -18.53 -35.20 -45.53
N ASN Q 362 -19.11 -34.26 -46.27
CA ASN Q 362 -19.89 -34.55 -47.48
C ASN Q 362 -21.06 -35.49 -47.20
N GLU Q 363 -21.76 -35.26 -46.10
CA GLU Q 363 -22.94 -36.07 -45.80
C GLU Q 363 -24.14 -35.61 -46.62
N THR Q 364 -25.05 -36.55 -46.87
CA THR Q 364 -26.27 -36.29 -47.61
C THR Q 364 -27.43 -36.97 -46.89
N GLY Q 365 -28.64 -36.67 -47.33
CA GLY Q 365 -29.83 -37.23 -46.70
C GLY Q 365 -30.28 -36.39 -45.51
N ASP Q 366 -31.31 -36.91 -44.84
CA ASP Q 366 -31.93 -36.23 -43.72
C ASP Q 366 -31.51 -36.78 -42.36
N GLU Q 367 -30.57 -37.72 -42.33
CA GLU Q 367 -30.07 -38.27 -41.08
C GLU Q 367 -28.56 -38.18 -41.04
N PRO Q 368 -27.98 -38.02 -39.85
CA PRO Q 368 -26.51 -38.04 -39.73
C PRO Q 368 -25.97 -39.45 -39.86
N PHE Q 369 -24.78 -39.55 -40.45
CA PHE Q 369 -24.09 -40.83 -40.54
C PHE Q 369 -23.72 -41.32 -39.14
N GLN Q 370 -24.04 -42.58 -38.85
CA GLN Q 370 -23.86 -43.10 -37.50
C GLN Q 370 -22.38 -43.24 -37.15
N TYR Q 371 -21.60 -43.85 -38.03
CA TYR Q 371 -20.19 -44.11 -37.75
C TYR Q 371 -19.31 -43.15 -38.55
N LYS Q 372 -18.06 -43.01 -38.08
CA LYS Q 372 -17.09 -42.05 -38.60
C LYS Q 372 -17.76 -40.73 -38.99
N ASN Q 373 -17.84 -40.46 -40.29
CA ASN Q 373 -18.45 -39.24 -40.84
C ASN Q 373 -19.65 -38.77 -40.03
N THR R 2 -42.06 -5.99 4.10
CA THR R 2 -41.60 -7.31 3.70
C THR R 2 -40.25 -7.65 4.36
N THR R 3 -39.49 -6.62 4.72
CA THR R 3 -38.24 -6.77 5.45
C THR R 3 -38.30 -5.93 6.71
N SER R 4 -37.38 -6.20 7.64
CA SER R 4 -37.41 -5.56 8.95
C SER R 4 -37.07 -4.07 8.85
N ALA R 5 -37.52 -3.32 9.86
CA ALA R 5 -37.17 -1.90 9.94
C ALA R 5 -35.68 -1.70 10.16
N SER R 6 -35.05 -2.60 10.92
CA SER R 6 -33.61 -2.50 11.15
C SER R 6 -32.80 -2.57 9.86
N SER R 7 -33.29 -3.32 8.88
CA SER R 7 -32.57 -3.49 7.62
C SER R 7 -32.66 -2.26 6.72
N HIS R 8 -33.54 -1.31 7.02
CA HIS R 8 -33.63 -0.07 6.25
C HIS R 8 -32.74 1.04 6.82
N LEU R 9 -32.04 0.79 7.92
CA LEU R 9 -31.07 1.77 8.41
C LEU R 9 -29.89 1.85 7.44
N ASN R 10 -29.18 2.97 7.50
CA ASN R 10 -28.05 3.22 6.60
C ASN R 10 -26.89 2.30 7.00
N LYS R 11 -26.62 1.29 6.17
CA LYS R 11 -25.54 0.35 6.46
C LYS R 11 -24.17 0.95 6.21
N GLY R 12 -24.08 1.97 5.37
CA GLY R 12 -22.81 2.66 5.19
C GLY R 12 -22.31 3.31 6.46
N ILE R 13 -23.23 3.84 7.27
CA ILE R 13 -22.85 4.42 8.55
C ILE R 13 -22.21 3.38 9.45
N LYS R 14 -22.81 2.18 9.51
CA LYS R 14 -22.28 1.14 10.37
C LYS R 14 -20.87 0.73 9.97
N GLN R 15 -20.61 0.64 8.67
CA GLN R 15 -19.29 0.22 8.19
C GLN R 15 -18.21 1.23 8.53
N VAL R 16 -18.57 2.51 8.67
CA VAL R 16 -17.59 3.52 9.08
C VAL R 16 -17.10 3.24 10.50
N TYR R 17 -18.02 2.91 11.41
CA TYR R 17 -17.63 2.61 12.78
C TYR R 17 -16.83 1.31 12.86
N MET R 18 -17.20 0.30 12.06
CA MET R 18 -16.48 -0.96 12.08
C MET R 18 -15.10 -0.86 11.42
N SER R 19 -14.80 0.26 10.75
CA SER R 19 -13.46 0.49 10.22
C SER R 19 -12.50 1.04 11.26
N LEU R 20 -12.99 1.45 12.42
CA LEU R 20 -12.10 1.97 13.47
C LEU R 20 -11.19 0.86 13.98
N PRO R 21 -9.89 1.12 14.12
CA PRO R 21 -8.99 0.09 14.68
C PRO R 21 -9.40 -0.28 16.10
N GLN R 22 -9.34 -1.58 16.38
CA GLN R 22 -9.89 -2.09 17.64
C GLN R 22 -9.03 -1.68 18.84
N GLY R 23 -7.72 -1.84 18.74
CA GLY R 23 -6.87 -1.70 19.89
C GLY R 23 -6.51 -3.04 20.49
N GLU R 24 -6.26 -3.08 21.80
CA GLU R 24 -5.75 -4.30 22.44
C GLU R 24 -6.85 -5.23 22.94
N LYS R 25 -8.05 -4.73 23.21
CA LYS R 25 -9.11 -5.57 23.75
C LYS R 25 -9.72 -6.44 22.64
N VAL R 26 -10.38 -7.51 23.07
CA VAL R 26 -10.96 -8.50 22.17
C VAL R 26 -12.39 -8.81 22.60
N GLN R 27 -13.29 -8.92 21.62
CA GLN R 27 -14.68 -9.28 21.88
C GLN R 27 -14.89 -10.77 21.71
N ALA R 28 -15.66 -11.37 22.61
CA ALA R 28 -16.02 -12.78 22.54
C ALA R 28 -17.53 -12.91 22.68
N MET R 29 -18.17 -13.54 21.70
CA MET R 29 -19.60 -13.76 21.72
C MET R 29 -19.91 -15.19 22.14
N TYR R 30 -20.64 -15.34 23.24
CA TYR R 30 -21.03 -16.64 23.79
C TYR R 30 -22.39 -17.04 23.24
N ILE R 31 -22.49 -18.29 22.78
CA ILE R 31 -23.69 -18.80 22.11
C ILE R 31 -24.12 -20.09 22.79
N TRP R 32 -25.43 -20.25 23.01
CA TRP R 32 -25.96 -21.46 23.62
C TRP R 32 -27.39 -21.71 23.12
N ILE R 33 -27.89 -22.91 23.42
CA ILE R 33 -29.23 -23.35 23.03
C ILE R 33 -30.17 -23.14 24.20
N ASP R 34 -31.34 -22.56 23.94
CA ASP R 34 -32.28 -22.20 25.00
C ASP R 34 -33.26 -23.35 25.26
N GLY R 35 -34.32 -23.05 26.03
CA GLY R 35 -35.21 -24.06 26.58
C GLY R 35 -36.15 -24.71 25.58
N THR R 36 -36.29 -24.14 24.38
CA THR R 36 -37.13 -24.77 23.37
C THR R 36 -36.41 -25.87 22.60
N GLY R 37 -35.08 -25.98 22.75
CA GLY R 37 -34.31 -26.97 22.03
C GLY R 37 -34.03 -26.65 20.59
N GLU R 38 -34.55 -25.54 20.07
CA GLU R 38 -34.31 -25.13 18.70
C GLU R 38 -33.74 -23.74 18.55
N GLY R 39 -33.97 -22.84 19.51
CA GLY R 39 -33.50 -21.48 19.40
C GLY R 39 -32.13 -21.26 20.00
N LEU R 40 -31.43 -20.28 19.47
CA LEU R 40 -30.09 -19.92 19.93
C LEU R 40 -30.14 -18.57 20.63
N ARG R 41 -29.22 -18.40 21.59
CA ARG R 41 -29.06 -17.14 22.30
C ARG R 41 -27.59 -16.74 22.25
N CYS R 42 -27.32 -15.45 22.42
CA CYS R 42 -25.96 -14.95 22.32
C CYS R 42 -25.77 -13.75 23.24
N LYS R 43 -24.50 -13.49 23.55
CA LYS R 43 -24.12 -12.46 24.51
C LYS R 43 -22.62 -12.20 24.36
N THR R 44 -22.19 -10.97 24.57
CA THR R 44 -20.83 -10.54 24.28
C THR R 44 -20.14 -10.00 25.52
N ARG R 45 -18.87 -10.39 25.71
CA ARG R 45 -18.04 -9.85 26.77
C ARG R 45 -16.69 -9.43 26.19
N THR R 46 -16.00 -8.55 26.92
CA THR R 46 -14.68 -8.06 26.55
C THR R 46 -13.60 -8.84 27.29
N LEU R 47 -12.57 -9.25 26.56
CA LEU R 47 -11.41 -9.91 27.14
C LEU R 47 -10.18 -9.03 27.00
N ASP R 48 -9.20 -9.27 27.87
CA ASP R 48 -7.99 -8.43 27.89
C ASP R 48 -7.05 -8.75 26.75
N SER R 49 -7.01 -10.01 26.30
CA SER R 49 -6.11 -10.40 25.23
C SER R 49 -6.76 -11.54 24.44
N GLU R 50 -6.20 -11.80 23.26
CA GLU R 50 -6.78 -12.81 22.37
C GLU R 50 -6.58 -14.21 22.96
N PRO R 51 -7.65 -15.00 23.08
CA PRO R 51 -7.48 -16.40 23.50
C PRO R 51 -6.99 -17.26 22.34
N LYS R 52 -6.07 -18.17 22.65
CA LYS R 52 -5.50 -19.05 21.63
C LYS R 52 -6.21 -20.39 21.54
N CYS R 53 -6.72 -20.90 22.65
CA CYS R 53 -7.47 -22.16 22.67
C CYS R 53 -8.74 -21.98 23.48
N VAL R 54 -9.67 -22.91 23.30
CA VAL R 54 -10.96 -22.83 23.99
C VAL R 54 -10.81 -23.00 25.50
N GLU R 55 -9.73 -23.65 25.96
CA GLU R 55 -9.58 -23.96 27.37
C GLU R 55 -9.29 -22.74 28.23
N GLU R 56 -8.86 -21.62 27.64
CA GLU R 56 -8.50 -20.44 28.40
C GLU R 56 -9.59 -19.36 28.37
N LEU R 57 -10.80 -19.71 27.92
CA LEU R 57 -11.92 -18.80 28.06
C LEU R 57 -12.62 -19.01 29.40
N PRO R 58 -13.02 -17.95 30.08
CA PRO R 58 -13.67 -18.09 31.39
C PRO R 58 -15.11 -18.56 31.28
N GLU R 59 -15.58 -19.15 32.38
CA GLU R 59 -16.98 -19.51 32.49
C GLU R 59 -17.84 -18.26 32.68
N TRP R 60 -19.11 -18.38 32.29
CA TRP R 60 -20.02 -17.25 32.35
C TRP R 60 -21.37 -17.75 32.87
N ASN R 61 -22.36 -16.85 32.90
CA ASN R 61 -23.67 -17.18 33.45
C ASN R 61 -24.72 -16.29 32.80
N PHE R 62 -25.98 -16.68 32.99
CA PHE R 62 -27.11 -15.90 32.49
C PHE R 62 -28.33 -16.24 33.34
N ASP R 63 -29.32 -15.35 33.28
CA ASP R 63 -30.56 -15.50 34.04
C ASP R 63 -31.49 -16.44 33.27
N GLY R 64 -31.74 -17.62 33.83
CA GLY R 64 -32.52 -18.65 33.16
C GLY R 64 -34.01 -18.42 33.11
N SER R 65 -34.54 -17.52 33.94
CA SER R 65 -35.97 -17.24 33.91
C SER R 65 -36.38 -16.40 32.70
N SER R 66 -35.43 -15.77 32.02
CA SER R 66 -35.70 -15.05 30.78
C SER R 66 -35.62 -15.95 29.56
N THR R 67 -35.21 -17.20 29.71
CA THR R 67 -35.15 -18.16 28.61
C THR R 67 -35.97 -19.41 28.88
N LEU R 68 -36.81 -19.40 29.92
CA LEU R 68 -37.63 -20.54 30.32
C LEU R 68 -36.78 -21.81 30.48
N GLN R 69 -35.69 -21.67 31.24
CA GLN R 69 -34.81 -22.80 31.53
C GLN R 69 -34.64 -23.06 33.01
N SER R 70 -35.23 -22.25 33.88
CA SER R 70 -35.10 -22.45 35.32
C SER R 70 -36.30 -21.80 36.02
N GLU R 71 -36.50 -22.20 37.27
CA GLU R 71 -37.62 -21.73 38.07
C GLU R 71 -37.28 -20.36 38.67
N GLY R 72 -38.12 -19.91 39.61
CA GLY R 72 -38.01 -18.58 40.16
C GLY R 72 -36.82 -18.31 41.06
N SER R 73 -36.77 -18.96 42.22
CA SER R 73 -35.79 -18.60 43.24
C SER R 73 -34.36 -18.90 42.78
N ASN R 74 -34.11 -20.12 42.30
CA ASN R 74 -32.79 -20.53 41.83
C ASN R 74 -32.83 -20.51 40.31
N SER R 75 -32.60 -19.33 39.73
CA SER R 75 -32.74 -19.14 38.29
C SER R 75 -31.42 -18.97 37.55
N ASP R 76 -30.30 -18.85 38.25
CA ASP R 76 -29.02 -18.64 37.58
C ASP R 76 -28.57 -19.91 36.88
N MET R 77 -28.14 -19.75 35.62
CA MET R 77 -27.57 -20.83 34.82
C MET R 77 -26.12 -20.50 34.52
N TYR R 78 -25.36 -21.50 34.08
CA TYR R 78 -23.93 -21.36 33.85
C TYR R 78 -23.57 -21.80 32.44
N LEU R 79 -22.61 -21.10 31.84
CA LEU R 79 -22.15 -21.37 30.48
C LEU R 79 -20.71 -21.87 30.55
N VAL R 80 -20.44 -22.99 29.88
CA VAL R 80 -19.12 -23.58 29.83
C VAL R 80 -18.69 -23.66 28.36
N PRO R 81 -17.63 -22.95 27.95
CA PRO R 81 -17.20 -23.01 26.55
C PRO R 81 -16.84 -24.41 26.10
N ALA R 82 -17.24 -24.74 24.87
CA ALA R 82 -17.00 -26.06 24.29
C ALA R 82 -16.21 -26.01 22.99
N ALA R 83 -16.45 -25.02 22.13
CA ALA R 83 -15.77 -24.91 20.86
C ALA R 83 -15.65 -23.44 20.48
N MET R 84 -14.56 -23.10 19.80
CA MET R 84 -14.24 -21.71 19.46
C MET R 84 -14.02 -21.58 17.96
N PHE R 85 -14.54 -20.48 17.39
CA PHE R 85 -14.38 -20.17 15.98
C PHE R 85 -14.06 -18.68 15.84
N ARG R 86 -13.47 -18.33 14.70
CA ARG R 86 -13.28 -16.92 14.36
C ARG R 86 -14.63 -16.25 14.09
N ASP R 87 -14.71 -14.96 14.41
CA ASP R 87 -15.95 -14.22 14.25
C ASP R 87 -15.96 -13.57 12.87
N PRO R 88 -16.86 -13.98 11.96
CA PRO R 88 -16.90 -13.35 10.63
C PRO R 88 -17.56 -11.99 10.62
N PHE R 89 -18.35 -11.65 11.63
CA PHE R 89 -19.05 -10.38 11.70
C PHE R 89 -18.19 -9.27 12.28
N ARG R 90 -17.21 -9.60 13.10
CA ARG R 90 -16.29 -8.61 13.65
C ARG R 90 -14.84 -8.82 13.24
N LYS R 91 -14.51 -9.95 12.61
CA LYS R 91 -13.17 -10.28 12.09
C LYS R 91 -12.17 -10.52 13.21
N ASP R 92 -10.97 -10.96 12.85
CA ASP R 92 -9.93 -11.22 13.82
C ASP R 92 -9.59 -9.95 14.60
N PRO R 93 -9.23 -10.07 15.89
CA PRO R 93 -9.06 -11.30 16.67
C PRO R 93 -10.30 -11.72 17.47
N ASN R 94 -11.49 -11.25 17.12
CA ASN R 94 -12.69 -11.56 17.88
C ASN R 94 -13.17 -12.99 17.59
N LYS R 95 -13.90 -13.57 18.55
CA LYS R 95 -14.20 -14.99 18.54
C LYS R 95 -15.68 -15.27 18.77
N LEU R 96 -16.14 -16.40 18.22
CA LEU R 96 -17.42 -16.99 18.57
C LEU R 96 -17.17 -18.19 19.48
N VAL R 97 -18.02 -18.35 20.51
CA VAL R 97 -17.84 -19.38 21.52
C VAL R 97 -19.17 -20.11 21.72
N LEU R 98 -19.19 -21.40 21.36
CA LEU R 98 -20.34 -22.26 21.63
C LEU R 98 -20.17 -22.89 23.02
N CYS R 99 -21.24 -22.85 23.82
CA CYS R 99 -21.17 -23.25 25.22
C CYS R 99 -22.21 -24.31 25.55
N GLU R 100 -21.91 -25.09 26.58
CA GLU R 100 -22.85 -25.99 27.23
C GLU R 100 -23.51 -25.27 28.40
N VAL R 101 -24.76 -25.64 28.68
CA VAL R 101 -25.58 -25.00 29.71
C VAL R 101 -25.73 -25.96 30.88
N PHE R 102 -25.53 -25.43 32.10
CA PHE R 102 -25.66 -26.22 33.32
C PHE R 102 -26.55 -25.48 34.31
N LYS R 103 -27.27 -26.25 35.12
CA LYS R 103 -28.17 -25.69 36.12
C LYS R 103 -27.36 -25.13 37.29
N TYR R 104 -28.08 -24.52 38.24
CA TYR R 104 -27.43 -23.89 39.39
C TYR R 104 -26.66 -24.90 40.23
N ASN R 105 -27.07 -26.17 40.20
CA ASN R 105 -26.40 -27.23 40.94
C ASN R 105 -25.40 -28.01 40.08
N ARG R 106 -24.98 -27.42 38.95
CA ARG R 106 -23.97 -27.95 38.04
C ARG R 106 -24.44 -29.19 37.28
N ARG R 107 -25.69 -29.57 37.39
CA ARG R 107 -26.20 -30.63 36.54
C ARG R 107 -26.54 -30.08 35.15
N PRO R 108 -26.39 -30.88 34.09
CA PRO R 108 -26.72 -30.40 32.75
C PRO R 108 -28.20 -30.05 32.63
N ALA R 109 -28.46 -29.02 31.82
CA ALA R 109 -29.82 -28.56 31.59
C ALA R 109 -30.60 -29.60 30.77
N GLU R 110 -31.92 -29.41 30.72
CA GLU R 110 -32.78 -30.36 30.03
C GLU R 110 -32.45 -30.42 28.54
N THR R 111 -32.15 -29.28 27.92
CA THR R 111 -31.85 -29.22 26.50
C THR R 111 -30.35 -29.34 26.21
N ASN R 112 -29.54 -29.63 27.23
CA ASN R 112 -28.10 -29.85 27.02
C ASN R 112 -27.93 -31.33 26.67
N LEU R 113 -27.93 -31.62 25.38
CA LEU R 113 -27.74 -32.98 24.89
C LEU R 113 -26.30 -33.29 24.51
N ARG R 114 -25.43 -32.27 24.45
CA ARG R 114 -24.03 -32.51 24.12
C ARG R 114 -23.31 -33.29 25.21
N HIS R 115 -23.71 -33.11 26.47
CA HIS R 115 -22.99 -33.73 27.57
C HIS R 115 -23.02 -35.25 27.48
N THR R 116 -24.18 -35.83 27.16
CA THR R 116 -24.28 -37.27 27.00
C THR R 116 -23.71 -37.73 25.66
N CYS R 117 -23.92 -36.94 24.61
CA CYS R 117 -23.42 -37.31 23.29
C CYS R 117 -21.90 -37.40 23.27
N LYS R 118 -21.22 -36.50 23.98
CA LYS R 118 -19.77 -36.51 23.99
C LYS R 118 -19.21 -37.78 24.61
N ARG R 119 -19.83 -38.26 25.70
CA ARG R 119 -19.33 -39.45 26.36
C ARG R 119 -19.54 -40.69 25.50
N ILE R 120 -20.64 -40.73 24.75
CA ILE R 120 -20.88 -41.85 23.85
C ILE R 120 -19.83 -41.89 22.74
N MET R 121 -19.48 -40.72 22.19
CA MET R 121 -18.49 -40.67 21.12
C MET R 121 -17.12 -41.08 21.63
N ASP R 122 -16.86 -40.92 22.93
CA ASP R 122 -15.57 -41.33 23.49
C ASP R 122 -15.48 -42.84 23.62
N MET R 123 -16.62 -43.54 23.63
CA MET R 123 -16.62 -44.99 23.73
C MET R 123 -16.26 -45.67 22.42
N VAL R 124 -16.35 -44.97 21.30
CA VAL R 124 -16.15 -45.57 19.98
C VAL R 124 -15.12 -44.76 19.19
N SER R 125 -14.23 -44.06 19.89
CA SER R 125 -13.31 -43.15 19.22
C SER R 125 -12.35 -43.88 18.29
N ASN R 126 -12.07 -45.17 18.57
CA ASN R 126 -11.15 -45.92 17.73
C ASN R 126 -11.76 -46.33 16.40
N GLN R 127 -13.09 -46.25 16.27
CA GLN R 127 -13.75 -46.57 15.01
C GLN R 127 -13.91 -45.35 14.10
N HIS R 128 -13.59 -44.15 14.60
CA HIS R 128 -13.58 -42.90 13.85
C HIS R 128 -14.87 -42.68 13.07
N PRO R 129 -16.00 -42.45 13.74
CA PRO R 129 -17.25 -42.19 13.00
C PRO R 129 -17.21 -40.83 12.32
N TRP R 130 -17.57 -40.80 11.04
CA TRP R 130 -17.71 -39.57 10.27
C TRP R 130 -19.19 -39.29 10.02
N PHE R 131 -19.58 -38.02 10.14
CA PHE R 131 -20.94 -37.59 9.88
C PHE R 131 -20.96 -36.49 8.85
N GLY R 132 -22.03 -36.47 8.04
CA GLY R 132 -22.27 -35.40 7.09
C GLY R 132 -23.75 -35.08 7.02
N MET R 133 -24.11 -33.82 7.21
CA MET R 133 -25.51 -33.43 7.33
C MET R 133 -25.86 -32.36 6.29
N GLU R 134 -27.04 -32.50 5.70
CA GLU R 134 -27.53 -31.61 4.65
C GLU R 134 -28.68 -30.78 5.24
N GLN R 135 -28.41 -29.52 5.56
CA GLN R 135 -29.38 -28.65 6.21
C GLN R 135 -30.18 -27.88 5.15
N GLU R 136 -31.48 -28.13 5.11
CA GLU R 136 -32.40 -27.38 4.25
C GLU R 136 -33.12 -26.31 5.05
N TYR R 137 -33.41 -25.19 4.39
CA TYR R 137 -34.09 -24.07 5.03
C TYR R 137 -34.83 -23.25 3.98
N THR R 138 -35.76 -22.43 4.45
CA THR R 138 -36.53 -21.53 3.60
C THR R 138 -36.37 -20.10 4.10
N LEU R 139 -36.12 -19.18 3.18
CA LEU R 139 -36.05 -17.76 3.51
C LEU R 139 -37.46 -17.16 3.49
N MET R 140 -37.77 -16.36 4.51
CA MET R 140 -39.09 -15.80 4.68
C MET R 140 -39.01 -14.30 4.93
N GLY R 141 -40.03 -13.58 4.45
CA GLY R 141 -40.19 -12.19 4.81
C GLY R 141 -40.75 -12.04 6.22
N THR R 142 -40.64 -10.82 6.75
CA THR R 142 -41.15 -10.54 8.09
C THR R 142 -42.66 -10.66 8.18
N ASP R 143 -43.36 -10.73 7.05
CA ASP R 143 -44.82 -10.87 7.04
C ASP R 143 -45.29 -12.31 7.10
N GLY R 144 -44.37 -13.28 7.21
CA GLY R 144 -44.74 -14.68 7.29
C GLY R 144 -44.92 -15.39 5.96
N HIS R 145 -44.55 -14.76 4.86
CA HIS R 145 -44.65 -15.32 3.51
C HIS R 145 -43.24 -15.55 2.95
N PRO R 146 -43.05 -16.56 2.10
CA PRO R 146 -41.70 -16.81 1.56
C PRO R 146 -41.18 -15.61 0.79
N PHE R 147 -39.88 -15.36 0.94
CA PHE R 147 -39.27 -14.16 0.38
C PHE R 147 -39.28 -14.21 -1.15
N GLY R 148 -39.70 -13.11 -1.77
CA GLY R 148 -39.77 -13.00 -3.21
C GLY R 148 -41.00 -13.63 -3.83
N TRP R 149 -41.90 -14.21 -3.02
CA TRP R 149 -43.14 -14.75 -3.54
C TRP R 149 -44.15 -13.63 -3.80
N PRO R 150 -45.06 -13.82 -4.75
CA PRO R 150 -46.08 -12.79 -5.00
C PRO R 150 -46.95 -12.56 -3.76
N SER R 151 -47.33 -11.30 -3.55
CA SER R 151 -48.15 -10.95 -2.39
C SER R 151 -49.48 -11.68 -2.45
N ASN R 152 -49.79 -12.41 -1.37
CA ASN R 152 -51.03 -13.18 -1.25
C ASN R 152 -51.20 -14.17 -2.40
N GLY R 153 -50.10 -14.72 -2.90
CA GLY R 153 -50.16 -15.59 -4.06
C GLY R 153 -49.01 -16.57 -4.15
N PHE R 154 -48.87 -17.20 -5.32
CA PHE R 154 -47.90 -18.26 -5.51
C PHE R 154 -47.10 -18.02 -6.77
N PRO R 155 -45.86 -18.50 -6.83
CA PRO R 155 -45.11 -18.48 -8.09
C PRO R 155 -45.54 -19.61 -9.01
N GLY R 156 -44.85 -19.78 -10.14
CA GLY R 156 -45.14 -20.84 -11.05
C GLY R 156 -44.89 -22.21 -10.45
N PRO R 157 -45.37 -23.26 -11.12
CA PRO R 157 -45.20 -24.62 -10.59
C PRO R 157 -43.74 -25.03 -10.48
N GLN R 158 -43.48 -25.95 -9.58
CA GLN R 158 -42.12 -26.41 -9.32
C GLN R 158 -41.53 -27.09 -10.57
N GLY R 159 -40.20 -27.16 -10.60
CA GLY R 159 -39.49 -27.78 -11.69
C GLY R 159 -38.33 -26.98 -12.26
N PRO R 160 -38.49 -25.66 -12.43
CA PRO R 160 -37.35 -24.84 -12.88
C PRO R 160 -36.50 -24.24 -11.76
N TYR R 161 -36.85 -24.44 -10.50
CA TYR R 161 -36.15 -23.77 -9.40
C TYR R 161 -34.98 -24.57 -8.85
N TYR R 162 -35.00 -25.89 -8.98
CA TYR R 162 -33.92 -26.72 -8.46
C TYR R 162 -32.61 -26.42 -9.17
N CYS R 163 -31.59 -26.02 -8.41
CA CYS R 163 -30.28 -25.65 -8.94
C CYS R 163 -30.40 -24.58 -10.03
N GLY R 164 -31.36 -23.67 -9.86
CA GLY R 164 -31.66 -22.70 -10.88
C GLY R 164 -30.77 -21.47 -10.85
N VAL R 165 -30.75 -20.75 -11.97
CA VAL R 165 -30.02 -19.50 -12.11
C VAL R 165 -30.90 -18.50 -12.85
N GLY R 166 -30.87 -17.24 -12.42
CA GLY R 166 -31.68 -16.21 -13.04
C GLY R 166 -32.63 -15.51 -12.09
N ALA R 167 -33.05 -14.30 -12.48
CA ALA R 167 -33.89 -13.49 -11.59
C ALA R 167 -35.24 -14.17 -11.31
N ASP R 168 -35.77 -14.91 -12.28
CA ASP R 168 -37.05 -15.58 -12.12
C ASP R 168 -36.94 -17.00 -11.61
N ARG R 169 -35.76 -17.43 -11.18
CA ARG R 169 -35.59 -18.83 -10.80
C ARG R 169 -35.03 -19.00 -9.39
N ALA R 170 -34.15 -18.11 -8.94
CA ALA R 170 -33.50 -18.24 -7.64
C ALA R 170 -33.71 -16.96 -6.85
N TYR R 171 -34.25 -17.09 -5.64
CA TYR R 171 -34.52 -15.96 -4.76
C TYR R 171 -33.58 -15.99 -3.57
N GLY R 172 -32.89 -14.86 -3.33
CA GLY R 172 -32.11 -14.72 -2.12
C GLY R 172 -30.69 -15.26 -2.16
N ARG R 173 -30.09 -15.34 -3.34
CA ARG R 173 -28.71 -15.85 -3.45
C ARG R 173 -27.71 -14.99 -2.70
N ASP R 174 -28.02 -13.73 -2.45
CA ASP R 174 -27.09 -12.87 -1.68
C ASP R 174 -26.85 -13.42 -0.28
N ILE R 175 -27.91 -13.92 0.35
CA ILE R 175 -27.76 -14.53 1.67
C ILE R 175 -26.91 -15.80 1.58
N VAL R 176 -27.15 -16.61 0.55
CA VAL R 176 -26.44 -17.87 0.40
C VAL R 176 -24.94 -17.64 0.18
N GLU R 177 -24.61 -16.69 -0.69
CA GLU R 177 -23.20 -16.38 -0.95
C GLU R 177 -22.53 -15.81 0.30
N ALA R 178 -23.21 -14.90 1.01
CA ALA R 178 -22.63 -14.32 2.21
C ALA R 178 -22.46 -15.38 3.30
N HIS R 179 -23.43 -16.28 3.46
CA HIS R 179 -23.32 -17.32 4.47
C HIS R 179 -22.16 -18.27 4.16
N TYR R 180 -21.98 -18.61 2.88
CA TYR R 180 -20.89 -19.50 2.50
C TYR R 180 -19.53 -18.92 2.89
N ARG R 181 -19.30 -17.65 2.54
CA ARG R 181 -18.00 -17.03 2.82
C ARG R 181 -17.77 -16.88 4.32
N ALA R 182 -18.81 -16.52 5.07
CA ALA R 182 -18.67 -16.34 6.52
C ALA R 182 -18.30 -17.66 7.18
N CYS R 183 -18.91 -18.77 6.76
CA CYS R 183 -18.58 -20.07 7.34
C CYS R 183 -17.13 -20.46 7.06
N LEU R 184 -16.65 -20.20 5.84
CA LEU R 184 -15.26 -20.51 5.51
C LEU R 184 -14.30 -19.67 6.36
N TYR R 185 -14.62 -18.39 6.57
CA TYR R 185 -13.78 -17.54 7.42
C TYR R 185 -13.78 -18.02 8.86
N ALA R 186 -14.95 -18.40 9.38
CA ALA R 186 -15.06 -18.79 10.78
C ALA R 186 -14.34 -20.10 11.06
N GLY R 187 -14.19 -20.96 10.06
CA GLY R 187 -13.64 -22.28 10.26
C GLY R 187 -14.64 -23.41 10.27
N VAL R 188 -15.87 -23.16 9.85
CA VAL R 188 -16.89 -24.20 9.77
C VAL R 188 -16.67 -25.01 8.51
N LYS R 189 -16.77 -26.35 8.63
CA LYS R 189 -16.49 -27.24 7.51
C LYS R 189 -17.71 -27.35 6.60
N ILE R 190 -17.97 -26.25 5.90
CA ILE R 190 -19.05 -26.20 4.91
C ILE R 190 -18.56 -26.84 3.62
N ALA R 191 -19.36 -27.77 3.09
CA ALA R 191 -18.95 -28.58 1.95
C ALA R 191 -19.61 -28.19 0.64
N GLY R 192 -20.67 -27.41 0.65
CA GLY R 192 -21.32 -26.98 -0.57
C GLY R 192 -22.72 -26.51 -0.33
N THR R 193 -23.32 -25.93 -1.38
CA THR R 193 -24.67 -25.40 -1.34
C THR R 193 -25.35 -25.64 -2.69
N ASN R 194 -26.69 -25.64 -2.66
CA ASN R 194 -27.47 -25.67 -3.89
C ASN R 194 -28.87 -25.13 -3.62
N ALA R 195 -29.50 -24.63 -4.68
CA ALA R 195 -30.90 -24.22 -4.61
C ALA R 195 -31.80 -25.46 -4.68
N GLU R 196 -32.96 -25.36 -4.03
CA GLU R 196 -33.85 -26.49 -3.84
C GLU R 196 -35.07 -26.39 -4.75
N VAL R 197 -35.94 -27.40 -4.65
CA VAL R 197 -37.08 -27.52 -5.55
C VAL R 197 -38.04 -26.35 -5.38
N MET R 198 -38.25 -25.92 -4.14
CA MET R 198 -39.11 -24.78 -3.87
C MET R 198 -38.33 -23.48 -4.07
N PRO R 199 -38.91 -22.49 -4.73
CA PRO R 199 -38.24 -21.18 -4.80
C PRO R 199 -38.12 -20.56 -3.42
N ALA R 200 -37.00 -19.88 -3.17
CA ALA R 200 -36.56 -19.34 -1.89
C ALA R 200 -36.16 -20.43 -0.89
N GLN R 201 -36.07 -21.68 -1.32
CA GLN R 201 -35.59 -22.78 -0.49
C GLN R 201 -34.16 -23.15 -0.89
N TRP R 202 -33.32 -23.41 0.10
CA TRP R 202 -31.90 -23.64 -0.13
C TRP R 202 -31.40 -24.75 0.77
N GLU R 203 -30.15 -25.16 0.54
CA GLU R 203 -29.51 -26.23 1.28
C GLU R 203 -28.00 -25.98 1.35
N PHE R 204 -27.41 -26.24 2.50
CA PHE R 204 -25.96 -26.26 2.65
C PHE R 204 -25.54 -27.54 3.36
N GLN R 205 -24.38 -28.06 2.99
CA GLN R 205 -23.85 -29.31 3.51
C GLN R 205 -22.69 -29.03 4.45
N ILE R 206 -22.66 -29.74 5.58
CA ILE R 206 -21.58 -29.63 6.56
C ILE R 206 -20.95 -31.01 6.74
N GLY R 207 -19.63 -31.06 6.66
CA GLY R 207 -18.91 -32.30 6.87
C GLY R 207 -17.87 -32.59 5.81
N PRO R 208 -17.28 -33.79 5.86
CA PRO R 208 -17.46 -34.85 6.87
C PRO R 208 -16.79 -34.49 8.19
N CYS R 209 -17.48 -34.67 9.31
CA CYS R 209 -16.99 -34.29 10.63
C CYS R 209 -16.86 -35.52 11.51
N GLU R 210 -15.78 -35.58 12.28
CA GLU R 210 -15.52 -36.72 13.16
C GLU R 210 -16.10 -36.48 14.55
N GLY R 211 -16.90 -37.43 15.01
CA GLY R 211 -17.30 -37.45 16.41
C GLY R 211 -18.21 -36.30 16.80
N ILE R 212 -17.90 -35.69 17.96
CA ILE R 212 -18.74 -34.65 18.54
C ILE R 212 -18.65 -33.35 17.73
N SER R 213 -17.64 -33.22 16.87
CA SER R 213 -17.45 -31.97 16.14
C SER R 213 -18.58 -31.72 15.14
N MET R 214 -19.33 -32.75 14.76
CA MET R 214 -20.45 -32.57 13.84
C MET R 214 -21.54 -31.69 14.45
N GLY R 215 -21.86 -31.92 15.73
CA GLY R 215 -22.87 -31.11 16.38
C GLY R 215 -22.44 -29.66 16.55
N ASP R 216 -21.17 -29.45 16.93
CA ASP R 216 -20.66 -28.10 17.10
C ASP R 216 -20.64 -27.32 15.80
N HIS R 217 -20.23 -27.96 14.70
CA HIS R 217 -20.13 -27.25 13.42
C HIS R 217 -21.50 -26.87 12.87
N LEU R 218 -22.49 -27.77 12.99
CA LEU R 218 -23.81 -27.49 12.44
C LEU R 218 -24.53 -26.40 13.24
N TRP R 219 -24.40 -26.43 14.56
CA TRP R 219 -25.05 -25.42 15.40
C TRP R 219 -24.47 -24.03 15.13
N VAL R 220 -23.15 -23.94 14.98
CA VAL R 220 -22.52 -22.66 14.70
C VAL R 220 -22.89 -22.18 13.30
N ALA R 221 -23.00 -23.11 12.34
CA ALA R 221 -23.46 -22.74 11.01
C ALA R 221 -24.89 -22.21 11.03
N ARG R 222 -25.73 -22.79 11.90
CA ARG R 222 -27.10 -22.29 12.06
C ARG R 222 -27.10 -20.88 12.62
N PHE R 223 -26.27 -20.62 13.63
CA PHE R 223 -26.17 -19.28 14.20
C PHE R 223 -25.69 -18.27 13.16
N ILE R 224 -24.69 -18.64 12.37
CA ILE R 224 -24.16 -17.73 11.36
C ILE R 224 -25.23 -17.41 10.31
N LEU R 225 -26.04 -18.41 9.94
CA LEU R 225 -27.12 -18.18 8.99
C LEU R 225 -28.16 -17.22 9.55
N HIS R 226 -28.56 -17.40 10.81
CA HIS R 226 -29.53 -16.50 11.42
C HIS R 226 -28.99 -15.07 11.51
N ARG R 227 -27.71 -14.94 11.87
CA ARG R 227 -27.12 -13.61 12.03
C ARG R 227 -26.93 -12.91 10.69
N VAL R 228 -26.58 -13.66 9.64
CA VAL R 228 -26.48 -13.08 8.30
C VAL R 228 -27.85 -12.61 7.82
N CYS R 229 -28.88 -13.44 8.01
CA CYS R 229 -30.22 -13.07 7.57
C CYS R 229 -30.73 -11.85 8.32
N GLU R 230 -30.31 -11.69 9.58
CA GLU R 230 -30.67 -10.50 10.34
C GLU R 230 -30.14 -9.23 9.69
N ASP R 231 -28.93 -9.30 9.10
CA ASP R 231 -28.38 -8.15 8.40
C ASP R 231 -29.23 -7.73 7.22
N PHE R 232 -29.69 -8.69 6.41
CA PHE R 232 -30.52 -8.41 5.25
C PHE R 232 -31.98 -8.16 5.62
N GLY R 233 -32.40 -8.48 6.85
CA GLY R 233 -33.77 -8.26 7.26
C GLY R 233 -34.75 -9.36 6.93
N VAL R 234 -34.29 -10.59 6.74
CA VAL R 234 -35.17 -11.71 6.42
C VAL R 234 -35.01 -12.77 7.50
N ILE R 235 -35.95 -13.73 7.50
CA ILE R 235 -36.00 -14.81 8.48
C ILE R 235 -35.70 -16.13 7.77
N ALA R 236 -34.82 -16.91 8.35
CA ALA R 236 -34.57 -18.29 7.90
C ALA R 236 -35.27 -19.25 8.84
N THR R 237 -36.10 -20.14 8.27
CA THR R 237 -36.86 -21.09 9.05
C THR R 237 -36.45 -22.52 8.71
N PHE R 238 -36.37 -23.36 9.74
CA PHE R 238 -36.06 -24.78 9.60
C PHE R 238 -37.30 -25.65 9.77
N ASP R 239 -38.49 -25.08 9.62
CA ASP R 239 -39.72 -25.84 9.78
C ASP R 239 -39.81 -26.92 8.70
N PRO R 240 -40.16 -28.16 9.04
CA PRO R 240 -40.17 -29.23 8.03
C PRO R 240 -41.12 -28.99 6.87
N LYS R 241 -42.27 -28.35 7.09
CA LYS R 241 -43.26 -28.10 6.05
C LYS R 241 -43.72 -26.66 6.12
N PRO R 242 -42.91 -25.72 5.64
CA PRO R 242 -43.28 -24.29 5.75
C PRO R 242 -44.56 -23.93 4.99
N ILE R 243 -44.80 -24.54 3.83
CA ILE R 243 -45.95 -24.20 2.99
C ILE R 243 -46.77 -25.46 2.77
N PRO R 244 -48.05 -25.46 3.11
CA PRO R 244 -48.87 -26.67 2.92
C PRO R 244 -49.16 -26.92 1.45
N GLY R 245 -49.42 -28.19 1.14
CA GLY R 245 -49.86 -28.57 -0.19
C GLY R 245 -48.76 -29.14 -1.08
N ASN R 246 -48.75 -28.71 -2.34
CA ASN R 246 -47.83 -29.24 -3.34
C ASN R 246 -46.52 -28.46 -3.41
N TRP R 247 -45.87 -28.31 -2.25
CA TRP R 247 -44.58 -27.64 -2.18
C TRP R 247 -43.66 -28.46 -1.29
N ASN R 248 -42.40 -28.60 -1.71
CA ASN R 248 -41.49 -29.53 -1.06
C ASN R 248 -41.18 -29.09 0.37
N GLY R 249 -40.93 -30.08 1.22
CA GLY R 249 -40.56 -29.84 2.61
C GLY R 249 -39.07 -29.69 2.79
N ALA R 250 -38.66 -29.67 4.06
CA ALA R 250 -37.26 -29.46 4.43
C ALA R 250 -36.80 -30.58 5.34
N GLY R 251 -35.69 -31.23 4.96
CA GLY R 251 -35.11 -32.29 5.75
C GLY R 251 -33.67 -32.00 6.15
N CYS R 252 -33.10 -32.93 6.91
CA CYS R 252 -31.74 -32.81 7.41
C CYS R 252 -31.00 -34.14 7.25
N HIS R 253 -31.01 -34.69 6.04
CA HIS R 253 -30.35 -35.96 5.72
C HIS R 253 -28.97 -36.05 6.35
N THR R 254 -28.69 -37.19 6.97
CA THR R 254 -27.46 -37.43 7.71
C THR R 254 -26.70 -38.59 7.10
N ASN R 255 -25.45 -38.37 6.74
CA ASN R 255 -24.58 -39.40 6.18
C ASN R 255 -23.63 -39.91 7.25
N PHE R 256 -23.44 -41.24 7.29
CA PHE R 256 -22.72 -41.90 8.37
C PHE R 256 -21.72 -42.91 7.80
N SER R 257 -20.53 -42.96 8.40
CA SER R 257 -19.52 -43.93 8.01
C SER R 257 -18.56 -44.16 9.16
N THR R 258 -17.99 -45.37 9.21
CA THR R 258 -16.93 -45.73 10.14
C THR R 258 -15.66 -46.05 9.37
N LYS R 259 -14.56 -46.25 10.11
CA LYS R 259 -13.29 -46.58 9.48
C LYS R 259 -13.38 -47.91 8.72
N ALA R 260 -14.06 -48.89 9.31
CA ALA R 260 -14.26 -50.17 8.62
C ALA R 260 -15.09 -50.01 7.36
N MET R 261 -16.12 -49.15 7.41
CA MET R 261 -16.96 -48.93 6.24
C MET R 261 -16.18 -48.29 5.09
N ARG R 262 -15.20 -47.45 5.40
CA ARG R 262 -14.46 -46.73 4.36
C ARG R 262 -13.35 -47.56 3.71
N GLU R 263 -12.99 -48.70 4.29
CA GLU R 263 -11.98 -49.56 3.70
C GLU R 263 -12.58 -50.48 2.65
N GLU R 264 -11.71 -51.18 1.92
CA GLU R 264 -12.16 -52.07 0.86
C GLU R 264 -13.08 -53.16 1.40
N ASN R 265 -14.10 -53.48 0.62
CA ASN R 265 -15.16 -54.41 1.02
C ASN R 265 -15.88 -53.93 2.29
N GLY R 266 -15.94 -52.61 2.46
CA GLY R 266 -16.67 -52.02 3.57
C GLY R 266 -18.17 -52.04 3.43
N LEU R 267 -18.68 -52.43 2.27
CA LEU R 267 -20.12 -52.52 2.07
C LEU R 267 -20.74 -53.57 2.99
N LYS R 268 -19.95 -54.55 3.43
CA LYS R 268 -20.46 -55.56 4.36
C LYS R 268 -20.86 -54.92 5.68
N TYR R 269 -20.04 -54.01 6.20
CA TYR R 269 -20.37 -53.35 7.46
C TYR R 269 -21.48 -52.31 7.29
N ILE R 270 -21.65 -51.79 6.08
CA ILE R 270 -22.75 -50.88 5.80
C ILE R 270 -24.08 -51.61 5.89
N GLU R 271 -24.14 -52.81 5.29
CA GLU R 271 -25.37 -53.59 5.32
C GLU R 271 -25.69 -54.06 6.73
N GLU R 272 -24.68 -54.37 7.53
CA GLU R 272 -24.92 -54.79 8.91
C GLU R 272 -25.54 -53.66 9.73
N ALA R 273 -25.04 -52.44 9.56
CA ALA R 273 -25.60 -51.30 10.30
C ALA R 273 -27.03 -51.01 9.87
N ILE R 274 -27.31 -51.13 8.58
CA ILE R 274 -28.67 -50.90 8.09
C ILE R 274 -29.61 -51.97 8.63
N GLU R 275 -29.13 -53.20 8.76
CA GLU R 275 -29.95 -54.27 9.30
C GLU R 275 -30.34 -53.97 10.75
N LYS R 276 -29.39 -53.46 11.54
CA LYS R 276 -29.69 -53.07 12.91
C LYS R 276 -30.68 -51.90 12.95
N LEU R 277 -30.54 -50.95 12.03
CA LEU R 277 -31.44 -49.80 12.00
C LEU R 277 -32.88 -50.20 11.70
N SER R 278 -33.07 -51.30 10.98
CA SER R 278 -34.41 -51.73 10.60
C SER R 278 -35.27 -52.11 11.80
N LYS R 279 -34.66 -52.52 12.91
CA LYS R 279 -35.43 -52.96 14.07
C LYS R 279 -35.83 -51.82 15.01
N ARG R 280 -35.33 -50.60 14.79
CA ARG R 280 -35.48 -49.51 15.73
C ARG R 280 -36.03 -48.26 15.05
N HIS R 281 -37.03 -48.44 14.18
CA HIS R 281 -37.57 -47.32 13.43
C HIS R 281 -38.24 -46.31 14.34
N GLN R 282 -39.05 -46.79 15.30
CA GLN R 282 -39.76 -45.86 16.19
C GLN R 282 -38.81 -45.12 17.10
N TYR R 283 -37.74 -45.78 17.56
CA TYR R 283 -36.78 -45.12 18.44
C TYR R 283 -36.09 -43.96 17.72
N HIS R 284 -35.75 -44.14 16.45
CA HIS R 284 -35.06 -43.09 15.71
C HIS R 284 -36.01 -41.96 15.31
N ILE R 285 -37.27 -42.28 15.03
CA ILE R 285 -38.26 -41.24 14.74
C ILE R 285 -38.41 -40.32 15.93
N ARG R 286 -38.46 -40.89 17.14
CA ARG R 286 -38.56 -40.08 18.36
C ARG R 286 -37.35 -39.18 18.53
N ALA R 287 -36.15 -39.69 18.25
CA ALA R 287 -34.92 -38.94 18.48
C ALA R 287 -34.61 -37.95 17.36
N TYR R 288 -35.27 -38.06 16.22
CA TYR R 288 -35.00 -37.19 15.07
C TYR R 288 -35.87 -35.95 15.07
N ASP R 289 -36.54 -35.64 16.18
CA ASP R 289 -37.45 -34.52 16.23
C ASP R 289 -37.40 -33.88 17.61
N PRO R 290 -37.38 -32.55 17.69
CA PRO R 290 -37.42 -31.89 19.01
C PRO R 290 -38.76 -32.07 19.73
N LYS R 291 -39.81 -32.48 19.03
CA LYS R 291 -41.12 -32.70 19.63
C LYS R 291 -41.55 -34.15 19.60
N GLY R 292 -40.63 -35.08 19.33
CA GLY R 292 -40.92 -36.50 19.37
C GLY R 292 -41.46 -37.10 18.10
N GLY R 293 -41.61 -36.33 17.03
CA GLY R 293 -42.02 -36.90 15.76
C GLY R 293 -43.19 -36.19 15.10
N LEU R 294 -43.86 -35.31 15.85
CA LEU R 294 -45.02 -34.61 15.31
C LEU R 294 -44.64 -33.70 14.14
N ASP R 295 -43.51 -33.00 14.26
CA ASP R 295 -43.09 -32.11 13.18
C ASP R 295 -42.82 -32.87 11.89
N ASN R 296 -42.12 -33.99 11.97
CA ASN R 296 -41.78 -34.78 10.79
C ASN R 296 -42.99 -35.42 10.14
N ALA R 297 -44.12 -35.53 10.85
CA ALA R 297 -45.31 -36.13 10.25
C ALA R 297 -45.87 -35.28 9.13
N ARG R 298 -45.79 -33.96 9.26
CA ARG R 298 -46.26 -33.07 8.20
C ARG R 298 -45.42 -33.15 6.93
N ARG R 299 -44.21 -33.71 7.03
CA ARG R 299 -43.30 -33.80 5.89
C ARG R 299 -43.23 -35.20 5.29
N LEU R 300 -43.09 -36.23 6.12
CA LEU R 300 -42.89 -37.61 5.65
C LEU R 300 -44.24 -38.27 5.46
N THR R 301 -44.85 -38.02 4.30
CA THR R 301 -46.13 -38.60 3.94
C THR R 301 -46.04 -39.54 2.75
N GLY R 302 -44.84 -39.76 2.20
CA GLY R 302 -44.66 -40.64 1.07
C GLY R 302 -44.74 -39.98 -0.29
N PHE R 303 -44.94 -38.67 -0.35
CA PHE R 303 -44.99 -37.94 -1.61
C PHE R 303 -43.81 -37.00 -1.72
N HIS R 304 -43.54 -36.56 -2.95
CA HIS R 304 -42.49 -35.59 -3.25
C HIS R 304 -41.11 -36.10 -2.80
N GLU R 305 -40.78 -37.32 -3.24
CA GLU R 305 -39.47 -37.94 -2.98
C GLU R 305 -39.19 -38.03 -1.48
N THR R 306 -40.18 -38.53 -0.73
CA THR R 306 -40.03 -38.75 0.70
C THR R 306 -40.57 -40.14 1.05
N SER R 307 -40.09 -40.66 2.17
CA SER R 307 -40.56 -41.94 2.69
C SER R 307 -41.71 -41.74 3.68
N ASN R 308 -42.41 -42.82 3.95
CA ASN R 308 -43.52 -42.77 4.90
C ASN R 308 -42.99 -42.65 6.33
N ILE R 309 -43.73 -41.90 7.16
CA ILE R 309 -43.28 -41.64 8.52
C ILE R 309 -43.26 -42.92 9.35
N ASN R 310 -44.25 -43.80 9.14
CA ASN R 310 -44.42 -44.99 9.97
C ASN R 310 -44.08 -46.26 9.19
N ASP R 311 -43.03 -46.22 8.38
CA ASP R 311 -42.58 -47.38 7.63
C ASP R 311 -41.10 -47.26 7.34
N PHE R 312 -40.38 -48.37 7.44
CA PHE R 312 -38.95 -48.43 7.20
C PHE R 312 -38.66 -49.12 5.87
N SER R 313 -37.78 -48.53 5.07
CA SER R 313 -37.36 -49.13 3.82
C SER R 313 -35.91 -48.73 3.57
N ALA R 314 -35.21 -49.56 2.80
CA ALA R 314 -33.81 -49.31 2.47
C ALA R 314 -33.50 -49.93 1.11
N GLY R 315 -32.59 -49.30 0.38
CA GLY R 315 -32.22 -49.81 -0.93
C GLY R 315 -31.06 -49.02 -1.49
N VAL R 316 -30.48 -49.58 -2.55
CA VAL R 316 -29.38 -48.92 -3.25
C VAL R 316 -29.95 -47.96 -4.28
N ALA R 317 -29.50 -46.71 -4.24
CA ALA R 317 -29.89 -45.67 -5.19
C ALA R 317 -31.39 -45.39 -5.13
N ASN R 318 -32.00 -45.58 -3.96
CA ASN R 318 -33.44 -45.33 -3.76
C ASN R 318 -33.58 -44.05 -2.95
N ARG R 319 -34.11 -43.00 -3.59
CA ARG R 319 -34.34 -41.72 -2.92
C ARG R 319 -35.70 -41.64 -2.24
N SER R 320 -36.53 -42.65 -2.39
CA SER R 320 -37.83 -42.70 -1.71
C SER R 320 -37.80 -43.55 -0.45
N ALA R 321 -36.66 -44.15 -0.11
CA ALA R 321 -36.53 -45.03 1.04
C ALA R 321 -36.02 -44.25 2.25
N SER R 322 -36.14 -44.88 3.42
CA SER R 322 -35.64 -44.26 4.65
C SER R 322 -34.13 -44.12 4.63
N ILE R 323 -33.42 -45.16 4.20
CA ILE R 323 -31.96 -45.17 4.12
C ILE R 323 -31.57 -45.48 2.68
N ARG R 324 -30.67 -44.66 2.13
CA ARG R 324 -30.24 -44.78 0.74
C ARG R 324 -28.76 -45.09 0.70
N ILE R 325 -28.38 -46.08 -0.10
CA ILE R 325 -26.98 -46.38 -0.40
C ILE R 325 -26.66 -45.79 -1.76
N PRO R 326 -25.71 -44.86 -1.86
CA PRO R 326 -25.38 -44.28 -3.17
C PRO R 326 -24.86 -45.35 -4.13
N ARG R 327 -25.19 -45.15 -5.41
CA ARG R 327 -24.81 -46.14 -6.42
C ARG R 327 -23.29 -46.27 -6.53
N THR R 328 -22.57 -45.16 -6.42
CA THR R 328 -21.12 -45.22 -6.44
C THR R 328 -20.58 -46.05 -5.28
N VAL R 329 -21.16 -45.87 -4.09
CA VAL R 329 -20.74 -46.66 -2.92
C VAL R 329 -20.98 -48.14 -3.18
N GLY R 330 -22.15 -48.48 -3.71
CA GLY R 330 -22.46 -49.88 -3.99
C GLY R 330 -21.54 -50.48 -5.03
N GLN R 331 -21.14 -49.68 -6.03
CA GLN R 331 -20.26 -50.20 -7.07
C GLN R 331 -18.85 -50.40 -6.55
N GLU R 332 -18.34 -49.47 -5.75
CA GLU R 332 -16.99 -49.57 -5.22
C GLU R 332 -16.91 -50.44 -3.97
N LYS R 333 -18.04 -50.92 -3.44
CA LYS R 333 -18.10 -51.81 -2.29
C LYS R 333 -17.54 -51.15 -1.02
N LYS R 334 -17.60 -49.82 -0.95
CA LYS R 334 -17.13 -49.11 0.24
C LYS R 334 -17.71 -47.71 0.23
N GLY R 335 -17.64 -47.06 1.39
CA GLY R 335 -18.10 -45.68 1.51
C GLY R 335 -18.95 -45.39 2.72
N TYR R 336 -20.18 -44.95 2.50
CA TYR R 336 -21.06 -44.47 3.56
C TYR R 336 -22.50 -44.79 3.17
N PHE R 337 -23.44 -44.33 3.99
CA PHE R 337 -24.85 -44.44 3.68
C PHE R 337 -25.59 -43.23 4.27
N GLU R 338 -26.78 -42.97 3.75
CA GLU R 338 -27.53 -41.75 4.03
C GLU R 338 -28.84 -42.10 4.74
N ASP R 339 -29.07 -41.46 5.89
CA ASP R 339 -30.34 -41.55 6.61
C ASP R 339 -31.17 -40.32 6.27
N ARG R 340 -32.32 -40.55 5.63
CA ARG R 340 -33.14 -39.46 5.08
C ARG R 340 -34.34 -39.11 5.96
N ARG R 341 -34.44 -39.70 7.15
CA ARG R 341 -35.56 -39.48 8.05
C ARG R 341 -35.51 -38.19 8.88
N PRO R 342 -34.36 -37.72 9.36
CA PRO R 342 -34.37 -36.53 10.23
C PRO R 342 -34.96 -35.30 9.54
N SER R 343 -35.70 -34.52 10.32
CA SER R 343 -36.29 -33.27 9.85
C SER R 343 -35.31 -32.12 9.97
N ALA R 344 -35.63 -31.00 9.31
CA ALA R 344 -34.71 -29.87 9.23
C ALA R 344 -34.47 -29.18 10.56
N ASN R 345 -35.34 -29.38 11.55
CA ASN R 345 -35.18 -28.74 12.85
C ASN R 345 -34.66 -29.70 13.92
N CYS R 346 -33.97 -30.76 13.50
CA CYS R 346 -33.44 -31.74 14.43
C CYS R 346 -32.25 -31.16 15.21
N ASP R 347 -32.01 -31.73 16.39
CA ASP R 347 -30.80 -31.44 17.15
C ASP R 347 -29.70 -32.40 16.71
N PRO R 348 -28.58 -31.90 16.17
CA PRO R 348 -27.53 -32.82 15.69
C PRO R 348 -26.94 -33.72 16.77
N PHE R 349 -26.87 -33.27 18.02
CA PHE R 349 -26.35 -34.13 19.08
C PHE R 349 -27.27 -35.32 19.32
N SER R 350 -28.58 -35.11 19.24
CA SER R 350 -29.52 -36.21 19.41
C SER R 350 -29.46 -37.18 18.23
N VAL R 351 -29.28 -36.67 17.02
CA VAL R 351 -29.28 -37.52 15.84
C VAL R 351 -28.03 -38.41 15.83
N THR R 352 -26.86 -37.81 16.06
CA THR R 352 -25.62 -38.57 15.99
C THR R 352 -25.52 -39.59 17.10
N GLU R 353 -26.01 -39.25 18.30
CA GLU R 353 -25.94 -40.18 19.43
C GLU R 353 -26.76 -41.44 19.15
N ALA R 354 -27.94 -41.28 18.54
CA ALA R 354 -28.78 -42.44 18.25
C ALA R 354 -28.11 -43.38 17.25
N LEU R 355 -27.44 -42.82 16.25
CA LEU R 355 -26.78 -43.66 15.24
C LEU R 355 -25.67 -44.50 15.86
N ILE R 356 -24.88 -43.90 16.76
CA ILE R 356 -23.81 -44.64 17.42
C ILE R 356 -24.38 -45.74 18.30
N ARG R 357 -25.44 -45.43 19.05
CA ARG R 357 -26.01 -46.40 19.99
C ARG R 357 -26.55 -47.63 19.26
N THR R 358 -27.27 -47.41 18.16
CA THR R 358 -27.90 -48.54 17.47
C THR R 358 -26.87 -49.34 16.67
N CYS R 359 -25.96 -48.66 15.99
CA CYS R 359 -25.08 -49.33 15.04
C CYS R 359 -23.78 -49.83 15.65
N LEU R 360 -23.22 -49.10 16.61
CA LEU R 360 -21.91 -49.45 17.17
C LEU R 360 -21.96 -50.03 18.57
N LEU R 361 -22.99 -49.72 19.36
CA LEU R 361 -23.09 -50.23 20.72
C LEU R 361 -24.16 -51.30 20.89
N ASN R 362 -24.90 -51.63 19.83
CA ASN R 362 -25.84 -52.76 19.80
C ASN R 362 -26.89 -52.64 20.91
N GLU R 363 -27.47 -51.45 21.03
CA GLU R 363 -28.52 -51.24 22.02
C GLU R 363 -29.88 -51.65 21.47
N THR R 364 -30.75 -52.08 22.38
CA THR R 364 -32.10 -52.52 22.05
C THR R 364 -33.07 -51.89 23.02
N GLY R 365 -34.37 -52.07 22.74
CA GLY R 365 -35.40 -51.49 23.57
C GLY R 365 -35.74 -50.07 23.19
N ASP R 366 -36.65 -49.48 23.96
CA ASP R 366 -37.14 -48.14 23.70
C ASP R 366 -36.41 -47.05 24.49
N GLU R 367 -35.48 -47.43 25.36
CA GLU R 367 -34.76 -46.46 26.18
C GLU R 367 -33.26 -46.60 25.96
N PRO R 368 -32.52 -45.50 26.06
CA PRO R 368 -31.06 -45.58 25.98
C PRO R 368 -30.49 -46.28 27.20
N PHE R 369 -29.37 -46.97 26.99
CA PHE R 369 -28.69 -47.64 28.08
C PHE R 369 -28.02 -46.62 29.00
N GLN R 370 -28.26 -46.74 30.31
CA GLN R 370 -27.80 -45.73 31.24
C GLN R 370 -26.37 -45.97 31.72
N TYR R 371 -26.04 -47.23 32.04
CA TYR R 371 -24.77 -47.53 32.70
C TYR R 371 -23.62 -47.43 31.70
N LYS R 372 -23.35 -46.19 31.28
CA LYS R 372 -22.20 -45.80 30.44
C LYS R 372 -21.90 -46.84 29.35
N ASN R 373 -22.92 -47.13 28.54
CA ASN R 373 -22.77 -48.03 27.41
C ASN R 373 -23.86 -47.78 26.39
N THR S 2 -40.51 7.48 11.03
CA THR S 2 -39.96 6.81 12.19
C THR S 2 -38.54 7.28 12.50
N THR S 3 -37.81 7.69 11.45
CA THR S 3 -36.47 8.23 11.61
C THR S 3 -36.44 9.70 11.18
N SER S 4 -35.40 10.40 11.61
CA SER S 4 -35.33 11.84 11.41
C SER S 4 -34.98 12.19 9.97
N ALA S 5 -35.29 13.44 9.59
CA ALA S 5 -34.96 13.92 8.25
C ALA S 5 -33.46 13.99 8.02
N SER S 6 -32.68 14.28 9.07
CA SER S 6 -31.23 14.34 8.93
C SER S 6 -30.65 12.99 8.51
N SER S 7 -31.23 11.89 8.98
CA SER S 7 -30.71 10.57 8.66
C SER S 7 -31.00 10.15 7.23
N HIS S 8 -31.87 10.87 6.52
CA HIS S 8 -32.16 10.58 5.13
C HIS S 8 -31.23 11.30 4.16
N LEU S 9 -30.34 12.16 4.65
CA LEU S 9 -29.36 12.78 3.79
C LEU S 9 -28.35 11.75 3.30
N ASN S 10 -27.65 12.09 2.22
CA ASN S 10 -26.70 11.18 1.59
C ASN S 10 -25.44 11.10 2.46
N LYS S 11 -25.27 9.97 3.16
CA LYS S 11 -24.11 9.79 4.03
C LYS S 11 -22.82 9.56 3.26
N GLY S 12 -22.92 9.06 2.02
CA GLY S 12 -21.73 8.94 1.20
C GLY S 12 -21.06 10.28 0.94
N ILE S 13 -21.86 11.33 0.78
CA ILE S 13 -21.31 12.67 0.60
C ILE S 13 -20.48 13.07 1.82
N LYS S 14 -21.01 12.81 3.01
CA LYS S 14 -20.30 13.19 4.23
C LYS S 14 -18.95 12.50 4.34
N GLN S 15 -18.90 11.21 3.98
CA GLN S 15 -17.65 10.47 4.09
C GLN S 15 -16.57 10.98 3.14
N VAL S 16 -16.96 11.52 1.98
CA VAL S 16 -15.99 12.12 1.07
C VAL S 16 -15.28 13.28 1.75
N TYR S 17 -16.04 14.15 2.43
CA TYR S 17 -15.43 15.27 3.14
C TYR S 17 -14.60 14.81 4.33
N MET S 18 -15.08 13.79 5.05
CA MET S 18 -14.32 13.25 6.18
C MET S 18 -13.05 12.55 5.75
N SER S 19 -12.88 12.24 4.46
CA SER S 19 -11.67 11.63 3.96
C SER S 19 -10.57 12.63 3.67
N LEU S 20 -10.87 13.92 3.69
CA LEU S 20 -9.85 14.94 3.42
C LEU S 20 -8.79 14.93 4.51
N PRO S 21 -7.50 14.96 4.16
CA PRO S 21 -6.46 15.06 5.19
C PRO S 21 -6.63 16.31 6.03
N GLN S 22 -6.47 16.16 7.35
CA GLN S 22 -6.81 17.23 8.28
C GLN S 22 -5.81 18.37 8.24
N GLY S 23 -4.52 18.05 8.25
CA GLY S 23 -3.51 19.08 8.42
C GLY S 23 -3.00 19.13 9.85
N GLU S 24 -2.57 20.30 10.30
CA GLU S 24 -1.92 20.43 11.60
C GLU S 24 -2.87 20.76 12.74
N LYS S 25 -4.01 21.41 12.46
CA LYS S 25 -4.94 21.77 13.52
C LYS S 25 -5.67 20.54 14.06
N VAL S 26 -6.19 20.68 15.27
CA VAL S 26 -6.85 19.58 15.99
C VAL S 26 -8.18 20.08 16.54
N GLN S 27 -9.21 19.25 16.43
CA GLN S 27 -10.53 19.56 16.97
C GLN S 27 -10.70 18.93 18.34
N ALA S 28 -11.28 19.70 19.26
CA ALA S 28 -11.60 19.20 20.61
C ALA S 28 -13.05 19.51 20.91
N MET S 29 -13.81 18.48 21.26
CA MET S 29 -15.22 18.63 21.61
C MET S 29 -15.38 18.63 23.11
N TYR S 30 -15.92 19.74 23.65
CA TYR S 30 -16.16 19.88 25.08
C TYR S 30 -17.57 19.41 25.41
N ILE S 31 -17.70 18.61 26.48
CA ILE S 31 -18.96 17.99 26.86
C ILE S 31 -19.24 18.27 28.33
N TRP S 32 -20.49 18.62 28.64
CA TRP S 32 -20.88 18.92 30.02
C TRP S 32 -22.35 18.58 30.23
N ILE S 33 -22.73 18.49 31.50
CA ILE S 33 -24.08 18.14 31.92
C ILE S 33 -24.85 19.43 32.19
N ASP S 34 -26.08 19.52 31.67
CA ASP S 34 -26.85 20.75 31.73
C ASP S 34 -27.71 20.82 32.99
N GLY S 35 -28.64 21.76 33.02
CA GLY S 35 -29.39 22.10 34.22
C GLY S 35 -30.44 21.10 34.64
N THR S 36 -30.79 20.15 33.78
CA THR S 36 -31.73 19.10 34.16
C THR S 36 -31.06 17.93 34.87
N GLY S 37 -29.73 17.89 34.91
CA GLY S 37 -29.02 16.78 35.50
C GLY S 37 -29.07 15.49 34.72
N GLU S 38 -29.66 15.50 33.54
CA GLU S 38 -29.81 14.31 32.72
C GLU S 38 -29.27 14.48 31.31
N GLY S 39 -29.40 15.68 30.74
CA GLY S 39 -28.98 15.90 29.37
C GLY S 39 -27.53 16.34 29.26
N LEU S 40 -26.98 16.13 28.06
CA LEU S 40 -25.61 16.48 27.75
C LEU S 40 -25.59 17.59 26.71
N ARG S 41 -24.54 18.40 26.74
CA ARG S 41 -24.32 19.48 25.77
C ARG S 41 -22.89 19.40 25.26
N CYS S 42 -22.65 19.96 24.08
CA CYS S 42 -21.33 19.88 23.48
C CYS S 42 -21.12 21.00 22.47
N LYS S 43 -19.85 21.30 22.21
CA LYS S 43 -19.42 22.22 21.16
C LYS S 43 -17.93 22.05 20.94
N THR S 44 -17.45 22.56 19.82
CA THR S 44 -16.10 22.27 19.33
C THR S 44 -15.27 23.54 19.17
N ARG S 45 -13.99 23.44 19.52
CA ARG S 45 -13.02 24.49 19.27
C ARG S 45 -11.81 23.90 18.58
N THR S 46 -11.07 24.75 17.87
CA THR S 46 -9.86 24.36 17.15
C THR S 46 -8.63 24.64 18.02
N LEU S 47 -7.71 23.68 18.05
CA LEU S 47 -6.46 23.81 18.77
C LEU S 47 -5.28 23.79 17.81
N ASP S 48 -4.18 24.40 18.23
CA ASP S 48 -3.00 24.51 17.37
C ASP S 48 -2.24 23.20 17.25
N SER S 49 -2.22 22.38 18.31
CA SER S 49 -1.50 21.12 18.28
C SER S 49 -2.22 20.11 19.15
N GLU S 50 -1.85 18.84 18.97
CA GLU S 50 -2.51 17.76 19.70
C GLU S 50 -2.18 17.82 21.18
N PRO S 51 -3.17 17.81 22.07
CA PRO S 51 -2.88 17.77 23.50
C PRO S 51 -2.57 16.36 23.96
N LYS S 52 -1.52 16.24 24.77
CA LYS S 52 -1.08 14.93 25.25
C LYS S 52 -1.78 14.51 26.53
N CYS S 53 -2.07 15.45 27.42
CA CYS S 53 -2.78 15.15 28.66
C CYS S 53 -3.90 16.17 28.86
N VAL S 54 -4.83 15.83 29.74
CA VAL S 54 -5.98 16.68 30.01
C VAL S 54 -5.56 18.02 30.63
N GLU S 55 -4.41 18.07 31.28
CA GLU S 55 -3.99 19.26 32.01
C GLU S 55 -3.62 20.42 31.09
N GLU S 56 -3.31 20.15 29.82
CA GLU S 56 -2.92 21.21 28.90
C GLU S 56 -4.05 21.66 27.98
N LEU S 57 -5.30 21.32 28.32
CA LEU S 57 -6.43 21.90 27.60
C LEU S 57 -6.87 23.19 28.28
N PRO S 58 -7.19 24.22 27.51
CA PRO S 58 -7.62 25.49 28.12
C PRO S 58 -9.04 25.44 28.66
N GLU S 59 -9.32 26.34 29.59
CA GLU S 59 -10.67 26.53 30.08
C GLU S 59 -11.52 27.21 29.00
N TRP S 60 -12.83 26.97 29.09
CA TRP S 60 -13.77 27.57 28.14
C TRP S 60 -15.00 28.09 28.88
N ASN S 61 -16.02 28.51 28.15
CA ASN S 61 -17.20 29.10 28.77
C ASN S 61 -18.39 28.94 27.82
N PHE S 62 -19.58 29.16 28.37
CA PHE S 62 -20.81 29.12 27.59
C PHE S 62 -21.85 30.00 28.28
N ASP S 63 -22.91 30.32 27.54
CA ASP S 63 -23.99 31.15 28.04
C ASP S 63 -24.99 30.27 28.77
N GLY S 64 -25.08 30.44 30.09
CA GLY S 64 -25.92 29.59 30.91
C GLY S 64 -27.40 29.90 30.86
N SER S 65 -27.80 31.02 30.27
CA SER S 65 -29.21 31.34 30.16
C SER S 65 -29.91 30.53 29.08
N SER S 66 -29.17 29.93 28.16
CA SER S 66 -29.74 29.05 27.16
C SER S 66 -29.67 27.58 27.54
N THR S 67 -29.19 27.27 28.74
CA THR S 67 -29.17 25.91 29.26
C THR S 67 -29.92 25.78 30.59
N LEU S 68 -30.63 26.83 31.01
CA LEU S 68 -31.35 26.84 32.29
C LEU S 68 -30.42 26.55 33.46
N GLN S 69 -29.26 27.20 33.48
CA GLN S 69 -28.28 27.01 34.52
C GLN S 69 -27.83 28.31 35.18
N SER S 70 -28.29 29.46 34.72
CA SER S 70 -27.81 30.73 35.24
C SER S 70 -28.90 31.77 35.14
N GLU S 71 -28.73 32.86 35.89
CA GLU S 71 -29.70 33.94 35.94
C GLU S 71 -29.51 34.85 34.73
N GLY S 72 -30.19 35.99 34.73
CA GLY S 72 -30.16 36.91 33.61
C GLY S 72 -28.89 37.73 33.48
N SER S 73 -28.62 38.58 34.47
CA SER S 73 -27.50 39.52 34.35
C SER S 73 -26.15 38.80 34.31
N ASN S 74 -25.92 37.91 35.27
CA ASN S 74 -24.66 37.15 35.35
C ASN S 74 -24.95 35.74 34.82
N SER S 75 -24.86 35.59 33.50
CA SER S 75 -25.23 34.35 32.84
C SER S 75 -24.05 33.51 32.38
N ASP S 76 -22.83 34.07 32.38
CA ASP S 76 -21.67 33.31 31.90
C ASP S 76 -21.32 32.19 32.87
N MET S 77 -21.09 31.00 32.31
CA MET S 77 -20.65 29.84 33.07
C MET S 77 -19.31 29.37 32.51
N TYR S 78 -18.57 28.60 33.29
CA TYR S 78 -17.21 28.22 32.94
C TYR S 78 -17.06 26.71 32.91
N LEU S 79 -16.26 26.24 31.96
CA LEU S 79 -16.00 24.82 31.75
C LEU S 79 -14.56 24.50 32.12
N VAL S 80 -14.35 23.47 32.92
CA VAL S 80 -13.04 23.04 33.37
C VAL S 80 -12.84 21.59 32.95
N PRO S 81 -11.91 21.29 32.04
CA PRO S 81 -11.71 19.90 31.60
C PRO S 81 -11.36 18.97 32.75
N ALA S 82 -11.91 17.76 32.71
CA ALA S 82 -11.70 16.75 33.73
C ALA S 82 -11.15 15.44 33.20
N ALA S 83 -11.58 15.00 32.02
CA ALA S 83 -11.13 13.74 31.46
C ALA S 83 -11.16 13.82 29.94
N MET S 84 -10.21 13.16 29.29
CA MET S 84 -10.03 13.26 27.85
C MET S 84 -10.00 11.87 27.23
N PHE S 85 -10.66 11.74 26.06
CA PHE S 85 -10.72 10.49 25.33
C PHE S 85 -10.50 10.77 23.84
N ARG S 86 -10.12 9.73 23.11
CA ARG S 86 -10.05 9.84 21.65
C ARG S 86 -11.44 9.94 21.06
N ASP S 87 -11.55 10.70 19.97
CA ASP S 87 -12.83 10.96 19.33
C ASP S 87 -13.09 9.88 18.29
N PRO S 88 -14.09 9.02 18.46
CA PRO S 88 -14.36 8.00 17.43
C PRO S 88 -15.09 8.54 16.21
N PHE S 89 -15.72 9.71 16.31
CA PHE S 89 -16.47 10.27 15.20
C PHE S 89 -15.58 11.05 14.23
N ARG S 90 -14.46 11.59 14.71
CA ARG S 90 -13.51 12.30 13.86
C ARG S 90 -12.14 11.64 13.77
N LYS S 91 -11.85 10.66 14.64
CA LYS S 91 -10.61 9.89 14.65
C LYS S 91 -9.42 10.72 15.12
N ASP S 92 -8.28 10.06 15.30
CA ASP S 92 -7.07 10.74 15.76
C ASP S 92 -6.68 11.84 14.79
N PRO S 93 -6.11 12.95 15.29
CA PRO S 93 -5.75 13.24 16.68
C PRO S 93 -6.83 13.99 17.47
N ASN S 94 -8.06 14.04 17.01
CA ASN S 94 -9.12 14.81 17.66
C ASN S 94 -9.57 14.14 18.96
N LYS S 95 -10.09 14.94 19.87
CA LYS S 95 -10.35 14.51 21.24
C LYS S 95 -11.78 14.83 21.68
N LEU S 96 -12.26 14.06 22.66
CA LEU S 96 -13.45 14.37 23.43
C LEU S 96 -13.04 14.78 24.83
N VAL S 97 -13.64 15.85 25.35
CA VAL S 97 -13.29 16.41 26.64
C VAL S 97 -14.54 16.53 27.49
N LEU S 98 -14.54 15.85 28.64
CA LEU S 98 -15.60 16.00 29.63
C LEU S 98 -15.19 17.07 30.65
N CYS S 99 -16.12 17.97 30.98
CA CYS S 99 -15.81 19.14 31.77
C CYS S 99 -16.74 19.26 32.98
N GLU S 100 -16.22 19.87 34.03
CA GLU S 100 -17.02 20.33 35.16
C GLU S 100 -17.50 21.76 34.92
N VAL S 101 -18.69 22.06 35.43
CA VAL S 101 -19.35 23.33 35.20
C VAL S 101 -19.26 24.19 36.45
N PHE S 102 -18.87 25.45 36.28
CA PHE S 102 -18.79 26.40 37.37
C PHE S 102 -19.50 27.69 36.96
N LYS S 103 -20.15 28.35 37.91
CA LYS S 103 -20.87 29.57 37.64
C LYS S 103 -19.90 30.76 37.69
N TYR S 104 -20.44 31.97 37.58
CA TYR S 104 -19.61 33.15 37.34
C TYR S 104 -18.67 33.44 38.51
N ASN S 105 -19.07 33.11 39.74
CA ASN S 105 -18.23 33.34 40.91
C ASN S 105 -17.37 32.12 41.26
N ARG S 106 -17.15 31.22 40.29
CA ARG S 106 -16.28 30.05 40.40
C ARG S 106 -16.79 28.98 41.36
N ARG S 107 -18.00 29.14 41.89
CA ARG S 107 -18.57 28.05 42.67
C ARG S 107 -19.17 27.00 41.73
N PRO S 108 -19.18 25.73 42.15
CA PRO S 108 -19.73 24.67 41.30
C PRO S 108 -21.22 24.88 41.04
N ALA S 109 -21.65 24.46 39.85
CA ALA S 109 -23.04 24.55 39.46
C ALA S 109 -23.89 23.57 40.27
N GLU S 110 -25.20 23.78 40.22
CA GLU S 110 -26.11 22.95 41.02
C GLU S 110 -26.07 21.49 40.58
N THR S 111 -25.92 21.24 39.28
CA THR S 111 -25.86 19.89 38.76
C THR S 111 -24.43 19.37 38.63
N ASN S 112 -23.45 20.11 39.14
CA ASN S 112 -22.05 19.66 39.16
C ASN S 112 -21.87 18.84 40.44
N LEU S 113 -22.08 17.53 40.33
CA LEU S 113 -21.93 16.63 41.46
C LEU S 113 -20.55 15.96 41.50
N ARG S 114 -19.74 16.14 40.46
CA ARG S 114 -18.40 15.54 40.46
C ARG S 114 -17.49 16.21 41.47
N HIS S 115 -17.68 17.50 41.74
CA HIS S 115 -16.77 18.23 42.61
C HIS S 115 -16.75 17.64 44.02
N THR S 116 -17.93 17.35 44.57
CA THR S 116 -17.98 16.76 45.91
C THR S 116 -17.62 15.28 45.87
N CYS S 117 -18.02 14.57 44.80
CA CYS S 117 -17.73 13.15 44.69
C CYS S 117 -16.23 12.88 44.64
N LYS S 118 -15.48 13.75 43.95
CA LYS S 118 -14.05 13.56 43.84
C LYS S 118 -13.37 13.66 45.21
N ARG S 119 -13.80 14.61 46.04
CA ARG S 119 -13.20 14.76 47.36
C ARG S 119 -13.46 13.55 48.23
N ILE S 120 -14.66 12.98 48.14
CA ILE S 120 -14.99 11.77 48.90
C ILE S 120 -14.12 10.60 48.43
N MET S 121 -13.93 10.48 47.12
CA MET S 121 -13.12 9.38 46.59
C MET S 121 -11.67 9.48 47.07
N ASP S 122 -11.17 10.70 47.23
CA ASP S 122 -9.79 10.87 47.69
C ASP S 122 -9.63 10.52 49.16
N MET S 123 -10.73 10.44 49.90
CA MET S 123 -10.67 10.13 51.33
C MET S 123 -10.51 8.64 51.59
N VAL S 124 -10.78 7.79 50.60
CA VAL S 124 -10.74 6.35 50.78
C VAL S 124 -9.89 5.69 49.71
N SER S 125 -8.94 6.44 49.16
CA SER S 125 -8.15 5.98 48.02
C SER S 125 -7.35 4.74 48.32
N ASN S 126 -6.96 4.54 49.59
CA ASN S 126 -6.17 3.38 49.94
C ASN S 126 -6.99 2.09 49.96
N GLN S 127 -8.31 2.19 50.02
CA GLN S 127 -9.18 1.02 49.99
C GLN S 127 -9.54 0.58 48.57
N HIS S 128 -9.18 1.38 47.56
CA HIS S 128 -9.34 1.06 46.14
C HIS S 128 -10.75 0.60 45.80
N PRO S 129 -11.76 1.47 45.87
CA PRO S 129 -13.12 1.05 45.50
C PRO S 129 -13.25 0.86 44.00
N TRP S 130 -13.86 -0.25 43.60
CA TRP S 130 -14.16 -0.55 42.21
C TRP S 130 -15.67 -0.52 42.00
N PHE S 131 -16.10 0.05 40.88
CA PHE S 131 -17.51 0.09 40.53
C PHE S 131 -17.73 -0.52 39.15
N GLY S 132 -18.88 -1.17 39.00
CA GLY S 132 -19.33 -1.66 37.71
C GLY S 132 -20.81 -1.38 37.52
N MET S 133 -21.18 -0.74 36.41
CA MET S 133 -22.55 -0.27 36.20
C MET S 133 -23.12 -0.86 34.93
N GLU S 134 -24.36 -1.35 35.01
CA GLU S 134 -25.07 -1.97 33.89
C GLU S 134 -26.12 -0.99 33.40
N GLN S 135 -25.87 -0.35 32.26
CA GLN S 135 -26.74 0.68 31.73
C GLN S 135 -27.74 0.08 30.75
N GLU S 136 -29.02 0.15 31.09
CA GLU S 136 -30.09 -0.29 30.21
C GLU S 136 -30.73 0.91 29.51
N TYR S 137 -31.20 0.69 28.29
CA TYR S 137 -31.81 1.73 27.49
C TYR S 137 -32.73 1.11 26.44
N THR S 138 -33.61 1.94 25.89
CA THR S 138 -34.52 1.54 24.82
C THR S 138 -34.32 2.45 23.61
N LEU S 139 -34.29 1.86 22.43
CA LEU S 139 -34.21 2.61 21.19
C LEU S 139 -35.61 3.03 20.76
N MET S 140 -35.75 4.31 20.39
CA MET S 140 -37.04 4.91 20.09
C MET S 140 -37.03 5.50 18.69
N GLY S 141 -38.17 5.46 18.02
CA GLY S 141 -38.37 6.22 16.81
C GLY S 141 -38.65 7.68 17.12
N THR S 142 -38.55 8.52 16.08
CA THR S 142 -38.81 9.94 16.25
C THR S 142 -40.28 10.23 16.54
N ASP S 143 -41.16 9.25 16.36
CA ASP S 143 -42.59 9.40 16.61
C ASP S 143 -42.99 9.02 18.05
N GLY S 144 -42.03 8.71 18.91
CA GLY S 144 -42.32 8.37 20.29
C GLY S 144 -42.65 6.92 20.56
N HIS S 145 -42.58 6.05 19.55
CA HIS S 145 -42.83 4.63 19.66
C HIS S 145 -41.52 3.85 19.57
N PRO S 146 -41.41 2.71 20.25
CA PRO S 146 -40.15 1.95 20.19
C PRO S 146 -39.81 1.53 18.77
N PHE S 147 -38.51 1.54 18.46
CA PHE S 147 -38.04 1.31 17.10
C PHE S 147 -38.33 -0.13 16.67
N GLY S 148 -38.87 -0.28 15.47
CA GLY S 148 -39.19 -1.58 14.93
C GLY S 148 -40.46 -2.21 15.45
N TRP S 149 -41.21 -1.51 16.29
CA TRP S 149 -42.49 -2.02 16.76
C TRP S 149 -43.57 -1.78 15.70
N PRO S 150 -44.63 -2.59 15.69
CA PRO S 150 -45.72 -2.35 14.74
C PRO S 150 -46.37 -0.99 14.97
N SER S 151 -46.76 -0.35 13.89
CA SER S 151 -47.38 0.97 13.96
C SER S 151 -48.66 0.91 14.78
N ASN S 152 -48.73 1.71 15.84
CA ASN S 152 -49.88 1.79 16.73
C ASN S 152 -50.21 0.45 17.37
N GLY S 153 -49.21 -0.43 17.51
CA GLY S 153 -49.45 -1.76 18.03
C GLY S 153 -48.31 -2.35 18.84
N PHE S 154 -48.33 -3.66 19.05
CA PHE S 154 -47.38 -4.33 19.91
C PHE S 154 -46.80 -5.55 19.22
N PRO S 155 -45.56 -5.92 19.54
CA PRO S 155 -45.02 -7.21 19.08
C PRO S 155 -45.55 -8.35 19.93
N GLY S 156 -45.03 -9.56 19.70
CA GLY S 156 -45.45 -10.72 20.45
C GLY S 156 -45.05 -10.65 21.91
N PRO S 157 -45.59 -11.57 22.72
CA PRO S 157 -45.29 -11.55 24.16
C PRO S 157 -43.81 -11.79 24.44
N GLN S 158 -43.35 -11.27 25.57
CA GLN S 158 -41.95 -11.37 25.97
C GLN S 158 -41.54 -12.83 26.14
N GLY S 159 -40.24 -13.06 26.09
CA GLY S 159 -39.68 -14.39 26.26
C GLY S 159 -38.64 -14.79 25.22
N PRO S 160 -38.86 -14.48 23.94
CA PRO S 160 -37.84 -14.79 22.92
C PRO S 160 -36.86 -13.67 22.61
N TYR S 161 -37.03 -12.48 23.18
CA TYR S 161 -36.18 -11.35 22.82
C TYR S 161 -34.91 -11.24 23.64
N TYR S 162 -34.88 -11.82 24.84
CA TYR S 162 -33.71 -11.71 25.70
C TYR S 162 -32.54 -12.47 25.09
N CYS S 163 -31.43 -11.76 24.86
CA CYS S 163 -30.22 -12.33 24.24
C CYS S 163 -30.55 -12.99 22.91
N GLY S 164 -31.49 -12.39 22.16
CA GLY S 164 -31.99 -13.01 20.95
C GLY S 164 -31.15 -12.75 19.72
N VAL S 165 -31.36 -13.58 18.71
CA VAL S 165 -30.73 -13.42 17.40
C VAL S 165 -31.79 -13.68 16.33
N GLY S 166 -31.75 -12.89 15.26
CA GLY S 166 -32.71 -13.03 14.18
C GLY S 166 -33.48 -11.76 13.88
N ALA S 167 -34.00 -11.65 12.66
CA ALA S 167 -34.69 -10.44 12.24
C ALA S 167 -35.96 -10.19 13.06
N ASP S 168 -36.59 -11.25 13.56
CA ASP S 168 -37.82 -11.13 14.33
C ASP S 168 -37.58 -11.10 15.84
N ARG S 169 -36.33 -11.07 16.28
CA ARG S 169 -36.03 -11.14 17.71
C ARG S 169 -35.22 -9.97 18.24
N ALA S 170 -34.32 -9.39 17.43
CA ALA S 170 -33.45 -8.31 17.88
C ALA S 170 -33.61 -7.12 16.94
N TYR S 171 -33.94 -5.96 17.52
CA TYR S 171 -34.14 -4.73 16.77
C TYR S 171 -33.01 -3.76 17.06
N GLY S 172 -32.35 -3.27 16.00
CA GLY S 172 -31.38 -2.20 16.14
C GLY S 172 -29.97 -2.60 16.50
N ARG S 173 -29.55 -3.83 16.18
CA ARG S 173 -28.21 -4.28 16.52
C ARG S 173 -27.11 -3.44 15.86
N ASP S 174 -27.42 -2.77 14.74
CA ASP S 174 -26.42 -1.92 14.10
C ASP S 174 -25.95 -0.80 15.03
N ILE S 175 -26.89 -0.18 15.76
CA ILE S 175 -26.52 0.83 16.74
C ILE S 175 -25.64 0.22 17.83
N VAL S 176 -26.01 -0.96 18.31
CA VAL S 176 -25.27 -1.59 19.41
C VAL S 176 -23.85 -1.93 18.98
N GLU S 177 -23.70 -2.52 17.79
CA GLU S 177 -22.37 -2.87 17.29
C GLU S 177 -21.51 -1.63 17.11
N ALA S 178 -22.09 -0.57 16.54
CA ALA S 178 -21.34 0.67 16.32
C ALA S 178 -20.94 1.32 17.64
N HIS S 179 -21.84 1.33 18.62
CA HIS S 179 -21.53 1.93 19.91
C HIS S 179 -20.40 1.17 20.62
N TYR S 180 -20.42 -0.16 20.51
CA TYR S 180 -19.36 -0.97 21.13
C TYR S 180 -17.99 -0.62 20.55
N ARG S 181 -17.90 -0.50 19.22
CA ARG S 181 -16.62 -0.20 18.59
C ARG S 181 -16.13 1.19 18.94
N ALA S 182 -17.04 2.18 18.96
CA ALA S 182 -16.66 3.55 19.26
C ALA S 182 -16.11 3.68 20.66
N CYS S 183 -16.74 3.03 21.65
CA CYS S 183 -16.26 3.08 23.01
C CYS S 183 -14.86 2.49 23.14
N LEU S 184 -14.62 1.35 22.50
CA LEU S 184 -13.30 0.73 22.55
C LEU S 184 -12.25 1.64 21.93
N TYR S 185 -12.56 2.27 20.80
CA TYR S 185 -11.62 3.20 20.18
C TYR S 185 -11.37 4.40 21.07
N ALA S 186 -12.43 4.94 21.70
CA ALA S 186 -12.29 6.15 22.51
C ALA S 186 -11.52 5.90 23.80
N GLY S 187 -11.41 4.67 24.26
CA GLY S 187 -10.79 4.36 25.52
C GLY S 187 -11.75 4.18 26.67
N VAL S 188 -13.04 4.07 26.41
CA VAL S 188 -14.03 3.80 27.45
C VAL S 188 -14.00 2.32 27.80
N LYS S 189 -13.99 2.02 29.10
CA LYS S 189 -13.87 0.64 29.58
C LYS S 189 -15.23 -0.06 29.52
N ILE S 190 -15.64 -0.39 28.30
CA ILE S 190 -16.87 -1.13 28.08
C ILE S 190 -16.59 -2.63 28.25
N ALA S 191 -17.41 -3.30 29.05
CA ALA S 191 -17.17 -4.69 29.40
C ALA S 191 -18.03 -5.70 28.65
N GLY S 192 -19.15 -5.28 28.06
CA GLY S 192 -19.98 -6.21 27.32
C GLY S 192 -21.34 -5.62 27.06
N THR S 193 -22.11 -6.34 26.24
CA THR S 193 -23.46 -5.94 25.86
C THR S 193 -24.35 -7.18 25.76
N ASN S 194 -25.66 -6.96 25.85
CA ASN S 194 -26.64 -8.01 25.60
C ASN S 194 -28.00 -7.39 25.29
N ALA S 195 -28.80 -8.12 24.52
CA ALA S 195 -30.20 -7.77 24.29
C ALA S 195 -31.04 -8.09 25.51
N GLU S 196 -32.04 -7.26 25.76
CA GLU S 196 -32.85 -7.36 26.98
C GLU S 196 -34.20 -8.00 26.70
N VAL S 197 -35.00 -8.11 27.76
CA VAL S 197 -36.26 -8.86 27.71
C VAL S 197 -37.24 -8.19 26.75
N MET S 198 -37.29 -6.87 26.76
CA MET S 198 -38.17 -6.14 25.85
C MET S 198 -37.49 -5.97 24.49
N PRO S 199 -38.21 -6.23 23.39
CA PRO S 199 -37.62 -5.97 22.07
C PRO S 199 -37.31 -4.48 21.89
N ALA S 200 -36.18 -4.21 21.21
CA ALA S 200 -35.56 -2.90 21.05
C ALA S 200 -34.95 -2.37 22.34
N GLN S 201 -34.87 -3.18 23.39
CA GLN S 201 -34.21 -2.80 24.64
C GLN S 201 -32.87 -3.51 24.74
N TRP S 202 -31.85 -2.77 25.18
CA TRP S 202 -30.47 -3.26 25.19
C TRP S 202 -29.78 -2.86 26.48
N GLU S 203 -28.58 -3.41 26.68
CA GLU S 203 -27.79 -3.15 27.88
C GLU S 203 -26.31 -3.19 27.51
N PHE S 204 -25.53 -2.30 28.11
CA PHE S 204 -24.08 -2.38 28.06
C PHE S 204 -23.51 -2.18 29.44
N GLN S 205 -22.38 -2.83 29.72
CA GLN S 205 -21.73 -2.80 31.02
C GLN S 205 -20.43 -2.02 30.96
N ILE S 206 -20.21 -1.17 31.96
CA ILE S 206 -19.00 -0.37 32.07
C ILE S 206 -18.30 -0.74 33.37
N GLY S 207 -17.01 -1.08 33.28
CA GLY S 207 -16.22 -1.36 34.44
C GLY S 207 -15.33 -2.57 34.29
N PRO S 208 -14.66 -2.98 35.38
CA PRO S 208 -14.64 -2.34 36.71
C PRO S 208 -13.80 -1.06 36.70
N CYS S 209 -14.29 0.01 37.30
CA CYS S 209 -13.64 1.31 37.27
C CYS S 209 -13.26 1.74 38.67
N GLU S 210 -12.10 2.38 38.79
CA GLU S 210 -11.57 2.79 40.09
C GLU S 210 -11.98 4.23 40.40
N GLY S 211 -12.64 4.42 41.54
CA GLY S 211 -12.87 5.75 42.09
C GLY S 211 -13.73 6.64 41.22
N ILE S 212 -13.24 7.86 41.00
CA ILE S 212 -14.02 8.87 40.28
C ILE S 212 -14.14 8.54 38.80
N SER S 213 -13.27 7.66 38.29
CA SER S 213 -13.29 7.35 36.86
C SER S 213 -14.54 6.60 36.44
N MET S 214 -15.30 6.04 37.39
CA MET S 214 -16.54 5.36 37.04
C MET S 214 -17.54 6.35 36.45
N GLY S 215 -17.74 7.49 37.10
CA GLY S 215 -18.66 8.49 36.60
C GLY S 215 -18.22 9.07 35.27
N ASP S 216 -16.91 9.30 35.11
CA ASP S 216 -16.40 9.85 33.87
C ASP S 216 -16.63 8.91 32.69
N HIS S 217 -16.38 7.61 32.88
CA HIS S 217 -16.53 6.66 31.79
C HIS S 217 -17.99 6.45 31.39
N LEU S 218 -18.91 6.44 32.36
CA LEU S 218 -20.32 6.22 32.04
C LEU S 218 -20.92 7.41 31.31
N TRP S 219 -20.60 8.63 31.73
CA TRP S 219 -21.14 9.82 31.08
C TRP S 219 -20.66 9.93 29.64
N VAL S 220 -19.39 9.62 29.40
CA VAL S 220 -18.86 9.65 28.05
C VAL S 220 -19.48 8.53 27.20
N ALA S 221 -19.71 7.37 27.81
CA ALA S 221 -20.39 6.28 27.12
C ALA S 221 -21.81 6.67 26.74
N ARG S 222 -22.50 7.38 27.64
CA ARG S 222 -23.84 7.89 27.34
C ARG S 222 -23.79 8.88 26.18
N PHE S 223 -22.81 9.78 26.18
CA PHE S 223 -22.68 10.74 25.09
C PHE S 223 -22.42 10.06 23.76
N ILE S 224 -21.55 9.05 23.76
CA ILE S 224 -21.23 8.33 22.52
C ILE S 224 -22.47 7.63 21.98
N LEU S 225 -23.30 7.09 22.87
CA LEU S 225 -24.53 6.42 22.44
C LEU S 225 -25.49 7.41 21.79
N HIS S 226 -25.67 8.58 22.40
CA HIS S 226 -26.58 9.58 21.83
C HIS S 226 -26.09 10.04 20.46
N ARG S 227 -24.78 10.25 20.33
CA ARG S 227 -24.21 10.72 19.07
C ARG S 227 -24.29 9.66 17.99
N VAL S 228 -24.07 8.39 18.36
CA VAL S 228 -24.20 7.30 17.39
C VAL S 228 -25.65 7.16 16.93
N CYS S 229 -26.59 7.21 17.87
CA CYS S 229 -28.01 7.11 17.52
C CYS S 229 -28.43 8.28 16.63
N GLU S 230 -27.81 9.44 16.80
CA GLU S 230 -28.12 10.58 15.93
C GLU S 230 -27.76 10.30 14.48
N ASP S 231 -26.68 9.57 14.23
CA ASP S 231 -26.30 9.23 12.87
C ASP S 231 -27.36 8.35 12.20
N PHE S 232 -27.89 7.36 12.92
CA PHE S 232 -28.91 6.48 12.38
C PHE S 232 -30.30 7.08 12.40
N GLY S 233 -30.50 8.19 13.12
CA GLY S 233 -31.79 8.84 13.16
C GLY S 233 -32.76 8.35 14.21
N VAL S 234 -32.30 7.62 15.22
CA VAL S 234 -33.15 7.11 16.28
C VAL S 234 -32.79 7.80 17.59
N ILE S 235 -33.66 7.62 18.60
CA ILE S 235 -33.49 8.21 19.91
C ILE S 235 -33.28 7.09 20.93
N ALA S 236 -32.25 7.24 21.76
CA ALA S 236 -32.03 6.37 22.90
C ALA S 236 -32.58 7.03 24.16
N THR S 237 -33.41 6.32 24.89
CA THR S 237 -34.03 6.85 26.11
C THR S 237 -33.60 6.02 27.32
N PHE S 238 -33.30 6.72 28.42
CA PHE S 238 -32.95 6.10 29.69
C PHE S 238 -34.11 6.15 30.69
N ASP S 239 -35.34 6.31 30.22
CA ASP S 239 -36.49 6.38 31.11
C ASP S 239 -36.69 5.03 31.80
N PRO S 240 -36.93 5.01 33.12
CA PRO S 240 -37.06 3.72 33.82
C PRO S 240 -38.20 2.84 33.32
N LYS S 241 -39.32 3.42 32.90
CA LYS S 241 -40.48 2.67 32.42
C LYS S 241 -40.99 3.28 31.13
N PRO S 242 -40.31 3.03 30.01
CA PRO S 242 -40.73 3.63 28.74
C PRO S 242 -42.13 3.22 28.28
N ILE S 243 -42.55 1.98 28.55
CA ILE S 243 -43.83 1.47 28.10
C ILE S 243 -44.61 0.98 29.31
N PRO S 244 -45.84 1.43 29.52
CA PRO S 244 -46.61 0.95 30.68
C PRO S 244 -47.10 -0.48 30.49
N GLY S 245 -47.38 -1.12 31.62
CA GLY S 245 -47.99 -2.44 31.60
C GLY S 245 -47.01 -3.58 31.76
N ASN S 246 -47.21 -4.64 30.97
CA ASN S 246 -46.41 -5.87 31.08
C ASN S 246 -45.19 -5.84 30.16
N TRP S 247 -44.39 -4.78 30.27
CA TRP S 247 -43.15 -4.66 29.51
C TRP S 247 -42.05 -4.23 30.47
N ASN S 248 -40.90 -4.89 30.38
CA ASN S 248 -39.84 -4.70 31.36
C ASN S 248 -39.30 -3.27 31.34
N GLY S 249 -38.90 -2.79 32.51
CA GLY S 249 -38.31 -1.47 32.66
C GLY S 249 -36.81 -1.48 32.47
N ALA S 250 -36.20 -0.35 32.81
CA ALA S 250 -34.78 -0.15 32.61
C ALA S 250 -34.13 0.27 33.94
N GLY S 251 -33.03 -0.38 34.29
CA GLY S 251 -32.30 -0.07 35.50
C GLY S 251 -30.84 0.19 35.23
N CYS S 252 -30.12 0.52 36.31
CA CYS S 252 -28.70 0.85 36.27
C CYS S 252 -27.95 0.16 37.41
N HIS S 253 -28.12 -1.16 37.52
CA HIS S 253 -27.47 -1.96 38.56
C HIS S 253 -26.01 -1.59 38.74
N THR S 254 -25.60 -1.39 39.99
CA THR S 254 -24.26 -0.93 40.33
C THR S 254 -23.56 -1.98 41.18
N ASN S 255 -22.39 -2.41 40.73
CA ASN S 255 -21.57 -3.38 41.45
C ASN S 255 -20.46 -2.67 42.20
N PHE S 256 -20.17 -3.13 43.42
CA PHE S 256 -19.28 -2.44 44.33
C PHE S 256 -18.34 -3.43 45.00
N SER S 257 -17.07 -3.03 45.14
CA SER S 257 -16.08 -3.84 45.82
C SER S 257 -14.92 -2.97 46.27
N THR S 258 -14.30 -3.37 47.38
CA THR S 258 -13.08 -2.75 47.88
C THR S 258 -11.94 -3.76 47.85
N LYS S 259 -10.73 -3.29 48.19
CA LYS S 259 -9.57 -4.17 48.21
C LYS S 259 -9.76 -5.29 49.24
N ALA S 260 -10.32 -4.97 50.40
CA ALA S 260 -10.55 -5.99 51.43
C ALA S 260 -11.57 -7.00 50.97
N MET S 261 -12.62 -6.56 50.27
CA MET S 261 -13.65 -7.50 49.79
C MET S 261 -13.11 -8.45 48.74
N ARG S 262 -12.09 -8.05 47.98
CA ARG S 262 -11.57 -8.88 46.91
C ARG S 262 -10.57 -9.92 47.37
N GLU S 263 -10.07 -9.83 48.60
CA GLU S 263 -9.14 -10.82 49.12
C GLU S 263 -9.88 -12.00 49.74
N GLU S 264 -9.09 -13.02 50.11
CA GLU S 264 -9.67 -14.24 50.67
C GLU S 264 -10.45 -13.93 51.94
N ASN S 265 -11.59 -14.61 52.10
CA ASN S 265 -12.53 -14.36 53.18
C ASN S 265 -13.04 -12.92 53.19
N GLY S 266 -13.13 -12.32 51.99
CA GLY S 266 -13.69 -10.99 51.85
C GLY S 266 -15.19 -10.93 51.95
N LEU S 267 -15.87 -12.08 51.98
CA LEU S 267 -17.31 -12.10 52.15
C LEU S 267 -17.73 -11.49 53.47
N LYS S 268 -16.86 -11.54 54.48
CA LYS S 268 -17.17 -10.92 55.78
C LYS S 268 -17.36 -9.42 55.64
N TYR S 269 -16.49 -8.76 54.87
CA TYR S 269 -16.63 -7.32 54.66
C TYR S 269 -17.79 -6.99 53.74
N ILE S 270 -18.16 -7.92 52.86
CA ILE S 270 -19.34 -7.73 52.03
C ILE S 270 -20.60 -7.70 52.90
N GLU S 271 -20.68 -8.64 53.85
CA GLU S 271 -21.84 -8.69 54.74
C GLU S 271 -21.91 -7.46 55.63
N GLU S 272 -20.75 -6.90 55.99
CA GLU S 272 -20.73 -5.70 56.82
C GLU S 272 -21.32 -4.50 56.08
N ALA S 273 -20.94 -4.34 54.81
CA ALA S 273 -21.45 -3.20 54.02
C ALA S 273 -22.96 -3.33 53.80
N ILE S 274 -23.44 -4.54 53.55
CA ILE S 274 -24.87 -4.74 53.29
C ILE S 274 -25.68 -4.42 54.54
N GLU S 275 -25.14 -4.75 55.72
CA GLU S 275 -25.81 -4.41 56.97
C GLU S 275 -25.96 -2.90 57.12
N LYS S 276 -24.90 -2.15 56.80
CA LYS S 276 -24.97 -0.69 56.87
C LYS S 276 -25.97 -0.14 55.86
N LEU S 277 -26.04 -0.75 54.67
CA LEU S 277 -26.97 -0.29 53.65
C LEU S 277 -28.42 -0.55 54.06
N SER S 278 -28.67 -1.55 54.89
CA SER S 278 -30.03 -1.88 55.29
C SER S 278 -30.67 -0.81 56.16
N LYS S 279 -29.87 0.08 56.74
CA LYS S 279 -30.37 1.11 57.65
C LYS S 279 -30.60 2.46 56.96
N ARG S 280 -30.27 2.57 55.67
CA ARG S 280 -30.33 3.84 54.96
C ARG S 280 -31.04 3.67 53.61
N HIS S 281 -32.15 2.93 53.62
CA HIS S 281 -32.86 2.64 52.37
C HIS S 281 -33.41 3.92 51.74
N GLN S 282 -34.04 4.77 52.55
CA GLN S 282 -34.65 5.98 52.00
C GLN S 282 -33.60 6.98 51.51
N TYR S 283 -32.46 7.03 52.19
CA TYR S 283 -31.40 7.93 51.77
C TYR S 283 -30.87 7.55 50.39
N HIS S 284 -30.72 6.26 50.13
CA HIS S 284 -30.21 5.83 48.84
C HIS S 284 -31.26 5.96 47.74
N ILE S 285 -32.54 5.79 48.09
CA ILE S 285 -33.61 5.97 47.10
C ILE S 285 -33.61 7.39 46.56
N ARG S 286 -33.47 8.37 47.46
CA ARG S 286 -33.42 9.77 47.04
C ARG S 286 -32.18 10.05 46.18
N ALA S 287 -31.05 9.45 46.53
CA ALA S 287 -29.81 9.69 45.80
C ALA S 287 -29.73 8.94 44.48
N TYR S 288 -30.53 7.89 44.30
CA TYR S 288 -30.48 7.07 43.10
C TYR S 288 -31.43 7.57 42.01
N ASP S 289 -31.83 8.84 42.06
CA ASP S 289 -32.78 9.36 41.10
C ASP S 289 -32.57 10.85 40.93
N PRO S 290 -32.66 11.37 39.70
CA PRO S 290 -32.58 12.82 39.51
C PRO S 290 -33.82 13.56 40.01
N LYS S 291 -34.88 12.85 40.38
CA LYS S 291 -36.10 13.48 40.89
C LYS S 291 -36.41 13.08 42.33
N GLY S 292 -35.46 12.48 43.03
CA GLY S 292 -35.67 12.09 44.42
C GLY S 292 -36.39 10.78 44.63
N GLY S 293 -36.63 10.01 43.57
CA GLY S 293 -37.26 8.70 43.69
C GLY S 293 -38.56 8.54 42.95
N LEU S 294 -39.14 9.61 42.41
CA LEU S 294 -40.42 9.49 41.72
C LEU S 294 -40.28 8.69 40.42
N ASP S 295 -39.18 8.88 39.69
CA ASP S 295 -38.98 8.15 38.46
C ASP S 295 -38.89 6.65 38.71
N ASN S 296 -38.14 6.24 39.74
CA ASN S 296 -37.97 4.83 40.05
C ASN S 296 -39.25 4.17 40.56
N ALA S 297 -40.26 4.95 40.97
CA ALA S 297 -41.49 4.36 41.48
C ALA S 297 -42.29 3.68 40.37
N ARG S 298 -42.18 4.16 39.13
CA ARG S 298 -42.89 3.53 38.02
C ARG S 298 -42.28 2.20 37.62
N ARG S 299 -41.05 1.91 38.05
CA ARG S 299 -40.36 0.68 37.68
C ARG S 299 -40.30 -0.33 38.82
N LEU S 300 -39.96 0.11 40.04
CA LEU S 300 -39.77 -0.81 41.16
C LEU S 300 -41.11 -1.06 41.83
N THR S 301 -41.89 -1.94 41.21
CA THR S 301 -43.20 -2.32 41.71
C THR S 301 -43.21 -3.70 42.38
N GLY S 302 -42.07 -4.38 42.42
CA GLY S 302 -42.03 -5.73 42.97
C GLY S 302 -42.41 -6.82 42.00
N PHE S 303 -42.56 -6.50 40.71
CA PHE S 303 -42.91 -7.47 39.70
C PHE S 303 -41.90 -7.43 38.56
N HIS S 304 -41.91 -8.48 37.74
CA HIS S 304 -41.00 -8.61 36.60
C HIS S 304 -39.53 -8.53 37.05
N GLU S 305 -39.21 -9.34 38.07
CA GLU S 305 -37.84 -9.48 38.58
C GLU S 305 -37.31 -8.13 39.10
N THR S 306 -38.13 -7.46 39.90
CA THR S 306 -37.74 -6.22 40.56
C THR S 306 -38.15 -6.27 42.04
N SER S 307 -37.46 -5.46 42.83
CA SER S 307 -37.80 -5.33 44.24
C SER S 307 -38.75 -4.15 44.43
N ASN S 308 -39.46 -4.15 45.56
CA ASN S 308 -40.38 -3.08 45.88
C ASN S 308 -39.62 -1.80 46.23
N ILE S 309 -40.22 -0.66 45.89
CA ILE S 309 -39.56 0.63 46.08
C ILE S 309 -39.39 0.94 47.56
N ASN S 310 -40.33 0.53 48.41
CA ASN S 310 -40.39 0.98 49.80
C ASN S 310 -40.10 -0.14 50.80
N ASP S 311 -39.16 -1.03 50.47
CA ASP S 311 -38.66 -1.99 51.45
C ASP S 311 -37.30 -2.48 51.00
N PHE S 312 -36.49 -2.91 51.97
CA PHE S 312 -35.13 -3.37 51.74
C PHE S 312 -35.05 -4.88 51.93
N SER S 313 -34.36 -5.55 51.00
CA SER S 313 -34.13 -6.97 51.10
C SER S 313 -32.75 -7.29 50.51
N ALA S 314 -32.17 -8.39 50.99
CA ALA S 314 -30.86 -8.82 50.52
C ALA S 314 -30.77 -10.33 50.63
N GLY S 315 -30.01 -10.94 49.72
CA GLY S 315 -29.83 -12.37 49.74
C GLY S 315 -28.81 -12.80 48.72
N VAL S 316 -28.36 -14.04 48.87
CA VAL S 316 -27.41 -14.63 47.93
C VAL S 316 -28.17 -15.21 46.76
N ALA S 317 -27.77 -14.82 45.55
CA ALA S 317 -28.38 -15.31 44.30
C ALA S 317 -29.87 -15.01 44.23
N ASN S 318 -30.25 -13.83 44.75
CA ASN S 318 -31.65 -13.39 44.73
C ASN S 318 -31.75 -12.17 43.81
N ARG S 319 -32.39 -12.35 42.66
CA ARG S 319 -32.58 -11.29 41.69
C ARG S 319 -33.84 -10.46 41.95
N SER S 320 -34.64 -10.84 42.95
CA SER S 320 -35.81 -10.08 43.34
C SER S 320 -35.56 -9.15 44.52
N ALA S 321 -34.34 -9.10 45.03
CA ALA S 321 -34.00 -8.31 46.21
C ALA S 321 -33.30 -7.02 45.81
N SER S 322 -33.21 -6.10 46.77
CA SER S 322 -32.50 -4.84 46.54
C SER S 322 -31.01 -5.08 46.30
N ILE S 323 -30.41 -5.96 47.09
CA ILE S 323 -28.98 -6.28 46.99
C ILE S 323 -28.84 -7.77 46.72
N ARG S 324 -28.03 -8.12 45.72
CA ARG S 324 -27.81 -9.51 45.34
C ARG S 324 -26.33 -9.84 45.45
N ILE S 325 -26.02 -10.91 46.17
CA ILE S 325 -24.68 -11.49 46.23
C ILE S 325 -24.63 -12.62 45.21
N PRO S 326 -23.76 -12.55 44.20
CA PRO S 326 -23.67 -13.65 43.23
C PRO S 326 -23.29 -14.97 43.90
N ARG S 327 -23.85 -16.06 43.36
CA ARG S 327 -23.60 -17.37 43.96
C ARG S 327 -22.12 -17.72 43.92
N THR S 328 -21.41 -17.34 42.86
CA THR S 328 -19.98 -17.61 42.79
C THR S 328 -19.23 -16.84 43.87
N VAL S 329 -19.63 -15.60 44.14
CA VAL S 329 -18.98 -14.82 45.19
C VAL S 329 -19.17 -15.48 46.54
N GLY S 330 -20.40 -15.92 46.83
CA GLY S 330 -20.65 -16.62 48.08
C GLY S 330 -19.91 -17.94 48.18
N GLN S 331 -19.72 -18.63 47.04
CA GLN S 331 -19.03 -19.91 47.06
C GLN S 331 -17.53 -19.74 47.28
N GLU S 332 -16.93 -18.73 46.65
CA GLU S 332 -15.52 -18.46 46.81
C GLU S 332 -15.20 -17.58 48.01
N LYS S 333 -16.22 -17.10 48.72
CA LYS S 333 -16.06 -16.29 49.93
C LYS S 333 -15.33 -14.98 49.66
N LYS S 334 -15.42 -14.47 48.43
CA LYS S 334 -14.78 -13.20 48.10
C LYS S 334 -15.41 -12.66 46.82
N GLY S 335 -15.18 -11.37 46.57
CA GLY S 335 -15.67 -10.75 45.35
C GLY S 335 -16.33 -9.39 45.55
N TYR S 336 -17.60 -9.30 45.17
CA TYR S 336 -18.32 -8.03 45.11
C TYR S 336 -19.79 -8.28 45.39
N PHE S 337 -20.58 -7.21 45.32
CA PHE S 337 -22.03 -7.32 45.46
C PHE S 337 -22.69 -6.28 44.57
N GLU S 338 -23.99 -6.48 44.32
CA GLU S 338 -24.73 -5.71 43.33
C GLU S 338 -25.89 -4.97 43.97
N ASP S 339 -25.98 -3.67 43.70
CA ASP S 339 -27.10 -2.84 44.11
C ASP S 339 -28.04 -2.67 42.92
N ARG S 340 -29.25 -3.21 43.02
CA ARG S 340 -30.19 -3.27 41.91
C ARG S 340 -31.24 -2.16 41.96
N ARG S 341 -31.12 -1.23 42.88
CA ARG S 341 -32.08 -0.14 43.08
C ARG S 341 -31.95 1.04 42.10
N PRO S 342 -30.75 1.47 41.69
CA PRO S 342 -30.66 2.68 40.86
C PRO S 342 -31.43 2.56 39.55
N SER S 343 -32.07 3.66 39.16
CA SER S 343 -32.81 3.76 37.92
C SER S 343 -31.87 4.03 36.75
N ALA S 344 -32.38 3.80 35.53
CA ALA S 344 -31.55 3.91 34.34
C ALA S 344 -31.09 5.33 34.05
N ASN S 345 -31.76 6.35 34.62
CA ASN S 345 -31.38 7.74 34.40
C ASN S 345 -30.64 8.33 35.59
N CYS S 346 -30.03 7.50 36.43
CA CYS S 346 -29.32 7.97 37.60
C CYS S 346 -28.03 8.69 37.20
N ASP S 347 -27.58 9.58 38.08
CA ASP S 347 -26.27 10.22 37.94
C ASP S 347 -25.22 9.34 38.61
N PRO S 348 -24.22 8.84 37.87
CA PRO S 348 -23.22 7.96 38.50
C PRO S 348 -22.44 8.62 39.63
N PHE S 349 -22.17 9.92 39.54
CA PHE S 349 -21.45 10.60 40.62
C PHE S 349 -22.25 10.56 41.92
N SER S 350 -23.57 10.74 41.83
CA SER S 350 -24.41 10.69 43.01
C SER S 350 -24.51 9.28 43.57
N VAL S 351 -24.56 8.28 42.69
CA VAL S 351 -24.72 6.89 43.13
C VAL S 351 -23.45 6.40 43.83
N THR S 352 -22.29 6.68 43.23
CA THR S 352 -21.04 6.17 43.80
C THR S 352 -20.69 6.88 45.11
N GLU S 353 -21.00 8.17 45.21
CA GLU S 353 -20.72 8.91 46.44
C GLU S 353 -21.53 8.35 47.61
N ALA S 354 -22.80 8.00 47.37
CA ALA S 354 -23.64 7.47 48.44
C ALA S 354 -23.10 6.14 48.96
N LEU S 355 -22.62 5.28 48.06
CA LEU S 355 -22.10 3.98 48.49
C LEU S 355 -20.87 4.15 49.37
N ILE S 356 -19.98 5.07 49.02
CA ILE S 356 -18.78 5.31 49.82
C ILE S 356 -19.15 5.87 51.18
N ARG S 357 -20.10 6.81 51.21
CA ARG S 357 -20.47 7.46 52.47
C ARG S 357 -21.08 6.47 53.45
N THR S 358 -21.97 5.60 52.97
CA THR S 358 -22.65 4.67 53.86
C THR S 358 -21.73 3.53 54.28
N CYS S 359 -20.96 2.97 53.36
CA CYS S 359 -20.22 1.75 53.61
C CYS S 359 -18.81 1.99 54.13
N LEU S 360 -18.14 3.07 53.70
CA LEU S 360 -16.74 3.28 54.06
C LEU S 360 -16.52 4.40 55.06
N LEU S 361 -17.43 5.37 55.16
CA LEU S 361 -17.28 6.48 56.09
C LEU S 361 -18.27 6.43 57.24
N ASN S 362 -19.12 5.40 57.30
CA ASN S 362 -20.03 5.18 58.43
C ASN S 362 -20.93 6.39 58.70
N GLU S 363 -21.42 7.00 57.63
CA GLU S 363 -22.31 8.14 57.78
C GLU S 363 -23.70 7.69 58.19
N THR S 364 -24.38 8.55 58.94
CA THR S 364 -25.72 8.27 59.44
C THR S 364 -26.58 9.51 59.27
N GLY S 365 -27.90 9.32 59.37
CA GLY S 365 -28.83 10.40 59.17
C GLY S 365 -29.24 10.56 57.72
N ASP S 366 -30.07 11.58 57.49
CA ASP S 366 -30.63 11.85 56.17
C ASP S 366 -29.92 12.97 55.43
N GLU S 367 -28.84 13.51 55.99
CA GLU S 367 -28.02 14.51 55.32
C GLU S 367 -26.57 14.03 55.25
N PRO S 368 -25.86 14.39 54.18
CA PRO S 368 -24.43 14.08 54.12
C PRO S 368 -23.64 14.94 55.09
N PHE S 369 -22.53 14.38 55.58
CA PHE S 369 -21.64 15.12 56.46
C PHE S 369 -20.98 16.25 55.68
N GLN S 370 -21.16 17.49 56.15
CA GLN S 370 -20.75 18.65 55.37
C GLN S 370 -19.24 18.74 55.23
N TYR S 371 -18.50 18.46 56.30
CA TYR S 371 -17.05 18.49 56.23
C TYR S 371 -16.58 17.21 55.53
N LYS S 372 -15.27 16.95 55.55
CA LYS S 372 -14.75 15.74 54.94
C LYS S 372 -15.51 14.51 55.43
N ASN S 373 -15.43 14.25 56.74
CA ASN S 373 -16.16 13.18 57.46
C ASN S 373 -16.92 12.17 56.60
N THR T 2 -38.49 18.39 0.05
CA THR T 2 -37.73 19.16 1.01
C THR T 2 -36.31 19.43 0.51
N THR T 3 -35.75 18.48 -0.24
CA THR T 3 -34.42 18.64 -0.81
C THR T 3 -34.51 18.68 -2.33
N SER T 4 -33.45 19.21 -2.95
CA SER T 4 -33.45 19.47 -4.38
C SER T 4 -33.38 18.16 -5.17
N ALA T 5 -33.80 18.25 -6.43
CA ALA T 5 -33.72 17.10 -7.34
C ALA T 5 -32.28 16.72 -7.63
N SER T 6 -31.36 17.69 -7.65
CA SER T 6 -29.95 17.39 -7.90
C SER T 6 -29.36 16.50 -6.81
N SER T 7 -29.85 16.61 -5.58
CA SER T 7 -29.32 15.82 -4.48
C SER T 7 -29.82 14.38 -4.49
N HIS T 8 -30.82 14.06 -5.31
CA HIS T 8 -31.30 12.69 -5.45
C HIS T 8 -30.58 11.91 -6.54
N LEU T 9 -29.67 12.54 -7.28
CA LEU T 9 -28.85 11.82 -8.23
C LEU T 9 -27.89 10.88 -7.50
N ASN T 10 -27.41 9.87 -8.22
CA ASN T 10 -26.55 8.84 -7.63
C ASN T 10 -25.16 9.43 -7.39
N LYS T 11 -24.84 9.70 -6.13
CA LYS T 11 -23.56 10.28 -5.79
C LYS T 11 -22.41 9.28 -5.93
N GLY T 12 -22.69 7.99 -5.87
CA GLY T 12 -21.66 7.00 -6.10
C GLY T 12 -21.07 7.09 -7.50
N ILE T 13 -21.91 7.41 -8.49
CA ILE T 13 -21.43 7.58 -9.86
C ILE T 13 -20.44 8.74 -9.94
N LYS T 14 -20.77 9.86 -9.29
CA LYS T 14 -19.89 11.02 -9.32
C LYS T 14 -18.53 10.69 -8.74
N GLN T 15 -18.50 9.97 -7.62
CA GLN T 15 -17.23 9.66 -6.96
C GLN T 15 -16.34 8.77 -7.81
N VAL T 16 -16.93 7.93 -8.66
CA VAL T 16 -16.13 7.13 -9.58
C VAL T 16 -15.36 8.03 -10.54
N TYR T 17 -16.02 9.07 -11.06
CA TYR T 17 -15.36 9.96 -12.00
C TYR T 17 -14.28 10.81 -11.32
N MET T 18 -14.55 11.27 -10.10
CA MET T 18 -13.56 12.06 -9.36
C MET T 18 -12.38 11.23 -8.88
N SER T 19 -12.45 9.90 -8.99
CA SER T 19 -11.30 9.05 -8.69
C SER T 19 -10.31 8.96 -9.84
N LEU T 20 -10.65 9.49 -11.01
CA LEU T 20 -9.73 9.47 -12.14
C LEU T 20 -8.57 10.44 -11.89
N PRO T 21 -7.32 10.01 -12.07
CA PRO T 21 -6.20 10.95 -11.97
C PRO T 21 -6.25 11.95 -13.13
N GLN T 22 -6.23 13.24 -12.78
CA GLN T 22 -6.49 14.27 -13.78
C GLN T 22 -5.29 14.60 -14.65
N GLY T 23 -4.09 14.18 -14.26
CA GLY T 23 -2.92 14.44 -15.07
C GLY T 23 -2.21 15.74 -14.75
N GLU T 24 -1.76 16.44 -15.79
CA GLU T 24 -0.89 17.59 -15.63
C GLU T 24 -1.64 18.91 -15.47
N LYS T 25 -2.84 19.03 -16.03
CA LYS T 25 -3.58 20.29 -15.96
C LYS T 25 -4.16 20.50 -14.56
N VAL T 26 -4.47 21.76 -14.27
CA VAL T 26 -4.96 22.20 -12.96
C VAL T 26 -6.22 23.04 -13.15
N GLN T 27 -7.20 22.84 -12.28
CA GLN T 27 -8.43 23.62 -12.28
C GLN T 27 -8.35 24.73 -11.25
N ALA T 28 -8.82 25.92 -11.64
CA ALA T 28 -8.89 27.07 -10.76
C ALA T 28 -10.29 27.65 -10.84
N MET T 29 -10.94 27.82 -9.68
CA MET T 29 -12.28 28.36 -9.60
C MET T 29 -12.22 29.79 -9.09
N TYR T 30 -12.72 30.73 -9.88
CA TYR T 30 -12.72 32.15 -9.54
C TYR T 30 -14.04 32.51 -8.87
N ILE T 31 -13.96 33.19 -7.72
CA ILE T 31 -15.13 33.53 -6.92
C ILE T 31 -15.17 35.03 -6.70
N TRP T 32 -16.35 35.63 -6.85
CA TRP T 32 -16.51 37.07 -6.67
C TRP T 32 -17.90 37.38 -6.15
N ILE T 33 -18.06 38.61 -5.64
CA ILE T 33 -19.32 39.09 -5.08
C ILE T 33 -20.07 39.85 -6.16
N ASP T 34 -21.38 39.61 -6.25
CA ASP T 34 -22.19 40.16 -7.33
C ASP T 34 -22.85 41.49 -6.90
N GLY T 35 -23.78 41.98 -7.72
CA GLY T 35 -24.34 43.32 -7.58
C GLY T 35 -25.26 43.53 -6.41
N THR T 36 -25.72 42.46 -5.76
CA THR T 36 -26.55 42.62 -4.58
C THR T 36 -25.74 42.83 -3.31
N GLY T 37 -24.42 42.64 -3.36
CA GLY T 37 -23.58 42.75 -2.19
C GLY T 37 -23.68 41.59 -1.22
N GLU T 38 -24.49 40.58 -1.53
CA GLU T 38 -24.70 39.44 -0.66
C GLU T 38 -24.40 38.11 -1.30
N GLY T 39 -24.64 37.96 -2.60
CA GLY T 39 -24.44 36.69 -3.27
C GLY T 39 -23.06 36.53 -3.87
N LEU T 40 -22.68 35.28 -4.07
CA LEU T 40 -21.40 34.92 -4.65
C LEU T 40 -21.60 34.29 -6.02
N ARG T 41 -20.59 34.40 -6.87
CA ARG T 41 -20.58 33.79 -8.19
C ARG T 41 -19.25 33.08 -8.38
N CYS T 42 -19.25 32.05 -9.23
CA CYS T 42 -18.07 31.22 -9.43
C CYS T 42 -17.99 30.75 -10.87
N LYS T 43 -16.77 30.39 -11.29
CA LYS T 43 -16.47 30.07 -12.68
C LYS T 43 -15.08 29.43 -12.72
N THR T 44 -14.92 28.42 -13.56
CA THR T 44 -13.72 27.57 -13.57
C THR T 44 -12.96 27.68 -14.88
N ARG T 45 -11.64 27.77 -14.79
CA ARG T 45 -10.74 27.73 -15.95
C ARG T 45 -9.64 26.71 -15.71
N THR T 46 -9.05 26.24 -16.80
CA THR T 46 -7.95 25.28 -16.77
C THR T 46 -6.62 26.02 -16.89
N LEU T 47 -5.66 25.65 -16.03
CA LEU T 47 -4.32 26.19 -16.06
C LEU T 47 -3.33 25.10 -16.46
N ASP T 48 -2.20 25.53 -17.04
CA ASP T 48 -1.20 24.58 -17.52
C ASP T 48 -0.38 23.99 -16.38
N SER T 49 -0.20 24.71 -15.29
CA SER T 49 0.63 24.25 -14.19
C SER T 49 0.05 24.76 -12.87
N GLU T 50 0.46 24.13 -11.78
CA GLU T 50 -0.03 24.52 -10.47
C GLU T 50 0.54 25.88 -10.06
N PRO T 51 -0.29 26.84 -9.68
CA PRO T 51 0.24 28.13 -9.22
C PRO T 51 0.69 28.05 -7.76
N LYS T 52 1.86 28.63 -7.50
CA LYS T 52 2.41 28.61 -6.15
C LYS T 52 1.91 29.76 -5.29
N CYS T 53 1.71 30.93 -5.89
CA CYS T 53 1.24 32.10 -5.17
C CYS T 53 0.14 32.79 -5.98
N VAL T 54 -0.63 33.64 -5.30
CA VAL T 54 -1.75 34.33 -5.94
C VAL T 54 -1.28 35.28 -7.04
N GLU T 55 -0.03 35.75 -6.97
CA GLU T 55 0.45 36.75 -7.92
C GLU T 55 0.62 36.21 -9.33
N GLU T 56 0.74 34.90 -9.51
CA GLU T 56 0.93 34.32 -10.83
C GLU T 56 -0.35 33.80 -11.46
N LEU T 57 -1.51 34.13 -10.88
CA LEU T 57 -2.77 33.81 -11.53
C LEU T 57 -3.16 34.93 -12.49
N PRO T 58 -3.65 34.60 -13.68
CA PRO T 58 -4.03 35.64 -14.65
C PRO T 58 -5.36 36.30 -14.31
N GLU T 59 -5.51 37.53 -14.80
CA GLU T 59 -6.79 38.22 -14.71
C GLU T 59 -7.81 37.56 -15.63
N TRP T 60 -9.08 37.76 -15.31
CA TRP T 60 -10.18 37.18 -16.08
C TRP T 60 -11.27 38.23 -16.23
N ASN T 61 -12.41 37.82 -16.76
CA ASN T 61 -13.51 38.74 -17.03
C ASN T 61 -14.82 37.96 -17.06
N PHE T 62 -15.93 38.70 -17.00
CA PHE T 62 -17.26 38.11 -17.09
C PHE T 62 -18.23 39.17 -17.61
N ASP T 63 -19.40 38.70 -18.02
CA ASP T 63 -20.45 39.58 -18.54
C ASP T 63 -21.24 40.14 -17.36
N GLY T 64 -21.11 41.44 -17.14
CA GLY T 64 -21.76 42.08 -16.00
C GLY T 64 -23.24 42.32 -16.15
N SER T 65 -23.78 42.21 -17.37
CA SER T 65 -25.22 42.37 -17.55
C SER T 65 -26.00 41.17 -17.04
N SER T 66 -25.35 40.03 -16.85
CA SER T 66 -25.98 38.85 -16.27
C SER T 66 -25.89 38.81 -14.75
N THR T 67 -25.22 39.78 -14.14
CA THR T 67 -25.10 39.85 -12.69
C THR T 67 -25.60 41.16 -12.12
N LEU T 68 -26.30 41.97 -12.93
CA LEU T 68 -26.82 43.27 -12.51
C LEU T 68 -25.72 44.18 -11.97
N GLN T 69 -24.59 44.20 -12.67
CA GLN T 69 -23.44 45.01 -12.26
C GLN T 69 -22.98 46.00 -13.31
N SER T 70 -23.53 45.97 -14.52
CA SER T 70 -23.11 46.88 -15.57
C SER T 70 -24.26 47.14 -16.52
N GLU T 71 -24.17 48.24 -17.25
CA GLU T 71 -25.21 48.65 -18.18
C GLU T 71 -25.08 47.89 -19.50
N GLY T 72 -25.81 48.34 -20.51
CA GLY T 72 -25.91 47.62 -21.77
C GLY T 72 -24.67 47.61 -22.64
N SER T 73 -24.21 48.78 -23.06
CA SER T 73 -23.14 48.85 -24.06
C SER T 73 -21.82 48.32 -23.50
N ASN T 74 -21.30 48.97 -22.45
CA ASN T 74 -20.04 48.56 -21.84
C ASN T 74 -20.38 47.68 -20.63
N SER T 75 -20.57 46.38 -20.90
CA SER T 75 -21.00 45.45 -19.87
C SER T 75 -19.89 44.55 -19.36
N ASP T 76 -18.73 44.53 -20.00
CA ASP T 76 -17.64 43.65 -19.56
C ASP T 76 -17.07 44.12 -18.22
N MET T 77 -16.90 43.18 -17.30
CA MET T 77 -16.25 43.42 -16.01
C MET T 77 -14.98 42.60 -15.93
N TYR T 78 -14.11 42.93 -14.99
CA TYR T 78 -12.81 42.31 -14.87
C TYR T 78 -12.59 41.74 -13.47
N LEU T 79 -11.95 40.59 -13.41
CA LEU T 79 -11.68 39.89 -12.15
C LEU T 79 -10.18 39.94 -11.87
N VAL T 80 -9.82 40.39 -10.68
CA VAL T 80 -8.42 40.49 -10.26
C VAL T 80 -8.23 39.59 -9.04
N PRO T 81 -7.43 38.53 -9.12
CA PRO T 81 -7.25 37.65 -7.97
C PRO T 81 -6.69 38.38 -6.75
N ALA T 82 -7.19 38.02 -5.59
CA ALA T 82 -6.78 38.63 -4.32
C ALA T 82 -6.27 37.63 -3.30
N ALA T 83 -6.87 36.44 -3.21
CA ALA T 83 -6.46 35.44 -2.24
C ALA T 83 -6.72 34.05 -2.81
N MET T 84 -5.83 33.12 -2.48
CA MET T 84 -5.87 31.76 -3.01
C MET T 84 -5.94 30.75 -1.88
N PHE T 85 -6.77 29.72 -2.07
CA PHE T 85 -6.90 28.63 -1.11
C PHE T 85 -6.93 27.31 -1.85
N ARG T 86 -6.62 26.24 -1.13
CA ARG T 86 -6.79 24.90 -1.68
C ARG T 86 -8.27 24.57 -1.85
N ASP T 87 -8.57 23.78 -2.87
CA ASP T 87 -9.96 23.46 -3.21
C ASP T 87 -10.35 22.15 -2.55
N PRO T 88 -11.29 22.16 -1.59
CA PRO T 88 -11.67 20.91 -0.93
C PRO T 88 -12.64 20.05 -1.74
N PHE T 89 -13.34 20.63 -2.71
CA PHE T 89 -14.31 19.88 -3.50
C PHE T 89 -13.63 19.10 -4.63
N ARG T 90 -12.54 19.67 -5.17
CA ARG T 90 -11.78 18.99 -6.25
C ARG T 90 -10.42 18.50 -5.73
N LYS T 91 -10.00 18.94 -4.53
CA LYS T 91 -8.71 18.51 -3.89
C LYS T 91 -7.51 19.16 -4.60
N ASP T 92 -6.29 18.93 -4.07
CA ASP T 92 -5.05 19.50 -4.67
C ASP T 92 -4.72 18.73 -5.95
N PRO T 93 -4.04 19.34 -6.96
CA PRO T 93 -3.48 20.70 -6.86
C PRO T 93 -4.47 21.81 -7.24
N ASN T 94 -5.77 21.55 -7.27
CA ASN T 94 -6.74 22.54 -7.70
C ASN T 94 -6.97 23.60 -6.62
N LYS T 95 -7.38 24.80 -7.06
CA LYS T 95 -7.37 25.99 -6.20
C LYS T 95 -8.71 26.72 -6.25
N LEU T 96 -8.99 27.46 -5.17
CA LEU T 96 -10.05 28.46 -5.11
C LEU T 96 -9.42 29.85 -5.11
N VAL T 97 -10.00 30.76 -5.89
CA VAL T 97 -9.46 32.11 -6.07
C VAL T 97 -10.56 33.13 -5.80
N LEU T 98 -10.35 33.97 -4.79
CA LEU T 98 -11.25 35.08 -4.51
C LEU T 98 -10.73 36.33 -5.22
N CYS T 99 -11.62 37.05 -5.90
CA CYS T 99 -11.23 38.13 -6.79
C CYS T 99 -11.97 39.42 -6.45
N GLU T 100 -11.30 40.54 -6.76
CA GLU T 100 -11.93 41.86 -6.77
C GLU T 100 -12.51 42.13 -8.15
N VAL T 101 -13.60 42.91 -8.17
CA VAL T 101 -14.35 43.19 -9.39
C VAL T 101 -14.09 44.64 -9.79
N PHE T 102 -13.81 44.85 -11.08
CA PHE T 102 -13.55 46.19 -11.61
C PHE T 102 -14.40 46.40 -12.87
N LYS T 103 -14.76 47.66 -13.10
CA LYS T 103 -15.56 48.03 -14.25
C LYS T 103 -14.69 48.08 -15.51
N TYR T 104 -15.34 48.32 -16.66
CA TYR T 104 -14.63 48.34 -17.93
C TYR T 104 -13.57 49.44 -17.99
N ASN T 105 -13.72 50.49 -17.19
CA ASN T 105 -12.76 51.58 -17.13
C ASN T 105 -11.79 51.45 -15.96
N ARG T 106 -11.71 50.25 -15.37
CA ARG T 106 -10.79 49.88 -14.29
C ARG T 106 -11.13 50.56 -12.96
N ARG T 107 -12.26 51.25 -12.87
CA ARG T 107 -12.70 51.70 -11.56
C ARG T 107 -13.33 50.53 -10.79
N PRO T 108 -13.20 50.53 -9.47
CA PRO T 108 -13.81 49.45 -8.68
C PRO T 108 -15.33 49.42 -8.83
N ALA T 109 -15.89 48.20 -8.78
CA ALA T 109 -17.32 48.04 -8.87
C ALA T 109 -18.01 48.62 -7.64
N GLU T 110 -19.33 48.80 -7.75
CA GLU T 110 -20.10 49.41 -6.67
C GLU T 110 -20.04 48.56 -5.40
N THR T 111 -20.10 47.24 -5.54
CA THR T 111 -20.05 46.35 -4.39
C THR T 111 -18.64 45.87 -4.06
N ASN T 112 -17.62 46.42 -4.72
CA ASN T 112 -16.23 46.12 -4.41
C ASN T 112 -15.81 47.01 -3.24
N LEU T 113 -15.92 46.48 -2.02
CA LEU T 113 -15.55 47.23 -0.82
C LEU T 113 -14.18 46.87 -0.30
N ARG T 114 -13.56 45.80 -0.83
CA ARG T 114 -12.22 45.42 -0.40
C ARG T 114 -11.17 46.46 -0.81
N HIS T 115 -11.39 47.15 -1.93
CA HIS T 115 -10.39 48.09 -2.43
C HIS T 115 -10.12 49.20 -1.44
N THR T 116 -11.17 49.79 -0.87
CA THR T 116 -10.99 50.86 0.11
C THR T 116 -10.58 50.30 1.47
N CYS T 117 -11.11 49.13 1.84
CA CYS T 117 -10.77 48.55 3.13
C CYS T 117 -9.30 48.21 3.22
N LYS T 118 -8.72 47.72 2.11
CA LYS T 118 -7.30 47.36 2.11
C LYS T 118 -6.41 48.59 2.36
N ARG T 119 -6.76 49.73 1.76
CA ARG T 119 -5.97 50.94 1.97
C ARG T 119 -6.04 51.40 3.42
N ILE T 120 -7.21 51.28 4.05
CA ILE T 120 -7.35 51.64 5.46
C ILE T 120 -6.53 50.71 6.34
N MET T 121 -6.52 49.41 6.01
CA MET T 121 -5.77 48.44 6.80
C MET T 121 -4.27 48.73 6.74
N ASP T 122 -3.78 49.20 5.59
CA ASP T 122 -2.36 49.51 5.45
C ASP T 122 -1.99 50.74 6.27
N MET T 123 -2.99 51.53 6.67
CA MET T 123 -2.72 52.77 7.40
C MET T 123 -2.31 52.48 8.84
N VAL T 124 -2.78 51.37 9.41
CA VAL T 124 -2.59 51.08 10.82
C VAL T 124 -1.92 49.73 11.00
N SER T 125 -1.09 49.33 10.03
CA SER T 125 -0.51 47.99 10.06
C SER T 125 0.42 47.79 11.26
N ASN T 126 1.00 48.86 11.77
CA ASN T 126 1.89 48.73 12.93
C ASN T 126 1.14 48.45 14.23
N GLN T 127 -0.17 48.71 14.26
CA GLN T 127 -0.97 48.43 15.43
C GLN T 127 -1.54 47.01 15.43
N HIS T 128 -1.39 46.28 14.33
CA HIS T 128 -1.76 44.87 14.25
C HIS T 128 -3.18 44.57 14.71
N PRO T 129 -4.20 45.10 14.02
CA PRO T 129 -5.58 44.82 14.41
C PRO T 129 -5.96 43.38 14.11
N TRP T 130 -6.59 42.72 15.10
CA TRP T 130 -7.09 41.37 14.96
C TRP T 130 -8.62 41.38 15.01
N PHE T 131 -9.24 40.56 14.17
CA PHE T 131 -10.69 40.45 14.11
C PHE T 131 -11.13 39.00 14.30
N GLY T 132 -12.28 38.83 14.94
CA GLY T 132 -12.89 37.53 15.09
C GLY T 132 -14.40 37.61 14.92
N MET T 133 -14.95 36.85 13.98
CA MET T 133 -16.35 36.98 13.61
C MET T 133 -17.08 35.66 13.82
N GLU T 134 -18.32 35.75 14.32
CA GLU T 134 -19.16 34.61 14.63
C GLU T 134 -20.33 34.60 13.64
N GLN T 135 -20.26 33.71 12.66
CA GLN T 135 -21.27 33.63 11.60
C GLN T 135 -22.38 32.67 12.00
N GLU T 136 -23.60 33.19 12.13
CA GLU T 136 -24.78 32.38 12.38
C GLU T 136 -25.58 32.21 11.09
N TYR T 137 -26.21 31.05 10.95
CA TYR T 137 -26.98 30.74 9.75
C TYR T 137 -28.04 29.70 10.08
N THR T 138 -29.01 29.57 9.18
CA THR T 138 -30.09 28.60 9.32
C THR T 138 -30.13 27.71 8.08
N LEU T 139 -30.23 26.41 8.30
CA LEU T 139 -30.42 25.45 7.22
C LEU T 139 -31.89 25.37 6.86
N MET T 140 -32.20 25.48 5.56
CA MET T 140 -33.56 25.49 5.08
C MET T 140 -33.76 24.45 3.98
N GLY T 141 -34.95 23.86 3.94
CA GLY T 141 -35.33 23.04 2.82
C GLY T 141 -35.68 23.88 1.60
N THR T 142 -35.74 23.21 0.45
CA THR T 142 -36.05 23.90 -0.80
C THR T 142 -37.45 24.46 -0.83
N ASP T 143 -38.32 24.06 0.09
CA ASP T 143 -39.70 24.54 0.16
C ASP T 143 -39.83 25.81 0.98
N GLY T 144 -38.74 26.39 1.45
CA GLY T 144 -38.77 27.62 2.21
C GLY T 144 -39.01 27.47 3.69
N HIS T 145 -38.98 26.25 4.22
CA HIS T 145 -39.19 25.97 5.64
C HIS T 145 -37.88 25.43 6.23
N PRO T 146 -37.63 25.68 7.52
CA PRO T 146 -36.38 25.18 8.12
C PRO T 146 -36.25 23.67 8.02
N PHE T 147 -35.02 23.21 7.78
CA PHE T 147 -34.79 21.79 7.55
C PHE T 147 -35.07 20.97 8.80
N GLY T 148 -35.78 19.86 8.63
CA GLY T 148 -36.13 18.99 9.72
C GLY T 148 -37.27 19.47 10.60
N TRP T 149 -37.90 20.58 10.26
CA TRP T 149 -39.06 21.03 11.00
C TRP T 149 -40.30 20.27 10.54
N PRO T 150 -41.31 20.11 11.40
CA PRO T 150 -42.55 19.47 10.96
C PRO T 150 -43.19 20.24 9.81
N SER T 151 -43.74 19.50 8.85
CA SER T 151 -44.32 20.15 7.68
C SER T 151 -45.53 20.97 8.08
N ASN T 152 -45.52 22.25 7.70
CA ASN T 152 -46.60 23.20 8.04
C ASN T 152 -46.75 23.37 9.55
N GLY T 153 -45.68 23.17 10.30
CA GLY T 153 -45.75 23.24 11.75
C GLY T 153 -44.46 23.64 12.44
N PHE T 154 -44.40 23.44 13.75
CA PHE T 154 -43.29 23.88 14.56
C PHE T 154 -42.78 22.75 15.45
N PRO T 155 -41.50 22.78 15.82
CA PRO T 155 -41.01 21.85 16.85
C PRO T 155 -41.33 22.36 18.25
N GLY T 156 -40.83 21.67 19.27
CA GLY T 156 -41.04 22.08 20.64
C GLY T 156 -40.40 23.42 20.95
N PRO T 157 -40.77 24.02 22.07
CA PRO T 157 -40.23 25.34 22.43
C PRO T 157 -38.72 25.29 22.66
N GLN T 158 -38.09 26.46 22.51
CA GLN T 158 -36.65 26.57 22.62
C GLN T 158 -36.17 26.22 24.03
N GLY T 159 -34.89 25.89 24.13
CA GLY T 159 -34.28 25.54 25.40
C GLY T 159 -33.42 24.28 25.38
N PRO T 160 -33.85 23.23 24.70
CA PRO T 160 -33.00 22.03 24.59
C PRO T 160 -32.12 21.95 23.34
N TYR T 161 -32.22 22.91 22.41
CA TYR T 161 -31.49 22.80 21.16
C TYR T 161 -30.11 23.42 21.20
N TYR T 162 -29.87 24.39 22.07
CA TYR T 162 -28.57 25.05 22.14
C TYR T 162 -27.50 24.05 22.56
N CYS T 163 -26.46 23.91 21.73
CA CYS T 163 -25.37 22.97 21.96
C CYS T 163 -25.89 21.56 22.20
N GLY T 164 -26.98 21.20 21.51
CA GLY T 164 -27.65 19.94 21.78
C GLY T 164 -27.02 18.76 21.06
N VAL T 165 -27.36 17.56 21.53
CA VAL T 165 -26.93 16.31 20.92
C VAL T 165 -28.11 15.35 20.89
N GLY T 166 -28.25 14.62 19.78
CA GLY T 166 -29.34 13.66 19.66
C GLY T 166 -30.26 13.91 18.48
N ALA T 167 -30.98 12.88 18.06
CA ALA T 167 -31.81 12.98 16.86
C ALA T 167 -32.91 14.03 17.02
N ASP T 168 -33.41 14.23 18.24
CA ASP T 168 -34.49 15.16 18.49
C ASP T 168 -34.00 16.53 18.94
N ARG T 169 -32.71 16.81 18.84
CA ARG T 169 -32.19 18.07 19.35
C ARG T 169 -31.38 18.85 18.33
N ALA T 170 -30.62 18.19 17.46
CA ALA T 170 -29.76 18.85 16.50
C ALA T 170 -30.09 18.37 15.09
N TYR T 171 -30.38 19.31 14.19
CA TYR T 171 -30.76 19.00 12.82
C TYR T 171 -29.63 19.39 11.86
N GLY T 172 -29.19 18.44 11.05
CA GLY T 172 -28.25 18.73 9.98
C GLY T 172 -26.79 18.81 10.37
N ARG T 173 -26.36 18.04 11.37
CA ARG T 173 -24.95 18.05 11.77
C ARG T 173 -24.03 17.51 10.68
N ASP T 174 -24.55 16.74 9.73
CA ASP T 174 -23.72 16.26 8.62
C ASP T 174 -23.14 17.43 7.82
N ILE T 175 -23.95 18.45 7.57
CA ILE T 175 -23.47 19.65 6.88
C ILE T 175 -22.40 20.35 7.70
N VAL T 176 -22.62 20.47 9.01
CA VAL T 176 -21.69 21.20 9.87
C VAL T 176 -20.33 20.51 9.90
N GLU T 177 -20.33 19.18 10.05
CA GLU T 177 -19.07 18.44 10.09
C GLU T 177 -18.32 18.56 8.76
N ALA T 178 -19.04 18.42 7.64
CA ALA T 178 -18.39 18.51 6.34
C ALA T 178 -17.82 19.91 6.11
N HIS T 179 -18.55 20.96 6.51
CA HIS T 179 -18.06 22.32 6.34
C HIS T 179 -16.82 22.57 7.19
N TYR T 180 -16.79 22.05 8.41
CA TYR T 180 -15.63 22.22 9.28
C TYR T 180 -14.38 21.62 8.67
N ARG T 181 -14.47 20.37 8.19
CA ARG T 181 -13.30 19.70 7.64
C ARG T 181 -12.86 20.31 6.32
N ALA T 182 -13.83 20.79 5.52
CA ALA T 182 -13.50 21.43 4.24
C ALA T 182 -12.72 22.73 4.46
N CYS T 183 -13.13 23.52 5.45
CA CYS T 183 -12.43 24.78 5.73
C CYS T 183 -11.01 24.52 6.20
N LEU T 184 -10.81 23.52 7.06
CA LEU T 184 -9.48 23.19 7.53
C LEU T 184 -8.58 22.77 6.37
N TYR T 185 -9.10 21.96 5.44
CA TYR T 185 -8.33 21.56 4.27
C TYR T 185 -7.99 22.76 3.40
N ALA T 186 -8.96 23.66 3.19
CA ALA T 186 -8.76 24.79 2.30
C ALA T 186 -7.74 25.79 2.83
N GLY T 187 -7.55 25.85 4.15
CA GLY T 187 -6.71 26.86 4.75
C GLY T 187 -7.43 28.01 5.39
N VAL T 188 -8.75 27.91 5.54
CA VAL T 188 -9.53 28.94 6.22
C VAL T 188 -9.37 28.77 7.72
N LYS T 189 -9.14 29.88 8.42
CA LYS T 189 -8.88 29.86 9.87
C LYS T 189 -10.21 29.76 10.62
N ILE T 190 -10.79 28.56 10.62
CA ILE T 190 -12.00 28.28 11.37
C ILE T 190 -11.63 27.92 12.80
N ALA T 191 -12.31 28.54 13.76
CA ALA T 191 -11.96 28.40 15.17
C ALA T 191 -12.90 27.51 15.97
N GLY T 192 -14.10 27.23 15.47
CA GLY T 192 -15.01 26.35 16.18
C GLY T 192 -16.42 26.50 15.66
N THR T 193 -17.29 25.64 16.19
CA THR T 193 -18.71 25.61 15.82
C THR T 193 -19.54 25.23 17.03
N ASN T 194 -20.83 25.57 16.98
CA ASN T 194 -21.78 25.12 17.99
C ASN T 194 -23.20 25.22 17.43
N ALA T 195 -24.09 24.39 17.99
CA ALA T 195 -25.51 24.48 17.68
C ALA T 195 -26.14 25.65 18.44
N GLU T 196 -27.13 26.27 17.82
CA GLU T 196 -27.72 27.51 18.33
C GLU T 196 -29.08 27.24 18.98
N VAL T 197 -29.68 28.31 19.49
CA VAL T 197 -30.93 28.22 20.26
C VAL T 197 -32.05 27.64 19.40
N MET T 198 -32.14 28.10 18.16
CA MET T 198 -33.16 27.60 17.24
C MET T 198 -32.73 26.26 16.65
N PRO T 199 -33.59 25.26 16.64
CA PRO T 199 -33.25 24.01 15.94
C PRO T 199 -33.03 24.27 14.45
N ALA T 200 -32.04 23.58 13.89
CA ALA T 200 -31.50 23.77 12.54
C ALA T 200 -30.73 25.07 12.39
N GLN T 201 -30.45 25.78 13.47
CA GLN T 201 -29.62 26.98 13.44
C GLN T 201 -28.23 26.65 14.01
N TRP T 202 -27.19 27.18 13.36
CA TRP T 202 -25.82 26.82 13.67
C TRP T 202 -24.93 28.06 13.60
N GLU T 203 -23.72 27.94 14.16
CA GLU T 203 -22.76 29.02 14.20
C GLU T 203 -21.35 28.48 14.03
N PHE T 204 -20.52 29.21 13.28
CA PHE T 204 -19.10 28.91 13.21
C PHE T 204 -18.31 30.20 13.36
N GLN T 205 -17.13 30.08 13.99
CA GLN T 205 -16.28 31.22 14.29
C GLN T 205 -15.06 31.22 13.37
N ILE T 206 -14.69 32.41 12.89
CA ILE T 206 -13.52 32.59 12.05
C ILE T 206 -12.58 33.59 12.72
N GLY T 207 -11.32 33.21 12.86
CA GLY T 207 -10.32 34.10 13.40
C GLY T 207 -9.43 33.44 14.44
N PRO T 208 -8.59 34.25 15.10
CA PRO T 208 -8.36 35.69 14.92
C PRO T 208 -7.57 35.98 13.65
N CYS T 209 -7.98 36.96 12.86
CA CYS T 209 -7.35 37.26 11.58
C CYS T 209 -6.83 38.69 11.58
N GLU T 210 -5.68 38.91 10.96
CA GLU T 210 -5.04 40.21 10.93
C GLU T 210 -5.45 40.98 9.68
N GLY T 211 -5.93 42.20 9.88
CA GLY T 211 -6.13 43.13 8.77
C GLY T 211 -7.14 42.68 7.74
N ILE T 212 -6.75 42.79 6.47
CA ILE T 212 -7.66 42.53 5.36
C ILE T 212 -7.99 41.04 5.25
N SER T 213 -7.18 40.19 5.87
CA SER T 213 -7.39 38.75 5.71
C SER T 213 -8.68 38.28 6.38
N MET T 214 -9.22 39.06 7.32
CA MET T 214 -10.47 38.67 7.97
C MET T 214 -11.62 38.61 6.96
N GLY T 215 -11.73 39.63 6.11
CA GLY T 215 -12.77 39.61 5.10
C GLY T 215 -12.60 38.50 4.08
N ASP T 216 -11.36 38.22 3.69
CA ASP T 216 -11.11 37.15 2.73
C ASP T 216 -11.48 35.78 3.28
N HIS T 217 -11.18 35.52 4.56
CA HIS T 217 -11.45 34.21 5.13
C HIS T 217 -12.94 33.98 5.36
N LEU T 218 -13.68 35.02 5.75
CA LEU T 218 -15.11 34.85 5.98
C LEU T 218 -15.87 34.63 4.68
N TRP T 219 -15.51 35.39 3.63
CA TRP T 219 -16.20 35.26 2.35
C TRP T 219 -15.97 33.88 1.75
N VAL T 220 -14.74 33.36 1.84
CA VAL T 220 -14.46 32.03 1.32
C VAL T 220 -15.15 30.96 2.16
N ALA T 221 -15.22 31.18 3.48
CA ALA T 221 -15.97 30.26 4.33
C ALA T 221 -17.45 30.24 3.98
N ARG T 222 -18.00 31.41 3.64
CA ARG T 222 -19.39 31.47 3.19
C ARG T 222 -19.59 30.71 1.89
N PHE T 223 -18.64 30.83 0.96
CA PHE T 223 -18.74 30.11 -0.30
C PHE T 223 -18.68 28.61 -0.08
N ILE T 224 -17.78 28.16 0.80
CA ILE T 224 -17.65 26.73 1.06
C ILE T 224 -18.93 26.18 1.67
N LEU T 225 -19.58 26.95 2.55
CA LEU T 225 -20.83 26.49 3.15
C LEU T 225 -21.94 26.33 2.11
N HIS T 226 -22.06 27.30 1.20
CA HIS T 226 -23.08 27.20 0.15
C HIS T 226 -22.84 26.01 -0.75
N ARG T 227 -21.58 25.75 -1.08
CA ARG T 227 -21.23 24.66 -1.98
C ARG T 227 -21.41 23.29 -1.30
N VAL T 228 -21.11 23.20 0.00
CA VAL T 228 -21.36 21.96 0.72
C VAL T 228 -22.86 21.70 0.84
N CYS T 229 -23.64 22.73 1.16
CA CYS T 229 -25.08 22.58 1.28
C CYS T 229 -25.71 22.19 -0.05
N GLU T 230 -25.11 22.66 -1.16
CA GLU T 230 -25.60 22.27 -2.48
C GLU T 230 -25.45 20.77 -2.72
N ASP T 231 -24.38 20.17 -2.22
CA ASP T 231 -24.20 18.72 -2.35
C ASP T 231 -25.32 17.96 -1.62
N PHE T 232 -25.68 18.41 -0.42
CA PHE T 232 -26.75 17.77 0.34
C PHE T 232 -28.14 18.20 -0.09
N GLY T 233 -28.25 19.23 -0.94
CA GLY T 233 -29.55 19.65 -1.43
C GLY T 233 -30.34 20.57 -0.52
N VAL T 234 -29.68 21.28 0.40
CA VAL T 234 -30.34 22.19 1.30
C VAL T 234 -29.79 23.60 1.09
N ILE T 235 -30.48 24.58 1.66
CA ILE T 235 -30.14 25.99 1.51
C ILE T 235 -29.71 26.55 2.86
N ALA T 236 -28.57 27.24 2.87
CA ALA T 236 -28.13 28.02 4.03
C ALA T 236 -28.49 29.48 3.82
N THR T 237 -29.16 30.07 4.80
CA THR T 237 -29.59 31.46 4.73
C THR T 237 -28.92 32.27 5.84
N PHE T 238 -28.52 33.49 5.50
CA PHE T 238 -27.94 34.43 6.45
C PHE T 238 -28.91 35.55 6.82
N ASP T 239 -30.20 35.35 6.58
CA ASP T 239 -31.19 36.37 6.92
C ASP T 239 -31.23 36.58 8.43
N PRO T 240 -31.24 37.83 8.91
CA PRO T 240 -31.21 38.06 10.37
C PRO T 240 -32.38 37.48 11.12
N LYS T 241 -33.58 37.44 10.54
CA LYS T 241 -34.78 36.93 11.21
C LYS T 241 -35.50 35.97 10.27
N PRO T 242 -35.00 34.74 10.13
CA PRO T 242 -35.65 33.79 9.21
C PRO T 242 -37.08 33.44 9.59
N ILE T 243 -37.39 33.34 10.87
CA ILE T 243 -38.71 32.95 11.36
C ILE T 243 -39.24 34.03 12.27
N PRO T 244 -40.40 34.61 11.99
CA PRO T 244 -40.95 35.65 12.88
C PRO T 244 -41.48 35.06 14.18
N GLY T 245 -41.52 35.90 15.21
CA GLY T 245 -42.08 35.51 16.48
C GLY T 245 -41.06 35.17 17.55
N ASN T 246 -41.34 34.11 18.31
CA ASN T 246 -40.49 33.71 19.44
C ASN T 246 -39.42 32.71 19.01
N TRP T 247 -38.65 33.06 17.98
CA TRP T 247 -37.55 32.25 17.52
C TRP T 247 -36.33 33.14 17.31
N ASN T 248 -35.17 32.66 17.76
CA ASN T 248 -33.98 33.50 17.81
C ASN T 248 -33.53 33.91 16.41
N GLY T 249 -32.93 35.08 16.33
CA GLY T 249 -32.39 35.61 15.09
C GLY T 249 -30.95 35.17 14.86
N ALA T 250 -30.35 35.75 13.82
CA ALA T 250 -29.00 35.42 13.41
C ALA T 250 -28.15 36.68 13.37
N GLY T 251 -26.97 36.63 13.98
CA GLY T 251 -26.07 37.77 14.04
C GLY T 251 -24.68 37.40 13.55
N CYS T 252 -23.82 38.41 13.53
CA CYS T 252 -22.44 38.28 13.07
C CYS T 252 -21.49 39.01 14.03
N HIS T 253 -21.60 38.71 15.33
CA HIS T 253 -20.77 39.34 16.36
C HIS T 253 -19.30 39.42 15.93
N THR T 254 -18.71 40.59 16.13
CA THR T 254 -17.35 40.89 15.69
C THR T 254 -16.48 41.22 16.90
N ASN T 255 -15.38 40.50 17.05
CA ASN T 255 -14.43 40.73 18.13
C ASN T 255 -13.22 41.48 17.58
N PHE T 256 -12.75 42.48 18.33
CA PHE T 256 -11.72 43.39 17.86
C PHE T 256 -10.65 43.58 18.93
N SER T 257 -9.40 43.63 18.51
CA SER T 257 -8.29 43.93 19.41
C SER T 257 -7.13 44.50 18.61
N THR T 258 -6.27 45.26 19.30
CA THR T 258 -5.03 45.77 18.74
C THR T 258 -3.86 45.30 19.59
N LYS T 259 -2.65 45.62 19.13
CA LYS T 259 -1.45 45.23 19.86
C LYS T 259 -1.41 45.85 21.26
N ALA T 260 -1.83 47.12 21.37
CA ALA T 260 -1.85 47.78 22.66
C ALA T 260 -2.90 47.15 23.58
N MET T 261 -4.04 46.72 23.03
CA MET T 261 -5.07 46.11 23.85
C MET T 261 -4.65 44.74 24.39
N ARG T 262 -3.81 44.02 23.66
CA ARG T 262 -3.43 42.68 24.06
C ARG T 262 -2.30 42.65 25.09
N GLU T 263 -1.61 43.76 25.32
CA GLU T 263 -0.54 43.79 26.29
C GLU T 263 -1.11 44.06 27.69
N GLU T 264 -0.24 44.03 28.69
CA GLU T 264 -0.66 44.26 30.07
C GLU T 264 -1.27 45.64 30.23
N ASN T 265 -2.34 45.72 31.03
CA ASN T 265 -3.11 46.94 31.24
C ASN T 265 -3.68 47.47 29.93
N GLY T 266 -3.97 46.57 28.99
CA GLY T 266 -4.60 46.96 27.74
C GLY T 266 -6.07 47.29 27.86
N LEU T 267 -6.68 47.02 29.01
CA LEU T 267 -8.08 47.38 29.23
C LEU T 267 -8.30 48.88 29.13
N LYS T 268 -7.27 49.67 29.43
CA LYS T 268 -7.37 51.12 29.30
C LYS T 268 -7.64 51.52 27.85
N TYR T 269 -6.96 50.88 26.90
CA TYR T 269 -7.19 51.16 25.49
C TYR T 269 -8.50 50.58 24.97
N ILE T 270 -8.99 49.50 25.59
CA ILE T 270 -10.30 48.96 25.23
C ILE T 270 -11.39 49.97 25.57
N GLU T 271 -11.31 50.58 26.76
CA GLU T 271 -12.32 51.54 27.17
C GLU T 271 -12.29 52.80 26.31
N GLU T 272 -11.11 53.19 25.82
CA GLU T 272 -11.02 54.35 24.93
C GLU T 272 -11.77 54.10 23.64
N ALA T 273 -11.61 52.90 23.05
CA ALA T 273 -12.28 52.60 21.79
C ALA T 273 -13.80 52.54 21.97
N ILE T 274 -14.25 51.99 23.10
CA ILE T 274 -15.69 51.90 23.36
C ILE T 274 -16.28 53.30 23.53
N GLU T 275 -15.53 54.22 24.14
CA GLU T 275 -16.00 55.59 24.26
C GLU T 275 -16.18 56.24 22.90
N LYS T 276 -15.23 56.02 22.00
CA LYS T 276 -15.36 56.55 20.63
C LYS T 276 -16.53 55.93 19.90
N LEU T 277 -16.74 54.62 20.09
CA LEU T 277 -17.85 53.94 19.43
C LEU T 277 -19.20 54.44 19.92
N SER T 278 -19.27 54.92 21.16
CA SER T 278 -20.55 55.37 21.71
C SER T 278 -21.08 56.60 20.99
N LYS T 279 -20.21 57.36 20.33
CA LYS T 279 -20.59 58.60 19.68
C LYS T 279 -21.00 58.43 18.23
N ARG T 280 -20.88 57.22 17.68
CA ARG T 280 -21.13 56.97 16.26
C ARG T 280 -22.04 55.77 16.06
N HIS T 281 -23.10 55.67 16.87
CA HIS T 281 -24.00 54.52 16.79
C HIS T 281 -24.71 54.45 15.45
N GLN T 282 -25.23 55.59 14.98
CA GLN T 282 -25.96 55.59 13.71
C GLN T 282 -25.05 55.26 12.53
N TYR T 283 -23.80 55.73 12.58
CA TYR T 283 -22.87 55.45 11.50
C TYR T 283 -22.59 53.95 11.36
N HIS T 284 -22.43 53.26 12.49
CA HIS T 284 -22.11 51.83 12.43
C HIS T 284 -23.33 51.00 12.08
N ILE T 285 -24.54 51.45 12.44
CA ILE T 285 -25.75 50.72 12.05
C ILE T 285 -25.88 50.68 10.54
N ARG T 286 -25.62 51.81 9.87
CA ARG T 286 -25.71 51.86 8.42
C ARG T 286 -24.64 50.99 7.76
N ALA T 287 -23.44 50.94 8.34
CA ALA T 287 -22.34 50.18 7.77
C ALA T 287 -22.43 48.69 8.04
N TYR T 288 -23.24 48.27 9.01
CA TYR T 288 -23.35 46.87 9.40
C TYR T 288 -24.45 46.13 8.65
N ASP T 289 -25.02 46.75 7.61
CA ASP T 289 -26.10 46.13 6.86
C ASP T 289 -25.90 46.39 5.38
N PRO T 290 -26.17 45.41 4.52
CA PRO T 290 -26.11 45.65 3.08
C PRO T 290 -27.25 46.51 2.55
N LYS T 291 -28.28 46.76 3.36
CA LYS T 291 -29.43 47.58 2.96
C LYS T 291 -29.61 48.79 3.85
N GLY T 292 -28.58 49.19 4.59
CA GLY T 292 -28.61 50.40 5.37
C GLY T 292 -29.17 50.28 6.77
N GLY T 293 -29.64 49.10 7.16
CA GLY T 293 -30.12 48.92 8.52
C GLY T 293 -31.52 48.33 8.63
N LEU T 294 -32.22 48.23 7.50
CA LEU T 294 -33.57 47.68 7.53
C LEU T 294 -33.58 46.21 7.95
N ASP T 295 -32.62 45.43 7.46
CA ASP T 295 -32.56 44.00 7.80
C ASP T 295 -32.37 43.80 9.30
N ASN T 296 -31.43 44.55 9.90
CA ASN T 296 -31.13 44.38 11.32
C ASN T 296 -32.28 44.84 12.21
N ALA T 297 -33.22 45.61 11.68
CA ALA T 297 -34.34 46.08 12.50
C ALA T 297 -35.28 44.95 12.88
N ARG T 298 -35.41 43.94 12.01
CA ARG T 298 -36.24 42.78 12.33
C ARG T 298 -35.64 41.89 13.40
N ARG T 299 -34.37 42.08 13.75
CA ARG T 299 -33.67 41.26 14.73
C ARG T 299 -33.40 41.99 16.04
N LEU T 300 -32.91 43.22 15.98
CA LEU T 300 -32.47 43.96 17.17
C LEU T 300 -33.67 44.74 17.71
N THR T 301 -34.42 44.09 18.61
CA THR T 301 -35.59 44.72 19.21
C THR T 301 -35.54 44.74 20.73
N GLY T 302 -34.49 44.20 21.34
CA GLY T 302 -34.36 44.18 22.78
C GLY T 302 -34.77 42.90 23.47
N PHE T 303 -35.08 41.85 22.72
CA PHE T 303 -35.45 40.55 23.27
C PHE T 303 -34.59 39.47 22.65
N HIS T 304 -34.69 38.26 23.21
CA HIS T 304 -33.85 37.13 22.80
C HIS T 304 -32.37 37.48 22.91
N GLU T 305 -32.00 38.02 24.07
CA GLU T 305 -30.64 38.46 24.39
C GLU T 305 -30.03 39.31 23.26
N THR T 306 -30.81 40.29 22.80
CA THR T 306 -30.34 41.26 21.82
C THR T 306 -30.52 42.67 22.37
N SER T 307 -29.74 43.60 21.85
CA SER T 307 -29.87 45.01 22.20
C SER T 307 -30.82 45.70 21.24
N ASN T 308 -31.39 46.81 21.71
CA ASN T 308 -32.29 47.60 20.87
C ASN T 308 -31.51 48.26 19.73
N ILE T 309 -32.18 48.35 18.57
CA ILE T 309 -31.51 48.85 17.37
C ILE T 309 -31.14 50.31 17.50
N ASN T 310 -31.95 51.11 18.20
CA ASN T 310 -31.80 52.57 18.19
C ASN T 310 -31.26 53.12 19.51
N ASP T 311 -30.37 52.38 20.18
CA ASP T 311 -29.69 52.93 21.34
C ASP T 311 -28.38 52.17 21.55
N PHE T 312 -27.42 52.83 22.17
CA PHE T 312 -26.09 52.29 22.41
C PHE T 312 -25.94 51.97 23.89
N SER T 313 -25.38 50.79 24.19
CA SER T 313 -25.08 50.40 25.55
C SER T 313 -23.81 49.57 25.56
N ALA T 314 -23.10 49.60 26.69
CA ALA T 314 -21.86 48.86 26.84
C ALA T 314 -21.70 48.47 28.30
N GLY T 315 -21.06 47.32 28.52
CA GLY T 315 -20.84 46.85 29.87
C GLY T 315 -19.96 45.61 29.87
N VAL T 316 -19.47 45.27 31.05
CA VAL T 316 -18.66 44.07 31.23
C VAL T 316 -19.58 42.88 31.46
N ALA T 317 -19.38 41.82 30.67
CA ALA T 317 -20.15 40.58 30.78
C ALA T 317 -21.65 40.81 30.56
N ASN T 318 -22.00 41.77 29.71
CA ASN T 318 -23.39 42.08 29.39
C ASN T 318 -23.69 41.59 27.99
N ARG T 319 -24.50 40.53 27.89
CA ARG T 319 -24.89 39.97 26.61
C ARG T 319 -26.11 40.66 26.01
N SER T 320 -26.76 41.55 26.75
CA SER T 320 -27.87 42.34 26.23
C SER T 320 -27.44 43.70 25.70
N ALA T 321 -26.16 44.04 25.84
CA ALA T 321 -25.66 45.33 25.39
C ALA T 321 -25.12 45.24 23.97
N SER T 322 -24.91 46.42 23.36
CA SER T 322 -24.38 46.46 22.00
C SER T 322 -22.90 46.06 21.98
N ILE T 323 -22.15 46.44 23.02
CA ILE T 323 -20.74 46.09 23.14
C ILE T 323 -20.56 45.35 24.47
N ARG T 324 -19.85 44.22 24.41
CA ARG T 324 -19.64 43.38 25.58
C ARG T 324 -18.16 43.18 25.82
N ILE T 325 -17.72 43.38 27.05
CA ILE T 325 -16.37 43.06 27.50
C ILE T 325 -16.44 41.73 28.24
N PRO T 326 -15.74 40.69 27.79
CA PRO T 326 -15.77 39.41 28.50
C PRO T 326 -15.22 39.55 29.91
N ARG T 327 -15.80 38.77 30.84
CA ARG T 327 -15.41 38.87 32.24
C ARG T 327 -13.94 38.53 32.43
N THR T 328 -13.44 37.53 31.70
CA THR T 328 -12.02 37.18 31.79
C THR T 328 -11.15 38.33 31.33
N VAL T 329 -11.53 39.00 30.24
CA VAL T 329 -10.77 40.15 29.77
C VAL T 329 -10.76 41.25 30.82
N GLY T 330 -11.91 41.50 31.44
CA GLY T 330 -12.00 42.57 32.42
C GLY T 330 -11.21 42.30 33.69
N GLN T 331 -10.97 41.02 34.01
CA GLN T 331 -10.26 40.70 35.24
C GLN T 331 -8.76 40.45 35.03
N GLU T 332 -8.34 40.13 33.81
CA GLU T 332 -6.93 40.12 33.47
C GLU T 332 -6.45 41.46 32.94
N LYS T 333 -7.34 42.44 32.80
CA LYS T 333 -7.04 43.80 32.35
C LYS T 333 -6.41 43.84 30.96
N LYS T 334 -6.70 42.86 30.11
CA LYS T 334 -6.19 42.86 28.74
C LYS T 334 -7.06 41.94 27.89
N GLY T 335 -6.95 42.10 26.58
CA GLY T 335 -7.66 41.24 25.66
C GLY T 335 -8.34 41.95 24.51
N TYR T 336 -9.66 41.77 24.40
CA TYR T 336 -10.43 42.24 23.26
C TYR T 336 -11.83 42.61 23.74
N PHE T 337 -12.67 43.08 22.82
CA PHE T 337 -14.06 43.35 23.11
C PHE T 337 -14.92 42.93 21.91
N GLU T 338 -16.21 42.74 22.16
CA GLU T 338 -17.12 42.17 21.19
C GLU T 338 -18.20 43.17 20.80
N ASP T 339 -18.38 43.36 19.49
CA ASP T 339 -19.45 44.17 18.95
C ASP T 339 -20.58 43.24 18.48
N ARG T 340 -21.73 43.32 19.15
CA ARG T 340 -22.83 42.39 18.93
C ARG T 340 -23.90 42.94 18.00
N ARG T 341 -23.68 44.11 17.40
CA ARG T 341 -24.64 44.77 16.54
C ARG T 341 -24.75 44.21 15.11
N PRO T 342 -23.66 43.82 14.44
CA PRO T 342 -23.78 43.43 13.02
C PRO T 342 -24.71 42.23 12.82
N SER T 343 -25.44 42.25 11.71
CA SER T 343 -26.34 41.18 11.34
C SER T 343 -25.61 40.09 10.55
N ALA T 344 -26.25 38.93 10.45
CA ALA T 344 -25.62 37.75 9.87
C ALA T 344 -25.29 37.91 8.38
N ASN T 345 -25.92 38.86 7.70
CA ASN T 345 -25.67 39.07 6.27
C ASN T 345 -24.80 40.28 5.98
N CYS T 346 -24.00 40.72 6.96
CA CYS T 346 -23.13 41.87 6.79
C CYS T 346 -21.96 41.54 5.85
N ASP T 347 -21.42 42.59 5.24
CA ASP T 347 -20.18 42.47 4.47
C ASP T 347 -19.00 42.69 5.40
N PRO T 348 -18.11 41.70 5.58
CA PRO T 348 -16.99 41.88 6.52
C PRO T 348 -16.06 43.02 6.18
N PHE T 349 -15.85 43.33 4.89
CA PHE T 349 -14.99 44.44 4.52
C PHE T 349 -15.56 45.77 5.03
N SER T 350 -16.88 45.93 4.92
CA SER T 350 -17.52 47.15 5.41
C SER T 350 -17.46 47.24 6.93
N VAL T 351 -17.64 46.11 7.61
CA VAL T 351 -17.69 46.12 9.07
C VAL T 351 -16.32 46.44 9.66
N THR T 352 -15.27 45.78 9.16
CA THR T 352 -13.94 45.97 9.72
C THR T 352 -13.39 47.36 9.40
N GLU T 353 -13.72 47.90 8.23
CA GLU T 353 -13.27 49.24 7.88
C GLU T 353 -13.86 50.28 8.82
N ALA T 354 -15.13 50.13 9.19
CA ALA T 354 -15.76 51.08 10.11
C ALA T 354 -15.09 51.08 11.47
N LEU T 355 -14.72 49.89 11.97
CA LEU T 355 -14.10 49.81 13.29
C LEU T 355 -12.75 50.51 13.32
N ILE T 356 -11.96 50.35 12.26
CA ILE T 356 -10.65 51.02 12.20
C ILE T 356 -10.84 52.53 12.11
N ARG T 357 -11.79 52.99 11.30
CA ARG T 357 -11.99 54.42 11.11
C ARG T 357 -12.39 55.11 12.41
N THR T 358 -13.30 54.50 13.17
CA THR T 358 -13.79 55.13 14.39
C THR T 358 -12.76 55.05 15.52
N CYS T 359 -12.12 53.89 15.68
CA CYS T 359 -11.31 53.65 16.86
C CYS T 359 -9.84 54.01 16.68
N LEU T 360 -9.28 53.84 15.48
CA LEU T 360 -7.86 54.07 15.26
C LEU T 360 -7.54 55.34 14.49
N LEU T 361 -8.46 55.81 13.64
CA LEU T 361 -8.23 57.02 12.86
C LEU T 361 -9.02 58.22 13.38
N ASN T 362 -9.83 58.03 14.42
CA ASN T 362 -10.52 59.12 15.11
C ASN T 362 -11.37 59.96 14.15
N GLU T 363 -12.15 59.29 13.31
CA GLU T 363 -13.03 59.97 12.38
C GLU T 363 -14.34 60.34 13.05
N THR T 364 -14.93 61.44 12.58
CA THR T 364 -16.21 61.94 13.07
C THR T 364 -17.09 62.26 11.87
N GLY T 365 -18.34 62.64 12.15
CA GLY T 365 -19.28 62.96 11.11
C GLY T 365 -19.99 61.75 10.57
N ASP T 366 -20.86 62.00 9.59
CA ASP T 366 -21.68 60.96 8.98
C ASP T 366 -21.06 60.36 7.74
N GLU T 367 -19.90 60.82 7.31
CA GLU T 367 -19.29 60.31 6.10
C GLU T 367 -17.84 59.90 6.37
N PRO T 368 -17.35 58.90 5.63
CA PRO T 368 -15.94 58.53 5.75
C PRO T 368 -15.04 59.62 5.17
N PHE T 369 -13.84 59.73 5.74
CA PHE T 369 -12.87 60.70 5.24
C PHE T 369 -12.36 60.24 3.88
N GLN T 370 -12.43 61.15 2.90
CA GLN T 370 -12.19 60.76 1.51
C GLN T 370 -10.74 60.34 1.28
N TYR T 371 -9.79 61.12 1.79
CA TYR T 371 -8.37 60.87 1.51
C TYR T 371 -7.79 59.97 2.60
N LYS T 372 -6.46 59.88 2.65
CA LYS T 372 -5.73 59.00 3.54
C LYS T 372 -5.71 59.47 4.99
N ASN T 373 -6.56 60.43 5.34
CA ASN T 373 -6.68 60.95 6.71
C ASN T 373 -5.45 61.77 7.12
PG ATP U . 23.15 -25.30 -30.07
O1G ATP U . 23.56 -24.07 -29.34
O2G ATP U . 23.66 -26.59 -29.41
O3G ATP U . 23.53 -25.31 -31.55
PB ATP U . 20.34 -25.51 -31.06
O1B ATP U . 20.63 -24.82 -32.33
O2B ATP U . 19.92 -26.98 -31.18
O3B ATP U . 21.56 -25.45 -30.05
PA ATP U . 18.84 -23.27 -29.84
O1A ATP U . 19.98 -22.61 -29.18
O2A ATP U . 17.57 -23.33 -29.00
O3A ATP U . 19.20 -24.76 -30.24
O5' ATP U . 18.50 -22.60 -31.23
C5' ATP U . 17.13 -22.48 -31.69
C4' ATP U . 16.97 -21.16 -32.40
O4' ATP U . 16.18 -21.33 -33.59
C3' ATP U . 16.31 -20.05 -31.59
O3' ATP U . 17.01 -18.83 -31.72
C2' ATP U . 14.91 -19.97 -32.19
O2' ATP U . 14.37 -18.66 -32.09
C1' ATP U . 15.20 -20.32 -33.65
N9 ATP U . 14.06 -20.80 -34.40
C8 ATP U . 13.12 -21.72 -34.01
N7 ATP U . 12.19 -21.95 -34.90
C5 ATP U . 12.54 -21.13 -35.95
C6 ATP U . 11.95 -20.90 -37.22
N6 ATP U . 10.84 -21.52 -37.64
N1 ATP U . 12.55 -20.00 -38.03
C2 ATP U . 13.65 -19.38 -37.62
N3 ATP U . 14.29 -19.52 -36.45
C4 ATP U . 13.68 -20.41 -35.66
MG MG V . 22.71 -23.79 -32.77
MG MG W . 21.98 -22.82 -28.96
PG ATP X . 29.34 19.58 -30.02
O1G ATP X . 29.90 18.23 -29.72
O2G ATP X . 29.54 20.04 -31.47
O3G ATP X . 29.86 20.69 -29.09
PB ATP X . 26.49 20.42 -30.25
O1B ATP X . 26.63 21.84 -29.94
O2B ATP X . 26.22 20.08 -31.72
O3B ATP X . 27.76 19.59 -29.81
PA ATP X . 24.58 19.99 -28.03
O1A ATP X . 25.45 19.64 -26.89
O2A ATP X . 23.26 19.23 -28.10
O3A ATP X . 25.33 19.73 -29.40
O5' ATP X . 24.27 21.54 -28.07
C5' ATP X . 22.92 22.03 -28.24
C4' ATP X . 22.67 23.11 -27.21
O4' ATP X . 22.01 24.24 -27.84
C3' ATP X . 21.79 22.71 -26.02
O3' ATP X . 22.32 23.21 -24.81
C2' ATP X . 20.44 23.35 -26.36
O2' ATP X . 19.71 23.67 -25.18
C1' ATP X . 20.90 24.63 -27.06
N9 ATP X . 19.90 25.24 -27.92
C8 ATP X . 19.05 24.60 -28.80
N7 ATP X . 18.25 25.41 -29.44
C5 ATP X . 18.59 26.67 -28.97
C6 ATP X . 18.10 27.96 -29.25
N6 ATP X . 17.12 28.21 -30.12
N1 ATP X . 18.65 29.00 -28.59
C2 ATP X . 19.64 28.76 -27.71
N3 ATP X . 20.17 27.59 -27.36
C4 ATP X . 19.60 26.58 -28.03
MG MG Y . 28.73 22.44 -28.77
MG MG Z . 27.68 19.26 -27.00
PG ATP AA . 28.72 32.84 13.66
O1G ATP AA . 29.47 33.35 12.47
O2G ATP AA . 28.84 31.32 13.86
O3G ATP AA . 29.09 33.54 14.96
PB ATP AA . 26.02 34.05 14.03
O1B ATP AA . 26.12 34.22 15.49
O2B ATP AA . 26.07 35.33 13.20
O3B ATP AA . 27.16 33.09 13.48
PA ATP AA . 23.99 31.90 14.01
O1A ATP AA . 22.90 31.58 13.07
O2A ATP AA . 25.08 30.83 14.09
O3A ATP AA . 24.70 33.26 13.61
O5' ATP AA . 23.45 32.18 15.47
C5' ATP AA . 22.17 32.80 15.69
C4' ATP AA . 21.58 32.21 16.94
O4' ATP AA . 20.81 33.21 17.64
C3' ATP AA . 20.64 31.02 16.72
O3' ATP AA . 20.95 29.95 17.61
C2' ATP AA . 19.25 31.60 17.01
O2' ATP AA . 18.36 30.62 17.54
C1' ATP AA . 19.60 32.65 18.07
N9 ATP AA . 18.60 33.71 18.21
C8 ATP AA . 17.94 34.37 17.21
N7 ATP AA . 17.09 35.28 17.64
C5 ATP AA . 17.20 35.21 19.02
C6 ATP AA . 16.58 35.91 20.06
N6 ATP AA . 15.66 36.87 19.88
N1 ATP AA . 16.91 35.59 21.33
C2 ATP AA . 17.82 34.63 21.54
N3 ATP AA . 18.48 33.91 20.63
C4 ATP AA . 18.13 34.24 19.39
MG MG BA . 27.85 33.35 16.64
MG MG CA . 27.04 30.51 14.21
PG ATP DA . 22.32 -3.71 39.79
O1G ATP DA . 23.14 -2.48 39.92
O2G ATP DA . 22.89 -4.91 40.55
O3G ATP DA . 22.08 -4.12 38.32
PB ATP DA . 19.53 -2.69 40.10
O1B ATP DA . 19.76 -1.58 39.15
O2B ATP DA . 18.94 -2.30 41.45
O3B ATP DA . 20.86 -3.50 40.39
PA ATP DA . 17.91 -4.10 38.08
O1A ATP DA . 18.90 -4.30 37.02
O2A ATP DA . 16.92 -2.96 37.83
O3A ATP DA . 18.60 -3.82 39.48
O5' ATP DA . 17.09 -5.42 38.36
C5' ATP DA . 15.82 -5.38 39.06
C4' ATP DA . 15.15 -6.72 38.84
O4' ATP DA . 14.20 -6.98 39.91
C3' ATP DA . 14.38 -6.86 37.52
O3' ATP DA . 14.74 -8.06 36.86
C2' ATP DA . 12.91 -6.87 37.96
O2' ATP DA . 12.10 -7.65 37.10
C1' ATP DA . 13.03 -7.51 39.34
N9 ATP DA . 11.91 -7.26 40.23
C8 ATP DA . 11.27 -6.06 40.45
N7 ATP DA . 10.29 -6.14 41.31
C5 ATP DA . 10.27 -7.47 41.69
C6 ATP DA . 9.46 -8.19 42.58
N6 ATP DA . 8.45 -7.66 43.29
N1 ATP DA . 9.71 -9.51 42.72
C2 ATP DA . 10.70 -10.06 42.02
N3 ATP DA . 11.53 -9.48 41.16
C4 ATP DA . 11.26 -8.17 41.02
MG MG EA . 21.25 -6.40 40.83
MG MG FA . 20.84 -4.72 36.97
PG ATP GA . 18.99 -39.59 12.54
O1G ATP GA . 19.45 -38.54 11.57
O2G ATP GA . 19.10 -41.01 12.01
O3G ATP GA . 19.69 -39.51 13.89
PB ATP GA . 16.06 -40.19 12.75
O1B ATP GA . 15.68 -40.80 14.04
O2B ATP GA . 16.19 -41.13 11.57
O3B ATP GA . 17.44 -39.39 12.87
PA ATP GA . 14.71 -38.21 11.03
O1A ATP GA . 15.93 -37.61 10.43
O2A ATP GA . 13.64 -37.19 11.42
O3A ATP GA . 15.06 -39.03 12.35
O5' ATP GA . 14.06 -39.29 10.07
C5' ATP GA . 12.63 -39.38 9.90
C4' ATP GA . 12.34 -39.57 8.43
O4' ATP GA . 11.37 -40.63 8.27
C3' ATP GA . 11.78 -38.34 7.70
O3' ATP GA . 12.40 -38.17 6.44
C2' ATP GA . 10.29 -38.68 7.56
O2' ATP GA . 9.71 -38.05 6.42
C1' ATP GA . 10.35 -40.19 7.38
N9 ATP GA . 9.11 -40.90 7.70
C8 ATP GA . 8.28 -40.68 8.77
N7 ATP GA . 7.24 -41.45 8.81
C5 ATP GA . 7.38 -42.25 7.69
C6 ATP GA . 6.59 -43.28 7.14
N6 ATP GA . 5.46 -43.73 7.68
N1 ATP GA . 7.02 -43.87 6.00
C2 ATP GA . 8.16 -43.44 5.44
N3 ATP GA . 8.97 -42.48 5.86
C4 ATP GA . 8.53 -41.92 6.99
MG MG HA . 18.01 -41.64 10.41
MG MG IA . 17.91 -37.81 10.59
PG ATP JA . 71.96 0.87 -33.32
O1G ATP JA . 71.46 2.24 -33.06
O2G ATP JA . 71.48 -0.17 -32.29
O3G ATP JA . 71.63 0.35 -34.73
PB ATP JA . 74.81 0.60 -34.18
O1B ATP JA . 75.73 1.76 -34.14
O2B ATP JA . 74.29 0.23 -35.56
O3B ATP JA . 73.55 0.80 -33.23
PA ATP JA . 75.97 -1.20 -32.14
O1A ATP JA . 76.94 -0.26 -31.54
O2A ATP JA . 74.71 -1.44 -31.29
O3A ATP JA . 75.49 -0.70 -33.56
O5' ATP JA . 76.64 -2.59 -32.45
C5' ATP JA . 77.69 -2.72 -33.42
C4' ATP JA . 78.08 -4.18 -33.52
O4' ATP JA . 78.94 -4.38 -34.66
C3' ATP JA . 78.82 -4.74 -32.30
O3' ATP JA . 78.29 -5.99 -31.92
C2' ATP JA . 80.26 -4.86 -32.81
O2' ATP JA . 80.95 -5.92 -32.16
C1' ATP JA . 80.02 -5.19 -34.28
N9 ATP JA . 81.15 -4.90 -35.15
C8 ATP JA . 82.03 -3.85 -35.06
N7 ATP JA . 82.96 -3.85 -35.99
C5 ATP JA . 82.67 -4.98 -36.74
C6 ATP JA . 83.29 -5.54 -37.88
N6 ATP JA . 84.36 -5.02 -38.47
N1 ATP JA . 82.75 -6.68 -38.38
C2 ATP JA . 81.68 -7.19 -37.79
N3 ATP JA . 81.02 -6.76 -36.71
C4 ATP JA . 81.57 -5.63 -36.24
MG MG KA . 72.32 -1.63 -35.41
MG MG LA . 72.80 -1.25 -31.27
MG MG MA . 66.88 -39.69 -15.20
MG MG NA . 65.67 -43.80 -16.23
PG ATP OA . 65.57 -41.40 -17.65
O1G ATP OA . 65.31 -40.43 -16.54
O2G ATP OA . 65.45 -40.80 -19.04
O3G ATP OA . 64.71 -42.67 -17.56
PB ATP OA . 68.39 -42.00 -18.46
O1B ATP OA . 68.42 -43.21 -19.32
O2B ATP OA . 68.50 -40.67 -19.20
O3B ATP OA . 67.08 -41.94 -17.57
PA ATP OA . 69.90 -41.21 -16.04
O1A ATP OA . 71.06 -40.32 -16.26
O2A ATP OA . 68.63 -40.49 -15.58
O3A ATP OA . 69.54 -42.02 -17.36
O5' ATP OA . 70.24 -42.34 -15.00
C5' ATP OA . 71.45 -43.13 -15.10
C4' ATP OA . 71.76 -43.69 -13.74
O4' ATP OA . 72.41 -44.98 -13.89
C3' ATP OA . 72.69 -42.84 -12.88
O3' ATP OA . 72.23 -42.81 -11.52
C2' ATP OA . 74.03 -43.55 -13.00
O2' ATP OA . 74.85 -43.34 -11.85
C1' ATP OA . 73.58 -45.00 -13.10
N9 ATP OA . 74.55 -45.90 -13.71
C8 ATP OA . 75.41 -45.61 -14.74
N7 ATP OA . 76.18 -46.61 -15.10
C5 ATP OA . 75.80 -47.63 -14.24
C6 ATP OA . 76.23 -48.96 -14.09
N6 ATP OA . 77.18 -49.53 -14.85
N1 ATP OA . 75.64 -49.72 -13.14
C2 ATP OA . 74.69 -49.17 -12.39
N3 ATP OA . 74.20 -47.93 -12.43
C4 ATP OA . 74.79 -47.20 -13.38
PG ATP PA . 63.49 -39.03 27.89
O1G ATP PA . 63.67 -37.69 27.27
O2G ATP PA . 62.96 -40.09 26.93
O3G ATP PA . 62.62 -39.02 29.16
PB ATP PA . 66.19 -40.33 27.79
O1B ATP PA . 66.09 -40.51 26.33
O2B ATP PA . 66.41 -41.61 28.58
O3B ATP PA . 64.90 -39.63 28.38
PA ATP PA . 67.97 -37.97 27.61
O1A ATP PA . 66.93 -37.10 27.05
O2A ATP PA . 69.07 -38.39 26.64
O3A ATP PA . 67.34 -39.31 28.20
O5' ATP PA . 68.64 -37.31 28.88
C5' ATP PA . 69.76 -37.93 29.55
C4' ATP PA . 70.35 -36.91 30.51
O4' ATP PA . 71.02 -37.60 31.60
C3' ATP PA . 71.37 -35.96 29.89
O3' ATP PA . 71.15 -34.63 30.32
C2' ATP PA . 72.71 -36.51 30.40
O2' ATP PA . 73.69 -35.49 30.51
C1' ATP PA . 72.30 -37.03 31.77
N9 ATP PA . 73.18 -38.04 32.34
C8 ATP PA . 73.86 -39.02 31.66
N7 ATP PA . 74.59 -39.79 32.43
C5 ATP PA . 74.39 -39.27 33.70
C6 ATP PA . 74.89 -39.64 34.96
N6 ATP PA . 75.74 -40.66 35.16
N1 ATP PA . 74.49 -38.92 36.03
C2 ATP PA . 73.66 -37.90 35.83
N3 ATP PA . 73.12 -37.46 34.69
C4 ATP PA . 73.53 -38.19 33.66
MG MG QA . 65.12 -36.47 26.64
MG MG RA . 63.99 -38.32 30.41
PG ATP SA . 68.49 4.27 39.74
O1G ATP SA . 67.35 3.41 40.19
O2G ATP SA . 68.62 4.37 38.22
O3G ATP SA . 68.47 5.68 40.34
PB ATP SA . 71.31 4.13 40.74
O1B ATP SA . 71.63 3.61 42.09
O2B ATP SA . 71.36 5.64 40.58
O3B ATP SA . 69.89 3.65 40.22
PA ATP SA . 72.93 3.99 38.26
O1A ATP SA . 71.89 4.21 37.24
O2A ATP SA . 73.99 2.96 37.89
O3A ATP SA . 72.29 3.52 39.64
O5' ATP SA . 73.66 5.34 38.64
C5' ATP SA . 75.00 5.34 39.15
C4' ATP SA . 75.87 6.18 38.23
O4' ATP SA . 76.52 7.22 38.99
C3' ATP SA . 77.03 5.44 37.58
O3' ATP SA . 76.60 4.73 36.41
C2' ATP SA . 78.00 6.57 37.23
O2' ATP SA . 77.73 7.12 35.96
C1' ATP SA . 77.72 7.60 38.34
N9 ATP SA . 78.77 7.72 39.34
C8 ATP SA . 79.39 6.70 40.03
N7 ATP SA . 80.32 7.10 40.86
C5 ATP SA . 80.31 8.48 40.72
C6 ATP SA . 81.07 9.50 41.33
N6 ATP SA . 82.01 9.28 42.25
N1 ATP SA . 80.82 10.78 40.96
C2 ATP SA . 79.87 11.00 40.04
N3 ATP SA . 79.10 10.12 39.40
C4 ATP SA . 79.37 8.88 39.79
MG MG TA . 69.59 7.28 40.02
MG MG UA . 66.04 4.41 36.59
MG MG VA . 74.78 29.89 -0.57
MG MG WA . 74.78 26.17 0.92
PG ATP XA . 73.80 29.24 1.50
O1G ATP XA . 73.12 30.15 0.52
O2G ATP XA . 73.47 27.76 1.29
O3G ATP XA . 73.53 29.61 2.95
PB ATP XA . 76.69 29.40 2.24
O1B ATP XA . 77.18 30.79 2.39
O2B ATP XA . 76.37 28.69 3.55
O3B ATP XA . 75.38 29.33 1.34
PA ATP XA . 77.97 26.93 1.27
O1A ATP XA . 76.72 26.17 1.13
O2A ATP XA . 78.85 26.50 2.44
O3A ATP XA . 77.70 28.48 1.42
O5' ATP XA . 78.84 26.85 -0.05
C5' ATP XA . 80.00 27.68 -0.24
C4' ATP XA . 80.91 27.01 -1.23
O4' ATP XA . 81.70 27.99 -1.94
C3' ATP XA . 81.96 26.08 -0.62
O3' ATP XA . 81.41 24.80 -0.34
C2' ATP XA . 83.02 26.02 -1.73
O2' ATP XA . 82.78 24.93 -2.63
C1' ATP XA . 82.85 27.36 -2.45
N9 ATP XA . 83.99 28.27 -2.30
C8 ATP XA . 84.70 28.52 -1.15
N7 ATP XA . 85.67 29.39 -1.31
C5 ATP XA . 85.61 29.72 -2.66
C6 ATP XA . 86.36 30.58 -3.46
N6 ATP XA . 87.39 31.32 -3.01
N1 ATP XA . 86.03 30.70 -4.77
C2 ATP XA . 85.00 29.97 -5.23
N3 ATP XA . 84.21 29.12 -4.57
C4 ATP XA . 84.57 29.04 -3.28
PG ATP YA . -66.08 12.55 -42.25
O1G ATP YA . -65.10 13.38 -42.99
O2G ATP YA . -66.00 12.67 -40.73
O3G ATP YA . -66.04 11.07 -42.64
PB ATP YA . -68.99 12.39 -42.97
O1B ATP YA . -69.22 12.35 -44.43
O2B ATP YA . -69.08 11.03 -42.27
O3B ATP YA . -67.58 13.01 -42.61
PA ATP YA . -70.54 13.56 -40.75
O1A ATP YA . -69.47 13.37 -39.74
O2A ATP YA . -71.74 12.62 -40.60
O3A ATP YA . -69.99 13.37 -42.23
O5' ATP YA . -71.06 15.05 -40.76
C5' ATP YA . -72.09 15.48 -41.66
C4' ATP YA . -72.48 16.89 -41.30
O4' ATP YA . -73.18 17.51 -42.40
C3' ATP YA . -73.40 17.01 -40.08
O3' ATP YA . -72.98 18.07 -39.22
C2' ATP YA . -74.77 17.30 -40.71
O2' ATP YA . -75.59 18.07 -39.83
C1' ATP YA . -74.35 18.13 -41.92
N9 ATP YA . -75.34 18.15 -42.99
C8 ATP YA . -76.20 17.15 -43.38
N7 ATP YA . -76.98 17.46 -44.37
C5 ATP YA . -76.62 18.76 -44.68
C6 ATP YA . -77.08 19.68 -45.65
N6 ATP YA . -78.05 19.41 -46.53
N1 ATP YA . -76.51 20.90 -45.69
C2 ATP YA . -75.55 21.19 -44.80
N3 ATP YA . -75.04 20.40 -43.85
C4 ATP YA . -75.61 19.21 -43.84
MG MG ZA . -66.52 14.78 -43.00
MG MG AB . -67.54 13.28 -39.38
PG ATP BB . -63.14 47.01 -12.42
O1G ATP BB . -62.66 47.18 -13.82
O2G ATP BB . -62.38 47.87 -11.40
O3G ATP BB . -63.15 45.55 -11.96
PB ATP BB . -66.00 47.51 -13.13
O1B ATP BB . -66.23 48.83 -13.77
O2B ATP BB . -65.95 46.33 -14.09
O3B ATP BB . -64.66 47.48 -12.29
PA ATP BB . -67.74 45.86 -11.40
O1A ATP BB . -66.69 44.87 -11.06
O2A ATP BB . -68.81 45.37 -12.37
O3A ATP BB . -67.09 47.17 -12.03
O5' ATP BB . -68.44 46.40 -10.10
C5' ATP BB . -69.48 47.40 -10.16
C4' ATP BB . -70.08 47.54 -8.78
O4' ATP BB . -70.73 48.82 -8.66
C3' ATP BB . -71.11 46.48 -8.41
O3' ATP BB . -70.89 45.98 -7.10
C2' ATP BB . -72.44 47.23 -8.50
O2' ATP BB . -73.41 46.71 -7.61
C1' ATP BB . -72.01 48.63 -8.07
N9 ATP BB . -72.88 49.70 -8.53
C8 ATP BB . -73.57 49.78 -9.71
N7 ATP BB . -74.30 50.87 -9.84
C5 ATP BB . -74.08 51.55 -8.65
C6 ATP BB . -74.56 52.78 -8.16
N6 ATP BB . -75.40 53.57 -8.84
N1 ATP BB . -74.15 53.17 -6.94
C2 ATP BB . -73.31 52.38 -6.26
N3 ATP BB . -72.79 51.21 -6.62
C4 ATP BB . -73.21 50.84 -7.83
MG MG CB . -63.68 48.40 -10.00
MG MG DB . -64.83 44.33 -10.74
MG MG EB . -68.59 27.98 31.68
MG MG FB . -69.31 27.25 27.47
PG ATP GB . -67.49 29.37 29.33
O1G ATP GB . -67.16 29.11 30.76
O2G ATP GB . -67.52 28.11 28.46
O3G ATP GB . -66.58 30.41 28.67
PB ATP GB . -70.29 30.17 30.03
O1B ATP GB . -70.32 29.24 31.19
O2B ATP GB . -70.42 31.65 30.38
O3B ATP GB . -68.96 29.99 29.18
PA ATP GB . -72.18 28.53 28.46
O1A ATP GB . -71.25 27.53 27.92
O2A ATP GB . -73.25 29.00 27.47
O3A ATP GB . -71.41 29.83 28.96
O5' ATP GB . -72.91 28.00 29.76
C5' ATP GB . -74.34 28.09 29.91
C4' ATP GB . -74.87 26.76 30.38
O4' ATP GB . -75.70 26.94 31.55
C3' ATP GB . -75.71 26.00 29.36
O3' ATP GB . -75.43 24.60 29.42
C2' ATP GB . -77.14 26.30 29.82
O2' ATP GB . -78.05 25.28 29.44
C1' ATP GB . -76.95 26.34 31.33
N9 ATP GB . -77.97 27.11 32.05
C8 ATP GB . -78.58 28.26 31.64
N7 ATP GB . -79.46 28.73 32.49
C5 ATP GB . -79.45 27.82 33.53
C6 ATP GB . -80.16 27.73 34.75
N6 ATP GB . -81.07 28.63 35.13
N1 ATP GB . -79.90 26.68 35.55
C2 ATP GB . -78.98 25.78 35.17
N3 ATP GB . -78.25 25.76 34.05
C4 ATP GB . -78.53 26.80 33.26
PG ATP HB . -73.60 -15.81 25.62
O1G ATP HB . -73.12 -15.01 26.77
O2G ATP HB . -73.29 -15.18 24.26
O3G ATP HB . -73.11 -17.26 25.63
PB ATP HB . -76.46 -15.27 26.34
O1B ATP HB . -76.86 -16.01 27.55
O2B ATP HB . -76.13 -13.79 26.57
O3B ATP HB . -75.20 -15.93 25.64
PA ATP HB . -77.78 -14.67 23.77
O1A ATP HB . -76.49 -14.31 23.14
O2A ATP HB . -78.76 -13.52 23.97
O3A ATP HB . -77.55 -15.34 25.19
O5' ATP HB . -78.51 -15.81 22.95
C5' ATP HB . -79.83 -16.27 23.30
C4' ATP HB . -80.36 -17.08 22.15
O4' ATP HB . -81.34 -18.04 22.64
C3' ATP HB . -81.06 -16.27 21.05
O3' ATP HB . -80.68 -16.74 19.76
C2' ATP HB . -82.55 -16.53 21.32
O2' ATP HB . -83.32 -16.45 20.14
C1' ATP HB . -82.50 -17.96 21.85
N9 ATP HB . -83.64 -18.36 22.64
C8 ATP HB . -84.36 -17.58 23.52
N7 ATP HB . -85.35 -18.19 24.10
C5 ATP HB . -85.30 -19.47 23.58
C6 ATP HB . -86.08 -20.63 23.79
N6 ATP HB . -87.12 -20.67 24.64
N1 ATP HB . -85.75 -21.74 23.12
C2 ATP HB . -84.71 -21.71 22.28
N3 ATP HB . -83.90 -20.69 21.99
C4 ATP HB . -84.25 -19.59 22.68
MG MG IB . -74.52 -18.22 24.65
MG MG JB . -74.55 -14.32 22.89
PG ATP KB . -72.68 -26.20 -18.51
O1G ATP KB . -71.75 -26.97 -19.39
O2G ATP KB . -72.33 -24.71 -18.42
O3G ATP KB . -72.81 -26.77 -17.10
PB ATP KB . -75.63 -26.65 -18.65
O1B ATP KB . -76.00 -27.98 -19.16
O2B ATP KB . -75.72 -26.49 -17.13
O3B ATP KB . -74.17 -26.23 -19.08
PA ATP KB . -76.76 -23.94 -19.02
O1A ATP KB . -75.50 -23.25 -18.68
O2A ATP KB . -77.87 -23.83 -17.99
O3A ATP KB . -76.51 -25.49 -19.29
O5' ATP KB . -77.31 -23.43 -20.42
C5' ATP KB . -78.51 -23.97 -20.99
C4' ATP KB . -78.88 -23.12 -22.19
O4' ATP KB . -79.76 -23.86 -23.07
C3' ATP KB . -79.59 -21.80 -21.86
O3' ATP KB . -79.04 -20.73 -22.63
C2' ATP KB . -81.04 -22.08 -22.24
O2' ATP KB . -81.72 -20.91 -22.64
C1' ATP KB . -80.84 -23.03 -23.42
N9 ATP KB . -82.00 -23.88 -23.72
C8 ATP KB . -82.87 -24.44 -22.82
N7 ATP KB . -83.83 -25.15 -23.37
C5 ATP KB . -83.56 -25.04 -24.73
C6 ATP KB . -84.21 -25.58 -25.86
N6 ATP KB . -85.30 -26.35 -25.81
N1 ATP KB . -83.68 -25.28 -27.08
C2 ATP KB . -82.60 -24.52 -27.14
N3 ATP KB . -81.91 -23.96 -26.14
C4 ATP KB . -82.45 -24.26 -24.96
MG MG LB . -73.11 -26.27 -21.37
MG MG MB . -73.57 -23.11 -18.40
PG ATP NB . -19.15 34.46 -23.16
O1G ATP NB . -19.41 34.85 -24.57
O2G ATP NB . -19.44 32.99 -22.84
O3G ATP NB . -19.89 35.34 -22.15
PB ATP NB . -16.21 34.91 -23.50
O1B ATP NB . -15.73 36.28 -23.27
O2B ATP NB . -16.35 34.48 -24.95
O3B ATP NB . -17.61 34.65 -22.79
PA ATP NB . -14.87 32.32 -22.98
O1A ATP NB . -16.04 31.42 -22.86
O2A ATP NB . -13.75 32.02 -21.99
O3A ATP NB . -15.28 33.84 -22.77
O5' ATP NB . -14.27 32.29 -24.44
C5' ATP NB . -12.85 32.18 -24.67
C4' ATP NB . -12.59 31.13 -25.73
O4' ATP NB . -11.63 31.63 -26.68
C3' ATP NB . -12.04 29.81 -25.20
O3' ATP NB . -12.68 28.70 -25.84
C2' ATP NB . -10.56 29.87 -25.58
O2' ATP NB . -9.99 28.59 -25.79
C1' ATP NB . -10.63 30.65 -26.89
N9 ATP NB . -9.38 31.32 -27.26
C8 ATP NB . -8.53 32.01 -26.45
N7 ATP NB . -7.49 32.50 -27.06
C5 ATP NB . -7.66 32.11 -28.38
C6 ATP NB . -6.90 32.31 -29.55
N6 ATP NB . -5.75 33.00 -29.58
N1 ATP NB . -7.36 31.79 -30.70
C2 ATP NB . -8.51 31.11 -30.68
N3 ATP NB . -9.31 30.84 -29.65
C4 ATP NB . -8.84 31.38 -28.52
MG MG OB . -18.28 33.78 -26.09
MG MG PB . -18.04 31.65 -22.84
MG MG QB . -22.91 -8.79 -35.39
MG MG RB . -23.69 -10.90 -38.55
PG ATP SB . -24.01 -8.07 -38.28
O1G ATP SB . -24.98 -9.03 -38.85
O2G ATP SB . -24.11 -6.65 -38.85
O3G ATP SB . -24.05 -7.98 -36.75
PB ATP SB . -21.06 -7.91 -38.75
O1B ATP SB . -20.62 -7.85 -40.17
O2B ATP SB . -21.06 -6.58 -38.01
O3B ATP SB . -22.52 -8.53 -38.61
PA ATP SB . -19.73 -9.06 -36.38
O1A ATP SB . -18.56 -8.20 -36.10
O2A ATP SB . -20.96 -8.80 -35.51
O3A ATP SB . -20.19 -8.93 -37.90
O5' ATP SB . -19.36 -10.59 -36.26
C5' ATP SB . -18.20 -11.14 -36.90
C4' ATP SB . -17.89 -12.47 -36.26
O4' ATP SB . -17.08 -13.27 -37.15
C3' ATP SB . -17.15 -12.40 -34.92
O3' ATP SB . -17.77 -13.22 -33.95
C2' ATP SB . -15.74 -12.91 -35.28
O2' ATP SB . -15.13 -13.57 -34.18
C1' ATP SB . -16.07 -13.88 -36.40
N9 ATP SB . -14.94 -14.20 -37.28
C8 ATP SB . -14.01 -13.33 -37.78
N7 ATP SB . -13.11 -13.89 -38.54
C5 ATP SB . -13.47 -15.23 -38.54
C6 ATP SB . -12.92 -16.37 -39.17
N6 ATP SB . -11.84 -16.34 -39.95
N1 ATP SB . -13.54 -17.55 -38.97
C2 ATP SB . -14.61 -17.60 -38.19
N3 ATP SB . -15.23 -16.60 -37.55
C4 ATP SB . -14.60 -15.44 -37.77
PG ATP TB . -29.47 -34.93 -2.04
O1G ATP TB . -29.13 -33.54 -1.63
O2G ATP TB . -30.00 -35.04 -3.47
O3G ATP TB . -30.43 -35.64 -1.08
PB ATP TB . -26.67 -35.84 -2.58
O1B ATP TB . -26.26 -37.17 -3.07
O2B ATP TB . -26.57 -34.71 -3.60
O3B ATP TB . -28.16 -35.84 -2.03
PA ATP TB . -25.00 -34.13 -0.86
O1A ATP TB . -25.84 -32.91 -0.81
O2A ATP TB . -23.79 -34.03 -1.79
O3A ATP TB . -25.85 -35.39 -1.30
O5' ATP TB . -24.49 -34.54 0.58
C5' ATP TB . -23.40 -35.46 0.76
C4' ATP TB . -22.96 -35.38 2.20
O4' ATP TB . -22.29 -36.61 2.59
C3' ATP TB . -22.02 -34.24 2.53
O3' ATP TB . -22.45 -33.51 3.68
C2' ATP TB . -20.68 -34.94 2.79
O2' ATP TB . -19.88 -34.25 3.74
C1' ATP TB . -21.16 -36.27 3.35
N9 ATP TB . -20.19 -37.35 3.26
C8 ATP TB . -19.39 -37.68 2.19
N7 ATP TB . -18.61 -38.71 2.40
C5 ATP TB . -18.91 -39.10 3.70
C6 ATP TB . -18.43 -40.13 4.53
N6 ATP TB . -17.49 -41.01 4.15
N1 ATP TB . -18.94 -40.23 5.77
C2 ATP TB . -19.87 -39.36 6.15
N3 ATP TB . -20.41 -38.35 5.47
C4 ATP TB . -19.88 -38.26 4.24
MG MG UB . -31.50 -31.91 -0.97
MG MG VB . -27.77 -32.47 -0.74
MG MG WB . -26.33 -7.37 33.43
PG ATP XB . -28.04 -9.10 34.92
O1G ATP XB . -28.16 -8.06 33.85
O2G ATP XB . -28.33 -8.57 36.32
O3G ATP XB . -28.89 -10.34 34.67
PB ATP XB . -25.35 -9.77 36.04
O1B ATP XB . -25.42 -8.74 37.08
O2B ATP XB . -25.34 -11.23 36.53
O3B ATP XB . -26.54 -9.64 34.99
PA ATP XB . -23.35 -8.38 34.37
O1A ATP XB . -24.29 -7.60 33.56
O2A ATP XB . -22.19 -8.99 33.58
O3A ATP XB . -24.07 -9.58 35.10
O5' ATP XB . -22.75 -7.53 35.56
C5' ATP XB . -21.36 -7.64 35.94
C4' ATP XB . -20.84 -6.26 36.26
O4' ATP XB . -20.07 -6.29 37.48
C3' ATP XB . -19.93 -5.65 35.19
O3' ATP XB . -20.27 -4.28 34.95
C2' ATP XB . -18.54 -5.79 35.79
O2' ATP XB . -17.65 -4.77 35.34
C1' ATP XB . -18.84 -5.62 37.28
N9 ATP XB . -17.84 -6.17 38.18
C8 ATP XB . -17.20 -7.37 38.07
N7 ATP XB . -16.33 -7.61 39.02
C5 ATP XB . -16.42 -6.48 39.83
C6 ATP XB . -15.76 -6.11 41.02
N6 ATP XB . -14.84 -6.87 41.63
N1 ATP XB . -16.07 -4.91 41.55
C2 ATP XB . -16.99 -4.15 40.95
N3 ATP XB . -17.67 -4.40 39.84
C4 ATP XB . -17.34 -5.59 39.31
MG MG YB . -27.09 -7.18 37.17
MG MG ZB . -20.16 32.37 19.62
MG MG AC . -20.38 36.27 20.58
PG ATP BC . -21.45 33.91 22.17
O1G ATP BC . -22.07 35.20 21.74
O2G ATP BC . -21.32 32.89 21.04
O3G ATP BC . -22.16 33.26 23.35
PB ATP BC . -18.64 33.34 23.02
O1B ATP BC . -18.93 31.91 23.24
O2B ATP BC . -17.96 34.07 24.18
O3B ATP BC . -19.96 34.16 22.67
PA ATP BC . -17.16 32.71 20.55
O1A ATP BC . -18.23 32.10 19.74
O2A ATP BC . -16.19 31.72 21.17
O3A ATP BC . -17.76 33.59 21.72
O5' ATP BC . -16.35 33.76 19.69
C5' ATP BC . -15.05 34.23 20.13
C4' ATP BC . -14.39 34.89 18.93
O4' ATP BC . -13.41 35.85 19.39
C3' ATP BC . -13.65 33.94 17.98
O3' ATP BC . -14.05 34.16 16.63
C2' ATP BC . -12.18 34.28 18.21
O2' ATP BC . -11.41 34.10 17.03
C1' ATP BC . -12.27 35.76 18.57
N9 ATP BC . -11.12 36.28 19.30
C8 ATP BC . -10.46 35.71 20.35
N7 ATP BC . -9.45 36.40 20.80
C5 ATP BC . -9.44 37.53 19.98
C6 ATP BC . -8.61 38.66 19.94
N6 ATP BC . -7.58 38.87 20.77
N1 ATP BC . -8.87 39.60 18.99
C2 ATP BC . -9.89 39.40 18.16
N3 ATP BC . -10.75 38.36 18.10
C4 ATP BC . -10.46 37.46 19.05
#